data_8BTO
#
_entry.id   8BTO
#
_cell.length_a   1.00
_cell.length_b   1.00
_cell.length_c   1.00
_cell.angle_alpha   90.00
_cell.angle_beta   90.00
_cell.angle_gamma   90.00
#
_symmetry.space_group_name_H-M   'P 1'
#
loop_
_entity.id
_entity.type
_entity.pdbx_description
1 polymer 'NAD(+) hydrolase ThsA'
2 non-polymer (2R,3R,3aS,5S,6R,7S,8R,11R,13S,15aR)-2-(6-amino-9H-purin-9-yl)-3,6,7,11,13-pentahydroxyoctahydro-2H,5H,11H,13H-5,8-epoxy-11lambda~5~,13lambda~5~-furo[2,3-g][1,3,5,9,2,4]tetraoxadiphosphacyclotetradecine-11,13-dione
3 non-polymer NICOTINAMIDE-ADENINE-DINUCLEOTIDE
#
_entity_poly.entity_id   1
_entity_poly.type   'polypeptide(L)'
_entity_poly.pdbx_seq_one_letter_code
;SGGMKMNPIVELFIKDFTKEVMEENAAIFAGAGLSMSVGYVSWAKLLEPIAQEIGLDVNKENDLVSLAQYYCNENQGNRG
RINQIILDEFSRKVDLTENHKILARLPIHTYWTTAYDRLIEKALEEENKIADVKYTVKQLATTKVKRDAVVYKMHGDVEH
PSEAVLIKDDYEKYSIKMDPYIKALSGDLVSKTFLFVGFSFTDPNLDYILSRVRSAYERDQRRHYCLIKKEERRPDELEA
DFEYRVRKQELFISDLSRFNIKTIVLNNYNEITEILQRIENNIKTKTVFLSGSAVEYNHWETEHAEQFIHQLSKELIRKD
FNIVSGFGLGVGSFVINGVLEELYMNQGTIDDDRLILRPFPQGKKGEEQWDKYRRDMITRTGVSIFLYGNKIDKGQVVKA
KGVQSEFNISFEQNNYVVPVGATGYIAKDLWNKVNEEFETYYPGADARMKKLFGELNNEALSIEELINTIIEFVEILSN
;
_entity_poly.pdbx_strand_id   A,B,C,D,E,F,G,H,I,J,K,L
#
loop_
_chem_comp.id
_chem_comp.type
_chem_comp.name
_chem_comp.formula
NAD non-polymer NICOTINAMIDE-ADENINE-DINUCLEOTIDE 'C21 H27 N7 O14 P2'
OJC non-polymer (2R,3R,3aS,5S,6R,7S,8R,11R,13S,15aR)-2-(6-amino-9H-purin-9-yl)-3,6,7,11,13-pentahydroxyoctahydro-2H,5H,11H,13H-5,8-epoxy-11lambda~5~,13lambda~5~-furo[2,3-g][1,3,5,9,2,4]tetraoxadiphosphacyclotetradecine-11,13-dione 'C15 H21 N5 O13 P2'
#
# COMPACT_ATOMS: atom_id res chain seq x y z
N MET A 4 39.51 -13.59 -30.14
CA MET A 4 38.94 -12.67 -31.12
C MET A 4 37.95 -11.72 -30.46
N LYS A 5 36.91 -11.34 -31.21
CA LYS A 5 35.90 -10.41 -30.75
C LYS A 5 34.52 -11.00 -30.99
N MET A 6 33.49 -10.23 -30.65
CA MET A 6 32.10 -10.64 -30.80
C MET A 6 31.32 -9.55 -31.57
N ASN A 7 29.99 -9.68 -31.54
CA ASN A 7 29.15 -8.74 -32.26
C ASN A 7 29.32 -7.33 -31.68
N PRO A 8 29.11 -6.30 -32.50
CA PRO A 8 29.23 -4.92 -31.99
C PRO A 8 28.28 -4.61 -30.84
N ILE A 9 27.08 -5.20 -30.83
CA ILE A 9 26.15 -4.98 -29.73
C ILE A 9 26.74 -5.51 -28.44
N VAL A 10 27.32 -6.71 -28.48
CA VAL A 10 27.92 -7.30 -27.30
C VAL A 10 29.12 -6.47 -26.84
N GLU A 11 29.89 -5.94 -27.80
CA GLU A 11 31.03 -5.11 -27.44
C GLU A 11 30.59 -3.82 -26.76
N LEU A 12 29.52 -3.19 -27.25
CA LEU A 12 29.00 -2.00 -26.60
C LEU A 12 28.51 -2.33 -25.20
N PHE A 13 27.82 -3.45 -25.03
CA PHE A 13 27.39 -3.86 -23.70
C PHE A 13 28.59 -4.08 -22.79
N ILE A 14 29.65 -4.70 -23.31
CA ILE A 14 30.83 -4.96 -22.51
C ILE A 14 31.46 -3.64 -22.05
N LYS A 15 31.59 -2.69 -22.96
CA LYS A 15 32.16 -1.39 -22.59
C LYS A 15 31.31 -0.71 -21.53
N ASP A 16 29.99 -0.67 -21.74
CA ASP A 16 29.12 0.01 -20.79
C ASP A 16 29.16 -0.65 -19.42
N PHE A 17 29.10 -1.99 -19.37
CA PHE A 17 29.05 -2.67 -18.09
C PHE A 17 30.40 -2.61 -17.38
N THR A 18 31.51 -2.66 -18.11
CA THR A 18 32.81 -2.46 -17.49
C THR A 18 32.91 -1.04 -16.91
N LYS A 19 32.35 -0.06 -17.61
CA LYS A 19 32.30 1.28 -17.04
C LYS A 19 31.47 1.31 -15.77
N GLU A 20 30.36 0.56 -15.74
CA GLU A 20 29.51 0.53 -14.56
C GLU A 20 30.18 -0.18 -13.39
N VAL A 21 30.83 -1.33 -13.66
CA VAL A 21 31.40 -2.13 -12.57
C VAL A 21 32.55 -1.37 -11.91
N MET A 22 33.41 -0.73 -12.69
CA MET A 22 34.56 -0.03 -12.12
C MET A 22 34.14 1.12 -11.22
N GLU A 23 32.90 1.59 -11.32
CA GLU A 23 32.37 2.62 -10.43
C GLU A 23 31.58 2.03 -9.28
N GLU A 24 31.55 0.70 -9.16
CA GLU A 24 30.83 0.00 -8.08
C GLU A 24 29.36 0.40 -8.03
N ASN A 25 28.75 0.55 -9.21
CA ASN A 25 27.34 0.86 -9.33
C ASN A 25 26.60 -0.24 -10.09
N ALA A 26 27.18 -1.43 -10.13
CA ALA A 26 26.61 -2.54 -10.88
C ALA A 26 26.17 -3.65 -9.94
N ALA A 27 25.09 -4.32 -10.31
CA ALA A 27 24.54 -5.44 -9.56
C ALA A 27 24.22 -6.57 -10.51
N ILE A 28 24.22 -7.79 -9.98
CA ILE A 28 23.96 -8.99 -10.77
C ILE A 28 22.68 -9.62 -10.26
N PHE A 29 21.72 -9.85 -11.15
CA PHE A 29 20.51 -10.58 -10.82
C PHE A 29 20.63 -11.96 -11.47
N ALA A 30 20.89 -12.97 -10.67
CA ALA A 30 21.10 -14.33 -11.15
C ALA A 30 19.85 -15.16 -10.89
N GLY A 31 19.28 -15.71 -11.94
CA GLY A 31 18.14 -16.61 -11.83
C GLY A 31 18.58 -18.04 -11.63
N ALA A 32 17.61 -18.95 -11.77
CA ALA A 32 17.90 -20.37 -11.62
C ALA A 32 18.75 -20.90 -12.76
N GLY A 33 18.73 -20.23 -13.92
CA GLY A 33 19.44 -20.74 -15.07
C GLY A 33 20.95 -20.68 -14.93
N LEU A 34 21.45 -19.77 -14.11
CA LEU A 34 22.90 -19.67 -13.92
C LEU A 34 23.45 -20.89 -13.19
N SER A 35 22.62 -21.59 -12.42
CA SER A 35 23.05 -22.78 -11.71
C SER A 35 22.72 -24.08 -12.43
N MET A 36 21.87 -24.04 -13.45
CA MET A 36 21.53 -25.25 -14.18
C MET A 36 22.70 -25.82 -14.95
N SER A 37 23.72 -25.02 -15.24
CA SER A 37 24.94 -25.53 -15.86
C SER A 37 25.83 -26.25 -14.87
N VAL A 38 25.63 -26.02 -13.57
CA VAL A 38 26.50 -26.64 -12.55
C VAL A 38 26.25 -28.14 -12.48
N GLY A 39 25.00 -28.56 -12.58
CA GLY A 39 24.69 -29.98 -12.48
C GLY A 39 23.37 -30.25 -11.79
N TYR A 40 22.76 -29.21 -11.24
CA TYR A 40 21.45 -29.35 -10.63
C TYR A 40 20.41 -29.68 -11.69
N VAL A 41 19.50 -30.60 -11.36
CA VAL A 41 18.41 -30.92 -12.28
C VAL A 41 17.43 -29.75 -12.31
N SER A 42 16.75 -29.61 -13.44
CA SER A 42 15.82 -28.51 -13.60
C SER A 42 14.63 -28.67 -12.65
N TRP A 43 14.00 -27.55 -12.34
CA TRP A 43 12.86 -27.56 -11.42
C TRP A 43 11.71 -28.41 -11.96
N ALA A 44 11.55 -28.45 -13.28
CA ALA A 44 10.56 -29.34 -13.89
C ALA A 44 10.86 -30.79 -13.56
N LYS A 45 12.13 -31.19 -13.58
CA LYS A 45 12.48 -32.58 -13.32
C LYS A 45 12.32 -32.89 -11.86
N LEU A 46 12.52 -31.90 -11.01
CA LEU A 46 12.22 -32.09 -9.59
C LEU A 46 10.74 -32.31 -9.37
N LEU A 47 9.91 -31.53 -10.05
CA LEU A 47 8.47 -31.65 -9.86
C LEU A 47 7.84 -32.79 -10.65
N GLU A 48 8.63 -33.52 -11.45
CA GLU A 48 8.08 -34.63 -12.22
C GLU A 48 7.39 -35.70 -11.37
N PRO A 49 7.97 -36.23 -10.29
CA PRO A 49 7.20 -37.16 -9.46
C PRO A 49 5.98 -36.54 -8.80
N ILE A 50 6.09 -35.27 -8.41
CA ILE A 50 4.97 -34.59 -7.75
C ILE A 50 3.79 -34.48 -8.68
N ALA A 51 4.04 -34.11 -9.94
CA ALA A 51 2.95 -34.05 -10.91
C ALA A 51 2.33 -35.42 -11.14
N GLN A 52 3.17 -36.45 -11.23
CA GLN A 52 2.65 -37.81 -11.39
C GLN A 52 1.76 -38.20 -10.22
N GLU A 53 2.09 -37.70 -9.02
CA GLU A 53 1.32 -38.08 -7.84
C GLU A 53 -0.11 -37.59 -7.91
N ILE A 54 -0.33 -36.38 -8.40
CA ILE A 54 -1.67 -35.79 -8.42
C ILE A 54 -2.35 -36.07 -9.76
N GLY A 55 -1.71 -36.86 -10.61
CA GLY A 55 -2.29 -37.23 -11.87
C GLY A 55 -1.96 -36.35 -13.05
N LEU A 56 -1.04 -35.39 -12.88
CA LEU A 56 -0.64 -34.51 -13.97
C LEU A 56 0.73 -34.94 -14.51
N ASP A 57 1.21 -34.19 -15.49
CA ASP A 57 2.50 -34.45 -16.11
C ASP A 57 3.19 -33.12 -16.36
N VAL A 58 4.48 -33.04 -16.01
CA VAL A 58 5.19 -31.78 -16.12
C VAL A 58 5.41 -31.41 -17.59
N ASN A 59 5.69 -32.41 -18.44
CA ASN A 59 5.98 -32.13 -19.84
C ASN A 59 4.80 -31.44 -20.53
N LYS A 60 3.58 -31.73 -20.09
CA LYS A 60 2.39 -31.10 -20.65
C LYS A 60 1.93 -29.88 -19.84
N GLU A 61 2.69 -29.48 -18.83
CA GLU A 61 2.34 -28.34 -17.98
C GLU A 61 3.32 -27.21 -18.20
N ASN A 62 2.79 -25.99 -18.34
CA ASN A 62 3.62 -24.82 -18.54
C ASN A 62 3.87 -24.03 -17.26
N ASP A 63 2.96 -24.09 -16.29
CA ASP A 63 3.08 -23.35 -15.04
C ASP A 63 3.39 -24.34 -13.92
N LEU A 64 4.65 -24.36 -13.48
CA LEU A 64 5.05 -25.24 -12.40
C LEU A 64 4.60 -24.72 -11.04
N VAL A 65 4.42 -23.40 -10.91
CA VAL A 65 3.94 -22.83 -9.66
C VAL A 65 2.53 -23.34 -9.37
N SER A 66 1.66 -23.31 -10.38
CA SER A 66 0.32 -23.84 -10.20
C SER A 66 0.34 -25.35 -9.97
N LEU A 67 1.30 -26.05 -10.56
CA LEU A 67 1.44 -27.48 -10.33
C LEU A 67 1.75 -27.77 -8.86
N ALA A 68 2.71 -27.04 -8.30
CA ALA A 68 3.03 -27.20 -6.88
C ALA A 68 1.85 -26.79 -6.01
N GLN A 69 1.11 -25.74 -6.41
CA GLN A 69 -0.05 -25.33 -5.65
C GLN A 69 -1.13 -26.41 -5.66
N TYR A 70 -1.34 -27.06 -6.80
CA TYR A 70 -2.29 -28.17 -6.87
C TYR A 70 -1.84 -29.31 -5.97
N TYR A 71 -0.55 -29.61 -5.97
CA TYR A 71 -0.04 -30.67 -5.10
C TYR A 71 -0.30 -30.34 -3.63
N CYS A 72 -0.06 -29.09 -3.25
CA CYS A 72 -0.35 -28.67 -1.87
C CYS A 72 -1.83 -28.75 -1.57
N ASN A 73 -2.68 -28.37 -2.53
CA ASN A 73 -4.12 -28.42 -2.32
C ASN A 73 -4.59 -29.85 -2.08
N GLU A 74 -4.01 -30.81 -2.81
CA GLU A 74 -4.41 -32.20 -2.61
C GLU A 74 -4.08 -32.69 -1.20
N ASN A 75 -2.95 -32.25 -0.65
CA ASN A 75 -2.48 -32.68 0.65
C ASN A 75 -2.92 -31.74 1.78
N GLN A 76 -4.04 -31.05 1.61
CA GLN A 76 -4.57 -30.14 2.63
C GLN A 76 -3.54 -29.05 2.98
N GLY A 77 -2.82 -28.57 1.99
CA GLY A 77 -1.88 -27.48 2.21
C GLY A 77 -0.60 -27.86 2.89
N ASN A 78 -0.12 -29.08 2.71
CA ASN A 78 1.12 -29.54 3.32
C ASN A 78 2.24 -29.57 2.30
N ARG A 79 3.41 -29.08 2.69
CA ARG A 79 4.55 -28.93 1.80
C ARG A 79 5.72 -29.84 2.16
N GLY A 80 5.46 -30.92 2.91
CA GLY A 80 6.57 -31.75 3.38
C GLY A 80 7.39 -32.33 2.24
N ARG A 81 6.71 -32.90 1.25
CA ARG A 81 7.42 -33.54 0.14
C ARG A 81 8.20 -32.50 -0.67
N ILE A 82 7.61 -31.33 -0.90
CA ILE A 82 8.30 -30.30 -1.69
C ILE A 82 9.52 -29.79 -0.95
N ASN A 83 9.38 -29.54 0.36
CA ASN A 83 10.52 -29.10 1.16
C ASN A 83 11.64 -30.13 1.13
N GLN A 84 11.27 -31.41 1.31
CA GLN A 84 12.28 -32.46 1.29
C GLN A 84 12.95 -32.56 -0.07
N ILE A 85 12.19 -32.39 -1.15
CA ILE A 85 12.75 -32.49 -2.49
C ILE A 85 13.77 -31.38 -2.72
N ILE A 86 13.40 -30.14 -2.40
CA ILE A 86 14.32 -29.04 -2.67
C ILE A 86 15.54 -29.12 -1.77
N LEU A 87 15.35 -29.56 -0.51
CA LEU A 87 16.49 -29.70 0.38
C LEU A 87 17.44 -30.79 -0.11
N ASP A 88 16.91 -31.90 -0.60
CA ASP A 88 17.76 -32.99 -1.07
C ASP A 88 18.45 -32.65 -2.38
N GLU A 89 17.81 -31.83 -3.22
CA GLU A 89 18.41 -31.56 -4.52
C GLU A 89 19.38 -30.39 -4.50
N PHE A 90 19.01 -29.27 -3.88
CA PHE A 90 19.81 -28.06 -3.96
C PHE A 90 20.87 -27.96 -2.88
N SER A 91 21.00 -28.96 -2.01
CA SER A 91 22.07 -28.99 -1.03
C SER A 91 23.16 -29.98 -1.37
N ARG A 92 23.19 -30.46 -2.61
CA ARG A 92 24.23 -31.40 -3.01
C ARG A 92 25.58 -30.72 -3.12
N LYS A 93 26.64 -31.52 -3.11
CA LYS A 93 28.01 -31.02 -3.21
C LYS A 93 28.41 -31.05 -4.68
N VAL A 94 28.45 -29.88 -5.31
CA VAL A 94 28.77 -29.75 -6.72
C VAL A 94 29.88 -28.71 -6.88
N ASP A 95 30.64 -28.86 -7.96
CA ASP A 95 31.74 -27.95 -8.24
C ASP A 95 31.22 -26.67 -8.91
N LEU A 96 31.81 -25.55 -8.54
CA LEU A 96 31.39 -24.27 -9.09
C LEU A 96 31.72 -24.17 -10.58
N THR A 97 30.91 -23.40 -11.29
CA THR A 97 31.17 -23.12 -12.69
C THR A 97 32.10 -21.92 -12.81
N GLU A 98 32.52 -21.60 -14.01
CA GLU A 98 33.43 -20.52 -14.21
C GLU A 98 32.74 -19.23 -14.06
N ASN A 99 31.46 -19.19 -14.37
CA ASN A 99 30.71 -17.94 -14.26
C ASN A 99 30.68 -17.46 -12.83
N HIS A 100 30.43 -18.36 -11.87
CA HIS A 100 30.38 -17.95 -10.47
C HIS A 100 31.73 -17.42 -10.00
N LYS A 101 32.81 -18.08 -10.39
CA LYS A 101 34.13 -17.62 -10.00
C LYS A 101 34.44 -16.26 -10.60
N ILE A 102 34.08 -16.05 -11.87
CA ILE A 102 34.31 -14.76 -12.51
C ILE A 102 33.52 -13.66 -11.81
N LEU A 103 32.25 -13.94 -11.51
CA LEU A 103 31.43 -12.96 -10.81
C LEU A 103 31.98 -12.67 -9.42
N ALA A 104 32.57 -13.67 -8.77
CA ALA A 104 33.19 -13.44 -7.47
C ALA A 104 34.44 -12.58 -7.60
N ARG A 105 35.19 -12.74 -8.69
CA ARG A 105 36.40 -11.94 -8.87
C ARG A 105 36.07 -10.50 -9.25
N LEU A 106 34.90 -10.26 -9.84
CA LEU A 106 34.53 -8.91 -10.24
C LEU A 106 34.23 -8.04 -9.02
N PRO A 107 34.48 -6.73 -9.11
CA PRO A 107 34.16 -5.80 -8.00
C PRO A 107 32.68 -5.45 -7.97
N ILE A 108 31.85 -6.44 -7.66
CA ILE A 108 30.40 -6.26 -7.60
C ILE A 108 29.95 -6.48 -6.17
N HIS A 109 29.19 -5.53 -5.63
CA HIS A 109 28.85 -5.50 -4.21
C HIS A 109 27.41 -5.87 -3.93
N THR A 110 26.64 -6.30 -4.95
CA THR A 110 25.24 -6.61 -4.77
C THR A 110 24.85 -7.75 -5.69
N TYR A 111 24.27 -8.80 -5.12
CA TYR A 111 23.73 -9.92 -5.88
C TYR A 111 22.29 -10.17 -5.46
N TRP A 112 21.39 -10.28 -6.43
CA TRP A 112 20.01 -10.66 -6.19
C TRP A 112 19.78 -12.01 -6.86
N THR A 113 19.30 -12.98 -6.10
CA THR A 113 19.19 -14.35 -6.59
C THR A 113 17.80 -14.91 -6.33
N THR A 114 17.26 -15.62 -7.31
CA THR A 114 16.04 -16.40 -7.14
C THR A 114 16.33 -17.89 -7.06
N ALA A 115 17.59 -18.27 -6.86
CA ALA A 115 17.98 -19.66 -6.73
C ALA A 115 18.25 -19.99 -5.27
N TYR A 116 17.84 -21.19 -4.85
CA TYR A 116 17.98 -21.60 -3.47
C TYR A 116 19.39 -22.09 -3.14
N ASP A 117 20.17 -22.45 -4.14
CA ASP A 117 21.51 -22.98 -3.91
C ASP A 117 22.46 -21.89 -3.41
N ARG A 118 23.51 -22.31 -2.70
CA ARG A 118 24.50 -21.41 -2.15
C ARG A 118 25.76 -21.32 -3.02
N LEU A 119 25.61 -21.48 -4.34
CA LEU A 119 26.77 -21.42 -5.23
C LEU A 119 27.41 -20.04 -5.22
N ILE A 120 26.60 -18.98 -5.21
CA ILE A 120 27.15 -17.63 -5.19
C ILE A 120 27.93 -17.39 -3.91
N GLU A 121 27.40 -17.84 -2.76
CA GLU A 121 28.10 -17.68 -1.50
C GLU A 121 29.42 -18.44 -1.51
N LYS A 122 29.45 -19.51 -2.17
CA LYS A 122 30.61 -20.33 -2.11
C LYS A 122 31.62 -19.73 -2.99
N ALA A 123 31.23 -19.23 -4.14
CA ALA A 123 32.14 -18.54 -5.04
C ALA A 123 32.74 -17.31 -4.39
N LEU A 124 31.92 -16.55 -3.65
CA LEU A 124 32.44 -15.36 -2.97
C LEU A 124 33.41 -15.74 -1.86
N GLU A 125 33.13 -16.83 -1.14
CA GLU A 125 34.01 -17.23 -0.05
C GLU A 125 35.31 -17.86 -0.54
N GLU A 126 35.29 -18.47 -1.73
CA GLU A 126 36.52 -19.04 -2.27
C GLU A 126 37.53 -17.96 -2.62
N GLU A 127 37.06 -16.77 -3.01
CA GLU A 127 37.93 -15.65 -3.34
C GLU A 127 38.31 -14.82 -2.12
N ASN A 128 38.11 -15.37 -0.92
CA ASN A 128 38.42 -14.66 0.33
C ASN A 128 37.66 -13.35 0.43
N LYS A 129 36.42 -13.34 -0.04
CA LYS A 129 35.55 -12.18 0.02
C LYS A 129 34.48 -12.41 1.07
N ILE A 130 34.31 -11.43 1.97
CA ILE A 130 33.29 -11.53 3.01
C ILE A 130 31.94 -11.25 2.36
N ALA A 131 31.09 -12.26 2.29
CA ALA A 131 29.79 -12.17 1.66
C ALA A 131 28.69 -12.23 2.70
N ASP A 132 27.71 -11.34 2.57
CA ASP A 132 26.61 -11.22 3.52
C ASP A 132 25.33 -11.67 2.84
N VAL A 133 24.91 -12.90 3.12
CA VAL A 133 23.73 -13.49 2.50
C VAL A 133 22.50 -13.10 3.31
N LYS A 134 21.49 -12.58 2.62
CA LYS A 134 20.25 -12.13 3.25
C LYS A 134 19.07 -12.78 2.56
N TYR A 135 18.35 -13.64 3.29
CA TYR A 135 17.13 -14.25 2.77
C TYR A 135 15.97 -14.16 3.74
N THR A 136 16.12 -13.44 4.86
CA THR A 136 15.07 -13.25 5.84
C THR A 136 14.87 -11.76 6.08
N VAL A 137 13.66 -11.40 6.52
CA VAL A 137 13.35 -9.99 6.76
C VAL A 137 14.20 -9.43 7.88
N LYS A 138 14.37 -10.20 8.97
CA LYS A 138 15.14 -9.71 10.11
C LYS A 138 16.60 -9.50 9.74
N GLN A 139 17.12 -10.30 8.80
CA GLN A 139 18.52 -10.18 8.41
C GLN A 139 18.84 -8.86 7.73
N LEU A 140 17.83 -8.17 7.20
CA LEU A 140 18.09 -6.90 6.53
C LEU A 140 18.55 -5.84 7.51
N ALA A 141 18.11 -5.91 8.76
CA ALA A 141 18.44 -4.91 9.76
C ALA A 141 19.86 -5.02 10.28
N THR A 142 20.59 -6.07 9.92
CA THR A 142 21.96 -6.26 10.37
C THR A 142 22.88 -6.40 9.17
N THR A 143 23.97 -5.64 9.17
CA THR A 143 24.95 -5.67 8.10
C THR A 143 26.25 -6.25 8.64
N LYS A 144 26.79 -7.25 7.94
CA LYS A 144 28.05 -7.83 8.33
C LYS A 144 29.17 -6.81 8.14
N VAL A 145 30.09 -6.76 9.11
CA VAL A 145 31.13 -5.75 9.10
C VAL A 145 32.14 -6.06 8.00
N LYS A 146 32.49 -5.02 7.22
CA LYS A 146 33.49 -5.13 6.16
C LYS A 146 33.09 -6.19 5.13
N ARG A 147 31.82 -6.20 4.71
CA ARG A 147 31.39 -7.14 3.74
C ARG A 147 31.87 -6.68 2.43
N ASP A 148 32.16 -7.63 1.55
CA ASP A 148 32.54 -7.29 0.18
C ASP A 148 31.39 -7.38 -0.80
N ALA A 149 30.36 -8.17 -0.50
CA ALA A 149 29.18 -8.26 -1.35
C ALA A 149 28.03 -8.80 -0.52
N VAL A 150 26.82 -8.33 -0.85
CA VAL A 150 25.60 -8.76 -0.19
C VAL A 150 24.75 -9.52 -1.19
N VAL A 151 24.36 -10.74 -0.84
CA VAL A 151 23.57 -11.60 -1.72
C VAL A 151 22.15 -11.63 -1.15
N TYR A 152 21.23 -10.97 -1.84
CA TYR A 152 19.83 -10.99 -1.45
C TYR A 152 19.17 -12.20 -2.12
N LYS A 153 18.94 -13.26 -1.35
CA LYS A 153 18.23 -14.43 -1.84
C LYS A 153 16.75 -14.16 -1.65
N MET A 154 16.12 -13.57 -2.67
CA MET A 154 14.77 -13.05 -2.54
C MET A 154 13.70 -14.13 -2.60
N HIS A 155 14.07 -15.40 -2.73
CA HIS A 155 13.10 -16.47 -2.75
C HIS A 155 13.30 -17.51 -1.66
N GLY A 156 14.40 -17.46 -0.92
CA GLY A 156 14.65 -18.38 0.16
C GLY A 156 15.94 -19.15 -0.03
N ASP A 157 16.37 -19.78 1.05
CA ASP A 157 17.60 -20.55 1.08
C ASP A 157 17.27 -22.04 1.07
N VAL A 158 18.21 -22.84 0.59
CA VAL A 158 18.01 -24.28 0.52
C VAL A 158 17.91 -24.89 1.91
N GLU A 159 18.71 -24.38 2.86
CA GLU A 159 18.70 -24.91 4.21
C GLU A 159 17.42 -24.57 4.96
N HIS A 160 16.57 -23.71 4.41
CA HIS A 160 15.27 -23.38 5.00
C HIS A 160 14.20 -23.64 3.94
N PRO A 161 13.91 -24.90 3.65
CA PRO A 161 12.97 -25.21 2.57
C PRO A 161 11.56 -24.68 2.82
N SER A 162 11.13 -24.58 4.08
CA SER A 162 9.77 -24.13 4.36
C SER A 162 9.56 -22.68 3.97
N GLU A 163 10.61 -21.88 3.90
CA GLU A 163 10.49 -20.48 3.54
C GLU A 163 10.69 -20.23 2.04
N ALA A 164 11.07 -21.25 1.28
CA ALA A 164 11.32 -21.06 -0.15
C ALA A 164 10.02 -20.78 -0.88
N VAL A 165 10.07 -19.85 -1.83
CA VAL A 165 8.91 -19.48 -2.64
C VAL A 165 8.81 -20.49 -3.77
N LEU A 166 7.90 -21.46 -3.62
CA LEU A 166 7.71 -22.51 -4.62
C LEU A 166 6.29 -22.59 -5.14
N ILE A 167 5.29 -22.38 -4.28
CA ILE A 167 3.90 -22.59 -4.64
C ILE A 167 3.22 -21.23 -4.83
N LYS A 168 2.00 -21.20 -5.34
CA LYS A 168 1.30 -19.96 -5.61
C LYS A 168 0.85 -19.23 -4.43
N ASP A 169 0.62 -19.88 -3.33
CA ASP A 169 0.32 -19.15 -2.10
C ASP A 169 1.51 -18.34 -1.63
N ASP A 170 2.72 -18.88 -1.82
CA ASP A 170 3.92 -18.13 -1.46
C ASP A 170 4.03 -16.84 -2.25
N TYR A 171 3.78 -16.89 -3.55
CA TYR A 171 3.79 -15.67 -4.36
C TYR A 171 2.70 -14.71 -3.94
N GLU A 172 1.50 -15.25 -3.63
CA GLU A 172 0.39 -14.38 -3.25
C GLU A 172 0.68 -13.63 -1.96
N LYS A 173 1.29 -14.30 -0.99
CA LYS A 173 1.59 -13.66 0.29
C LYS A 173 2.98 -13.04 0.32
N TYR A 174 3.73 -13.11 -0.78
CA TYR A 174 5.06 -12.49 -0.82
C TYR A 174 4.99 -10.98 -0.63
N SER A 175 3.98 -10.34 -1.24
CA SER A 175 3.88 -8.89 -1.17
C SER A 175 3.67 -8.38 0.26
N ILE A 176 3.17 -9.22 1.15
CA ILE A 176 2.94 -8.85 2.54
C ILE A 176 4.06 -9.35 3.43
N LYS A 177 4.51 -10.58 3.26
CA LYS A 177 5.50 -11.15 4.15
C LYS A 177 6.83 -10.64 3.88
N MET A 178 7.21 -10.60 2.64
CA MET A 178 8.55 -10.20 2.23
C MET A 178 8.54 -8.82 1.58
N ASP A 179 7.72 -7.92 2.12
CA ASP A 179 7.67 -6.56 1.59
C ASP A 179 9.00 -5.81 1.68
N PRO A 180 9.79 -5.91 2.77
CA PRO A 180 11.09 -5.21 2.77
C PRO A 180 12.00 -5.63 1.63
N TYR A 181 11.97 -6.90 1.22
CA TYR A 181 12.78 -7.31 0.08
C TYR A 181 12.27 -6.67 -1.21
N ILE A 182 10.95 -6.53 -1.35
CA ILE A 182 10.40 -5.83 -2.51
C ILE A 182 10.87 -4.39 -2.54
N LYS A 183 10.83 -3.71 -1.38
CA LYS A 183 11.29 -2.32 -1.33
C LYS A 183 12.78 -2.21 -1.64
N ALA A 184 13.59 -3.14 -1.12
CA ALA A 184 15.02 -3.12 -1.38
C ALA A 184 15.31 -3.34 -2.86
N LEU A 185 14.62 -4.28 -3.49
CA LEU A 185 14.83 -4.52 -4.91
C LEU A 185 14.35 -3.34 -5.74
N SER A 186 13.27 -2.68 -5.31
CA SER A 186 12.81 -1.49 -6.02
C SER A 186 13.84 -0.37 -5.92
N GLY A 187 14.46 -0.22 -4.76
CA GLY A 187 15.53 0.77 -4.63
C GLY A 187 16.75 0.43 -5.48
N ASP A 188 17.13 -0.85 -5.52
CA ASP A 188 18.30 -1.25 -6.29
C ASP A 188 18.04 -1.15 -7.79
N LEU A 189 16.82 -1.41 -8.24
CA LEU A 189 16.50 -1.31 -9.67
C LEU A 189 16.53 0.12 -10.17
N VAL A 190 16.57 1.11 -9.29
CA VAL A 190 16.66 2.51 -9.71
C VAL A 190 17.97 3.15 -9.30
N SER A 191 18.72 2.58 -8.36
CA SER A 191 19.99 3.15 -7.94
C SER A 191 21.20 2.39 -8.49
N LYS A 192 21.00 1.23 -9.10
CA LYS A 192 22.12 0.42 -9.60
C LYS A 192 21.78 -0.14 -10.97
N THR A 193 22.83 -0.41 -11.75
CA THR A 193 22.68 -1.01 -13.06
C THR A 193 22.76 -2.53 -12.93
N PHE A 194 21.70 -3.21 -13.33
CA PHE A 194 21.58 -4.66 -13.17
C PHE A 194 22.02 -5.39 -14.44
N LEU A 195 22.54 -6.60 -14.25
CA LEU A 195 22.82 -7.52 -15.33
C LEU A 195 22.09 -8.83 -15.03
N PHE A 196 20.97 -9.05 -15.71
CA PHE A 196 20.14 -10.22 -15.47
C PHE A 196 20.73 -11.39 -16.24
N VAL A 197 21.40 -12.29 -15.53
CA VAL A 197 22.02 -13.47 -16.13
C VAL A 197 21.23 -14.70 -15.71
N GLY A 198 20.93 -15.55 -16.69
CA GLY A 198 20.21 -16.78 -16.41
C GLY A 198 18.83 -16.57 -15.81
N PHE A 199 18.12 -15.55 -16.27
CA PHE A 199 16.78 -15.24 -15.78
C PHE A 199 15.80 -15.23 -16.93
N SER A 200 14.62 -15.81 -16.70
CA SER A 200 13.62 -15.97 -17.74
C SER A 200 12.58 -14.86 -17.77
N PHE A 201 12.55 -14.01 -16.74
CA PHE A 201 11.58 -12.89 -16.66
C PHE A 201 10.14 -13.39 -16.73
N THR A 202 9.88 -14.55 -16.15
CA THR A 202 8.53 -15.06 -15.99
C THR A 202 8.10 -15.11 -14.53
N ASP A 203 8.95 -14.64 -13.62
CA ASP A 203 8.63 -14.71 -12.20
C ASP A 203 7.60 -13.65 -11.84
N PRO A 204 6.47 -14.02 -11.22
CA PRO A 204 5.45 -13.01 -10.89
C PRO A 204 5.96 -11.91 -9.98
N ASN A 205 6.85 -12.23 -9.04
CA ASN A 205 7.39 -11.20 -8.15
C ASN A 205 8.18 -10.17 -8.94
N LEU A 206 9.04 -10.62 -9.87
CA LEU A 206 9.81 -9.69 -10.67
C LEU A 206 8.91 -8.88 -11.59
N ASP A 207 7.87 -9.50 -12.14
CA ASP A 207 6.93 -8.76 -12.97
C ASP A 207 6.26 -7.65 -12.16
N TYR A 208 5.82 -7.97 -10.94
CA TYR A 208 5.18 -6.98 -10.09
C TYR A 208 6.14 -5.85 -9.74
N ILE A 209 7.38 -6.18 -9.37
CA ILE A 209 8.35 -5.17 -8.98
C ILE A 209 8.70 -4.27 -10.16
N LEU A 210 8.95 -4.87 -11.33
CA LEU A 210 9.29 -4.09 -12.51
C LEU A 210 8.14 -3.21 -12.95
N SER A 211 6.90 -3.72 -12.87
CA SER A 211 5.74 -2.90 -13.22
C SER A 211 5.61 -1.73 -12.25
N ARG A 212 5.85 -1.96 -10.96
CA ARG A 212 5.81 -0.87 -10.00
C ARG A 212 6.87 0.19 -10.30
N VAL A 213 8.09 -0.27 -10.63
CA VAL A 213 9.16 0.67 -10.95
C VAL A 213 8.81 1.49 -12.18
N ARG A 214 8.29 0.84 -13.23
CA ARG A 214 7.91 1.56 -14.44
C ARG A 214 6.79 2.55 -14.15
N SER A 215 5.79 2.15 -13.36
CA SER A 215 4.71 3.07 -13.02
C SER A 215 5.21 4.26 -12.22
N ALA A 216 6.24 4.04 -11.40
CA ALA A 216 6.78 5.14 -10.60
C ALA A 216 7.64 6.09 -11.43
N TYR A 217 8.40 5.56 -12.39
CA TYR A 217 9.38 6.38 -13.10
C TYR A 217 9.06 6.59 -14.58
N GLU A 218 8.16 5.83 -15.17
CA GLU A 218 7.72 6.01 -16.56
C GLU A 218 8.94 5.90 -17.46
N ARG A 219 9.23 6.89 -18.31
CA ARG A 219 10.28 6.78 -19.30
C ARG A 219 11.66 7.11 -18.77
N ASP A 220 11.79 7.50 -17.50
CA ASP A 220 13.06 7.89 -16.92
C ASP A 220 13.69 6.76 -16.11
N GLN A 221 13.38 5.52 -16.43
CA GLN A 221 13.93 4.38 -15.73
C GLN A 221 15.40 4.18 -16.07
N ARG A 222 16.15 3.66 -15.10
CA ARG A 222 17.56 3.36 -15.32
C ARG A 222 17.69 2.20 -16.30
N ARG A 223 18.78 2.22 -17.06
CA ARG A 223 19.03 1.18 -18.05
C ARG A 223 19.60 -0.06 -17.38
N HIS A 224 18.98 -1.21 -17.62
CA HIS A 224 19.46 -2.50 -17.15
C HIS A 224 19.76 -3.40 -18.34
N TYR A 225 20.67 -4.35 -18.13
CA TYR A 225 21.11 -5.25 -19.18
C TYR A 225 20.70 -6.67 -18.86
N CYS A 226 20.45 -7.46 -19.89
CA CYS A 226 20.01 -8.84 -19.75
C CYS A 226 20.75 -9.71 -20.74
N LEU A 227 20.87 -10.99 -20.42
CA LEU A 227 21.50 -11.98 -21.29
C LEU A 227 20.51 -13.13 -21.50
N ILE A 228 20.07 -13.31 -22.73
CA ILE A 228 19.12 -14.35 -23.09
C ILE A 228 19.62 -15.06 -24.34
N LYS A 229 19.61 -16.39 -24.31
CA LYS A 229 20.03 -17.18 -25.47
C LYS A 229 18.94 -17.18 -26.53
N LYS A 230 19.33 -17.01 -27.78
CA LYS A 230 18.38 -17.09 -28.88
C LYS A 230 17.83 -18.51 -28.99
N GLU A 231 16.60 -18.61 -29.47
CA GLU A 231 15.97 -19.91 -29.64
C GLU A 231 16.67 -20.69 -30.74
N GLU A 232 16.93 -21.97 -30.47
CA GLU A 232 17.55 -22.87 -31.44
C GLU A 232 16.56 -23.98 -31.80
N ARG A 233 16.64 -24.42 -33.05
CA ARG A 233 15.70 -25.42 -33.54
C ARG A 233 15.90 -26.75 -32.81
N ARG A 234 14.80 -27.35 -32.39
CA ARG A 234 14.84 -28.64 -31.74
C ARG A 234 15.16 -29.73 -32.75
N PRO A 235 15.64 -30.90 -32.29
CA PRO A 235 16.05 -31.94 -33.25
C PRO A 235 14.98 -32.35 -34.24
N ASP A 236 13.71 -32.39 -33.81
CA ASP A 236 12.60 -32.77 -34.68
C ASP A 236 11.54 -31.69 -34.58
N GLU A 237 11.57 -30.72 -35.49
CA GLU A 237 10.62 -29.62 -35.48
C GLU A 237 10.53 -29.03 -36.87
N LEU A 238 9.33 -28.59 -37.24
CA LEU A 238 9.12 -27.94 -38.52
C LEU A 238 9.77 -26.56 -38.52
N GLU A 239 10.05 -26.07 -39.73
CA GLU A 239 10.64 -24.74 -39.87
C GLU A 239 9.67 -23.67 -39.39
N ALA A 240 8.39 -23.80 -39.72
CA ALA A 240 7.42 -22.76 -39.39
C ALA A 240 7.27 -22.59 -37.89
N ASP A 241 7.25 -23.68 -37.13
CA ASP A 241 7.13 -23.57 -35.69
C ASP A 241 8.39 -22.96 -35.07
N PHE A 242 9.56 -23.28 -35.63
CA PHE A 242 10.78 -22.64 -35.16
C PHE A 242 10.75 -21.14 -35.40
N GLU A 243 10.29 -20.73 -36.59
CA GLU A 243 10.18 -19.30 -36.87
C GLU A 243 9.16 -18.64 -35.95
N TYR A 244 8.08 -19.35 -35.63
CA TYR A 244 7.10 -18.83 -34.68
C TYR A 244 7.73 -18.64 -33.31
N ARG A 245 8.53 -19.60 -32.86
CA ARG A 245 9.22 -19.47 -31.58
C ARG A 245 10.18 -18.28 -31.58
N VAL A 246 10.92 -18.11 -32.68
CA VAL A 246 11.84 -16.98 -32.79
C VAL A 246 11.09 -15.66 -32.75
N ARG A 247 9.95 -15.59 -33.45
CA ARG A 247 9.15 -14.37 -33.43
C ARG A 247 8.62 -14.07 -32.04
N LYS A 248 8.25 -15.18 -31.33
CA LYS A 248 7.72 -14.98 -30.03
C LYS A 248 8.81 -14.53 -29.13
N GLN A 249 9.99 -14.99 -29.23
CA GLN A 249 11.12 -14.56 -28.42
C GLN A 249 11.51 -13.12 -28.72
N GLU A 250 11.45 -12.72 -30.00
CA GLU A 250 11.73 -11.33 -30.35
C GLU A 250 10.71 -10.39 -29.72
N LEU A 251 9.44 -10.77 -29.75
CA LEU A 251 8.42 -9.96 -29.10
C LEU A 251 8.66 -9.87 -27.60
N PHE A 252 9.05 -10.99 -26.98
CA PHE A 252 9.34 -10.99 -25.54
C PHE A 252 10.51 -10.08 -25.22
N ILE A 253 11.57 -10.14 -26.04
CA ILE A 253 12.74 -9.29 -25.84
C ILE A 253 12.36 -7.82 -25.97
N SER A 254 11.55 -7.48 -26.99
CA SER A 254 11.10 -6.10 -27.15
C SER A 254 10.26 -5.67 -25.96
N ASP A 255 9.40 -6.54 -25.46
CA ASP A 255 8.58 -6.22 -24.29
C ASP A 255 9.43 -6.02 -23.05
N LEU A 256 10.58 -6.70 -22.96
CA LEU A 256 11.48 -6.48 -21.83
C LEU A 256 11.99 -5.06 -21.80
N SER A 257 12.29 -4.49 -22.98
CA SER A 257 12.81 -3.13 -23.05
C SER A 257 11.77 -2.11 -22.65
N ARG A 258 10.54 -2.48 -22.35
CA ARG A 258 9.49 -1.54 -21.88
C ARG A 258 9.84 -1.10 -20.56
N PHE A 259 10.49 -1.93 -19.83
CA PHE A 259 11.03 -1.53 -18.54
C PHE A 259 12.48 -1.05 -18.65
N ASN A 260 12.92 -0.71 -19.86
CA ASN A 260 14.29 -0.26 -20.12
C ASN A 260 15.32 -1.31 -19.70
N ILE A 261 15.07 -2.57 -20.07
CA ILE A 261 16.00 -3.67 -19.84
C ILE A 261 16.49 -4.11 -21.20
N LYS A 262 17.69 -3.66 -21.59
CA LYS A 262 18.25 -4.04 -22.88
C LYS A 262 18.70 -5.49 -22.84
N THR A 263 18.26 -6.27 -23.82
CA THR A 263 18.54 -7.69 -23.88
C THR A 263 19.62 -7.97 -24.92
N ILE A 264 20.63 -8.74 -24.53
CA ILE A 264 21.71 -9.14 -25.41
C ILE A 264 21.42 -10.57 -25.85
N VAL A 265 21.30 -10.78 -27.16
CA VAL A 265 21.03 -12.10 -27.71
C VAL A 265 22.34 -12.88 -27.76
N LEU A 266 22.36 -14.05 -27.14
CA LEU A 266 23.54 -14.90 -27.06
C LEU A 266 23.30 -16.17 -27.85
N ASN A 267 24.21 -16.49 -28.78
CA ASN A 267 24.06 -17.68 -29.59
C ASN A 267 24.14 -18.94 -28.75
N ASN A 268 25.08 -18.98 -27.81
CA ASN A 268 25.31 -20.16 -26.99
C ASN A 268 25.30 -19.78 -25.52
N TYR A 269 25.06 -20.77 -24.66
CA TYR A 269 25.19 -20.55 -23.23
C TYR A 269 26.64 -20.28 -22.85
N ASN A 270 27.58 -20.91 -23.55
CA ASN A 270 29.00 -20.71 -23.26
C ASN A 270 29.48 -19.31 -23.63
N GLU A 271 28.67 -18.52 -24.35
CA GLU A 271 29.07 -17.15 -24.64
C GLU A 271 28.95 -16.27 -23.40
N ILE A 272 28.19 -16.72 -22.39
CA ILE A 272 28.12 -15.97 -21.13
C ILE A 272 29.49 -15.92 -20.47
N THR A 273 30.18 -17.06 -20.43
CA THR A 273 31.52 -17.09 -19.86
C THR A 273 32.48 -16.23 -20.67
N GLU A 274 32.26 -16.13 -21.97
CA GLU A 274 33.16 -15.37 -22.78
C GLU A 274 32.91 -13.93 -22.59
N ILE A 275 31.70 -13.55 -22.33
CA ILE A 275 31.38 -12.16 -22.03
C ILE A 275 31.93 -11.77 -20.68
N LEU A 276 31.76 -12.63 -19.68
CA LEU A 276 32.25 -12.31 -18.34
C LEU A 276 33.76 -12.23 -18.30
N GLN A 277 34.44 -13.10 -19.06
CA GLN A 277 35.90 -13.01 -19.15
C GLN A 277 36.35 -11.70 -19.76
N ARG A 278 35.63 -11.25 -20.80
CA ARG A 278 35.95 -9.95 -21.40
C ARG A 278 35.72 -8.81 -20.40
N ILE A 279 34.62 -8.89 -19.65
CA ILE A 279 34.31 -7.84 -18.68
C ILE A 279 35.39 -7.78 -17.60
N GLU A 280 35.85 -8.94 -17.13
CA GLU A 280 36.92 -8.95 -16.14
C GLU A 280 38.25 -8.47 -16.74
N ASN A 281 38.54 -8.88 -17.98
CA ASN A 281 39.79 -8.51 -18.63
C ASN A 281 39.89 -7.01 -18.84
N ASN A 282 38.77 -6.36 -19.21
CA ASN A 282 38.77 -4.91 -19.34
C ASN A 282 38.98 -4.23 -17.99
N ILE A 283 38.73 -4.93 -16.90
CA ILE A 283 38.98 -4.39 -15.56
C ILE A 283 40.33 -4.83 -15.02
N LYS A 284 40.66 -6.11 -15.23
CA LYS A 284 41.93 -6.64 -14.74
C LYS A 284 43.11 -5.94 -15.40
N THR A 285 43.05 -5.71 -16.71
CA THR A 285 44.16 -5.11 -17.43
C THR A 285 44.23 -3.60 -17.30
N LYS A 286 43.29 -2.98 -16.58
CA LYS A 286 43.36 -1.55 -16.37
C LYS A 286 44.54 -1.12 -15.53
N THR A 287 45.18 -2.05 -14.83
CA THR A 287 46.34 -1.76 -14.00
C THR A 287 47.58 -2.39 -14.62
N VAL A 288 48.63 -1.60 -14.79
CA VAL A 288 49.88 -2.06 -15.40
C VAL A 288 50.95 -2.12 -14.33
N PHE A 289 51.97 -2.94 -14.59
CA PHE A 289 53.10 -3.09 -13.68
C PHE A 289 54.37 -2.70 -14.42
N LEU A 290 54.90 -1.53 -14.11
CA LEU A 290 56.11 -1.02 -14.76
C LEU A 290 57.32 -1.65 -14.06
N SER A 291 57.84 -2.71 -14.66
CA SER A 291 59.00 -3.40 -14.11
C SER A 291 60.27 -2.95 -14.81
N GLY A 292 61.35 -2.91 -14.07
CA GLY A 292 62.63 -2.54 -14.65
C GLY A 292 63.57 -1.98 -13.60
N SER A 293 64.84 -1.91 -13.99
CA SER A 293 65.91 -1.37 -13.16
C SER A 293 67.10 -1.12 -14.06
N ALA A 294 67.68 0.06 -13.96
CA ALA A 294 68.72 0.43 -14.91
C ALA A 294 69.81 1.26 -14.26
N VAL A 295 71.06 0.86 -14.50
CA VAL A 295 72.20 1.72 -14.29
C VAL A 295 72.84 2.16 -15.60
N GLU A 296 72.61 1.41 -16.68
CA GLU A 296 72.94 1.84 -18.03
C GLU A 296 71.64 1.86 -18.84
N TYR A 297 71.61 2.71 -19.85
CA TYR A 297 70.37 2.94 -20.61
C TYR A 297 70.60 2.68 -22.09
N ASN A 298 71.42 1.67 -22.40
CA ASN A 298 71.62 1.21 -23.77
C ASN A 298 72.00 2.33 -24.73
N HIS A 299 71.34 2.38 -25.88
CA HIS A 299 71.69 3.34 -26.92
C HIS A 299 71.48 4.77 -26.45
N TRP A 300 70.38 5.03 -25.75
CA TRP A 300 70.08 6.38 -25.28
C TRP A 300 71.02 6.78 -24.15
N GLU A 301 71.13 8.08 -23.93
CA GLU A 301 71.84 8.62 -22.78
C GLU A 301 70.95 8.53 -21.55
N THR A 302 71.55 8.75 -20.38
CA THR A 302 70.79 8.66 -19.14
C THR A 302 69.65 9.67 -19.12
N GLU A 303 69.92 10.91 -19.54
CA GLU A 303 68.87 11.92 -19.55
C GLU A 303 67.77 11.57 -20.55
N HIS A 304 68.15 11.10 -21.73
CA HIS A 304 67.16 10.77 -22.75
C HIS A 304 66.27 9.63 -22.29
N ALA A 305 66.86 8.58 -21.70
CA ALA A 305 66.06 7.47 -21.22
C ALA A 305 65.21 7.85 -20.01
N GLU A 306 65.72 8.74 -19.15
CA GLU A 306 64.89 9.25 -18.06
C GLU A 306 63.67 9.98 -18.60
N GLN A 307 63.87 10.81 -19.63
CA GLN A 307 62.74 11.47 -20.26
C GLN A 307 61.79 10.45 -20.89
N PHE A 308 62.34 9.39 -21.48
CA PHE A 308 61.49 8.36 -22.07
C PHE A 308 60.59 7.71 -21.01
N ILE A 309 61.18 7.30 -19.90
CA ILE A 309 60.40 6.65 -18.84
C ILE A 309 59.39 7.63 -18.26
N HIS A 310 59.80 8.87 -18.04
CA HIS A 310 58.91 9.90 -17.51
C HIS A 310 57.70 10.08 -18.41
N GLN A 311 57.94 10.24 -19.72
CA GLN A 311 56.83 10.45 -20.64
C GLN A 311 55.98 9.20 -20.81
N LEU A 312 56.58 8.01 -20.72
CA LEU A 312 55.80 6.79 -20.79
C LEU A 312 54.84 6.69 -19.62
N SER A 313 55.32 6.99 -18.41
CA SER A 313 54.43 6.97 -17.26
C SER A 313 53.35 8.05 -17.36
N LYS A 314 53.74 9.24 -17.86
CA LYS A 314 52.76 10.31 -18.03
C LYS A 314 51.67 9.90 -19.01
N GLU A 315 52.05 9.28 -20.13
CA GLU A 315 51.05 8.82 -21.10
C GLU A 315 50.17 7.72 -20.51
N LEU A 316 50.78 6.79 -19.76
CA LEU A 316 50.00 5.72 -19.16
C LEU A 316 48.95 6.26 -18.20
N ILE A 317 49.34 7.21 -17.35
CA ILE A 317 48.38 7.80 -16.41
C ILE A 317 47.34 8.62 -17.18
N ARG A 318 47.76 9.31 -18.24
CA ARG A 318 46.84 10.12 -19.01
C ARG A 318 45.76 9.28 -19.67
N LYS A 319 46.06 8.02 -19.98
CA LYS A 319 45.10 7.12 -20.61
C LYS A 319 44.31 6.31 -19.59
N ASP A 320 44.16 6.83 -18.37
CA ASP A 320 43.34 6.20 -17.33
C ASP A 320 43.83 4.80 -16.97
N PHE A 321 45.14 4.65 -16.84
CA PHE A 321 45.75 3.41 -16.36
C PHE A 321 46.24 3.60 -14.93
N ASN A 322 46.36 2.49 -14.23
CA ASN A 322 46.88 2.46 -12.86
C ASN A 322 48.28 1.87 -12.91
N ILE A 323 49.24 2.61 -12.38
CA ILE A 323 50.64 2.22 -12.41
C ILE A 323 51.02 1.67 -11.05
N VAL A 324 51.48 0.42 -11.01
CA VAL A 324 52.05 -0.19 -9.82
C VAL A 324 53.54 -0.36 -10.05
N SER A 325 54.36 0.28 -9.23
CA SER A 325 55.80 0.28 -9.40
C SER A 325 56.47 -0.22 -8.13
N GLY A 326 57.46 -1.08 -8.28
CA GLY A 326 58.26 -1.54 -7.16
C GLY A 326 59.36 -0.58 -6.75
N PHE A 327 59.36 0.62 -7.30
CA PHE A 327 60.39 1.63 -7.02
C PHE A 327 61.78 1.07 -7.31
N GLY A 328 61.91 0.43 -8.47
CA GLY A 328 63.19 -0.11 -8.88
C GLY A 328 64.20 0.98 -9.18
N LEU A 329 65.47 0.63 -9.02
CA LEU A 329 66.55 1.60 -9.22
C LEU A 329 66.68 1.93 -10.69
N GLY A 330 66.39 3.19 -11.04
CA GLY A 330 66.56 3.69 -12.39
C GLY A 330 65.29 3.92 -13.16
N VAL A 331 64.17 3.31 -12.75
CA VAL A 331 62.92 3.54 -13.45
C VAL A 331 61.85 4.02 -12.47
N GLY A 332 61.98 3.65 -11.20
CA GLY A 332 60.94 3.99 -10.23
C GLY A 332 60.82 5.48 -9.99
N SER A 333 61.94 6.17 -9.86
CA SER A 333 61.91 7.61 -9.62
C SER A 333 61.30 8.35 -10.81
N PHE A 334 61.66 7.94 -12.03
CA PHE A 334 61.13 8.61 -13.21
C PHE A 334 59.66 8.28 -13.45
N VAL A 335 59.25 7.06 -13.10
CA VAL A 335 57.82 6.73 -13.14
C VAL A 335 57.07 7.62 -12.16
N ILE A 336 57.60 7.81 -10.95
CA ILE A 336 56.97 8.70 -9.97
C ILE A 336 56.89 10.11 -10.53
N ASN A 337 57.97 10.59 -11.15
CA ASN A 337 57.99 11.94 -11.68
C ASN A 337 56.92 12.11 -12.75
N GLY A 338 56.81 11.14 -13.66
CA GLY A 338 55.80 11.24 -14.69
C GLY A 338 54.38 11.23 -14.13
N VAL A 339 54.12 10.33 -13.18
CA VAL A 339 52.79 10.24 -12.59
C VAL A 339 52.44 11.53 -11.87
N LEU A 340 53.39 12.08 -11.10
CA LEU A 340 53.13 13.33 -10.39
C LEU A 340 52.89 14.48 -11.35
N GLU A 341 53.68 14.56 -12.42
CA GLU A 341 53.49 15.64 -13.39
C GLU A 341 52.13 15.55 -14.06
N GLU A 342 51.68 14.33 -14.37
CA GLU A 342 50.37 14.19 -14.98
C GLU A 342 49.24 14.50 -13.99
N LEU A 343 49.37 14.03 -12.75
CA LEU A 343 48.27 14.15 -11.79
C LEU A 343 48.13 15.58 -11.27
N TYR A 344 49.26 16.23 -10.96
CA TYR A 344 49.20 17.57 -10.37
C TYR A 344 48.81 18.64 -11.38
N MET A 345 48.77 18.31 -12.67
CA MET A 345 48.37 19.28 -13.69
C MET A 345 46.86 19.41 -13.77
N THR A 349 46.43 16.27 -5.02
CA THR A 349 46.61 15.07 -4.24
C THR A 349 46.82 13.85 -5.12
N ILE A 350 47.16 12.72 -4.51
CA ILE A 350 47.41 11.48 -5.23
C ILE A 350 46.36 10.46 -4.80
N ASP A 351 45.58 9.97 -5.76
CA ASP A 351 44.64 8.90 -5.47
C ASP A 351 45.40 7.60 -5.23
N ASP A 352 44.91 6.82 -4.26
CA ASP A 352 45.58 5.56 -3.94
C ASP A 352 45.46 4.53 -5.06
N ASP A 353 44.58 4.77 -6.04
CA ASP A 353 44.40 3.83 -7.13
C ASP A 353 45.25 4.16 -8.35
N ARG A 354 45.67 5.41 -8.51
CA ARG A 354 46.41 5.80 -9.71
C ARG A 354 47.88 5.35 -9.63
N LEU A 355 48.57 5.73 -8.57
CA LEU A 355 49.97 5.35 -8.37
C LEU A 355 50.08 4.56 -7.08
N ILE A 356 50.65 3.36 -7.17
CA ILE A 356 50.85 2.49 -6.03
C ILE A 356 52.33 2.18 -5.94
N LEU A 357 52.97 2.65 -4.87
CA LEU A 357 54.40 2.47 -4.67
C LEU A 357 54.66 1.39 -3.65
N ARG A 358 55.52 0.44 -4.00
CA ARG A 358 55.92 -0.64 -3.10
C ARG A 358 57.43 -0.77 -3.12
N PRO A 359 58.15 0.15 -2.48
CA PRO A 359 59.60 0.04 -2.42
C PRO A 359 60.02 -1.23 -1.71
N PHE A 360 61.10 -1.83 -2.20
CA PHE A 360 61.55 -3.10 -1.63
C PHE A 360 62.43 -2.85 -0.41
N PRO A 361 62.12 -3.43 0.74
CA PRO A 361 62.94 -3.23 1.93
C PRO A 361 64.36 -3.72 1.70
N GLN A 362 65.33 -2.84 1.98
CA GLN A 362 66.74 -3.15 1.79
C GLN A 362 67.31 -3.71 3.09
N GLY A 363 67.98 -4.86 2.98
CA GLY A 363 68.52 -5.56 4.13
C GLY A 363 68.24 -7.04 4.07
N LYS A 364 69.05 -7.85 4.76
CA LYS A 364 68.88 -9.29 4.72
C LYS A 364 67.56 -9.73 5.32
N LYS A 365 66.94 -8.91 6.17
CA LYS A 365 65.65 -9.25 6.75
C LYS A 365 64.53 -9.12 5.73
N GLY A 366 64.60 -8.10 4.86
CA GLY A 366 63.57 -7.90 3.86
C GLY A 366 63.70 -8.79 2.64
N GLU A 367 64.91 -9.28 2.34
CA GLU A 367 65.08 -10.13 1.17
C GLU A 367 64.30 -11.43 1.31
N GLU A 368 64.10 -11.90 2.53
CA GLU A 368 63.35 -13.14 2.73
C GLU A 368 61.89 -12.97 2.40
N GLN A 369 61.34 -11.77 2.61
CA GLN A 369 59.96 -11.47 2.26
C GLN A 369 59.82 -10.84 0.89
N TRP A 370 60.94 -10.56 0.22
CA TRP A 370 60.90 -9.97 -1.12
C TRP A 370 60.01 -10.76 -2.09
N ASP A 371 60.07 -12.09 -2.03
CA ASP A 371 59.33 -12.90 -2.99
C ASP A 371 57.82 -12.72 -2.82
N LYS A 372 57.32 -12.82 -1.58
CA LYS A 372 55.91 -12.63 -1.36
C LYS A 372 55.50 -11.19 -1.61
N TYR A 373 56.39 -10.25 -1.36
CA TYR A 373 56.11 -8.85 -1.61
C TYR A 373 55.93 -8.66 -3.08
N ARG A 374 56.77 -9.27 -3.89
CA ARG A 374 56.69 -9.11 -5.35
C ARG A 374 55.49 -9.80 -5.92
N ARG A 375 55.13 -10.94 -5.37
CA ARG A 375 53.91 -11.60 -5.81
C ARG A 375 52.67 -10.78 -5.46
N ASP A 376 52.68 -10.15 -4.28
CA ASP A 376 51.58 -9.29 -3.90
C ASP A 376 51.46 -8.09 -4.83
N MET A 377 52.59 -7.48 -5.18
CA MET A 377 52.58 -6.37 -6.12
C MET A 377 51.99 -6.79 -7.46
N ILE A 378 52.51 -7.88 -8.03
CA ILE A 378 52.11 -8.28 -9.37
C ILE A 378 50.66 -8.75 -9.39
N THR A 379 50.20 -9.36 -8.30
CA THR A 379 48.81 -9.80 -8.23
C THR A 379 47.84 -8.64 -8.37
N ARG A 380 48.26 -7.44 -7.94
CA ARG A 380 47.40 -6.26 -8.04
C ARG A 380 47.20 -5.80 -9.49
N THR A 381 48.05 -6.24 -10.41
CA THR A 381 48.07 -5.73 -11.77
C THR A 381 47.49 -6.73 -12.75
N GLY A 382 47.32 -6.28 -14.00
CA GLY A 382 46.84 -7.14 -15.06
C GLY A 382 47.79 -7.25 -16.24
N VAL A 383 48.59 -6.21 -16.46
CA VAL A 383 49.54 -6.15 -17.57
C VAL A 383 50.89 -5.77 -17.00
N SER A 384 51.95 -6.40 -17.53
CA SER A 384 53.31 -6.14 -17.07
C SER A 384 54.15 -5.60 -18.23
N ILE A 385 54.80 -4.46 -18.00
CA ILE A 385 55.68 -3.83 -18.98
C ILE A 385 57.09 -3.79 -18.40
N PHE A 386 58.07 -4.23 -19.19
CA PHE A 386 59.43 -4.43 -18.71
C PHE A 386 60.37 -3.51 -19.47
N LEU A 387 61.19 -2.76 -18.72
CA LEU A 387 62.14 -1.81 -19.29
C LEU A 387 63.53 -2.14 -18.78
N TYR A 388 64.49 -2.23 -19.70
CA TYR A 388 65.90 -2.48 -19.38
C TYR A 388 66.05 -3.70 -18.49
N GLY A 389 66.64 -3.54 -17.31
CA GLY A 389 66.76 -4.66 -16.40
C GLY A 389 68.18 -5.05 -16.06
N ASN A 390 69.09 -4.08 -16.00
CA ASN A 390 70.46 -4.33 -15.55
C ASN A 390 70.68 -3.70 -14.18
N LYS A 391 71.66 -4.12 -13.47
CA LYS A 391 71.94 -3.58 -12.15
C LYS A 391 73.44 -3.68 -11.91
N ILE A 392 73.99 -2.82 -11.14
CA ILE A 392 75.42 -2.74 -10.83
C ILE A 392 75.74 -3.75 -9.74
N ASP A 393 76.66 -4.66 -10.04
CA ASP A 393 77.05 -5.70 -9.09
C ASP A 393 78.53 -6.01 -9.29
N LYS A 394 79.27 -6.08 -8.18
CA LYS A 394 80.71 -6.34 -8.20
C LYS A 394 81.44 -5.34 -9.09
N GLY A 395 80.97 -4.09 -9.10
CA GLY A 395 81.58 -3.07 -9.93
C GLY A 395 81.29 -3.20 -11.41
N GLN A 396 80.39 -4.09 -11.81
CA GLN A 396 80.08 -4.32 -13.21
C GLN A 396 78.57 -4.28 -13.42
N VAL A 397 78.16 -3.99 -14.65
CA VAL A 397 76.75 -3.86 -14.99
C VAL A 397 76.25 -5.26 -15.35
N VAL A 398 75.81 -5.98 -14.32
CA VAL A 398 75.26 -7.32 -14.50
C VAL A 398 73.80 -7.22 -14.91
N LYS A 399 73.23 -8.33 -15.38
CA LYS A 399 71.81 -8.38 -15.70
C LYS A 399 71.01 -8.64 -14.43
N ALA A 400 69.97 -7.84 -14.21
CA ALA A 400 69.20 -7.91 -12.98
C ALA A 400 68.19 -9.06 -13.06
N LYS A 401 68.32 -10.03 -12.15
CA LYS A 401 67.44 -11.18 -12.16
C LYS A 401 66.05 -10.89 -11.59
N GLY A 402 65.87 -9.76 -10.91
CA GLY A 402 64.56 -9.42 -10.39
C GLY A 402 63.55 -9.14 -11.50
N VAL A 403 64.00 -8.53 -12.60
CA VAL A 403 63.10 -8.33 -13.73
C VAL A 403 62.65 -9.66 -14.30
N GLN A 404 63.58 -10.61 -14.42
CA GLN A 404 63.21 -11.95 -14.89
C GLN A 404 62.25 -12.62 -13.91
N SER A 405 62.48 -12.44 -12.61
CA SER A 405 61.57 -13.02 -11.62
C SER A 405 60.18 -12.41 -11.72
N GLU A 406 60.10 -11.11 -11.96
CA GLU A 406 58.82 -10.48 -12.12
C GLU A 406 58.15 -11.00 -13.36
N PHE A 407 58.89 -11.13 -14.45
CA PHE A 407 58.32 -11.68 -15.68
C PHE A 407 57.75 -13.07 -15.43
N ASN A 408 58.49 -13.91 -14.72
CA ASN A 408 58.02 -15.26 -14.42
C ASN A 408 56.77 -15.23 -13.56
N ILE A 409 56.74 -14.36 -12.56
CA ILE A 409 55.56 -14.27 -11.69
C ILE A 409 54.35 -13.78 -12.46
N SER A 410 54.52 -12.76 -13.32
CA SER A 410 53.41 -12.27 -14.12
C SER A 410 52.91 -13.35 -15.08
N PHE A 411 53.83 -14.09 -15.69
CA PHE A 411 53.44 -15.16 -16.60
C PHE A 411 52.70 -16.27 -15.87
N GLU A 412 53.13 -16.58 -14.64
CA GLU A 412 52.41 -17.57 -13.84
C GLU A 412 50.98 -17.12 -13.54
N GLN A 413 50.74 -15.81 -13.51
CA GLN A 413 49.43 -15.26 -13.19
C GLN A 413 48.60 -14.99 -14.43
N ASN A 414 49.06 -15.44 -15.61
CA ASN A 414 48.37 -15.20 -16.87
C ASN A 414 48.25 -13.71 -17.18
N ASN A 415 49.18 -12.91 -16.68
CA ASN A 415 49.24 -11.50 -17.03
C ASN A 415 49.84 -11.32 -18.41
N TYR A 416 49.36 -10.31 -19.12
CA TYR A 416 49.95 -9.96 -20.41
C TYR A 416 51.32 -9.35 -20.18
N VAL A 417 52.34 -9.90 -20.83
CA VAL A 417 53.71 -9.42 -20.68
C VAL A 417 54.06 -8.59 -21.91
N VAL A 418 54.61 -7.40 -21.68
CA VAL A 418 55.02 -6.51 -22.75
C VAL A 418 56.48 -6.15 -22.55
N PRO A 419 57.42 -7.00 -22.96
CA PRO A 419 58.83 -6.65 -22.81
C PRO A 419 59.30 -5.65 -23.85
N VAL A 420 59.68 -4.46 -23.40
CA VAL A 420 60.15 -3.41 -24.29
C VAL A 420 61.58 -3.75 -24.68
N GLY A 421 61.75 -4.37 -25.85
CA GLY A 421 63.06 -4.81 -26.27
C GLY A 421 63.98 -3.70 -26.73
N ALA A 422 63.44 -2.53 -27.07
CA ALA A 422 64.28 -1.40 -27.45
C ALA A 422 65.12 -0.91 -26.28
N THR A 423 64.66 -1.11 -25.05
CA THR A 423 65.45 -0.70 -23.89
C THR A 423 66.71 -1.54 -23.75
N GLY A 424 66.63 -2.83 -24.09
CA GLY A 424 67.80 -3.68 -24.10
C GLY A 424 67.99 -4.42 -22.80
N TYR A 425 69.13 -5.12 -22.72
CA TYR A 425 69.55 -5.88 -21.56
C TYR A 425 68.65 -7.09 -21.34
N ILE A 426 68.07 -7.22 -20.14
CA ILE A 426 67.26 -8.40 -19.85
C ILE A 426 65.89 -8.25 -20.51
N ALA A 427 65.52 -7.02 -20.83
CA ALA A 427 64.29 -6.78 -21.57
C ALA A 427 64.38 -7.25 -23.01
N LYS A 428 65.55 -7.14 -23.64
CA LYS A 428 65.73 -7.71 -24.96
C LYS A 428 65.64 -9.23 -24.94
N ASP A 429 66.22 -9.86 -23.91
CA ASP A 429 66.11 -11.31 -23.77
C ASP A 429 64.65 -11.73 -23.56
N LEU A 430 63.93 -10.99 -22.73
CA LEU A 430 62.51 -11.25 -22.53
C LEU A 430 61.74 -11.12 -23.83
N TRP A 431 62.05 -10.07 -24.61
CA TRP A 431 61.38 -9.88 -25.89
C TRP A 431 61.64 -11.06 -26.83
N ASN A 432 62.89 -11.50 -26.90
CA ASN A 432 63.21 -12.65 -27.75
C ASN A 432 62.50 -13.91 -27.27
N LYS A 433 62.44 -14.11 -25.94
CA LYS A 433 61.78 -15.29 -25.39
C LYS A 433 60.30 -15.30 -25.74
N VAL A 434 59.62 -14.15 -25.62
CA VAL A 434 58.22 -14.07 -25.99
C VAL A 434 58.04 -14.25 -27.49
N ASN A 435 58.99 -13.74 -28.29
CA ASN A 435 58.86 -13.80 -29.73
C ASN A 435 59.07 -15.22 -30.27
N GLU A 436 59.91 -16.02 -29.61
CA GLU A 436 60.18 -17.37 -30.12
C GLU A 436 58.91 -18.21 -30.12
N GLU A 437 58.12 -18.15 -29.05
CA GLU A 437 56.86 -18.87 -28.95
C GLU A 437 55.77 -17.82 -28.66
N PHE A 438 55.26 -17.21 -29.73
CA PHE A 438 54.33 -16.11 -29.58
C PHE A 438 52.93 -16.57 -29.18
N GLU A 439 52.52 -17.75 -29.62
CA GLU A 439 51.20 -18.26 -29.26
C GLU A 439 51.12 -18.61 -27.78
N THR A 440 52.25 -18.94 -27.16
CA THR A 440 52.25 -19.27 -25.73
C THR A 440 51.88 -18.07 -24.89
N TYR A 441 52.41 -16.89 -25.21
CA TYR A 441 52.18 -15.70 -24.41
C TYR A 441 51.03 -14.84 -24.91
N TYR A 442 50.82 -14.80 -26.23
CA TYR A 442 49.74 -14.02 -26.83
C TYR A 442 48.94 -14.91 -27.78
N PRO A 443 48.08 -15.77 -27.24
CA PRO A 443 47.27 -16.62 -28.11
C PRO A 443 46.28 -15.82 -28.93
N GLY A 444 46.02 -16.29 -30.14
CA GLY A 444 45.04 -15.67 -31.01
C GLY A 444 45.35 -14.22 -31.35
N ALA A 445 46.61 -13.93 -31.65
CA ALA A 445 47.00 -12.57 -31.98
C ALA A 445 46.64 -12.22 -33.42
N ASP A 446 46.60 -10.93 -33.70
CA ASP A 446 46.28 -10.41 -35.02
C ASP A 446 47.54 -9.88 -35.69
N ALA A 447 47.38 -9.41 -36.93
CA ALA A 447 48.52 -8.82 -37.64
C ALA A 447 48.98 -7.53 -36.96
N ARG A 448 48.05 -6.71 -36.49
CA ARG A 448 48.42 -5.46 -35.84
C ARG A 448 49.20 -5.73 -34.56
N MET A 449 48.77 -6.71 -33.77
CA MET A 449 49.48 -7.04 -32.54
C MET A 449 50.89 -7.53 -32.82
N LYS A 450 51.05 -8.38 -33.84
CA LYS A 450 52.38 -8.86 -34.20
C LYS A 450 53.26 -7.73 -34.69
N LYS A 451 52.70 -6.80 -35.48
CA LYS A 451 53.48 -5.66 -35.94
C LYS A 451 53.92 -4.79 -34.77
N LEU A 452 53.02 -4.53 -33.83
CA LEU A 452 53.39 -3.73 -32.67
C LEU A 452 54.46 -4.43 -31.83
N PHE A 453 54.33 -5.74 -31.65
CA PHE A 453 55.32 -6.48 -30.88
C PHE A 453 56.68 -6.45 -31.56
N GLY A 454 56.70 -6.61 -32.88
CA GLY A 454 57.95 -6.52 -33.61
C GLY A 454 58.52 -5.13 -33.63
N GLU A 455 57.67 -4.12 -33.43
CA GLU A 455 58.14 -2.74 -33.35
C GLU A 455 58.67 -2.40 -31.96
N LEU A 456 58.37 -3.21 -30.94
CA LEU A 456 58.92 -2.98 -29.61
C LEU A 456 60.42 -3.13 -29.57
N ASN A 457 61.00 -3.90 -30.49
CA ASN A 457 62.44 -4.10 -30.57
C ASN A 457 63.10 -3.24 -31.64
N ASN A 458 62.35 -2.29 -32.22
CA ASN A 458 62.89 -1.40 -33.24
C ASN A 458 63.68 -0.31 -32.54
N GLU A 459 64.99 -0.53 -32.39
CA GLU A 459 65.84 0.39 -31.64
C GLU A 459 66.01 1.74 -32.32
N ALA A 460 65.63 1.87 -33.59
CA ALA A 460 65.74 3.14 -34.29
C ALA A 460 64.59 4.08 -33.98
N LEU A 461 63.58 3.63 -33.23
CA LEU A 461 62.47 4.49 -32.88
C LEU A 461 62.90 5.58 -31.90
N SER A 462 62.25 6.73 -32.01
CA SER A 462 62.47 7.82 -31.06
C SER A 462 61.68 7.54 -29.78
N ILE A 463 61.73 8.48 -28.85
CA ILE A 463 61.00 8.34 -27.59
C ILE A 463 59.50 8.34 -27.86
N GLU A 464 59.02 9.31 -28.63
CA GLU A 464 57.59 9.43 -28.88
C GLU A 464 57.04 8.23 -29.62
N GLU A 465 57.77 7.76 -30.64
CA GLU A 465 57.29 6.62 -31.42
C GLU A 465 57.23 5.36 -30.57
N LEU A 466 58.25 5.12 -29.76
CA LEU A 466 58.26 3.94 -28.90
C LEU A 466 57.14 4.00 -27.88
N ILE A 467 56.91 5.19 -27.29
CA ILE A 467 55.85 5.34 -26.31
C ILE A 467 54.48 5.12 -26.96
N ASN A 468 54.29 5.64 -28.18
CA ASN A 468 53.04 5.41 -28.88
C ASN A 468 52.84 3.93 -29.18
N THR A 469 53.91 3.23 -29.57
CA THR A 469 53.83 1.79 -29.80
C THR A 469 53.39 1.06 -28.54
N ILE A 470 54.02 1.37 -27.41
CA ILE A 470 53.67 0.71 -26.16
C ILE A 470 52.24 1.01 -25.77
N ILE A 471 51.81 2.28 -25.92
CA ILE A 471 50.46 2.66 -25.54
C ILE A 471 49.44 1.94 -26.40
N GLU A 472 49.67 1.88 -27.72
CA GLU A 472 48.74 1.17 -28.60
C GLU A 472 48.70 -0.32 -28.26
N PHE A 473 49.86 -0.89 -27.93
CA PHE A 473 49.89 -2.30 -27.54
C PHE A 473 49.03 -2.55 -26.30
N VAL A 474 49.22 -1.71 -25.28
CA VAL A 474 48.45 -1.88 -24.04
C VAL A 474 46.96 -1.64 -24.30
N GLU A 475 46.64 -0.70 -25.18
CA GLU A 475 45.24 -0.43 -25.49
C GLU A 475 44.58 -1.63 -26.17
N ILE A 476 45.23 -2.19 -27.20
CA ILE A 476 44.65 -3.33 -27.87
C ILE A 476 44.61 -4.55 -26.96
N LEU A 477 45.49 -4.60 -25.95
CA LEU A 477 45.37 -5.66 -24.96
C LEU A 477 44.15 -5.47 -24.07
N SER A 478 43.94 -4.24 -23.57
CA SER A 478 42.85 -3.99 -22.63
C SER A 478 41.50 -4.10 -23.32
N ASN A 479 41.38 -3.57 -24.53
CA ASN A 479 40.11 -3.61 -25.25
C ASN A 479 40.32 -3.99 -26.72
N MET B 4 39.77 18.31 27.16
CA MET B 4 39.39 17.33 28.18
C MET B 4 38.47 16.27 27.59
N LYS B 5 37.54 15.78 28.41
CA LYS B 5 36.61 14.73 28.02
C LYS B 5 35.20 15.16 28.37
N MET B 6 34.25 14.27 28.11
CA MET B 6 32.83 14.51 28.37
C MET B 6 32.25 13.34 29.17
N ASN B 7 30.93 13.31 29.25
CA ASN B 7 30.25 12.27 30.03
C ASN B 7 30.54 10.89 29.43
N PRO B 8 30.52 9.84 30.26
CA PRO B 8 30.76 8.49 29.73
C PRO B 8 29.77 8.06 28.65
N ILE B 9 28.52 8.51 28.75
CA ILE B 9 27.54 8.17 27.71
C ILE B 9 27.97 8.76 26.37
N VAL B 10 28.39 10.03 26.39
CA VAL B 10 28.83 10.67 25.16
C VAL B 10 30.09 10.00 24.62
N GLU B 11 30.98 9.56 25.51
CA GLU B 11 32.19 8.88 25.06
C GLU B 11 31.86 7.54 24.41
N LEU B 12 30.91 6.79 24.98
CA LEU B 12 30.48 5.55 24.36
C LEU B 12 29.86 5.79 23.00
N PHE B 13 29.03 6.84 22.89
CA PHE B 13 28.45 7.18 21.60
C PHE B 13 29.55 7.54 20.60
N ILE B 14 30.56 8.28 21.04
CA ILE B 14 31.65 8.68 20.16
C ILE B 14 32.38 7.45 19.65
N LYS B 15 32.70 6.52 20.54
CA LYS B 15 33.38 5.29 20.13
C LYS B 15 32.55 4.52 19.12
N ASP B 16 31.26 4.32 19.43
CA ASP B 16 30.40 3.53 18.55
C ASP B 16 30.26 4.19 17.18
N PHE B 17 30.05 5.50 17.15
CA PHE B 17 29.82 6.17 15.87
C PHE B 17 31.11 6.28 15.06
N THR B 18 32.26 6.46 15.71
CA THR B 18 33.52 6.40 14.99
C THR B 18 33.75 5.02 14.40
N LYS B 19 33.36 3.98 15.13
CA LYS B 19 33.42 2.63 14.58
C LYS B 19 32.50 2.51 13.36
N GLU B 20 31.32 3.12 13.42
CA GLU B 20 30.39 3.04 12.30
C GLU B 20 30.89 3.82 11.10
N VAL B 21 31.41 5.04 11.32
CA VAL B 21 31.81 5.88 10.20
C VAL B 21 32.98 5.28 9.44
N MET B 22 33.97 4.74 10.17
CA MET B 22 35.13 4.17 9.51
C MET B 22 34.79 2.98 8.63
N GLU B 23 33.63 2.38 8.82
CA GLU B 23 33.17 1.29 7.96
C GLU B 23 32.22 1.77 6.87
N GLU B 24 32.03 3.09 6.76
CA GLU B 24 31.16 3.69 5.75
C GLU B 24 29.75 3.12 5.81
N ASN B 25 29.25 2.92 7.02
CA ASN B 25 27.89 2.43 7.25
C ASN B 25 27.08 3.44 8.06
N ALA B 26 27.52 4.69 8.07
CA ALA B 26 26.88 5.73 8.86
C ALA B 26 26.24 6.77 7.97
N ALA B 27 25.12 7.31 8.42
CA ALA B 27 24.39 8.36 7.71
C ALA B 27 24.01 9.44 8.69
N ILE B 28 23.83 10.66 8.17
CA ILE B 28 23.48 11.82 8.98
C ILE B 28 22.10 12.29 8.56
N PHE B 29 21.20 12.40 9.53
CA PHE B 29 19.89 12.98 9.30
C PHE B 29 19.88 14.37 9.95
N ALA B 30 19.96 15.40 9.12
CA ALA B 30 20.04 16.78 9.59
C ALA B 30 18.69 17.46 9.43
N GLY B 31 18.13 17.94 10.53
CA GLY B 31 16.89 18.70 10.50
C GLY B 31 17.14 20.17 10.29
N ALA B 32 16.09 20.96 10.50
CA ALA B 32 16.20 22.40 10.33
C ALA B 32 17.06 23.03 11.41
N GLY B 33 17.20 22.37 12.56
CA GLY B 33 17.93 22.96 13.66
C GLY B 33 19.42 23.09 13.42
N LEU B 34 19.97 22.23 12.55
CA LEU B 34 21.39 22.31 12.25
C LEU B 34 21.75 23.57 11.48
N SER B 35 20.78 24.18 10.79
CA SER B 35 21.01 25.40 10.05
C SER B 35 20.59 26.66 10.80
N MET B 36 19.83 26.51 11.88
CA MET B 36 19.39 27.69 12.64
C MET B 36 20.55 28.40 13.33
N SER B 37 21.68 27.72 13.52
CA SER B 37 22.87 28.37 14.06
C SER B 37 23.59 29.19 13.00
N VAL B 38 23.32 28.94 11.72
CA VAL B 38 24.03 29.64 10.66
C VAL B 38 23.61 31.11 10.60
N GLY B 39 22.33 31.39 10.80
CA GLY B 39 21.84 32.75 10.73
C GLY B 39 20.45 32.86 10.14
N TYR B 40 19.92 31.74 9.62
CA TYR B 40 18.57 31.74 9.12
C TYR B 40 17.58 31.94 10.26
N VAL B 41 16.55 32.75 10.00
CA VAL B 41 15.49 32.93 10.99
C VAL B 41 14.67 31.67 11.10
N SER B 42 14.09 31.44 12.28
CA SER B 42 13.30 30.25 12.51
C SER B 42 12.05 30.26 11.64
N TRP B 43 11.53 29.06 11.38
CA TRP B 43 10.34 28.94 10.54
C TRP B 43 9.15 29.66 11.17
N ALA B 44 9.08 29.68 12.51
CA ALA B 44 8.03 30.45 13.17
C ALA B 44 8.14 31.92 12.84
N LYS B 45 9.34 32.46 12.76
CA LYS B 45 9.50 33.89 12.48
C LYS B 45 9.20 34.17 11.05
N LEU B 46 9.45 33.21 10.17
CA LEU B 46 9.03 33.36 8.78
C LEU B 46 7.51 33.39 8.68
N LEU B 47 6.83 32.53 9.41
CA LEU B 47 5.38 32.47 9.34
C LEU B 47 4.69 33.54 10.17
N GLU B 48 5.44 34.35 10.92
CA GLU B 48 4.82 35.40 11.73
C GLU B 48 3.95 36.37 10.94
N PRO B 49 4.38 36.96 9.82
CA PRO B 49 3.45 37.80 9.06
C PRO B 49 2.27 37.03 8.48
N ILE B 50 2.50 35.78 8.07
CA ILE B 50 1.42 34.96 7.49
C ILE B 50 0.33 34.72 8.52
N ALA B 51 0.71 34.39 9.76
CA ALA B 51 -0.28 34.19 10.80
C ALA B 51 -1.04 35.48 11.09
N GLN B 52 -0.33 36.62 11.11
CA GLN B 52 -1.00 37.91 11.33
C GLN B 52 -2.00 38.18 10.22
N GLU B 53 -1.71 37.73 9.00
CA GLU B 53 -2.60 38.00 7.88
C GLU B 53 -3.96 37.34 8.05
N ILE B 54 -3.99 36.11 8.55
CA ILE B 54 -5.26 35.37 8.67
C ILE B 54 -5.85 35.57 10.06
N GLY B 55 -5.25 36.44 10.86
CA GLY B 55 -5.78 36.75 12.16
C GLY B 55 -5.26 35.91 13.30
N LEU B 56 -4.25 35.08 13.07
CA LEU B 56 -3.66 34.25 14.12
C LEU B 56 -2.33 34.84 14.56
N ASP B 57 -1.69 34.15 15.50
CA ASP B 57 -0.39 34.57 16.02
C ASP B 57 0.47 33.33 16.22
N VAL B 58 1.72 33.40 15.77
CA VAL B 58 2.60 32.24 15.83
C VAL B 58 2.97 31.90 17.27
N ASN B 59 3.18 32.93 18.09
CA ASN B 59 3.60 32.69 19.47
C ASN B 59 2.57 31.87 20.24
N LYS B 60 1.30 32.00 19.90
CA LYS B 60 0.23 31.25 20.54
C LYS B 60 -0.13 29.99 19.76
N GLU B 61 0.58 29.67 18.70
CA GLU B 61 0.32 28.50 17.87
C GLU B 61 1.43 27.48 18.02
N ASN B 62 1.07 26.22 18.18
CA ASN B 62 2.04 25.14 18.32
C ASN B 62 2.29 24.39 17.02
N ASP B 63 1.31 24.34 16.11
CA ASP B 63 1.42 23.61 14.86
C ASP B 63 1.52 24.62 13.73
N LEU B 64 2.74 24.79 13.20
CA LEU B 64 2.95 25.71 12.09
C LEU B 64 2.47 25.13 10.77
N VAL B 65 2.44 23.81 10.64
CA VAL B 65 1.94 23.18 9.43
C VAL B 65 0.46 23.51 9.24
N SER B 66 -0.33 23.38 10.31
CA SER B 66 -1.73 23.75 10.23
C SER B 66 -1.91 25.25 10.03
N LEU B 67 -0.98 26.06 10.55
CA LEU B 67 -1.05 27.50 10.30
C LEU B 67 -0.89 27.81 8.81
N ALA B 68 0.12 27.20 8.18
CA ALA B 68 0.30 27.39 6.74
C ALA B 68 -0.88 26.84 5.97
N GLN B 69 -1.45 25.72 6.41
CA GLN B 69 -2.61 25.17 5.74
C GLN B 69 -3.80 26.12 5.83
N TYR B 70 -4.00 26.74 6.99
CA TYR B 70 -5.07 27.73 7.13
C TYR B 70 -4.83 28.91 6.20
N TYR B 71 -3.59 29.37 6.11
CA TYR B 71 -3.28 30.47 5.21
C TYR B 71 -3.60 30.10 3.77
N CYS B 72 -3.25 28.89 3.36
CA CYS B 72 -3.58 28.44 2.01
C CYS B 72 -5.09 28.33 1.81
N ASN B 73 -5.81 27.86 2.84
CA ASN B 73 -7.26 27.74 2.73
C ASN B 73 -7.91 29.10 2.54
N GLU B 74 -7.40 30.13 3.23
CA GLU B 74 -7.97 31.46 3.06
C GLU B 74 -7.81 31.97 1.63
N ASN B 75 -6.67 31.67 1.00
CA ASN B 75 -6.36 32.15 -0.33
C ASN B 75 -6.77 31.17 -1.42
N GLN B 76 -7.79 30.34 -1.18
CA GLN B 76 -8.27 29.36 -2.16
C GLN B 76 -7.15 28.41 -2.60
N GLY B 77 -6.30 28.03 -1.66
CA GLY B 77 -5.27 27.05 -1.95
C GLY B 77 -4.09 27.57 -2.73
N ASN B 78 -3.75 28.85 -2.58
CA ASN B 78 -2.62 29.45 -3.28
C ASN B 78 -1.44 29.62 -2.33
N ARG B 79 -0.25 29.27 -2.82
CA ARG B 79 0.96 29.26 -2.02
C ARG B 79 1.98 30.30 -2.46
N GLY B 80 1.55 31.33 -3.18
CA GLY B 80 2.50 32.29 -3.73
C GLY B 80 3.33 32.97 -2.66
N ARG B 81 2.67 33.47 -1.61
CA ARG B 81 3.39 34.17 -0.56
C ARG B 81 4.34 33.25 0.19
N ILE B 82 3.91 32.02 0.47
CA ILE B 82 4.77 31.08 1.19
C ILE B 82 5.99 30.71 0.36
N ASN B 83 5.78 30.45 -0.94
CA ASN B 83 6.91 30.14 -1.82
C ASN B 83 7.89 31.30 -1.88
N GLN B 84 7.36 32.52 -2.01
CA GLN B 84 8.23 33.68 -2.07
C GLN B 84 8.99 33.86 -0.76
N ILE B 85 8.33 33.62 0.37
CA ILE B 85 8.98 33.78 1.66
C ILE B 85 10.14 32.80 1.82
N ILE B 86 9.89 31.52 1.52
CA ILE B 86 10.96 30.54 1.72
C ILE B 86 12.08 30.77 0.72
N LEU B 87 11.76 31.17 -0.51
CA LEU B 87 12.81 31.45 -1.48
C LEU B 87 13.65 32.65 -1.07
N ASP B 88 13.02 33.69 -0.53
CA ASP B 88 13.78 34.87 -0.12
C ASP B 88 14.58 34.62 1.13
N GLU B 89 14.12 33.73 2.01
CA GLU B 89 14.85 33.54 3.27
C GLU B 89 15.94 32.49 3.17
N PHE B 90 15.66 31.33 2.57
CA PHE B 90 16.60 30.23 2.60
C PHE B 90 17.58 30.24 1.43
N SER B 91 17.53 31.25 0.56
CA SER B 91 18.51 31.41 -0.51
C SER B 91 19.50 32.52 -0.24
N ARG B 92 19.57 33.01 1.00
CA ARG B 92 20.51 34.07 1.33
C ARG B 92 21.94 33.55 1.34
N LYS B 93 22.89 34.48 1.25
CA LYS B 93 24.31 34.15 1.25
C LYS B 93 24.82 34.22 2.68
N VAL B 94 25.04 33.06 3.29
CA VAL B 94 25.48 32.97 4.68
C VAL B 94 26.71 32.08 4.76
N ASP B 95 27.54 32.33 5.77
CA ASP B 95 28.75 31.56 5.97
C ASP B 95 28.43 30.24 6.67
N LEU B 96 29.13 29.18 6.26
CA LEU B 96 28.90 27.86 6.82
C LEU B 96 29.36 27.81 8.28
N THR B 97 28.69 26.95 9.05
CA THR B 97 29.09 26.70 10.43
C THR B 97 30.16 25.62 10.48
N GLU B 98 30.71 25.37 11.63
CA GLU B 98 31.75 24.40 11.76
C GLU B 98 31.21 23.04 11.66
N ASN B 99 29.96 22.85 12.07
CA ASN B 99 29.37 21.53 12.00
C ASN B 99 29.28 21.02 10.57
N HIS B 100 28.86 21.89 9.65
CA HIS B 100 28.75 21.48 8.24
C HIS B 100 30.12 21.11 7.68
N LYS B 101 31.14 21.89 7.98
CA LYS B 101 32.48 21.59 7.50
C LYS B 101 32.99 20.28 8.07
N ILE B 102 32.75 20.03 9.36
CA ILE B 102 33.18 18.78 9.97
C ILE B 102 32.47 17.60 9.33
N LEU B 103 31.16 17.71 9.12
CA LEU B 103 30.41 16.64 8.48
C LEU B 103 30.88 16.41 7.05
N ALA B 104 31.31 17.48 6.36
CA ALA B 104 31.84 17.32 5.02
C ALA B 104 33.21 16.62 5.05
N ARG B 105 34.00 16.87 6.09
CA ARG B 105 35.31 16.21 6.17
C ARG B 105 35.18 14.75 6.56
N LEU B 106 34.09 14.37 7.24
CA LEU B 106 33.92 12.99 7.67
C LEU B 106 33.63 12.08 6.47
N PRO B 107 34.04 10.82 6.54
CA PRO B 107 33.75 9.85 5.45
C PRO B 107 32.33 9.32 5.54
N ILE B 108 31.36 10.21 5.28
CA ILE B 108 29.94 9.86 5.33
C ILE B 108 29.37 10.03 3.93
N HIS B 109 28.70 8.98 3.45
CA HIS B 109 28.25 8.91 2.07
C HIS B 109 26.76 9.10 1.89
N THR B 110 26.03 9.44 2.96
CA THR B 110 24.58 9.58 2.89
C THR B 110 24.13 10.67 3.84
N TYR B 111 23.40 11.64 3.33
CA TYR B 111 22.77 12.70 4.12
C TYR B 111 21.29 12.76 3.81
N TRP B 112 20.46 12.78 4.85
CA TRP B 112 19.03 12.99 4.71
C TRP B 112 18.69 14.30 5.42
N THR B 113 18.05 15.21 4.69
CA THR B 113 17.80 16.56 5.19
C THR B 113 16.34 16.93 5.04
N THR B 114 15.80 17.59 6.06
CA THR B 114 14.49 18.22 5.99
C THR B 114 14.59 19.73 5.90
N ALA B 115 15.78 20.26 5.60
CA ALA B 115 16.00 21.69 5.45
C ALA B 115 16.12 22.04 3.98
N TYR B 116 15.53 23.17 3.59
CA TYR B 116 15.52 23.59 2.20
C TYR B 116 16.83 24.24 1.76
N ASP B 117 17.65 24.70 2.72
CA ASP B 117 18.88 25.39 2.39
C ASP B 117 19.91 24.42 1.82
N ARG B 118 20.85 24.95 1.03
CA ARG B 118 21.91 24.18 0.41
C ARG B 118 23.22 24.24 1.18
N LEU B 119 23.16 24.38 2.50
CA LEU B 119 24.38 24.47 3.30
C LEU B 119 25.18 23.18 3.25
N ILE B 120 24.50 22.02 3.28
CA ILE B 120 25.19 20.75 3.22
C ILE B 120 25.91 20.60 1.88
N GLU B 121 25.23 20.97 0.79
CA GLU B 121 25.85 20.89 -0.53
C GLU B 121 27.08 21.80 -0.62
N LYS B 122 27.03 22.88 0.04
CA LYS B 122 28.07 23.83 -0.10
C LYS B 122 29.21 23.35 0.70
N ALA B 123 28.96 22.82 1.88
CA ALA B 123 30.02 22.25 2.71
C ALA B 123 30.71 21.09 2.00
N LEU B 124 29.94 20.24 1.32
CA LEU B 124 30.54 19.12 0.61
C LEU B 124 31.36 19.60 -0.58
N GLU B 125 30.91 20.65 -1.27
CA GLU B 125 31.66 21.14 -2.42
C GLU B 125 32.90 21.93 -2.02
N GLU B 126 32.90 22.53 -0.84
CA GLU B 126 34.09 23.24 -0.38
C GLU B 126 35.25 22.29 -0.11
N GLU B 127 34.95 21.06 0.30
CA GLU B 127 35.98 20.05 0.57
C GLU B 127 36.35 19.26 -0.69
N ASN B 128 36.01 19.79 -1.87
CA ASN B 128 36.30 19.12 -3.14
C ASN B 128 35.69 17.72 -3.19
N LYS B 129 34.51 17.57 -2.62
CA LYS B 129 33.78 16.31 -2.63
C LYS B 129 32.61 16.41 -3.60
N ILE B 130 32.49 15.42 -4.48
CA ILE B 130 31.39 15.38 -5.44
C ILE B 130 30.14 14.95 -4.69
N ALA B 131 29.18 15.86 -4.57
CA ALA B 131 27.95 15.61 -3.83
C ALA B 131 26.78 15.54 -4.80
N ASP B 132 25.93 14.54 -4.59
CA ASP B 132 24.78 14.28 -5.45
C ASP B 132 23.50 14.58 -4.68
N VAL B 133 22.92 15.75 -4.92
CA VAL B 133 21.73 16.20 -4.21
C VAL B 133 20.50 15.66 -4.93
N LYS B 134 19.60 15.03 -4.17
CA LYS B 134 18.39 14.42 -4.71
C LYS B 134 17.20 14.94 -3.92
N TYR B 135 16.33 15.71 -4.59
CA TYR B 135 15.09 16.16 -3.99
C TYR B 135 13.87 15.93 -4.87
N THR B 136 14.03 15.24 -6.00
CA THR B 136 12.93 14.91 -6.90
C THR B 136 12.90 13.41 -7.13
N VAL B 137 11.72 12.91 -7.48
CA VAL B 137 11.55 11.48 -7.70
C VAL B 137 12.39 11.01 -8.89
N LYS B 138 12.37 11.79 -9.98
CA LYS B 138 13.11 11.40 -11.18
C LYS B 138 14.61 11.37 -10.92
N GLN B 139 15.10 12.22 -10.01
CA GLN B 139 16.53 12.28 -9.74
C GLN B 139 17.04 11.00 -9.09
N LEU B 140 16.17 10.20 -8.48
CA LEU B 140 16.63 8.97 -7.84
C LEU B 140 17.14 7.96 -8.85
N ALA B 141 16.60 7.98 -10.07
CA ALA B 141 16.97 7.01 -11.09
C ALA B 141 18.33 7.30 -11.73
N THR B 142 18.96 8.43 -11.41
CA THR B 142 20.24 8.78 -11.97
C THR B 142 21.23 9.03 -10.84
N THR B 143 22.40 8.40 -10.92
CA THR B 143 23.45 8.56 -9.93
C THR B 143 24.63 9.28 -10.55
N LYS B 144 25.09 10.34 -9.89
CA LYS B 144 26.26 11.07 -10.38
C LYS B 144 27.50 10.20 -10.28
N VAL B 145 28.33 10.25 -11.31
CA VAL B 145 29.49 9.36 -11.38
C VAL B 145 30.53 9.80 -10.35
N LYS B 146 31.07 8.81 -9.62
CA LYS B 146 32.12 9.04 -8.62
C LYS B 146 31.68 10.05 -7.57
N ARG B 147 30.45 9.91 -7.05
CA ARG B 147 29.97 10.80 -6.05
C ARG B 147 30.60 10.41 -4.78
N ASP B 148 30.85 11.39 -3.92
CA ASP B 148 31.37 11.10 -2.58
C ASP B 148 30.28 11.05 -1.53
N ALA B 149 29.15 11.72 -1.74
CA ALA B 149 28.04 11.67 -0.81
C ALA B 149 26.77 12.07 -1.53
N VAL B 150 25.65 11.46 -1.12
CA VAL B 150 24.34 11.75 -1.70
C VAL B 150 23.49 12.39 -0.62
N VAL B 151 22.94 13.56 -0.94
CA VAL B 151 22.11 14.32 -0.01
C VAL B 151 20.66 14.19 -0.46
N TYR B 152 19.88 13.42 0.29
CA TYR B 152 18.46 13.27 0.01
C TYR B 152 17.71 14.40 0.72
N LYS B 153 17.31 15.41 -0.03
CA LYS B 153 16.49 16.50 0.53
C LYS B 153 15.05 16.06 0.44
N MET B 154 14.58 15.41 1.50
CA MET B 154 13.29 14.72 1.49
C MET B 154 12.10 15.67 1.62
N HIS B 155 12.33 16.97 1.73
CA HIS B 155 11.24 17.92 1.83
C HIS B 155 11.24 18.97 0.74
N GLY B 156 12.27 19.05 -0.08
CA GLY B 156 12.33 19.99 -1.18
C GLY B 156 13.53 20.91 -1.09
N ASP B 157 13.80 21.58 -2.20
CA ASP B 157 14.93 22.49 -2.30
C ASP B 157 14.43 23.93 -2.28
N VAL B 158 15.31 24.84 -1.86
CA VAL B 158 14.93 26.24 -1.76
C VAL B 158 14.67 26.83 -3.14
N GLU B 159 15.43 26.41 -4.14
CA GLU B 159 15.26 26.93 -5.49
C GLU B 159 13.99 26.44 -6.16
N HIS B 160 13.29 25.48 -5.54
CA HIS B 160 11.99 25.01 -6.03
C HIS B 160 10.99 25.14 -4.89
N PRO B 161 10.57 26.36 -4.58
CA PRO B 161 9.67 26.55 -3.43
C PRO B 161 8.33 25.87 -3.57
N SER B 162 7.83 25.72 -4.80
CA SER B 162 6.51 25.11 -4.98
C SER B 162 6.50 23.64 -4.58
N GLU B 163 7.64 22.97 -4.59
CA GLU B 163 7.73 21.57 -4.23
C GLU B 163 8.06 21.35 -2.76
N ALA B 164 8.38 22.41 -2.02
CA ALA B 164 8.74 22.26 -0.62
C ALA B 164 7.54 21.83 0.21
N VAL B 165 7.77 20.92 1.15
CA VAL B 165 6.73 20.41 2.04
C VAL B 165 6.59 21.41 3.18
N LEU B 166 5.58 22.25 3.11
CA LEU B 166 5.33 23.28 4.11
C LEU B 166 3.95 23.19 4.74
N ILE B 167 2.93 22.85 3.96
CA ILE B 167 1.55 22.91 4.43
C ILE B 167 1.06 21.48 4.66
N LYS B 168 -0.11 21.31 5.26
CA LYS B 168 -0.65 19.99 5.58
C LYS B 168 -1.09 19.21 4.42
N ASP B 169 -1.48 19.83 3.35
CA ASP B 169 -1.78 19.06 2.14
C ASP B 169 -0.53 18.40 1.58
N ASP B 170 0.61 19.08 1.68
CA ASP B 170 1.87 18.47 1.23
C ASP B 170 2.18 17.20 2.00
N TYR B 171 2.03 17.23 3.33
CA TYR B 171 2.25 16.03 4.12
C TYR B 171 1.24 14.95 3.78
N GLU B 172 -0.02 15.33 3.57
CA GLU B 172 -1.06 14.34 3.27
C GLU B 172 -0.78 13.62 1.96
N LYS B 173 -0.33 14.35 0.94
CA LYS B 173 -0.04 13.75 -0.36
C LYS B 173 1.41 13.29 -0.49
N TYR B 174 2.22 13.46 0.54
CA TYR B 174 3.61 13.01 0.48
C TYR B 174 3.70 11.50 0.29
N SER B 175 2.83 10.74 0.97
CA SER B 175 2.90 9.29 0.90
C SER B 175 2.64 8.76 -0.50
N ILE B 176 1.99 9.53 -1.36
CA ILE B 176 1.70 9.12 -2.73
C ILE B 176 2.69 9.75 -3.71
N LYS B 177 2.99 11.02 -3.56
CA LYS B 177 3.82 11.70 -4.50
C LYS B 177 5.24 11.35 -4.35
N MET B 178 5.71 11.37 -3.14
CA MET B 178 7.11 11.14 -2.83
C MET B 178 7.32 9.76 -2.20
N ASP B 179 6.58 8.76 -2.68
CA ASP B 179 6.73 7.41 -2.15
C ASP B 179 8.12 6.83 -2.34
N PRO B 180 8.82 7.01 -3.47
CA PRO B 180 10.18 6.48 -3.58
C PRO B 180 11.11 7.00 -2.50
N TYR B 181 10.97 8.26 -2.10
CA TYR B 181 11.80 8.77 -1.01
C TYR B 181 11.47 8.08 0.30
N ILE B 182 10.19 7.78 0.53
CA ILE B 182 9.81 7.03 1.74
C ILE B 182 10.45 5.66 1.72
N LYS B 183 10.42 4.98 0.57
CA LYS B 183 11.03 3.65 0.48
C LYS B 183 12.53 3.72 0.67
N ALA B 184 13.19 4.73 0.10
CA ALA B 184 14.63 4.88 0.25
C ALA B 184 15.01 5.14 1.70
N LEU B 185 14.25 6.00 2.39
CA LEU B 185 14.54 6.27 3.79
C LEU B 185 14.26 5.04 4.65
N SER B 186 13.23 4.26 4.31
CA SER B 186 12.98 3.02 5.05
C SER B 186 14.12 2.04 4.87
N GLY B 187 14.68 1.96 3.66
CA GLY B 187 15.84 1.10 3.45
C GLY B 187 17.06 1.58 4.19
N ASP B 188 17.29 2.89 4.22
CA ASP B 188 18.46 3.43 4.90
C ASP B 188 18.34 3.31 6.42
N LEU B 189 17.12 3.43 6.97
CA LEU B 189 16.92 3.30 8.40
C LEU B 189 17.15 1.88 8.91
N VAL B 190 17.25 0.90 8.02
CA VAL B 190 17.54 -0.47 8.41
C VAL B 190 18.89 -0.96 7.91
N SER B 191 19.48 -0.30 6.91
CA SER B 191 20.79 -0.72 6.41
C SER B 191 21.93 0.17 6.86
N LYS B 192 21.64 1.32 7.49
CA LYS B 192 22.69 2.25 7.90
C LYS B 192 22.39 2.76 9.30
N THR B 193 23.45 3.16 10.00
CA THR B 193 23.33 3.75 11.33
C THR B 193 23.22 5.27 11.19
N PHE B 194 22.12 5.82 11.68
CA PHE B 194 21.82 7.24 11.53
C PHE B 194 22.26 8.02 12.77
N LEU B 195 22.62 9.28 12.54
CA LEU B 195 22.87 10.25 13.61
C LEU B 195 21.96 11.45 13.37
N PHE B 196 20.89 11.54 14.13
CA PHE B 196 19.90 12.60 13.97
C PHE B 196 20.40 13.84 14.70
N VAL B 197 20.92 14.81 13.94
CA VAL B 197 21.43 16.05 14.49
C VAL B 197 20.47 17.18 14.15
N GLY B 198 20.14 18.00 15.14
CA GLY B 198 19.26 19.13 14.92
C GLY B 198 17.88 18.75 14.43
N PHE B 199 17.32 17.65 14.93
CA PHE B 199 16.01 17.19 14.53
C PHE B 199 15.12 17.07 15.76
N SER B 200 13.87 17.51 15.61
CA SER B 200 12.93 17.55 16.73
C SER B 200 12.04 16.32 16.83
N PHE B 201 12.03 15.46 15.81
CA PHE B 201 11.21 14.25 15.79
C PHE B 201 9.72 14.56 15.98
N THR B 202 9.29 15.70 15.42
CA THR B 202 7.87 16.04 15.36
C THR B 202 7.34 16.03 13.93
N ASP B 203 8.16 15.65 12.96
CA ASP B 203 7.74 15.68 11.57
C ASP B 203 6.81 14.50 11.30
N PRO B 204 5.61 14.73 10.76
CA PRO B 204 4.69 13.61 10.49
C PRO B 204 5.26 12.57 9.54
N ASN B 205 6.03 12.99 8.54
CA ASN B 205 6.62 12.04 7.62
C ASN B 205 7.59 11.11 8.34
N LEU B 206 8.44 11.66 9.19
CA LEU B 206 9.38 10.83 9.94
C LEU B 206 8.66 9.92 10.93
N ASP B 207 7.60 10.42 11.55
CA ASP B 207 6.81 9.58 12.44
C ASP B 207 6.22 8.40 11.68
N TYR B 208 5.65 8.65 10.50
CA TYR B 208 5.08 7.58 9.70
C TYR B 208 6.14 6.57 9.27
N ILE B 209 7.29 7.05 8.81
CA ILE B 209 8.35 6.16 8.34
C ILE B 209 8.89 5.32 9.48
N LEU B 210 9.15 5.95 10.63
CA LEU B 210 9.67 5.22 11.78
C LEU B 210 8.66 4.20 12.31
N SER B 211 7.37 4.56 12.33
CA SER B 211 6.35 3.62 12.75
C SER B 211 6.28 2.43 11.80
N ARG B 212 6.41 2.69 10.49
CA ARG B 212 6.42 1.58 9.53
C ARG B 212 7.62 0.67 9.74
N VAL B 213 8.79 1.27 9.98
CA VAL B 213 9.99 0.47 10.21
C VAL B 213 9.82 -0.39 11.47
N ARG B 214 9.32 0.20 12.54
CA ARG B 214 9.12 -0.55 13.78
C ARG B 214 8.10 -1.67 13.58
N SER B 215 7.00 -1.39 12.88
CA SER B 215 6.02 -2.43 12.61
C SER B 215 6.60 -3.55 11.77
N ALA B 216 7.53 -3.22 10.87
CA ALA B 216 8.13 -4.26 10.03
C ALA B 216 9.16 -5.09 10.78
N TYR B 217 9.93 -4.47 11.69
CA TYR B 217 11.04 -5.17 12.33
C TYR B 217 10.87 -5.41 13.82
N GLU B 218 9.92 -4.75 14.48
CA GLU B 218 9.61 -4.98 15.89
C GLU B 218 10.88 -4.73 16.71
N ARG B 219 11.35 -5.67 17.52
CA ARG B 219 12.45 -5.42 18.44
C ARG B 219 13.82 -5.59 17.80
N ASP B 220 13.89 -5.98 16.53
CA ASP B 220 15.16 -6.20 15.84
C ASP B 220 15.58 -5.01 14.99
N GLN B 221 15.15 -3.81 15.35
CA GLN B 221 15.51 -2.62 14.61
C GLN B 221 16.97 -2.26 14.84
N ARG B 222 17.58 -1.66 13.82
CA ARG B 222 18.94 -1.19 13.94
C ARG B 222 19.02 -0.02 14.90
N ARG B 223 20.15 0.10 15.60
CA ARG B 223 20.35 1.17 16.56
C ARG B 223 20.73 2.46 15.86
N HIS B 224 19.98 3.53 16.15
CA HIS B 224 20.28 4.87 15.64
C HIS B 224 20.55 5.79 16.82
N TYR B 225 21.32 6.85 16.55
CA TYR B 225 21.73 7.80 17.57
C TYR B 225 21.13 9.17 17.27
N CYS B 226 20.87 9.92 18.34
CA CYS B 226 20.26 11.23 18.23
C CYS B 226 20.96 12.19 19.17
N LEU B 227 20.90 13.47 18.84
CA LEU B 227 21.47 14.54 19.67
C LEU B 227 20.38 15.56 19.96
N ILE B 228 20.00 15.69 21.22
CA ILE B 228 18.97 16.61 21.66
C ILE B 228 19.48 17.39 22.87
N LYS B 229 19.31 18.71 22.84
CA LYS B 229 19.71 19.55 23.96
C LYS B 229 18.71 19.41 25.10
N LYS B 230 19.22 19.30 26.32
CA LYS B 230 18.35 19.28 27.50
C LYS B 230 17.65 20.62 27.65
N GLU B 231 16.45 20.57 28.23
CA GLU B 231 15.68 21.79 28.45
C GLU B 231 16.36 22.66 29.49
N GLU B 232 16.46 23.96 29.22
CA GLU B 232 17.02 24.92 30.14
C GLU B 232 15.95 25.91 30.57
N ARG B 233 16.06 26.37 31.81
CA ARG B 233 15.05 27.25 32.38
C ARG B 233 15.03 28.58 31.66
N ARG B 234 13.84 29.05 31.30
CA ARG B 234 13.68 30.33 30.65
C ARG B 234 13.94 31.46 31.65
N PRO B 235 14.24 32.68 31.16
CA PRO B 235 14.60 33.76 32.09
C PRO B 235 13.56 34.04 33.16
N ASP B 236 12.27 33.94 32.83
CA ASP B 236 11.19 34.19 33.79
C ASP B 236 10.26 32.97 33.74
N GLU B 237 10.48 32.03 34.65
CA GLU B 237 9.66 30.82 34.71
C GLU B 237 9.74 30.23 36.10
N LEU B 238 8.64 29.65 36.55
CA LEU B 238 8.61 28.99 37.85
C LEU B 238 9.42 27.69 37.80
N GLU B 239 9.84 27.24 38.98
CA GLU B 239 10.59 25.99 39.06
C GLU B 239 9.73 24.80 38.66
N ALA B 240 8.46 24.79 39.08
CA ALA B 240 7.60 23.65 38.82
C ALA B 240 7.36 23.45 37.33
N ASP B 241 7.15 24.53 36.58
CA ASP B 241 6.94 24.39 35.14
C ASP B 241 8.21 23.95 34.43
N PHE B 242 9.37 24.40 34.91
CA PHE B 242 10.62 23.91 34.34
C PHE B 242 10.79 22.41 34.59
N GLU B 243 10.48 21.95 35.80
CA GLU B 243 10.56 20.52 36.08
C GLU B 243 9.55 19.74 35.24
N TYR B 244 8.37 20.32 35.01
CA TYR B 244 7.40 19.68 34.12
C TYR B 244 7.94 19.56 32.71
N ARG B 245 8.59 20.61 32.21
CA ARG B 245 9.19 20.55 30.87
C ARG B 245 10.28 19.49 30.81
N VAL B 246 11.11 19.42 31.85
CA VAL B 246 12.18 18.42 31.87
C VAL B 246 11.58 17.01 31.89
N ARG B 247 10.52 16.81 32.67
CA ARG B 247 9.87 15.50 32.71
C ARG B 247 9.28 15.13 31.36
N LYS B 248 8.72 16.18 30.68
CA LYS B 248 8.12 15.92 29.42
C LYS B 248 9.20 15.59 28.44
N GLN B 249 10.32 16.20 28.47
CA GLN B 249 11.42 15.90 27.57
C GLN B 249 12.00 14.52 27.84
N GLU B 250 12.08 14.12 29.11
CA GLU B 250 12.56 12.77 29.43
C GLU B 250 11.62 11.71 28.88
N LEU B 251 10.30 11.94 29.00
CA LEU B 251 9.34 11.00 28.42
C LEU B 251 9.49 10.95 26.90
N PHE B 252 9.68 12.10 26.26
CA PHE B 252 9.87 12.13 24.81
C PHE B 252 11.12 11.36 24.40
N ILE B 253 12.21 11.55 25.14
CA ILE B 253 13.46 10.85 24.85
C ILE B 253 13.27 9.34 25.01
N SER B 254 12.58 8.92 26.07
CA SER B 254 12.31 7.50 26.25
C SER B 254 11.45 6.95 25.13
N ASP B 255 10.45 7.73 24.70
CA ASP B 255 9.59 7.30 23.60
C ASP B 255 10.37 7.20 22.29
N LEU B 256 11.41 8.00 22.12
CA LEU B 256 12.24 7.89 20.93
C LEU B 256 12.93 6.54 20.86
N SER B 257 13.37 6.02 22.00
CA SER B 257 14.06 4.73 22.02
C SER B 257 13.10 3.58 21.71
N ARG B 258 11.83 3.80 21.50
CA ARG B 258 10.86 2.74 21.11
C ARG B 258 11.16 2.34 19.76
N PHE B 259 11.66 3.25 18.98
CA PHE B 259 12.15 2.90 17.66
C PHE B 259 13.64 2.60 17.65
N ASN B 260 14.21 2.32 18.83
CA ASN B 260 15.65 2.05 18.98
C ASN B 260 16.50 3.20 18.49
N ILE B 261 16.13 4.42 18.89
CA ILE B 261 16.91 5.62 18.59
C ILE B 261 17.44 6.12 19.92
N LYS B 262 18.70 5.82 20.21
CA LYS B 262 19.32 6.27 21.46
C LYS B 262 19.58 7.76 21.39
N THR B 263 19.13 8.49 22.41
CA THR B 263 19.24 9.94 22.46
C THR B 263 20.35 10.34 23.41
N ILE B 264 21.24 11.23 22.95
CA ILE B 264 22.33 11.76 23.75
C ILE B 264 21.90 13.15 24.22
N VAL B 265 21.86 13.34 25.53
CA VAL B 265 21.47 14.63 26.10
C VAL B 265 22.67 15.56 26.06
N LEU B 266 22.51 16.73 25.45
CA LEU B 266 23.57 17.70 25.29
C LEU B 266 23.25 18.95 26.10
N ASN B 267 24.18 19.36 26.96
CA ASN B 267 23.95 20.53 27.79
C ASN B 267 23.82 21.80 26.94
N ASN B 268 24.68 21.95 25.94
CA ASN B 268 24.70 23.14 25.11
C ASN B 268 24.63 22.74 23.64
N TYR B 269 24.21 23.70 22.81
CA TYR B 269 24.25 23.50 21.37
C TYR B 269 25.69 23.40 20.88
N ASN B 270 26.60 24.14 21.51
CA ASN B 270 28.01 24.10 21.11
C ASN B 270 28.68 22.78 21.44
N GLU B 271 28.03 21.90 22.22
CA GLU B 271 28.60 20.59 22.47
C GLU B 271 28.50 19.69 21.24
N ILE B 272 27.62 20.04 20.28
CA ILE B 272 27.54 19.28 19.04
C ILE B 272 28.86 19.39 18.28
N THR B 273 29.40 20.61 18.19
CA THR B 273 30.69 20.80 17.52
C THR B 273 31.80 20.06 18.26
N GLU B 274 31.68 19.94 19.57
CA GLU B 274 32.74 19.30 20.30
C GLU B 274 32.63 17.84 20.13
N ILE B 275 31.46 17.31 19.95
CA ILE B 275 31.28 15.89 19.68
C ILE B 275 31.78 15.55 18.28
N LEU B 276 31.44 16.39 17.30
CA LEU B 276 31.86 16.13 15.93
C LEU B 276 33.37 16.23 15.78
N GLN B 277 34.00 17.17 16.49
CA GLN B 277 35.45 17.27 16.46
C GLN B 277 36.09 16.02 17.04
N ARG B 278 35.52 15.49 18.12
CA ARG B 278 36.02 14.23 18.69
C ARG B 278 35.87 13.08 17.71
N ILE B 279 34.71 13.02 17.04
CA ILE B 279 34.46 11.94 16.09
C ILE B 279 35.45 12.01 14.93
N GLU B 280 35.74 13.20 14.44
CA GLU B 280 36.73 13.34 13.37
C GLU B 280 38.13 13.02 13.87
N ASN B 281 38.47 13.47 15.08
CA ASN B 281 39.80 13.25 15.63
C ASN B 281 40.08 11.77 15.84
N ASN B 282 39.09 11.00 16.29
CA ASN B 282 39.27 9.56 16.40
C ASN B 282 39.46 8.90 15.05
N ILE B 283 39.04 9.56 13.97
CA ILE B 283 39.26 9.05 12.62
C ILE B 283 40.50 9.65 11.99
N LYS B 284 40.69 10.95 12.18
CA LYS B 284 41.85 11.64 11.60
C LYS B 284 43.15 11.08 12.15
N THR B 285 43.22 10.86 13.46
CA THR B 285 44.44 10.41 14.11
C THR B 285 44.68 8.91 13.96
N LYS B 286 43.77 8.18 13.31
CA LYS B 286 43.99 6.75 13.10
C LYS B 286 45.15 6.47 12.16
N THR B 287 45.63 7.47 11.42
CA THR B 287 46.74 7.31 10.50
C THR B 287 47.94 8.09 11.04
N VAL B 288 49.09 7.43 11.12
CA VAL B 288 50.30 8.03 11.64
C VAL B 288 51.29 8.21 10.50
N PHE B 289 52.22 9.14 10.68
CA PHE B 289 53.25 9.42 9.69
C PHE B 289 54.61 9.20 10.34
N LEU B 290 55.26 8.10 9.98
CA LEU B 290 56.56 7.75 10.53
C LEU B 290 57.63 8.50 9.75
N SER B 291 58.06 9.63 10.30
CA SER B 291 59.09 10.44 9.67
C SER B 291 60.45 10.15 10.28
N GLY B 292 61.48 10.23 9.46
CA GLY B 292 62.82 10.02 9.94
C GLY B 292 63.74 9.57 8.82
N SER B 293 65.04 9.65 9.12
CA SER B 293 66.09 9.24 8.21
C SER B 293 67.37 9.14 9.01
N ALA B 294 68.09 8.03 8.86
CA ALA B 294 69.23 7.79 9.73
C ALA B 294 70.37 7.09 8.99
N VAL B 295 71.57 7.64 9.15
CA VAL B 295 72.79 6.92 8.84
C VAL B 295 73.56 6.57 10.11
N GLU B 296 73.33 7.28 11.21
CA GLU B 296 73.79 6.91 12.53
C GLU B 296 72.58 6.74 13.42
N TYR B 297 72.72 5.90 14.44
CA TYR B 297 71.59 5.52 15.28
C TYR B 297 71.88 5.81 16.75
N ASN B 298 72.60 6.91 17.00
CA ASN B 298 72.85 7.40 18.35
C ASN B 298 73.43 6.34 19.27
N HIS B 299 72.87 6.22 20.48
CA HIS B 299 73.41 5.31 21.48
C HIS B 299 73.33 3.86 21.03
N TRP B 300 72.23 3.47 20.39
CA TRP B 300 72.05 2.09 19.95
C TRP B 300 72.95 1.80 18.75
N GLU B 301 73.19 0.53 18.52
CA GLU B 301 73.88 0.07 17.32
C GLU B 301 72.89 0.04 16.16
N THR B 302 73.43 -0.11 14.94
CA THR B 302 72.58 -0.11 13.76
C THR B 302 71.56 -1.25 13.82
N GLU B 303 72.01 -2.45 14.21
CA GLU B 303 71.09 -3.58 14.30
C GLU B 303 70.03 -3.35 15.38
N HIS B 304 70.44 -2.84 16.54
CA HIS B 304 69.49 -2.62 17.62
C HIS B 304 68.44 -1.59 17.24
N ALA B 305 68.85 -0.50 16.61
CA ALA B 305 67.90 0.52 16.19
C ALA B 305 67.01 0.02 15.06
N GLU B 306 67.56 -0.79 14.15
CA GLU B 306 66.72 -1.40 13.12
C GLU B 306 65.64 -2.27 13.74
N GLN B 307 66.01 -3.07 14.76
CA GLN B 307 65.02 -3.85 15.47
C GLN B 307 64.00 -2.96 16.16
N PHE B 308 64.46 -1.83 16.72
CA PHE B 308 63.54 -0.90 17.38
C PHE B 308 62.50 -0.38 16.39
N ILE B 309 62.95 0.11 15.23
CA ILE B 309 62.02 0.65 14.25
C ILE B 309 61.09 -0.44 13.73
N HIS B 310 61.64 -1.63 13.48
CA HIS B 310 60.84 -2.76 13.02
C HIS B 310 59.72 -3.08 14.00
N GLN B 311 60.07 -3.21 15.29
CA GLN B 311 59.07 -3.55 16.29
C GLN B 311 58.10 -2.41 16.53
N LEU B 312 58.54 -1.15 16.41
CA LEU B 312 57.64 -0.02 16.54
C LEU B 312 56.57 -0.05 15.44
N SER B 313 57.00 -0.30 14.20
CA SER B 313 56.03 -0.39 13.11
C SER B 313 55.10 -1.59 13.30
N LYS B 314 55.65 -2.71 13.75
CA LYS B 314 54.83 -3.89 13.99
C LYS B 314 53.78 -3.62 15.05
N GLU B 315 54.16 -2.95 16.14
CA GLU B 315 53.19 -2.60 17.18
C GLU B 315 52.15 -1.63 16.66
N LEU B 316 52.58 -0.63 15.87
CA LEU B 316 51.64 0.35 15.34
C LEU B 316 50.59 -0.33 14.46
N ILE B 317 51.02 -1.23 13.57
CA ILE B 317 50.07 -1.93 12.72
C ILE B 317 49.20 -2.86 13.55
N ARG B 318 49.79 -3.49 14.57
CA ARG B 318 49.02 -4.41 15.42
C ARG B 318 47.89 -3.71 16.16
N LYS B 319 48.07 -2.41 16.45
CA LYS B 319 47.05 -1.63 17.14
C LYS B 319 46.10 -0.92 16.19
N ASP B 320 45.93 -1.46 14.98
CA ASP B 320 44.96 -0.94 14.00
C ASP B 320 45.25 0.51 13.62
N PHE B 321 46.53 0.82 13.41
CA PHE B 321 46.94 2.11 12.88
C PHE B 321 47.36 1.98 11.43
N ASN B 322 47.28 3.10 10.71
CA ASN B 322 47.69 3.17 9.32
C ASN B 322 49.00 3.93 9.25
N ILE B 323 50.02 3.30 8.65
CA ILE B 323 51.37 3.87 8.58
C ILE B 323 51.56 4.45 7.19
N VAL B 324 51.87 5.74 7.13
CA VAL B 324 52.28 6.41 5.90
C VAL B 324 53.74 6.75 6.03
N SER B 325 54.57 6.22 5.13
CA SER B 325 56.00 6.40 5.20
C SER B 325 56.51 6.95 3.88
N GLY B 326 57.41 7.93 3.97
CA GLY B 326 58.06 8.47 2.79
C GLY B 326 59.23 7.66 2.30
N PHE B 327 59.42 6.46 2.85
CA PHE B 327 60.54 5.58 2.49
C PHE B 327 61.86 6.30 2.68
N GLY B 328 62.01 6.96 3.82
CA GLY B 328 63.24 7.65 4.14
C GLY B 328 64.39 6.69 4.36
N LEU B 329 65.59 7.19 4.10
CA LEU B 329 66.78 6.35 4.22
C LEU B 329 67.08 6.05 5.68
N GLY B 330 66.96 4.77 6.04
CA GLY B 330 67.30 4.30 7.37
C GLY B 330 66.11 3.91 8.23
N VAL B 331 64.91 4.39 7.91
CA VAL B 331 63.74 4.01 8.69
C VAL B 331 62.68 3.40 7.80
N GLY B 332 62.67 3.78 6.52
CA GLY B 332 61.60 3.32 5.63
C GLY B 332 61.63 1.82 5.40
N SER B 333 62.83 1.27 5.17
CA SER B 333 62.95 -0.17 4.94
C SER B 333 62.51 -0.95 6.17
N PHE B 334 62.91 -0.51 7.36
CA PHE B 334 62.56 -1.24 8.57
C PHE B 334 61.09 -1.07 8.91
N VAL B 335 60.50 0.08 8.61
CA VAL B 335 59.05 0.24 8.74
C VAL B 335 58.34 -0.75 7.83
N ILE B 336 58.80 -0.87 6.58
CA ILE B 336 58.21 -1.83 5.65
C ILE B 336 58.34 -3.25 6.20
N ASN B 337 59.52 -3.58 6.74
CA ASN B 337 59.73 -4.93 7.26
C ASN B 337 58.77 -5.21 8.41
N GLY B 338 58.61 -4.27 9.32
CA GLY B 338 57.69 -4.47 10.44
C GLY B 338 56.26 -4.64 9.98
N VAL B 339 55.82 -3.77 9.05
CA VAL B 339 54.45 -3.85 8.56
C VAL B 339 54.21 -5.17 7.86
N LEU B 340 55.15 -5.61 7.02
CA LEU B 340 54.99 -6.88 6.33
C LEU B 340 54.96 -8.05 7.30
N GLU B 341 55.82 -8.03 8.32
CA GLU B 341 55.85 -9.12 9.28
C GLU B 341 54.54 -9.19 10.05
N GLU B 342 53.96 -8.04 10.40
CA GLU B 342 52.69 -8.05 11.11
C GLU B 342 51.55 -8.49 10.20
N LEU B 343 51.53 -8.00 8.96
CA LEU B 343 50.38 -8.27 8.09
C LEU B 343 50.37 -9.70 7.57
N TYR B 344 51.54 -10.23 7.18
CA TYR B 344 51.59 -11.56 6.59
C TYR B 344 51.41 -12.67 7.62
N MET B 345 51.43 -12.34 8.90
CA MET B 345 51.24 -13.34 9.95
C MET B 345 49.75 -13.65 10.13
N THR B 349 48.31 -10.63 1.47
CA THR B 349 48.27 -9.41 0.66
C THR B 349 48.41 -8.18 1.55
N ILE B 350 48.57 -7.01 0.92
CA ILE B 350 48.73 -5.74 1.62
C ILE B 350 47.53 -4.87 1.27
N ASP B 351 46.77 -4.47 2.28
CA ASP B 351 45.69 -3.51 2.08
C ASP B 351 46.26 -2.14 1.79
N ASP B 352 45.62 -1.42 0.87
CA ASP B 352 46.10 -0.10 0.50
C ASP B 352 45.95 0.91 1.63
N ASP B 353 45.19 0.59 2.66
CA ASP B 353 44.97 1.50 3.77
C ASP B 353 45.94 1.28 4.93
N ARG B 354 46.53 0.09 5.04
CA ARG B 354 47.39 -0.20 6.18
C ARG B 354 48.77 0.41 6.00
N LEU B 355 49.44 0.11 4.88
CA LEU B 355 50.75 0.65 4.59
C LEU B 355 50.68 1.45 3.30
N ILE B 356 51.11 2.71 3.35
CA ILE B 356 51.11 3.60 2.20
C ILE B 356 52.54 4.06 2.00
N LEU B 357 53.15 3.67 0.88
CA LEU B 357 54.54 4.02 0.58
C LEU B 357 54.58 5.12 -0.46
N ARG B 358 55.34 6.17 -0.17
CA ARG B 358 55.55 7.29 -1.08
C ARG B 358 57.03 7.60 -1.17
N PRO B 359 57.79 6.77 -1.87
CA PRO B 359 59.22 7.04 -2.03
C PRO B 359 59.45 8.36 -2.77
N PHE B 360 60.46 9.09 -2.37
CA PHE B 360 60.72 10.39 -2.96
C PHE B 360 61.53 10.24 -4.24
N PRO B 361 61.07 10.79 -5.36
CA PRO B 361 61.82 10.67 -6.61
C PRO B 361 63.18 11.32 -6.49
N GLN B 362 64.22 10.57 -6.85
CA GLN B 362 65.59 11.05 -6.75
C GLN B 362 66.01 11.67 -8.08
N GLY B 363 66.54 12.88 -8.02
CA GLY B 363 66.89 13.64 -9.21
C GLY B 363 66.45 15.08 -9.12
N LYS B 364 67.11 15.97 -9.87
CA LYS B 364 66.77 17.38 -9.81
C LYS B 364 65.36 17.66 -10.31
N LYS B 365 64.79 16.77 -11.11
CA LYS B 365 63.42 16.96 -11.59
C LYS B 365 62.41 16.70 -10.49
N GLY B 366 62.67 15.70 -9.64
CA GLY B 366 61.74 15.37 -8.56
C GLY B 366 61.86 16.28 -7.35
N GLU B 367 63.02 16.90 -7.13
CA GLU B 367 63.17 17.78 -5.98
C GLU B 367 62.24 18.98 -6.05
N GLU B 368 61.89 19.41 -7.26
CA GLU B 368 60.99 20.55 -7.40
C GLU B 368 59.57 20.21 -6.95
N GLN B 369 59.16 18.96 -7.14
CA GLN B 369 57.85 18.49 -6.68
C GLN B 369 57.90 17.85 -5.30
N TRP B 370 59.09 17.72 -4.71
CA TRP B 370 59.22 17.13 -3.38
C TRP B 370 58.33 17.82 -2.36
N ASP B 371 58.22 19.14 -2.40
CA ASP B 371 57.45 19.86 -1.39
C ASP B 371 55.97 19.50 -1.45
N LYS B 372 55.38 19.54 -2.65
CA LYS B 372 53.98 19.18 -2.76
C LYS B 372 53.76 17.70 -2.50
N TYR B 373 54.74 16.87 -2.81
CA TYR B 373 54.66 15.46 -2.54
C TYR B 373 54.60 15.25 -1.06
N ARG B 374 55.42 15.96 -0.32
CA ARG B 374 55.47 15.81 1.14
C ARG B 374 54.25 16.34 1.80
N ARG B 375 53.71 17.44 1.28
CA ARG B 375 52.46 17.95 1.82
C ARG B 375 51.31 16.99 1.55
N ASP B 376 51.30 16.36 0.38
CA ASP B 376 50.28 15.36 0.07
C ASP B 376 50.38 14.16 1.01
N MET B 377 51.61 13.70 1.27
CA MET B 377 51.78 12.59 2.21
C MET B 377 51.25 12.95 3.58
N ILE B 378 51.68 14.09 4.12
CA ILE B 378 51.34 14.46 5.49
C ILE B 378 49.84 14.74 5.62
N THR B 379 49.24 15.29 4.57
CA THR B 379 47.80 15.56 4.61
C THR B 379 46.99 14.29 4.81
N ARG B 380 47.51 13.15 4.35
CA ARG B 380 46.82 11.88 4.51
C ARG B 380 46.77 11.41 5.96
N THR B 381 47.63 11.95 6.82
CA THR B 381 47.81 11.44 8.17
C THR B 381 47.20 12.38 9.20
N GLY B 382 47.17 11.92 10.45
CA GLY B 382 46.68 12.71 11.55
C GLY B 382 47.70 12.94 12.65
N VAL B 383 48.62 12.00 12.82
CA VAL B 383 49.65 12.06 13.85
C VAL B 383 51.00 11.85 13.18
N SER B 384 52.01 12.60 13.62
CA SER B 384 53.35 12.49 13.07
C SER B 384 54.33 12.06 14.16
N ILE B 385 55.10 11.01 13.88
CA ILE B 385 56.11 10.49 14.79
C ILE B 385 57.47 10.62 14.11
N PHE B 386 58.44 11.17 14.82
CA PHE B 386 59.74 11.53 14.24
C PHE B 386 60.84 10.73 14.92
N LEU B 387 61.67 10.09 14.12
CA LEU B 387 62.77 9.26 14.60
C LEU B 387 64.08 9.74 13.99
N TYR B 388 65.08 9.95 14.85
CA TYR B 388 66.41 10.37 14.42
C TYR B 388 66.36 11.60 13.52
N GLY B 389 66.87 11.50 12.30
CA GLY B 389 66.79 12.62 11.39
C GLY B 389 68.13 13.17 10.95
N ASN B 390 69.15 12.33 10.82
CA ASN B 390 70.42 12.74 10.27
C ASN B 390 70.62 12.13 8.88
N LYS B 391 71.49 12.65 8.10
CA LYS B 391 71.74 12.14 6.76
C LYS B 391 73.19 12.41 6.42
N ILE B 392 73.78 11.63 5.60
CA ILE B 392 75.17 11.72 5.18
C ILE B 392 75.29 12.76 4.07
N ASP B 393 76.12 13.78 4.31
CA ASP B 393 76.31 14.84 3.34
C ASP B 393 77.76 15.33 3.43
N LYS B 394 78.39 15.48 2.26
CA LYS B 394 79.80 15.91 2.19
C LYS B 394 80.70 15.01 3.01
N GLY B 395 80.38 13.71 3.06
CA GLY B 395 81.17 12.78 3.83
C GLY B 395 80.98 12.87 5.33
N GLN B 396 80.01 13.65 5.80
CA GLN B 396 79.78 13.85 7.21
C GLN B 396 78.31 13.64 7.53
N VAL B 397 78.04 13.30 8.79
CA VAL B 397 76.68 13.01 9.25
C VAL B 397 76.04 14.33 9.64
N VAL B 398 75.43 15.00 8.65
CA VAL B 398 74.75 16.26 8.88
C VAL B 398 73.35 16.00 9.40
N LYS B 399 72.69 17.04 9.91
CA LYS B 399 71.30 16.92 10.33
C LYS B 399 70.38 17.08 9.13
N ALA B 400 69.44 16.16 8.98
CA ALA B 400 68.57 16.13 7.81
C ALA B 400 67.44 17.14 7.97
N LYS B 401 67.38 18.11 7.07
CA LYS B 401 66.38 19.17 7.14
C LYS B 401 65.00 18.71 6.67
N GLY B 402 64.91 17.55 6.02
CA GLY B 402 63.60 17.06 5.60
C GLY B 402 62.72 16.66 6.76
N VAL B 403 63.31 16.13 7.83
CA VAL B 403 62.53 15.82 9.02
C VAL B 403 61.97 17.09 9.63
N GLN B 404 62.79 18.15 9.68
CA GLN B 404 62.29 19.43 10.18
C GLN B 404 61.20 19.98 9.29
N SER B 405 61.34 19.83 7.97
CA SER B 405 60.31 20.29 7.05
C SER B 405 59.01 19.51 7.25
N GLU B 406 59.10 18.22 7.48
CA GLU B 406 57.92 17.44 7.74
C GLU B 406 57.29 17.88 9.03
N PHE B 407 58.09 18.10 10.06
CA PHE B 407 57.55 18.59 11.33
C PHE B 407 56.80 19.90 11.13
N ASN B 408 57.38 20.82 10.37
CA ASN B 408 56.74 22.10 10.12
C ASN B 408 55.43 21.93 9.35
N ILE B 409 55.42 21.04 8.35
CA ILE B 409 54.22 20.81 7.57
C ILE B 409 53.13 20.19 8.43
N SER B 410 53.49 19.20 9.26
CA SER B 410 52.51 18.58 10.15
C SER B 410 51.96 19.60 11.15
N PHE B 411 52.83 20.45 11.69
CA PHE B 411 52.37 21.47 12.64
C PHE B 411 51.45 22.48 11.96
N GLU B 412 51.75 22.83 10.71
CA GLU B 412 50.86 23.73 9.97
C GLU B 412 49.48 23.11 9.77
N GLN B 413 49.39 21.78 9.75
CA GLN B 413 48.14 21.08 9.53
C GLN B 413 47.44 20.71 10.83
N ASN B 414 47.93 21.21 11.97
CA ASN B 414 47.36 20.90 13.28
C ASN B 414 47.44 19.41 13.59
N ASN B 415 48.42 18.73 13.02
CA ASN B 415 48.67 17.34 13.36
C ASN B 415 49.40 17.24 14.69
N TYR B 416 49.10 16.18 15.43
CA TYR B 416 49.81 15.91 16.66
C TYR B 416 51.23 15.46 16.33
N VAL B 417 52.23 16.13 16.90
CA VAL B 417 53.62 15.82 16.66
C VAL B 417 54.17 15.03 17.84
N VAL B 418 54.83 13.93 17.57
CA VAL B 418 55.42 13.09 18.61
C VAL B 418 56.90 12.91 18.30
N PRO B 419 57.75 13.86 18.64
CA PRO B 419 59.19 13.69 18.38
C PRO B 419 59.85 12.75 19.38
N VAL B 420 60.33 11.61 18.89
CA VAL B 420 60.99 10.62 19.75
C VAL B 420 62.39 11.14 20.03
N GLY B 421 62.57 11.78 21.19
CA GLY B 421 63.85 12.36 21.52
C GLY B 421 64.93 11.38 21.89
N ALA B 422 64.55 10.16 22.27
CA ALA B 422 65.55 9.14 22.57
C ALA B 422 66.35 8.75 21.34
N THR B 423 65.78 8.88 20.15
CA THR B 423 66.53 8.56 18.94
C THR B 423 67.66 9.55 18.72
N GLY B 424 67.45 10.81 19.06
CA GLY B 424 68.51 11.81 18.99
C GLY B 424 68.51 12.56 17.67
N TYR B 425 69.56 13.38 17.53
CA TYR B 425 69.80 14.19 16.33
C TYR B 425 68.74 15.28 16.18
N ILE B 426 68.06 15.34 15.04
CA ILE B 426 67.11 16.42 14.81
C ILE B 426 65.82 16.10 15.56
N ALA B 427 65.61 14.84 15.91
CA ALA B 427 64.48 14.46 16.74
C ALA B 427 64.63 14.93 18.17
N LYS B 428 65.84 14.98 18.71
CA LYS B 428 66.04 15.56 20.03
C LYS B 428 65.77 17.06 20.00
N ASP B 429 66.19 17.75 18.95
CA ASP B 429 65.90 19.17 18.82
C ASP B 429 64.40 19.42 18.72
N LEU B 430 63.70 18.59 17.94
CA LEU B 430 62.25 18.68 17.85
C LEU B 430 61.60 18.47 19.20
N TRP B 431 62.09 17.47 19.95
CA TRP B 431 61.54 17.21 21.28
C TRP B 431 61.73 18.41 22.20
N ASN B 432 62.93 19.00 22.18
CA ASN B 432 63.18 20.19 23.00
C ASN B 432 62.28 21.34 22.58
N LYS B 433 62.10 21.53 21.28
CA LYS B 433 61.27 22.62 20.77
C LYS B 433 59.82 22.46 21.23
N VAL B 434 59.30 21.23 21.17
CA VAL B 434 57.93 21.00 21.63
C VAL B 434 57.85 21.16 23.14
N ASN B 435 58.90 20.76 23.86
CA ASN B 435 58.88 20.82 25.32
C ASN B 435 58.95 22.25 25.84
N GLU B 436 59.64 23.14 25.13
CA GLU B 436 59.78 24.51 25.62
C GLU B 436 58.43 25.21 25.72
N GLU B 437 57.58 25.05 24.71
CA GLU B 437 56.23 25.61 24.71
C GLU B 437 55.27 24.45 24.50
N PHE B 438 54.91 23.78 25.60
CA PHE B 438 54.11 22.57 25.51
C PHE B 438 52.64 22.86 25.22
N GLU B 439 52.13 23.99 25.70
CA GLU B 439 50.73 24.33 25.43
C GLU B 439 50.50 24.66 23.97
N THR B 440 51.54 25.12 23.26
CA THR B 440 51.38 25.44 21.85
C THR B 440 51.09 24.20 21.02
N TYR B 441 51.79 23.10 21.30
CA TYR B 441 51.65 21.88 20.51
C TYR B 441 50.65 20.90 21.10
N TYR B 442 50.53 20.84 22.43
CA TYR B 442 49.61 19.94 23.11
C TYR B 442 48.79 20.73 24.11
N PRO B 443 47.79 21.48 23.64
CA PRO B 443 46.96 22.24 24.58
C PRO B 443 46.12 21.32 25.46
N GLY B 444 45.90 21.77 26.69
CA GLY B 444 45.07 21.03 27.62
C GLY B 444 45.58 19.64 27.94
N ALA B 445 46.88 19.49 28.14
CA ALA B 445 47.46 18.20 28.44
C ALA B 445 47.23 17.81 29.90
N ASP B 446 47.38 16.53 30.18
CA ASP B 446 47.22 15.99 31.52
C ASP B 446 48.58 15.60 32.08
N ALA B 447 48.58 15.12 33.32
CA ALA B 447 49.81 14.67 33.95
C ALA B 447 50.39 13.46 33.24
N ARG B 448 49.52 12.53 32.84
CA ARG B 448 49.98 11.33 32.15
C ARG B 448 50.63 11.68 30.81
N MET B 449 50.02 12.60 30.06
CA MET B 449 50.60 13.00 28.78
C MET B 449 51.96 13.66 28.96
N LYS B 450 52.09 14.52 29.96
CA LYS B 450 53.37 15.16 30.23
C LYS B 450 54.42 14.15 30.65
N LYS B 451 54.04 13.16 31.48
CA LYS B 451 54.98 12.12 31.88
C LYS B 451 55.44 11.31 30.67
N LEU B 452 54.50 10.93 29.80
CA LEU B 452 54.87 10.18 28.60
C LEU B 452 55.79 10.99 27.70
N PHE B 453 55.49 12.28 27.53
CA PHE B 453 56.33 13.13 26.68
C PHE B 453 57.73 13.27 27.27
N GLY B 454 57.83 13.43 28.60
CA GLY B 454 59.14 13.51 29.22
C GLY B 454 59.86 12.19 29.20
N GLU B 455 59.13 11.09 29.05
CA GLU B 455 59.75 9.77 28.92
C GLU B 455 60.21 9.48 27.50
N LEU B 456 59.74 10.25 26.52
CA LEU B 456 60.21 10.08 25.15
C LEU B 456 61.69 10.42 24.99
N ASN B 457 62.23 11.23 25.87
CA ASN B 457 63.64 11.61 25.85
C ASN B 457 64.46 10.83 26.86
N ASN B 458 63.89 9.82 27.49
CA ASN B 458 64.59 9.00 28.46
C ASN B 458 65.46 8.00 27.69
N GLU B 459 66.73 8.38 27.45
CA GLU B 459 67.62 7.56 26.64
C GLU B 459 67.99 6.25 27.29
N ALA B 460 67.73 6.08 28.59
CA ALA B 460 68.04 4.83 29.27
C ALA B 460 66.99 3.75 29.04
N LEU B 461 65.89 4.08 28.38
CA LEU B 461 64.85 3.10 28.10
C LEU B 461 65.34 2.08 27.09
N SER B 462 64.85 0.84 27.24
CA SER B 462 65.11 -0.21 26.27
C SER B 462 64.20 -0.03 25.07
N ILE B 463 64.31 -0.97 24.11
CA ILE B 463 63.47 -0.92 22.93
C ILE B 463 62.00 -1.10 23.29
N GLU B 464 61.70 -2.12 24.11
CA GLU B 464 60.32 -2.41 24.45
C GLU B 464 59.69 -1.27 25.24
N GLU B 465 60.43 -0.72 26.21
CA GLU B 465 59.87 0.36 27.03
C GLU B 465 59.60 1.60 26.19
N LEU B 466 60.53 1.97 25.30
CA LEU B 466 60.33 3.13 24.44
C LEU B 466 59.14 2.93 23.51
N ILE B 467 59.02 1.73 22.94
CA ILE B 467 57.91 1.45 22.04
C ILE B 467 56.59 1.50 22.80
N ASN B 468 56.55 0.96 24.02
CA ASN B 468 55.32 1.05 24.81
C ASN B 468 54.99 2.49 25.13
N THR B 469 55.99 3.31 25.44
CA THR B 469 55.76 4.73 25.68
C THR B 469 55.14 5.41 24.47
N ILE B 470 55.71 5.16 23.29
CA ILE B 470 55.20 5.78 22.07
C ILE B 470 53.78 5.31 21.79
N ILE B 471 53.53 4.01 21.96
CA ILE B 471 52.21 3.46 21.69
C ILE B 471 51.17 4.06 22.62
N GLU B 472 51.48 4.15 23.91
CA GLU B 472 50.55 4.75 24.86
C GLU B 472 50.31 6.22 24.55
N PHE B 473 51.36 6.93 24.14
CA PHE B 473 51.19 8.33 23.75
C PHE B 473 50.23 8.46 22.57
N VAL B 474 50.44 7.65 21.54
CA VAL B 474 49.56 7.72 20.37
C VAL B 474 48.13 7.31 20.73
N GLU B 475 47.99 6.34 21.63
CA GLU B 475 46.66 5.91 22.04
C GLU B 475 45.91 7.02 22.78
N ILE B 476 46.57 7.65 23.75
CA ILE B 476 45.91 8.73 24.47
C ILE B 476 45.66 9.92 23.57
N LEU B 477 46.44 10.07 22.50
CA LEU B 477 46.13 11.12 21.52
C LEU B 477 44.88 10.78 20.72
N SER B 478 44.79 9.53 20.24
CA SER B 478 43.67 9.16 19.39
C SER B 478 42.36 9.10 20.16
N ASN B 479 42.39 8.56 21.38
CA ASN B 479 41.19 8.45 22.20
C ASN B 479 41.46 8.86 23.64
N MET C 4 -38.52 -31.08 -14.27
CA MET C 4 -37.96 -32.04 -13.33
C MET C 4 -36.99 -31.36 -12.37
N LYS C 5 -35.95 -32.08 -11.96
CA LYS C 5 -34.97 -31.59 -11.01
C LYS C 5 -33.56 -31.81 -11.57
N MET C 6 -32.56 -31.44 -10.78
CA MET C 6 -31.16 -31.57 -11.15
C MET C 6 -30.40 -32.30 -10.04
N ASN C 7 -29.07 -32.25 -10.14
CA ASN C 7 -28.22 -32.94 -9.17
C ASN C 7 -28.44 -32.36 -7.79
N PRO C 8 -28.24 -33.16 -6.74
CA PRO C 8 -28.40 -32.65 -5.36
C PRO C 8 -27.48 -31.48 -5.04
N ILE C 9 -26.27 -31.45 -5.60
CA ILE C 9 -25.37 -30.32 -5.37
C ILE C 9 -25.98 -29.04 -5.92
N VAL C 10 -26.52 -29.11 -7.14
CA VAL C 10 -27.14 -27.94 -7.75
C VAL C 10 -28.37 -27.52 -6.95
N GLU C 11 -29.13 -28.49 -6.43
CA GLU C 11 -30.30 -28.15 -5.63
C GLU C 11 -29.90 -27.45 -4.34
N LEU C 12 -28.84 -27.92 -3.68
CA LEU C 12 -28.35 -27.25 -2.48
C LEU C 12 -27.89 -25.83 -2.80
N PHE C 13 -27.18 -25.65 -3.91
CA PHE C 13 -26.77 -24.31 -4.31
C PHE C 13 -27.98 -23.43 -4.56
N ILE C 14 -29.01 -23.99 -5.21
CA ILE C 14 -30.22 -23.20 -5.50
C ILE C 14 -30.87 -22.75 -4.20
N LYS C 15 -31.01 -23.67 -3.25
CA LYS C 15 -31.60 -23.30 -1.97
C LYS C 15 -30.80 -22.21 -1.27
N ASP C 16 -29.48 -22.40 -1.20
CA ASP C 16 -28.64 -21.42 -0.51
C ASP C 16 -28.70 -20.05 -1.18
N PHE C 17 -28.61 -20.02 -2.51
CA PHE C 17 -28.58 -18.73 -3.20
C PHE C 17 -29.94 -18.05 -3.19
N THR C 18 -31.03 -18.81 -3.25
CA THR C 18 -32.36 -18.21 -3.07
C THR C 18 -32.50 -17.63 -1.68
N LYS C 19 -31.94 -18.32 -0.67
CA LYS C 19 -31.92 -17.74 0.67
C LYS C 19 -31.12 -16.45 0.71
N GLU C 20 -30.01 -16.40 -0.02
CA GLU C 20 -29.18 -15.20 -0.03
C GLU C 20 -29.87 -14.05 -0.78
N VAL C 21 -30.48 -14.33 -1.93
CA VAL C 21 -31.06 -13.27 -2.74
C VAL C 21 -32.24 -12.63 -2.02
N MET C 22 -33.09 -13.43 -1.39
CA MET C 22 -34.27 -12.88 -0.72
C MET C 22 -33.90 -11.97 0.44
N GLU C 23 -32.67 -12.03 0.93
CA GLU C 23 -32.18 -11.12 1.96
C GLU C 23 -31.40 -9.95 1.37
N GLU C 24 -31.35 -9.84 0.05
CA GLU C 24 -30.64 -8.76 -0.64
C GLU C 24 -29.18 -8.68 -0.21
N ASN C 25 -28.55 -9.83 -0.04
CA ASN C 25 -27.14 -9.92 0.30
C ASN C 25 -26.36 -10.67 -0.77
N ALA C 26 -26.91 -10.73 -1.98
CA ALA C 26 -26.30 -11.47 -3.07
C ALA C 26 -25.86 -10.53 -4.17
N ALA C 27 -24.75 -10.88 -4.81
CA ALA C 27 -24.20 -10.12 -5.93
C ALA C 27 -23.83 -11.08 -7.06
N ILE C 28 -23.82 -10.56 -8.27
CA ILE C 28 -23.51 -11.35 -9.46
C ILE C 28 -22.23 -10.80 -10.07
N PHE C 29 -21.24 -11.68 -10.26
CA PHE C 29 -20.02 -11.33 -10.97
C PHE C 29 -20.09 -11.99 -12.35
N ALA C 30 -20.35 -11.19 -13.37
CA ALA C 30 -20.52 -11.69 -14.73
C ALA C 30 -19.26 -11.41 -15.53
N GLY C 31 -18.65 -12.45 -16.06
CA GLY C 31 -17.50 -12.32 -16.93
C GLY C 31 -17.91 -12.14 -18.38
N ALA C 32 -16.92 -12.26 -19.26
CA ALA C 32 -17.19 -12.12 -20.69
C ALA C 32 -18.00 -13.29 -21.24
N GLY C 33 -17.96 -14.44 -20.56
CA GLY C 33 -18.63 -15.61 -21.08
C GLY C 33 -20.14 -15.51 -21.05
N LEU C 34 -20.69 -14.70 -20.15
CA LEU C 34 -22.13 -14.53 -20.09
C LEU C 34 -22.68 -13.82 -21.32
N SER C 35 -21.85 -13.04 -22.01
CA SER C 35 -22.27 -12.34 -23.21
C SER C 35 -21.90 -13.07 -24.49
N MET C 36 -21.02 -14.08 -24.43
CA MET C 36 -20.63 -14.79 -25.64
C MET C 36 -21.78 -15.60 -26.23
N SER C 37 -22.81 -15.90 -25.44
CA SER C 37 -24.00 -16.55 -25.98
C SER C 37 -24.91 -15.59 -26.73
N VAL C 38 -24.74 -14.28 -26.50
CA VAL C 38 -25.61 -13.29 -27.14
C VAL C 38 -25.34 -13.22 -28.64
N GLY C 39 -24.07 -13.29 -29.04
CA GLY C 39 -23.73 -13.19 -30.44
C GLY C 39 -22.42 -12.47 -30.69
N TYR C 40 -21.85 -11.90 -29.64
CA TYR C 40 -20.54 -11.27 -29.76
C TYR C 40 -19.47 -12.31 -30.06
N VAL C 41 -18.55 -11.97 -30.95
CA VAL C 41 -17.44 -12.85 -31.25
C VAL C 41 -16.48 -12.87 -30.05
N SER C 42 -15.77 -13.99 -29.89
CA SER C 42 -14.87 -14.12 -28.77
C SER C 42 -13.70 -13.14 -28.92
N TRP C 43 -13.10 -12.80 -27.78
CA TRP C 43 -11.98 -11.87 -27.77
C TRP C 43 -10.81 -12.38 -28.60
N ALA C 44 -10.61 -13.70 -28.63
CA ALA C 44 -9.59 -14.28 -29.48
C ALA C 44 -9.87 -13.97 -30.95
N LYS C 45 -11.12 -14.02 -31.37
CA LYS C 45 -11.45 -13.78 -32.77
C LYS C 45 -11.31 -12.33 -33.08
N LEU C 46 -11.56 -11.46 -32.10
CA LEU C 46 -11.29 -10.05 -32.31
C LEU C 46 -9.81 -9.78 -32.49
N LEU C 47 -8.97 -10.45 -31.69
CA LEU C 47 -7.54 -10.23 -31.77
C LEU C 47 -6.87 -11.01 -32.90
N GLU C 48 -7.62 -11.84 -33.63
CA GLU C 48 -7.04 -12.60 -34.73
C GLU C 48 -6.33 -11.74 -35.78
N PRO C 49 -6.92 -10.68 -36.33
CA PRO C 49 -6.15 -9.84 -37.27
C PRO C 49 -4.97 -9.14 -36.61
N ILE C 50 -5.11 -8.75 -35.34
CA ILE C 50 -4.03 -8.06 -34.65
C ILE C 50 -2.82 -8.97 -34.51
N ALA C 51 -3.05 -10.23 -34.13
CA ALA C 51 -1.95 -11.18 -34.03
C ALA C 51 -1.29 -11.40 -35.39
N GLN C 52 -2.10 -11.51 -36.45
CA GLN C 52 -1.55 -11.67 -37.78
C GLN C 52 -0.68 -10.48 -38.17
N GLU C 53 -1.04 -9.29 -37.69
CA GLU C 53 -0.30 -8.09 -38.05
C GLU C 53 1.13 -8.13 -37.54
N ILE C 54 1.33 -8.60 -36.30
CA ILE C 54 2.66 -8.59 -35.70
C ILE C 54 3.37 -9.91 -35.95
N GLY C 55 2.76 -10.78 -36.75
CA GLY C 55 3.38 -12.04 -37.10
C GLY C 55 3.05 -13.21 -36.21
N LEU C 56 2.11 -13.06 -35.28
CA LEU C 56 1.72 -14.15 -34.41
C LEU C 56 0.38 -14.73 -34.86
N ASP C 57 -0.10 -15.71 -34.11
CA ASP C 57 -1.37 -16.36 -34.40
C ASP C 57 -2.09 -16.62 -33.08
N VAL C 58 -3.38 -16.30 -33.03
CA VAL C 58 -4.12 -16.42 -31.78
C VAL C 58 -4.32 -17.89 -31.41
N ASN C 59 -4.55 -18.74 -32.41
CA ASN C 59 -4.81 -20.15 -32.13
C ASN C 59 -3.65 -20.81 -31.41
N LYS C 60 -2.43 -20.35 -31.67
CA LYS C 60 -1.24 -20.88 -31.02
C LYS C 60 -0.82 -20.06 -29.80
N GLU C 61 -1.61 -19.05 -29.41
CA GLU C 61 -1.31 -18.19 -28.29
C GLU C 61 -2.31 -18.43 -27.16
N ASN C 62 -1.80 -18.54 -25.93
CA ASN C 62 -2.65 -18.76 -24.77
C ASN C 62 -2.95 -17.48 -24.00
N ASP C 63 -2.06 -16.49 -24.06
CA ASP C 63 -2.22 -15.23 -23.32
C ASP C 63 -2.54 -14.13 -24.32
N LEU C 64 -3.80 -13.72 -24.37
CA LEU C 64 -4.21 -12.65 -25.27
C LEU C 64 -3.80 -11.28 -24.74
N VAL C 65 -3.66 -11.14 -23.43
CA VAL C 65 -3.21 -9.88 -22.85
C VAL C 65 -1.80 -9.55 -23.33
N SER C 66 -0.91 -10.54 -23.28
CA SER C 66 0.44 -10.33 -23.78
C SER C 66 0.45 -10.13 -25.29
N LEU C 67 -0.49 -10.74 -26.01
CA LEU C 67 -0.59 -10.51 -27.45
C LEU C 67 -0.93 -9.06 -27.74
N ALA C 68 -1.92 -8.51 -27.04
CA ALA C 68 -2.26 -7.10 -27.21
C ALA C 68 -1.11 -6.21 -26.79
N GLN C 69 -0.39 -6.59 -25.72
CA GLN C 69 0.74 -5.79 -25.29
C GLN C 69 1.85 -5.79 -26.35
N TYR C 70 2.09 -6.93 -26.99
CA TYR C 70 3.07 -6.97 -28.07
C TYR C 70 2.63 -6.09 -29.24
N TYR C 71 1.34 -6.13 -29.56
CA TYR C 71 0.83 -5.27 -30.64
C TYR C 71 1.05 -3.79 -30.31
N CYS C 72 0.78 -3.41 -29.05
CA CYS C 72 1.03 -2.03 -28.65
C CYS C 72 2.52 -1.69 -28.70
N ASN C 73 3.37 -2.63 -28.29
CA ASN C 73 4.81 -2.39 -28.32
C ASN C 73 5.31 -2.16 -29.73
N GLU C 74 4.77 -2.89 -30.70
CA GLU C 74 5.19 -2.69 -32.09
C GLU C 74 4.84 -1.31 -32.58
N ASN C 75 3.68 -0.78 -32.18
CA ASN C 75 3.20 0.52 -32.63
C ASN C 75 3.58 1.66 -31.69
N GLN C 76 4.71 1.53 -30.97
CA GLN C 76 5.18 2.55 -30.05
C GLN C 76 4.13 2.90 -28.99
N GLY C 77 3.41 1.88 -28.52
CA GLY C 77 2.45 2.08 -27.45
C GLY C 77 1.16 2.75 -27.86
N ASN C 78 0.71 2.55 -29.10
CA ASN C 78 -0.53 3.13 -29.58
C ASN C 78 -1.62 2.07 -29.63
N ARG C 79 -2.81 2.45 -29.17
CA ARG C 79 -3.95 1.53 -29.04
C ARG C 79 -5.10 1.87 -29.98
N GLY C 80 -4.83 2.60 -31.06
CA GLY C 80 -5.92 3.05 -31.92
C GLY C 80 -6.71 1.89 -32.51
N ARG C 81 -5.99 0.91 -33.07
CA ARG C 81 -6.67 -0.22 -33.69
C ARG C 81 -7.46 -1.04 -32.68
N ILE C 82 -6.89 -1.26 -31.50
CA ILE C 82 -7.58 -2.05 -30.48
C ILE C 82 -8.84 -1.33 -30.00
N ASN C 83 -8.72 -0.02 -29.75
CA ASN C 83 -9.89 0.75 -29.34
C ASN C 83 -10.98 0.70 -30.40
N GLN C 84 -10.59 0.89 -31.67
CA GLN C 84 -11.57 0.83 -32.74
C GLN C 84 -12.22 -0.54 -32.84
N ILE C 85 -11.43 -1.60 -32.66
CA ILE C 85 -11.96 -2.96 -32.75
C ILE C 85 -13.00 -3.20 -31.67
N ILE C 86 -12.66 -2.87 -30.42
CA ILE C 86 -13.59 -3.15 -29.34
C ILE C 86 -14.84 -2.28 -29.45
N LEU C 87 -14.67 -1.03 -29.90
CA LEU C 87 -15.83 -0.15 -30.07
C LEU C 87 -16.74 -0.67 -31.18
N ASP C 88 -16.17 -1.16 -32.28
CA ASP C 88 -16.98 -1.65 -33.38
C ASP C 88 -17.65 -2.98 -33.05
N GLU C 89 -17.02 -3.80 -32.20
CA GLU C 89 -17.60 -5.12 -31.93
C GLU C 89 -18.59 -5.10 -30.79
N PHE C 90 -18.25 -4.47 -29.67
CA PHE C 90 -19.08 -4.57 -28.48
C PHE C 90 -20.17 -3.50 -28.40
N SER C 91 -20.30 -2.65 -29.42
CA SER C 91 -21.37 -1.68 -29.47
C SER C 91 -22.45 -2.06 -30.49
N ARG C 92 -22.45 -3.31 -30.96
CA ARG C 92 -23.45 -3.73 -31.92
C ARG C 92 -24.81 -3.87 -31.26
N LYS C 93 -25.85 -3.88 -32.10
CA LYS C 93 -27.22 -4.01 -31.63
C LYS C 93 -27.60 -5.49 -31.65
N VAL C 94 -27.65 -6.11 -30.47
CA VAL C 94 -27.94 -7.52 -30.34
C VAL C 94 -29.06 -7.71 -29.33
N ASP C 95 -29.81 -8.80 -29.49
CA ASP C 95 -30.92 -9.10 -28.59
C ASP C 95 -30.41 -9.75 -27.31
N LEU C 96 -31.03 -9.39 -26.20
CA LEU C 96 -30.63 -9.92 -24.90
C LEU C 96 -30.93 -11.42 -24.81
N THR C 97 -30.12 -12.11 -24.01
CA THR C 97 -30.36 -13.50 -23.73
C THR C 97 -31.31 -13.65 -22.55
N GLU C 98 -31.72 -14.85 -22.23
CA GLU C 98 -32.64 -15.06 -21.17
C GLU C 98 -31.98 -14.89 -19.86
N ASN C 99 -30.70 -15.18 -19.80
CA ASN C 99 -29.99 -15.04 -18.54
C ASN C 99 -29.99 -13.60 -18.05
N HIS C 100 -29.75 -12.64 -18.96
CA HIS C 100 -29.73 -11.24 -18.56
C HIS C 100 -31.10 -10.80 -18.07
N LYS C 101 -32.16 -11.22 -18.74
CA LYS C 101 -33.51 -10.85 -18.32
C LYS C 101 -33.83 -11.46 -16.95
N ILE C 102 -33.44 -12.71 -16.74
CA ILE C 102 -33.69 -13.35 -15.44
C ILE C 102 -32.93 -12.62 -14.33
N LEU C 103 -31.67 -12.30 -14.58
CA LEU C 103 -30.89 -11.57 -13.59
C LEU C 103 -31.47 -10.20 -13.32
N ALA C 104 -32.05 -9.56 -14.34
CA ALA C 104 -32.71 -8.28 -14.13
C ALA C 104 -33.97 -8.43 -13.30
N ARG C 105 -34.70 -9.54 -13.47
CA ARG C 105 -35.91 -9.74 -12.70
C ARG C 105 -35.61 -10.10 -11.24
N LEU C 106 -34.44 -10.66 -10.98
CA LEU C 106 -34.09 -11.05 -9.62
C LEU C 106 -33.84 -9.82 -8.75
N PRO C 107 -34.11 -9.90 -7.45
CA PRO C 107 -33.83 -8.79 -6.52
C PRO C 107 -32.36 -8.72 -6.13
N ILE C 108 -31.51 -8.39 -7.10
CA ILE C 108 -30.07 -8.30 -6.90
C ILE C 108 -29.66 -6.86 -7.12
N HIS C 109 -28.94 -6.30 -6.15
CA HIS C 109 -28.62 -4.88 -6.12
C HIS C 109 -27.17 -4.57 -6.46
N THR C 110 -26.38 -5.57 -6.86
CA THR C 110 -24.97 -5.36 -7.15
C THR C 110 -24.54 -6.28 -8.27
N TYR C 111 -23.95 -5.71 -9.31
CA TYR C 111 -23.37 -6.45 -10.42
C TYR C 111 -21.93 -6.00 -10.63
N TRP C 112 -21.01 -6.95 -10.72
CA TRP C 112 -19.63 -6.68 -11.08
C TRP C 112 -19.34 -7.37 -12.41
N THR C 113 -18.86 -6.60 -13.37
CA THR C 113 -18.71 -7.09 -14.74
C THR C 113 -17.31 -6.80 -15.26
N THR C 114 -16.74 -7.78 -15.97
CA THR C 114 -15.51 -7.59 -16.71
C THR C 114 -15.76 -7.52 -18.21
N ALA C 115 -17.01 -7.36 -18.62
CA ALA C 115 -17.38 -7.24 -20.02
C ALA C 115 -17.68 -5.79 -20.36
N TYR C 116 -17.24 -5.36 -21.55
CA TYR C 116 -17.41 -3.99 -21.98
C TYR C 116 -18.82 -3.69 -22.50
N ASP C 117 -19.57 -4.72 -22.87
CA ASP C 117 -20.89 -4.51 -23.43
C ASP C 117 -21.87 -4.04 -22.37
N ARG C 118 -22.93 -3.35 -22.82
CA ARG C 118 -23.97 -2.82 -21.95
C ARG C 118 -25.20 -3.72 -21.87
N LEU C 119 -25.03 -5.03 -22.01
CA LEU C 119 -26.16 -5.94 -21.98
C LEU C 119 -26.83 -5.94 -20.61
N ILE C 120 -26.05 -5.90 -19.54
CA ILE C 120 -26.62 -5.89 -18.20
C ILE C 120 -27.44 -4.61 -17.98
N GLU C 121 -26.91 -3.47 -18.43
CA GLU C 121 -27.65 -2.22 -18.30
C GLU C 121 -28.96 -2.27 -19.08
N LYS C 122 -28.94 -2.92 -20.14
CA LYS C 122 -30.09 -2.89 -21.00
C LYS C 122 -31.09 -3.79 -20.40
N ALA C 123 -30.69 -4.94 -19.90
CA ALA C 123 -31.59 -5.86 -19.22
C ALA C 123 -32.23 -5.20 -18.01
N LEU C 124 -31.45 -4.45 -17.24
CA LEU C 124 -32.01 -3.78 -16.07
C LEU C 124 -32.99 -2.68 -16.48
N GLU C 125 -32.71 -1.96 -17.56
CA GLU C 125 -33.61 -0.89 -17.99
C GLU C 125 -34.87 -1.43 -18.64
N GLU C 126 -34.82 -2.62 -19.24
CA GLU C 126 -36.02 -3.19 -19.84
C GLU C 126 -37.05 -3.56 -18.77
N GLU C 127 -36.60 -3.93 -17.58
CA GLU C 127 -37.49 -4.27 -16.47
C GLU C 127 -37.90 -3.05 -15.66
N ASN C 128 -37.73 -1.85 -16.21
CA ASN C 128 -38.08 -0.60 -15.53
C ASN C 128 -37.35 -0.47 -14.19
N LYS C 129 -36.10 -0.93 -14.15
CA LYS C 129 -35.26 -0.84 -12.97
C LYS C 129 -34.20 0.24 -13.18
N ILE C 130 -34.08 1.14 -12.21
CA ILE C 130 -33.08 2.21 -12.28
C ILE C 130 -31.73 1.59 -11.98
N ALA C 131 -30.85 1.55 -12.97
CA ALA C 131 -29.53 0.93 -12.84
C ALA C 131 -28.45 2.00 -12.89
N ASP C 132 -27.50 1.89 -11.98
CA ASP C 132 -26.42 2.88 -11.84
C ASP C 132 -25.12 2.21 -12.26
N VAL C 133 -24.68 2.51 -13.48
CA VAL C 133 -23.47 1.89 -14.03
C VAL C 133 -22.26 2.73 -13.63
N LYS C 134 -21.25 2.08 -13.08
CA LYS C 134 -20.04 2.74 -12.60
C LYS C 134 -18.83 2.06 -13.23
N TYR C 135 -18.11 2.80 -14.07
CA TYR C 135 -16.86 2.32 -14.65
C TYR C 135 -15.72 3.32 -14.53
N THR C 136 -15.92 4.43 -13.83
CA THR C 136 -14.88 5.44 -13.62
C THR C 136 -14.73 5.69 -12.13
N VAL C 137 -13.54 6.16 -11.75
CA VAL C 137 -13.27 6.41 -10.34
C VAL C 137 -14.16 7.52 -9.80
N LYS C 138 -14.33 8.59 -10.58
CA LYS C 138 -15.13 9.72 -10.12
C LYS C 138 -16.59 9.32 -9.95
N GLN C 139 -17.07 8.35 -10.74
CA GLN C 139 -18.46 7.95 -10.66
C GLN C 139 -18.80 7.27 -9.34
N LEU C 140 -17.79 6.75 -8.62
CA LEU C 140 -18.07 6.09 -7.35
C LEU C 140 -18.57 7.06 -6.30
N ALA C 141 -18.15 8.33 -6.37
CA ALA C 141 -18.53 9.32 -5.38
C ALA C 141 -19.96 9.82 -5.54
N THR C 142 -20.66 9.43 -6.60
CA THR C 142 -22.03 9.86 -6.82
C THR C 142 -22.92 8.64 -6.97
N THR C 143 -24.02 8.61 -6.24
CA THR C 143 -24.98 7.52 -6.29
C THR C 143 -26.28 8.02 -6.90
N LYS C 144 -26.79 7.31 -7.90
CA LYS C 144 -28.05 7.67 -8.51
C LYS C 144 -29.18 7.46 -7.52
N VAL C 145 -30.13 8.40 -7.49
CA VAL C 145 -31.19 8.38 -6.51
C VAL C 145 -32.16 7.25 -6.82
N LYS C 146 -32.53 6.49 -5.79
CA LYS C 146 -33.49 5.39 -5.92
C LYS C 146 -33.06 4.36 -6.96
N ARG C 147 -31.78 3.97 -6.93
CA ARG C 147 -31.29 3.01 -7.87
C ARG C 147 -31.75 1.69 -7.42
N ASP C 148 -32.01 0.79 -8.35
CA ASP C 148 -32.37 -0.58 -8.03
C ASP C 148 -31.18 -1.53 -8.07
N ALA C 149 -30.15 -1.22 -8.85
CA ALA C 149 -28.95 -2.04 -8.90
C ALA C 149 -27.80 -1.19 -9.42
N VAL C 150 -26.60 -1.49 -8.93
CA VAL C 150 -25.39 -0.80 -9.34
C VAL C 150 -24.50 -1.79 -10.06
N VAL C 151 -24.09 -1.44 -11.28
CA VAL C 151 -23.26 -2.30 -12.11
C VAL C 151 -21.86 -1.70 -12.12
N TYR C 152 -20.93 -2.37 -11.43
CA TYR C 152 -19.54 -1.95 -11.43
C TYR C 152 -18.84 -2.61 -12.61
N LYS C 153 -18.60 -1.83 -13.67
CA LYS C 153 -17.85 -2.32 -14.83
C LYS C 153 -16.38 -2.09 -14.52
N MET C 154 -15.75 -3.09 -13.92
CA MET C 154 -14.42 -2.95 -13.37
C MET C 154 -13.32 -2.98 -14.43
N HIS C 155 -13.66 -3.13 -15.70
CA HIS C 155 -12.65 -3.14 -16.75
C HIS C 155 -12.87 -2.06 -17.81
N GLY C 156 -13.98 -1.34 -17.78
CA GLY C 156 -14.23 -0.26 -18.71
C GLY C 156 -15.49 -0.49 -19.51
N ASP C 157 -15.94 0.59 -20.15
CA ASP C 157 -17.15 0.57 -20.96
C ASP C 157 -16.78 0.57 -22.43
N VAL C 158 -17.70 0.06 -23.26
CA VAL C 158 -17.46 -0.02 -24.69
C VAL C 158 -17.38 1.37 -25.30
N GLU C 159 -18.21 2.30 -24.81
CA GLU C 159 -18.21 3.65 -25.35
C GLU C 159 -16.97 4.43 -24.99
N HIS C 160 -16.12 3.91 -24.11
CA HIS C 160 -14.84 4.53 -23.76
C HIS C 160 -13.75 3.49 -23.97
N PRO C 161 -13.42 3.20 -25.23
CA PRO C 161 -12.44 2.14 -25.51
C PRO C 161 -11.07 2.42 -24.96
N SER C 162 -10.66 3.69 -24.86
CA SER C 162 -9.32 4.00 -24.38
C SER C 162 -9.12 3.63 -22.92
N GLU C 163 -10.20 3.54 -22.14
CA GLU C 163 -10.11 3.19 -20.74
C GLU C 163 -10.28 1.69 -20.48
N ALA C 164 -10.62 0.91 -21.50
CA ALA C 164 -10.84 -0.52 -21.32
C ALA C 164 -9.53 -1.23 -21.00
N VAL C 165 -9.58 -2.16 -20.06
CA VAL C 165 -8.41 -2.94 -19.66
C VAL C 165 -8.25 -4.08 -20.67
N LEU C 166 -7.34 -3.92 -21.61
CA LEU C 166 -7.09 -4.91 -22.65
C LEU C 166 -5.67 -5.41 -22.68
N ILE C 167 -4.69 -4.53 -22.46
CA ILE C 167 -3.29 -4.86 -22.64
C ILE C 167 -2.64 -5.02 -21.27
N LYS C 168 -1.41 -5.50 -21.21
CA LYS C 168 -0.73 -5.76 -19.96
C LYS C 168 -0.32 -4.55 -19.22
N ASP C 169 -0.10 -3.45 -19.87
CA ASP C 169 0.16 -2.21 -19.15
C ASP C 169 -1.06 -1.77 -18.37
N ASP C 170 -2.26 -1.98 -18.93
CA ASP C 170 -3.48 -1.65 -18.21
C ASP C 170 -3.60 -2.43 -16.91
N TYR C 171 -3.31 -3.74 -16.95
CA TYR C 171 -3.35 -4.53 -15.73
C TYR C 171 -2.27 -4.08 -14.75
N GLU C 172 -1.09 -3.75 -15.26
CA GLU C 172 0.01 -3.35 -14.37
C GLU C 172 -0.33 -2.05 -13.63
N LYS C 173 -0.94 -1.10 -14.33
CA LYS C 173 -1.29 0.18 -13.70
C LYS C 173 -2.70 0.18 -13.11
N TYR C 174 -3.42 -0.93 -13.18
CA TYR C 174 -4.76 -1.00 -12.60
C TYR C 174 -4.72 -0.80 -11.10
N SER C 175 -3.72 -1.38 -10.42
CA SER C 175 -3.65 -1.30 -8.97
C SER C 175 -3.49 0.13 -8.47
N ILE C 176 -2.99 1.03 -9.30
CA ILE C 176 -2.80 2.43 -8.93
C ILE C 176 -3.93 3.30 -9.47
N LYS C 177 -4.34 3.10 -10.71
CA LYS C 177 -5.33 3.97 -11.30
C LYS C 177 -6.68 3.67 -10.82
N MET C 178 -7.02 2.42 -10.78
CA MET C 178 -8.36 1.99 -10.41
C MET C 178 -8.37 1.35 -9.03
N ASP C 179 -7.59 1.91 -8.10
CA ASP C 179 -7.56 1.39 -6.74
C ASP C 179 -8.90 1.46 -6.02
N PRO C 180 -9.71 2.52 -6.14
CA PRO C 180 -11.02 2.50 -5.48
C PRO C 180 -11.90 1.33 -5.91
N TYR C 181 -11.83 0.92 -7.18
CA TYR C 181 -12.60 -0.24 -7.60
C TYR C 181 -12.09 -1.52 -6.94
N ILE C 182 -10.77 -1.62 -6.76
CA ILE C 182 -10.21 -2.76 -6.05
C ILE C 182 -10.71 -2.80 -4.62
N LYS C 183 -10.71 -1.64 -3.94
CA LYS C 183 -11.20 -1.58 -2.57
C LYS C 183 -12.69 -1.93 -2.49
N ALA C 184 -13.48 -1.43 -3.44
CA ALA C 184 -14.91 -1.72 -3.44
C ALA C 184 -15.17 -3.21 -3.66
N LEU C 185 -14.44 -3.83 -4.59
CA LEU C 185 -14.61 -5.25 -4.82
C LEU C 185 -14.14 -6.07 -3.62
N SER C 186 -13.08 -5.62 -2.95
CA SER C 186 -12.63 -6.30 -1.74
C SER C 186 -13.69 -6.23 -0.64
N GLY C 187 -14.35 -5.07 -0.52
CA GLY C 187 -15.44 -4.96 0.44
C GLY C 187 -16.62 -5.83 0.09
N ASP C 188 -16.98 -5.90 -1.20
CA ASP C 188 -18.12 -6.70 -1.62
C ASP C 188 -17.84 -8.19 -1.50
N LEU C 189 -16.60 -8.62 -1.73
CA LEU C 189 -16.25 -10.03 -1.62
C LEU C 189 -16.29 -10.53 -0.18
N VAL C 190 -16.37 -9.64 0.80
CA VAL C 190 -16.49 -10.05 2.19
C VAL C 190 -17.83 -9.67 2.81
N SER C 191 -18.58 -8.74 2.21
CA SER C 191 -19.88 -8.36 2.75
C SER C 191 -21.05 -8.93 1.97
N LYS C 192 -20.82 -9.54 0.81
CA LYS C 192 -21.90 -10.07 -0.02
C LYS C 192 -21.52 -11.44 -0.55
N THR C 193 -22.55 -12.25 -0.84
CA THR C 193 -22.35 -13.56 -1.44
C THR C 193 -22.41 -13.43 -2.95
N PHE C 194 -21.32 -13.83 -3.62
CA PHE C 194 -21.17 -13.67 -5.06
C PHE C 194 -21.56 -14.94 -5.79
N LEU C 195 -22.07 -14.78 -7.01
CA LEU C 195 -22.30 -15.87 -7.94
C LEU C 195 -21.55 -15.56 -9.23
N PHE C 196 -20.41 -16.22 -9.41
CA PHE C 196 -19.55 -15.97 -10.58
C PHE C 196 -20.10 -16.76 -11.75
N VAL C 197 -20.78 -16.07 -12.67
CA VAL C 197 -21.36 -16.69 -13.86
C VAL C 197 -20.55 -16.26 -15.07
N GLY C 198 -20.19 -17.24 -15.90
CA GLY C 198 -19.46 -16.95 -17.13
C GLY C 198 -18.11 -16.32 -16.89
N PHE C 199 -17.40 -16.75 -15.85
CA PHE C 199 -16.09 -16.22 -15.50
C PHE C 199 -15.07 -17.36 -15.47
N SER C 200 -13.89 -17.10 -16.03
CA SER C 200 -12.86 -18.12 -16.16
C SER C 200 -11.84 -18.12 -15.03
N PHE C 201 -11.86 -17.09 -14.18
CA PHE C 201 -10.92 -16.99 -13.05
C PHE C 201 -9.47 -17.02 -13.51
N THR C 202 -9.20 -16.45 -14.67
CA THR C 202 -7.84 -16.25 -15.15
C THR C 202 -7.44 -14.79 -15.20
N ASP C 203 -8.31 -13.89 -14.75
CA ASP C 203 -8.03 -12.47 -14.82
C ASP C 203 -7.03 -12.09 -13.74
N PRO C 204 -5.91 -11.44 -14.09
CA PRO C 204 -4.92 -11.08 -13.06
C PRO C 204 -5.47 -10.16 -11.98
N ASN C 205 -6.37 -9.25 -12.32
CA ASN C 205 -6.95 -8.37 -11.31
C ASN C 205 -7.76 -9.18 -10.30
N LEU C 206 -8.57 -10.12 -10.76
CA LEU C 206 -9.35 -10.94 -9.84
C LEU C 206 -8.46 -11.83 -9.01
N ASP C 207 -7.38 -12.37 -9.60
CA ASP C 207 -6.44 -13.17 -8.83
C ASP C 207 -5.82 -12.34 -7.72
N TYR C 208 -5.40 -11.10 -8.03
CA TYR C 208 -4.80 -10.24 -7.02
C TYR C 208 -5.79 -9.90 -5.92
N ILE C 209 -7.03 -9.56 -6.29
CA ILE C 209 -8.02 -9.18 -5.29
C ILE C 209 -8.37 -10.36 -4.40
N LEU C 210 -8.58 -11.54 -5.00
CA LEU C 210 -8.92 -12.73 -4.22
C LEU C 210 -7.77 -13.14 -3.31
N SER C 211 -6.53 -13.04 -3.80
CA SER C 211 -5.39 -13.35 -2.95
C SER C 211 -5.29 -12.38 -1.78
N ARG C 212 -5.57 -11.10 -2.02
CA ARG C 212 -5.56 -10.12 -0.93
C ARG C 212 -6.65 -10.44 0.09
N VAL C 213 -7.84 -10.80 -0.38
CA VAL C 213 -8.93 -11.14 0.53
C VAL C 213 -8.57 -12.35 1.37
N ARG C 214 -8.01 -13.39 0.74
CA ARG C 214 -7.62 -14.59 1.47
C ARG C 214 -6.52 -14.28 2.48
N SER C 215 -5.54 -13.47 2.10
CA SER C 215 -4.48 -13.11 3.04
C SER C 215 -5.04 -12.31 4.21
N ALA C 216 -6.08 -11.51 3.97
CA ALA C 216 -6.66 -10.71 5.05
C ALA C 216 -7.52 -11.55 5.98
N TYR C 217 -8.25 -12.53 5.46
CA TYR C 217 -9.23 -13.26 6.25
C TYR C 217 -8.89 -14.73 6.49
N GLU C 218 -7.94 -15.29 5.73
CA GLU C 218 -7.48 -16.68 5.93
C GLU C 218 -8.68 -17.61 5.80
N ARG C 219 -8.97 -18.45 6.80
CA ARG C 219 -10.00 -19.48 6.66
C ARG C 219 -11.40 -18.98 6.96
N ASP C 220 -11.56 -17.71 7.35
CA ASP C 220 -12.86 -17.15 7.70
C ASP C 220 -13.48 -16.36 6.55
N GLN C 221 -13.13 -16.69 5.31
CA GLN C 221 -13.67 -15.99 4.16
C GLN C 221 -15.13 -16.37 3.94
N ARG C 222 -15.89 -15.41 3.40
CA ARG C 222 -17.28 -15.68 3.07
C ARG C 222 -17.37 -16.66 1.90
N ARG C 223 -18.44 -17.46 1.90
CA ARG C 223 -18.65 -18.46 0.86
C ARG C 223 -19.21 -17.80 -0.39
N HIS C 224 -18.55 -18.03 -1.52
CA HIS C 224 -19.02 -17.58 -2.82
C HIS C 224 -19.27 -18.79 -3.72
N TYR C 225 -20.15 -18.60 -4.69
CA TYR C 225 -20.56 -19.67 -5.60
C TYR C 225 -20.12 -19.34 -7.01
N CYS C 226 -19.84 -20.38 -7.79
CA CYS C 226 -19.37 -20.23 -9.16
C CYS C 226 -20.06 -21.26 -10.05
N LEU C 227 -20.16 -20.93 -11.33
CA LEU C 227 -20.75 -21.82 -12.32
C LEU C 227 -19.73 -22.02 -13.45
N ILE C 228 -19.26 -23.25 -13.61
CA ILE C 228 -18.27 -23.59 -14.63
C ILE C 228 -18.73 -24.85 -15.34
N LYS C 229 -18.70 -24.83 -16.68
CA LYS C 229 -19.07 -26.00 -17.46
C LYS C 229 -17.95 -27.03 -17.42
N LYS C 230 -18.33 -28.30 -17.26
CA LYS C 230 -17.36 -29.38 -17.32
C LYS C 230 -16.77 -29.48 -18.72
N GLU C 231 -15.52 -29.94 -18.79
CA GLU C 231 -14.86 -30.10 -20.07
C GLU C 231 -15.52 -31.22 -20.86
N GLU C 232 -15.77 -30.97 -22.15
CA GLU C 232 -16.33 -31.95 -23.05
C GLU C 232 -15.32 -32.29 -24.14
N ARG C 233 -15.36 -33.54 -24.58
CA ARG C 233 -14.39 -34.03 -25.55
C ARG C 233 -14.57 -33.31 -26.89
N ARG C 234 -13.47 -32.86 -27.47
CA ARG C 234 -13.50 -32.22 -28.77
C ARG C 234 -13.77 -33.26 -29.86
N PRO C 235 -14.23 -32.81 -31.03
CA PRO C 235 -14.60 -33.78 -32.08
C PRO C 235 -13.49 -34.75 -32.46
N ASP C 236 -12.24 -34.30 -32.48
CA ASP C 236 -11.10 -35.14 -32.82
C ASP C 236 -10.06 -35.00 -31.71
N GLU C 237 -10.10 -35.91 -30.74
CA GLU C 237 -9.17 -35.88 -29.63
C GLU C 237 -9.07 -37.26 -29.02
N LEU C 238 -7.87 -37.60 -28.55
CA LEU C 238 -7.64 -38.87 -27.89
C LEU C 238 -8.33 -38.89 -26.52
N GLU C 239 -8.59 -40.10 -26.03
CA GLU C 239 -9.20 -40.23 -24.71
C GLU C 239 -8.27 -39.72 -23.62
N ALA C 240 -6.98 -40.04 -23.73
CA ALA C 240 -6.04 -39.68 -22.68
C ALA C 240 -5.92 -38.17 -22.50
N ASP C 241 -5.89 -37.42 -23.60
CA ASP C 241 -5.81 -35.97 -23.49
C ASP C 241 -7.09 -35.37 -22.93
N PHE C 242 -8.24 -35.97 -23.26
CA PHE C 242 -9.49 -35.51 -22.66
C PHE C 242 -9.49 -35.76 -21.15
N GLU C 243 -9.02 -36.93 -20.72
CA GLU C 243 -8.93 -37.18 -19.29
C GLU C 243 -7.95 -36.25 -18.61
N TYR C 244 -6.85 -35.91 -19.29
CA TYR C 244 -5.91 -34.93 -18.76
C TYR C 244 -6.57 -33.56 -18.59
N ARG C 245 -7.37 -33.16 -19.58
CA ARG C 245 -8.09 -31.88 -19.46
C ARG C 245 -9.07 -31.91 -18.30
N VAL C 246 -9.78 -33.02 -18.14
CA VAL C 246 -10.74 -33.13 -17.04
C VAL C 246 -10.01 -33.07 -15.70
N ARG C 247 -8.86 -33.74 -15.59
CA ARG C 247 -8.09 -33.71 -14.35
C ARG C 247 -7.59 -32.30 -14.05
N LYS C 248 -7.22 -31.59 -15.16
CA LYS C 248 -6.71 -30.27 -14.96
C LYS C 248 -7.84 -29.40 -14.53
N GLN C 249 -9.00 -29.54 -15.03
CA GLN C 249 -10.17 -28.74 -14.63
C GLN C 249 -10.58 -29.05 -13.19
N GLU C 250 -10.49 -30.32 -12.79
CA GLU C 250 -10.80 -30.67 -11.40
C GLU C 250 -9.83 -30.00 -10.44
N LEU C 251 -8.53 -30.01 -10.78
CA LEU C 251 -7.55 -29.32 -9.96
C LEU C 251 -7.83 -27.83 -9.89
N PHE C 252 -8.20 -27.22 -11.02
CA PHE C 252 -8.52 -25.81 -11.03
C PHE C 252 -9.73 -25.50 -10.16
N ILE C 253 -10.76 -26.35 -10.22
CA ILE C 253 -11.95 -26.17 -9.41
C ILE C 253 -11.61 -26.28 -7.93
N SER C 254 -10.78 -27.27 -7.57
CA SER C 254 -10.37 -27.41 -6.18
C SER C 254 -9.55 -26.21 -5.73
N ASP C 255 -8.69 -25.69 -6.59
CA ASP C 255 -7.90 -24.51 -6.26
C ASP C 255 -8.78 -23.28 -6.08
N LEU C 256 -9.91 -23.23 -6.79
CA LEU C 256 -10.84 -22.11 -6.61
C LEU C 256 -11.40 -22.10 -5.18
N SER C 257 -11.69 -23.26 -4.62
CA SER C 257 -12.23 -23.34 -3.27
C SER C 257 -11.21 -22.91 -2.22
N ARG C 258 -9.99 -22.58 -2.57
CA ARG C 258 -8.96 -22.09 -1.61
C ARG C 258 -9.35 -20.78 -1.18
N PHE C 259 -10.00 -20.06 -2.04
CA PHE C 259 -10.58 -18.78 -1.66
C PHE C 259 -12.03 -18.92 -1.21
N ASN C 260 -12.46 -20.14 -0.88
CA ASN C 260 -13.83 -20.43 -0.45
C ASN C 260 -14.84 -20.03 -1.53
N ILE C 261 -14.56 -20.40 -2.77
CA ILE C 261 -15.47 -20.20 -3.89
C ILE C 261 -15.92 -21.58 -4.34
N LYS C 262 -17.12 -21.99 -3.91
CA LYS C 262 -17.64 -23.29 -4.29
C LYS C 262 -18.06 -23.27 -5.76
N THR C 263 -17.59 -24.25 -6.52
CA THR C 263 -17.83 -24.32 -7.95
C THR C 263 -18.88 -25.39 -8.25
N ILE C 264 -19.88 -25.02 -9.04
CA ILE C 264 -20.92 -25.94 -9.46
C ILE C 264 -20.61 -26.38 -10.87
N VAL C 265 -20.45 -27.69 -11.08
CA VAL C 265 -20.14 -28.23 -12.40
C VAL C 265 -21.42 -28.31 -13.20
N LEU C 266 -21.43 -27.70 -14.38
CA LEU C 266 -22.60 -27.67 -15.24
C LEU C 266 -22.31 -28.45 -16.51
N ASN C 267 -23.20 -29.40 -16.83
CA ASN C 267 -23.00 -30.22 -18.02
C ASN C 267 -23.07 -29.39 -19.29
N ASN C 268 -24.04 -28.47 -19.37
CA ASN C 268 -24.25 -27.65 -20.55
C ASN C 268 -24.28 -26.18 -20.17
N TYR C 269 -24.04 -25.33 -21.17
CA TYR C 269 -24.20 -23.89 -20.96
C TYR C 269 -25.67 -23.54 -20.72
N ASN C 270 -26.58 -24.27 -21.37
CA ASN C 270 -28.00 -24.01 -21.20
C ASN C 270 -28.51 -24.39 -19.82
N GLU C 271 -27.71 -25.09 -19.01
CA GLU C 271 -28.12 -25.37 -17.64
C GLU C 271 -28.06 -24.12 -16.76
N ILE C 272 -27.32 -23.09 -17.20
CA ILE C 272 -27.29 -21.85 -16.46
C ILE C 272 -28.67 -21.20 -16.45
N THR C 273 -29.33 -21.20 -17.60
CA THR C 273 -30.68 -20.65 -17.67
C THR C 273 -31.64 -21.47 -16.82
N GLU C 274 -31.40 -22.77 -16.71
CA GLU C 274 -32.31 -23.59 -15.96
C GLU C 274 -32.08 -23.39 -14.52
N ILE C 275 -30.88 -23.09 -14.11
CA ILE C 275 -30.60 -22.78 -12.72
C ILE C 275 -31.19 -21.44 -12.34
N LEU C 276 -31.03 -20.45 -13.21
CA LEU C 276 -31.55 -19.11 -12.92
C LEU C 276 -33.08 -19.12 -12.86
N GLN C 277 -33.72 -19.89 -13.74
CA GLN C 277 -35.17 -20.01 -13.70
C GLN C 277 -35.63 -20.61 -12.38
N ARG C 278 -34.91 -21.64 -11.90
CA ARG C 278 -35.23 -22.24 -10.61
C ARG C 278 -35.05 -21.24 -9.48
N ILE C 279 -33.97 -20.46 -9.53
CA ILE C 279 -33.72 -19.47 -8.49
C ILE C 279 -34.81 -18.42 -8.46
N GLU C 280 -35.26 -17.97 -9.63
CA GLU C 280 -36.35 -17.00 -9.67
C GLU C 280 -37.67 -17.63 -9.22
N ASN C 281 -37.92 -18.87 -9.63
CA ASN C 281 -39.17 -19.54 -9.27
C ASN C 281 -39.29 -19.76 -7.78
N ASN C 282 -38.19 -20.10 -7.10
CA ASN C 282 -38.22 -20.22 -5.65
C ASN C 282 -38.46 -18.87 -4.98
N ILE C 283 -38.23 -17.77 -5.68
CA ILE C 283 -38.51 -16.44 -5.15
C ILE C 283 -39.87 -15.94 -5.64
N LYS C 284 -40.18 -16.16 -6.92
CA LYS C 284 -41.44 -15.70 -7.48
C LYS C 284 -42.62 -16.38 -6.81
N THR C 285 -42.53 -17.68 -6.57
CA THR C 285 -43.64 -18.43 -6.00
C THR C 285 -43.74 -18.29 -4.49
N LYS C 286 -42.83 -17.54 -3.85
CA LYS C 286 -42.93 -17.33 -2.41
C LYS C 286 -44.15 -16.51 -2.02
N THR C 287 -44.79 -15.83 -2.97
CA THR C 287 -45.97 -15.02 -2.70
C THR C 287 -47.17 -15.68 -3.36
N VAL C 288 -48.24 -15.86 -2.59
CA VAL C 288 -49.46 -16.50 -3.08
C VAL C 288 -50.56 -15.46 -3.17
N PHE C 289 -51.56 -15.75 -4.00
CA PHE C 289 -52.70 -14.86 -4.19
C PHE C 289 -53.96 -15.63 -3.83
N LEU C 290 -54.53 -15.33 -2.65
CA LEU C 290 -55.74 -15.99 -2.18
C LEU C 290 -56.94 -15.32 -2.84
N SER C 291 -57.43 -15.94 -3.91
CA SER C 291 -58.58 -15.42 -4.63
C SER C 291 -59.84 -16.16 -4.20
N GLY C 292 -60.94 -15.43 -4.18
CA GLY C 292 -62.22 -16.04 -3.84
C GLY C 292 -63.19 -15.01 -3.32
N SER C 293 -64.46 -15.43 -3.26
CA SER C 293 -65.55 -14.61 -2.76
C SER C 293 -66.73 -15.54 -2.53
N ALA C 294 -67.35 -15.44 -1.36
CA ALA C 294 -68.37 -16.41 -1.00
C ALA C 294 -69.49 -15.78 -0.20
N VAL C 295 -70.73 -16.05 -0.63
CA VAL C 295 -71.90 -15.86 0.21
C VAL C 295 -72.50 -17.19 0.63
N GLU C 296 -72.24 -18.27 -0.10
CA GLU C 296 -72.54 -19.62 0.32
C GLU C 296 -71.23 -20.40 0.39
N TYR C 297 -71.19 -21.41 1.25
CA TYR C 297 -69.95 -22.13 1.51
C TYR C 297 -70.14 -23.62 1.25
N ASN C 298 -70.93 -23.96 0.23
CA ASN C 298 -71.09 -25.33 -0.23
C ASN C 298 -71.48 -26.30 0.89
N HIS C 299 -70.79 -27.43 0.95
CA HIS C 299 -71.14 -28.47 1.91
C HIS C 299 -70.96 -27.98 3.35
N TRP C 300 -69.89 -27.26 3.63
CA TRP C 300 -69.63 -26.78 4.97
C TRP C 300 -70.60 -25.66 5.34
N GLU C 301 -70.75 -25.43 6.64
CA GLU C 301 -71.50 -24.31 7.17
C GLU C 301 -70.63 -23.06 7.08
N THR C 302 -71.27 -21.90 7.29
CA THR C 302 -70.53 -20.65 7.20
C THR C 302 -69.41 -20.59 8.23
N GLU C 303 -69.70 -21.00 9.48
CA GLU C 303 -68.67 -20.99 10.51
C GLU C 303 -67.54 -21.97 10.19
N HIS C 304 -67.89 -23.16 9.72
CA HIS C 304 -66.86 -24.16 9.42
C HIS C 304 -65.96 -23.69 8.29
N ALA C 305 -66.54 -23.11 7.24
CA ALA C 305 -65.73 -22.61 6.13
C ALA C 305 -64.91 -21.39 6.52
N GLU C 306 -65.46 -20.54 7.40
CA GLU C 306 -64.67 -19.43 7.92
C GLU C 306 -63.46 -19.93 8.68
N GLN C 307 -63.64 -20.97 9.51
CA GLN C 307 -62.52 -21.57 10.20
C GLN C 307 -61.54 -22.18 9.20
N PHE C 308 -62.04 -22.79 8.14
CA PHE C 308 -61.15 -23.37 7.13
C PHE C 308 -60.27 -22.29 6.50
N ILE C 309 -60.88 -21.19 6.06
CA ILE C 309 -60.10 -20.13 5.43
C ILE C 309 -59.13 -19.51 6.42
N HIS C 310 -59.58 -19.29 7.65
CA HIS C 310 -58.72 -18.74 8.69
C HIS C 310 -57.49 -19.62 8.91
N GLN C 311 -57.70 -20.92 9.07
CA GLN C 311 -56.58 -21.83 9.31
C GLN C 311 -55.70 -21.98 8.08
N LEU C 312 -56.28 -21.92 6.88
CA LEU C 312 -55.47 -21.97 5.67
C LEU C 312 -54.52 -20.78 5.59
N SER C 313 -55.03 -19.58 5.87
CA SER C 313 -54.17 -18.41 5.86
C SER C 313 -53.13 -18.48 6.97
N LYS C 314 -53.52 -18.99 8.15
CA LYS C 314 -52.57 -19.12 9.25
C LYS C 314 -51.44 -20.08 8.88
N GLU C 315 -51.78 -21.20 8.25
CA GLU C 315 -50.76 -22.16 7.81
C GLU C 315 -49.88 -21.55 6.73
N LEU C 316 -50.47 -20.83 5.79
CA LEU C 316 -49.67 -20.22 4.72
C LEU C 316 -48.67 -19.23 5.28
N ILE C 317 -49.10 -18.38 6.22
CA ILE C 317 -48.17 -17.43 6.82
C ILE C 317 -47.13 -18.16 7.67
N ARG C 318 -47.55 -19.23 8.36
CA ARG C 318 -46.63 -19.97 9.20
C ARG C 318 -45.50 -20.62 8.39
N LYS C 319 -45.77 -20.95 7.12
CA LYS C 319 -44.78 -21.55 6.24
C LYS C 319 -43.99 -20.51 5.44
N ASP C 320 -43.88 -19.29 5.96
CA ASP C 320 -43.07 -18.23 5.34
C ASP C 320 -43.53 -17.90 3.93
N PHE C 321 -44.86 -17.80 3.74
CA PHE C 321 -45.43 -17.35 2.50
C PHE C 321 -45.97 -15.93 2.66
N ASN C 322 -46.07 -15.23 1.54
CA ASN C 322 -46.62 -13.88 1.49
C ASN C 322 -48.01 -13.95 0.88
N ILE C 323 -49.01 -13.45 1.60
CA ILE C 323 -50.40 -13.51 1.17
C ILE C 323 -50.78 -12.15 0.60
N VAL C 324 -51.23 -12.14 -0.66
CA VAL C 324 -51.80 -10.96 -1.28
C VAL C 324 -53.29 -11.23 -1.49
N SER C 325 -54.14 -10.42 -0.87
CA SER C 325 -55.57 -10.62 -0.91
C SER C 325 -56.25 -9.37 -1.43
N GLY C 326 -57.23 -9.55 -2.31
CA GLY C 326 -58.04 -8.45 -2.79
C GLY C 326 -59.17 -8.06 -1.87
N PHE C 327 -59.19 -8.60 -0.66
CA PHE C 327 -60.24 -8.34 0.32
C PHE C 327 -61.62 -8.67 -0.26
N GLY C 328 -61.70 -9.83 -0.89
CA GLY C 328 -62.96 -10.27 -1.46
C GLY C 328 -63.99 -10.59 -0.40
N LEU C 329 -65.26 -10.45 -0.77
CA LEU C 329 -66.34 -10.67 0.17
C LEU C 329 -66.46 -12.14 0.52
N GLY C 330 -66.19 -12.49 1.77
CA GLY C 330 -66.35 -13.82 2.28
C GLY C 330 -65.05 -14.57 2.55
N VAL C 331 -63.94 -14.14 1.96
CA VAL C 331 -62.67 -14.80 2.23
C VAL C 331 -61.64 -13.81 2.72
N GLY C 332 -61.79 -12.54 2.34
CA GLY C 332 -60.78 -11.55 2.69
C GLY C 332 -60.69 -11.30 4.18
N SER C 333 -61.83 -11.18 4.85
CA SER C 333 -61.84 -10.94 6.29
C SER C 333 -61.22 -12.11 7.04
N PHE C 334 -61.54 -13.34 6.63
CA PHE C 334 -61.00 -14.50 7.33
C PHE C 334 -59.52 -14.70 7.02
N VAL C 335 -59.08 -14.36 5.82
CA VAL C 335 -57.66 -14.36 5.53
C VAL C 335 -56.93 -13.36 6.43
N ILE C 336 -57.51 -12.16 6.59
CA ILE C 336 -56.91 -11.17 7.49
C ILE C 336 -56.86 -11.72 8.90
N ASN C 337 -57.93 -12.36 9.36
CA ASN C 337 -57.97 -12.88 10.72
C ASN C 337 -56.88 -13.93 10.92
N GLY C 338 -56.72 -14.83 9.96
CA GLY C 338 -55.69 -15.85 10.09
C GLY C 338 -54.30 -15.26 10.10
N VAL C 339 -54.03 -14.30 9.20
CA VAL C 339 -52.72 -13.68 9.14
C VAL C 339 -52.41 -12.94 10.43
N LEU C 340 -53.39 -12.20 10.96
CA LEU C 340 -53.17 -11.48 12.20
C LEU C 340 -52.93 -12.43 13.37
N GLU C 341 -53.70 -13.51 13.44
CA GLU C 341 -53.52 -14.47 14.52
C GLU C 341 -52.14 -15.11 14.48
N GLU C 342 -51.66 -15.41 13.27
CA GLU C 342 -50.33 -16.00 13.17
C GLU C 342 -49.23 -14.98 13.49
N LEU C 343 -49.38 -13.75 13.00
CA LEU C 343 -48.30 -12.77 13.15
C LEU C 343 -48.21 -12.24 14.57
N TYR C 344 -49.35 -11.94 15.20
CA TYR C 344 -49.34 -11.35 16.53
C TYR C 344 -48.95 -12.33 17.62
N MET C 345 -48.87 -13.63 17.31
CA MET C 345 -48.48 -14.63 18.28
C MET C 345 -46.97 -14.68 18.45
N THR C 349 -46.66 -5.95 15.26
CA THR C 349 -46.82 -5.17 14.05
C THR C 349 -46.99 -6.07 12.83
N ILE C 350 -47.32 -5.47 11.69
CA ILE C 350 -47.53 -6.21 10.45
C ILE C 350 -46.46 -5.75 9.45
N ASP C 351 -45.65 -6.70 8.99
CA ASP C 351 -44.69 -6.40 7.93
C ASP C 351 -45.43 -6.18 6.62
N ASP C 352 -44.95 -5.21 5.84
CA ASP C 352 -45.59 -4.90 4.56
C ASP C 352 -45.43 -6.03 3.55
N ASP C 353 -44.53 -6.99 3.80
CA ASP C 353 -44.31 -8.08 2.88
C ASP C 353 -45.13 -9.32 3.21
N ARG C 354 -45.59 -9.48 4.44
CA ARG C 354 -46.31 -10.69 4.82
C ARG C 354 -47.75 -10.65 4.34
N LEU C 355 -48.48 -9.60 4.70
CA LEU C 355 -49.87 -9.43 4.28
C LEU C 355 -50.00 -8.14 3.48
N ILE C 356 -50.54 -8.26 2.28
CA ILE C 356 -50.74 -7.13 1.39
C ILE C 356 -52.23 -7.07 1.05
N LEU C 357 -52.89 -6.02 1.50
CA LEU C 357 -54.32 -5.85 1.29
C LEU C 357 -54.57 -4.84 0.19
N ARG C 358 -55.41 -5.22 -0.77
CA ARG C 358 -55.80 -4.34 -1.88
C ARG C 358 -57.31 -4.39 -2.03
N PRO C 359 -58.06 -3.76 -1.13
CA PRO C 359 -59.52 -3.73 -1.27
C PRO C 359 -59.93 -3.04 -2.56
N PHE C 360 -60.97 -3.55 -3.19
CA PHE C 360 -61.41 -3.01 -4.46
C PHE C 360 -62.32 -1.80 -4.24
N PRO C 361 -62.02 -0.65 -4.83
CA PRO C 361 -62.88 0.53 -4.64
C PRO C 361 -64.28 0.26 -5.16
N GLN C 362 -65.27 0.53 -4.32
CA GLN C 362 -66.67 0.30 -4.65
C GLN C 362 -67.27 1.58 -5.23
N GLY C 363 -67.90 1.45 -6.39
CA GLY C 363 -68.45 2.59 -7.11
C GLY C 363 -68.13 2.53 -8.59
N LYS C 364 -68.94 3.20 -9.41
CA LYS C 364 -68.74 3.15 -10.86
C LYS C 364 -67.42 3.79 -11.28
N LYS C 365 -66.84 4.65 -10.44
CA LYS C 365 -65.55 5.25 -10.77
C LYS C 365 -64.41 4.25 -10.60
N GLY C 366 -64.50 3.39 -9.58
CA GLY C 366 -63.45 2.41 -9.34
C GLY C 366 -63.53 1.18 -10.23
N GLU C 367 -64.71 0.85 -10.74
CA GLU C 367 -64.84 -0.32 -11.59
C GLU C 367 -64.04 -0.18 -12.87
N GLU C 368 -63.85 1.05 -13.34
CA GLU C 368 -63.09 1.26 -14.56
C GLU C 368 -61.61 0.96 -14.36
N GLN C 369 -61.10 1.19 -13.15
CA GLN C 369 -59.72 0.87 -12.82
C GLN C 369 -59.56 -0.50 -12.17
N TRP C 370 -60.67 -1.19 -11.92
CA TRP C 370 -60.62 -2.52 -11.32
C TRP C 370 -59.70 -3.47 -12.08
N ASP C 371 -59.73 -3.43 -13.41
CA ASP C 371 -58.94 -4.38 -14.19
C ASP C 371 -57.44 -4.16 -13.98
N LYS C 372 -56.98 -2.93 -14.09
CA LYS C 372 -55.55 -2.67 -13.87
C LYS C 372 -55.17 -2.89 -12.41
N TYR C 373 -56.11 -2.67 -11.50
CA TYR C 373 -55.86 -2.90 -10.09
C TYR C 373 -55.63 -4.36 -9.88
N ARG C 374 -56.44 -5.20 -10.51
CA ARG C 374 -56.34 -6.65 -10.34
C ARG C 374 -55.11 -7.19 -11.00
N ARG C 375 -54.74 -6.65 -12.14
CA ARG C 375 -53.49 -7.07 -12.77
C ARG C 375 -52.29 -6.68 -11.92
N ASP C 376 -52.33 -5.50 -11.30
CA ASP C 376 -51.26 -5.08 -10.41
C ASP C 376 -51.14 -6.01 -9.21
N MET C 377 -52.28 -6.38 -8.62
CA MET C 377 -52.27 -7.32 -7.51
C MET C 377 -51.64 -8.65 -7.91
N ILE C 378 -52.14 -9.23 -9.00
CA ILE C 378 -51.69 -10.56 -9.38
C ILE C 378 -50.24 -10.56 -9.81
N THR C 379 -49.79 -9.46 -10.43
CA THR C 379 -48.38 -9.37 -10.84
C THR C 379 -47.44 -9.47 -9.65
N ARG C 380 -47.89 -9.05 -8.46
CA ARG C 380 -47.06 -9.12 -7.27
C ARG C 380 -46.84 -10.55 -6.79
N THR C 381 -47.65 -11.50 -7.25
CA THR C 381 -47.66 -12.86 -6.71
C THR C 381 -47.03 -13.83 -7.71
N GLY C 382 -46.84 -15.07 -7.25
CA GLY C 382 -46.32 -16.13 -8.08
C GLY C 382 -47.25 -17.33 -8.21
N VAL C 383 -48.06 -17.57 -7.18
CA VAL C 383 -48.99 -18.69 -7.13
C VAL C 383 -50.37 -18.16 -6.80
N SER C 384 -51.40 -18.70 -7.44
CA SER C 384 -52.77 -18.27 -7.21
C SER C 384 -53.59 -19.45 -6.69
N ILE C 385 -54.29 -19.23 -5.57
CA ILE C 385 -55.15 -20.22 -4.95
C ILE C 385 -56.57 -19.67 -4.94
N PHE C 386 -57.52 -20.49 -5.40
CA PHE C 386 -58.89 -20.04 -5.63
C PHE C 386 -59.84 -20.81 -4.73
N LEU C 387 -60.68 -20.08 -4.01
CA LEU C 387 -61.64 -20.66 -3.08
C LEU C 387 -63.04 -20.19 -3.43
N TYR C 388 -63.97 -21.14 -3.54
CA TYR C 388 -65.38 -20.84 -3.82
C TYR C 388 -65.52 -19.96 -5.05
N GLY C 389 -66.14 -18.79 -4.91
CA GLY C 389 -66.26 -17.89 -6.04
C GLY C 389 -67.68 -17.58 -6.47
N ASN C 390 -68.61 -17.55 -5.52
CA ASN C 390 -69.98 -17.12 -5.81
C ASN C 390 -70.25 -15.76 -5.19
N LYS C 391 -71.23 -15.06 -5.63
CA LYS C 391 -71.57 -13.75 -5.10
C LYS C 391 -73.05 -13.55 -5.24
N ILE C 392 -73.65 -12.78 -4.39
CA ILE C 392 -75.08 -12.50 -4.35
C ILE C 392 -75.40 -11.43 -5.38
N ASP C 393 -76.30 -11.74 -6.31
CA ASP C 393 -76.68 -10.82 -7.35
C ASP C 393 -78.15 -11.05 -7.70
N LYS C 394 -78.91 -9.96 -7.79
CA LYS C 394 -80.35 -10.01 -8.08
C LYS C 394 -81.08 -10.92 -7.09
N GLY C 395 -80.64 -10.91 -5.84
CA GLY C 395 -81.25 -11.74 -4.83
C GLY C 395 -80.93 -13.22 -4.93
N GLN C 396 -79.99 -13.60 -5.80
CA GLN C 396 -79.64 -14.99 -6.02
C GLN C 396 -78.14 -15.17 -5.94
N VAL C 397 -77.71 -16.39 -5.64
CA VAL C 397 -76.30 -16.71 -5.47
C VAL C 397 -75.75 -17.06 -6.86
N VAL C 398 -75.32 -16.03 -7.58
CA VAL C 398 -74.74 -16.21 -8.91
C VAL C 398 -73.27 -16.58 -8.78
N LYS C 399 -72.67 -17.04 -9.87
CA LYS C 399 -71.24 -17.32 -9.88
C LYS C 399 -70.46 -16.05 -10.14
N ALA C 400 -69.45 -15.80 -9.31
CA ALA C 400 -68.70 -14.55 -9.38
C ALA C 400 -67.67 -14.61 -10.49
N LYS C 401 -67.80 -13.71 -11.47
CA LYS C 401 -66.89 -13.71 -12.61
C LYS C 401 -65.52 -13.11 -12.29
N GLY C 402 -65.38 -12.42 -11.15
CA GLY C 402 -64.09 -11.88 -10.79
C GLY C 402 -63.06 -12.95 -10.48
N VAL C 403 -63.50 -14.05 -9.88
CA VAL C 403 -62.58 -15.16 -9.64
C VAL C 403 -62.08 -15.73 -10.96
N GLN C 404 -62.98 -15.88 -11.94
CA GLN C 404 -62.58 -16.35 -13.26
C GLN C 404 -61.62 -15.36 -13.91
N SER C 405 -61.88 -14.06 -13.75
CA SER C 405 -60.99 -13.05 -14.32
C SER C 405 -59.61 -13.12 -13.67
N GLU C 406 -59.56 -13.34 -12.37
CA GLU C 406 -58.28 -13.48 -11.71
C GLU C 406 -57.58 -14.71 -12.22
N PHE C 407 -58.29 -15.81 -12.34
CA PHE C 407 -57.69 -17.02 -12.88
C PHE C 407 -57.09 -16.77 -14.26
N ASN C 408 -57.83 -16.08 -15.12
CA ASN C 408 -57.33 -15.79 -16.46
C ASN C 408 -56.10 -14.89 -16.41
N ILE C 409 -56.10 -13.89 -15.53
CA ILE C 409 -54.96 -12.99 -15.43
C ILE C 409 -53.74 -13.74 -14.91
N SER C 410 -53.92 -14.59 -13.89
CA SER C 410 -52.80 -15.37 -13.37
C SER C 410 -52.25 -16.32 -14.42
N PHE C 411 -53.15 -16.96 -15.19
CA PHE C 411 -52.70 -17.87 -16.24
C PHE C 411 -51.96 -17.13 -17.33
N GLU C 412 -52.40 -15.91 -17.67
CA GLU C 412 -51.68 -15.10 -18.64
C GLU C 412 -50.28 -14.76 -18.17
N GLN C 413 -50.07 -14.71 -16.86
CA GLN C 413 -48.77 -14.36 -16.28
C GLN C 413 -47.92 -15.59 -15.97
N ASN C 414 -48.34 -16.77 -16.43
CA ASN C 414 -47.63 -18.03 -16.16
C ASN C 414 -47.53 -18.32 -14.67
N ASN C 415 -48.50 -17.83 -13.90
CA ASN C 415 -48.58 -18.18 -12.49
C ASN C 415 -49.16 -19.57 -12.31
N TYR C 416 -48.69 -20.27 -11.28
CA TYR C 416 -49.25 -21.56 -10.94
C TYR C 416 -50.64 -21.36 -10.35
N VAL C 417 -51.64 -22.03 -10.93
CA VAL C 417 -53.02 -21.92 -10.48
C VAL C 417 -53.36 -23.14 -9.65
N VAL C 418 -53.93 -22.91 -8.48
CA VAL C 418 -54.34 -24.00 -7.59
C VAL C 418 -55.82 -23.83 -7.26
N PRO C 419 -56.73 -24.26 -8.13
CA PRO C 419 -58.15 -24.14 -7.82
C PRO C 419 -58.62 -25.18 -6.82
N VAL C 420 -59.04 -24.74 -5.63
CA VAL C 420 -59.50 -25.63 -4.58
C VAL C 420 -60.92 -26.06 -4.97
N GLY C 421 -61.04 -27.23 -5.58
CA GLY C 421 -62.35 -27.69 -6.04
C GLY C 421 -63.28 -28.16 -4.96
N ALA C 422 -62.76 -28.47 -3.77
CA ALA C 422 -63.62 -28.86 -2.66
C ALA C 422 -64.50 -27.71 -2.20
N THR C 423 -64.05 -26.47 -2.39
CA THR C 423 -64.87 -25.33 -2.00
C THR C 423 -66.12 -25.22 -2.88
N GLY C 424 -66.00 -25.57 -4.15
CA GLY C 424 -67.15 -25.61 -5.03
C GLY C 424 -67.35 -24.31 -5.79
N TYR C 425 -68.48 -24.28 -6.51
CA TYR C 425 -68.92 -23.13 -7.30
C TYR C 425 -67.98 -22.88 -8.48
N ILE C 426 -67.42 -21.68 -8.61
CA ILE C 426 -66.60 -21.38 -9.77
C ILE C 426 -65.23 -22.00 -9.59
N ALA C 427 -64.87 -22.31 -8.35
CA ALA C 427 -63.63 -23.02 -8.07
C ALA C 427 -63.68 -24.47 -8.53
N LYS C 428 -64.83 -25.11 -8.45
CA LYS C 428 -64.97 -26.45 -9.00
C LYS C 428 -64.84 -26.43 -10.53
N ASP C 429 -65.44 -25.43 -11.18
CA ASP C 429 -65.29 -25.30 -12.63
C ASP C 429 -63.85 -25.04 -13.01
N LEU C 430 -63.15 -24.20 -12.26
CA LEU C 430 -61.73 -23.96 -12.50
C LEU C 430 -60.94 -25.26 -12.33
N TRP C 431 -61.25 -26.03 -11.29
CA TRP C 431 -60.55 -27.28 -11.08
C TRP C 431 -60.76 -28.24 -12.24
N ASN C 432 -62.01 -28.34 -12.73
CA ASN C 432 -62.28 -29.20 -13.87
C ASN C 432 -61.56 -28.71 -15.12
N LYS C 433 -61.52 -27.39 -15.33
CA LYS C 433 -60.84 -26.84 -16.49
C LYS C 433 -59.36 -27.15 -16.47
N VAL C 434 -58.72 -27.01 -15.31
CA VAL C 434 -57.31 -27.35 -15.20
C VAL C 434 -57.09 -28.85 -15.36
N ASN C 435 -58.03 -29.65 -14.87
CA ASN C 435 -57.87 -31.11 -14.92
C ASN C 435 -58.02 -31.65 -16.33
N GLU C 436 -58.87 -31.02 -17.16
CA GLU C 436 -59.09 -31.54 -18.50
C GLU C 436 -57.81 -31.51 -19.33
N GLU C 437 -57.05 -30.43 -19.25
CA GLU C 437 -55.77 -30.30 -19.94
C GLU C 437 -54.72 -30.00 -18.88
N PHE C 438 -54.19 -31.05 -18.25
CA PHE C 438 -53.30 -30.86 -17.12
C PHE C 438 -51.90 -30.44 -17.56
N GLU C 439 -51.44 -30.88 -18.73
CA GLU C 439 -50.12 -30.49 -19.20
C GLU C 439 -50.06 -29.01 -19.56
N THR C 440 -51.20 -28.41 -19.92
CA THR C 440 -51.22 -26.99 -20.26
C THR C 440 -50.89 -26.13 -19.05
N TYR C 441 -51.45 -26.46 -17.89
CA TYR C 441 -51.27 -25.64 -16.70
C TYR C 441 -50.13 -26.12 -15.82
N TYR C 442 -49.88 -27.43 -15.77
CA TYR C 442 -48.81 -28.01 -14.95
C TYR C 442 -47.97 -28.94 -15.81
N PRO C 443 -47.10 -28.39 -16.67
CA PRO C 443 -46.26 -29.24 -17.49
C PRO C 443 -45.26 -30.03 -16.66
N GLY C 444 -44.97 -31.25 -17.12
CA GLY C 444 -43.99 -32.08 -16.47
C GLY C 444 -44.32 -32.43 -15.03
N ALA C 445 -45.58 -32.75 -14.76
CA ALA C 445 -45.99 -33.08 -13.41
C ALA C 445 -45.60 -34.51 -13.05
N ASP C 446 -45.58 -34.79 -11.75
CA ASP C 446 -45.25 -36.09 -11.22
C ASP C 446 -46.51 -36.78 -10.70
N ALA C 447 -46.34 -38.02 -10.22
CA ALA C 447 -47.46 -38.75 -9.66
C ALA C 447 -47.98 -38.08 -8.39
N ARG C 448 -47.07 -37.58 -7.55
CA ARG C 448 -47.48 -36.92 -6.31
C ARG C 448 -48.29 -35.67 -6.60
N MET C 449 -47.85 -34.87 -7.58
CA MET C 449 -48.58 -33.66 -7.93
C MET C 449 -49.97 -33.98 -8.45
N LYS C 450 -50.09 -35.01 -9.30
CA LYS C 450 -51.39 -35.40 -9.81
C LYS C 450 -52.29 -35.90 -8.69
N LYS C 451 -51.74 -36.67 -7.74
CA LYS C 451 -52.53 -37.14 -6.62
C LYS C 451 -53.03 -35.98 -5.76
N LEU C 452 -52.15 -35.02 -5.49
CA LEU C 452 -52.56 -33.85 -4.71
C LEU C 452 -53.63 -33.05 -5.43
N PHE C 453 -53.47 -32.87 -6.74
CA PHE C 453 -54.47 -32.12 -7.51
C PHE C 453 -55.81 -32.84 -7.51
N GLY C 454 -55.80 -34.17 -7.66
CA GLY C 454 -57.04 -34.92 -7.60
C GLY C 454 -57.63 -34.95 -6.21
N GLU C 455 -56.81 -34.71 -5.18
CA GLU C 455 -57.32 -34.63 -3.82
C GLU C 455 -57.89 -33.26 -3.50
N LEU C 456 -57.59 -32.24 -4.31
CA LEU C 456 -58.17 -30.92 -4.10
C LEU C 456 -59.67 -30.91 -4.29
N ASN C 457 -60.22 -31.85 -5.05
CA ASN C 457 -61.64 -31.96 -5.29
C ASN C 457 -62.29 -33.04 -4.43
N ASN C 458 -61.56 -33.60 -3.48
CA ASN C 458 -62.08 -34.63 -2.58
C ASN C 458 -62.93 -33.93 -1.52
N GLU C 459 -64.23 -33.82 -1.77
CA GLU C 459 -65.12 -33.07 -0.88
C GLU C 459 -65.30 -33.75 0.47
N ALA C 460 -64.90 -35.01 0.62
CA ALA C 460 -65.02 -35.70 1.90
C ALA C 460 -63.90 -35.36 2.86
N LEU C 461 -62.90 -34.61 2.43
CA LEU C 461 -61.80 -34.22 3.31
C LEU C 461 -62.28 -33.24 4.37
N SER C 462 -61.67 -33.33 5.55
CA SER C 462 -61.93 -32.38 6.62
C SER C 462 -61.16 -31.09 6.36
N ILE C 463 -61.25 -30.15 7.30
CA ILE C 463 -60.55 -28.88 7.16
C ILE C 463 -59.04 -29.11 7.18
N GLU C 464 -58.57 -29.87 8.18
CA GLU C 464 -57.13 -30.08 8.33
C GLU C 464 -56.54 -30.81 7.14
N GLU C 465 -57.23 -31.86 6.66
CA GLU C 465 -56.72 -32.63 5.54
C GLU C 465 -56.65 -31.79 4.28
N LEU C 466 -57.69 -31.01 4.01
CA LEU C 466 -57.68 -30.15 2.83
C LEU C 466 -56.58 -29.10 2.91
N ILE C 467 -56.40 -28.51 4.09
CA ILE C 467 -55.35 -27.50 4.26
C ILE C 467 -53.97 -28.12 4.07
N ASN C 468 -53.77 -29.33 4.61
CA ASN C 468 -52.49 -30.01 4.42
C ASN C 468 -52.26 -30.31 2.94
N THR C 469 -53.31 -30.72 2.22
CA THR C 469 -53.18 -30.97 0.79
C THR C 469 -52.75 -29.70 0.06
N ILE C 470 -53.42 -28.58 0.35
CA ILE C 470 -53.08 -27.33 -0.32
C ILE C 470 -51.66 -26.91 0.01
N ILE C 471 -51.27 -27.04 1.28
CA ILE C 471 -49.93 -26.62 1.69
C ILE C 471 -48.87 -27.47 1.00
N GLU C 472 -49.07 -28.79 0.94
CA GLU C 472 -48.12 -29.65 0.27
C GLU C 472 -48.05 -29.33 -1.22
N PHE C 473 -49.20 -29.03 -1.83
CA PHE C 473 -49.20 -28.65 -3.24
C PHE C 473 -48.37 -27.39 -3.47
N VAL C 474 -48.60 -26.36 -2.65
CA VAL C 474 -47.85 -25.11 -2.81
C VAL C 474 -46.36 -25.33 -2.54
N GLU C 475 -46.04 -26.21 -1.57
CA GLU C 475 -44.64 -26.48 -1.28
C GLU C 475 -43.95 -27.15 -2.45
N ILE C 476 -44.56 -28.20 -3.02
CA ILE C 476 -43.93 -28.87 -4.15
C ILE C 476 -43.89 -27.96 -5.36
N LEU C 477 -44.79 -26.97 -5.44
CA LEU C 477 -44.67 -25.98 -6.52
C LEU C 477 -43.48 -25.06 -6.29
N SER C 478 -43.31 -24.56 -5.07
CA SER C 478 -42.25 -23.59 -4.81
C SER C 478 -40.87 -24.25 -4.89
N ASN C 479 -40.74 -25.45 -4.34
CA ASN C 479 -39.45 -26.15 -4.34
C ASN C 479 -39.62 -27.62 -4.72
N MET D 4 -40.76 26.37 17.26
CA MET D 4 -40.39 27.38 16.28
C MET D 4 -39.43 26.82 15.24
N LYS D 5 -38.51 27.66 14.76
CA LYS D 5 -37.55 27.29 13.73
C LYS D 5 -36.15 27.67 14.19
N MET D 6 -35.17 27.41 13.33
CA MET D 6 -33.77 27.70 13.59
C MET D 6 -33.18 28.52 12.44
N ASN D 7 -31.86 28.63 12.43
CA ASN D 7 -31.18 29.41 11.41
C ASN D 7 -31.42 28.80 10.03
N PRO D 8 -31.39 29.63 8.98
CA PRO D 8 -31.60 29.08 7.62
C PRO D 8 -30.57 28.04 7.22
N ILE D 9 -29.33 28.15 7.69
CA ILE D 9 -28.32 27.14 7.38
C ILE D 9 -28.73 25.80 7.97
N VAL D 10 -29.19 25.81 9.23
CA VAL D 10 -29.62 24.57 9.88
C VAL D 10 -30.84 24.01 9.18
N GLU D 11 -31.75 24.87 8.71
CA GLU D 11 -32.93 24.39 8.00
C GLU D 11 -32.55 23.74 6.68
N LEU D 12 -31.60 24.33 5.95
CA LEU D 12 -31.13 23.72 4.71
C LEU D 12 -30.48 22.36 4.99
N PHE D 13 -29.67 22.29 6.05
CA PHE D 13 -29.08 21.00 6.41
C PHE D 13 -30.15 19.98 6.75
N ILE D 14 -31.20 20.41 7.47
CA ILE D 14 -32.27 19.49 7.85
C ILE D 14 -32.97 18.97 6.61
N LYS D 15 -33.28 19.85 5.66
CA LYS D 15 -33.93 19.42 4.43
C LYS D 15 -33.05 18.42 3.67
N ASP D 16 -31.77 18.76 3.50
CA ASP D 16 -30.88 17.89 2.74
C ASP D 16 -30.73 16.53 3.40
N PHE D 17 -30.53 16.51 4.73
CA PHE D 17 -30.30 15.25 5.41
C PHE D 17 -31.56 14.40 5.49
N THR D 18 -32.73 15.03 5.64
CA THR D 18 -33.98 14.28 5.56
C THR D 18 -34.16 13.68 4.18
N LYS D 19 -33.76 14.41 3.14
CA LYS D 19 -33.79 13.85 1.79
C LYS D 19 -32.85 12.65 1.69
N GLU D 20 -31.67 12.74 2.34
CA GLU D 20 -30.71 11.64 2.28
C GLU D 20 -31.20 10.43 3.06
N VAL D 21 -31.75 10.64 4.26
CA VAL D 21 -32.14 9.53 5.11
C VAL D 21 -33.28 8.74 4.48
N MET D 22 -34.28 9.44 3.91
CA MET D 22 -35.43 8.75 3.33
C MET D 22 -35.04 7.87 2.15
N GLU D 23 -33.86 8.08 1.57
CA GLU D 23 -33.36 7.24 0.50
C GLU D 23 -32.40 6.17 1.01
N GLU D 24 -32.23 6.07 2.33
CA GLU D 24 -31.36 5.08 2.97
C GLU D 24 -29.93 5.16 2.42
N ASN D 25 -29.45 6.40 2.21
CA ASN D 25 -28.09 6.65 1.76
C ASN D 25 -27.33 7.49 2.78
N ALA D 26 -27.79 7.49 4.02
CA ALA D 26 -27.19 8.30 5.08
C ALA D 26 -26.56 7.42 6.14
N ALA D 27 -25.46 7.90 6.69
CA ALA D 27 -24.73 7.23 7.76
C ALA D 27 -24.40 8.21 8.86
N ILE D 28 -24.23 7.71 10.06
CA ILE D 28 -23.94 8.53 11.23
C ILE D 28 -22.55 8.14 11.74
N PHE D 29 -21.67 9.13 11.86
CA PHE D 29 -20.37 8.93 12.48
C PHE D 29 -20.40 9.58 13.85
N ALA D 30 -20.50 8.76 14.90
CA ALA D 30 -20.62 9.25 16.26
C ALA D 30 -19.28 9.11 16.97
N GLY D 31 -18.75 10.23 17.46
CA GLY D 31 -17.53 10.23 18.24
C GLY D 31 -17.81 10.02 19.71
N ALA D 32 -16.78 10.26 20.53
CA ALA D 32 -16.92 10.09 21.97
C ALA D 32 -17.82 11.16 22.58
N GLY D 33 -17.97 12.30 21.90
CA GLY D 33 -18.74 13.40 22.47
C GLY D 33 -20.22 13.10 22.57
N LEU D 34 -20.74 12.24 21.70
CA LEU D 34 -22.15 11.90 21.75
C LEU D 34 -22.52 11.14 23.01
N SER D 35 -21.55 10.46 23.63
CA SER D 35 -21.79 9.73 24.86
C SER D 35 -21.42 10.49 26.12
N MET D 36 -20.67 11.59 26.00
CA MET D 36 -20.28 12.36 27.17
C MET D 36 -21.47 13.03 27.85
N SER D 37 -22.58 13.20 27.14
CA SER D 37 -23.79 13.70 27.77
C SER D 37 -24.52 12.64 28.58
N VAL D 38 -24.22 11.36 28.34
CA VAL D 38 -24.91 10.28 29.03
C VAL D 38 -24.53 10.25 30.50
N GLY D 39 -23.25 10.48 30.80
CA GLY D 39 -22.80 10.42 32.18
C GLY D 39 -21.40 9.87 32.32
N TYR D 40 -20.83 9.36 31.22
CA TYR D 40 -19.46 8.88 31.25
C TYR D 40 -18.50 10.05 31.47
N VAL D 41 -17.49 9.82 32.30
CA VAL D 41 -16.46 10.84 32.50
C VAL D 41 -15.61 10.95 31.25
N SER D 42 -15.06 12.15 31.04
CA SER D 42 -14.25 12.38 29.86
C SER D 42 -12.98 11.55 29.91
N TRP D 43 -12.42 11.28 28.72
CA TRP D 43 -11.20 10.48 28.63
C TRP D 43 -10.05 11.13 29.37
N ALA D 44 -10.00 12.47 29.39
CA ALA D 44 -9.00 13.17 30.17
C ALA D 44 -9.12 12.84 31.65
N LYS D 45 -10.34 12.74 32.16
CA LYS D 45 -10.53 12.46 33.58
C LYS D 45 -10.20 11.04 33.88
N LEU D 46 -10.41 10.15 32.92
CA LEU D 46 -9.97 8.77 33.09
C LEU D 46 -8.45 8.69 33.16
N LEU D 47 -7.76 9.45 32.30
CA LEU D 47 -6.31 9.41 32.28
C LEU D 47 -5.66 10.26 33.36
N GLU D 48 -6.45 10.99 34.15
CA GLU D 48 -5.87 11.82 35.21
C GLU D 48 -5.00 11.06 36.19
N PRO D 49 -5.42 9.93 36.78
CA PRO D 49 -4.48 9.20 37.65
C PRO D 49 -3.28 8.64 36.90
N ILE D 50 -3.47 8.22 35.66
CA ILE D 50 -2.37 7.67 34.87
C ILE D 50 -1.29 8.72 34.65
N ALA D 51 -1.69 9.94 34.30
CA ALA D 51 -0.72 11.00 34.12
C ALA D 51 0.00 11.30 35.43
N GLN D 52 -0.73 11.33 36.54
CA GLN D 52 -0.10 11.56 37.83
C GLN D 52 0.93 10.48 38.15
N GLU D 53 0.67 9.26 37.69
CA GLU D 53 1.58 8.15 37.99
C GLU D 53 2.95 8.35 37.36
N ILE D 54 3.00 8.85 36.13
CA ILE D 54 4.27 8.99 35.42
C ILE D 54 4.84 10.39 35.63
N GLY D 55 4.20 11.19 36.47
CA GLY D 55 4.69 12.51 36.78
C GLY D 55 4.16 13.63 35.93
N LEU D 56 3.18 13.36 35.07
CA LEU D 56 2.59 14.39 34.23
C LEU D 56 1.23 14.81 34.79
N ASP D 57 0.58 15.73 34.08
CA ASP D 57 -0.74 16.23 34.46
C ASP D 57 -1.57 16.40 33.21
N VAL D 58 -2.82 15.92 33.26
CA VAL D 58 -3.66 15.95 32.06
C VAL D 58 -4.06 17.37 31.72
N ASN D 59 -4.32 18.21 32.73
CA ASN D 59 -4.76 19.58 32.48
C ASN D 59 -3.73 20.36 31.67
N LYS D 60 -2.45 20.05 31.84
CA LYS D 60 -1.39 20.70 31.11
C LYS D 60 -0.97 19.94 29.86
N GLU D 61 -1.66 18.85 29.53
CA GLU D 61 -1.34 18.02 28.37
C GLU D 61 -2.45 18.13 27.33
N ASN D 62 -2.06 18.30 26.07
CA ASN D 62 -3.01 18.42 24.97
C ASN D 62 -3.21 17.11 24.22
N ASP D 63 -2.20 16.23 24.20
CA ASP D 63 -2.27 14.96 23.48
C ASP D 63 -2.37 13.84 24.49
N LEU D 64 -3.58 13.28 24.63
CA LEU D 64 -3.79 12.17 25.55
C LEU D 64 -3.27 10.86 25.00
N VAL D 65 -3.21 10.72 23.67
CA VAL D 65 -2.66 9.52 23.06
C VAL D 65 -1.19 9.37 23.43
N SER D 66 -0.42 10.45 23.31
CA SER D 66 0.97 10.41 23.72
C SER D 66 1.12 10.21 25.21
N LEU D 67 0.17 10.72 26.01
CA LEU D 67 0.20 10.48 27.45
C LEU D 67 0.07 8.99 27.76
N ALA D 68 -0.90 8.34 27.13
CA ALA D 68 -1.06 6.90 27.32
C ALA D 68 0.15 6.14 26.80
N GLN D 69 0.73 6.60 25.70
CA GLN D 69 1.93 5.94 25.18
C GLN D 69 3.10 6.07 26.14
N TYR D 70 3.25 7.24 26.77
CA TYR D 70 4.30 7.40 27.78
C TYR D 70 4.05 6.48 28.97
N TYR D 71 2.79 6.36 29.39
CA TYR D 71 2.47 5.46 30.49
C TYR D 71 2.84 4.02 30.15
N CYS D 72 2.53 3.60 28.92
CA CYS D 72 2.90 2.26 28.49
C CYS D 72 4.42 2.09 28.42
N ASN D 73 5.13 3.13 27.95
CA ASN D 73 6.58 3.06 27.87
C ASN D 73 7.20 2.89 29.24
N GLU D 74 6.66 3.57 30.26
CA GLU D 74 7.21 3.43 31.60
C GLU D 74 7.06 2.00 32.12
N ASN D 75 5.94 1.33 31.80
CA ASN D 75 5.66 0.00 32.27
C ASN D 75 6.10 -1.09 31.31
N GLN D 76 7.14 -0.83 30.51
CA GLN D 76 7.66 -1.80 29.54
C GLN D 76 6.58 -2.27 28.57
N GLY D 77 5.71 -1.34 28.16
CA GLY D 77 4.71 -1.67 27.17
C GLY D 77 3.54 -2.48 27.66
N ASN D 78 3.16 -2.32 28.93
CA ASN D 78 2.04 -3.04 29.51
C ASN D 78 0.83 -2.13 29.64
N ARG D 79 -0.34 -2.65 29.28
CA ARG D 79 -1.56 -1.87 29.23
C ARG D 79 -2.60 -2.33 30.26
N GLY D 80 -2.17 -3.03 31.30
CA GLY D 80 -3.14 -3.59 32.23
C GLY D 80 -4.00 -2.54 32.89
N ARG D 81 -3.38 -1.48 33.40
CA ARG D 81 -4.13 -0.43 34.08
C ARG D 81 -5.08 0.28 33.13
N ILE D 82 -4.63 0.56 31.91
CA ILE D 82 -5.49 1.26 30.95
C ILE D 82 -6.68 0.40 30.56
N ASN D 83 -6.44 -0.89 30.31
CA ASN D 83 -7.53 -1.80 29.98
C ASN D 83 -8.54 -1.87 31.12
N GLN D 84 -8.03 -1.99 32.35
CA GLN D 84 -8.93 -2.06 33.50
C GLN D 84 -9.72 -0.76 33.64
N ILE D 85 -9.09 0.37 33.41
CA ILE D 85 -9.76 1.66 33.55
C ILE D 85 -10.89 1.79 32.55
N ILE D 86 -10.62 1.49 31.28
CA ILE D 86 -11.67 1.65 30.27
C ILE D 86 -12.77 0.63 30.48
N LEU D 87 -12.43 -0.59 30.90
CA LEU D 87 -13.46 -1.60 31.16
C LEU D 87 -14.35 -1.19 32.33
N ASP D 88 -13.75 -0.62 33.39
CA ASP D 88 -14.54 -0.23 34.54
C ASP D 88 -15.37 1.01 34.27
N GLU D 89 -14.92 1.89 33.39
CA GLU D 89 -15.66 3.13 33.17
C GLU D 89 -16.73 3.00 32.10
N PHE D 90 -16.41 2.40 30.96
CA PHE D 90 -17.32 2.40 29.83
C PHE D 90 -18.27 1.21 29.82
N SER D 91 -18.23 0.35 30.84
CA SER D 91 -19.18 -0.74 30.99
C SER D 91 -20.21 -0.48 32.08
N ARG D 92 -20.32 0.76 32.55
CA ARG D 92 -21.29 1.06 33.60
C ARG D 92 -22.70 1.04 33.04
N LYS D 93 -23.68 0.93 33.94
CA LYS D 93 -25.08 0.90 33.57
C LYS D 93 -25.63 2.33 33.63
N VAL D 94 -25.83 2.93 32.47
CA VAL D 94 -26.31 4.30 32.36
C VAL D 94 -27.52 4.35 31.44
N ASP D 95 -28.37 5.34 31.67
CA ASP D 95 -29.57 5.51 30.86
C ASP D 95 -29.24 6.20 29.54
N LEU D 96 -29.90 5.77 28.48
CA LEU D 96 -29.66 6.34 27.16
C LEU D 96 -30.14 7.79 27.09
N THR D 97 -29.48 8.57 26.25
CA THR D 97 -29.90 9.93 25.98
C THR D 97 -30.95 9.95 24.88
N GLU D 98 -31.52 11.10 24.60
CA GLU D 98 -32.54 11.18 23.62
C GLU D 98 -31.96 11.09 22.26
N ASN D 99 -30.73 11.53 22.11
CA ASN D 99 -30.10 11.47 20.79
C ASN D 99 -29.96 10.04 20.30
N HIS D 100 -29.55 9.12 21.18
CA HIS D 100 -29.39 7.72 20.77
C HIS D 100 -30.73 7.12 20.38
N LYS D 101 -31.79 7.42 21.14
CA LYS D 101 -33.11 6.89 20.81
C LYS D 101 -33.60 7.45 19.48
N ILE D 102 -33.39 8.75 19.24
CA ILE D 102 -33.80 9.34 17.97
C ILE D 102 -33.05 8.71 16.81
N LEU D 103 -31.74 8.53 16.96
CA LEU D 103 -30.96 7.90 15.90
C LEU D 103 -31.39 6.46 15.67
N ALA D 104 -31.82 5.77 16.73
CA ALA D 104 -32.33 4.41 16.57
C ALA D 104 -33.66 4.41 15.83
N ARG D 105 -34.50 5.42 16.06
CA ARG D 105 -35.78 5.48 15.38
C ARG D 105 -35.64 5.87 13.92
N LEU D 106 -34.56 6.56 13.56
CA LEU D 106 -34.36 6.99 12.18
C LEU D 106 -34.02 5.78 11.29
N PRO D 107 -34.41 5.84 10.01
CA PRO D 107 -34.07 4.76 9.07
C PRO D 107 -32.64 4.88 8.56
N ILE D 108 -31.69 4.64 9.47
CA ILE D 108 -30.26 4.72 9.15
C ILE D 108 -29.67 3.33 9.34
N HIS D 109 -28.95 2.87 8.31
CA HIS D 109 -28.49 1.49 8.26
C HIS D 109 -26.98 1.35 8.49
N THR D 110 -26.29 2.43 8.83
CA THR D 110 -24.84 2.40 9.01
C THR D 110 -24.44 3.37 10.10
N TYR D 111 -23.71 2.88 11.10
CA TYR D 111 -23.14 3.69 12.16
C TYR D 111 -21.66 3.41 12.26
N TRP D 112 -20.84 4.47 12.28
CA TRP D 112 -19.41 4.36 12.53
C TRP D 112 -19.12 5.08 13.83
N THR D 113 -18.48 4.37 14.77
CA THR D 113 -18.28 4.89 16.12
C THR D 113 -16.82 4.77 16.53
N THR D 114 -16.32 5.82 17.19
CA THR D 114 -15.02 5.78 17.85
C THR D 114 -15.15 5.68 19.36
N ALA D 115 -16.34 5.37 19.87
CA ALA D 115 -16.59 5.22 21.29
C ALA D 115 -16.69 3.75 21.64
N TYR D 116 -16.11 3.39 22.79
CA TYR D 116 -16.10 1.99 23.22
C TYR D 116 -17.40 1.53 23.84
N ASP D 117 -18.25 2.47 24.28
CA ASP D 117 -19.49 2.11 24.93
C ASP D 117 -20.48 1.51 23.94
N ARG D 118 -21.42 0.72 24.47
CA ARG D 118 -22.44 0.06 23.67
C ARG D 118 -23.77 0.80 23.71
N LEU D 119 -23.75 2.12 23.83
CA LEU D 119 -24.99 2.89 23.89
C LEU D 119 -25.75 2.81 22.58
N ILE D 120 -25.05 2.86 21.44
CA ILE D 120 -25.71 2.78 20.16
C ILE D 120 -26.40 1.41 20.00
N GLU D 121 -25.71 0.34 20.39
CA GLU D 121 -26.30 -0.98 20.31
C GLU D 121 -27.53 -1.09 21.19
N LYS D 122 -27.52 -0.43 22.26
CA LYS D 122 -28.58 -0.59 23.20
C LYS D 122 -29.73 0.18 22.68
N ALA D 123 -29.50 1.36 22.15
CA ALA D 123 -30.56 2.16 21.55
C ALA D 123 -31.21 1.44 20.39
N LEU D 124 -30.40 0.77 19.55
CA LEU D 124 -30.96 0.04 18.42
C LEU D 124 -31.78 -1.16 18.90
N GLU D 125 -31.33 -1.84 19.96
CA GLU D 125 -32.06 -3.00 20.44
C GLU D 125 -33.33 -2.63 21.19
N GLU D 126 -33.37 -1.44 21.80
CA GLU D 126 -34.58 -1.00 22.47
C GLU D 126 -35.73 -0.76 21.49
N GLU D 127 -35.41 -0.35 20.27
CA GLU D 127 -36.41 -0.11 19.24
C GLU D 127 -36.75 -1.38 18.45
N ASN D 128 -36.39 -2.56 18.99
CA ASN D 128 -36.63 -3.84 18.32
C ASN D 128 -36.00 -3.88 16.94
N LYS D 129 -34.82 -3.29 16.81
CA LYS D 129 -34.06 -3.28 15.56
C LYS D 129 -32.87 -4.22 15.70
N ILE D 130 -32.72 -5.11 14.71
CA ILE D 130 -31.60 -6.04 14.70
C ILE D 130 -30.35 -5.28 14.29
N ALA D 131 -29.41 -5.12 15.23
CA ALA D 131 -28.20 -4.36 15.00
C ALA D 131 -26.99 -5.29 14.95
N ASP D 132 -26.13 -5.08 13.98
CA ASP D 132 -24.96 -5.92 13.75
C ASP D 132 -23.71 -5.12 14.08
N VAL D 133 -23.16 -5.34 15.26
CA VAL D 133 -21.98 -4.60 15.72
C VAL D 133 -20.73 -5.29 15.23
N LYS D 134 -19.84 -4.52 14.61
CA LYS D 134 -18.60 -5.04 14.03
C LYS D 134 -17.43 -4.22 14.58
N TYR D 135 -16.57 -4.87 15.36
CA TYR D 135 -15.35 -4.23 15.84
C TYR D 135 -14.11 -5.08 15.64
N THR D 136 -14.22 -6.22 14.95
CA THR D 136 -13.11 -7.10 14.66
C THR D 136 -13.03 -7.34 13.16
N VAL D 137 -11.83 -7.67 12.69
CA VAL D 137 -11.63 -7.89 11.26
C VAL D 137 -12.42 -9.10 10.79
N LYS D 138 -12.40 -10.18 11.56
CA LYS D 138 -13.11 -11.39 11.16
C LYS D 138 -14.61 -11.17 11.10
N GLN D 139 -15.13 -10.27 11.94
CA GLN D 139 -16.57 -10.03 11.95
C GLN D 139 -17.08 -9.39 10.68
N LEU D 140 -16.20 -8.77 9.88
CA LEU D 140 -16.66 -8.15 8.64
C LEU D 140 -17.11 -9.19 7.62
N ALA D 141 -16.54 -10.38 7.67
CA ALA D 141 -16.87 -11.42 6.69
C ALA D 141 -18.21 -12.08 6.95
N THR D 142 -18.88 -11.78 8.07
CA THR D 142 -20.17 -12.37 8.39
C THR D 142 -21.18 -11.26 8.62
N THR D 143 -22.33 -11.36 7.96
CA THR D 143 -23.40 -10.40 8.09
C THR D 143 -24.59 -11.05 8.79
N LYS D 144 -25.09 -10.38 9.83
CA LYS D 144 -26.26 -10.89 10.53
C LYS D 144 -27.48 -10.82 9.63
N VAL D 145 -28.29 -11.88 9.68
CA VAL D 145 -29.44 -11.98 8.77
C VAL D 145 -30.50 -10.97 9.17
N LYS D 146 -31.03 -10.26 8.17
CA LYS D 146 -32.11 -9.28 8.37
C LYS D 146 -31.72 -8.21 9.38
N ARG D 147 -30.50 -7.67 9.26
CA ARG D 147 -30.06 -6.65 10.16
C ARG D 147 -30.71 -5.40 9.75
N ASP D 148 -31.00 -4.54 10.71
CA ASP D 148 -31.54 -3.21 10.41
C ASP D 148 -30.48 -2.13 10.38
N ALA D 149 -29.36 -2.32 11.07
CA ALA D 149 -28.27 -1.36 11.05
C ALA D 149 -26.99 -2.06 11.47
N VAL D 150 -25.87 -1.63 10.89
CA VAL D 150 -24.56 -2.17 11.21
C VAL D 150 -23.73 -1.07 11.86
N VAL D 151 -23.20 -1.37 13.04
CA VAL D 151 -22.43 -0.42 13.82
C VAL D 151 -20.96 -0.84 13.72
N TYR D 152 -20.17 -0.07 12.97
CA TYR D 152 -18.74 -0.32 12.85
C TYR D 152 -18.04 0.41 13.99
N LYS D 153 -17.64 -0.32 15.02
CA LYS D 153 -16.87 0.26 16.12
C LYS D 153 -15.41 0.21 15.70
N MET D 154 -14.94 1.27 15.06
CA MET D 154 -13.64 1.28 14.41
C MET D 154 -12.48 1.45 15.38
N HIS D 155 -12.74 1.56 16.68
CA HIS D 155 -11.67 1.69 17.65
C HIS D 155 -11.67 0.60 18.71
N GLY D 156 -12.69 -0.24 18.77
CA GLY D 156 -12.75 -1.34 19.71
C GLY D 156 -13.97 -1.26 20.60
N ASP D 157 -14.23 -2.38 21.27
CA ASP D 157 -15.37 -2.50 22.16
C ASP D 157 -14.90 -2.46 23.61
N VAL D 158 -15.81 -2.06 24.50
CA VAL D 158 -15.47 -1.93 25.91
C VAL D 158 -15.18 -3.31 26.51
N GLU D 159 -15.92 -4.33 26.08
CA GLU D 159 -15.74 -5.68 26.61
C GLU D 159 -14.43 -6.31 26.16
N HIS D 160 -13.73 -5.70 25.22
CA HIS D 160 -12.41 -6.15 24.77
C HIS D 160 -11.43 -4.99 24.90
N PRO D 161 -11.04 -4.66 26.14
CA PRO D 161 -10.18 -3.49 26.34
C PRO D 161 -8.82 -3.60 25.69
N SER D 162 -8.29 -4.82 25.55
CA SER D 162 -6.96 -4.98 24.97
C SER D 162 -6.91 -4.59 23.51
N GLU D 163 -8.05 -4.63 22.82
CA GLU D 163 -8.10 -4.27 21.40
C GLU D 163 -8.46 -2.81 21.17
N ALA D 164 -8.82 -2.08 22.22
CA ALA D 164 -9.22 -0.68 22.06
C ALA D 164 -8.02 0.18 21.65
N VAL D 165 -8.27 1.09 20.72
CA VAL D 165 -7.22 2.00 20.24
C VAL D 165 -7.13 3.15 21.23
N LEU D 166 -6.13 3.12 22.10
CA LEU D 166 -5.93 4.13 23.12
C LEU D 166 -4.57 4.79 23.06
N ILE D 167 -3.53 4.03 22.75
CA ILE D 167 -2.16 4.53 22.83
C ILE D 167 -1.64 4.76 21.42
N LYS D 168 -0.48 5.38 21.27
CA LYS D 168 0.08 5.71 19.96
C LYS D 168 0.56 4.56 19.19
N ASP D 169 0.97 3.49 19.82
CA ASP D 169 1.31 2.29 19.08
C ASP D 169 0.09 1.70 18.38
N ASP D 170 -1.08 1.79 19.04
CA ASP D 170 -2.31 1.30 18.42
C ASP D 170 -2.61 2.06 17.13
N TYR D 171 -2.47 3.38 17.15
CA TYR D 171 -2.70 4.17 15.94
C TYR D 171 -1.65 3.85 14.88
N GLU D 172 -0.40 3.66 15.29
CA GLU D 172 0.66 3.38 14.33
C GLU D 172 0.43 2.06 13.61
N LYS D 173 -0.01 1.04 14.34
CA LYS D 173 -0.26 -0.26 13.74
C LYS D 173 -1.69 -0.44 13.25
N TYR D 174 -2.53 0.58 13.40
CA TYR D 174 -3.91 0.48 12.90
C TYR D 174 -3.97 0.28 11.40
N SER D 175 -3.09 0.97 10.65
CA SER D 175 -3.12 0.90 9.20
C SER D 175 -2.82 -0.50 8.69
N ILE D 176 -2.17 -1.34 9.48
CA ILE D 176 -1.84 -2.71 9.09
C ILE D 176 -2.82 -3.71 9.70
N LYS D 177 -3.15 -3.55 10.97
CA LYS D 177 -3.99 -4.52 11.63
C LYS D 177 -5.39 -4.38 11.25
N MET D 178 -5.89 -3.19 11.26
CA MET D 178 -7.29 -2.92 10.98
C MET D 178 -7.48 -2.30 9.60
N ASP D 179 -6.71 -2.77 8.62
CA ASP D 179 -6.84 -2.24 7.26
C ASP D 179 -8.22 -2.47 6.66
N PRO D 180 -8.88 -3.62 6.82
CA PRO D 180 -10.23 -3.76 6.26
C PRO D 180 -11.21 -2.70 6.76
N TYR D 181 -11.10 -2.28 8.02
CA TYR D 181 -11.96 -1.21 8.51
C TYR D 181 -11.65 0.09 7.82
N ILE D 182 -10.37 0.36 7.54
CA ILE D 182 -10.00 1.56 6.80
C ILE D 182 -10.62 1.53 5.40
N LYS D 183 -10.53 0.38 4.73
CA LYS D 183 -11.11 0.26 3.39
C LYS D 183 -12.63 0.42 3.42
N ALA D 184 -13.28 -0.16 4.43
CA ALA D 184 -14.74 -0.04 4.54
C ALA D 184 -15.15 1.41 4.78
N LEU D 185 -14.43 2.11 5.66
CA LEU D 185 -14.75 3.51 5.91
C LEU D 185 -14.47 4.37 4.68
N SER D 186 -13.42 4.05 3.93
CA SER D 186 -13.15 4.78 2.70
C SER D 186 -14.27 4.57 1.68
N GLY D 187 -14.79 3.34 1.60
CA GLY D 187 -15.92 3.11 0.72
C GLY D 187 -17.18 3.82 1.17
N ASP D 188 -17.44 3.85 2.47
CA ASP D 188 -18.63 4.52 2.99
C ASP D 188 -18.54 6.03 2.85
N LEU D 189 -17.35 6.60 2.99
CA LEU D 189 -17.17 8.04 2.86
C LEU D 189 -17.38 8.53 1.44
N VAL D 190 -17.43 7.64 0.46
CA VAL D 190 -17.70 8.02 -0.91
C VAL D 190 -19.03 7.49 -1.43
N SER D 191 -19.62 6.48 -0.79
CA SER D 191 -20.90 5.94 -1.23
C SER D 191 -22.08 6.38 -0.36
N LYS D 192 -21.83 7.02 0.78
CA LYS D 192 -22.90 7.41 1.69
C LYS D 192 -22.65 8.82 2.21
N THR D 193 -23.72 9.50 2.57
CA THR D 193 -23.65 10.84 3.16
C THR D 193 -23.58 10.71 4.68
N PHE D 194 -22.50 11.23 5.25
CA PHE D 194 -22.23 11.10 6.68
C PHE D 194 -22.72 12.31 7.44
N LEU D 195 -23.09 12.10 8.70
CA LEU D 195 -23.39 13.16 9.65
C LEU D 195 -22.51 12.94 10.87
N PHE D 196 -21.44 13.73 10.98
CA PHE D 196 -20.47 13.59 12.07
C PHE D 196 -21.03 14.32 13.29
N VAL D 197 -21.54 13.56 14.25
CA VAL D 197 -22.10 14.10 15.48
C VAL D 197 -21.16 13.79 16.63
N GLY D 198 -20.86 14.79 17.44
CA GLY D 198 -20.01 14.59 18.60
C GLY D 198 -18.61 14.14 18.26
N PHE D 199 -18.04 14.64 17.17
CA PHE D 199 -16.71 14.27 16.73
C PHE D 199 -15.84 15.52 16.63
N SER D 200 -14.59 15.41 17.09
CA SER D 200 -13.69 16.55 17.15
C SER D 200 -12.77 16.66 15.94
N PHE D 201 -12.72 15.64 15.09
CA PHE D 201 -11.86 15.63 13.90
C PHE D 201 -10.39 15.85 14.24
N THR D 202 -9.98 15.30 15.38
CA THR D 202 -8.57 15.28 15.76
C THR D 202 -8.00 13.86 15.77
N ASP D 203 -8.79 12.88 15.39
CA ASP D 203 -8.34 11.49 15.43
C ASP D 203 -7.38 11.23 14.26
N PRO D 204 -6.17 10.72 14.53
CA PRO D 204 -5.22 10.47 13.43
C PRO D 204 -5.75 9.50 12.39
N ASN D 205 -6.50 8.48 12.80
CA ASN D 205 -7.05 7.54 11.82
C ASN D 205 -8.02 8.23 10.88
N LEU D 206 -8.90 9.08 11.41
CA LEU D 206 -9.84 9.79 10.55
C LEU D 206 -9.12 10.79 9.65
N ASP D 207 -8.08 11.45 10.17
CA ASP D 207 -7.29 12.35 9.33
C ASP D 207 -6.66 11.60 8.17
N TYR D 208 -6.08 10.43 8.45
CA TYR D 208 -5.46 9.63 7.40
C TYR D 208 -6.48 9.17 6.37
N ILE D 209 -7.64 8.70 6.83
CA ILE D 209 -8.65 8.19 5.91
C ILE D 209 -9.21 9.33 5.05
N LEU D 210 -9.51 10.47 5.67
CA LEU D 210 -10.05 11.61 4.92
C LEU D 210 -9.02 12.14 3.93
N SER D 211 -7.75 12.20 4.32
CA SER D 211 -6.72 12.63 3.39
C SER D 211 -6.59 11.68 2.21
N ARG D 212 -6.69 10.38 2.47
CA ARG D 212 -6.65 9.40 1.38
C ARG D 212 -7.84 9.59 0.44
N VAL D 213 -9.03 9.81 1.00
CA VAL D 213 -10.22 10.00 0.17
C VAL D 213 -10.07 11.26 -0.68
N ARG D 214 -9.59 12.34 -0.08
CA ARG D 214 -9.40 13.57 -0.84
C ARG D 214 -8.36 13.39 -1.94
N SER D 215 -7.25 12.72 -1.63
CA SER D 215 -6.24 12.47 -2.65
C SER D 215 -6.78 11.61 -3.78
N ALA D 216 -7.70 10.69 -3.47
CA ALA D 216 -8.26 9.83 -4.50
C ALA D 216 -9.29 10.55 -5.37
N TYR D 217 -10.09 11.45 -4.78
CA TYR D 217 -11.20 12.06 -5.49
C TYR D 217 -11.05 13.55 -5.74
N GLU D 218 -10.13 14.23 -5.07
CA GLU D 218 -9.85 15.65 -5.29
C GLU D 218 -11.14 16.44 -5.08
N ARG D 219 -11.60 17.24 -6.03
CA ARG D 219 -12.73 18.13 -5.81
C ARG D 219 -14.08 17.47 -6.02
N ASP D 220 -14.11 16.19 -6.39
CA ASP D 220 -15.36 15.48 -6.65
C ASP D 220 -15.80 14.63 -5.46
N GLN D 221 -15.40 15.00 -4.25
CA GLN D 221 -15.77 14.24 -3.06
C GLN D 221 -17.24 14.45 -2.73
N ARG D 222 -17.84 13.42 -2.14
CA ARG D 222 -19.22 13.51 -1.71
C ARG D 222 -19.34 14.49 -0.53
N ARG D 223 -20.49 15.15 -0.45
CA ARG D 223 -20.74 16.12 0.61
C ARG D 223 -21.12 15.41 1.90
N HIS D 224 -20.41 15.72 2.98
CA HIS D 224 -20.71 15.23 4.31
C HIS D 224 -21.05 16.40 5.23
N TYR D 225 -21.83 16.11 6.26
CA TYR D 225 -22.29 17.12 7.20
C TYR D 225 -21.71 16.86 8.59
N CYS D 226 -21.49 17.93 9.33
CA CYS D 226 -20.91 17.85 10.66
C CYS D 226 -21.65 18.77 11.60
N LEU D 227 -21.62 18.46 12.89
CA LEU D 227 -22.22 19.27 13.93
C LEU D 227 -21.16 19.59 14.97
N ILE D 228 -20.82 20.87 15.10
CA ILE D 228 -19.81 21.32 16.05
C ILE D 228 -20.36 22.53 16.81
N LYS D 229 -20.22 22.52 18.12
CA LYS D 229 -20.67 23.63 18.95
C LYS D 229 -19.69 24.80 18.84
N LYS D 230 -20.22 26.01 18.70
CA LYS D 230 -19.38 27.19 18.69
C LYS D 230 -18.70 27.37 20.05
N GLU D 231 -17.52 27.97 20.02
CA GLU D 231 -16.79 28.22 21.26
C GLU D 231 -17.51 29.26 22.11
N GLU D 232 -17.63 28.98 23.40
CA GLU D 232 -18.24 29.90 24.35
C GLU D 232 -17.20 30.36 25.36
N ARG D 233 -17.35 31.60 25.81
CA ARG D 233 -16.36 32.19 26.71
C ARG D 233 -16.37 31.47 28.05
N ARG D 234 -15.18 31.16 28.53
CA ARG D 234 -15.03 30.52 29.83
C ARG D 234 -15.35 31.51 30.95
N PRO D 235 -15.65 31.03 32.15
CA PRO D 235 -16.06 31.95 33.23
C PRO D 235 -15.04 33.04 33.52
N ASP D 236 -13.76 32.74 33.44
CA ASP D 236 -12.70 33.73 33.71
C ASP D 236 -11.73 33.70 32.53
N GLU D 237 -11.95 34.59 31.57
CA GLU D 237 -11.11 34.66 30.39
C GLU D 237 -11.22 36.05 29.77
N LEU D 238 -10.11 36.52 29.23
CA LEU D 238 -10.09 37.81 28.56
C LEU D 238 -10.87 37.74 27.25
N GLU D 239 -11.31 38.90 26.78
CA GLU D 239 -12.03 38.96 25.51
C GLU D 239 -11.13 38.57 24.35
N ALA D 240 -9.88 39.02 24.36
CA ALA D 240 -8.98 38.77 23.23
C ALA D 240 -8.71 37.30 23.04
N ASP D 241 -8.51 36.56 24.14
CA ASP D 241 -8.26 35.13 24.02
C ASP D 241 -9.51 34.38 23.55
N PHE D 242 -10.69 34.84 23.96
CA PHE D 242 -11.91 34.24 23.45
C PHE D 242 -12.06 34.47 21.96
N GLU D 243 -11.75 35.68 21.49
CA GLU D 243 -11.81 35.95 20.06
C GLU D 243 -10.77 35.14 19.31
N TYR D 244 -9.60 34.93 19.91
CA TYR D 244 -8.60 34.07 19.30
C TYR D 244 -9.10 32.63 19.18
N ARG D 245 -9.77 32.13 20.22
CA ARG D 245 -10.33 30.79 20.15
C ARG D 245 -11.40 30.68 19.07
N VAL D 246 -12.25 31.71 18.96
CA VAL D 246 -13.29 31.70 17.94
C VAL D 246 -12.67 31.73 16.55
N ARG D 247 -11.61 32.53 16.36
CA ARG D 247 -10.94 32.58 15.07
C ARG D 247 -10.31 31.24 14.72
N LYS D 248 -9.76 30.57 15.80
CA LYS D 248 -9.13 29.33 15.55
C LYS D 248 -10.18 28.32 15.20
N GLN D 249 -11.30 28.32 15.79
CA GLN D 249 -12.38 27.40 15.47
C GLN D 249 -12.94 27.65 14.07
N GLU D 250 -13.03 28.91 13.66
CA GLU D 250 -13.49 29.22 12.30
C GLU D 250 -12.51 28.68 11.28
N LEU D 251 -11.20 28.83 11.53
CA LEU D 251 -10.21 28.27 10.62
C LEU D 251 -10.32 26.75 10.57
N PHE D 252 -10.53 26.11 11.72
CA PHE D 252 -10.68 24.66 11.75
C PHE D 252 -11.90 24.22 10.96
N ILE D 253 -13.02 24.94 11.12
CA ILE D 253 -14.25 24.61 10.39
C ILE D 253 -14.03 24.76 8.88
N SER D 254 -13.36 25.84 8.47
CA SER D 254 -13.05 26.02 7.06
C SER D 254 -12.15 24.92 6.54
N ASP D 255 -11.17 24.51 7.33
CA ASP D 255 -10.27 23.42 6.93
C ASP D 255 -11.01 22.10 6.83
N LEU D 256 -12.07 21.92 7.61
CA LEU D 256 -12.87 20.70 7.48
C LEU D 256 -13.53 20.61 6.11
N SER D 257 -14.00 21.74 5.59
CA SER D 257 -14.64 21.74 4.28
C SER D 257 -13.67 21.44 3.15
N ARG D 258 -12.39 21.26 3.40
CA ARG D 258 -11.39 20.89 2.37
C ARG D 258 -11.65 19.53 1.97
N PHE D 259 -12.14 18.75 2.86
CA PHE D 259 -12.60 17.40 2.52
C PHE D 259 -14.09 17.37 2.18
N ASN D 260 -14.68 18.53 1.89
CA ASN D 260 -16.11 18.65 1.58
C ASN D 260 -16.97 18.15 2.71
N ILE D 261 -16.65 18.55 3.93
CA ILE D 261 -17.43 18.25 5.12
C ILE D 261 -18.02 19.57 5.61
N LYS D 262 -19.27 19.83 5.27
CA LYS D 262 -19.92 21.07 5.70
C LYS D 262 -20.22 21.00 7.19
N THR D 263 -19.81 22.03 7.92
CA THR D 263 -19.95 22.08 9.36
C THR D 263 -21.09 23.02 9.74
N ILE D 264 -21.98 22.54 10.61
CA ILE D 264 -23.10 23.32 11.11
C ILE D 264 -22.72 23.81 12.50
N VAL D 265 -22.72 25.12 12.69
CA VAL D 265 -22.37 25.70 13.98
C VAL D 265 -23.60 25.64 14.89
N LEU D 266 -23.44 25.04 16.06
CA LEU D 266 -24.52 24.86 17.01
C LEU D 266 -24.24 25.69 18.25
N ASN D 267 -25.20 26.52 18.65
CA ASN D 267 -25.01 27.36 19.82
C ASN D 267 -24.89 26.53 21.09
N ASN D 268 -25.73 25.51 21.23
CA ASN D 268 -25.76 24.68 22.43
C ASN D 268 -25.64 23.22 22.04
N TYR D 269 -25.23 22.40 23.01
CA TYR D 269 -25.24 20.95 22.82
C TYR D 269 -26.66 20.43 22.69
N ASN D 270 -27.61 21.04 23.41
CA ASN D 270 -29.00 20.62 23.34
C ASN D 270 -29.64 20.93 22.00
N GLU D 271 -29.00 21.72 21.13
CA GLU D 271 -29.54 21.94 19.81
C GLU D 271 -29.40 20.71 18.93
N ILE D 272 -28.50 19.78 19.29
CA ILE D 272 -28.39 18.54 18.55
C ILE D 272 -29.68 17.74 18.63
N THR D 273 -30.25 17.66 19.84
CA THR D 273 -31.52 16.96 20.00
C THR D 273 -32.63 17.65 19.23
N GLU D 274 -32.55 18.98 19.11
CA GLU D 274 -33.60 19.68 18.44
C GLU D 274 -33.47 19.50 16.98
N ILE D 275 -32.27 19.34 16.48
CA ILE D 275 -32.06 19.07 15.07
C ILE D 275 -32.52 17.66 14.73
N LEU D 276 -32.18 16.70 15.58
CA LEU D 276 -32.56 15.31 15.33
C LEU D 276 -34.06 15.13 15.38
N GLN D 277 -34.73 15.83 16.31
CA GLN D 277 -36.19 15.77 16.36
C GLN D 277 -36.80 16.33 15.10
N ARG D 278 -36.25 17.42 14.57
CA ARG D 278 -36.74 17.96 13.31
C ARG D 278 -36.53 16.99 12.17
N ILE D 279 -35.37 16.34 12.13
CA ILE D 279 -35.07 15.39 11.07
C ILE D 279 -36.03 14.21 11.12
N GLU D 280 -36.34 13.71 12.32
CA GLU D 280 -37.30 12.62 12.44
C GLU D 280 -38.71 13.09 12.09
N ASN D 281 -39.09 14.30 12.52
CA ASN D 281 -40.42 14.82 12.26
C ASN D 281 -40.67 15.01 10.78
N ASN D 282 -39.67 15.48 10.03
CA ASN D 282 -39.82 15.58 8.58
C ASN D 282 -39.97 14.22 7.92
N ILE D 283 -39.55 13.15 8.60
CA ILE D 283 -39.72 11.80 8.09
C ILE D 283 -40.95 11.14 8.67
N LYS D 284 -41.19 11.34 9.97
CA LYS D 284 -42.35 10.73 10.63
C LYS D 284 -43.65 11.25 10.04
N THR D 285 -43.73 12.57 9.81
CA THR D 285 -44.96 13.17 9.32
C THR D 285 -45.16 13.01 7.82
N LYS D 286 -44.22 12.38 7.12
CA LYS D 286 -44.40 12.15 5.69
C LYS D 286 -45.54 11.19 5.39
N THR D 287 -46.03 10.45 6.38
CA THR D 287 -47.11 9.51 6.20
C THR D 287 -48.34 10.01 6.95
N VAL D 288 -49.47 10.07 6.26
CA VAL D 288 -50.72 10.56 6.84
C VAL D 288 -51.67 9.39 7.01
N PHE D 289 -52.63 9.57 7.91
CA PHE D 289 -53.65 8.55 8.19
C PHE D 289 -55.02 9.16 7.92
N LEU D 290 -55.64 8.79 6.79
CA LEU D 290 -56.95 9.31 6.41
C LEU D 290 -58.01 8.51 7.15
N SER D 291 -58.48 9.06 8.27
CA SER D 291 -59.51 8.41 9.07
C SER D 291 -60.87 9.00 8.73
N GLY D 292 -61.87 8.15 8.80
CA GLY D 292 -63.24 8.60 8.55
C GLY D 292 -64.12 7.46 8.10
N SER D 293 -65.42 7.72 8.15
CA SER D 293 -66.45 6.78 7.72
C SER D 293 -67.75 7.56 7.59
N ALA D 294 -68.43 7.39 6.46
CA ALA D 294 -69.58 8.23 6.19
C ALA D 294 -70.68 7.46 5.47
N VAL D 295 -71.91 7.59 5.99
CA VAL D 295 -73.10 7.25 5.25
C VAL D 295 -73.89 8.51 4.87
N GLU D 296 -73.70 9.61 5.58
CA GLU D 296 -74.19 10.92 5.19
C GLU D 296 -72.99 11.84 5.03
N TYR D 297 -73.13 12.85 4.19
CA TYR D 297 -72.01 13.71 3.83
C TYR D 297 -72.35 15.17 4.11
N ASN D 298 -73.10 15.41 5.18
CA ASN D 298 -73.38 16.76 5.67
C ASN D 298 -73.96 17.66 4.59
N HIS D 299 -73.43 18.88 4.47
CA HIS D 299 -73.97 19.86 3.54
C HIS D 299 -73.85 19.40 2.10
N TRP D 300 -72.71 18.81 1.74
CA TRP D 300 -72.51 18.35 0.38
C TRP D 300 -73.37 17.13 0.08
N GLU D 301 -73.57 16.88 -1.21
CA GLU D 301 -74.23 15.67 -1.68
C GLU D 301 -73.22 14.53 -1.67
N THR D 302 -73.72 13.30 -1.83
CA THR D 302 -72.84 12.14 -1.81
C THR D 302 -71.80 12.22 -2.92
N GLU D 303 -72.22 12.59 -4.13
CA GLU D 303 -71.29 12.69 -5.24
C GLU D 303 -70.27 13.79 -5.01
N HIS D 304 -70.71 14.94 -4.51
CA HIS D 304 -69.79 16.06 -4.28
C HIS D 304 -68.75 15.70 -3.22
N ALA D 305 -69.18 15.07 -2.13
CA ALA D 305 -68.23 14.67 -1.09
C ALA D 305 -67.31 13.55 -1.55
N GLU D 306 -67.82 12.64 -2.38
CA GLU D 306 -66.95 11.62 -2.97
C GLU D 306 -65.87 12.27 -3.82
N GLN D 307 -66.23 13.26 -4.62
CA GLN D 307 -65.23 14.00 -5.39
C GLN D 307 -64.26 14.72 -4.48
N PHE D 308 -64.76 15.27 -3.37
CA PHE D 308 -63.87 15.95 -2.42
C PHE D 308 -62.82 15.00 -1.86
N ILE D 309 -63.26 13.83 -1.39
CA ILE D 309 -62.32 12.86 -0.82
C ILE D 309 -61.35 12.36 -1.89
N HIS D 310 -61.86 12.09 -3.09
CA HIS D 310 -61.03 11.64 -4.20
C HIS D 310 -59.94 12.65 -4.50
N GLN D 311 -60.31 13.92 -4.63
CA GLN D 311 -59.33 14.96 -4.96
C GLN D 311 -58.38 15.21 -3.79
N LEU D 312 -58.86 15.09 -2.55
CA LEU D 312 -57.97 15.24 -1.41
C LEU D 312 -56.89 14.17 -1.40
N SER D 313 -57.27 12.92 -1.64
CA SER D 313 -56.28 11.86 -1.72
C SER D 313 -55.34 12.06 -2.90
N LYS D 314 -55.87 12.49 -4.04
CA LYS D 314 -55.02 12.74 -5.20
C LYS D 314 -54.00 13.83 -4.91
N GLU D 315 -54.42 14.92 -4.26
CA GLU D 315 -53.49 15.98 -3.89
C GLU D 315 -52.45 15.49 -2.88
N LEU D 316 -52.89 14.70 -1.90
CA LEU D 316 -51.95 14.19 -0.90
C LEU D 316 -50.88 13.33 -1.55
N ILE D 317 -51.28 12.42 -2.45
CA ILE D 317 -50.28 11.59 -3.13
C ILE D 317 -49.42 12.44 -4.04
N ARG D 318 -50.01 13.45 -4.69
CA ARG D 318 -49.24 14.29 -5.59
C ARG D 318 -48.15 15.07 -4.87
N LYS D 319 -48.36 15.37 -3.58
CA LYS D 319 -47.38 16.08 -2.78
C LYS D 319 -46.42 15.16 -2.04
N ASP D 320 -46.20 13.95 -2.57
CA ASP D 320 -45.23 13.00 -2.03
C ASP D 320 -45.54 12.62 -0.58
N PHE D 321 -46.81 12.37 -0.30
CA PHE D 321 -47.25 11.85 0.98
C PHE D 321 -47.63 10.37 0.85
N ASN D 322 -47.56 9.68 1.98
CA ASN D 322 -47.94 8.27 2.06
C ASN D 322 -49.28 8.18 2.77
N ILE D 323 -50.26 7.56 2.13
CA ILE D 323 -51.61 7.46 2.67
C ILE D 323 -51.79 6.07 3.25
N VAL D 324 -52.14 6.00 4.54
CA VAL D 324 -52.52 4.77 5.20
C VAL D 324 -54.00 4.87 5.52
N SER D 325 -54.79 3.96 4.97
CA SER D 325 -56.24 3.99 5.11
C SER D 325 -56.72 2.66 5.67
N GLY D 326 -57.65 2.73 6.62
CA GLY D 326 -58.29 1.55 7.15
C GLY D 326 -59.42 1.02 6.32
N PHE D 327 -59.60 1.56 5.12
CA PHE D 327 -60.68 1.17 4.21
C PHE D 327 -62.03 1.34 4.90
N GLY D 328 -62.22 2.48 5.55
CA GLY D 328 -63.47 2.76 6.22
C GLY D 328 -64.60 2.96 5.23
N LEU D 329 -65.82 2.68 5.70
CA LEU D 329 -66.98 2.77 4.84
C LEU D 329 -67.30 4.21 4.51
N GLY D 330 -67.16 4.58 3.24
CA GLY D 330 -67.52 5.89 2.75
C GLY D 330 -66.35 6.77 2.39
N VAL D 331 -65.15 6.49 2.89
CA VAL D 331 -63.99 7.30 2.53
C VAL D 331 -62.88 6.42 1.95
N GLY D 332 -62.86 5.14 2.35
CA GLY D 332 -61.77 4.28 1.91
C GLY D 332 -61.77 4.04 0.42
N SER D 333 -62.94 3.78 -0.16
CA SER D 333 -63.02 3.54 -1.60
C SER D 333 -62.60 4.77 -2.38
N PHE D 334 -63.03 5.95 -1.96
CA PHE D 334 -62.69 7.16 -2.68
C PHE D 334 -61.23 7.54 -2.49
N VAL D 335 -60.66 7.25 -1.32
CA VAL D 335 -59.22 7.43 -1.13
C VAL D 335 -58.46 6.53 -2.09
N ILE D 336 -58.90 5.27 -2.22
CA ILE D 336 -58.26 4.35 -3.16
C ILE D 336 -58.38 4.89 -4.58
N ASN D 337 -59.55 5.39 -4.95
CA ASN D 337 -59.75 5.90 -6.30
C ASN D 337 -58.81 7.07 -6.57
N GLY D 338 -58.69 8.00 -5.63
CA GLY D 338 -57.80 9.12 -5.83
C GLY D 338 -56.35 8.70 -5.95
N VAL D 339 -55.91 7.79 -5.07
CA VAL D 339 -54.52 7.33 -5.11
C VAL D 339 -54.24 6.63 -6.43
N LEU D 340 -55.15 5.77 -6.88
CA LEU D 340 -54.95 5.07 -8.14
C LEU D 340 -54.91 6.03 -9.31
N GLU D 341 -55.80 7.02 -9.33
CA GLU D 341 -55.82 7.99 -10.42
C GLU D 341 -54.52 8.78 -10.46
N GLU D 342 -53.99 9.15 -9.30
CA GLU D 342 -52.73 9.89 -9.29
C GLU D 342 -51.55 9.01 -9.69
N LEU D 343 -51.52 7.76 -9.21
CA LEU D 343 -50.35 6.92 -9.44
C LEU D 343 -50.30 6.40 -10.88
N TYR D 344 -51.44 5.97 -11.42
CA TYR D 344 -51.46 5.37 -12.74
C TYR D 344 -51.28 6.40 -13.86
N MET D 345 -51.32 7.68 -13.54
CA MET D 345 -51.13 8.73 -14.55
C MET D 345 -49.65 8.95 -14.82
N THR D 349 -48.07 0.34 -11.71
CA THR D 349 -48.05 -0.46 -10.48
C THR D 349 -48.24 0.43 -9.26
N ILE D 350 -48.41 -0.20 -8.10
CA ILE D 350 -48.60 0.51 -6.83
C ILE D 350 -47.42 0.19 -5.94
N ASP D 351 -46.69 1.22 -5.53
CA ASP D 351 -45.64 1.05 -4.55
C ASP D 351 -46.24 0.75 -3.18
N ASP D 352 -45.58 -0.15 -2.44
CA ASP D 352 -46.08 -0.53 -1.13
C ASP D 352 -45.99 0.61 -0.12
N ASP D 353 -45.23 1.66 -0.44
CA ASP D 353 -45.07 2.79 0.48
C ASP D 353 -46.06 3.91 0.22
N ARG D 354 -46.62 4.01 -0.99
CA ARG D 354 -47.50 5.12 -1.30
C ARG D 354 -48.89 4.92 -0.72
N LEU D 355 -49.52 3.79 -1.02
CA LEU D 355 -50.84 3.46 -0.51
C LEU D 355 -50.75 2.18 0.30
N ILE D 356 -51.21 2.22 1.54
CA ILE D 356 -51.21 1.08 2.44
C ILE D 356 -52.65 0.85 2.88
N LEU D 357 -53.23 -0.28 2.48
CA LEU D 357 -54.60 -0.61 2.79
C LEU D 357 -54.65 -1.64 3.91
N ARG D 358 -55.45 -1.37 4.93
CA ARG D 358 -55.65 -2.28 6.05
C ARG D 358 -57.15 -2.40 6.33
N PRO D 359 -57.87 -3.13 5.48
CA PRO D 359 -59.31 -3.32 5.74
C PRO D 359 -59.53 -4.05 7.05
N PHE D 360 -60.58 -3.66 7.75
CA PHE D 360 -60.86 -4.25 9.06
C PHE D 360 -61.63 -5.55 8.89
N PRO D 361 -61.15 -6.66 9.45
CA PRO D 361 -61.88 -7.93 9.33
C PRO D 361 -63.26 -7.83 9.95
N GLN D 362 -64.27 -8.22 9.18
CA GLN D 362 -65.65 -8.15 9.62
C GLN D 362 -66.05 -9.49 10.24
N GLY D 363 -66.61 -9.43 11.44
CA GLY D 363 -66.96 -10.62 12.20
C GLY D 363 -66.55 -10.52 13.64
N LYS D 364 -67.21 -11.27 14.53
CA LYS D 364 -66.90 -11.21 15.95
C LYS D 364 -65.49 -11.67 16.27
N LYS D 365 -64.88 -12.46 15.39
CA LYS D 365 -63.51 -12.91 15.61
C LYS D 365 -62.51 -11.78 15.36
N GLY D 366 -62.77 -10.95 14.35
CA GLY D 366 -61.86 -9.85 14.05
C GLY D 366 -62.02 -8.63 14.94
N GLU D 367 -63.20 -8.44 15.54
CA GLU D 367 -63.40 -7.29 16.40
C GLU D 367 -62.49 -7.33 17.62
N GLU D 368 -62.13 -8.54 18.07
CA GLU D 368 -61.25 -8.65 19.24
C GLU D 368 -59.84 -8.17 18.91
N GLN D 369 -59.39 -8.34 17.68
CA GLN D 369 -58.09 -7.86 17.24
C GLN D 369 -58.14 -6.49 16.59
N TRP D 370 -59.35 -5.93 16.43
CA TRP D 370 -59.50 -4.61 15.83
C TRP D 370 -58.64 -3.56 16.52
N ASP D 371 -58.56 -3.60 17.85
CA ASP D 371 -57.83 -2.56 18.58
C ASP D 371 -56.34 -2.59 18.25
N LYS D 372 -55.73 -3.77 18.32
CA LYS D 372 -54.31 -3.86 17.99
C LYS D 372 -54.07 -3.59 16.51
N TYR D 373 -55.03 -3.92 15.67
CA TYR D 373 -54.91 -3.67 14.25
C TYR D 373 -54.89 -2.20 14.02
N ARG D 374 -55.73 -1.46 14.72
CA ARG D 374 -55.82 -0.01 14.56
C ARG D 374 -54.62 0.67 15.12
N ARG D 375 -54.10 0.18 16.22
CA ARG D 375 -52.87 0.75 16.76
C ARG D 375 -51.70 0.50 15.83
N ASP D 376 -51.64 -0.68 15.20
CA ASP D 376 -50.59 -0.96 14.24
C ASP D 376 -50.68 -0.04 13.03
N MET D 377 -51.91 0.20 12.54
CA MET D 377 -52.09 1.13 11.42
C MET D 377 -51.59 2.52 11.78
N ILE D 378 -52.06 3.05 12.90
CA ILE D 378 -51.76 4.43 13.27
C ILE D 378 -50.27 4.60 13.59
N THR D 379 -49.65 3.56 14.16
CA THR D 379 -48.23 3.63 14.47
C THR D 379 -47.39 3.85 13.20
N ARG D 380 -47.88 3.36 12.05
CA ARG D 380 -47.16 3.54 10.80
C ARG D 380 -47.14 4.98 10.32
N THR D 381 -48.02 5.83 10.84
CA THR D 381 -48.23 7.17 10.31
C THR D 381 -47.65 8.22 11.27
N GLY D 382 -47.64 9.46 10.80
CA GLY D 382 -47.19 10.58 11.60
C GLY D 382 -48.23 11.66 11.80
N VAL D 383 -49.15 11.79 10.84
CA VAL D 383 -50.19 12.81 10.86
C VAL D 383 -51.53 12.11 10.62
N SER D 384 -52.56 12.53 11.35
CA SER D 384 -53.90 11.94 11.22
C SER D 384 -54.88 13.01 10.76
N ILE D 385 -55.62 12.71 9.69
CA ILE D 385 -56.65 13.59 9.15
C ILE D 385 -57.99 12.88 9.26
N PHE D 386 -59.00 13.57 9.79
CA PHE D 386 -60.28 12.97 10.12
C PHE D 386 -61.37 13.62 9.28
N LEU D 387 -62.18 12.80 8.62
CA LEU D 387 -63.27 13.25 7.78
C LEU D 387 -64.57 12.61 8.23
N TYR D 388 -65.61 13.45 8.41
CA TYR D 388 -66.94 12.99 8.79
C TYR D 388 -66.88 12.11 10.03
N GLY D 389 -67.37 10.87 9.93
CA GLY D 389 -67.30 9.97 11.06
C GLY D 389 -68.63 9.50 11.59
N ASN D 390 -69.63 9.34 10.72
CA ASN D 390 -70.90 8.76 11.11
C ASN D 390 -71.05 7.37 10.49
N LYS D 391 -71.92 6.57 11.01
CA LYS D 391 -72.13 5.23 10.50
C LYS D 391 -73.57 4.85 10.74
N ILE D 392 -74.13 4.02 9.95
CA ILE D 392 -75.52 3.58 10.01
C ILE D 392 -75.63 2.47 11.06
N ASP D 393 -76.49 2.68 12.05
CA ASP D 393 -76.68 1.72 13.13
C ASP D 393 -78.13 1.77 13.57
N LYS D 394 -78.76 0.60 13.72
CA LYS D 394 -80.16 0.50 14.11
C LYS D 394 -81.06 1.30 13.19
N GLY D 395 -80.71 1.33 11.91
CA GLY D 395 -81.50 2.09 10.94
C GLY D 395 -81.35 3.59 11.04
N GLN D 396 -80.40 4.09 11.82
CA GLN D 396 -80.20 5.51 12.03
C GLN D 396 -78.74 5.86 11.84
N VAL D 397 -78.48 7.12 11.51
CA VAL D 397 -77.14 7.61 11.24
C VAL D 397 -76.54 8.01 12.58
N VAL D 398 -75.92 7.05 13.26
CA VAL D 398 -75.27 7.30 14.55
C VAL D 398 -73.88 7.85 14.31
N LYS D 399 -73.25 8.38 15.35
CA LYS D 399 -71.87 8.84 15.26
C LYS D 399 -70.93 7.65 15.45
N ALA D 400 -69.96 7.53 14.55
CA ALA D 400 -69.07 6.38 14.55
C ALA D 400 -67.97 6.56 15.59
N LYS D 401 -67.91 5.66 16.57
CA LYS D 401 -66.93 5.77 17.63
C LYS D 401 -65.53 5.33 17.21
N GLY D 402 -65.40 4.66 16.07
CA GLY D 402 -64.08 4.27 15.60
C GLY D 402 -63.21 5.45 15.23
N VAL D 403 -63.82 6.51 14.67
CA VAL D 403 -63.05 7.71 14.36
C VAL D 403 -62.53 8.34 15.65
N GLN D 404 -63.37 8.38 16.68
CA GLN D 404 -62.92 8.89 17.98
C GLN D 404 -61.81 8.03 18.56
N SER D 405 -61.93 6.70 18.40
CA SER D 405 -60.88 5.82 18.89
C SER D 405 -59.57 6.04 18.15
N GLU D 406 -59.64 6.27 16.85
CA GLU D 406 -58.45 6.55 16.09
C GLU D 406 -57.86 7.85 16.55
N PHE D 407 -58.68 8.87 16.74
CA PHE D 407 -58.19 10.14 17.23
C PHE D 407 -57.47 9.98 18.56
N ASN D 408 -58.05 9.20 19.48
CA ASN D 408 -57.43 8.97 20.77
C ASN D 408 -56.10 8.23 20.63
N ILE D 409 -56.05 7.24 19.75
CA ILE D 409 -54.82 6.48 19.55
C ILE D 409 -53.74 7.36 18.94
N SER D 410 -54.09 8.18 17.95
CA SER D 410 -53.12 9.08 17.35
C SER D 410 -52.61 10.10 18.36
N PHE D 411 -53.51 10.63 19.19
CA PHE D 411 -53.11 11.58 20.22
C PHE D 411 -52.19 10.94 21.25
N GLU D 412 -52.47 9.68 21.60
CA GLU D 412 -51.58 8.96 22.53
C GLU D 412 -50.19 8.79 21.94
N GLN D 413 -50.07 8.77 20.62
CA GLN D 413 -48.80 8.56 19.94
C GLN D 413 -48.11 9.89 19.58
N ASN D 414 -48.64 11.01 20.06
CA ASN D 414 -48.10 12.34 19.76
C ASN D 414 -48.16 12.64 18.26
N ASN D 415 -49.11 12.04 17.56
CA ASN D 415 -49.33 12.37 16.17
C ASN D 415 -50.09 13.68 16.04
N TYR D 416 -49.78 14.42 14.99
CA TYR D 416 -50.52 15.64 14.69
C TYR D 416 -51.91 15.28 14.21
N VAL D 417 -52.94 15.83 14.87
CA VAL D 417 -54.32 15.54 14.52
C VAL D 417 -54.87 16.72 13.72
N VAL D 418 -55.50 16.42 12.60
CA VAL D 418 -56.10 17.45 11.74
C VAL D 418 -57.57 17.10 11.52
N PRO D 419 -58.45 17.43 12.46
CA PRO D 419 -59.87 17.13 12.25
C PRO D 419 -60.53 18.11 11.30
N VAL D 420 -60.98 17.62 10.15
CA VAL D 420 -61.63 18.45 9.14
C VAL D 420 -63.05 18.70 9.62
N GLY D 421 -63.26 19.85 10.26
CA GLY D 421 -64.57 20.16 10.81
C GLY D 421 -65.63 20.50 9.80
N ALA D 422 -65.24 20.89 8.58
CA ALA D 422 -66.23 21.15 7.54
C ALA D 422 -66.99 19.91 7.13
N THR D 423 -66.39 18.72 7.29
CA THR D 423 -67.10 17.50 6.97
C THR D 423 -68.26 17.26 7.93
N GLY D 424 -68.09 17.61 9.19
CA GLY D 424 -69.16 17.52 10.17
C GLY D 424 -69.15 16.21 10.93
N TYR D 425 -70.21 16.05 11.73
CA TYR D 425 -70.45 14.85 12.54
C TYR D 425 -69.41 14.73 13.65
N ILE D 426 -68.71 13.60 13.74
CA ILE D 426 -67.76 13.40 14.83
C ILE D 426 -66.49 14.19 14.54
N ALA D 427 -66.27 14.52 13.27
CA ALA D 427 -65.14 15.37 12.91
C ALA D 427 -65.33 16.81 13.38
N LYS D 428 -66.56 17.32 13.39
CA LYS D 428 -66.81 18.63 13.96
C LYS D 428 -66.56 18.64 15.47
N ASP D 429 -66.98 17.57 16.16
CA ASP D 429 -66.72 17.46 17.59
C ASP D 429 -65.22 17.39 17.86
N LEU D 430 -64.49 16.62 17.06
CA LEU D 430 -63.04 16.55 17.19
C LEU D 430 -62.42 17.93 16.98
N TRP D 431 -62.90 18.65 15.97
CA TRP D 431 -62.37 19.99 15.71
C TRP D 431 -62.61 20.92 16.89
N ASN D 432 -63.81 20.87 17.46
CA ASN D 432 -64.11 21.71 18.63
C ASN D 432 -63.24 21.31 19.81
N LYS D 433 -63.02 20.00 20.01
CA LYS D 433 -62.20 19.53 21.12
C LYS D 433 -60.76 20.02 20.99
N VAL D 434 -60.21 19.96 19.78
CA VAL D 434 -58.86 20.45 19.57
C VAL D 434 -58.80 21.97 19.73
N ASN D 435 -59.87 22.66 19.30
CA ASN D 435 -59.88 24.12 19.35
C ASN D 435 -59.99 24.64 20.78
N GLU D 436 -60.69 23.92 21.65
CA GLU D 436 -60.87 24.41 23.02
C GLU D 436 -59.54 24.55 23.74
N GLU D 437 -58.66 23.55 23.61
CA GLU D 437 -57.32 23.58 24.20
C GLU D 437 -56.33 23.40 23.06
N PHE D 438 -55.98 24.51 22.40
CA PHE D 438 -55.15 24.42 21.20
C PHE D 438 -53.69 24.17 21.53
N GLU D 439 -53.20 24.67 22.67
CA GLU D 439 -51.81 24.43 23.04
C GLU D 439 -51.55 22.97 23.39
N THR D 440 -52.58 22.25 23.82
CA THR D 440 -52.41 20.83 24.16
C THR D 440 -52.07 20.01 22.93
N TYR D 441 -52.76 20.27 21.81
CA TYR D 441 -52.56 19.47 20.61
C TYR D 441 -51.56 20.08 19.63
N TYR D 442 -51.47 21.41 19.57
CA TYR D 442 -50.53 22.10 18.68
C TYR D 442 -49.76 23.13 19.49
N PRO D 443 -48.77 22.70 20.26
CA PRO D 443 -47.97 23.64 21.04
C PRO D 443 -47.14 24.55 20.14
N GLY D 444 -46.96 25.79 20.58
CA GLY D 444 -46.13 26.73 19.86
C GLY D 444 -46.60 27.03 18.45
N ALA D 445 -47.91 27.21 18.27
CA ALA D 445 -48.47 27.47 16.96
C ALA D 445 -48.27 28.94 16.58
N ASP D 446 -48.39 29.20 15.29
CA ASP D 446 -48.25 30.54 14.74
C ASP D 446 -49.62 31.08 14.32
N ALA D 447 -49.63 32.32 13.84
CA ALA D 447 -50.87 32.92 13.35
C ALA D 447 -51.40 32.19 12.13
N ARG D 448 -50.50 31.80 11.22
CA ARG D 448 -50.93 31.09 10.01
C ARG D 448 -51.55 29.74 10.36
N MET D 449 -50.95 29.00 11.30
CA MET D 449 -51.50 27.72 11.69
C MET D 449 -52.89 27.88 12.32
N LYS D 450 -53.05 28.88 13.17
CA LYS D 450 -54.35 29.12 13.79
C LYS D 450 -55.39 29.51 12.74
N LYS D 451 -55.00 30.33 11.76
CA LYS D 451 -55.93 30.71 10.71
C LYS D 451 -56.34 29.50 9.88
N LEU D 452 -55.39 28.63 9.54
CA LEU D 452 -55.71 27.43 8.78
C LEU D 452 -56.62 26.51 9.58
N PHE D 453 -56.35 26.36 10.89
CA PHE D 453 -57.19 25.50 11.71
C PHE D 453 -58.60 26.05 11.82
N GLY D 454 -58.73 27.37 11.96
CA GLY D 454 -60.06 27.97 12.01
C GLY D 454 -60.75 27.93 10.67
N GLU D 455 -60.00 27.79 9.58
CA GLU D 455 -60.57 27.64 8.26
C GLU D 455 -61.00 26.21 7.97
N LEU D 456 -60.53 25.23 8.75
CA LEU D 456 -60.96 23.86 8.58
C LEU D 456 -62.44 23.67 8.88
N ASN D 457 -63.03 24.55 9.69
CA ASN D 457 -64.44 24.48 10.04
C ASN D 457 -65.27 25.47 9.24
N ASN D 458 -64.68 26.11 8.23
CA ASN D 458 -65.39 27.06 7.38
C ASN D 458 -66.22 26.27 6.38
N GLU D 459 -67.49 26.00 6.73
CA GLU D 459 -68.35 25.17 5.90
C GLU D 459 -68.70 25.81 4.56
N ALA D 460 -68.47 27.10 4.40
CA ALA D 460 -68.76 27.77 3.14
C ALA D 460 -67.69 27.57 2.09
N LEU D 461 -66.58 26.92 2.44
CA LEU D 461 -65.52 26.67 1.48
C LEU D 461 -65.96 25.64 0.45
N SER D 462 -65.44 25.79 -0.77
CA SER D 462 -65.66 24.81 -1.81
C SER D 462 -64.73 23.62 -1.61
N ILE D 463 -64.79 22.67 -2.55
CA ILE D 463 -63.93 21.50 -2.47
C ILE D 463 -62.47 21.90 -2.62
N GLU D 464 -62.16 22.71 -3.63
CA GLU D 464 -60.77 23.09 -3.90
C GLU D 464 -60.19 23.89 -2.75
N GLU D 465 -60.96 24.85 -2.22
CA GLU D 465 -60.45 25.69 -1.14
C GLU D 465 -60.18 24.86 0.12
N LEU D 466 -61.10 23.96 0.46
CA LEU D 466 -60.91 23.12 1.63
C LEU D 466 -59.71 22.21 1.46
N ILE D 467 -59.54 21.63 0.27
CA ILE D 467 -58.40 20.75 0.02
C ILE D 467 -57.09 21.53 0.11
N ASN D 468 -57.08 22.75 -0.44
CA ASN D 468 -55.87 23.58 -0.34
C ASN D 468 -55.57 23.91 1.12
N THR D 469 -56.60 24.20 1.91
CA THR D 469 -56.40 24.47 3.33
C THR D 469 -55.78 23.27 4.03
N ILE D 470 -56.32 22.07 3.79
CA ILE D 470 -55.79 20.87 4.42
C ILE D 470 -54.36 20.62 3.97
N ILE D 471 -54.08 20.80 2.68
CA ILE D 471 -52.74 20.54 2.17
C ILE D 471 -51.74 21.50 2.78
N GLU D 472 -52.08 22.79 2.85
CA GLU D 472 -51.19 23.76 3.47
C GLU D 472 -50.97 23.46 4.94
N PHE D 473 -52.03 23.02 5.63
CA PHE D 473 -51.89 22.64 7.04
C PHE D 473 -50.90 21.50 7.20
N VAL D 474 -51.06 20.45 6.39
CA VAL D 474 -50.16 19.30 6.49
C VAL D 474 -48.74 19.69 6.11
N GLU D 475 -48.59 20.59 5.13
CA GLU D 475 -47.25 21.03 4.73
C GLU D 475 -46.56 21.78 5.86
N ILE D 476 -47.25 22.75 6.46
CA ILE D 476 -46.62 23.49 7.55
C ILE D 476 -46.39 22.59 8.76
N LEU D 477 -47.15 21.51 8.90
CA LEU D 477 -46.84 20.55 9.95
C LEU D 477 -45.56 19.78 9.65
N SER D 478 -45.43 19.29 8.40
CA SER D 478 -44.28 18.46 8.06
C SER D 478 -42.99 19.27 8.03
N ASN D 479 -43.04 20.48 7.48
CA ASN D 479 -41.85 21.32 7.40
C ASN D 479 -42.16 22.77 7.79
N MET E 4 45.67 46.63 -30.11
CA MET E 4 45.31 47.31 -31.35
C MET E 4 43.79 47.38 -31.51
N LYS E 5 43.33 47.33 -32.75
CA LYS E 5 41.90 47.43 -33.07
C LYS E 5 41.51 46.26 -33.97
N MET E 6 40.24 46.26 -34.38
CA MET E 6 39.67 45.23 -35.23
C MET E 6 38.98 45.88 -36.43
N ASN E 7 38.20 45.07 -37.15
CA ASN E 7 37.51 45.55 -38.33
C ASN E 7 36.50 46.64 -37.96
N PRO E 8 36.22 47.56 -38.87
CA PRO E 8 35.24 48.62 -38.56
C PRO E 8 33.87 48.09 -38.21
N ILE E 9 33.44 46.98 -38.80
CA ILE E 9 32.14 46.40 -38.47
C ILE E 9 32.13 45.97 -37.00
N VAL E 10 33.20 45.31 -36.56
CA VAL E 10 33.29 44.88 -35.17
C VAL E 10 33.34 46.08 -34.24
N GLU E 11 34.03 47.15 -34.65
CA GLU E 11 34.08 48.35 -33.83
C GLU E 11 32.72 48.99 -33.69
N LEU E 12 31.95 49.06 -34.78
CA LEU E 12 30.60 49.59 -34.70
C LEU E 12 29.73 48.73 -33.79
N PHE E 13 29.84 47.41 -33.89
CA PHE E 13 29.10 46.53 -33.00
C PHE E 13 29.50 46.77 -31.54
N ILE E 14 30.79 46.95 -31.29
CA ILE E 14 31.27 47.19 -29.93
C ILE E 14 30.67 48.47 -29.38
N LYS E 15 30.69 49.54 -30.18
CA LYS E 15 30.12 50.81 -29.73
C LYS E 15 28.63 50.66 -29.43
N ASP E 16 27.89 50.04 -30.35
CA ASP E 16 26.45 49.89 -30.16
C ASP E 16 26.12 49.05 -28.93
N PHE E 17 26.83 47.93 -28.75
CA PHE E 17 26.51 47.04 -27.64
C PHE E 17 26.95 47.63 -26.31
N THR E 18 28.06 48.37 -26.28
CA THR E 18 28.43 49.08 -25.05
C THR E 18 27.40 50.13 -24.71
N LYS E 19 26.84 50.81 -25.73
CA LYS E 19 25.75 51.73 -25.48
C LYS E 19 24.54 51.01 -24.91
N GLU E 20 24.26 49.80 -25.41
CA GLU E 20 23.10 49.05 -24.93
C GLU E 20 23.33 48.54 -23.50
N VAL E 21 24.52 48.02 -23.20
CA VAL E 21 24.77 47.43 -21.89
C VAL E 21 24.71 48.50 -20.80
N MET E 22 25.29 49.66 -21.04
CA MET E 22 25.32 50.70 -20.03
C MET E 22 23.92 51.20 -19.68
N GLU E 23 22.93 50.94 -20.52
CA GLU E 23 21.55 51.29 -20.22
C GLU E 23 20.77 50.10 -19.66
N GLU E 24 21.45 48.98 -19.39
CA GLU E 24 20.83 47.78 -18.83
C GLU E 24 19.65 47.31 -19.68
N ASN E 25 19.80 47.38 -21.00
CA ASN E 25 18.79 46.91 -21.93
C ASN E 25 19.35 45.80 -22.83
N ALA E 26 20.42 45.15 -22.38
CA ALA E 26 21.09 44.13 -23.16
C ALA E 26 20.95 42.76 -22.49
N ALA E 27 20.84 41.73 -23.32
CA ALA E 27 20.74 40.36 -22.87
C ALA E 27 21.68 39.49 -23.68
N ILE E 28 22.09 38.38 -23.08
CA ILE E 28 23.03 37.45 -23.72
C ILE E 28 22.31 36.13 -23.93
N PHE E 29 22.31 35.65 -25.17
CA PHE E 29 21.79 34.34 -25.50
C PHE E 29 22.99 33.44 -25.79
N ALA E 30 23.30 32.55 -24.84
CA ALA E 30 24.46 31.68 -24.94
C ALA E 30 24.01 30.28 -25.31
N GLY E 31 24.52 29.77 -26.43
CA GLY E 31 24.25 28.42 -26.86
C GLY E 31 25.25 27.44 -26.26
N ALA E 32 25.23 26.22 -26.80
CA ALA E 32 26.13 25.19 -26.32
C ALA E 32 27.58 25.48 -26.71
N GLY E 33 27.79 26.29 -27.75
CA GLY E 33 29.14 26.53 -28.22
C GLY E 33 29.99 27.35 -27.26
N LEU E 34 29.34 28.16 -26.43
CA LEU E 34 30.10 28.97 -25.48
C LEU E 34 30.76 28.11 -24.41
N SER E 35 30.23 26.91 -24.16
CA SER E 35 30.79 26.00 -23.18
C SER E 35 31.71 24.95 -23.78
N MET E 36 31.69 24.77 -25.11
CA MET E 36 32.55 23.77 -25.73
C MET E 36 34.02 24.12 -25.62
N SER E 37 34.36 25.39 -25.38
CA SER E 37 35.74 25.76 -25.13
C SER E 37 36.19 25.42 -23.72
N VAL E 38 35.26 25.18 -22.81
CA VAL E 38 35.61 24.91 -21.42
C VAL E 38 36.27 23.54 -21.28
N GLY E 39 35.79 22.55 -22.02
CA GLY E 39 36.33 21.21 -21.93
C GLY E 39 35.29 20.12 -22.08
N TYR E 40 34.02 20.51 -22.11
CA TYR E 40 32.95 19.55 -22.34
C TYR E 40 33.04 18.99 -23.74
N VAL E 41 32.83 17.68 -23.87
CA VAL E 41 32.81 17.05 -25.18
C VAL E 41 31.55 17.49 -25.93
N SER E 42 31.63 17.51 -27.26
CA SER E 42 30.51 17.94 -28.06
C SER E 42 29.34 16.95 -27.93
N TRP E 43 28.13 17.45 -28.17
CA TRP E 43 26.95 16.62 -28.07
C TRP E 43 27.00 15.44 -29.04
N ALA E 44 27.61 15.64 -30.20
CA ALA E 44 27.81 14.54 -31.13
C ALA E 44 28.66 13.44 -30.51
N LYS E 45 29.68 13.80 -29.76
CA LYS E 45 30.57 12.79 -29.17
C LYS E 45 29.87 12.11 -28.04
N LEU E 46 28.98 12.82 -27.35
CA LEU E 46 28.16 12.16 -26.34
C LEU E 46 27.23 11.14 -26.97
N LEU E 47 26.62 11.49 -28.10
CA LEU E 47 25.68 10.59 -28.75
C LEU E 47 26.36 9.51 -29.58
N GLU E 48 27.68 9.53 -29.69
CA GLU E 48 28.39 8.52 -30.48
C GLU E 48 28.09 7.08 -30.05
N PRO E 49 28.19 6.71 -28.76
CA PRO E 49 27.81 5.33 -28.40
C PRO E 49 26.34 5.04 -28.63
N ILE E 50 25.48 6.03 -28.41
CA ILE E 50 24.04 5.84 -28.59
C ILE E 50 23.72 5.51 -30.04
N ALA E 51 24.33 6.24 -30.98
CA ALA E 51 24.13 5.95 -32.39
C ALA E 51 24.64 4.56 -32.75
N GLN E 52 25.80 4.18 -32.20
CA GLN E 52 26.33 2.85 -32.46
C GLN E 52 25.37 1.78 -31.95
N GLU E 53 24.66 2.07 -30.86
CA GLU E 53 23.77 1.08 -30.27
C GLU E 53 22.62 0.72 -31.21
N ILE E 54 22.06 1.71 -31.89
CA ILE E 54 20.89 1.47 -32.74
C ILE E 54 21.33 1.20 -34.18
N GLY E 55 22.63 1.10 -34.40
CA GLY E 55 23.14 0.78 -35.71
C GLY E 55 23.48 1.97 -36.60
N LEU E 56 23.41 3.19 -36.07
CA LEU E 56 23.74 4.37 -36.84
C LEU E 56 25.13 4.89 -36.46
N ASP E 57 25.53 6.00 -37.08
CA ASP E 57 26.82 6.62 -36.83
C ASP E 57 26.63 8.12 -36.82
N VAL E 58 27.20 8.79 -35.82
CA VAL E 58 27.01 10.23 -35.67
C VAL E 58 27.71 10.99 -36.79
N ASN E 59 28.90 10.53 -37.19
CA ASN E 59 29.65 11.24 -38.21
C ASN E 59 28.89 11.34 -39.52
N LYS E 60 28.05 10.35 -39.82
CA LYS E 60 27.23 10.36 -41.02
C LYS E 60 25.84 10.91 -40.79
N GLU E 61 25.54 11.39 -39.59
CA GLU E 61 24.23 11.92 -39.24
C GLU E 61 24.32 13.43 -39.03
N ASN E 62 23.37 14.16 -39.59
CA ASN E 62 23.31 15.61 -39.45
C ASN E 62 22.36 16.08 -38.36
N ASP E 63 21.31 15.31 -38.07
CA ASP E 63 20.29 15.68 -37.10
C ASP E 63 20.47 14.78 -35.87
N LEU E 64 21.04 15.33 -34.80
CA LEU E 64 21.22 14.57 -33.58
C LEU E 64 19.92 14.43 -32.79
N VAL E 65 18.99 15.38 -32.96
CA VAL E 65 17.71 15.28 -32.29
C VAL E 65 16.95 14.05 -32.77
N SER E 66 16.92 13.84 -34.09
CA SER E 66 16.28 12.65 -34.63
C SER E 66 17.03 11.39 -34.24
N LEU E 67 18.35 11.48 -34.09
CA LEU E 67 19.13 10.33 -33.63
C LEU E 67 18.71 9.91 -32.23
N ALA E 68 18.60 10.88 -31.31
CA ALA E 68 18.15 10.58 -29.97
C ALA E 68 16.71 10.08 -29.97
N GLN E 69 15.87 10.63 -30.86
CA GLN E 69 14.49 10.16 -30.95
C GLN E 69 14.43 8.72 -31.42
N TYR E 70 15.28 8.35 -32.39
CA TYR E 70 15.34 6.96 -32.82
C TYR E 70 15.80 6.05 -31.68
N TYR E 71 16.79 6.51 -30.92
CA TYR E 71 17.25 5.70 -29.78
C TYR E 71 16.13 5.50 -28.78
N CYS E 72 15.34 6.54 -28.50
CA CYS E 72 14.21 6.39 -27.59
C CYS E 72 13.16 5.47 -28.18
N ASN E 73 12.92 5.55 -29.49
CA ASN E 73 11.92 4.69 -30.13
C ASN E 73 12.32 3.23 -30.01
N GLU E 74 13.61 2.92 -30.14
CA GLU E 74 14.05 1.54 -30.02
C GLU E 74 13.79 0.99 -28.63
N ASN E 75 13.97 1.82 -27.60
CA ASN E 75 13.81 1.40 -26.21
C ASN E 75 12.41 1.66 -25.66
N GLN E 76 11.40 1.66 -26.52
CA GLN E 76 10.01 1.89 -26.11
C GLN E 76 9.85 3.22 -25.38
N GLY E 77 10.56 4.24 -25.86
CA GLY E 77 10.41 5.57 -25.30
C GLY E 77 11.07 5.79 -23.96
N ASN E 78 12.17 5.09 -23.67
CA ASN E 78 12.88 5.23 -22.41
C ASN E 78 14.15 6.06 -22.62
N ARG E 79 14.40 6.99 -21.70
CA ARG E 79 15.51 7.92 -21.80
C ARG E 79 16.57 7.72 -20.73
N GLY E 80 16.63 6.53 -20.12
CA GLY E 80 17.54 6.33 -19.01
C GLY E 80 19.00 6.57 -19.39
N ARG E 81 19.42 5.98 -20.51
CA ARG E 81 20.82 6.12 -20.92
C ARG E 81 21.15 7.56 -21.29
N ILE E 82 20.23 8.26 -21.96
CA ILE E 82 20.50 9.64 -22.35
C ILE E 82 20.58 10.53 -21.12
N ASN E 83 19.66 10.35 -20.17
CA ASN E 83 19.70 11.12 -18.94
C ASN E 83 21.01 10.89 -18.19
N GLN E 84 21.41 9.61 -18.08
CA GLN E 84 22.65 9.30 -17.39
C GLN E 84 23.85 9.91 -18.11
N ILE E 85 23.85 9.89 -19.44
CA ILE E 85 24.96 10.43 -20.20
C ILE E 85 25.09 11.93 -19.96
N ILE E 86 23.99 12.66 -20.07
CA ILE E 86 24.08 14.11 -19.92
C ILE E 86 24.42 14.48 -18.48
N LEU E 87 23.89 13.73 -17.51
CA LEU E 87 24.22 14.00 -16.12
C LEU E 87 25.69 13.75 -15.83
N ASP E 88 26.25 12.68 -16.40
CA ASP E 88 27.65 12.36 -16.14
C ASP E 88 28.59 13.30 -16.88
N GLU E 89 28.16 13.84 -18.02
CA GLU E 89 29.07 14.69 -18.78
C GLU E 89 29.01 16.15 -18.37
N PHE E 90 27.81 16.71 -18.22
CA PHE E 90 27.67 18.14 -18.00
C PHE E 90 27.70 18.53 -16.53
N SER E 91 27.90 17.58 -15.63
CA SER E 91 28.06 17.89 -14.21
C SER E 91 29.51 17.74 -13.75
N ARG E 92 30.46 17.68 -14.67
CA ARG E 92 31.85 17.55 -14.29
C ARG E 92 32.38 18.87 -13.71
N LYS E 93 33.49 18.76 -12.99
CA LYS E 93 34.12 19.93 -12.38
C LYS E 93 35.17 20.47 -13.34
N VAL E 94 34.85 21.60 -13.98
CA VAL E 94 35.73 22.21 -14.97
C VAL E 94 35.93 23.68 -14.62
N ASP E 95 37.07 24.22 -15.04
CA ASP E 95 37.39 25.62 -14.77
C ASP E 95 36.68 26.52 -15.77
N LEU E 96 36.22 27.67 -15.29
CA LEU E 96 35.52 28.62 -16.14
C LEU E 96 36.46 29.22 -17.18
N THR E 97 35.89 29.58 -18.32
CA THR E 97 36.63 30.30 -19.35
C THR E 97 36.60 31.80 -19.08
N GLU E 98 37.31 32.55 -19.86
CA GLU E 98 37.37 33.96 -19.65
C GLU E 98 36.13 34.61 -20.09
N ASN E 99 35.47 34.03 -21.08
CA ASN E 99 34.23 34.63 -21.57
C ASN E 99 33.16 34.65 -20.48
N HIS E 100 33.02 33.56 -19.73
CA HIS E 100 32.02 33.53 -18.67
C HIS E 100 32.31 34.56 -17.59
N LYS E 101 33.58 34.70 -17.21
CA LYS E 101 33.94 35.69 -16.21
C LYS E 101 33.69 37.11 -16.71
N ILE E 102 34.01 37.38 -17.97
CA ILE E 102 33.75 38.71 -18.53
C ILE E 102 32.26 39.01 -18.55
N LEU E 103 31.46 38.03 -19.00
CA LEU E 103 30.01 38.23 -19.00
C LEU E 103 29.46 38.43 -17.61
N ALA E 104 30.06 37.78 -16.60
CA ALA E 104 29.64 37.98 -15.23
C ALA E 104 30.00 39.37 -14.74
N ARG E 105 31.14 39.90 -15.19
CA ARG E 105 31.54 41.24 -14.77
C ARG E 105 30.71 42.33 -15.44
N LEU E 106 30.15 42.04 -16.61
CA LEU E 106 29.37 43.03 -17.33
C LEU E 106 28.03 43.28 -16.62
N PRO E 107 27.50 44.51 -16.72
CA PRO E 107 26.18 44.82 -16.13
C PRO E 107 25.03 44.31 -16.99
N ILE E 108 24.90 43.00 -17.07
CA ILE E 108 23.86 42.34 -17.86
C ILE E 108 22.95 41.59 -16.91
N HIS E 109 21.65 41.83 -17.03
CA HIS E 109 20.66 41.33 -16.07
C HIS E 109 19.81 40.19 -16.62
N THR E 110 20.11 39.69 -17.81
CA THR E 110 19.31 38.64 -18.42
C THR E 110 20.20 37.72 -19.24
N TYR E 111 20.14 36.42 -18.96
CA TYR E 111 20.83 35.41 -19.74
C TYR E 111 19.84 34.34 -20.17
N TRP E 112 19.85 34.01 -21.46
CA TRP E 112 19.07 32.89 -21.99
C TRP E 112 20.05 31.84 -22.49
N THR E 113 19.90 30.61 -22.02
CA THR E 113 20.86 29.56 -22.29
C THR E 113 20.16 28.31 -22.80
N THR E 114 20.76 27.67 -23.81
CA THR E 114 20.34 26.35 -24.26
C THR E 114 21.33 25.27 -23.83
N ALA E 115 22.23 25.58 -22.91
CA ALA E 115 23.20 24.63 -22.40
C ALA E 115 22.79 24.17 -21.01
N TYR E 116 22.98 22.87 -20.75
CA TYR E 116 22.57 22.29 -19.48
C TYR E 116 23.57 22.57 -18.35
N ASP E 117 24.80 22.93 -18.68
CA ASP E 117 25.82 23.16 -17.66
C ASP E 117 25.53 24.44 -16.87
N ARG E 118 26.06 24.47 -15.64
CA ARG E 118 25.89 25.61 -14.75
C ARG E 118 27.08 26.55 -14.77
N LEU E 119 27.78 26.68 -15.90
CA LEU E 119 28.94 27.55 -15.97
C LEU E 119 28.56 29.01 -15.79
N ILE E 120 27.44 29.43 -16.38
CA ILE E 120 27.00 30.81 -16.24
C ILE E 120 26.68 31.12 -14.77
N GLU E 121 26.00 30.20 -14.10
CA GLU E 121 25.68 30.40 -12.68
C GLU E 121 26.94 30.50 -11.84
N LYS E 122 27.92 29.79 -12.22
CA LYS E 122 29.10 29.72 -11.41
C LYS E 122 29.84 30.97 -11.64
N ALA E 123 29.93 31.43 -12.86
CA ALA E 123 30.59 32.70 -13.18
C ALA E 123 29.92 33.86 -12.47
N LEU E 124 28.59 33.87 -12.43
CA LEU E 124 27.88 34.94 -11.74
C LEU E 124 28.11 34.89 -10.23
N GLU E 125 28.18 33.69 -9.66
CA GLU E 125 28.38 33.57 -8.22
C GLU E 125 29.81 33.87 -7.81
N GLU E 126 30.79 33.65 -8.71
CA GLU E 126 32.16 33.97 -8.38
C GLU E 126 32.37 35.48 -8.23
N GLU E 127 31.62 36.28 -8.97
CA GLU E 127 31.69 37.73 -8.90
C GLU E 127 30.81 38.31 -7.80
N ASN E 128 30.37 37.48 -6.86
CA ASN E 128 29.50 37.91 -5.76
C ASN E 128 28.22 38.56 -6.29
N LYS E 129 27.69 38.01 -7.37
CA LYS E 129 26.44 38.48 -7.96
C LYS E 129 25.34 37.47 -7.68
N ILE E 130 24.21 37.95 -7.18
CA ILE E 130 23.07 37.09 -6.89
C ILE E 130 22.40 36.75 -8.21
N ALA E 131 22.48 35.49 -8.61
CA ALA E 131 21.94 35.02 -9.88
C ALA E 131 20.73 34.14 -9.64
N ASP E 132 19.67 34.37 -10.42
CA ASP E 132 18.41 33.65 -10.28
C ASP E 132 18.23 32.77 -11.50
N VAL E 133 18.51 31.48 -11.34
CA VAL E 133 18.43 30.53 -12.44
C VAL E 133 17.01 29.98 -12.54
N LYS E 134 16.43 30.03 -13.73
CA LYS E 134 15.06 29.59 -13.97
C LYS E 134 15.06 28.59 -15.12
N TYR E 135 14.71 27.34 -14.82
CA TYR E 135 14.56 26.32 -15.85
C TYR E 135 13.26 25.54 -15.72
N THR E 136 12.36 25.94 -14.82
CA THR E 136 11.07 25.29 -14.64
C THR E 136 9.97 26.34 -14.75
N VAL E 137 8.78 25.89 -15.12
CA VAL E 137 7.65 26.81 -15.29
C VAL E 137 7.28 27.45 -13.97
N LYS E 138 7.24 26.65 -12.89
CA LYS E 138 6.85 27.18 -11.59
C LYS E 138 7.85 28.23 -11.09
N GLN E 139 9.12 28.08 -11.47
CA GLN E 139 10.14 29.01 -11.00
C GLN E 139 9.95 30.42 -11.55
N LEU E 140 9.21 30.57 -12.65
CA LEU E 140 9.01 31.90 -13.21
C LEU E 140 8.17 32.78 -12.29
N ALA E 141 7.27 32.18 -11.51
CA ALA E 141 6.38 32.94 -10.65
C ALA E 141 7.06 33.47 -9.40
N THR E 142 8.31 33.10 -9.14
CA THR E 142 9.04 33.57 -7.97
C THR E 142 10.33 34.22 -8.42
N THR E 143 10.58 35.42 -7.90
CA THR E 143 11.79 36.18 -8.22
C THR E 143 12.66 36.28 -6.97
N LYS E 144 13.93 35.93 -7.11
CA LYS E 144 14.86 36.03 -5.99
C LYS E 144 15.08 37.50 -5.64
N VAL E 145 15.12 37.80 -4.35
CA VAL E 145 15.21 39.18 -3.91
C VAL E 145 16.60 39.73 -4.20
N LYS E 146 16.64 40.94 -4.76
CA LYS E 146 17.89 41.64 -5.06
C LYS E 146 18.79 40.82 -5.97
N ARG E 147 18.21 40.24 -7.03
CA ARG E 147 18.99 39.45 -7.94
C ARG E 147 19.72 40.39 -8.80
N ASP E 148 20.91 40.00 -9.23
CA ASP E 148 21.69 40.80 -10.17
C ASP E 148 21.52 40.35 -11.62
N ALA E 149 21.16 39.08 -11.85
CA ALA E 149 20.93 38.59 -13.19
C ALA E 149 20.06 37.34 -13.10
N VAL E 150 19.22 37.15 -14.11
CA VAL E 150 18.35 35.99 -14.19
C VAL E 150 18.76 35.17 -15.40
N VAL E 151 19.03 33.88 -15.17
CA VAL E 151 19.48 32.97 -16.21
C VAL E 151 18.31 32.05 -16.55
N TYR E 152 17.72 32.27 -17.72
CA TYR E 152 16.64 31.40 -18.20
C TYR E 152 17.27 30.23 -18.95
N LYS E 153 17.31 29.07 -18.31
CA LYS E 153 17.80 27.86 -18.96
C LYS E 153 16.61 27.23 -19.67
N MET E 154 16.42 27.62 -20.93
CA MET E 154 15.21 27.29 -21.67
C MET E 154 15.17 25.87 -22.18
N HIS E 155 16.21 25.06 -21.90
CA HIS E 155 16.21 23.68 -22.33
C HIS E 155 16.35 22.68 -21.19
N GLY E 156 16.62 23.13 -19.97
CA GLY E 156 16.73 22.26 -18.83
C GLY E 156 18.08 22.37 -18.16
N ASP E 157 18.14 21.83 -16.95
CA ASP E 157 19.34 21.85 -16.13
C ASP E 157 19.98 20.47 -16.12
N VAL E 158 21.29 20.44 -15.88
CA VAL E 158 22.01 19.17 -15.87
C VAL E 158 21.57 18.31 -14.70
N GLU E 159 21.27 18.92 -13.56
CA GLU E 159 20.86 18.16 -12.39
C GLU E 159 19.46 17.57 -12.53
N HIS E 160 18.72 17.95 -13.57
CA HIS E 160 17.42 17.38 -13.88
C HIS E 160 17.45 16.86 -15.30
N PRO E 161 18.13 15.74 -15.55
CA PRO E 161 18.28 15.24 -16.92
C PRO E 161 16.97 14.87 -17.57
N SER E 162 15.97 14.42 -16.81
CA SER E 162 14.71 14.00 -17.40
C SER E 162 13.96 15.15 -18.03
N GLU E 163 14.21 16.38 -17.60
CA GLU E 163 13.52 17.54 -18.15
C GLU E 163 14.30 18.20 -19.28
N ALA E 164 15.52 17.77 -19.55
CA ALA E 164 16.31 18.38 -20.60
C ALA E 164 15.73 18.09 -21.98
N VAL E 165 15.74 19.10 -22.84
CA VAL E 165 15.22 18.98 -24.20
C VAL E 165 16.32 18.37 -25.05
N LEU E 166 16.23 17.07 -25.31
CA LEU E 166 17.22 16.35 -26.09
C LEU E 166 16.66 15.65 -27.31
N ILE E 167 15.46 15.09 -27.20
CA ILE E 167 14.88 14.26 -28.25
C ILE E 167 13.79 15.04 -28.97
N LYS E 168 13.27 14.53 -30.07
CA LYS E 168 12.27 15.23 -30.86
C LYS E 168 10.94 15.32 -30.24
N ASP E 169 10.58 14.39 -29.40
CA ASP E 169 9.33 14.53 -28.66
C ASP E 169 9.38 15.71 -27.70
N ASP E 170 10.54 15.97 -27.11
CA ASP E 170 10.70 17.13 -26.23
C ASP E 170 10.43 18.42 -26.99
N TYR E 171 10.99 18.56 -28.19
CA TYR E 171 10.74 19.75 -29.00
C TYR E 171 9.28 19.84 -29.40
N GLU E 172 8.66 18.70 -29.75
CA GLU E 172 7.28 18.72 -30.20
C GLU E 172 6.35 19.17 -29.07
N LYS E 173 6.59 18.72 -27.85
CA LYS E 173 5.76 19.10 -26.72
C LYS E 173 6.25 20.34 -25.99
N TYR E 174 7.35 20.95 -26.45
CA TYR E 174 7.85 22.17 -25.81
C TYR E 174 6.85 23.30 -25.91
N SER E 175 6.17 23.43 -27.05
CA SER E 175 5.24 24.54 -27.24
C SER E 175 4.07 24.50 -26.27
N ILE E 176 3.76 23.34 -25.71
CA ILE E 176 2.68 23.19 -24.75
C ILE E 176 3.19 23.17 -23.31
N LYS E 177 4.26 22.45 -23.06
CA LYS E 177 4.74 22.29 -21.70
C LYS E 177 5.43 23.49 -21.23
N MET E 178 6.31 24.02 -22.04
CA MET E 178 7.14 25.15 -21.67
C MET E 178 6.69 26.43 -22.37
N ASP E 179 5.37 26.60 -22.52
CA ASP E 179 4.85 27.80 -23.15
C ASP E 179 5.21 29.09 -22.43
N PRO E 180 5.19 29.19 -21.09
CA PRO E 180 5.60 30.43 -20.45
C PRO E 180 7.02 30.86 -20.81
N TYR E 181 7.95 29.90 -20.99
CA TYR E 181 9.29 30.27 -21.41
C TYR E 181 9.28 30.83 -22.83
N ILE E 182 8.44 30.27 -23.70
CA ILE E 182 8.32 30.82 -25.06
C ILE E 182 7.81 32.25 -25.00
N LYS E 183 6.79 32.50 -24.17
CA LYS E 183 6.26 33.86 -24.06
C LYS E 183 7.31 34.82 -23.48
N ALA E 184 8.06 34.37 -22.48
CA ALA E 184 9.09 35.22 -21.88
C ALA E 184 10.19 35.55 -22.89
N LEU E 185 10.61 34.56 -23.67
CA LEU E 185 11.63 34.82 -24.69
C LEU E 185 11.09 35.72 -25.79
N SER E 186 9.82 35.57 -26.15
CA SER E 186 9.23 36.46 -27.13
C SER E 186 9.19 37.90 -26.62
N GLY E 187 8.89 38.08 -25.33
CA GLY E 187 8.92 39.41 -24.77
C GLY E 187 10.32 39.99 -24.72
N ASP E 188 11.31 39.17 -24.37
CA ASP E 188 12.69 39.65 -24.30
C ASP E 188 13.27 39.96 -25.67
N LEU E 189 12.87 39.20 -26.69
CA LEU E 189 13.38 39.45 -28.04
C LEU E 189 12.84 40.75 -28.64
N VAL E 190 11.84 41.35 -28.02
CA VAL E 190 11.33 42.64 -28.49
C VAL E 190 11.57 43.77 -27.49
N SER E 191 11.86 43.47 -26.23
CA SER E 191 12.13 44.52 -25.26
C SER E 191 13.61 44.67 -24.91
N LYS E 192 14.47 43.77 -25.37
CA LYS E 192 15.89 43.83 -25.04
C LYS E 192 16.72 43.53 -26.28
N THR E 193 17.95 44.05 -26.29
CA THR E 193 18.89 43.79 -27.36
C THR E 193 19.74 42.57 -27.00
N PHE E 194 19.68 41.55 -27.85
CA PHE E 194 20.33 40.28 -27.59
C PHE E 194 21.70 40.21 -28.27
N LEU E 195 22.61 39.46 -27.66
CA LEU E 195 23.90 39.13 -28.28
C LEU E 195 24.01 37.61 -28.27
N PHE E 196 23.79 36.99 -29.43
CA PHE E 196 23.80 35.53 -29.55
C PHE E 196 25.26 35.08 -29.68
N VAL E 197 25.82 34.55 -28.60
CA VAL E 197 27.19 34.07 -28.59
C VAL E 197 27.17 32.55 -28.54
N GLY E 198 27.97 31.92 -29.39
CA GLY E 198 28.07 30.47 -29.40
C GLY E 198 26.78 29.76 -29.72
N PHE E 199 25.99 30.32 -30.63
CA PHE E 199 24.70 29.75 -31.02
C PHE E 199 24.69 29.50 -32.52
N SER E 200 24.16 28.35 -32.92
CA SER E 200 24.17 27.93 -34.31
C SER E 200 22.90 28.28 -35.07
N PHE E 201 21.84 28.71 -34.37
CA PHE E 201 20.57 29.08 -34.99
C PHE E 201 19.97 27.93 -35.79
N THR E 202 20.18 26.71 -35.31
CA THR E 202 19.52 25.54 -35.88
C THR E 202 18.50 24.93 -34.92
N ASP E 203 18.29 25.53 -33.76
CA ASP E 203 17.39 24.98 -32.78
C ASP E 203 15.94 25.20 -33.22
N PRO E 204 15.11 24.16 -33.29
CA PRO E 204 13.73 24.35 -33.72
C PRO E 204 12.93 25.30 -32.84
N ASN E 205 13.17 25.29 -31.54
CA ASN E 205 12.47 26.20 -30.64
C ASN E 205 12.79 27.65 -30.98
N LEU E 206 14.07 27.95 -31.19
CA LEU E 206 14.46 29.32 -31.53
C LEU E 206 13.92 29.72 -32.89
N ASP E 207 13.91 28.79 -33.85
CA ASP E 207 13.33 29.08 -35.15
C ASP E 207 11.85 29.43 -35.02
N TYR E 208 11.11 28.64 -34.23
CA TYR E 208 9.70 28.91 -34.03
C TYR E 208 9.46 30.25 -33.35
N ILE E 209 10.24 30.55 -32.31
CA ILE E 209 10.06 31.80 -31.57
C ILE E 209 10.41 33.00 -32.45
N LEU E 210 11.53 32.93 -33.18
CA LEU E 210 11.92 34.02 -34.06
C LEU E 210 10.92 34.22 -35.19
N SER E 211 10.39 33.13 -35.75
CA SER E 211 9.38 33.27 -36.79
C SER E 211 8.12 33.91 -36.25
N ARG E 212 7.72 33.55 -35.02
CA ARG E 212 6.55 34.19 -34.42
C ARG E 212 6.80 35.68 -34.19
N VAL E 213 7.99 36.03 -33.71
CA VAL E 213 8.30 37.45 -33.49
C VAL E 213 8.27 38.22 -34.81
N ARG E 214 8.86 37.66 -35.86
CA ARG E 214 8.85 38.33 -37.15
C ARG E 214 7.43 38.46 -37.69
N SER E 215 6.61 37.42 -37.56
CA SER E 215 5.23 37.51 -38.01
C SER E 215 4.45 38.56 -37.22
N ALA E 216 4.79 38.73 -35.95
CA ALA E 216 4.07 39.71 -35.13
C ALA E 216 4.51 41.15 -35.45
N TYR E 217 5.80 41.36 -35.74
CA TYR E 217 6.33 42.71 -35.87
C TYR E 217 6.79 43.07 -37.28
N GLU E 218 6.95 42.10 -38.17
CA GLU E 218 7.32 42.34 -39.58
C GLU E 218 8.63 43.12 -39.61
N ARG E 219 8.69 44.29 -40.27
CA ARG E 219 9.95 44.99 -40.47
C ARG E 219 10.35 45.86 -39.30
N ASP E 220 9.53 45.96 -38.25
CA ASP E 220 9.81 46.81 -37.10
C ASP E 220 10.42 46.04 -35.93
N GLN E 221 11.10 44.93 -36.22
CA GLN E 221 11.73 44.14 -35.17
C GLN E 221 12.94 44.84 -34.60
N ARG E 222 13.20 44.60 -33.32
CA ARG E 222 14.37 45.15 -32.67
C ARG E 222 15.63 44.51 -33.23
N ARG E 223 16.71 45.29 -33.25
CA ARG E 223 17.99 44.81 -33.77
C ARG E 223 18.70 43.95 -32.73
N HIS E 224 19.08 42.74 -33.13
CA HIS E 224 19.88 41.84 -32.31
C HIS E 224 21.21 41.56 -32.99
N TYR E 225 22.20 41.23 -32.18
CA TYR E 225 23.54 40.98 -32.67
C TYR E 225 23.93 39.52 -32.45
N CYS E 226 24.77 39.00 -33.34
CA CYS E 226 25.20 37.61 -33.28
C CYS E 226 26.69 37.53 -33.57
N LEU E 227 27.32 36.48 -33.06
CA LEU E 227 28.74 36.21 -33.29
C LEU E 227 28.88 34.81 -33.86
N ILE E 228 29.36 34.72 -35.10
CA ILE E 228 29.54 33.46 -35.78
C ILE E 228 30.92 33.45 -36.42
N LYS E 229 31.66 32.35 -36.23
CA LYS E 229 32.97 32.21 -36.83
C LYS E 229 32.85 31.89 -38.31
N LYS E 230 33.67 32.53 -39.14
CA LYS E 230 33.70 32.22 -40.55
C LYS E 230 34.21 30.80 -40.77
N GLU E 231 33.75 30.18 -41.84
CA GLU E 231 34.18 28.82 -42.16
C GLU E 231 35.65 28.82 -42.56
N GLU E 232 36.40 27.86 -42.03
CA GLU E 232 37.81 27.69 -42.35
C GLU E 232 38.01 26.35 -43.05
N ARG E 233 38.97 26.33 -43.97
CA ARG E 233 39.21 25.13 -44.77
C ARG E 233 39.71 23.99 -43.90
N ARG E 234 39.12 22.81 -44.09
CA ARG E 234 39.54 21.63 -43.36
C ARG E 234 40.91 21.16 -43.86
N PRO E 235 41.62 20.35 -43.06
CA PRO E 235 42.98 19.96 -43.47
C PRO E 235 43.06 19.29 -44.84
N ASP E 236 42.06 18.48 -45.19
CA ASP E 236 42.04 17.78 -46.49
C ASP E 236 40.69 18.08 -47.14
N GLU E 237 40.65 19.10 -47.99
CA GLU E 237 39.42 19.47 -48.67
C GLU E 237 39.76 20.25 -49.92
N LEU E 238 38.95 20.04 -50.97
CA LEU E 238 39.13 20.77 -52.21
C LEU E 238 38.75 22.24 -52.03
N GLU E 239 39.29 23.07 -52.92
CA GLU E 239 38.97 24.50 -52.87
C GLU E 239 37.49 24.75 -53.17
N ALA E 240 36.95 24.02 -54.15
CA ALA E 240 35.57 24.27 -54.56
C ALA E 240 34.58 23.98 -53.44
N ASP E 241 34.79 22.90 -52.70
CA ASP E 241 33.88 22.58 -51.60
C ASP E 241 34.01 23.59 -50.47
N PHE E 242 35.22 24.10 -50.22
CA PHE E 242 35.38 25.15 -49.23
C PHE E 242 34.64 26.42 -49.65
N GLU E 243 34.74 26.79 -50.92
CA GLU E 243 34.00 27.95 -51.40
C GLU E 243 32.50 27.72 -51.32
N TYR E 244 32.05 26.49 -51.58
CA TYR E 244 30.63 26.17 -51.42
C TYR E 244 30.19 26.34 -49.97
N ARG E 245 31.01 25.88 -49.02
CA ARG E 245 30.70 26.05 -47.61
C ARG E 245 30.64 27.52 -47.23
N VAL E 246 31.57 28.31 -47.74
CA VAL E 246 31.58 29.75 -47.44
C VAL E 246 30.33 30.41 -48.02
N ARG E 247 29.94 30.03 -49.23
CA ARG E 247 28.74 30.59 -49.83
C ARG E 247 27.49 30.21 -49.04
N LYS E 248 27.51 28.95 -48.52
CA LYS E 248 26.37 28.51 -47.79
C LYS E 248 26.34 29.25 -46.50
N GLN E 249 27.41 29.53 -45.86
CA GLN E 249 27.44 30.29 -44.61
C GLN E 249 27.02 31.74 -44.83
N GLU E 250 27.43 32.33 -45.96
CA GLU E 250 27.00 33.70 -46.26
C GLU E 250 25.50 33.77 -46.45
N LEU E 251 24.92 32.79 -47.15
CA LEU E 251 23.47 32.75 -47.29
C LEU E 251 22.78 32.59 -45.95
N PHE E 252 23.33 31.74 -45.08
CA PHE E 252 22.76 31.55 -43.74
C PHE E 252 22.82 32.84 -42.94
N ILE E 253 23.94 33.56 -43.01
CA ILE E 253 24.09 34.81 -42.30
C ILE E 253 23.09 35.84 -42.81
N SER E 254 22.92 35.92 -44.14
CA SER E 254 21.94 36.84 -44.70
C SER E 254 20.53 36.47 -44.27
N ASP E 255 20.22 35.18 -44.22
CA ASP E 255 18.91 34.72 -43.79
C ASP E 255 18.67 35.04 -42.31
N LEU E 256 19.73 35.08 -41.50
CA LEU E 256 19.57 35.46 -40.11
C LEU E 256 19.08 36.90 -39.99
N SER E 257 19.58 37.79 -40.84
CA SER E 257 19.16 39.19 -40.78
C SER E 257 17.71 39.36 -41.19
N ARG E 258 16.99 38.34 -41.58
CA ARG E 258 15.54 38.43 -41.93
C ARG E 258 14.81 38.67 -40.71
N PHE E 259 15.31 38.16 -39.63
CA PHE E 259 14.75 38.47 -38.32
C PHE E 259 15.44 39.65 -37.67
N ASN E 260 16.17 40.45 -38.44
CA ASN E 260 16.92 41.61 -37.94
C ASN E 260 17.93 41.20 -36.88
N ILE E 261 18.68 40.14 -37.16
CA ILE E 261 19.78 39.69 -36.30
C ILE E 261 21.06 39.92 -37.08
N LYS E 262 21.75 41.01 -36.77
CA LYS E 262 23.00 41.31 -37.46
C LYS E 262 24.10 40.36 -36.98
N THR E 263 24.78 39.74 -37.93
CA THR E 263 25.79 38.73 -37.63
C THR E 263 27.19 39.33 -37.84
N ILE E 264 28.05 39.16 -36.84
CA ILE E 264 29.43 39.62 -36.91
C ILE E 264 30.30 38.42 -37.23
N VAL E 265 31.03 38.49 -38.34
CA VAL E 265 31.91 37.40 -38.76
C VAL E 265 33.19 37.48 -37.97
N LEU E 266 33.55 36.39 -37.29
CA LEU E 266 34.74 36.32 -36.46
C LEU E 266 35.73 35.34 -37.06
N ASN E 267 36.97 35.80 -37.26
CA ASN E 267 37.98 34.94 -37.86
C ASN E 267 38.31 33.75 -36.95
N ASN E 268 38.43 34.00 -35.65
CA ASN E 268 38.81 32.97 -34.70
C ASN E 268 37.80 32.92 -33.56
N TYR E 269 37.77 31.79 -32.86
CA TYR E 269 36.97 31.69 -31.65
C TYR E 269 37.52 32.59 -30.56
N ASN E 270 38.85 32.75 -30.51
CA ASN E 270 39.47 33.60 -29.50
C ASN E 270 39.18 35.08 -29.73
N GLU E 271 38.61 35.46 -30.87
CA GLU E 271 38.22 36.85 -31.05
C GLU E 271 36.99 37.21 -30.23
N ILE E 272 36.23 36.21 -29.78
CA ILE E 272 35.10 36.48 -28.90
C ILE E 272 35.58 37.09 -27.59
N THR E 273 36.65 36.52 -27.01
CA THR E 273 37.22 37.07 -25.79
C THR E 273 37.75 38.48 -26.02
N GLU E 274 38.24 38.75 -27.22
CA GLU E 274 38.81 40.04 -27.47
C GLU E 274 37.72 41.02 -27.65
N ILE E 275 36.60 40.63 -28.17
CA ILE E 275 35.46 41.52 -28.29
C ILE E 275 34.86 41.82 -26.92
N LEU E 276 34.72 40.78 -26.09
CA LEU E 276 34.14 40.98 -24.76
C LEU E 276 35.03 41.85 -23.89
N GLN E 277 36.35 41.69 -24.01
CA GLN E 277 37.27 42.55 -23.27
C GLN E 277 37.12 44.00 -23.69
N ARG E 278 36.97 44.24 -25.00
CA ARG E 278 36.75 45.60 -25.49
C ARG E 278 35.43 46.17 -24.95
N ILE E 279 34.38 45.34 -24.95
CA ILE E 279 33.08 45.79 -24.46
C ILE E 279 33.15 46.15 -22.99
N GLU E 280 33.85 45.35 -22.19
CA GLU E 280 34.02 45.67 -20.78
C GLU E 280 34.89 46.91 -20.59
N ASN E 281 35.96 47.04 -21.37
CA ASN E 281 36.88 48.16 -21.24
C ASN E 281 36.20 49.48 -21.57
N ASN E 282 35.32 49.50 -22.58
CA ASN E 282 34.57 50.71 -22.88
C ASN E 282 33.59 51.05 -21.75
N ILE E 283 33.26 50.09 -20.90
CA ILE E 283 32.40 50.35 -19.75
C ILE E 283 33.22 50.57 -18.49
N LYS E 284 34.27 49.77 -18.30
CA LYS E 284 35.12 49.89 -17.12
C LYS E 284 35.80 51.25 -17.08
N THR E 285 36.33 51.71 -18.21
CA THR E 285 37.07 52.96 -18.26
C THR E 285 36.18 54.19 -18.31
N LYS E 286 34.86 54.03 -18.33
CA LYS E 286 33.97 55.17 -18.32
C LYS E 286 34.03 55.95 -17.02
N THR E 287 34.60 55.38 -15.96
CA THR E 287 34.72 56.04 -14.67
C THR E 287 36.19 56.32 -14.40
N VAL E 288 36.49 57.57 -14.04
CA VAL E 288 37.86 58.00 -13.78
C VAL E 288 38.01 58.27 -12.29
N PHE E 289 39.25 58.22 -11.83
CA PHE E 289 39.57 58.47 -10.42
C PHE E 289 40.54 59.64 -10.36
N LEU E 290 40.04 60.82 -9.96
CA LEU E 290 40.86 62.03 -9.86
C LEU E 290 41.61 61.98 -8.54
N SER E 291 42.85 61.55 -8.58
CA SER E 291 43.69 61.47 -7.40
C SER E 291 44.61 62.68 -7.31
N GLY E 292 44.86 63.13 -6.11
CA GLY E 292 45.77 64.24 -5.89
C GLY E 292 45.49 64.94 -4.59
N SER E 293 46.46 65.77 -4.20
CA SER E 293 46.38 66.57 -2.99
C SER E 293 47.47 67.63 -3.08
N ALA E 294 47.11 68.88 -2.82
CA ALA E 294 48.06 69.97 -3.06
C ALA E 294 47.93 71.06 -2.02
N VAL E 295 49.07 71.46 -1.47
CA VAL E 295 49.19 72.72 -0.75
C VAL E 295 50.02 73.72 -1.53
N GLU E 296 50.88 73.25 -2.45
CA GLU E 296 51.56 74.09 -3.42
C GLU E 296 51.16 73.61 -4.81
N TYR E 297 51.19 74.53 -5.77
CA TYR E 297 50.69 74.24 -7.10
C TYR E 297 51.75 74.50 -8.16
N ASN E 298 53.01 74.19 -7.82
CA ASN E 298 54.12 74.24 -8.75
C ASN E 298 54.23 75.59 -9.46
N HIS E 299 54.40 75.55 -10.79
CA HIS E 299 54.61 76.77 -11.56
C HIS E 299 53.42 77.70 -11.49
N TRP E 300 52.21 77.16 -11.56
CA TRP E 300 51.01 77.98 -11.53
C TRP E 300 50.77 78.53 -10.13
N GLU E 301 49.99 79.59 -10.06
CA GLU E 301 49.52 80.14 -8.80
C GLU E 301 48.36 79.30 -8.29
N THR E 302 47.99 79.53 -7.03
CA THR E 302 46.92 78.76 -6.43
C THR E 302 45.61 78.96 -7.19
N GLU E 303 45.29 80.21 -7.54
CA GLU E 303 44.06 80.47 -8.28
C GLU E 303 44.10 79.83 -9.66
N HIS E 304 45.24 79.94 -10.36
CA HIS E 304 45.33 79.38 -11.70
C HIS E 304 45.18 77.87 -11.69
N ALA E 305 45.83 77.20 -10.72
CA ALA E 305 45.71 75.75 -10.63
C ALA E 305 44.32 75.33 -10.18
N GLU E 306 43.68 76.11 -9.32
CA GLU E 306 42.30 75.82 -8.95
C GLU E 306 41.39 75.90 -10.18
N GLN E 307 41.59 76.92 -11.01
CA GLN E 307 40.83 77.01 -12.26
C GLN E 307 41.15 75.82 -13.17
N PHE E 308 42.40 75.39 -13.20
CA PHE E 308 42.77 74.24 -14.02
C PHE E 308 42.02 72.99 -13.60
N ILE E 309 42.03 72.70 -12.29
CA ILE E 309 41.35 71.51 -11.78
C ILE E 309 39.85 71.62 -12.01
N HIS E 310 39.29 72.81 -11.76
CA HIS E 310 37.86 73.03 -11.97
C HIS E 310 37.47 72.75 -13.42
N GLN E 311 38.22 73.31 -14.36
CA GLN E 311 37.89 73.12 -15.78
C GLN E 311 38.16 71.69 -16.22
N LEU E 312 39.17 71.02 -15.65
CA LEU E 312 39.41 69.62 -15.99
C LEU E 312 38.24 68.76 -15.57
N SER E 313 37.73 68.96 -14.35
CA SER E 313 36.56 68.20 -13.91
C SER E 313 35.34 68.54 -14.75
N LYS E 314 35.17 69.81 -15.09
CA LYS E 314 34.03 70.21 -15.92
C LYS E 314 34.09 69.54 -17.28
N GLU E 315 35.27 69.49 -17.90
CA GLU E 315 35.42 68.82 -19.18
C GLU E 315 35.18 67.32 -19.06
N LEU E 316 35.70 66.71 -17.99
CA LEU E 316 35.49 65.27 -17.79
C LEU E 316 34.02 64.93 -17.67
N ILE E 317 33.27 65.71 -16.88
CA ILE E 317 31.84 65.45 -16.74
C ILE E 317 31.12 65.74 -18.06
N ARG E 318 31.56 66.78 -18.78
CA ARG E 318 30.92 67.14 -20.04
C ARG E 318 31.06 66.03 -21.07
N LYS E 319 32.14 65.24 -21.00
CA LYS E 319 32.37 64.15 -21.93
C LYS E 319 31.80 62.82 -21.43
N ASP E 320 30.77 62.88 -20.59
CA ASP E 320 30.05 61.68 -20.13
C ASP E 320 30.97 60.72 -19.37
N PHE E 321 31.82 61.26 -18.51
CA PHE E 321 32.65 60.47 -17.61
C PHE E 321 32.11 60.55 -16.19
N ASN E 322 32.44 59.54 -15.41
CA ASN E 322 32.05 59.47 -14.00
C ASN E 322 33.29 59.75 -13.16
N ILE E 323 33.21 60.75 -12.29
CA ILE E 323 34.33 61.18 -11.47
C ILE E 323 34.16 60.61 -10.07
N VAL E 324 35.14 59.83 -9.62
CA VAL E 324 35.21 59.36 -8.24
C VAL E 324 36.38 60.07 -7.57
N SER E 325 36.10 60.83 -6.52
CA SER E 325 37.10 61.63 -5.85
C SER E 325 37.12 61.28 -4.37
N GLY E 326 38.32 61.15 -3.81
CA GLY E 326 38.49 60.95 -2.40
C GLY E 326 38.42 62.19 -1.56
N PHE E 327 38.03 63.31 -2.18
CA PHE E 327 37.96 64.61 -1.51
C PHE E 327 39.30 64.97 -0.87
N GLY E 328 40.36 64.80 -1.66
CA GLY E 328 41.69 65.13 -1.20
C GLY E 328 41.87 66.62 -1.02
N LEU E 329 42.79 66.98 -0.13
CA LEU E 329 43.01 68.39 0.20
C LEU E 329 43.68 69.09 -0.98
N GLY E 330 42.98 70.03 -1.60
CA GLY E 330 43.52 70.85 -2.66
C GLY E 330 42.97 70.54 -4.03
N VAL E 331 42.41 69.36 -4.25
CA VAL E 331 41.86 69.04 -5.55
C VAL E 331 40.40 68.63 -5.43
N GLY E 332 40.01 68.09 -4.27
CA GLY E 332 38.66 67.58 -4.11
C GLY E 332 37.61 68.67 -4.20
N SER E 333 37.85 69.81 -3.53
CA SER E 333 36.89 70.89 -3.55
C SER E 333 36.71 71.44 -4.96
N PHE E 334 37.82 71.59 -5.70
CA PHE E 334 37.72 72.15 -7.04
C PHE E 334 37.11 71.14 -8.02
N VAL E 335 37.36 69.85 -7.81
CA VAL E 335 36.66 68.84 -8.60
C VAL E 335 35.16 68.93 -8.35
N ILE E 336 34.76 69.08 -7.09
CA ILE E 336 33.34 69.23 -6.77
C ILE E 336 32.78 70.47 -7.45
N ASN E 337 33.52 71.58 -7.40
CA ASN E 337 33.04 72.81 -8.02
C ASN E 337 32.83 72.64 -9.51
N GLY E 338 33.79 72.01 -10.19
CA GLY E 338 33.65 71.78 -11.61
C GLY E 338 32.47 70.89 -11.94
N VAL E 339 32.31 69.80 -11.19
CA VAL E 339 31.21 68.87 -11.46
C VAL E 339 29.88 69.56 -11.23
N LEU E 340 29.75 70.34 -10.16
CA LEU E 340 28.50 71.03 -9.88
C LEU E 340 28.20 72.07 -10.96
N GLU E 341 29.23 72.81 -11.39
CA GLU E 341 29.00 73.82 -12.43
C GLU E 341 28.55 73.18 -13.73
N GLU E 342 29.12 72.03 -14.08
CA GLU E 342 28.69 71.36 -15.30
C GLU E 342 27.29 70.77 -15.16
N LEU E 343 26.98 70.15 -14.02
CA LEU E 343 25.72 69.45 -13.88
C LEU E 343 24.54 70.41 -13.72
N TYR E 344 24.71 71.46 -12.92
CA TYR E 344 23.60 72.37 -12.65
C TYR E 344 23.28 73.28 -13.83
N MET E 345 24.12 73.30 -14.86
CA MET E 345 23.86 74.12 -16.04
C MET E 345 22.88 73.43 -16.98
N THR E 349 19.77 68.57 -9.68
CA THR E 349 20.15 67.50 -8.78
C THR E 349 21.45 66.84 -9.22
N ILE E 350 21.99 65.96 -8.38
CA ILE E 350 23.23 65.25 -8.66
C ILE E 350 22.92 63.77 -8.78
N ASP E 351 23.21 63.18 -9.93
CA ASP E 351 23.08 61.74 -10.08
C ASP E 351 24.16 61.03 -9.29
N ASP E 352 23.79 59.91 -8.67
CA ASP E 352 24.75 59.16 -7.87
C ASP E 352 25.86 58.53 -8.71
N ASP E 353 25.69 58.49 -10.04
CA ASP E 353 26.69 57.89 -10.91
C ASP E 353 27.68 58.91 -11.46
N ARG E 354 27.32 60.19 -11.52
CA ARG E 354 28.20 61.18 -12.12
C ARG E 354 29.33 61.58 -11.18
N LEU E 355 29.00 62.01 -9.97
CA LEU E 355 29.98 62.39 -8.97
C LEU E 355 29.83 61.50 -7.75
N ILE E 356 30.91 60.85 -7.35
CA ILE E 356 30.93 59.97 -6.19
C ILE E 356 32.00 60.50 -5.23
N LEU E 357 31.56 60.97 -4.06
CA LEU E 357 32.46 61.55 -3.08
C LEU E 357 32.70 60.56 -1.96
N ARG E 358 33.97 60.33 -1.62
CA ARG E 358 34.36 59.45 -0.53
C ARG E 358 35.40 60.15 0.33
N PRO E 359 34.98 61.13 1.13
CA PRO E 359 35.93 61.81 2.02
C PRO E 359 36.55 60.82 3.00
N PHE E 360 37.83 61.02 3.29
CA PHE E 360 38.53 60.10 4.17
C PHE E 360 38.30 60.49 5.62
N PRO E 361 37.82 59.57 6.46
CA PRO E 361 37.60 59.90 7.87
C PRO E 361 38.89 60.32 8.56
N GLN E 362 38.85 61.47 9.22
CA GLN E 362 40.01 62.01 9.90
C GLN E 362 40.02 61.56 11.35
N GLY E 363 41.16 61.01 11.79
CA GLY E 363 41.27 60.46 13.12
C GLY E 363 41.98 59.11 13.11
N LYS E 364 42.57 58.73 14.24
CA LYS E 364 43.32 57.48 14.30
C LYS E 364 42.41 56.27 14.11
N LYS E 365 41.11 56.42 14.34
CA LYS E 365 40.19 55.30 14.12
C LYS E 365 39.94 55.06 12.64
N GLY E 366 39.87 56.13 11.85
CA GLY E 366 39.64 55.98 10.42
C GLY E 366 40.87 55.62 9.61
N GLU E 367 42.07 55.94 10.11
CA GLU E 367 43.28 55.62 9.37
C GLU E 367 43.45 54.11 9.21
N GLU E 368 42.94 53.33 10.17
CA GLU E 368 43.07 51.88 10.07
C GLU E 368 42.22 51.32 8.94
N GLN E 369 41.08 51.94 8.65
CA GLN E 369 40.23 51.53 7.55
C GLN E 369 40.52 52.30 6.27
N TRP E 370 41.42 53.28 6.30
CA TRP E 370 41.77 54.06 5.12
C TRP E 370 42.16 53.18 3.95
N ASP E 371 42.93 52.12 4.20
CA ASP E 371 43.42 51.29 3.09
C ASP E 371 42.27 50.60 2.36
N LYS E 372 41.38 49.96 3.11
CA LYS E 372 40.25 49.29 2.46
C LYS E 372 39.29 50.31 1.84
N TYR E 373 39.21 51.49 2.42
CA TYR E 373 38.37 52.53 1.87
C TYR E 373 38.91 52.94 0.55
N ARG E 374 40.22 53.09 0.44
CA ARG E 374 40.86 53.52 -0.80
C ARG E 374 40.79 52.45 -1.85
N ARG E 375 40.93 51.21 -1.47
CA ARG E 375 40.77 50.13 -2.42
C ARG E 375 39.34 50.05 -2.94
N ASP E 376 38.35 50.28 -2.07
CA ASP E 376 36.96 50.30 -2.49
C ASP E 376 36.70 51.43 -3.47
N MET E 377 37.26 52.62 -3.20
CA MET E 377 37.11 53.74 -4.12
C MET E 377 37.69 53.39 -5.49
N ILE E 378 38.94 52.93 -5.51
CA ILE E 378 39.62 52.71 -6.78
C ILE E 378 38.99 51.56 -7.55
N THR E 379 38.47 50.56 -6.84
CA THR E 379 37.81 49.44 -7.52
C THR E 379 36.60 49.90 -8.33
N ARG E 380 35.96 51.00 -7.90
CA ARG E 380 34.81 51.52 -8.62
C ARG E 380 35.18 52.13 -9.98
N THR E 381 36.45 52.45 -10.19
CA THR E 381 36.89 53.21 -11.36
C THR E 381 37.62 52.31 -12.35
N GLY E 382 37.91 52.88 -13.52
CA GLY E 382 38.66 52.18 -14.54
C GLY E 382 39.94 52.87 -14.95
N VAL E 383 39.97 54.20 -14.82
CA VAL E 383 41.12 55.02 -15.21
C VAL E 383 41.47 55.92 -14.02
N SER E 384 42.76 56.10 -13.76
CA SER E 384 43.22 56.93 -12.66
C SER E 384 44.06 58.08 -13.20
N ILE E 385 43.70 59.30 -12.79
CA ILE E 385 44.41 60.52 -13.18
C ILE E 385 44.98 61.15 -11.93
N PHE E 386 46.26 61.51 -11.95
CA PHE E 386 46.98 61.96 -10.77
C PHE E 386 47.45 63.40 -10.97
N LEU E 387 47.14 64.27 -10.01
CA LEU E 387 47.51 65.67 -10.05
C LEU E 387 48.30 66.03 -8.81
N TYR E 388 49.44 66.69 -9.01
CA TYR E 388 50.29 67.16 -7.92
C TYR E 388 50.61 66.03 -6.95
N GLY E 389 50.26 66.20 -5.68
CA GLY E 389 50.50 65.15 -4.72
C GLY E 389 51.44 65.50 -3.58
N ASN E 390 51.43 66.75 -3.15
CA ASN E 390 52.21 67.16 -1.98
C ASN E 390 51.26 67.48 -0.83
N LYS E 391 51.73 67.49 0.36
CA LYS E 391 50.91 67.77 1.53
C LYS E 391 51.78 68.43 2.58
N ILE E 392 51.24 69.23 3.42
CA ILE E 392 51.92 69.99 4.45
C ILE E 392 52.13 69.07 5.65
N ASP E 393 53.39 68.90 6.06
CA ASP E 393 53.72 68.04 7.19
C ASP E 393 54.93 68.62 7.90
N LYS E 394 54.84 68.70 9.23
CA LYS E 394 55.91 69.26 10.06
C LYS E 394 56.28 70.68 9.61
N GLY E 395 55.28 71.43 9.17
CA GLY E 395 55.52 72.78 8.71
C GLY E 395 56.19 72.89 7.37
N GLN E 396 56.33 71.78 6.64
CA GLN E 396 57.02 71.75 5.35
C GLN E 396 56.15 71.04 4.33
N VAL E 397 56.38 71.34 3.06
CA VAL E 397 55.60 70.78 1.96
C VAL E 397 56.26 69.46 1.58
N VAL E 398 55.86 68.39 2.25
CA VAL E 398 56.37 67.06 1.97
C VAL E 398 55.61 66.46 0.80
N LYS E 399 56.13 65.36 0.25
CA LYS E 399 55.44 64.64 -0.81
C LYS E 399 54.41 63.70 -0.19
N ALA E 400 53.19 63.74 -0.70
CA ALA E 400 52.08 62.98 -0.13
C ALA E 400 52.14 61.54 -0.61
N LYS E 401 52.30 60.60 0.33
CA LYS E 401 52.41 59.18 -0.02
C LYS E 401 51.06 58.55 -0.37
N GLY E 402 49.95 59.23 -0.07
CA GLY E 402 48.65 58.67 -0.45
C GLY E 402 48.44 58.62 -1.94
N VAL E 403 48.96 59.61 -2.66
CA VAL E 403 48.88 59.57 -4.13
C VAL E 403 49.66 58.38 -4.67
N GLN E 404 50.84 58.13 -4.11
CA GLN E 404 51.62 56.97 -4.53
C GLN E 404 50.88 55.68 -4.19
N SER E 405 50.23 55.62 -3.03
CA SER E 405 49.47 54.45 -2.65
C SER E 405 48.30 54.22 -3.59
N GLU E 406 47.63 55.28 -4.00
CA GLU E 406 46.55 55.16 -4.95
C GLU E 406 47.08 54.67 -6.26
N PHE E 407 48.19 55.22 -6.71
CA PHE E 407 48.80 54.76 -7.97
C PHE E 407 49.10 53.27 -7.91
N ASN E 408 49.67 52.82 -6.79
CA ASN E 408 49.98 51.40 -6.64
C ASN E 408 48.73 50.55 -6.65
N ILE E 409 47.68 51.00 -5.97
CA ILE E 409 46.43 50.25 -5.93
C ILE E 409 45.80 50.18 -7.32
N SER E 410 45.78 51.30 -8.04
CA SER E 410 45.22 51.29 -9.39
C SER E 410 46.03 50.39 -10.31
N PHE E 411 47.36 50.42 -10.20
CA PHE E 411 48.19 49.56 -11.02
C PHE E 411 47.97 48.09 -10.69
N GLU E 412 47.77 47.77 -9.41
CA GLU E 412 47.46 46.39 -9.03
C GLU E 412 46.14 45.93 -9.65
N GLN E 413 45.23 46.85 -9.93
CA GLN E 413 43.92 46.52 -10.48
C GLN E 413 43.90 46.60 -12.00
N ASN E 414 45.06 46.76 -12.64
CA ASN E 414 45.16 46.89 -14.09
C ASN E 414 44.40 48.10 -14.61
N ASN E 415 44.28 49.13 -13.79
CA ASN E 415 43.69 50.38 -14.23
C ASN E 415 44.71 51.19 -15.03
N TYR E 416 44.20 51.92 -16.01
CA TYR E 416 45.05 52.83 -16.78
C TYR E 416 45.44 54.01 -15.90
N VAL E 417 46.74 54.25 -15.77
CA VAL E 417 47.25 55.33 -14.94
C VAL E 417 47.66 56.49 -15.86
N VAL E 418 47.20 57.68 -15.51
CA VAL E 418 47.52 58.89 -16.27
C VAL E 418 48.13 59.91 -15.33
N PRO E 419 49.42 59.82 -15.03
CA PRO E 419 50.03 60.82 -14.15
C PRO E 419 50.31 62.13 -14.87
N VAL E 420 49.63 63.20 -14.44
CA VAL E 420 49.80 64.51 -15.05
C VAL E 420 51.10 65.09 -14.51
N GLY E 421 52.18 64.94 -15.29
CA GLY E 421 53.48 65.40 -14.84
C GLY E 421 53.66 66.89 -14.83
N ALA E 422 52.84 67.64 -15.58
CA ALA E 422 52.93 69.09 -15.54
C ALA E 422 52.56 69.65 -14.18
N THR E 423 51.73 68.96 -13.41
CA THR E 423 51.38 69.44 -12.08
C THR E 423 52.59 69.40 -11.15
N GLY E 424 53.44 68.39 -11.30
CA GLY E 424 54.67 68.32 -10.53
C GLY E 424 54.52 67.50 -9.27
N TYR E 425 55.60 67.53 -8.48
CA TYR E 425 55.70 66.86 -7.18
C TYR E 425 55.69 65.35 -7.35
N ILE E 426 54.77 64.64 -6.69
CA ILE E 426 54.78 63.18 -6.75
C ILE E 426 54.17 62.74 -8.08
N ALA E 427 53.41 63.62 -8.72
CA ALA E 427 52.89 63.33 -10.04
C ALA E 427 53.97 63.34 -11.11
N LYS E 428 54.98 64.20 -10.96
CA LYS E 428 56.12 64.15 -11.88
C LYS E 428 56.90 62.86 -11.70
N ASP E 429 57.09 62.42 -10.46
CA ASP E 429 57.77 61.15 -10.22
C ASP E 429 56.98 59.99 -10.82
N LEU E 430 55.66 60.00 -10.64
CA LEU E 430 54.81 58.98 -11.24
C LEU E 430 54.94 58.99 -12.75
N TRP E 431 54.95 60.18 -13.35
CA TRP E 431 55.09 60.28 -14.80
C TRP E 431 56.42 59.70 -15.26
N ASN E 432 57.50 60.01 -14.55
CA ASN E 432 58.81 59.45 -14.91
C ASN E 432 58.82 57.94 -14.76
N LYS E 433 58.20 57.44 -13.69
CA LYS E 433 58.16 56.00 -13.46
C LYS E 433 57.42 55.28 -14.57
N VAL E 434 56.29 55.83 -15.01
CA VAL E 434 55.55 55.22 -16.11
C VAL E 434 56.33 55.34 -17.41
N ASN E 435 57.06 56.45 -17.59
CA ASN E 435 57.78 56.68 -18.83
C ASN E 435 58.99 55.76 -18.97
N GLU E 436 59.63 55.41 -17.86
CA GLU E 436 60.84 54.58 -17.94
C GLU E 436 60.52 53.22 -18.54
N GLU E 437 59.43 52.59 -18.12
CA GLU E 437 58.98 51.31 -18.66
C GLU E 437 57.56 51.51 -19.18
N PHE E 438 57.45 51.99 -20.42
CA PHE E 438 56.15 52.36 -20.96
C PHE E 438 55.32 51.14 -21.37
N GLU E 439 55.97 50.06 -21.81
CA GLU E 439 55.23 48.86 -22.19
C GLU E 439 54.60 48.18 -20.98
N THR E 440 55.17 48.37 -19.79
CA THR E 440 54.61 47.76 -18.59
C THR E 440 53.24 48.34 -18.27
N TYR E 441 53.08 49.66 -18.38
CA TYR E 441 51.83 50.31 -18.01
C TYR E 441 50.89 50.51 -19.20
N TYR E 442 51.43 50.74 -20.40
CA TYR E 442 50.62 50.95 -21.59
C TYR E 442 51.12 50.03 -22.70
N PRO E 443 50.79 48.74 -22.63
CA PRO E 443 51.22 47.82 -23.68
C PRO E 443 50.57 48.14 -25.01
N GLY E 444 51.32 47.91 -26.09
CA GLY E 444 50.81 48.10 -27.43
C GLY E 444 50.36 49.52 -27.73
N ALA E 445 51.15 50.50 -27.30
CA ALA E 445 50.79 51.89 -27.52
C ALA E 445 51.13 52.32 -28.95
N ASP E 446 50.51 53.41 -29.38
CA ASP E 446 50.72 53.98 -30.70
C ASP E 446 51.56 55.24 -30.59
N ALA E 447 51.85 55.83 -31.76
CA ALA E 447 52.60 57.09 -31.77
C ALA E 447 51.81 58.22 -31.13
N ARG E 448 50.51 58.27 -31.38
CA ARG E 448 49.68 59.33 -30.81
C ARG E 448 49.65 59.23 -29.28
N MET E 449 49.52 58.01 -28.76
CA MET E 449 49.49 57.83 -27.31
C MET E 449 50.82 58.26 -26.69
N LYS E 450 51.94 57.88 -27.31
CA LYS E 450 53.24 58.29 -26.79
C LYS E 450 53.41 59.81 -26.84
N LYS E 451 52.95 60.44 -27.92
CA LYS E 451 53.03 61.89 -28.01
C LYS E 451 52.21 62.56 -26.91
N LEU E 452 50.98 62.07 -26.69
CA LEU E 452 50.14 62.63 -25.64
C LEU E 452 50.77 62.44 -24.27
N PHE E 453 51.34 61.26 -24.02
CA PHE E 453 51.98 61.01 -22.73
C PHE E 453 53.19 61.92 -22.52
N GLY E 454 53.98 62.11 -23.58
CA GLY E 454 55.12 63.02 -23.47
C GLY E 454 54.69 64.47 -23.36
N GLU E 455 53.48 64.79 -23.80
CA GLU E 455 52.94 66.13 -23.64
C GLU E 455 52.34 66.37 -22.26
N LEU E 456 52.08 65.30 -21.50
CA LEU E 456 51.59 65.47 -20.13
C LEU E 456 52.61 66.14 -19.23
N ASN E 457 53.89 66.04 -19.56
CA ASN E 457 54.95 66.66 -18.78
C ASN E 457 55.43 67.97 -19.39
N ASN E 458 54.75 68.47 -20.41
CA ASN E 458 55.11 69.73 -21.06
C ASN E 458 54.62 70.87 -20.18
N GLU E 459 55.49 71.35 -19.29
CA GLU E 459 55.11 72.37 -18.33
C GLU E 459 54.81 73.72 -18.95
N ALA E 460 55.16 73.92 -20.22
CA ALA E 460 54.88 75.18 -20.90
C ALA E 460 53.45 75.26 -21.41
N LEU E 461 52.68 74.19 -21.32
CA LEU E 461 51.30 74.20 -21.78
C LEU E 461 50.44 75.08 -20.88
N SER E 462 49.43 75.70 -21.48
CA SER E 462 48.45 76.46 -20.73
C SER E 462 47.44 75.51 -20.10
N ILE E 463 46.44 76.10 -19.43
CA ILE E 463 45.39 75.28 -18.81
C ILE E 463 44.59 74.54 -19.86
N GLU E 464 44.15 75.26 -20.90
CA GLU E 464 43.30 74.65 -21.92
C GLU E 464 44.04 73.56 -22.67
N GLU E 465 45.30 73.81 -23.04
CA GLU E 465 46.06 72.82 -23.79
C GLU E 465 46.28 71.56 -22.97
N LEU E 466 46.65 71.72 -21.70
CA LEU E 466 46.86 70.56 -20.83
C LEU E 466 45.57 69.77 -20.64
N ILE E 467 44.46 70.47 -20.45
CA ILE E 467 43.18 69.79 -20.27
C ILE E 467 42.79 69.04 -21.54
N ASN E 468 43.01 69.65 -22.71
CA ASN E 468 42.72 68.96 -23.96
C ASN E 468 43.60 67.73 -24.12
N THR E 469 44.87 67.83 -23.73
CA THR E 469 45.77 66.68 -23.79
C THR E 469 45.24 65.55 -22.91
N ILE E 470 44.86 65.86 -21.68
CA ILE E 470 44.37 64.84 -20.76
C ILE E 470 43.08 64.22 -21.30
N ILE E 471 42.18 65.06 -21.83
CA ILE E 471 40.90 64.56 -22.33
C ILE E 471 41.12 63.63 -23.51
N GLU E 472 42.00 64.03 -24.45
CA GLU E 472 42.28 63.16 -25.60
C GLU E 472 42.93 61.86 -25.16
N PHE E 473 43.81 61.93 -24.15
CA PHE E 473 44.42 60.70 -23.63
C PHE E 473 43.36 59.76 -23.07
N VAL E 474 42.46 60.29 -22.24
CA VAL E 474 41.43 59.45 -21.65
C VAL E 474 40.49 58.91 -22.72
N GLU E 475 40.21 59.71 -23.76
CA GLU E 475 39.34 59.25 -24.83
C GLU E 475 39.97 58.10 -25.60
N ILE E 476 41.23 58.24 -25.99
CA ILE E 476 41.87 57.15 -26.72
C ILE E 476 42.07 55.93 -25.83
N LEU E 477 42.11 56.11 -24.51
CA LEU E 477 42.12 54.95 -23.63
C LEU E 477 40.77 54.25 -23.62
N SER E 478 39.68 55.02 -23.50
CA SER E 478 38.36 54.41 -23.37
C SER E 478 37.93 53.76 -24.69
N ASN E 479 38.19 54.41 -25.82
CA ASN E 479 37.79 53.88 -27.11
C ASN E 479 38.92 54.04 -28.14
N MET F 4 -2.58 59.01 12.52
CA MET F 4 -2.81 57.78 13.25
C MET F 4 -2.48 56.56 12.39
N LYS F 5 -3.21 55.47 12.61
CA LYS F 5 -2.99 54.22 11.91
C LYS F 5 -4.31 53.73 11.34
N MET F 6 -4.27 52.56 10.70
CA MET F 6 -5.43 51.93 10.08
C MET F 6 -5.56 50.49 10.57
N ASN F 7 -6.41 49.73 9.90
CA ASN F 7 -6.66 48.35 10.27
C ASN F 7 -5.38 47.53 10.14
N PRO F 8 -5.24 46.47 10.93
CA PRO F 8 -4.03 45.63 10.82
C PRO F 8 -3.85 45.01 9.45
N ILE F 9 -4.94 44.68 8.75
CA ILE F 9 -4.82 44.14 7.40
C ILE F 9 -4.18 45.15 6.47
N VAL F 10 -4.64 46.40 6.56
CA VAL F 10 -4.08 47.46 5.72
C VAL F 10 -2.62 47.70 6.08
N GLU F 11 -2.29 47.62 7.36
CA GLU F 11 -0.89 47.81 7.77
C GLU F 11 0.01 46.70 7.23
N LEU F 12 -0.47 45.45 7.26
CA LEU F 12 0.30 44.35 6.68
C LEU F 12 0.48 44.55 5.18
N PHE F 13 -0.57 44.98 4.49
CA PHE F 13 -0.45 45.27 3.06
C PHE F 13 0.56 46.38 2.82
N ILE F 14 0.54 47.42 3.65
CA ILE F 14 1.48 48.53 3.49
C ILE F 14 2.90 48.05 3.65
N LYS F 15 3.16 47.23 4.69
CA LYS F 15 4.50 46.71 4.90
C LYS F 15 4.96 45.88 3.72
N ASP F 16 4.09 44.96 3.26
CA ASP F 16 4.47 44.07 2.16
C ASP F 16 4.73 44.86 0.88
N PHE F 17 3.86 45.82 0.56
CA PHE F 17 4.02 46.54 -0.70
C PHE F 17 5.20 47.51 -0.65
N THR F 18 5.46 48.11 0.51
CA THR F 18 6.68 48.91 0.64
C THR F 18 7.92 48.05 0.47
N LYS F 19 7.88 46.81 0.99
CA LYS F 19 8.98 45.89 0.74
C LYS F 19 9.12 45.59 -0.74
N GLU F 20 7.99 45.45 -1.44
CA GLU F 20 8.05 45.15 -2.87
C GLU F 20 8.54 46.34 -3.68
N VAL F 21 8.07 47.55 -3.37
CA VAL F 21 8.42 48.72 -4.16
C VAL F 21 9.91 49.03 -4.04
N MET F 22 10.46 48.95 -2.82
CA MET F 22 11.87 49.27 -2.62
C MET F 22 12.79 48.33 -3.37
N GLU F 23 12.30 47.17 -3.79
CA GLU F 23 13.09 46.25 -4.61
C GLU F 23 12.78 46.40 -6.10
N GLU F 24 11.97 47.38 -6.46
CA GLU F 24 11.62 47.65 -7.86
C GLU F 24 11.02 46.42 -8.54
N ASN F 25 10.18 45.69 -7.80
CA ASN F 25 9.49 44.53 -8.32
C ASN F 25 7.97 44.72 -8.24
N ALA F 26 7.53 45.97 -8.16
CA ALA F 26 6.12 46.28 -8.01
C ALA F 26 5.60 47.01 -9.24
N ALA F 27 4.33 46.73 -9.58
CA ALA F 27 3.66 47.36 -10.70
C ALA F 27 2.27 47.81 -10.26
N ILE F 28 1.76 48.82 -10.95
CA ILE F 28 0.45 49.39 -10.63
C ILE F 28 -0.47 49.13 -11.82
N PHE F 29 -1.61 48.51 -11.56
CA PHE F 29 -2.66 48.34 -12.56
C PHE F 29 -3.78 49.30 -12.22
N ALA F 30 -3.89 50.38 -12.98
CA ALA F 30 -4.86 51.43 -12.73
C ALA F 30 -6.02 51.30 -13.72
N GLY F 31 -7.23 51.13 -13.20
CA GLY F 31 -8.41 51.09 -14.02
C GLY F 31 -8.99 52.48 -14.25
N ALA F 32 -10.21 52.50 -14.78
CA ALA F 32 -10.87 53.77 -15.04
C ALA F 32 -11.26 54.49 -13.76
N GLY F 33 -11.40 53.75 -12.66
CA GLY F 33 -11.86 54.36 -11.43
C GLY F 33 -10.86 55.31 -10.81
N LEU F 34 -9.57 55.12 -11.08
CA LEU F 34 -8.56 56.01 -10.54
C LEU F 34 -8.66 57.40 -11.12
N SER F 35 -9.24 57.54 -12.31
CA SER F 35 -9.40 58.84 -12.95
C SER F 35 -10.77 59.45 -12.74
N MET F 36 -11.75 58.68 -12.27
CA MET F 36 -13.09 59.21 -12.06
C MET F 36 -13.14 60.24 -10.93
N SER F 37 -12.14 60.24 -10.04
CA SER F 37 -12.05 61.29 -9.03
C SER F 37 -11.50 62.59 -9.58
N VAL F 38 -10.85 62.55 -10.75
CA VAL F 38 -10.24 63.75 -11.31
C VAL F 38 -11.30 64.73 -11.79
N GLY F 39 -12.37 64.22 -12.39
CA GLY F 39 -13.41 65.08 -12.90
C GLY F 39 -14.05 64.57 -14.18
N TYR F 40 -13.47 63.51 -14.75
CA TYR F 40 -14.06 62.89 -15.92
C TYR F 40 -15.40 62.26 -15.59
N VAL F 41 -16.37 62.42 -16.48
CA VAL F 41 -17.66 61.79 -16.29
C VAL F 41 -17.52 60.29 -16.49
N SER F 42 -18.38 59.52 -15.83
CA SER F 42 -18.31 58.07 -15.93
C SER F 42 -18.66 57.62 -17.35
N TRP F 43 -18.16 56.44 -17.71
CA TRP F 43 -18.41 55.90 -19.04
C TRP F 43 -19.89 55.69 -19.30
N ALA F 44 -20.65 55.36 -18.25
CA ALA F 44 -22.10 55.27 -18.39
C ALA F 44 -22.70 56.60 -18.80
N LYS F 45 -22.21 57.69 -18.26
CA LYS F 45 -22.77 59.01 -18.57
C LYS F 45 -22.36 59.41 -19.96
N LEU F 46 -21.19 58.98 -20.40
CA LEU F 46 -20.81 59.22 -21.78
C LEU F 46 -21.72 58.46 -22.74
N LEU F 47 -22.05 57.21 -22.41
CA LEU F 47 -22.89 56.41 -23.28
C LEU F 47 -24.38 56.71 -23.13
N GLU F 48 -24.76 57.60 -22.20
CA GLU F 48 -26.18 57.92 -22.04
C GLU F 48 -26.86 58.42 -23.30
N PRO F 49 -26.33 59.40 -24.04
CA PRO F 49 -27.00 59.77 -25.31
C PRO F 49 -27.00 58.65 -26.34
N ILE F 50 -25.93 57.86 -26.38
CA ILE F 50 -25.84 56.76 -27.35
C ILE F 50 -26.93 55.74 -27.10
N ALA F 51 -27.15 55.38 -25.84
CA ALA F 51 -28.22 54.44 -25.52
C ALA F 51 -29.58 55.01 -25.88
N GLN F 52 -29.79 56.31 -25.61
CA GLN F 52 -31.05 56.95 -25.98
C GLN F 52 -31.26 56.90 -27.49
N GLU F 53 -30.18 56.97 -28.26
CA GLU F 53 -30.30 56.99 -29.71
C GLU F 53 -30.88 55.69 -30.25
N ILE F 54 -30.46 54.55 -29.70
CA ILE F 54 -30.90 53.26 -30.21
C ILE F 54 -32.12 52.76 -29.45
N GLY F 55 -32.66 53.60 -28.57
CA GLY F 55 -33.86 53.26 -27.84
C GLY F 55 -33.65 52.59 -26.50
N LEU F 56 -32.42 52.50 -26.02
CA LEU F 56 -32.14 51.89 -24.73
C LEU F 56 -31.87 52.98 -23.69
N ASP F 57 -31.56 52.53 -22.47
CA ASP F 57 -31.26 53.44 -21.37
C ASP F 57 -30.12 52.85 -20.56
N VAL F 58 -29.12 53.69 -20.23
CA VAL F 58 -27.94 53.20 -19.54
C VAL F 58 -28.28 52.77 -18.12
N ASN F 59 -29.17 53.52 -17.45
CA ASN F 59 -29.50 53.22 -16.06
C ASN F 59 -30.08 51.82 -15.91
N LYS F 60 -30.79 51.35 -16.92
CA LYS F 60 -31.37 50.00 -16.90
C LYS F 60 -30.47 48.97 -17.57
N GLU F 61 -29.27 49.35 -18.00
CA GLU F 61 -28.33 48.45 -18.67
C GLU F 61 -27.13 48.20 -17.79
N ASN F 62 -26.73 46.92 -17.69
CA ASN F 62 -25.58 46.54 -16.88
C ASN F 62 -24.31 46.36 -17.70
N ASP F 63 -24.42 46.03 -18.99
CA ASP F 63 -23.27 45.79 -19.85
C ASP F 63 -23.18 46.94 -20.85
N LEU F 64 -22.24 47.84 -20.62
CA LEU F 64 -22.04 48.97 -21.52
C LEU F 64 -21.31 48.56 -22.80
N VAL F 65 -20.51 47.50 -22.73
CA VAL F 65 -19.83 47.01 -23.93
C VAL F 65 -20.84 46.53 -24.96
N SER F 66 -21.84 45.76 -24.51
CA SER F 66 -22.89 45.33 -25.42
C SER F 66 -23.74 46.50 -25.88
N LEU F 67 -23.90 47.52 -25.05
CA LEU F 67 -24.63 48.72 -25.47
C LEU F 67 -23.92 49.41 -26.63
N ALA F 68 -22.61 49.60 -26.50
CA ALA F 68 -21.83 50.20 -27.60
C ALA F 68 -21.85 49.30 -28.82
N GLN F 69 -21.81 47.99 -28.63
CA GLN F 69 -21.88 47.08 -29.77
C GLN F 69 -23.22 47.19 -30.49
N TYR F 70 -24.31 47.32 -29.73
CA TYR F 70 -25.61 47.51 -30.36
C TYR F 70 -25.65 48.82 -31.14
N TYR F 71 -25.08 49.88 -30.56
CA TYR F 71 -25.03 51.15 -31.27
C TYR F 71 -24.26 51.03 -32.58
N CYS F 72 -23.13 50.32 -32.56
CA CYS F 72 -22.38 50.10 -33.78
C CYS F 72 -23.17 49.26 -34.78
N ASN F 73 -23.88 48.24 -34.29
CA ASN F 73 -24.68 47.40 -35.17
C ASN F 73 -25.76 48.19 -35.88
N GLU F 74 -26.38 49.14 -35.17
CA GLU F 74 -27.42 49.96 -35.80
C GLU F 74 -26.85 50.81 -36.94
N ASN F 75 -25.63 51.31 -36.77
CA ASN F 75 -25.01 52.19 -37.75
C ASN F 75 -24.11 51.44 -38.74
N GLN F 76 -24.42 50.17 -39.01
CA GLN F 76 -23.66 49.35 -39.95
C GLN F 76 -22.18 49.27 -39.55
N GLY F 77 -21.92 49.19 -38.24
CA GLY F 77 -20.56 49.02 -37.77
C GLY F 77 -19.70 50.26 -37.82
N ASN F 78 -20.29 51.43 -37.67
CA ASN F 78 -19.55 52.69 -37.68
C ASN F 78 -19.40 53.24 -36.27
N ARG F 79 -18.19 53.70 -35.95
CA ARG F 79 -17.85 54.15 -34.61
C ARG F 79 -17.56 55.64 -34.53
N GLY F 80 -18.05 56.42 -35.49
CA GLY F 80 -17.70 57.84 -35.54
C GLY F 80 -18.13 58.58 -34.28
N ARG F 81 -19.38 58.38 -33.86
CA ARG F 81 -19.89 59.08 -32.69
C ARG F 81 -19.16 58.66 -31.43
N ILE F 82 -18.87 57.37 -31.28
CA ILE F 82 -18.18 56.90 -30.08
C ILE F 82 -16.76 57.45 -30.02
N ASN F 83 -16.06 57.42 -31.16
CA ASN F 83 -14.72 57.98 -31.21
C ASN F 83 -14.73 59.46 -30.85
N GLN F 84 -15.68 60.21 -31.42
CA GLN F 84 -15.76 61.63 -31.13
C GLN F 84 -16.07 61.87 -29.66
N ILE F 85 -16.96 61.05 -29.08
CA ILE F 85 -17.32 61.22 -27.68
C ILE F 85 -16.12 61.01 -26.77
N ILE F 86 -15.39 59.91 -26.99
CA ILE F 86 -14.26 59.63 -26.09
C ILE F 86 -13.15 60.65 -26.30
N LEU F 87 -12.94 61.10 -27.54
CA LEU F 87 -11.92 62.12 -27.78
C LEU F 87 -12.29 63.44 -27.12
N ASP F 88 -13.57 63.82 -27.17
CA ASP F 88 -13.97 65.09 -26.57
C ASP F 88 -13.98 65.01 -25.05
N GLU F 89 -14.24 63.84 -24.48
CA GLU F 89 -14.33 63.77 -23.03
C GLU F 89 -12.99 63.53 -22.35
N PHE F 90 -12.20 62.58 -22.85
CA PHE F 90 -10.98 62.18 -22.15
C PHE F 90 -9.76 62.99 -22.55
N SER F 91 -9.91 63.99 -23.41
CA SER F 91 -8.82 64.89 -23.75
C SER F 91 -8.98 66.26 -23.12
N ARG F 92 -9.86 66.41 -22.14
CA ARG F 92 -10.04 67.69 -21.48
C ARG F 92 -8.85 68.02 -20.60
N LYS F 93 -8.73 69.30 -20.26
CA LYS F 93 -7.64 69.78 -19.41
C LYS F 93 -8.12 69.78 -17.97
N VAL F 94 -7.65 68.81 -17.18
CA VAL F 94 -8.06 68.65 -15.80
C VAL F 94 -6.82 68.56 -14.92
N ASP F 95 -6.98 68.96 -13.67
CA ASP F 95 -5.87 68.93 -12.71
C ASP F 95 -5.69 67.52 -12.16
N LEU F 96 -4.43 67.13 -11.96
CA LEU F 96 -4.13 65.81 -11.45
C LEU F 96 -4.58 65.66 -10.00
N THR F 97 -4.92 64.43 -9.64
CA THR F 97 -5.25 64.12 -8.25
C THR F 97 -3.99 63.80 -7.46
N GLU F 98 -4.11 63.61 -6.18
CA GLU F 98 -2.98 63.35 -5.37
C GLU F 98 -2.49 61.97 -5.57
N ASN F 99 -3.37 61.06 -5.91
CA ASN F 99 -2.96 59.69 -6.13
C ASN F 99 -1.97 59.57 -7.28
N HIS F 100 -2.24 60.27 -8.38
CA HIS F 100 -1.33 60.20 -9.53
C HIS F 100 0.03 60.77 -9.18
N LYS F 101 0.07 61.88 -8.45
CA LYS F 101 1.34 62.46 -8.06
C LYS F 101 2.11 61.54 -7.13
N ILE F 102 1.41 60.90 -6.18
CA ILE F 102 2.07 59.97 -5.28
C ILE F 102 2.64 58.79 -6.04
N LEU F 103 1.85 58.23 -6.97
CA LEU F 103 2.34 57.11 -7.77
C LEU F 103 3.52 57.52 -8.63
N ALA F 104 3.54 58.78 -9.09
CA ALA F 104 4.69 59.26 -9.86
C ALA F 104 5.92 59.40 -8.98
N ARG F 105 5.73 59.79 -7.72
CA ARG F 105 6.88 59.93 -6.82
C ARG F 105 7.43 58.57 -6.38
N LEU F 106 6.60 57.53 -6.40
CA LEU F 106 7.06 56.21 -5.97
C LEU F 106 8.02 55.61 -6.99
N PRO F 107 8.97 54.79 -6.53
CA PRO F 107 9.90 54.11 -7.46
C PRO F 107 9.26 52.89 -8.12
N ILE F 108 8.29 53.15 -8.99
CA ILE F 108 7.56 52.11 -9.71
C ILE F 108 7.85 52.27 -11.19
N HIS F 109 8.28 51.18 -11.82
CA HIS F 109 8.76 51.21 -13.19
C HIS F 109 7.80 50.61 -14.20
N THR F 110 6.59 50.24 -13.78
CA THR F 110 5.64 49.61 -14.69
C THR F 110 4.23 50.03 -14.30
N TYR F 111 3.48 50.54 -15.28
CA TYR F 111 2.08 50.88 -15.10
C TYR F 111 1.27 50.22 -16.21
N TRP F 112 0.18 49.54 -15.83
CA TRP F 112 -0.77 48.98 -16.78
C TRP F 112 -2.09 49.69 -16.58
N THR F 113 -2.64 50.26 -17.64
CA THR F 113 -3.81 51.10 -17.55
C THR F 113 -4.88 50.67 -18.55
N THR F 114 -6.13 50.67 -18.11
CA THR F 114 -7.27 50.50 -18.99
C THR F 114 -8.02 51.80 -19.22
N ALA F 115 -7.43 52.93 -18.85
CA ALA F 115 -8.02 54.25 -19.04
C ALA F 115 -7.37 54.95 -20.22
N TYR F 116 -8.18 55.64 -21.02
CA TYR F 116 -7.68 56.32 -22.20
C TYR F 116 -7.00 57.64 -21.90
N ASP F 117 -7.25 58.23 -20.73
CA ASP F 117 -6.68 59.51 -20.40
C ASP F 117 -5.18 59.41 -20.15
N ARG F 118 -4.49 60.53 -20.33
CA ARG F 118 -3.05 60.62 -20.13
C ARG F 118 -2.66 61.19 -18.78
N LEU F 119 -3.48 60.95 -17.75
CA LEU F 119 -3.18 61.48 -16.43
C LEU F 119 -1.91 60.87 -15.84
N ILE F 120 -1.71 59.57 -16.05
CA ILE F 120 -0.51 58.92 -15.54
C ILE F 120 0.74 59.50 -16.21
N GLU F 121 0.68 59.70 -17.53
CA GLU F 121 1.81 60.28 -18.24
C GLU F 121 2.11 61.69 -17.75
N LYS F 122 1.11 62.38 -17.38
CA LYS F 122 1.30 63.74 -17.03
C LYS F 122 1.88 63.77 -15.68
N ALA F 123 1.40 62.94 -14.78
CA ALA F 123 1.95 62.83 -13.43
C ALA F 123 3.41 62.43 -13.47
N LEU F 124 3.77 61.48 -14.34
CA LEU F 124 5.17 61.07 -14.44
C LEU F 124 6.04 62.19 -14.99
N GLU F 125 5.52 62.95 -15.95
CA GLU F 125 6.32 64.03 -16.54
C GLU F 125 6.44 65.23 -15.61
N GLU F 126 5.48 65.45 -14.73
CA GLU F 126 5.58 66.54 -13.78
C GLU F 126 6.71 66.32 -12.78
N GLU F 127 7.01 65.07 -12.44
CA GLU F 127 8.08 64.73 -11.53
C GLU F 127 9.42 64.59 -12.23
N ASN F 128 9.54 65.11 -13.46
CA ASN F 128 10.77 65.04 -14.24
C ASN F 128 11.21 63.59 -14.43
N LYS F 129 10.25 62.69 -14.63
CA LYS F 129 10.51 61.28 -14.87
C LYS F 129 10.23 60.97 -16.33
N ILE F 130 11.19 60.32 -16.99
CA ILE F 130 11.03 59.93 -18.38
C ILE F 130 10.08 58.73 -18.43
N ALA F 131 8.89 58.93 -18.99
CA ALA F 131 7.88 57.89 -19.05
C ALA F 131 7.69 57.44 -20.49
N ASP F 132 7.61 56.13 -20.68
CA ASP F 132 7.50 55.51 -22.00
C ASP F 132 6.11 54.90 -22.12
N VAL F 133 5.20 55.59 -22.80
CA VAL F 133 3.82 55.14 -22.94
C VAL F 133 3.73 54.22 -24.16
N LYS F 134 3.13 53.05 -23.96
CA LYS F 134 2.99 52.05 -25.01
C LYS F 134 1.53 51.65 -25.11
N TYR F 135 0.90 51.96 -26.24
CA TYR F 135 -0.45 51.52 -26.51
C TYR F 135 -0.62 50.90 -27.89
N THR F 136 0.47 50.68 -28.63
CA THR F 136 0.43 50.06 -29.94
C THR F 136 1.39 48.87 -29.96
N VAL F 137 1.11 47.91 -30.84
CA VAL F 137 1.94 46.72 -30.92
C VAL F 137 3.36 47.07 -31.36
N LYS F 138 3.48 47.95 -32.36
CA LYS F 138 4.80 48.31 -32.86
C LYS F 138 5.63 49.02 -31.80
N GLN F 139 4.97 49.75 -30.90
CA GLN F 139 5.70 50.50 -29.87
C GLN F 139 6.40 49.59 -28.88
N LEU F 140 5.99 48.34 -28.77
CA LEU F 140 6.64 47.43 -27.83
C LEU F 140 8.08 47.13 -28.24
N ALA F 141 8.36 47.14 -29.54
CA ALA F 141 9.69 46.79 -30.04
C ALA F 141 10.72 47.90 -29.82
N THR F 142 10.30 49.08 -29.36
CA THR F 142 11.21 50.18 -29.13
C THR F 142 11.10 50.64 -27.69
N THR F 143 12.22 50.77 -27.01
CA THR F 143 12.28 51.22 -25.63
C THR F 143 12.93 52.59 -25.57
N LYS F 144 12.28 53.54 -24.91
CA LYS F 144 12.85 54.86 -24.75
C LYS F 144 14.08 54.79 -23.85
N VAL F 145 15.12 55.52 -24.22
CA VAL F 145 16.39 55.45 -23.51
C VAL F 145 16.25 56.10 -22.15
N LYS F 146 16.77 55.42 -21.11
CA LYS F 146 16.77 55.93 -19.74
C LYS F 146 15.37 56.26 -19.25
N ARG F 147 14.40 55.37 -19.51
CA ARG F 147 13.06 55.60 -19.09
C ARG F 147 13.00 55.32 -17.64
N ASP F 148 12.15 56.03 -16.93
CA ASP F 148 11.93 55.76 -15.52
C ASP F 148 10.72 54.88 -15.25
N ALA F 149 9.75 54.88 -16.17
CA ALA F 149 8.57 54.03 -16.02
C ALA F 149 7.94 53.84 -17.38
N VAL F 150 7.36 52.67 -17.59
CA VAL F 150 6.69 52.33 -18.84
C VAL F 150 5.20 52.14 -18.54
N VAL F 151 4.35 52.87 -19.26
CA VAL F 151 2.92 52.83 -19.06
C VAL F 151 2.32 52.05 -20.23
N TYR F 152 1.86 50.84 -19.96
CA TYR F 152 1.19 50.02 -20.98
C TYR F 152 -0.29 50.36 -20.96
N LYS F 153 -0.73 51.16 -21.94
CA LYS F 153 -2.15 51.47 -22.08
C LYS F 153 -2.77 50.35 -22.92
N MET F 154 -3.26 49.32 -22.22
CA MET F 154 -3.67 48.10 -22.88
C MET F 154 -5.02 48.19 -23.56
N HIS F 155 -5.68 49.34 -23.51
CA HIS F 155 -6.96 49.52 -24.17
C HIS F 155 -6.98 50.63 -25.22
N GLY F 156 -5.93 51.44 -25.30
CA GLY F 156 -5.86 52.49 -26.29
C GLY F 156 -5.67 53.85 -25.65
N ASP F 157 -5.29 54.80 -26.49
CA ASP F 157 -5.06 56.18 -26.07
C ASP F 157 -6.20 57.07 -26.52
N VAL F 158 -6.39 58.17 -25.80
CA VAL F 158 -7.47 59.10 -26.12
C VAL F 158 -7.24 59.75 -27.47
N GLU F 159 -5.99 60.07 -27.80
CA GLU F 159 -5.68 60.72 -29.06
C GLU F 159 -5.86 59.79 -30.25
N HIS F 160 -6.07 58.50 -30.03
CA HIS F 160 -6.36 57.54 -31.09
C HIS F 160 -7.67 56.84 -30.75
N PRO F 161 -8.79 57.53 -30.89
CA PRO F 161 -10.08 56.94 -30.49
C PRO F 161 -10.46 55.69 -31.27
N SER F 162 -10.04 55.59 -32.53
CA SER F 162 -10.43 54.45 -33.34
C SER F 162 -9.82 53.15 -32.83
N GLU F 163 -8.70 53.22 -32.10
CA GLU F 163 -8.05 52.04 -31.58
C GLU F 163 -8.48 51.69 -30.16
N ALA F 164 -9.29 52.54 -29.52
CA ALA F 164 -9.71 52.28 -28.16
C ALA F 164 -10.67 51.09 -28.10
N VAL F 165 -10.49 50.26 -27.08
CA VAL F 165 -11.32 49.08 -26.88
C VAL F 165 -12.58 49.54 -26.16
N LEU F 166 -13.67 49.70 -26.90
CA LEU F 166 -14.94 50.16 -26.36
C LEU F 166 -16.08 49.20 -26.61
N ILE F 167 -16.13 48.58 -27.78
CA ILE F 167 -17.27 47.77 -28.18
C ILE F 167 -16.89 46.29 -28.09
N LYS F 168 -17.85 45.39 -28.24
CA LYS F 168 -17.61 43.97 -28.10
C LYS F 168 -16.82 43.37 -29.19
N ASP F 169 -16.85 43.91 -30.37
CA ASP F 169 -15.98 43.42 -31.42
C ASP F 169 -14.51 43.68 -31.09
N ASP F 170 -14.23 44.82 -30.45
CA ASP F 170 -12.86 45.10 -30.03
C ASP F 170 -12.35 44.06 -29.06
N TYR F 171 -13.17 43.68 -28.07
CA TYR F 171 -12.76 42.64 -27.13
C TYR F 171 -12.60 41.29 -27.84
N GLU F 172 -13.50 40.99 -28.78
CA GLU F 172 -13.43 39.70 -29.47
C GLU F 172 -12.15 39.58 -30.29
N LYS F 173 -11.74 40.66 -30.96
CA LYS F 173 -10.54 40.64 -31.78
C LYS F 173 -9.29 41.06 -31.01
N TYR F 174 -9.41 41.39 -29.73
CA TYR F 174 -8.25 41.77 -28.93
C TYR F 174 -7.24 40.65 -28.84
N SER F 175 -7.71 39.41 -28.68
CA SER F 175 -6.80 38.28 -28.51
C SER F 175 -5.92 38.05 -29.72
N ILE F 176 -6.33 38.52 -30.89
CA ILE F 176 -5.55 38.38 -32.11
C ILE F 176 -4.77 39.63 -32.44
N LYS F 177 -5.39 40.79 -32.32
CA LYS F 177 -4.74 42.02 -32.70
C LYS F 177 -3.74 42.45 -31.74
N MET F 178 -4.09 42.42 -30.48
CA MET F 178 -3.24 42.91 -29.41
C MET F 178 -2.66 41.76 -28.59
N ASP F 179 -2.31 40.66 -29.27
CA ASP F 179 -1.72 39.52 -28.58
C ASP F 179 -0.41 39.84 -27.87
N PRO F 180 0.52 40.62 -28.44
CA PRO F 180 1.74 40.94 -27.68
C PRO F 180 1.47 41.61 -26.34
N TYR F 181 0.44 42.46 -26.26
CA TYR F 181 0.10 43.05 -24.97
C TYR F 181 -0.40 42.01 -24.00
N ILE F 182 -1.17 41.03 -24.48
CA ILE F 182 -1.61 39.94 -23.62
C ILE F 182 -0.42 39.16 -23.09
N LYS F 183 0.55 38.87 -23.96
CA LYS F 183 1.74 38.13 -23.52
C LYS F 183 2.55 38.95 -22.52
N ALA F 184 2.68 40.25 -22.75
CA ALA F 184 3.43 41.11 -21.83
C ALA F 184 2.75 41.18 -20.47
N LEU F 185 1.43 41.31 -20.45
CA LEU F 185 0.72 41.34 -19.18
C LEU F 185 0.78 40.00 -18.47
N SER F 186 0.76 38.89 -19.22
CA SER F 186 0.92 37.58 -18.62
C SER F 186 2.29 37.43 -17.99
N GLY F 187 3.33 37.95 -18.64
CA GLY F 187 4.65 37.92 -18.05
C GLY F 187 4.76 38.79 -16.81
N ASP F 188 4.15 39.98 -16.84
CA ASP F 188 4.20 40.87 -15.69
C ASP F 188 3.41 40.34 -14.50
N LEU F 189 2.29 39.66 -14.76
CA LEU F 189 1.47 39.11 -13.69
C LEU F 189 2.16 37.96 -12.96
N VAL F 190 3.24 37.43 -13.51
CA VAL F 190 4.00 36.37 -12.83
C VAL F 190 5.39 36.82 -12.43
N SER F 191 5.92 37.91 -12.98
CA SER F 191 7.24 38.39 -12.60
C SER F 191 7.21 39.61 -11.71
N LYS F 192 6.06 40.23 -11.50
CA LYS F 192 5.96 41.44 -10.70
C LYS F 192 4.74 41.37 -9.79
N THR F 193 4.81 42.10 -8.69
CA THR F 193 3.70 42.20 -7.74
C THR F 193 2.84 43.40 -8.12
N PHE F 194 1.57 43.14 -8.41
CA PHE F 194 0.66 44.18 -8.89
C PHE F 194 -0.16 44.75 -7.75
N LEU F 195 -0.54 46.02 -7.89
CA LEU F 195 -1.49 46.68 -7.00
C LEU F 195 -2.62 47.23 -7.86
N PHE F 196 -3.75 46.55 -7.86
CA PHE F 196 -4.89 46.93 -8.70
C PHE F 196 -5.66 48.03 -7.99
N VAL F 197 -5.49 49.27 -8.44
CA VAL F 197 -6.16 50.42 -7.86
C VAL F 197 -7.23 50.90 -8.83
N GLY F 198 -8.42 51.15 -8.31
CA GLY F 198 -9.51 51.65 -9.15
C GLY F 198 -9.91 50.73 -10.27
N PHE F 199 -9.89 49.43 -10.03
CA PHE F 199 -10.25 48.44 -11.04
C PHE F 199 -11.39 47.57 -10.52
N SER F 200 -12.35 47.29 -11.40
CA SER F 200 -13.56 46.57 -11.03
C SER F 200 -13.47 45.07 -11.29
N PHE F 201 -12.46 44.61 -12.02
CA PHE F 201 -12.27 43.19 -12.33
C PHE F 201 -13.48 42.61 -13.06
N THR F 202 -14.11 43.43 -13.91
CA THR F 202 -15.15 42.96 -14.81
C THR F 202 -14.74 43.01 -16.27
N ASP F 203 -13.49 43.38 -16.54
CA ASP F 203 -13.04 43.50 -17.92
C ASP F 203 -12.80 42.12 -18.51
N PRO F 204 -13.41 41.80 -19.66
CA PRO F 204 -13.21 40.46 -20.24
C PRO F 204 -11.76 40.15 -20.56
N ASN F 205 -10.98 41.14 -21.00
CA ASN F 205 -9.58 40.89 -21.29
C ASN F 205 -8.82 40.48 -20.04
N LEU F 206 -9.05 41.18 -18.93
CA LEU F 206 -8.38 40.84 -17.68
C LEU F 206 -8.84 39.48 -17.17
N ASP F 207 -10.12 39.16 -17.32
CA ASP F 207 -10.61 37.85 -16.93
C ASP F 207 -9.91 36.76 -17.73
N TYR F 208 -9.78 36.95 -19.05
CA TYR F 208 -9.11 35.95 -19.88
C TYR F 208 -7.64 35.80 -19.50
N ILE F 209 -6.95 36.93 -19.28
CA ILE F 209 -5.53 36.87 -18.96
C ILE F 209 -5.31 36.21 -17.60
N LEU F 210 -6.12 36.58 -16.60
CA LEU F 210 -5.97 36.00 -15.28
C LEU F 210 -6.31 34.51 -15.29
N SER F 211 -7.35 34.12 -16.05
CA SER F 211 -7.67 32.70 -16.15
C SER F 211 -6.54 31.93 -16.81
N ARG F 212 -5.91 32.50 -17.84
CA ARG F 212 -4.78 31.84 -18.47
C ARG F 212 -3.61 31.69 -17.50
N VAL F 213 -3.33 32.75 -16.72
CA VAL F 213 -2.25 32.68 -15.75
C VAL F 213 -2.53 31.60 -14.70
N ARG F 214 -3.76 31.55 -14.19
CA ARG F 214 -4.10 30.54 -13.20
C ARG F 214 -3.99 29.14 -13.79
N SER F 215 -4.47 28.95 -15.02
CA SER F 215 -4.37 27.64 -15.66
C SER F 215 -2.91 27.24 -15.87
N ALA F 216 -2.04 28.22 -16.11
CA ALA F 216 -0.63 27.91 -16.32
C ALA F 216 0.10 27.59 -15.02
N TYR F 217 -0.25 28.29 -13.93
CA TYR F 217 0.51 28.17 -12.69
C TYR F 217 -0.26 27.52 -11.54
N GLU F 218 -1.57 27.39 -11.63
CA GLU F 218 -2.39 26.71 -10.62
C GLU F 218 -2.17 27.40 -9.27
N ARG F 219 -1.77 26.68 -8.22
CA ARG F 219 -1.69 27.25 -6.88
C ARG F 219 -0.39 28.00 -6.61
N ASP F 220 0.54 28.03 -7.56
CA ASP F 220 1.83 28.68 -7.36
C ASP F 220 1.87 30.08 -7.97
N GLN F 221 0.72 30.73 -8.08
CA GLN F 221 0.68 32.07 -8.65
C GLN F 221 1.26 33.09 -7.68
N ARG F 222 1.84 34.14 -8.24
CA ARG F 222 2.37 35.23 -7.45
C ARG F 222 1.24 35.99 -6.76
N ARG F 223 1.52 36.52 -5.58
CA ARG F 223 0.53 37.27 -4.82
C ARG F 223 0.41 38.69 -5.36
N HIS F 224 -0.83 39.08 -5.68
CA HIS F 224 -1.13 40.44 -6.10
C HIS F 224 -2.11 41.07 -5.11
N TYR F 225 -2.08 42.40 -5.03
CA TYR F 225 -2.90 43.14 -4.10
C TYR F 225 -3.90 44.00 -4.85
N CYS F 226 -5.06 44.22 -4.23
CA CYS F 226 -6.13 44.99 -4.84
C CYS F 226 -6.74 45.92 -3.79
N LEU F 227 -7.33 47.01 -4.27
CA LEU F 227 -8.01 47.97 -3.42
C LEU F 227 -9.43 48.15 -3.94
N ILE F 228 -10.42 47.76 -3.13
CA ILE F 228 -11.82 47.85 -3.48
C ILE F 228 -12.58 48.46 -2.32
N LYS F 229 -13.43 49.45 -2.60
CA LYS F 229 -14.24 50.08 -1.57
C LYS F 229 -15.40 49.17 -1.19
N LYS F 230 -15.66 49.05 0.11
CA LYS F 230 -16.81 48.29 0.57
C LYS F 230 -18.11 48.97 0.12
N GLU F 231 -19.13 48.15 -0.08
CA GLU F 231 -20.42 48.69 -0.50
C GLU F 231 -21.04 49.50 0.63
N GLU F 232 -21.57 50.67 0.29
CA GLU F 232 -22.26 51.55 1.23
C GLU F 232 -23.72 51.66 0.85
N ARG F 233 -24.58 51.80 1.86
CA ARG F 233 -26.01 51.85 1.64
C ARG F 233 -26.40 53.09 0.86
N ARG F 234 -27.24 52.91 -0.15
CA ARG F 234 -27.72 54.03 -0.95
C ARG F 234 -28.72 54.85 -0.13
N PRO F 235 -28.96 56.10 -0.52
CA PRO F 235 -29.85 56.96 0.29
C PRO F 235 -31.23 56.38 0.54
N ASP F 236 -31.80 55.68 -0.44
CA ASP F 236 -33.13 55.07 -0.31
C ASP F 236 -33.00 53.61 -0.71
N GLU F 237 -32.81 52.74 0.28
CA GLU F 237 -32.67 51.32 0.02
C GLU F 237 -33.01 50.54 1.29
N LEU F 238 -33.63 49.38 1.10
CA LEU F 238 -33.94 48.52 2.22
C LEU F 238 -32.68 47.91 2.81
N GLU F 239 -32.78 47.49 4.07
CA GLU F 239 -31.63 46.86 4.73
C GLU F 239 -31.29 45.53 4.07
N ALA F 240 -32.30 44.74 3.70
CA ALA F 240 -32.06 43.41 3.15
C ALA F 240 -31.31 43.48 1.84
N ASP F 241 -31.66 44.43 0.96
CA ASP F 241 -30.96 44.55 -0.31
C ASP F 241 -29.53 45.03 -0.11
N PHE F 242 -29.31 45.89 0.88
CA PHE F 242 -27.93 46.30 1.18
C PHE F 242 -27.11 45.13 1.67
N GLU F 243 -27.69 44.30 2.54
CA GLU F 243 -26.97 43.10 3.00
C GLU F 243 -26.71 42.14 1.86
N TYR F 244 -27.66 42.03 0.92
CA TYR F 244 -27.45 41.20 -0.25
C TYR F 244 -26.29 41.73 -1.10
N ARG F 245 -26.21 43.05 -1.28
CA ARG F 245 -25.10 43.64 -2.01
C ARG F 245 -23.77 43.39 -1.31
N VAL F 246 -23.75 43.51 0.02
CA VAL F 246 -22.53 43.26 0.77
C VAL F 246 -22.11 41.80 0.64
N ARG F 247 -23.07 40.88 0.69
CA ARG F 247 -22.75 39.46 0.54
C ARG F 247 -22.21 39.16 -0.85
N LYS F 248 -22.80 39.89 -1.86
CA LYS F 248 -22.37 39.65 -3.19
C LYS F 248 -20.98 40.20 -3.33
N GLN F 249 -20.64 41.28 -2.77
CA GLN F 249 -19.30 41.85 -2.83
C GLN F 249 -18.28 40.96 -2.10
N GLU F 250 -18.68 40.38 -0.97
CA GLU F 250 -17.79 39.47 -0.27
C GLU F 250 -17.49 38.24 -1.11
N LEU F 251 -18.51 37.69 -1.78
CA LEU F 251 -18.27 36.56 -2.67
C LEU F 251 -17.34 36.95 -3.82
N PHE F 252 -17.53 38.14 -4.38
CA PHE F 252 -16.67 38.60 -5.46
C PHE F 252 -15.23 38.75 -4.99
N ILE F 253 -15.04 39.30 -3.79
CA ILE F 253 -13.70 39.47 -3.24
C ILE F 253 -13.05 38.12 -3.01
N SER F 254 -13.80 37.15 -2.47
CA SER F 254 -13.25 35.81 -2.29
C SER F 254 -12.90 35.17 -3.62
N ASP F 255 -13.74 35.37 -4.64
CA ASP F 255 -13.46 34.83 -5.97
C ASP F 255 -12.22 35.47 -6.58
N LEU F 256 -11.93 36.72 -6.23
CA LEU F 256 -10.72 37.36 -6.73
C LEU F 256 -9.47 36.64 -6.21
N SER F 257 -9.50 36.19 -4.96
CA SER F 257 -8.35 35.49 -4.39
C SER F 257 -8.12 34.13 -5.03
N ARG F 258 -8.95 33.68 -5.96
CA ARG F 258 -8.75 32.40 -6.68
C ARG F 258 -7.62 32.55 -7.55
N PHE F 259 -7.41 33.74 -8.03
CA PHE F 259 -6.21 34.04 -8.79
C PHE F 259 -5.10 34.59 -7.90
N ASN F 260 -5.19 34.39 -6.59
CA ASN F 260 -4.22 34.89 -5.62
C ASN F 260 -4.08 36.41 -5.69
N ILE F 261 -5.20 37.10 -5.74
CA ILE F 261 -5.25 38.55 -5.70
C ILE F 261 -5.89 38.94 -4.37
N LYS F 262 -5.09 39.30 -3.39
CA LYS F 262 -5.61 39.69 -2.09
C LYS F 262 -6.27 41.06 -2.19
N THR F 263 -7.49 41.16 -1.70
CA THR F 263 -8.28 42.39 -1.80
C THR F 263 -8.31 43.09 -0.45
N ILE F 264 -8.00 44.38 -0.44
CA ILE F 264 -8.05 45.20 0.76
C ILE F 264 -9.36 45.99 0.72
N VAL F 265 -10.19 45.81 1.74
CA VAL F 265 -11.46 46.52 1.81
C VAL F 265 -11.22 47.93 2.34
N LEU F 266 -11.66 48.93 1.59
CA LEU F 266 -11.45 50.33 1.94
C LEU F 266 -12.80 50.97 2.24
N ASN F 267 -12.90 51.60 3.41
CA ASN F 267 -14.15 52.23 3.80
C ASN F 267 -14.51 53.38 2.88
N ASN F 268 -13.53 54.21 2.52
CA ASN F 268 -13.75 55.39 1.70
C ASN F 268 -12.79 55.38 0.51
N TYR F 269 -13.16 56.13 -0.53
CA TYR F 269 -12.25 56.33 -1.64
C TYR F 269 -11.04 57.13 -1.22
N ASN F 270 -11.21 58.07 -0.29
CA ASN F 270 -10.10 58.88 0.19
C ASN F 270 -9.10 58.08 1.01
N GLU F 271 -9.42 56.84 1.39
CA GLU F 271 -8.44 56.02 2.08
C GLU F 271 -7.34 55.53 1.14
N ILE F 272 -7.60 55.57 -0.16
CA ILE F 272 -6.56 55.22 -1.12
C ILE F 272 -5.39 56.19 -1.02
N THR F 273 -5.69 57.49 -0.95
CA THR F 273 -4.64 58.49 -0.79
C THR F 273 -3.90 58.30 0.53
N GLU F 274 -4.60 57.84 1.55
CA GLU F 274 -3.96 57.70 2.82
C GLU F 274 -3.10 56.50 2.82
N ILE F 275 -3.45 55.49 2.08
CA ILE F 275 -2.60 54.30 1.95
C ILE F 275 -1.36 54.63 1.13
N LEU F 276 -1.53 55.36 0.03
CA LEU F 276 -0.40 55.70 -0.82
C LEU F 276 0.58 56.62 -0.10
N GLN F 277 0.06 57.55 0.71
CA GLN F 277 0.93 58.41 1.50
C GLN F 277 1.75 57.60 2.49
N ARG F 278 1.11 56.61 3.13
CA ARG F 278 1.85 55.72 4.04
C ARG F 278 2.92 54.94 3.30
N ILE F 279 2.58 54.43 2.11
CA ILE F 279 3.54 53.65 1.34
C ILE F 279 4.73 54.50 0.94
N GLU F 280 4.50 55.74 0.54
CA GLU F 280 5.61 56.65 0.22
C GLU F 280 6.41 57.01 1.46
N ASN F 281 5.72 57.26 2.58
CA ASN F 281 6.40 57.66 3.80
C ASN F 281 7.31 56.57 4.34
N ASN F 282 6.89 55.30 4.24
CA ASN F 282 7.75 54.21 4.62
C ASN F 282 8.97 54.09 3.71
N ILE F 283 8.90 54.67 2.51
CA ILE F 283 10.04 54.67 1.60
C ILE F 283 10.81 55.98 1.71
N LYS F 284 10.10 57.10 1.80
CA LYS F 284 10.74 58.40 1.89
C LYS F 284 11.59 58.52 3.15
N THR F 285 11.06 58.06 4.29
CA THR F 285 11.75 58.19 5.56
C THR F 285 12.83 57.14 5.77
N LYS F 286 13.02 56.22 4.82
CA LYS F 286 14.08 55.23 4.96
C LYS F 286 15.46 55.84 4.89
N THR F 287 15.59 57.08 4.43
CA THR F 287 16.87 57.77 4.33
C THR F 287 16.90 58.91 5.33
N VAL F 288 17.95 58.97 6.14
CA VAL F 288 18.10 59.98 7.16
C VAL F 288 19.22 60.93 6.77
N PHE F 289 19.18 62.13 7.33
CA PHE F 289 20.19 63.16 7.06
C PHE F 289 20.84 63.54 8.38
N LEU F 290 22.06 63.06 8.60
CA LEU F 290 22.80 63.35 9.83
C LEU F 290 23.45 64.72 9.70
N SER F 291 22.79 65.73 10.25
CA SER F 291 23.30 67.09 10.21
C SER F 291 24.00 67.43 11.52
N GLY F 292 25.04 68.23 11.41
CA GLY F 292 25.75 68.68 12.59
C GLY F 292 27.17 69.07 12.26
N SER F 293 27.79 69.76 13.22
CA SER F 293 29.18 70.20 13.12
C SER F 293 29.61 70.62 14.52
N ALA F 294 30.77 70.14 14.95
CA ALA F 294 31.17 70.34 16.33
C ALA F 294 32.67 70.55 16.46
N VAL F 295 33.03 71.59 17.19
CA VAL F 295 34.37 71.74 17.73
C VAL F 295 34.39 71.56 19.24
N GLU F 296 33.26 71.76 19.91
CA GLU F 296 33.06 71.39 21.31
C GLU F 296 31.92 70.39 21.37
N TYR F 297 31.95 69.53 22.39
CA TYR F 297 31.01 68.44 22.48
C TYR F 297 30.26 68.48 23.81
N ASN F 298 29.95 69.68 24.27
CA ASN F 298 29.11 69.90 25.44
C ASN F 298 29.60 69.13 26.67
N HIS F 299 28.68 68.44 27.34
CA HIS F 299 29.01 67.75 28.59
C HIS F 299 30.02 66.64 28.36
N TRP F 300 29.87 65.88 27.28
CA TRP F 300 30.79 64.79 27.00
C TRP F 300 32.15 65.31 26.56
N GLU F 301 33.16 64.46 26.68
CA GLU F 301 34.48 64.74 26.14
C GLU F 301 34.49 64.47 24.65
N THR F 302 35.55 64.92 23.99
CA THR F 302 35.64 64.74 22.54
C THR F 302 35.61 63.26 22.17
N GLU F 303 36.37 62.44 22.89
CA GLU F 303 36.39 61.00 22.60
C GLU F 303 35.03 60.37 22.85
N HIS F 304 34.38 60.73 23.96
CA HIS F 304 33.09 60.15 24.28
C HIS F 304 32.05 60.50 23.24
N ALA F 305 32.02 61.78 22.81
CA ALA F 305 31.05 62.18 21.80
C ALA F 305 31.37 61.58 20.44
N GLU F 306 32.66 61.42 20.12
CA GLU F 306 33.02 60.73 18.88
C GLU F 306 32.51 59.29 18.90
N GLN F 307 32.66 58.61 20.03
CA GLN F 307 32.11 57.26 20.16
C GLN F 307 30.59 57.29 20.04
N PHE F 308 29.94 58.32 20.60
CA PHE F 308 28.49 58.42 20.49
C PHE F 308 28.05 58.53 19.04
N ILE F 309 28.68 59.43 18.28
CA ILE F 309 28.31 59.62 16.88
C ILE F 309 28.61 58.36 16.08
N HIS F 310 29.77 57.74 16.34
CA HIS F 310 30.14 56.51 15.65
C HIS F 310 29.11 55.42 15.88
N GLN F 311 28.72 55.20 17.13
CA GLN F 311 27.75 54.15 17.44
C GLN F 311 26.36 54.51 16.92
N LEU F 312 26.00 55.79 16.92
CA LEU F 312 24.71 56.19 16.35
C LEU F 312 24.64 55.86 14.86
N SER F 313 25.70 56.19 14.12
CA SER F 313 25.72 55.85 12.70
C SER F 313 25.72 54.34 12.50
N LYS F 314 26.46 53.61 13.33
CA LYS F 314 26.49 52.16 13.21
C LYS F 314 25.11 51.56 13.44
N GLU F 315 24.40 52.05 14.45
CA GLU F 315 23.05 51.57 14.71
C GLU F 315 22.10 51.94 13.57
N LEU F 316 22.22 53.16 13.05
CA LEU F 316 21.35 53.57 11.95
C LEU F 316 21.54 52.68 10.73
N ILE F 317 22.80 52.39 10.37
CA ILE F 317 23.06 51.51 9.24
C ILE F 317 22.60 50.09 9.54
N ARG F 318 22.78 49.65 10.79
CA ARG F 318 22.38 48.30 11.16
C ARG F 318 20.87 48.09 11.04
N LYS F 319 20.09 49.16 11.20
CA LYS F 319 18.64 49.10 11.09
C LYS F 319 18.14 49.39 9.68
N ASP F 320 18.97 49.15 8.67
CA ASP F 320 18.58 49.28 7.26
C ASP F 320 18.15 50.71 6.92
N PHE F 321 18.89 51.69 7.43
CA PHE F 321 18.69 53.08 7.06
C PHE F 321 19.79 53.55 6.12
N ASN F 322 19.50 54.59 5.36
CA ASN F 322 20.44 55.19 4.44
C ASN F 322 20.89 56.53 5.03
N ILE F 323 22.19 56.70 5.20
CA ILE F 323 22.75 57.89 5.82
C ILE F 323 23.28 58.80 4.73
N VAL F 324 22.78 60.03 4.68
CA VAL F 324 23.30 61.08 3.82
C VAL F 324 23.96 62.12 4.72
N SER F 325 25.25 62.33 4.52
CA SER F 325 26.03 63.23 5.36
C SER F 325 26.72 64.26 4.50
N GLY F 326 26.69 65.52 4.94
CA GLY F 326 27.41 66.58 4.29
C GLY F 326 28.87 66.66 4.64
N PHE F 327 29.39 65.66 5.36
CA PHE F 327 30.77 65.63 5.81
C PHE F 327 31.10 66.88 6.62
N GLY F 328 30.21 67.21 7.56
CA GLY F 328 30.43 68.36 8.40
C GLY F 328 31.58 68.14 9.36
N LEU F 329 32.19 69.24 9.77
CA LEU F 329 33.36 69.18 10.64
C LEU F 329 32.95 68.73 12.04
N GLY F 330 33.41 67.55 12.44
CA GLY F 330 33.19 67.03 13.77
C GLY F 330 32.21 65.89 13.85
N VAL F 331 31.34 65.70 12.85
CA VAL F 331 30.42 64.59 12.88
C VAL F 331 30.55 63.74 11.63
N GLY F 332 31.01 64.35 10.54
CA GLY F 332 31.07 63.61 9.28
C GLY F 332 32.07 62.47 9.31
N SER F 333 33.26 62.72 9.86
CA SER F 333 34.27 61.67 9.92
C SER F 333 33.80 60.50 10.79
N PHE F 334 33.16 60.80 11.92
CA PHE F 334 32.71 59.73 12.81
C PHE F 334 31.52 58.99 12.23
N VAL F 335 30.65 59.69 11.50
CA VAL F 335 29.58 59.01 10.77
C VAL F 335 30.17 58.05 9.76
N ILE F 336 31.19 58.49 9.02
CA ILE F 336 31.85 57.61 8.05
C ILE F 336 32.45 56.41 8.76
N ASN F 337 33.11 56.64 9.90
CA ASN F 337 33.73 55.54 10.64
C ASN F 337 32.68 54.51 11.07
N GLY F 338 31.55 54.98 11.60
CA GLY F 338 30.51 54.06 12.00
C GLY F 338 29.93 53.28 10.84
N VAL F 339 29.65 53.97 9.73
CA VAL F 339 29.10 53.28 8.57
C VAL F 339 30.06 52.25 8.03
N LEU F 340 31.35 52.59 7.94
CA LEU F 340 32.34 51.64 7.45
C LEU F 340 32.46 50.45 8.38
N GLU F 341 32.48 50.69 9.69
CA GLU F 341 32.60 49.57 10.64
C GLU F 341 31.41 48.64 10.53
N GLU F 342 30.20 49.19 10.35
CA GLU F 342 29.04 48.32 10.21
C GLU F 342 29.04 47.58 8.87
N LEU F 343 29.41 48.25 7.79
CA LEU F 343 29.29 47.63 6.46
C LEU F 343 30.38 46.59 6.23
N TYR F 344 31.62 46.88 6.63
CA TYR F 344 32.73 45.97 6.36
C TYR F 344 32.70 44.73 7.25
N MET F 345 31.85 44.70 8.26
CA MET F 345 31.75 43.53 9.13
C MET F 345 30.88 42.44 8.49
N THR F 349 32.83 46.19 0.22
CA THR F 349 32.53 47.35 -0.62
C THR F 349 31.45 48.22 0.02
N ILE F 350 31.23 49.39 -0.56
CA ILE F 350 30.23 50.34 -0.08
C ILE F 350 29.16 50.50 -1.14
N ASP F 351 27.92 50.17 -0.80
CA ASP F 351 26.81 50.43 -1.69
C ASP F 351 26.55 51.92 -1.80
N ASP F 352 26.22 52.38 -3.01
CA ASP F 352 25.96 53.80 -3.21
C ASP F 352 24.70 54.26 -2.51
N ASP F 353 23.85 53.35 -2.05
CA ASP F 353 22.61 53.71 -1.39
C ASP F 353 22.74 53.77 0.13
N ARG F 354 23.73 53.09 0.71
CA ARG F 354 23.84 53.05 2.17
C ARG F 354 24.45 54.32 2.72
N LEU F 355 25.63 54.70 2.22
CA LEU F 355 26.30 55.91 2.65
C LEU F 355 26.50 56.83 1.45
N ILE F 356 26.01 58.07 1.57
CA ILE F 356 26.12 59.06 0.52
C ILE F 356 26.85 60.26 1.09
N LEU F 357 28.05 60.52 0.59
CA LEU F 357 28.89 61.61 1.08
C LEU F 357 28.83 62.78 0.11
N ARG F 358 28.57 63.97 0.64
CA ARG F 358 28.54 65.20 -0.14
C ARG F 358 29.36 66.26 0.58
N PRO F 359 30.69 66.17 0.55
CA PRO F 359 31.51 67.20 1.19
C PRO F 359 31.29 68.56 0.54
N PHE F 360 31.30 69.59 1.35
CA PHE F 360 31.02 70.93 0.84
C PHE F 360 32.31 71.54 0.28
N PRO F 361 32.29 72.00 -0.97
CA PRO F 361 33.50 72.61 -1.56
C PRO F 361 33.92 73.84 -0.76
N GLN F 362 35.19 73.87 -0.38
CA GLN F 362 35.73 74.96 0.41
C GLN F 362 36.35 76.00 -0.51
N GLY F 363 35.95 77.26 -0.33
CA GLY F 363 36.38 78.34 -1.19
C GLY F 363 35.23 79.25 -1.56
N LYS F 364 35.54 80.51 -1.91
CA LYS F 364 34.49 81.46 -2.25
C LYS F 364 33.70 81.06 -3.49
N LYS F 365 34.28 80.22 -4.35
CA LYS F 365 33.56 79.76 -5.53
C LYS F 365 32.49 78.74 -5.17
N GLY F 366 32.77 77.86 -4.20
CA GLY F 366 31.80 76.86 -3.80
C GLY F 366 30.72 77.35 -2.87
N GLU F 367 30.98 78.44 -2.12
CA GLU F 367 29.97 78.95 -1.21
C GLU F 367 28.74 79.44 -1.96
N GLU F 368 28.91 79.90 -3.19
CA GLU F 368 27.77 80.38 -3.96
C GLU F 368 26.84 79.24 -4.35
N GLN F 369 27.38 78.05 -4.57
CA GLN F 369 26.59 76.87 -4.88
C GLN F 369 26.24 76.04 -3.65
N TRP F 370 26.76 76.42 -2.47
CA TRP F 370 26.47 75.71 -1.24
C TRP F 370 24.98 75.53 -1.00
N ASP F 371 24.19 76.57 -1.27
CA ASP F 371 22.76 76.50 -0.97
C ASP F 371 22.06 75.43 -1.80
N LYS F 372 22.30 75.43 -3.12
CA LYS F 372 21.68 74.42 -3.97
C LYS F 372 22.25 73.04 -3.67
N TYR F 373 23.49 72.96 -3.26
CA TYR F 373 24.11 71.71 -2.91
C TYR F 373 23.41 71.15 -1.71
N ARG F 374 23.13 71.99 -0.73
CA ARG F 374 22.48 71.55 0.50
C ARG F 374 21.05 71.18 0.28
N ARG F 375 20.37 71.90 -0.58
CA ARG F 375 19.00 71.52 -0.92
C ARG F 375 18.96 70.19 -1.66
N ASP F 376 19.94 69.95 -2.55
CA ASP F 376 20.02 68.67 -3.24
C ASP F 376 20.27 67.53 -2.26
N MET F 377 21.17 67.74 -1.29
CA MET F 377 21.42 66.72 -0.28
C MET F 377 20.15 66.39 0.49
N ILE F 378 19.49 67.44 1.02
CA ILE F 378 18.34 67.21 1.90
C ILE F 378 17.18 66.62 1.13
N THR F 379 17.03 66.98 -0.15
CA THR F 379 15.95 66.43 -0.96
C THR F 379 16.06 64.92 -1.09
N ARG F 380 17.28 64.39 -1.01
CA ARG F 380 17.48 62.94 -1.11
C ARG F 380 16.96 62.19 0.10
N THR F 381 16.73 62.88 1.21
CA THR F 381 16.43 62.25 2.50
C THR F 381 14.96 62.44 2.86
N GLY F 382 14.54 61.74 3.91
CA GLY F 382 13.19 61.87 4.43
C GLY F 382 13.12 62.34 5.87
N VAL F 383 14.16 62.03 6.65
CA VAL F 383 14.23 62.38 8.07
C VAL F 383 15.55 63.08 8.32
N SER F 384 15.53 64.13 9.15
CA SER F 384 16.72 64.89 9.46
C SER F 384 17.01 64.80 10.96
N ILE F 385 18.24 64.43 11.30
CA ILE F 385 18.70 64.33 12.69
C ILE F 385 19.84 65.32 12.88
N PHE F 386 19.76 66.13 13.94
CA PHE F 386 20.68 67.23 14.16
C PHE F 386 21.46 67.01 15.43
N LEU F 387 22.79 67.12 15.34
CA LEU F 387 23.69 66.93 16.46
C LEU F 387 24.56 68.16 16.64
N TYR F 388 24.63 68.66 17.87
CA TYR F 388 25.46 69.80 18.22
C TYR F 388 25.19 70.99 17.29
N GLY F 389 26.22 71.47 16.61
CA GLY F 389 26.01 72.56 15.68
C GLY F 389 26.76 73.83 15.99
N ASN F 390 27.96 73.71 16.56
CA ASN F 390 28.83 74.86 16.79
C ASN F 390 30.02 74.79 15.85
N LYS F 391 30.68 75.88 15.63
CA LYS F 391 31.84 75.91 14.75
C LYS F 391 32.78 76.99 15.25
N ILE F 392 34.04 76.86 15.02
CA ILE F 392 35.09 77.78 15.46
C ILE F 392 35.15 78.95 14.49
N ASP F 393 34.97 80.16 15.01
CA ASP F 393 35.00 81.36 14.19
C ASP F 393 35.58 82.51 15.01
N LYS F 394 36.52 83.25 14.41
CA LYS F 394 37.20 84.35 15.07
C LYS F 394 37.84 83.92 16.38
N GLY F 395 38.36 82.68 16.41
CA GLY F 395 38.97 82.15 17.60
C GLY F 395 38.01 81.78 18.71
N GLN F 396 36.71 81.78 18.44
CA GLN F 396 35.70 81.48 19.44
C GLN F 396 34.72 80.45 18.89
N VAL F 397 34.07 79.73 19.81
CA VAL F 397 33.15 78.65 19.45
C VAL F 397 31.79 79.30 19.24
N VAL F 398 31.54 79.76 18.00
CA VAL F 398 30.27 80.36 17.63
C VAL F 398 29.27 79.27 17.30
N LYS F 399 27.99 79.64 17.20
CA LYS F 399 26.96 78.70 16.79
C LYS F 399 26.93 78.63 15.26
N ALA F 400 26.93 77.41 14.73
CA ALA F 400 27.02 77.20 13.30
C ALA F 400 25.65 77.39 12.66
N LYS F 401 25.54 78.36 11.75
CA LYS F 401 24.27 78.66 11.10
C LYS F 401 23.91 77.67 10.01
N GLY F 402 24.86 76.84 9.57
CA GLY F 402 24.54 75.85 8.56
C GLY F 402 23.59 74.77 9.06
N VAL F 403 23.70 74.40 10.34
CA VAL F 403 22.76 73.44 10.91
C VAL F 403 21.36 74.04 10.92
N GLN F 404 21.24 75.32 11.29
CA GLN F 404 19.94 75.98 11.24
C GLN F 404 19.40 76.04 9.82
N SER F 405 20.28 76.31 8.85
CA SER F 405 19.85 76.36 7.46
C SER F 405 19.37 74.99 6.99
N GLU F 406 20.04 73.93 7.41
CA GLU F 406 19.60 72.61 7.06
C GLU F 406 18.27 72.33 7.68
N PHE F 407 18.10 72.68 8.95
CA PHE F 407 16.82 72.49 9.63
C PHE F 407 15.71 73.19 8.86
N ASN F 408 15.96 74.45 8.44
CA ASN F 408 14.95 75.20 7.70
C ASN F 408 14.64 74.55 6.37
N ILE F 409 15.66 74.05 5.67
CA ILE F 409 15.44 73.41 4.37
C ILE F 409 14.65 72.12 4.55
N SER F 410 15.00 71.32 5.56
CA SER F 410 14.27 70.08 5.81
C SER F 410 12.82 70.37 6.18
N PHE F 411 12.59 71.39 7.00
CA PHE F 411 11.23 71.75 7.38
C PHE F 411 10.43 72.24 6.18
N GLU F 412 11.07 72.98 5.28
CA GLU F 412 10.40 73.42 4.05
C GLU F 412 9.99 72.23 3.19
N GLN F 413 10.70 71.11 3.30
CA GLN F 413 10.43 69.93 2.50
C GLN F 413 9.51 68.94 3.23
N ASN F 414 8.93 69.34 4.35
CA ASN F 414 8.05 68.48 5.15
C ASN F 414 8.78 67.23 5.65
N ASN F 415 10.10 67.34 5.82
CA ASN F 415 10.87 66.26 6.42
C ASN F 415 10.69 66.25 7.94
N TYR F 416 10.70 65.05 8.51
CA TYR F 416 10.65 64.92 9.95
C TYR F 416 11.98 65.39 10.54
N VAL F 417 11.92 66.33 11.47
CA VAL F 417 13.11 66.88 12.11
C VAL F 417 13.26 66.25 13.48
N VAL F 418 14.46 65.77 13.78
CA VAL F 418 14.76 65.16 15.07
C VAL F 418 15.96 65.86 15.67
N PRO F 419 15.78 67.02 16.31
CA PRO F 419 16.91 67.71 16.93
C PRO F 419 17.33 67.06 18.24
N VAL F 420 18.54 66.50 18.27
CA VAL F 420 19.07 65.85 19.46
C VAL F 420 19.51 66.95 20.42
N GLY F 421 18.65 67.29 21.37
CA GLY F 421 18.95 68.37 22.29
C GLY F 421 19.98 68.07 23.34
N ALA F 422 20.24 66.78 23.59
CA ALA F 422 21.29 66.42 24.54
C ALA F 422 22.67 66.81 24.04
N THR F 423 22.87 66.90 22.72
CA THR F 423 24.15 67.33 22.21
C THR F 423 24.43 68.79 22.54
N GLY F 424 23.40 69.62 22.53
CA GLY F 424 23.54 71.01 22.93
C GLY F 424 23.80 71.94 21.77
N TYR F 425 24.08 73.19 22.13
CA TYR F 425 24.40 74.27 21.19
C TYR F 425 23.19 74.61 20.32
N ILE F 426 23.33 74.58 19.00
CA ILE F 426 22.24 74.99 18.13
C ILE F 426 21.21 73.87 18.06
N ALA F 427 21.62 72.65 18.40
CA ALA F 427 20.68 71.54 18.48
C ALA F 427 19.74 71.67 19.67
N LYS F 428 20.21 72.22 20.78
CA LYS F 428 19.30 72.50 21.90
C LYS F 428 18.28 73.56 21.53
N ASP F 429 18.72 74.60 20.81
CA ASP F 429 17.79 75.64 20.36
C ASP F 429 16.76 75.05 19.40
N LEU F 430 17.21 74.20 18.48
CA LEU F 430 16.29 73.53 17.57
C LEU F 430 15.28 72.68 18.35
N TRP F 431 15.76 71.95 19.35
CA TRP F 431 14.86 71.13 20.16
C TRP F 431 13.82 71.98 20.86
N ASN F 432 14.24 73.11 21.43
CA ASN F 432 13.29 74.01 22.10
C ASN F 432 12.29 74.57 21.09
N LYS F 433 12.76 74.94 19.90
CA LYS F 433 11.87 75.49 18.88
C LYS F 433 10.82 74.48 18.46
N VAL F 434 11.21 73.22 18.26
CA VAL F 434 10.25 72.19 17.91
C VAL F 434 9.30 71.92 19.08
N ASN F 435 9.81 72.00 20.31
CA ASN F 435 9.00 71.68 21.47
C ASN F 435 7.95 72.75 21.75
N GLU F 436 8.25 74.02 21.44
CA GLU F 436 7.30 75.08 21.74
C GLU F 436 6.00 74.91 20.96
N GLU F 437 6.09 74.57 19.69
CA GLU F 437 4.92 74.29 18.85
C GLU F 437 5.09 72.89 18.30
N PHE F 438 4.66 71.90 19.07
CA PHE F 438 4.90 70.51 18.70
C PHE F 438 3.96 70.03 17.60
N GLU F 439 2.73 70.56 17.55
CA GLU F 439 1.81 70.15 16.50
C GLU F 439 2.24 70.65 15.14
N THR F 440 3.00 71.74 15.09
CA THR F 440 3.47 72.26 13.81
C THR F 440 4.44 71.29 13.13
N TYR F 441 5.36 70.70 13.90
CA TYR F 441 6.38 69.83 13.33
C TYR F 441 5.99 68.36 13.38
N TYR F 442 5.25 67.94 14.40
CA TYR F 442 4.82 66.54 14.54
C TYR F 442 3.32 66.51 14.79
N PRO F 443 2.52 66.70 13.76
CA PRO F 443 1.06 66.65 13.95
C PRO F 443 0.59 65.25 14.32
N GLY F 444 -0.45 65.21 15.14
CA GLY F 444 -1.04 63.94 15.53
C GLY F 444 -0.10 63.01 16.25
N ALA F 445 0.69 63.53 17.18
CA ALA F 445 1.64 62.71 17.91
C ALA F 445 0.95 61.94 19.02
N ASP F 446 1.62 60.90 19.50
CA ASP F 446 1.13 60.06 20.58
C ASP F 446 1.90 60.34 21.86
N ALA F 447 1.52 59.66 22.93
CA ALA F 447 2.22 59.80 24.20
C ALA F 447 3.64 59.28 24.10
N ARG F 448 3.85 58.16 23.41
CA ARG F 448 5.18 57.61 23.26
C ARG F 448 6.10 58.56 22.50
N MET F 449 5.59 59.16 21.42
CA MET F 449 6.40 60.09 20.65
C MET F 449 6.78 61.30 21.48
N LYS F 450 5.84 61.84 22.26
CA LYS F 450 6.15 62.99 23.11
C LYS F 450 7.17 62.61 24.18
N LYS F 451 7.04 61.42 24.76
CA LYS F 451 8.02 60.98 25.76
C LYS F 451 9.41 60.84 25.15
N LEU F 452 9.50 60.26 23.96
CA LEU F 452 10.79 60.13 23.29
C LEU F 452 11.38 61.49 22.96
N PHE F 453 10.55 62.42 22.48
CA PHE F 453 11.04 63.75 22.16
C PHE F 453 11.53 64.47 23.41
N GLY F 454 10.81 64.34 24.52
CA GLY F 454 11.26 64.95 25.75
C GLY F 454 12.48 64.26 26.32
N GLU F 455 12.72 63.02 25.94
CA GLU F 455 13.93 62.31 26.35
C GLU F 455 15.14 62.67 25.50
N LEU F 456 14.92 63.28 24.33
CA LEU F 456 16.04 63.71 23.50
C LEU F 456 16.86 64.80 24.16
N ASN F 457 16.26 65.56 25.08
CA ASN F 457 16.96 66.62 25.80
C ASN F 457 17.39 66.19 27.19
N ASN F 458 17.26 64.90 27.51
CA ASN F 458 17.66 64.38 28.82
C ASN F 458 19.18 64.22 28.81
N GLU F 459 19.89 65.26 29.27
CA GLU F 459 21.34 65.27 29.23
C GLU F 459 21.98 64.23 30.15
N ALA F 460 21.23 63.66 31.07
CA ALA F 460 21.78 62.65 31.97
C ALA F 460 21.85 61.26 31.33
N LEU F 461 21.31 61.10 30.12
CA LEU F 461 21.37 59.81 29.45
C LEU F 461 22.79 59.48 29.03
N SER F 462 23.11 58.19 29.04
CA SER F 462 24.39 57.71 28.54
C SER F 462 24.36 57.65 27.02
N ILE F 463 25.45 57.17 26.43
CA ILE F 463 25.53 57.05 24.98
C ILE F 463 24.51 56.04 24.47
N GLU F 464 24.46 54.86 25.09
CA GLU F 464 23.58 53.80 24.63
C GLU F 464 22.11 54.20 24.78
N GLU F 465 21.75 54.81 25.90
CA GLU F 465 20.36 55.19 26.12
C GLU F 465 19.92 56.26 25.12
N LEU F 466 20.77 57.26 24.88
CA LEU F 466 20.44 58.30 23.91
C LEU F 466 20.31 57.73 22.51
N ILE F 467 21.21 56.82 22.14
CA ILE F 467 21.14 56.21 20.80
C ILE F 467 19.87 55.38 20.66
N ASN F 468 19.51 54.63 21.71
CA ASN F 468 18.28 53.85 21.66
C ASN F 468 17.06 54.77 21.53
N THR F 469 17.08 55.90 22.24
CA THR F 469 15.99 56.86 22.13
C THR F 469 15.86 57.38 20.71
N ILE F 470 16.98 57.77 20.10
CA ILE F 470 16.95 58.28 18.73
C ILE F 470 16.48 57.21 17.76
N ILE F 471 16.96 55.98 17.94
CA ILE F 471 16.59 54.90 17.03
C ILE F 471 15.10 54.60 17.13
N GLU F 472 14.57 54.54 18.36
CA GLU F 472 13.14 54.30 18.52
C GLU F 472 12.31 55.44 17.94
N PHE F 473 12.79 56.68 18.09
CA PHE F 473 12.09 57.81 17.50
C PHE F 473 12.03 57.69 15.99
N VAL F 474 13.17 57.39 15.35
CA VAL F 474 13.19 57.26 13.90
C VAL F 474 12.34 56.08 13.44
N GLU F 475 12.33 54.99 14.23
CA GLU F 475 11.51 53.84 13.87
C GLU F 475 10.03 54.16 13.90
N ILE F 476 9.56 54.80 14.99
CA ILE F 476 8.15 55.15 15.06
C ILE F 476 7.79 56.20 14.02
N LEU F 477 8.77 57.00 13.56
CA LEU F 477 8.49 57.91 12.46
C LEU F 477 8.32 57.15 11.15
N SER F 478 9.22 56.21 10.87
CA SER F 478 9.18 55.51 9.59
C SER F 478 7.98 54.58 9.49
N ASN F 479 7.66 53.88 10.57
CA ASN F 479 6.53 52.94 10.57
C ASN F 479 5.71 53.08 11.85
N MET G 4 -1.92 -12.97 -58.92
CA MET G 4 -1.51 -13.66 -57.72
C MET G 4 -1.81 -12.82 -56.48
N LYS G 5 -0.95 -12.95 -55.46
CA LYS G 5 -1.11 -12.26 -54.19
C LYS G 5 0.19 -11.56 -53.83
N MET G 6 0.19 -10.91 -52.67
CA MET G 6 1.35 -10.18 -52.17
C MET G 6 1.66 -10.63 -50.74
N ASN G 7 2.52 -9.86 -50.08
CA ASN G 7 2.93 -10.19 -48.72
C ASN G 7 1.73 -10.18 -47.77
N PRO G 8 1.76 -10.96 -46.70
CA PRO G 8 0.64 -10.96 -45.75
C PRO G 8 0.38 -9.60 -45.12
N ILE G 9 1.43 -8.79 -44.90
CA ILE G 9 1.23 -7.46 -44.35
C ILE G 9 0.41 -6.61 -45.31
N VAL G 10 0.75 -6.67 -46.60
CA VAL G 10 0.02 -5.90 -47.60
C VAL G 10 -1.42 -6.40 -47.70
N GLU G 11 -1.62 -7.72 -47.58
CA GLU G 11 -2.98 -8.26 -47.63
C GLU G 11 -3.81 -7.79 -46.44
N LEU G 12 -3.22 -7.75 -45.24
CA LEU G 12 -3.92 -7.24 -44.08
C LEU G 12 -4.28 -5.76 -44.27
N PHE G 13 -3.33 -4.99 -44.80
CA PHE G 13 -3.63 -3.58 -45.07
C PHE G 13 -4.76 -3.44 -46.08
N ILE G 14 -4.75 -4.29 -47.11
CA ILE G 14 -5.80 -4.23 -48.13
C ILE G 14 -7.16 -4.53 -47.50
N LYS G 15 -7.23 -5.57 -46.68
CA LYS G 15 -8.50 -5.90 -46.02
C LYS G 15 -8.97 -4.75 -45.15
N ASP G 16 -8.07 -4.20 -44.32
CA ASP G 16 -8.47 -3.13 -43.41
C ASP G 16 -8.92 -1.90 -44.17
N PHE G 17 -8.18 -1.50 -45.21
CA PHE G 17 -8.53 -0.28 -45.93
C PHE G 17 -9.79 -0.46 -46.77
N THR G 18 -10.01 -1.64 -47.33
CA THR G 18 -11.27 -1.90 -48.02
C THR G 18 -12.43 -1.84 -47.04
N LYS G 19 -12.22 -2.33 -45.81
CA LYS G 19 -13.25 -2.18 -44.79
C LYS G 19 -13.50 -0.71 -44.47
N GLU G 20 -12.44 0.10 -44.44
CA GLU G 20 -12.60 1.51 -44.15
C GLU G 20 -13.29 2.26 -45.29
N VAL G 21 -12.90 1.98 -46.54
CA VAL G 21 -13.44 2.72 -47.67
C VAL G 21 -14.94 2.44 -47.83
N MET G 22 -15.35 1.19 -47.69
CA MET G 22 -16.75 0.84 -47.88
C MET G 22 -17.66 1.51 -46.85
N GLU G 23 -17.10 2.00 -45.74
CA GLU G 23 -17.86 2.75 -44.76
C GLU G 23 -17.72 4.26 -44.94
N GLU G 24 -17.05 4.69 -46.00
CA GLU G 24 -16.86 6.10 -46.31
C GLU G 24 -16.22 6.85 -45.14
N ASN G 25 -15.25 6.21 -44.50
CA ASN G 25 -14.49 6.81 -43.41
C ASN G 25 -13.00 6.87 -43.75
N ALA G 26 -12.68 6.82 -45.03
CA ALA G 26 -11.30 6.79 -45.49
C ALA G 26 -10.97 8.06 -46.27
N ALA G 27 -9.73 8.52 -46.11
CA ALA G 27 -9.23 9.70 -46.80
C ALA G 27 -7.86 9.39 -47.39
N ILE G 28 -7.50 10.11 -48.44
CA ILE G 28 -6.23 9.91 -49.13
C ILE G 28 -5.41 11.18 -48.98
N PHE G 29 -4.19 11.05 -48.47
CA PHE G 29 -3.25 12.14 -48.41
C PHE G 29 -2.19 11.90 -49.47
N ALA G 30 -2.26 12.65 -50.55
CA ALA G 30 -1.37 12.48 -51.69
C ALA G 30 -0.32 13.58 -51.68
N GLY G 31 0.95 13.18 -51.62
CA GLY G 31 2.06 14.11 -51.71
C GLY G 31 2.47 14.38 -53.14
N ALA G 32 3.63 15.01 -53.28
CA ALA G 32 4.13 15.33 -54.61
C ALA G 32 4.57 14.08 -55.36
N GLY G 33 4.89 13.01 -54.63
CA GLY G 33 5.40 11.81 -55.29
C GLY G 33 4.38 11.10 -56.14
N LEU G 34 3.10 11.24 -55.81
CA LEU G 34 2.06 10.59 -56.60
C LEU G 34 1.96 11.17 -58.00
N SER G 35 2.41 12.41 -58.20
CA SER G 35 2.39 13.04 -59.51
C SER G 35 3.71 12.96 -60.25
N MET G 36 4.79 12.59 -59.57
CA MET G 36 6.09 12.49 -60.24
C MET G 36 6.14 11.37 -61.26
N SER G 37 5.24 10.39 -61.17
CA SER G 37 5.15 9.35 -62.19
C SER G 37 4.42 9.84 -63.43
N VAL G 38 3.67 10.93 -63.33
CA VAL G 38 2.90 11.42 -64.47
C VAL G 38 3.81 11.99 -65.54
N GLY G 39 4.87 12.69 -65.15
CA GLY G 39 5.77 13.28 -66.12
C GLY G 39 6.31 14.63 -65.67
N TYR G 40 5.80 15.15 -64.56
CA TYR G 40 6.31 16.40 -64.01
C TYR G 40 7.75 16.19 -63.51
N VAL G 41 8.60 17.18 -63.77
CA VAL G 41 9.96 17.11 -63.26
C VAL G 41 9.94 17.33 -61.76
N SER G 42 10.94 16.76 -61.08
CA SER G 42 11.00 16.87 -59.63
C SER G 42 11.25 18.32 -59.21
N TRP G 43 10.84 18.64 -57.99
CA TRP G 43 11.00 20.01 -57.49
C TRP G 43 12.47 20.40 -57.42
N ALA G 44 13.35 19.44 -57.16
CA ALA G 44 14.79 19.71 -57.21
C ALA G 44 15.21 20.17 -58.59
N LYS G 45 14.67 19.57 -59.63
CA LYS G 45 15.07 19.92 -61.00
C LYS G 45 14.49 21.25 -61.37
N LEU G 46 13.33 21.58 -60.83
CA LEU G 46 12.80 22.92 -61.03
C LEU G 46 13.68 23.97 -60.36
N LEU G 47 14.16 23.69 -59.15
CA LEU G 47 14.99 24.64 -58.44
C LEU G 47 16.45 24.64 -58.88
N GLU G 48 16.83 23.75 -59.80
CA GLU G 48 18.22 23.70 -60.26
C GLU G 48 18.73 25.02 -60.83
N PRO G 49 18.03 25.70 -61.76
CA PRO G 49 18.53 27.02 -62.19
C PRO G 49 18.54 28.06 -61.08
N ILE G 50 17.56 28.00 -60.19
CA ILE G 50 17.47 28.97 -59.09
C ILE G 50 18.68 28.84 -58.18
N ALA G 51 19.06 27.61 -57.84
CA ALA G 51 20.24 27.41 -57.01
C ALA G 51 21.50 27.90 -57.72
N GLN G 52 21.61 27.62 -59.02
CA GLN G 52 22.75 28.10 -59.78
C GLN G 52 22.82 29.63 -59.76
N GLU G 53 21.67 30.29 -59.73
CA GLU G 53 21.64 31.74 -59.76
C GLU G 53 22.30 32.36 -58.53
N ILE G 54 22.04 31.78 -57.35
CA ILE G 54 22.55 32.35 -56.11
C ILE G 54 23.89 31.72 -55.73
N GLY G 55 24.42 30.88 -56.61
CA GLY G 55 25.71 30.28 -56.39
C GLY G 55 25.71 28.93 -55.70
N LEU G 56 24.54 28.34 -55.49
CA LEU G 56 24.43 27.04 -54.86
C LEU G 56 24.16 25.96 -55.91
N ASP G 57 24.03 24.72 -55.44
CA ASP G 57 23.74 23.58 -56.30
C ASP G 57 22.75 22.68 -55.60
N VAL G 58 21.73 22.24 -56.33
CA VAL G 58 20.66 21.45 -55.72
C VAL G 58 21.19 20.07 -55.33
N ASN G 59 22.05 19.48 -56.17
CA ASN G 59 22.53 18.13 -55.89
C ASN G 59 23.27 18.05 -54.56
N LYS G 60 23.92 19.14 -54.15
CA LYS G 60 24.62 19.20 -52.87
C LYS G 60 23.76 19.79 -51.75
N GLU G 61 22.49 20.09 -52.02
CA GLU G 61 21.60 20.68 -51.04
C GLU G 61 20.51 19.69 -50.66
N ASN G 62 20.25 19.57 -49.36
CA ASN G 62 19.21 18.67 -48.86
C ASN G 62 17.90 19.37 -48.56
N ASP G 63 17.92 20.65 -48.25
CA ASP G 63 16.72 21.41 -47.90
C ASP G 63 16.42 22.38 -49.03
N LEU G 64 15.42 22.05 -49.85
CA LEU G 64 15.03 22.91 -50.94
C LEU G 64 14.23 24.11 -50.47
N VAL G 65 13.53 23.98 -49.34
CA VAL G 65 12.80 25.12 -48.79
C VAL G 65 13.75 26.25 -48.43
N SER G 66 14.85 25.92 -47.75
CA SER G 66 15.85 26.93 -47.42
C SER G 66 16.53 27.45 -48.67
N LEU G 67 16.68 26.62 -49.71
CA LEU G 67 17.23 27.09 -50.96
C LEU G 67 16.36 28.17 -51.59
N ALA G 68 15.04 27.92 -51.65
CA ALA G 68 14.12 28.91 -52.17
C ALA G 68 14.11 30.16 -51.29
N GLN G 69 14.22 29.97 -49.97
CA GLN G 69 14.26 31.12 -49.08
C GLN G 69 15.51 31.97 -49.31
N TYR G 70 16.65 31.32 -49.55
CA TYR G 70 17.86 32.07 -49.88
C TYR G 70 17.70 32.82 -51.18
N TYR G 71 17.08 32.18 -52.18
CA TYR G 71 16.84 32.87 -53.45
C TYR G 71 15.97 34.10 -53.25
N CYS G 72 14.91 33.97 -52.44
CA CYS G 72 14.07 35.13 -52.15
C CYS G 72 14.84 36.20 -51.39
N ASN G 73 15.69 35.80 -50.46
CA ASN G 73 16.48 36.77 -49.69
C ASN G 73 17.41 37.57 -50.60
N GLU G 74 17.99 36.92 -51.60
CA GLU G 74 18.89 37.62 -52.51
C GLU G 74 18.13 38.69 -53.30
N ASN G 75 16.89 38.40 -53.69
CA ASN G 75 16.09 39.31 -54.50
C ASN G 75 15.18 40.21 -53.67
N GLN G 76 15.59 40.53 -52.44
CA GLN G 76 14.81 41.40 -51.55
C GLN G 76 13.40 40.86 -51.33
N GLY G 77 13.27 39.54 -51.22
CA GLY G 77 11.99 38.94 -50.91
C GLY G 77 11.02 38.90 -52.06
N ASN G 78 11.50 38.78 -53.29
CA ASN G 78 10.64 38.71 -54.47
C ASN G 78 10.58 37.28 -54.99
N ARG G 79 9.37 36.84 -55.34
CA ARG G 79 9.11 35.47 -55.75
C ARG G 79 8.70 35.35 -57.20
N GLY G 80 9.01 36.35 -58.03
CA GLY G 80 8.53 36.32 -59.40
C GLY G 80 9.00 35.11 -60.18
N ARG G 81 10.30 34.82 -60.10
CA ARG G 81 10.85 33.69 -60.85
C ARG G 81 10.28 32.37 -60.36
N ILE G 82 10.14 32.21 -59.03
CA ILE G 82 9.63 30.96 -58.49
C ILE G 82 8.16 30.76 -58.90
N ASN G 83 7.36 31.82 -58.82
CA ASN G 83 5.97 31.73 -59.24
C ASN G 83 5.87 31.36 -60.72
N GLN G 84 6.68 32.01 -61.55
CA GLN G 84 6.66 31.71 -62.98
C GLN G 84 7.09 30.27 -63.23
N ILE G 85 8.09 29.78 -62.50
CA ILE G 85 8.58 28.43 -62.71
C ILE G 85 7.50 27.41 -62.36
N ILE G 86 6.86 27.56 -61.21
CA ILE G 86 5.86 26.58 -60.82
C ILE G 86 4.64 26.66 -61.73
N LEU G 87 4.26 27.87 -62.16
CA LEU G 87 3.13 28.00 -63.07
C LEU G 87 3.43 27.36 -64.41
N ASP G 88 4.66 27.53 -64.92
CA ASP G 88 5.00 26.95 -66.22
C ASP G 88 5.16 25.45 -66.15
N GLU G 89 5.58 24.91 -65.00
CA GLU G 89 5.83 23.48 -64.93
C GLU G 89 4.58 22.68 -64.56
N PHE G 90 3.85 23.11 -63.54
CA PHE G 90 2.75 22.31 -63.02
C PHE G 90 1.42 22.57 -63.71
N SER G 91 1.39 23.44 -64.73
CA SER G 91 0.19 23.66 -65.52
C SER G 91 0.27 23.02 -66.90
N ARG G 92 1.22 22.13 -67.11
CA ARG G 92 1.35 21.47 -68.41
C ARG G 92 0.21 20.48 -68.62
N LYS G 93 0.00 20.11 -69.88
CA LYS G 93 -1.03 19.16 -70.26
C LYS G 93 -0.41 17.77 -70.29
N VAL G 94 -0.73 16.96 -69.28
CA VAL G 94 -0.17 15.63 -69.15
C VAL G 94 -1.30 14.63 -68.94
N ASP G 95 -1.06 13.38 -69.35
CA ASP G 95 -2.06 12.34 -69.21
C ASP G 95 -2.05 11.78 -67.79
N LEU G 96 -3.24 11.47 -67.28
CA LEU G 96 -3.36 10.95 -65.92
C LEU G 96 -2.77 9.55 -65.82
N THR G 97 -2.28 9.23 -64.63
CA THR G 97 -1.78 7.90 -64.34
C THR G 97 -2.92 7.00 -63.90
N GLU G 98 -2.66 5.73 -63.71
CA GLU G 98 -3.68 4.82 -63.33
C GLU G 98 -4.06 4.99 -61.93
N ASN G 99 -3.12 5.43 -61.11
CA ASN G 99 -3.42 5.62 -59.70
C ASN G 99 -4.49 6.68 -59.49
N HIS G 100 -4.40 7.80 -60.23
CA HIS G 100 -5.41 8.85 -60.07
C HIS G 100 -6.78 8.36 -60.50
N LYS G 101 -6.85 7.62 -61.61
CA LYS G 101 -8.13 7.10 -62.06
C LYS G 101 -8.72 6.10 -61.05
N ILE G 102 -7.86 5.24 -60.49
CA ILE G 102 -8.35 4.28 -59.50
C ILE G 102 -8.87 5.02 -58.26
N LEU G 103 -8.12 6.01 -57.78
CA LEU G 103 -8.57 6.78 -56.63
C LEU G 103 -9.87 7.52 -56.93
N ALA G 104 -10.06 7.97 -58.17
CA ALA G 104 -11.31 8.61 -58.54
C ALA G 104 -12.46 7.61 -58.56
N ARG G 105 -12.20 6.37 -58.95
CA ARG G 105 -13.25 5.37 -58.98
C ARG G 105 -13.63 4.90 -57.58
N LEU G 106 -12.70 5.00 -56.62
CA LEU G 106 -12.99 4.55 -55.28
C LEU G 106 -13.98 5.48 -54.58
N PRO G 107 -14.79 4.95 -53.67
CA PRO G 107 -15.75 5.78 -52.89
C PRO G 107 -15.06 6.52 -51.76
N ILE G 108 -14.21 7.47 -52.11
CA ILE G 108 -13.45 8.27 -51.15
C ILE G 108 -13.90 9.72 -51.28
N HIS G 109 -14.27 10.32 -50.16
CA HIS G 109 -14.90 11.64 -50.15
C HIS G 109 -13.97 12.74 -49.65
N THR G 110 -12.70 12.45 -49.40
CA THR G 110 -11.78 13.44 -48.86
C THR G 110 -10.39 13.19 -49.41
N TYR G 111 -9.79 14.22 -50.01
CA TYR G 111 -8.41 14.19 -50.48
C TYR G 111 -7.66 15.37 -49.90
N TRP G 112 -6.49 15.11 -49.33
CA TRP G 112 -5.58 16.15 -48.87
C TRP G 112 -4.32 16.06 -49.70
N THR G 113 -3.93 17.18 -50.33
CA THR G 113 -2.84 17.19 -51.29
C THR G 113 -1.85 18.29 -50.96
N THR G 114 -0.56 17.96 -51.08
CA THR G 114 0.50 18.95 -51.02
C THR G 114 1.10 19.23 -52.40
N ALA G 115 0.44 18.80 -53.46
CA ALA G 115 0.88 19.03 -54.82
C ALA G 115 0.04 20.13 -55.46
N TYR G 116 0.71 20.99 -56.23
CA TYR G 116 0.03 22.12 -56.86
C TYR G 116 -0.74 21.74 -58.11
N ASP G 117 -0.44 20.59 -58.71
CA ASP G 117 -1.09 20.17 -59.95
C ASP G 117 -2.54 19.79 -59.69
N ARG G 118 -3.36 19.89 -60.74
CA ARG G 118 -4.78 19.56 -60.69
C ARG G 118 -5.08 18.17 -61.21
N LEU G 119 -4.15 17.23 -61.05
CA LEU G 119 -4.37 15.87 -61.55
C LEU G 119 -5.51 15.18 -60.81
N ILE G 120 -5.61 15.38 -59.49
CA ILE G 120 -6.68 14.76 -58.73
C ILE G 120 -8.04 15.31 -59.19
N GLU G 121 -8.12 16.62 -59.40
CA GLU G 121 -9.36 17.21 -59.88
C GLU G 121 -9.75 16.67 -61.25
N LYS G 122 -8.80 16.39 -62.02
CA LYS G 122 -9.09 16.02 -63.36
C LYS G 122 -9.53 14.61 -63.32
N ALA G 123 -8.88 13.78 -62.54
CA ALA G 123 -9.29 12.38 -62.38
C ALA G 123 -10.70 12.28 -61.83
N LEU G 124 -11.05 13.13 -60.86
CA LEU G 124 -12.40 13.09 -60.31
C LEU G 124 -13.43 13.56 -61.35
N GLU G 125 -13.08 14.55 -62.16
CA GLU G 125 -14.03 15.04 -63.16
C GLU G 125 -14.18 14.09 -64.33
N GLU G 126 -13.16 13.30 -64.64
CA GLU G 126 -13.28 12.33 -65.72
C GLU G 126 -14.28 11.23 -65.39
N GLU G 127 -14.41 10.89 -64.11
CA GLU G 127 -15.36 9.87 -63.67
C GLU G 127 -16.75 10.45 -63.41
N ASN G 128 -17.03 11.65 -63.91
CA ASN G 128 -18.32 12.31 -63.72
C ASN G 128 -18.63 12.48 -62.23
N LYS G 129 -17.62 12.77 -61.44
CA LYS G 129 -17.75 13.02 -60.01
C LYS G 129 -17.59 14.50 -59.73
N ILE G 130 -18.55 15.07 -58.99
CA ILE G 130 -18.48 16.48 -58.62
C ILE G 130 -17.43 16.64 -57.52
N ALA G 131 -16.33 17.30 -57.83
CA ALA G 131 -15.23 17.48 -56.91
C ALA G 131 -15.14 18.93 -56.48
N ASP G 132 -14.95 19.13 -55.18
CA ASP G 132 -14.90 20.47 -54.59
C ASP G 132 -13.48 20.73 -54.10
N VAL G 133 -12.72 21.49 -54.89
CA VAL G 133 -11.33 21.77 -54.58
C VAL G 133 -11.26 22.99 -53.68
N LYS G 134 -10.54 22.87 -52.57
CA LYS G 134 -10.40 23.94 -51.58
C LYS G 134 -8.92 24.19 -51.33
N TYR G 135 -8.44 25.37 -51.71
CA TYR G 135 -7.08 25.78 -51.41
C TYR G 135 -6.99 27.17 -50.80
N THR G 136 -8.12 27.81 -50.49
CA THR G 136 -8.15 29.12 -49.88
C THR G 136 -8.99 29.05 -48.60
N VAL G 137 -8.71 29.98 -47.68
CA VAL G 137 -9.42 30.00 -46.40
C VAL G 137 -10.89 30.29 -46.62
N LYS G 138 -11.20 31.26 -47.49
CA LYS G 138 -12.60 31.63 -47.72
C LYS G 138 -13.38 30.49 -48.34
N GLN G 139 -12.71 29.64 -49.14
CA GLN G 139 -13.40 28.54 -49.80
C GLN G 139 -13.91 27.50 -48.82
N LEU G 140 -13.37 27.44 -47.61
CA LEU G 140 -13.84 26.46 -46.64
C LEU G 140 -15.28 26.74 -46.20
N ALA G 141 -15.68 28.00 -46.19
CA ALA G 141 -17.01 28.38 -45.72
C ALA G 141 -18.11 28.05 -46.72
N THR G 142 -17.77 27.61 -47.93
CA THR G 142 -18.76 27.28 -48.95
C THR G 142 -18.55 25.85 -49.41
N THR G 143 -19.62 25.07 -49.42
CA THR G 143 -19.57 23.68 -49.86
C THR G 143 -20.36 23.55 -51.16
N LYS G 144 -19.73 22.94 -52.17
CA LYS G 144 -20.41 22.69 -53.43
C LYS G 144 -21.53 21.69 -53.23
N VAL G 145 -22.68 21.95 -53.86
CA VAL G 145 -23.86 21.12 -53.66
C VAL G 145 -23.65 19.77 -54.32
N LYS G 146 -23.99 18.70 -53.58
CA LYS G 146 -23.91 17.32 -54.08
C LYS G 146 -22.51 16.97 -54.55
N ARG G 147 -21.50 17.33 -53.76
CA ARG G 147 -20.15 17.04 -54.12
C ARG G 147 -19.92 15.61 -53.84
N ASP G 148 -19.08 14.97 -54.62
CA ASP G 148 -18.70 13.59 -54.39
C ASP G 148 -17.39 13.45 -53.63
N ALA G 149 -16.50 14.45 -53.71
CA ALA G 149 -15.25 14.44 -52.98
C ALA G 149 -14.73 15.86 -52.85
N VAL G 150 -14.07 16.13 -51.74
CA VAL G 150 -13.49 17.44 -51.49
C VAL G 150 -11.97 17.29 -51.44
N VAL G 151 -11.28 18.07 -52.25
CA VAL G 151 -9.82 18.03 -52.35
C VAL G 151 -9.27 19.25 -51.64
N TYR G 152 -8.67 19.04 -50.47
CA TYR G 152 -8.03 20.12 -49.73
C TYR G 152 -6.60 20.25 -50.22
N LYS G 153 -6.33 21.25 -51.04
CA LYS G 153 -4.97 21.53 -51.51
C LYS G 153 -4.33 22.44 -50.46
N MET G 154 -3.68 21.81 -49.47
CA MET G 154 -3.21 22.51 -48.29
C MET G 154 -1.95 23.32 -48.53
N HIS G 155 -1.40 23.32 -49.74
CA HIS G 155 -0.21 24.10 -50.04
C HIS G 155 -0.41 25.12 -51.14
N GLY G 156 -1.53 25.09 -51.85
CA GLY G 156 -1.80 26.06 -52.90
C GLY G 156 -2.06 25.39 -54.23
N ASP G 157 -2.61 26.18 -55.14
CA ASP G 157 -2.92 25.71 -56.48
C ASP G 157 -1.92 26.26 -57.48
N VAL G 158 -1.78 25.55 -58.60
CA VAL G 158 -0.82 25.95 -59.62
C VAL G 158 -1.24 27.28 -60.26
N GLU G 159 -2.55 27.47 -60.45
CA GLU G 159 -3.04 28.69 -61.08
C GLU G 159 -2.89 29.91 -60.18
N HIS G 160 -2.53 29.73 -58.91
CA HIS G 160 -2.25 30.82 -57.98
C HIS G 160 -0.85 30.61 -57.41
N PRO G 161 0.18 30.85 -58.21
CA PRO G 161 1.55 30.58 -57.74
C PRO G 161 1.98 31.41 -56.55
N SER G 162 1.45 32.63 -56.42
CA SER G 162 1.86 33.49 -55.31
C SER G 162 1.42 32.94 -53.96
N GLU G 163 0.39 32.11 -53.92
CA GLU G 163 -0.10 31.53 -52.67
C GLU G 163 0.51 30.18 -52.37
N ALA G 164 1.28 29.61 -53.29
CA ALA G 164 1.85 28.29 -53.07
C ALA G 164 2.92 28.33 -51.99
N VAL G 165 2.92 27.32 -51.13
CA VAL G 165 3.89 27.22 -50.04
C VAL G 165 5.17 26.61 -50.61
N LEU G 166 6.15 27.45 -50.88
CA LEU G 166 7.41 27.03 -51.47
C LEU G 166 8.62 27.40 -50.63
N ILE G 167 8.61 28.57 -50.01
CA ILE G 167 9.78 29.10 -49.32
C ILE G 167 9.56 28.99 -47.81
N LYS G 168 10.57 29.25 -47.00
CA LYS G 168 10.49 29.10 -45.56
C LYS G 168 9.66 30.12 -44.89
N ASP G 169 9.53 31.28 -45.44
CA ASP G 169 8.60 32.26 -44.87
C ASP G 169 7.17 31.78 -44.98
N ASP G 170 6.84 31.09 -46.09
CA ASP G 170 5.49 30.54 -46.24
C ASP G 170 5.18 29.55 -45.14
N TYR G 171 6.12 28.65 -44.84
CA TYR G 171 5.90 27.69 -43.76
C TYR G 171 5.82 28.39 -42.41
N GLU G 172 6.64 29.42 -42.19
CA GLU G 172 6.63 30.12 -40.92
C GLU G 172 5.29 30.81 -40.67
N LYS G 173 4.73 31.43 -41.71
CA LYS G 173 3.45 32.13 -41.57
C LYS G 173 2.25 31.23 -41.87
N TYR G 174 2.47 29.96 -42.21
CA TYR G 174 1.36 29.05 -42.47
C TYR G 174 0.46 28.88 -41.24
N SER G 175 1.07 28.78 -40.06
CA SER G 175 0.30 28.54 -38.85
C SER G 175 -0.67 29.67 -38.54
N ILE G 176 -0.43 30.87 -39.05
CA ILE G 176 -1.30 32.02 -38.83
C ILE G 176 -2.23 32.24 -40.02
N LYS G 177 -1.72 32.16 -41.23
CA LYS G 177 -2.52 32.47 -42.39
C LYS G 177 -3.45 31.40 -42.72
N MET G 178 -2.97 30.19 -42.72
CA MET G 178 -3.77 29.03 -43.12
C MET G 178 -4.15 28.19 -41.91
N ASP G 179 -4.46 28.84 -40.79
CA ASP G 179 -4.87 28.11 -39.59
C ASP G 179 -6.13 27.27 -39.78
N PRO G 180 -7.18 27.74 -40.46
CA PRO G 180 -8.35 26.86 -40.67
C PRO G 180 -8.01 25.55 -41.35
N TYR G 181 -7.06 25.56 -42.30
CA TYR G 181 -6.66 24.30 -42.92
C TYR G 181 -5.97 23.39 -41.93
N ILE G 182 -5.17 23.96 -41.03
CA ILE G 182 -4.54 23.16 -39.98
C ILE G 182 -5.59 22.53 -39.09
N LYS G 183 -6.61 23.31 -38.70
CA LYS G 183 -7.67 22.75 -37.86
C LYS G 183 -8.46 21.67 -38.59
N ALA G 184 -8.73 21.88 -39.87
CA ALA G 184 -9.46 20.88 -40.65
C ALA G 184 -8.67 19.59 -40.78
N LEU G 185 -7.37 19.70 -41.03
CA LEU G 185 -6.55 18.50 -41.13
C LEU G 185 -6.41 17.81 -39.78
N SER G 186 -6.36 18.57 -38.69
CA SER G 186 -6.33 17.96 -37.36
C SER G 186 -7.62 17.20 -37.09
N GLY G 187 -8.75 17.76 -37.50
CA GLY G 187 -10.01 17.04 -37.34
C GLY G 187 -10.07 15.78 -38.19
N ASP G 188 -9.59 15.86 -39.43
CA ASP G 188 -9.63 14.69 -40.31
C ASP G 188 -8.66 13.60 -39.86
N LEU G 189 -7.51 13.97 -39.28
CA LEU G 189 -6.55 12.99 -38.82
C LEU G 189 -7.05 12.21 -37.61
N VAL G 190 -8.13 12.66 -36.97
CA VAL G 190 -8.70 11.92 -35.85
C VAL G 190 -10.09 11.39 -36.15
N SER G 191 -10.78 11.88 -37.18
CA SER G 191 -12.09 11.36 -37.52
C SER G 191 -12.09 10.46 -38.75
N LYS G 192 -10.98 10.36 -39.48
CA LYS G 192 -10.93 9.55 -40.70
C LYS G 192 -9.63 8.77 -40.74
N THR G 193 -9.67 7.64 -41.45
CA THR G 193 -8.48 6.82 -41.65
C THR G 193 -7.78 7.26 -42.93
N PHE G 194 -6.53 7.67 -42.81
CA PHE G 194 -5.76 8.22 -43.92
C PHE G 194 -4.90 7.16 -44.57
N LEU G 195 -4.67 7.32 -45.87
CA LEU G 195 -3.70 6.52 -46.61
C LEU G 195 -2.72 7.48 -47.28
N PHE G 196 -1.53 7.60 -46.71
CA PHE G 196 -0.52 8.54 -47.20
C PHE G 196 0.20 7.88 -48.37
N VAL G 197 -0.12 8.30 -49.58
CA VAL G 197 0.48 7.77 -50.80
C VAL G 197 1.40 8.84 -51.38
N GLY G 198 2.62 8.43 -51.75
CA GLY G 198 3.56 9.35 -52.36
C GLY G 198 3.93 10.52 -51.48
N PHE G 199 4.06 10.30 -50.17
CA PHE G 199 4.42 11.36 -49.23
C PHE G 199 5.68 10.96 -48.48
N SER G 200 6.58 11.93 -48.30
CA SER G 200 7.87 11.68 -47.69
C SER G 200 7.91 11.96 -46.19
N PHE G 201 6.88 12.59 -45.64
CA PHE G 201 6.80 12.90 -44.22
C PHE G 201 7.98 13.75 -43.76
N THR G 202 8.44 14.65 -44.63
CA THR G 202 9.44 15.64 -44.28
C THR G 202 8.88 17.05 -44.29
N ASP G 203 7.58 17.21 -44.54
CA ASP G 203 7.00 18.54 -44.62
C ASP G 203 6.83 19.12 -43.22
N PRO G 204 7.36 20.33 -42.96
CA PRO G 204 7.23 20.91 -41.61
C PRO G 204 5.79 21.08 -41.16
N ASN G 205 4.89 21.44 -42.08
CA ASN G 205 3.49 21.59 -41.69
C ASN G 205 2.90 20.28 -41.21
N LEU G 206 3.16 19.19 -41.93
CA LEU G 206 2.66 17.89 -41.51
C LEU G 206 3.29 17.44 -40.20
N ASP G 207 4.58 17.72 -40.01
CA ASP G 207 5.22 17.38 -38.74
C ASP G 207 4.56 18.13 -37.59
N TYR G 208 4.29 19.42 -37.78
CA TYR G 208 3.65 20.21 -36.74
C TYR G 208 2.24 19.69 -36.44
N ILE G 209 1.47 19.39 -37.48
CA ILE G 209 0.09 18.94 -37.29
C ILE G 209 0.08 17.57 -36.60
N LEU G 210 0.92 16.65 -37.05
CA LEU G 210 0.98 15.32 -36.44
C LEU G 210 1.45 15.38 -35.00
N SER G 211 2.44 16.24 -34.71
CA SER G 211 2.89 16.41 -33.33
C SER G 211 1.78 16.95 -32.46
N ARG G 212 1.00 17.92 -32.98
CA ARG G 212 -0.12 18.44 -32.21
C ARG G 212 -1.17 17.36 -31.95
N VAL G 213 -1.47 16.54 -32.96
CA VAL G 213 -2.44 15.47 -32.78
C VAL G 213 -1.96 14.48 -31.74
N ARG G 214 -0.69 14.09 -31.81
CA ARG G 214 -0.15 13.16 -30.83
C ARG G 214 -0.18 13.74 -29.42
N SER G 215 0.20 15.02 -29.28
CA SER G 215 0.15 15.65 -27.98
C SER G 215 -1.27 15.74 -27.44
N ALA G 216 -2.26 15.88 -28.33
CA ALA G 216 -3.64 15.96 -27.88
C ALA G 216 -4.21 14.60 -27.49
N TYR G 217 -3.82 13.54 -28.21
CA TYR G 217 -4.44 12.23 -28.02
C TYR G 217 -3.52 11.17 -27.45
N GLU G 218 -2.20 11.38 -27.45
CA GLU G 218 -1.23 10.46 -26.84
C GLU G 218 -1.39 9.09 -27.50
N ARG G 219 -1.62 8.02 -26.74
CA ARG G 219 -1.62 6.67 -27.30
C ARG G 219 -2.94 6.27 -27.92
N ASP G 220 -3.97 7.12 -27.85
CA ASP G 220 -5.29 6.80 -28.38
C ASP G 220 -5.52 7.38 -29.77
N GLN G 221 -4.46 7.60 -30.53
CA GLN G 221 -4.59 8.14 -31.87
C GLN G 221 -5.17 7.11 -32.82
N ARG G 222 -5.91 7.61 -33.81
CA ARG G 222 -6.46 6.73 -34.84
C ARG G 222 -5.34 6.16 -35.71
N ARG G 223 -5.57 4.94 -36.20
CA ARG G 223 -4.59 4.28 -37.05
C ARG G 223 -4.64 4.81 -38.47
N HIS G 224 -3.50 5.24 -38.99
CA HIS G 224 -3.36 5.66 -40.38
C HIS G 224 -2.36 4.77 -41.08
N TYR G 225 -2.51 4.68 -42.40
CA TYR G 225 -1.68 3.81 -43.22
C TYR G 225 -0.84 4.65 -44.18
N CYS G 226 0.34 4.14 -44.51
CA CYS G 226 1.27 4.83 -45.38
C CYS G 226 1.88 3.85 -46.36
N LEU G 227 2.31 4.36 -47.50
CA LEU G 227 2.98 3.57 -48.52
C LEU G 227 4.32 4.21 -48.84
N ILE G 228 5.41 3.50 -48.55
CA ILE G 228 6.77 3.99 -48.77
C ILE G 228 7.57 2.89 -49.45
N LYS G 229 8.28 3.25 -50.52
CA LYS G 229 9.12 2.29 -51.22
C LYS G 229 10.40 2.04 -50.42
N LYS G 230 10.79 0.77 -50.34
CA LYS G 230 12.05 0.43 -49.69
C LYS G 230 13.23 0.99 -50.48
N GLU G 231 14.30 1.30 -49.78
CA GLU G 231 15.49 1.83 -50.44
C GLU G 231 16.13 0.76 -51.31
N GLU G 232 16.51 1.14 -52.52
CA GLU G 232 17.20 0.25 -53.45
C GLU G 232 18.60 0.77 -53.72
N ARG G 233 19.53 -0.16 -53.93
CA ARG G 233 20.93 0.21 -54.11
C ARG G 233 21.11 1.00 -55.39
N ARG G 234 21.86 2.09 -55.30
CA ARG G 234 22.15 2.91 -56.46
C ARG G 234 23.14 2.19 -57.37
N PRO G 235 23.23 2.58 -58.64
CA PRO G 235 24.10 1.85 -59.58
C PRO G 235 25.55 1.74 -59.13
N ASP G 236 26.10 2.78 -58.50
CA ASP G 236 27.48 2.78 -58.02
C ASP G 236 27.46 3.19 -56.56
N GLU G 237 27.44 2.19 -55.67
CA GLU G 237 27.42 2.46 -54.24
C GLU G 237 27.95 1.24 -53.50
N LEU G 238 28.66 1.50 -52.41
CA LEU G 238 29.17 0.42 -51.58
C LEU G 238 28.02 -0.28 -50.85
N GLU G 239 28.28 -1.52 -50.43
CA GLU G 239 27.28 -2.27 -49.68
C GLU G 239 27.01 -1.63 -48.33
N ALA G 240 28.05 -1.15 -47.65
CA ALA G 240 27.88 -0.61 -46.31
C ALA G 240 27.00 0.62 -46.30
N ASP G 241 27.18 1.51 -47.28
CA ASP G 241 26.34 2.71 -47.33
C ASP G 241 24.90 2.37 -47.68
N PHE G 242 24.69 1.35 -48.51
CA PHE G 242 23.33 0.91 -48.79
C PHE G 242 22.66 0.36 -47.53
N GLU G 243 23.40 -0.43 -46.76
CA GLU G 243 22.85 -0.95 -45.51
C GLU G 243 22.58 0.17 -44.52
N TYR G 244 23.44 1.20 -44.50
CA TYR G 244 23.19 2.37 -43.67
C TYR G 244 21.91 3.08 -44.09
N ARG G 245 21.69 3.23 -45.40
CA ARG G 245 20.46 3.86 -45.87
C ARG G 245 19.24 3.03 -45.49
N VAL G 246 19.33 1.71 -45.60
CA VAL G 246 18.22 0.84 -45.23
C VAL G 246 17.93 0.95 -43.74
N ARG G 247 18.98 1.00 -42.91
CA ARG G 247 18.79 1.15 -41.48
C ARG G 247 18.15 2.49 -41.13
N LYS G 248 18.57 3.53 -41.92
CA LYS G 248 18.02 4.82 -41.64
C LYS G 248 16.59 4.82 -42.06
N GLN G 249 16.20 4.21 -43.09
CA GLN G 249 14.80 4.13 -43.52
C GLN G 249 13.97 3.34 -42.54
N GLU G 250 14.52 2.24 -42.00
CA GLU G 250 13.79 1.47 -41.00
C GLU G 250 13.53 2.30 -39.75
N LEU G 251 14.52 3.07 -39.30
CA LEU G 251 14.32 3.94 -38.16
C LEU G 251 13.26 4.99 -38.46
N PHE G 252 13.27 5.55 -39.67
CA PHE G 252 12.27 6.54 -40.06
C PHE G 252 10.87 5.93 -40.06
N ILE G 253 10.74 4.72 -40.59
CA ILE G 253 9.45 4.04 -40.62
C ILE G 253 8.96 3.77 -39.20
N SER G 254 9.85 3.32 -38.31
CA SER G 254 9.46 3.09 -36.92
C SER G 254 9.04 4.41 -36.26
N ASP G 255 9.75 5.49 -36.55
CA ASP G 255 9.40 6.80 -35.98
C ASP G 255 8.05 7.28 -36.50
N LEU G 256 7.68 6.89 -37.72
CA LEU G 256 6.36 7.25 -38.24
C LEU G 256 5.25 6.63 -37.40
N SER G 257 5.45 5.39 -36.95
CA SER G 257 4.43 4.73 -36.14
C SER G 257 4.28 5.35 -34.77
N ARG G 258 5.04 6.35 -34.41
CA ARG G 258 4.90 7.07 -33.11
C ARG G 258 3.68 7.84 -33.16
N PHE G 259 3.32 8.28 -34.32
CA PHE G 259 2.02 8.91 -34.50
C PHE G 259 0.95 7.92 -34.94
N ASN G 260 1.20 6.62 -34.75
CA ASN G 260 0.27 5.56 -35.14
C ASN G 260 -0.02 5.59 -36.63
N ILE G 261 1.02 5.74 -37.44
CA ILE G 261 0.93 5.69 -38.89
C ILE G 261 1.67 4.43 -39.34
N LYS G 262 0.92 3.36 -39.61
CA LYS G 262 1.54 2.11 -40.04
C LYS G 262 2.04 2.26 -41.47
N THR G 263 3.30 1.89 -41.70
CA THR G 263 3.94 2.04 -42.99
C THR G 263 4.03 0.70 -43.68
N ILE G 264 3.61 0.65 -44.94
CA ILE G 264 3.70 -0.55 -45.76
C ILE G 264 4.90 -0.41 -46.68
N VAL G 265 5.84 -1.33 -46.57
CA VAL G 265 7.05 -1.30 -47.40
C VAL G 265 6.71 -1.86 -48.77
N LEU G 266 6.99 -1.09 -49.81
CA LEU G 266 6.68 -1.46 -51.18
C LEU G 266 7.99 -1.65 -51.95
N ASN G 267 8.13 -2.82 -52.59
CA ASN G 267 9.35 -3.10 -53.33
C ASN G 267 9.50 -2.15 -54.52
N ASN G 268 8.41 -1.90 -55.25
CA ASN G 268 8.44 -1.09 -56.45
C ASN G 268 7.39 0.01 -56.34
N TYR G 269 7.57 1.07 -57.13
CA TYR G 269 6.55 2.09 -57.25
C TYR G 269 5.30 1.54 -57.92
N ASN G 270 5.48 0.62 -58.87
CA ASN G 270 4.34 0.04 -59.57
C ASN G 270 3.51 -0.87 -58.68
N GLU G 271 3.98 -1.21 -57.47
CA GLU G 271 3.16 -1.98 -56.56
C GLU G 271 2.04 -1.14 -55.96
N ILE G 272 2.14 0.19 -56.04
CA ILE G 272 1.07 1.05 -55.59
C ILE G 272 -0.18 0.82 -56.44
N THR G 273 0.01 0.75 -57.76
CA THR G 273 -1.12 0.49 -58.64
C THR G 273 -1.71 -0.89 -58.39
N GLU G 274 -0.87 -1.84 -57.99
CA GLU G 274 -1.37 -3.16 -57.78
C GLU G 274 -2.10 -3.23 -56.51
N ILE G 275 -1.73 -2.45 -55.54
CA ILE G 275 -2.47 -2.38 -54.28
C ILE G 275 -3.81 -1.69 -54.49
N LEU G 276 -3.81 -0.59 -55.23
CA LEU G 276 -5.05 0.15 -55.47
C LEU G 276 -6.04 -0.69 -56.28
N GLN G 277 -5.54 -1.44 -57.25
CA GLN G 277 -6.42 -2.33 -58.02
C GLN G 277 -7.05 -3.39 -57.13
N ARG G 278 -6.26 -3.94 -56.20
CA ARG G 278 -6.81 -4.90 -55.25
C ARG G 278 -7.87 -4.27 -54.37
N ILE G 279 -7.60 -3.04 -53.90
CA ILE G 279 -8.55 -2.35 -53.03
C ILE G 279 -9.86 -2.09 -53.76
N GLU G 280 -9.77 -1.68 -55.03
CA GLU G 280 -10.99 -1.47 -55.81
C GLU G 280 -11.70 -2.79 -56.10
N ASN G 281 -10.94 -3.84 -56.41
CA ASN G 281 -11.54 -5.13 -56.74
C ASN G 281 -12.28 -5.73 -55.56
N ASN G 282 -11.75 -5.58 -54.34
CA ASN G 282 -12.46 -6.04 -53.16
C ASN G 282 -13.74 -5.24 -52.94
N ILE G 283 -13.85 -4.05 -53.51
CA ILE G 283 -15.06 -3.25 -53.43
C ILE G 283 -15.94 -3.45 -54.65
N LYS G 284 -15.34 -3.49 -55.83
CA LYS G 284 -16.10 -3.65 -57.07
C LYS G 284 -16.82 -4.99 -57.09
N THR G 285 -16.14 -6.06 -56.69
CA THR G 285 -16.72 -7.40 -56.73
C THR G 285 -17.66 -7.70 -55.58
N LYS G 286 -17.85 -6.76 -54.65
CA LYS G 286 -18.79 -6.99 -53.56
C LYS G 286 -20.23 -7.06 -54.04
N THR G 287 -20.52 -6.62 -55.26
CA THR G 287 -21.86 -6.66 -55.82
C THR G 287 -21.91 -7.68 -56.96
N VAL G 288 -22.88 -8.58 -56.91
CA VAL G 288 -23.02 -9.64 -57.90
C VAL G 288 -24.26 -9.36 -58.73
N PHE G 289 -24.28 -9.92 -59.93
CA PHE G 289 -25.41 -9.77 -60.85
C PHE G 289 -25.96 -11.16 -61.17
N LEU G 290 -27.11 -11.48 -60.58
CA LEU G 290 -27.74 -12.78 -60.78
C LEU G 290 -28.53 -12.73 -62.08
N SER G 291 -27.92 -13.22 -63.15
CA SER G 291 -28.57 -13.25 -64.45
C SER G 291 -29.16 -14.62 -64.72
N GLY G 292 -30.28 -14.63 -65.42
CA GLY G 292 -30.92 -15.88 -65.78
C GLY G 292 -32.40 -15.69 -66.04
N SER G 293 -32.99 -16.71 -66.66
CA SER G 293 -34.41 -16.75 -66.97
C SER G 293 -34.74 -18.19 -67.33
N ALA G 294 -35.80 -18.73 -66.74
CA ALA G 294 -36.08 -20.14 -66.90
C ALA G 294 -37.58 -20.41 -66.96
N VAL G 295 -37.97 -21.19 -67.96
CA VAL G 295 -39.25 -21.86 -67.98
C VAL G 295 -39.11 -23.36 -67.79
N GLU G 296 -37.94 -23.92 -68.10
CA GLU G 296 -37.58 -25.28 -67.75
C GLU G 296 -36.35 -25.23 -66.85
N TYR G 297 -36.21 -26.24 -66.00
CA TYR G 297 -35.15 -26.23 -64.99
C TYR G 297 -34.29 -27.47 -65.11
N ASN G 298 -34.05 -27.93 -66.35
CA ASN G 298 -33.12 -29.02 -66.63
C ASN G 298 -33.42 -30.27 -65.81
N HIS G 299 -32.36 -30.84 -65.22
CA HIS G 299 -32.51 -32.10 -64.49
C HIS G 299 -33.43 -31.95 -63.29
N TRP G 300 -33.31 -30.86 -62.55
CA TRP G 300 -34.14 -30.64 -61.37
C TRP G 300 -35.58 -30.35 -61.76
N GLU G 301 -36.49 -30.55 -60.82
CA GLU G 301 -37.88 -30.16 -60.96
C GLU G 301 -38.00 -28.66 -60.71
N THR G 302 -39.16 -28.11 -61.05
CA THR G 302 -39.37 -26.68 -60.87
C THR G 302 -39.24 -26.29 -59.41
N GLU G 303 -39.84 -27.07 -58.51
CA GLU G 303 -39.75 -26.76 -57.08
C GLU G 303 -38.32 -26.87 -56.57
N HIS G 304 -37.60 -27.92 -57.00
CA HIS G 304 -36.23 -28.10 -56.54
C HIS G 304 -35.33 -26.97 -57.00
N ALA G 305 -35.47 -26.57 -58.27
CA ALA G 305 -34.66 -25.46 -58.77
C ALA G 305 -35.05 -24.13 -58.15
N GLU G 306 -36.33 -23.94 -57.86
CA GLU G 306 -36.75 -22.74 -57.15
C GLU G 306 -36.11 -22.68 -55.77
N GLN G 307 -36.07 -23.82 -55.07
CA GLN G 307 -35.38 -23.87 -53.78
C GLN G 307 -33.89 -23.60 -53.96
N PHE G 308 -33.30 -24.12 -55.03
CA PHE G 308 -31.88 -23.87 -55.28
C PHE G 308 -31.59 -22.38 -55.44
N ILE G 309 -32.37 -21.70 -56.28
CA ILE G 309 -32.16 -20.27 -56.51
C ILE G 309 -32.41 -19.49 -55.22
N HIS G 310 -33.48 -19.85 -54.50
CA HIS G 310 -33.80 -19.20 -53.24
C HIS G 310 -32.64 -19.30 -52.25
N GLN G 311 -32.12 -20.51 -52.06
CA GLN G 311 -31.02 -20.71 -51.12
C GLN G 311 -29.74 -20.07 -51.60
N LEU G 312 -29.50 -20.04 -52.92
CA LEU G 312 -28.32 -19.36 -53.45
C LEU G 312 -28.36 -17.87 -53.13
N SER G 313 -29.52 -17.23 -53.36
CA SER G 313 -29.64 -15.82 -53.02
C SER G 313 -29.51 -15.60 -51.52
N LYS G 314 -30.10 -16.48 -50.72
CA LYS G 314 -30.00 -16.35 -49.27
C LYS G 314 -28.55 -16.44 -48.81
N GLU G 315 -27.79 -17.39 -49.36
CA GLU G 315 -26.38 -17.51 -49.02
C GLU G 315 -25.59 -16.29 -49.47
N LEU G 316 -25.88 -15.79 -50.68
CA LEU G 316 -25.17 -14.62 -51.18
C LEU G 316 -25.39 -13.41 -50.28
N ILE G 317 -26.64 -13.17 -49.87
CA ILE G 317 -26.91 -12.06 -48.98
C ILE G 317 -26.29 -12.29 -47.61
N ARG G 318 -26.31 -13.55 -47.14
CA ARG G 318 -25.75 -13.87 -45.84
C ARG G 318 -24.25 -13.59 -45.78
N LYS G 319 -23.56 -13.70 -46.93
CA LYS G 319 -22.13 -13.45 -47.00
C LYS G 319 -21.80 -12.00 -47.34
N ASP G 320 -22.70 -11.07 -47.03
CA ASP G 320 -22.46 -9.64 -47.20
C ASP G 320 -22.19 -9.28 -48.66
N PHE G 321 -22.98 -9.86 -49.56
CA PHE G 321 -22.95 -9.49 -50.97
C PHE G 321 -24.19 -8.68 -51.33
N ASN G 322 -24.06 -7.89 -52.40
CA ASN G 322 -25.14 -7.08 -52.91
C ASN G 322 -25.66 -7.73 -54.20
N ILE G 323 -26.94 -8.03 -54.24
CA ILE G 323 -27.56 -8.71 -55.37
C ILE G 323 -28.27 -7.68 -56.23
N VAL G 324 -27.90 -7.61 -57.50
CA VAL G 324 -28.60 -6.81 -58.50
C VAL G 324 -29.27 -7.78 -59.46
N SER G 325 -30.60 -7.71 -59.55
CA SER G 325 -31.36 -8.64 -60.37
C SER G 325 -32.23 -7.86 -61.33
N GLY G 326 -32.28 -8.31 -62.58
CA GLY G 326 -33.16 -7.74 -63.57
C GLY G 326 -34.58 -8.24 -63.51
N PHE G 327 -34.92 -8.99 -62.46
CA PHE G 327 -36.26 -9.57 -62.29
C PHE G 327 -36.63 -10.43 -63.49
N GLY G 328 -35.68 -11.27 -63.91
CA GLY G 328 -35.93 -12.15 -65.03
C GLY G 328 -36.96 -13.22 -64.69
N LEU G 329 -37.63 -13.70 -65.73
CA LEU G 329 -38.69 -14.68 -65.55
C LEU G 329 -38.11 -16.02 -65.14
N GLY G 330 -38.41 -16.45 -63.91
CA GLY G 330 -38.01 -17.75 -63.42
C GLY G 330 -36.92 -17.72 -62.37
N VAL G 331 -36.15 -16.64 -62.28
CA VAL G 331 -35.12 -16.57 -61.26
C VAL G 331 -35.29 -15.32 -60.40
N GLY G 332 -35.91 -14.28 -60.97
CA GLY G 332 -36.02 -13.02 -60.24
C GLY G 332 -36.90 -13.13 -59.01
N SER G 333 -38.04 -13.80 -59.12
CA SER G 333 -38.94 -13.94 -57.99
C SER G 333 -38.27 -14.74 -56.87
N PHE G 334 -37.56 -15.82 -57.22
CA PHE G 334 -36.93 -16.64 -56.20
C PHE G 334 -35.73 -15.94 -55.58
N VAL G 335 -35.01 -15.14 -56.37
CA VAL G 335 -33.95 -14.31 -55.80
C VAL G 335 -34.54 -13.34 -54.78
N ILE G 336 -35.67 -12.71 -55.14
CA ILE G 336 -36.33 -11.80 -54.20
C ILE G 336 -36.74 -12.55 -52.94
N ASN G 337 -37.29 -13.75 -53.10
CA ASN G 337 -37.73 -14.53 -51.94
C ASN G 337 -36.56 -14.84 -51.02
N GLY G 338 -35.44 -15.27 -51.59
CA GLY G 338 -34.27 -15.56 -50.77
C GLY G 338 -33.74 -14.34 -50.05
N VAL G 339 -33.64 -13.22 -50.77
CA VAL G 339 -33.13 -12.00 -50.15
C VAL G 339 -34.04 -11.55 -49.03
N LEU G 340 -35.36 -11.58 -49.25
CA LEU G 340 -36.30 -11.17 -48.21
C LEU G 340 -36.22 -12.09 -47.00
N GLU G 341 -36.12 -13.40 -47.24
CA GLU G 341 -36.04 -14.34 -46.12
C GLU G 341 -34.78 -14.11 -45.30
N GLU G 342 -33.66 -13.81 -45.96
CA GLU G 342 -32.43 -13.56 -45.22
C GLU G 342 -32.49 -12.22 -44.48
N LEU G 343 -33.03 -11.18 -45.11
CA LEU G 343 -32.99 -9.85 -44.52
C LEU G 343 -33.98 -9.70 -43.38
N TYR G 344 -35.21 -10.23 -43.54
CA TYR G 344 -36.23 -10.05 -42.53
C TYR G 344 -36.00 -10.91 -41.29
N MET G 345 -35.05 -11.84 -41.34
CA MET G 345 -34.76 -12.68 -40.18
C MET G 345 -33.87 -11.95 -39.19
N THR G 349 -36.95 -3.95 -42.76
CA THR G 349 -36.86 -3.10 -43.95
C THR G 349 -35.81 -3.65 -44.92
N ILE G 350 -35.76 -3.06 -46.11
CA ILE G 350 -34.81 -3.47 -47.15
C ILE G 350 -33.87 -2.30 -47.41
N ASP G 351 -32.58 -2.52 -47.21
CA ASP G 351 -31.58 -1.52 -47.56
C ASP G 351 -31.48 -1.42 -49.08
N ASP G 352 -31.32 -0.19 -49.57
CA ASP G 352 -31.22 0.02 -51.01
C ASP G 352 -29.94 -0.56 -51.60
N ASP G 353 -28.97 -0.92 -50.77
CA ASP G 353 -27.71 -1.47 -51.25
C ASP G 353 -27.70 -2.99 -51.28
N ARG G 354 -28.55 -3.66 -50.51
CA ARG G 354 -28.52 -5.12 -50.45
C ARG G 354 -29.20 -5.74 -51.66
N LEU G 355 -30.45 -5.36 -51.93
CA LEU G 355 -31.20 -5.87 -53.06
C LEU G 355 -31.58 -4.70 -53.96
N ILE G 356 -31.22 -4.79 -55.23
CA ILE G 356 -31.53 -3.77 -56.22
C ILE G 356 -32.30 -4.44 -57.34
N LEU G 357 -33.58 -4.05 -57.49
CA LEU G 357 -34.46 -4.62 -58.48
C LEU G 357 -34.61 -3.67 -59.66
N ARG G 358 -34.41 -4.19 -60.87
CA ARG G 358 -34.58 -3.42 -62.10
C ARG G 358 -35.41 -4.24 -63.08
N PRO G 359 -36.72 -4.34 -62.85
CA PRO G 359 -37.58 -5.06 -63.79
C PRO G 359 -37.55 -4.41 -65.17
N PHE G 360 -37.59 -5.23 -66.20
CA PHE G 360 -37.50 -4.72 -67.56
C PHE G 360 -38.88 -4.29 -68.04
N PRO G 361 -39.03 -3.04 -68.50
CA PRO G 361 -40.34 -2.60 -68.99
C PRO G 361 -40.80 -3.43 -70.17
N GLN G 362 -42.03 -3.94 -70.08
CA GLN G 362 -42.59 -4.79 -71.11
C GLN G 362 -43.39 -3.94 -72.09
N GLY G 363 -43.11 -4.11 -73.39
CA GLY G 363 -43.72 -3.30 -74.41
C GLY G 363 -42.70 -2.84 -75.44
N LYS G 364 -43.16 -2.52 -76.65
CA LYS G 364 -42.24 -2.11 -77.71
C LYS G 364 -41.55 -0.79 -77.39
N LYS G 365 -42.12 0.01 -76.49
CA LYS G 365 -41.47 1.26 -76.12
C LYS G 365 -40.28 1.03 -75.20
N GLY G 366 -40.38 0.04 -74.30
CA GLY G 366 -39.28 -0.25 -73.40
C GLY G 366 -38.17 -1.08 -73.99
N GLU G 367 -38.47 -1.86 -75.04
CA GLU G 367 -37.42 -2.68 -75.65
C GLU G 367 -36.32 -1.82 -76.26
N GLU G 368 -36.66 -0.61 -76.71
CA GLU G 368 -35.65 0.26 -77.30
C GLU G 368 -34.64 0.74 -76.25
N GLN G 369 -35.09 0.92 -75.01
CA GLN G 369 -34.22 1.32 -73.91
C GLN G 369 -33.68 0.13 -73.13
N TRP G 370 -34.12 -1.08 -73.45
CA TRP G 370 -33.65 -2.28 -72.75
C TRP G 370 -32.13 -2.36 -72.73
N ASP G 371 -31.47 -2.03 -73.84
CA ASP G 371 -30.02 -2.19 -73.91
C ASP G 371 -29.31 -1.28 -72.92
N LYS G 372 -29.67 0.00 -72.91
CA LYS G 372 -29.04 0.91 -71.95
C LYS G 372 -29.44 0.59 -70.53
N TYR G 373 -30.64 0.06 -70.33
CA TYR G 373 -31.08 -0.34 -69.01
C TYR G 373 -30.23 -1.45 -68.52
N ARG G 374 -29.93 -2.41 -69.39
CA ARG G 374 -29.13 -3.56 -69.00
C ARG G 374 -27.70 -3.20 -68.77
N ARG G 375 -27.16 -2.29 -69.56
CA ARG G 375 -25.81 -1.82 -69.33
C ARG G 375 -25.72 -1.07 -68.00
N ASP G 376 -26.75 -0.27 -67.68
CA ASP G 376 -26.77 0.42 -66.39
C ASP G 376 -26.82 -0.56 -65.23
N MET G 377 -27.63 -1.61 -65.35
CA MET G 377 -27.68 -2.63 -64.30
C MET G 377 -26.32 -3.26 -64.10
N ILE G 378 -25.72 -3.74 -65.19
CA ILE G 378 -24.48 -4.50 -65.09
C ILE G 378 -23.33 -3.61 -64.61
N THR G 379 -23.35 -2.34 -65.00
CA THR G 379 -22.30 -1.42 -64.56
C THR G 379 -22.28 -1.28 -63.04
N ARG G 380 -23.42 -1.46 -62.39
CA ARG G 380 -23.49 -1.37 -60.93
C ARG G 380 -22.78 -2.52 -60.23
N THR G 381 -22.52 -3.62 -60.93
CA THR G 381 -22.03 -4.85 -60.33
C THR G 381 -20.56 -5.07 -60.66
N GLY G 382 -19.98 -6.09 -60.01
CA GLY G 382 -18.61 -6.47 -60.26
C GLY G 382 -18.44 -7.90 -60.73
N VAL G 383 -19.37 -8.77 -60.31
CA VAL G 383 -19.33 -10.19 -60.65
C VAL G 383 -20.68 -10.57 -61.23
N SER G 384 -20.68 -11.40 -62.26
CA SER G 384 -21.92 -11.86 -62.90
C SER G 384 -22.05 -13.36 -62.78
N ILE G 385 -23.19 -13.82 -62.29
CA ILE G 385 -23.50 -15.24 -62.14
C ILE G 385 -24.71 -15.56 -63.01
N PHE G 386 -24.60 -16.61 -63.82
CA PHE G 386 -25.60 -16.92 -64.83
C PHE G 386 -26.24 -18.28 -64.53
N LEU G 387 -27.56 -18.31 -64.52
CA LEU G 387 -28.33 -19.51 -64.23
C LEU G 387 -29.29 -19.79 -65.37
N TYR G 388 -29.29 -21.02 -65.86
CA TYR G 388 -30.19 -21.46 -66.92
C TYR G 388 -30.13 -20.54 -68.12
N GLY G 389 -31.26 -19.95 -68.50
CA GLY G 389 -31.25 -19.02 -69.62
C GLY G 389 -32.10 -19.42 -70.81
N ASN G 390 -33.21 -20.12 -70.57
CA ASN G 390 -34.15 -20.43 -71.62
C ASN G 390 -35.43 -19.62 -71.45
N LYS G 391 -36.20 -19.47 -72.46
CA LYS G 391 -37.44 -18.71 -72.39
C LYS G 391 -38.43 -19.31 -73.37
N ILE G 392 -39.68 -19.20 -73.11
CA ILE G 392 -40.76 -19.75 -73.92
C ILE G 392 -41.04 -18.80 -75.08
N ASP G 393 -40.93 -19.32 -76.31
CA ASP G 393 -41.15 -18.52 -77.51
C ASP G 393 -41.76 -19.41 -78.58
N LYS G 394 -42.81 -18.91 -79.23
CA LYS G 394 -43.52 -19.64 -80.27
C LYS G 394 -44.00 -21.01 -79.76
N GLY G 395 -44.39 -21.06 -78.48
CA GLY G 395 -44.83 -22.31 -77.89
C GLY G 395 -43.74 -23.31 -77.61
N GLN G 396 -42.48 -22.91 -77.74
CA GLN G 396 -41.35 -23.81 -77.53
C GLN G 396 -40.33 -23.16 -76.60
N VAL G 397 -39.53 -24.00 -75.95
CA VAL G 397 -38.55 -23.54 -74.97
C VAL G 397 -37.28 -23.20 -75.75
N VAL G 398 -37.21 -21.97 -76.22
CA VAL G 398 -36.04 -21.48 -76.96
C VAL G 398 -34.97 -21.04 -75.97
N LYS G 399 -33.75 -20.82 -76.46
CA LYS G 399 -32.68 -20.30 -75.63
C LYS G 399 -32.79 -18.78 -75.57
N ALA G 400 -32.73 -18.24 -74.36
CA ALA G 400 -32.93 -16.81 -74.15
C ALA G 400 -31.65 -16.04 -74.47
N LYS G 401 -31.73 -15.15 -75.46
CA LYS G 401 -30.56 -14.39 -75.87
C LYS G 401 -30.21 -13.25 -74.92
N GLY G 402 -31.11 -12.89 -74.01
CA GLY G 402 -30.80 -11.84 -73.05
C GLY G 402 -29.70 -12.24 -72.08
N VAL G 403 -29.66 -13.51 -71.69
CA VAL G 403 -28.58 -13.98 -70.83
C VAL G 403 -27.24 -13.87 -71.56
N GLN G 404 -27.21 -14.23 -72.84
CA GLN G 404 -26.00 -14.08 -73.62
C GLN G 404 -25.61 -12.61 -73.75
N SER G 405 -26.60 -11.73 -73.93
CA SER G 405 -26.31 -10.30 -74.02
C SER G 405 -25.75 -9.77 -72.70
N GLU G 406 -26.27 -10.24 -71.59
CA GLU G 406 -25.75 -9.83 -70.32
C GLU G 406 -24.34 -10.33 -70.16
N PHE G 407 -24.08 -11.57 -70.53
CA PHE G 407 -22.73 -12.11 -70.46
C PHE G 407 -21.77 -11.26 -71.28
N ASN G 408 -22.17 -10.88 -72.49
CA ASN G 408 -21.32 -10.07 -73.34
C ASN G 408 -21.08 -8.69 -72.72
N ILE G 409 -22.12 -8.08 -72.15
CA ILE G 409 -21.95 -6.78 -71.53
C ILE G 409 -21.04 -6.85 -70.32
N SER G 410 -21.21 -7.88 -69.48
CA SER G 410 -20.33 -8.05 -68.33
C SER G 410 -18.89 -8.27 -68.75
N PHE G 411 -18.68 -9.08 -69.80
CA PHE G 411 -17.34 -9.34 -70.28
C PHE G 411 -16.70 -8.07 -70.85
N GLU G 412 -17.51 -7.24 -71.53
CA GLU G 412 -17.00 -5.97 -72.03
C GLU G 412 -16.56 -5.06 -70.89
N GLN G 413 -17.14 -5.23 -69.71
CA GLN G 413 -16.83 -4.39 -68.56
C GLN G 413 -15.76 -4.99 -67.66
N ASN G 414 -15.11 -6.08 -68.11
CA ASN G 414 -14.09 -6.77 -67.33
C ASN G 414 -14.65 -7.32 -66.02
N ASN G 415 -15.94 -7.62 -66.00
CA ASN G 415 -16.53 -8.28 -64.85
C ASN G 415 -16.21 -9.76 -64.85
N TYR G 416 -16.06 -10.32 -63.66
CA TYR G 416 -15.86 -11.76 -63.52
C TYR G 416 -17.16 -12.48 -63.87
N VAL G 417 -17.09 -13.42 -64.80
CA VAL G 417 -18.26 -14.16 -65.23
C VAL G 417 -18.23 -15.54 -64.58
N VAL G 418 -19.34 -15.94 -63.99
CA VAL G 418 -19.45 -17.25 -63.35
C VAL G 418 -20.65 -17.97 -63.94
N PRO G 419 -20.52 -18.60 -65.10
CA PRO G 419 -21.65 -19.34 -65.66
C PRO G 419 -21.88 -20.68 -64.98
N VAL G 420 -23.02 -20.81 -64.31
CA VAL G 420 -23.36 -22.05 -63.59
C VAL G 420 -23.81 -23.05 -64.65
N GLY G 421 -22.90 -23.92 -65.07
CA GLY G 421 -23.21 -24.87 -66.12
C GLY G 421 -24.11 -26.01 -65.69
N ALA G 422 -24.22 -26.28 -64.39
CA ALA G 422 -25.12 -27.31 -63.92
C ALA G 422 -26.58 -26.96 -64.19
N THR G 423 -26.91 -25.67 -64.26
CA THR G 423 -28.28 -25.27 -64.56
C THR G 423 -28.66 -25.64 -65.99
N GLY G 424 -27.72 -25.56 -66.92
CA GLY G 424 -27.96 -25.99 -68.28
C GLY G 424 -28.42 -24.87 -69.18
N TYR G 425 -28.77 -25.27 -70.42
CA TYR G 425 -29.28 -24.38 -71.45
C TYR G 425 -28.21 -23.41 -71.92
N ILE G 426 -28.48 -22.10 -71.87
CA ILE G 426 -27.51 -21.14 -72.39
C ILE G 426 -26.39 -20.95 -71.38
N ALA G 427 -26.65 -21.31 -70.12
CA ALA G 427 -25.60 -21.29 -69.11
C ALA G 427 -24.57 -22.37 -69.32
N LYS G 428 -24.97 -23.54 -69.82
CA LYS G 428 -24.00 -24.57 -70.17
C LYS G 428 -23.13 -24.12 -71.35
N ASP G 429 -23.73 -23.47 -72.34
CA ASP G 429 -22.95 -22.94 -73.46
C ASP G 429 -21.97 -21.87 -72.99
N LEU G 430 -22.42 -20.99 -72.09
CA LEU G 430 -21.53 -19.99 -71.52
C LEU G 430 -20.39 -20.65 -70.77
N TRP G 431 -20.69 -21.69 -70.00
CA TRP G 431 -19.65 -22.40 -69.26
C TRP G 431 -18.62 -23.00 -70.21
N ASN G 432 -19.09 -23.63 -71.29
CA ASN G 432 -18.17 -24.21 -72.27
C ASN G 432 -17.33 -23.13 -72.93
N LYS G 433 -17.95 -21.99 -73.25
CA LYS G 433 -17.22 -20.89 -73.90
C LYS G 433 -16.12 -20.36 -73.00
N VAL G 434 -16.41 -20.20 -71.71
CA VAL G 434 -15.38 -19.73 -70.78
C VAL G 434 -14.31 -20.80 -70.60
N ASN G 435 -14.70 -22.07 -70.61
CA ASN G 435 -13.75 -23.15 -70.37
C ASN G 435 -12.80 -23.33 -71.54
N GLU G 436 -13.24 -23.08 -72.77
CA GLU G 436 -12.38 -23.30 -73.94
C GLU G 436 -11.15 -22.40 -73.88
N GLU G 437 -11.33 -21.13 -73.54
CA GLU G 437 -10.23 -20.18 -73.39
C GLU G 437 -10.30 -19.62 -71.97
N PHE G 438 -9.71 -20.35 -71.02
CA PHE G 438 -9.85 -19.98 -69.62
C PHE G 438 -8.98 -18.79 -69.24
N GLU G 439 -7.82 -18.63 -69.89
CA GLU G 439 -6.96 -17.50 -69.57
C GLU G 439 -7.58 -16.18 -70.03
N THR G 440 -8.44 -16.21 -71.04
CA THR G 440 -9.08 -15.00 -71.51
C THR G 440 -10.00 -14.40 -70.47
N TYR G 441 -10.79 -15.25 -69.79
CA TYR G 441 -11.76 -14.76 -68.82
C TYR G 441 -11.24 -14.76 -67.38
N TYR G 442 -10.37 -15.70 -67.03
CA TYR G 442 -9.79 -15.79 -65.69
C TYR G 442 -8.28 -15.90 -65.81
N PRO G 443 -7.59 -14.79 -66.07
CA PRO G 443 -6.14 -14.83 -66.16
C PRO G 443 -5.50 -15.14 -64.82
N GLY G 444 -4.39 -15.86 -64.87
CA GLY G 444 -3.63 -16.17 -63.66
C GLY G 444 -4.41 -16.97 -62.64
N ALA G 445 -5.16 -17.98 -63.09
CA ALA G 445 -5.95 -18.78 -62.17
C ALA G 445 -5.07 -19.82 -61.47
N ASP G 446 -5.59 -20.35 -60.37
CA ASP G 446 -4.92 -21.35 -59.58
C ASP G 446 -5.60 -22.71 -59.78
N ALA G 447 -5.03 -23.73 -59.13
CA ALA G 447 -5.63 -25.06 -59.20
C ALA G 447 -7.00 -25.10 -58.55
N ARG G 448 -7.16 -24.40 -57.41
CA ARG G 448 -8.44 -24.39 -56.73
C ARG G 448 -9.52 -23.72 -57.59
N MET G 449 -9.18 -22.61 -58.24
CA MET G 449 -10.14 -21.93 -59.10
C MET G 449 -10.56 -22.81 -60.26
N LYS G 450 -9.60 -23.50 -60.88
CA LYS G 450 -9.93 -24.40 -61.99
C LYS G 450 -10.81 -25.56 -61.52
N LYS G 451 -10.51 -26.11 -60.34
CA LYS G 451 -11.34 -27.18 -59.80
C LYS G 451 -12.76 -26.70 -59.54
N LEU G 452 -12.91 -25.52 -58.95
CA LEU G 452 -14.24 -24.98 -58.69
C LEU G 452 -14.98 -24.73 -59.99
N PHE G 453 -14.30 -24.18 -61.00
CA PHE G 453 -14.95 -23.93 -62.28
C PHE G 453 -15.38 -25.23 -62.95
N GLY G 454 -14.54 -26.26 -62.88
CA GLY G 454 -14.93 -27.54 -63.44
C GLY G 454 -16.02 -28.22 -62.64
N GLU G 455 -16.17 -27.83 -61.38
CA GLU G 455 -17.26 -28.36 -60.55
C GLU G 455 -18.57 -27.63 -60.78
N LEU G 456 -18.54 -26.45 -61.42
CA LEU G 456 -19.76 -25.73 -61.74
C LEU G 456 -20.62 -26.48 -62.75
N ASN G 457 -20.02 -27.35 -63.56
CA ASN G 457 -20.73 -28.16 -64.55
C ASN G 457 -20.98 -29.58 -64.07
N ASN G 458 -20.70 -29.87 -62.80
CA ASN G 458 -20.92 -31.19 -62.25
C ASN G 458 -22.41 -31.34 -61.93
N GLU G 459 -23.17 -31.88 -62.89
CA GLU G 459 -24.62 -31.96 -62.77
C GLU G 459 -25.06 -32.93 -61.67
N ALA G 460 -24.17 -33.78 -61.16
CA ALA G 460 -24.53 -34.70 -60.10
C ALA G 460 -24.52 -34.06 -58.73
N LEU G 461 -24.10 -32.81 -58.61
CA LEU G 461 -24.10 -32.12 -57.34
C LEU G 461 -25.52 -31.84 -56.86
N SER G 462 -25.69 -31.86 -55.54
CA SER G 462 -26.97 -31.49 -54.95
C SER G 462 -27.07 -29.96 -54.90
N ILE G 463 -28.17 -29.47 -54.32
CA ILE G 463 -28.37 -28.03 -54.19
C ILE G 463 -27.31 -27.42 -53.28
N GLU G 464 -27.11 -28.02 -52.10
CA GLU G 464 -26.16 -27.46 -51.14
C GLU G 464 -24.74 -27.47 -51.69
N GLU G 465 -24.33 -28.57 -52.33
CA GLU G 465 -22.97 -28.65 -52.85
C GLU G 465 -22.73 -27.63 -53.94
N LEU G 466 -23.69 -27.48 -54.86
CA LEU G 466 -23.56 -26.50 -55.94
C LEU G 466 -23.51 -25.08 -55.38
N ILE G 467 -24.35 -24.78 -54.40
CA ILE G 467 -24.35 -23.45 -53.81
C ILE G 467 -23.03 -23.18 -53.09
N ASN G 468 -22.50 -24.17 -52.37
CA ASN G 468 -21.21 -24.00 -51.73
C ASN G 468 -20.10 -23.77 -52.75
N THR G 469 -20.16 -24.49 -53.88
CA THR G 469 -19.18 -24.28 -54.95
C THR G 469 -19.24 -22.85 -55.48
N ILE G 470 -20.46 -22.37 -55.76
CA ILE G 470 -20.60 -21.01 -56.27
C ILE G 470 -20.13 -19.99 -55.26
N ILE G 471 -20.47 -20.18 -53.98
CA ILE G 471 -20.08 -19.24 -52.94
C ILE G 471 -18.56 -19.20 -52.80
N GLU G 472 -17.92 -20.36 -52.78
CA GLU G 472 -16.46 -20.39 -52.68
C GLU G 472 -15.82 -19.74 -53.90
N PHE G 473 -16.38 -19.96 -55.08
CA PHE G 473 -15.87 -19.32 -56.29
C PHE G 473 -15.93 -17.79 -56.17
N VAL G 474 -17.09 -17.28 -55.76
CA VAL G 474 -17.25 -15.83 -55.64
C VAL G 474 -16.33 -15.29 -54.55
N GLU G 475 -16.14 -16.05 -53.47
CA GLU G 475 -15.26 -15.59 -52.40
C GLU G 475 -13.81 -15.49 -52.88
N ILE G 476 -13.31 -16.53 -53.55
CA ILE G 476 -11.94 -16.47 -54.03
C ILE G 476 -11.78 -15.42 -55.12
N LEU G 477 -12.87 -15.07 -55.81
CA LEU G 477 -12.80 -13.96 -56.75
C LEU G 477 -12.68 -12.62 -56.01
N SER G 478 -13.50 -12.42 -54.99
CA SER G 478 -13.53 -11.13 -54.30
C SER G 478 -12.25 -10.91 -53.50
N ASN G 479 -11.76 -11.94 -52.83
CA ASN G 479 -10.56 -11.82 -52.01
C ASN G 479 -9.63 -13.02 -52.22
N MET H 4 -52.68 24.96 -42.08
CA MET H 4 -52.51 26.22 -42.79
C MET H 4 -51.02 26.52 -43.02
N LYS H 5 -50.67 27.80 -43.01
CA LYS H 5 -49.31 28.26 -43.25
C LYS H 5 -48.89 29.21 -42.14
N MET H 6 -47.67 29.73 -42.26
CA MET H 6 -47.10 30.65 -41.29
C MET H 6 -46.58 31.90 -42.01
N ASN H 7 -45.81 32.70 -41.27
CA ASN H 7 -45.29 33.94 -41.83
C ASN H 7 -44.37 33.65 -43.02
N PRO H 8 -44.25 34.58 -43.96
CA PRO H 8 -43.36 34.35 -45.11
C PRO H 8 -41.91 34.13 -44.72
N ILE H 9 -41.43 34.78 -43.65
CA ILE H 9 -40.06 34.57 -43.20
C ILE H 9 -39.87 33.12 -42.77
N VAL H 10 -40.82 32.59 -42.00
CA VAL H 10 -40.74 31.21 -41.56
C VAL H 10 -40.81 30.26 -42.75
N GLU H 11 -41.64 30.59 -43.74
CA GLU H 11 -41.73 29.74 -44.93
C GLU H 11 -40.42 29.72 -45.71
N LEU H 12 -39.77 30.89 -45.84
CA LEU H 12 -38.47 30.93 -46.51
C LEU H 12 -37.44 30.12 -45.74
N PHE H 13 -37.44 30.23 -44.41
CA PHE H 13 -36.53 29.41 -43.61
C PHE H 13 -36.81 27.94 -43.81
N ILE H 14 -38.09 27.56 -43.86
CA ILE H 14 -38.45 26.16 -44.04
C ILE H 14 -37.92 25.64 -45.38
N LYS H 15 -38.13 26.42 -46.44
CA LYS H 15 -37.64 26.02 -47.76
C LYS H 15 -36.13 25.86 -47.74
N ASP H 16 -35.42 26.85 -47.20
CA ASP H 16 -33.95 26.81 -47.21
C ASP H 16 -33.44 25.63 -46.39
N PHE H 17 -34.00 25.40 -45.21
CA PHE H 17 -33.49 24.33 -44.36
C PHE H 17 -33.86 22.96 -44.89
N THR H 18 -35.03 22.81 -45.51
CA THR H 18 -35.34 21.55 -46.18
C THR H 18 -34.39 21.30 -47.34
N LYS H 19 -34.01 22.35 -48.05
CA LYS H 19 -32.99 22.20 -49.09
C LYS H 19 -31.66 21.77 -48.48
N GLU H 20 -31.32 22.30 -47.31
CA GLU H 20 -30.06 21.93 -46.66
C GLU H 20 -30.08 20.50 -46.14
N VAL H 21 -31.19 20.10 -45.50
CA VAL H 21 -31.24 18.78 -44.89
C VAL H 21 -31.18 17.68 -45.94
N MET H 22 -31.91 17.85 -47.06
CA MET H 22 -31.93 16.82 -48.09
C MET H 22 -30.56 16.60 -48.71
N GLU H 23 -29.63 17.54 -48.56
CA GLU H 23 -28.27 17.37 -49.03
C GLU H 23 -27.33 16.89 -47.92
N GLU H 24 -27.87 16.59 -46.74
CA GLU H 24 -27.08 16.10 -45.61
C GLU H 24 -25.95 17.06 -45.25
N ASN H 25 -26.24 18.36 -45.32
CA ASN H 25 -25.28 19.40 -44.95
C ASN H 25 -25.82 20.25 -43.80
N ALA H 26 -26.77 19.71 -43.04
CA ALA H 26 -27.41 20.43 -41.97
C ALA H 26 -27.08 19.80 -40.62
N ALA H 27 -26.95 20.65 -39.60
CA ALA H 27 -26.67 20.23 -38.24
C ALA H 27 -27.60 20.95 -37.29
N ILE H 28 -27.85 20.34 -36.14
CA ILE H 28 -28.74 20.89 -35.13
C ILE H 28 -27.92 21.19 -33.89
N PHE H 29 -27.99 22.43 -33.42
CA PHE H 29 -27.38 22.82 -32.15
C PHE H 29 -28.51 23.01 -31.14
N ALA H 30 -28.65 22.05 -30.23
CA ALA H 30 -29.72 22.04 -29.26
C ALA H 30 -29.17 22.48 -27.91
N GLY H 31 -29.74 23.55 -27.35
CA GLY H 31 -29.39 24.01 -26.04
C GLY H 31 -30.22 23.34 -24.96
N ALA H 32 -30.13 23.90 -23.75
CA ALA H 32 -30.89 23.34 -22.63
C ALA H 32 -32.38 23.59 -22.78
N GLY H 33 -32.77 24.59 -23.57
CA GLY H 33 -34.18 24.93 -23.68
C GLY H 33 -35.00 23.88 -24.41
N LEU H 34 -34.36 23.11 -25.28
CA LEU H 34 -35.09 22.07 -26.00
C LEU H 34 -35.56 20.96 -25.08
N SER H 35 -34.89 20.78 -23.94
CA SER H 35 -35.27 19.75 -22.97
C SER H 35 -36.14 20.28 -21.84
N MET H 36 -36.23 21.60 -21.67
CA MET H 36 -37.05 22.16 -20.59
C MET H 36 -38.53 21.91 -20.79
N SER H 37 -38.96 21.61 -22.03
CA SER H 37 -40.34 21.23 -22.26
C SER H 37 -40.62 19.79 -21.87
N VAL H 38 -39.58 18.97 -21.72
CA VAL H 38 -39.77 17.55 -21.42
C VAL H 38 -40.28 17.38 -19.99
N GLY H 39 -39.77 18.18 -19.05
CA GLY H 39 -40.18 18.05 -17.67
C GLY H 39 -39.06 18.31 -16.69
N TYR H 40 -37.84 18.45 -17.19
CA TYR H 40 -36.71 18.80 -16.34
C TYR H 40 -36.88 20.20 -15.77
N VAL H 41 -36.54 20.36 -14.50
CA VAL H 41 -36.59 21.67 -13.88
C VAL H 41 -35.46 22.53 -14.44
N SER H 42 -35.67 23.84 -14.46
CA SER H 42 -34.68 24.75 -15.00
C SER H 42 -33.43 24.74 -14.12
N TRP H 43 -32.30 25.10 -14.74
CA TRP H 43 -31.02 25.12 -14.03
C TRP H 43 -31.06 26.09 -12.86
N ALA H 44 -31.81 27.19 -13.00
CA ALA H 44 -31.97 28.11 -11.88
C ALA H 44 -32.65 27.43 -10.70
N LYS H 45 -33.63 26.58 -10.96
CA LYS H 45 -34.35 25.91 -9.87
C LYS H 45 -33.49 24.86 -9.26
N LEU H 46 -32.62 24.25 -10.04
CA LEU H 46 -31.63 23.33 -9.47
C LEU H 46 -30.67 24.06 -8.55
N LEU H 47 -30.21 25.24 -8.96
CA LEU H 47 -29.25 25.99 -8.15
C LEU H 47 -29.91 26.77 -7.02
N GLU H 48 -31.24 26.76 -6.92
CA GLU H 48 -31.90 27.49 -5.83
C GLU H 48 -31.44 27.10 -4.44
N PRO H 49 -31.38 25.82 -4.04
CA PRO H 49 -30.83 25.51 -2.71
C PRO H 49 -29.36 25.88 -2.57
N ILE H 50 -28.58 25.74 -3.64
CA ILE H 50 -27.16 26.06 -3.58
C ILE H 50 -26.95 27.54 -3.29
N ALA H 51 -27.72 28.41 -3.97
CA ALA H 51 -27.62 29.83 -3.71
C ALA H 51 -28.03 30.15 -2.28
N GLN H 52 -29.09 29.51 -1.78
CA GLN H 52 -29.51 29.72 -0.40
C GLN H 52 -28.41 29.32 0.57
N GLU H 53 -27.63 28.30 0.21
CA GLU H 53 -26.60 27.82 1.13
C GLU H 53 -25.51 28.87 1.36
N ILE H 54 -25.11 29.59 0.33
CA ILE H 54 -24.02 30.55 0.44
C ILE H 54 -24.56 31.94 0.74
N GLY H 55 -25.87 32.04 0.96
CA GLY H 55 -26.48 33.30 1.33
C GLY H 55 -27.00 34.12 0.18
N LEU H 56 -27.01 33.59 -1.04
CA LEU H 56 -27.53 34.31 -2.19
C LEU H 56 -28.91 33.79 -2.56
N ASP H 57 -29.47 34.37 -3.63
CA ASP H 57 -30.78 33.98 -4.12
C ASP H 57 -30.74 33.97 -5.64
N VAL H 58 -31.28 32.91 -6.25
CA VAL H 58 -31.21 32.77 -7.69
C VAL H 58 -32.08 33.79 -8.38
N ASN H 59 -33.25 34.10 -7.81
CA ASN H 59 -34.17 35.03 -8.45
C ASN H 59 -33.56 36.40 -8.63
N LYS H 60 -32.66 36.79 -7.74
CA LYS H 60 -31.96 38.07 -7.82
C LYS H 60 -30.61 37.96 -8.50
N GLU H 61 -30.25 36.79 -9.01
CA GLU H 61 -28.97 36.56 -9.67
C GLU H 61 -29.18 36.31 -11.15
N ASN H 62 -28.36 36.96 -11.98
CA ASN H 62 -28.44 36.80 -13.43
C ASN H 62 -27.43 35.82 -13.98
N ASP H 63 -26.29 35.64 -13.31
CA ASP H 63 -25.22 34.75 -13.77
C ASP H 63 -25.19 33.54 -12.86
N LEU H 64 -25.70 32.41 -13.35
CA LEU H 64 -25.69 31.17 -12.57
C LEU H 64 -24.32 30.53 -12.56
N VAL H 65 -23.51 30.77 -13.58
CA VAL H 65 -22.15 30.22 -13.62
C VAL H 65 -21.34 30.79 -12.47
N SER H 66 -21.41 32.11 -12.27
CA SER H 66 -20.72 32.72 -11.15
C SER H 66 -21.30 32.29 -9.82
N LEU H 67 -22.61 32.01 -9.77
CA LEU H 67 -23.21 31.49 -8.55
C LEU H 67 -22.62 30.14 -8.18
N ALA H 68 -22.52 29.23 -9.15
CA ALA H 68 -21.91 27.94 -8.89
C ALA H 68 -20.44 28.09 -8.54
N GLN H 69 -19.74 29.03 -9.16
CA GLN H 69 -18.34 29.26 -8.83
C GLN H 69 -18.19 29.76 -7.40
N TYR H 70 -19.09 30.64 -6.95
CA TYR H 70 -19.06 31.09 -5.57
C TYR H 70 -19.32 29.93 -4.62
N TYR H 71 -20.27 29.06 -4.96
CA TYR H 71 -20.53 27.90 -4.12
C TYR H 71 -19.30 27.01 -4.01
N CYS H 72 -18.61 26.79 -5.13
CA CYS H 72 -17.38 26.01 -5.09
C CYS H 72 -16.30 26.70 -4.27
N ASN H 73 -16.20 28.02 -4.39
CA ASN H 73 -15.19 28.76 -3.63
C ASN H 73 -15.43 28.63 -2.14
N GLU H 74 -16.69 28.64 -1.71
CA GLU H 74 -16.98 28.50 -0.28
C GLU H 74 -16.54 27.14 0.23
N ASN H 75 -16.69 26.09 -0.57
CA ASN H 75 -16.37 24.73 -0.16
C ASN H 75 -14.95 24.31 -0.55
N GLN H 76 -14.03 25.27 -0.65
CA GLN H 76 -12.63 25.00 -1.02
C GLN H 76 -12.53 24.27 -2.35
N GLY H 77 -13.39 24.65 -3.30
CA GLY H 77 -13.31 24.10 -4.64
C GLY H 77 -13.86 22.69 -4.78
N ASN H 78 -14.84 22.32 -3.98
CA ASN H 78 -15.45 20.99 -4.06
C ASN H 78 -16.80 21.06 -4.74
N ARG H 79 -17.05 20.10 -5.64
CA ARG H 79 -18.25 20.09 -6.47
C ARG H 79 -19.17 18.92 -6.16
N GLY H 80 -19.06 18.33 -4.97
CA GLY H 80 -19.85 17.14 -4.68
C GLY H 80 -21.34 17.37 -4.77
N ARG H 81 -21.81 18.45 -4.15
CA ARG H 81 -23.24 18.74 -4.15
C ARG H 81 -23.75 19.04 -5.56
N ILE H 82 -22.97 19.79 -6.34
CA ILE H 82 -23.41 20.14 -7.69
C ILE H 82 -23.46 18.89 -8.57
N ASN H 83 -22.44 18.04 -8.47
CA ASN H 83 -22.43 16.79 -9.24
C ASN H 83 -23.63 15.93 -8.86
N GLN H 84 -23.90 15.80 -7.56
CA GLN H 84 -25.04 15.00 -7.13
C GLN H 84 -26.35 15.59 -7.62
N ILE H 85 -26.47 16.91 -7.60
CA ILE H 85 -27.71 17.56 -8.04
C ILE H 85 -27.95 17.30 -9.51
N ILE H 86 -26.94 17.50 -10.36
CA ILE H 86 -27.16 17.31 -11.79
C ILE H 86 -27.39 15.85 -12.11
N LEU H 87 -26.70 14.94 -11.41
CA LEU H 87 -26.91 13.51 -11.65
C LEU H 87 -28.32 13.10 -11.24
N ASP H 88 -28.83 13.62 -10.13
CA ASP H 88 -30.16 13.24 -9.67
C ASP H 88 -31.24 13.86 -10.54
N GLU H 89 -31.00 15.04 -11.11
CA GLU H 89 -32.05 15.69 -11.87
C GLU H 89 -32.08 15.27 -13.33
N PHE H 90 -30.93 15.24 -14.00
CA PHE H 90 -30.92 15.01 -15.44
C PHE H 90 -30.84 13.54 -15.82
N SER H 91 -30.87 12.63 -14.85
CA SER H 91 -30.91 11.20 -15.13
C SER H 91 -32.29 10.60 -14.85
N ARG H 92 -33.31 11.43 -14.69
CA ARG H 92 -34.65 10.92 -14.43
C ARG H 92 -35.23 10.28 -15.68
N LYS H 93 -36.26 9.45 -15.48
CA LYS H 93 -36.93 8.76 -16.56
C LYS H 93 -38.12 9.61 -17.01
N VAL H 94 -37.98 10.27 -18.17
CA VAL H 94 -39.00 11.17 -18.69
C VAL H 94 -39.30 10.77 -20.13
N ASP H 95 -40.52 11.07 -20.56
CA ASP H 95 -40.95 10.76 -21.91
C ASP H 95 -40.44 11.82 -22.89
N LEU H 96 -40.05 11.36 -24.09
CA LEU H 96 -39.52 12.27 -25.09
C LEU H 96 -40.61 13.20 -25.61
N THR H 97 -40.20 14.38 -26.03
CA THR H 97 -41.09 15.34 -26.66
C THR H 97 -41.18 15.05 -28.17
N GLU H 98 -42.05 15.74 -28.85
CA GLU H 98 -42.21 15.51 -30.25
C GLU H 98 -41.09 16.06 -31.01
N ASN H 99 -40.48 17.12 -30.51
CA ASN H 99 -39.35 17.71 -31.21
C ASN H 99 -38.19 16.73 -31.35
N HIS H 100 -37.87 16.01 -30.27
CA HIS H 100 -36.77 15.05 -30.33
C HIS H 100 -37.07 13.94 -31.33
N LYS H 101 -38.30 13.44 -31.34
CA LYS H 101 -38.66 12.39 -32.29
C LYS H 101 -38.58 12.89 -33.72
N ILE H 102 -39.05 14.12 -33.97
CA ILE H 102 -38.99 14.67 -35.32
C ILE H 102 -37.54 14.84 -35.76
N LEU H 103 -36.69 15.36 -34.87
CA LEU H 103 -35.28 15.52 -35.20
C LEU H 103 -34.61 14.17 -35.45
N ALA H 104 -35.05 13.14 -34.74
CA ALA H 104 -34.51 11.80 -34.98
C ALA H 104 -34.97 11.26 -36.33
N ARG H 105 -36.19 11.58 -36.75
CA ARG H 105 -36.67 11.10 -38.04
C ARG H 105 -36.02 11.85 -39.20
N LEU H 106 -35.55 13.08 -38.97
CA LEU H 106 -34.94 13.85 -40.04
C LEU H 106 -33.58 13.27 -40.42
N PRO H 107 -33.17 13.41 -41.68
CA PRO H 107 -31.84 12.94 -42.12
C PRO H 107 -30.73 13.92 -41.74
N ILE H 108 -30.49 14.03 -40.44
CA ILE H 108 -29.48 14.92 -39.89
C ILE H 108 -28.39 14.07 -39.23
N HIS H 109 -27.14 14.31 -39.60
CA HIS H 109 -26.03 13.46 -39.20
C HIS H 109 -25.14 14.10 -38.15
N THR H 110 -25.50 15.26 -37.62
CA THR H 110 -24.66 15.96 -36.65
C THR H 110 -25.53 16.70 -35.66
N TYR H 111 -25.32 16.45 -34.37
CA TYR H 111 -25.98 17.17 -33.30
C TYR H 111 -24.94 17.70 -32.33
N TRP H 112 -25.04 18.99 -31.99
CA TRP H 112 -24.21 19.61 -30.98
C TRP H 112 -25.12 20.03 -29.83
N THR H 113 -24.82 19.59 -28.62
CA THR H 113 -25.69 19.79 -27.48
C THR H 113 -24.92 20.38 -26.31
N THR H 114 -25.56 21.32 -25.62
CA THR H 114 -25.06 21.83 -24.34
C THR H 114 -25.89 21.32 -23.17
N ALA H 115 -26.73 20.32 -23.40
CA ALA H 115 -27.55 19.72 -22.35
C ALA H 115 -26.96 18.39 -21.92
N TYR H 116 -26.99 18.13 -20.61
CA TYR H 116 -26.41 16.91 -20.07
C TYR H 116 -27.32 15.69 -20.25
N ASP H 117 -28.61 15.89 -20.49
CA ASP H 117 -29.53 14.78 -20.61
C ASP H 117 -29.29 14.00 -21.90
N ARG H 118 -29.70 12.74 -21.88
CA ARG H 118 -29.56 11.85 -23.04
C ARG H 118 -30.84 11.74 -23.86
N LEU H 119 -31.65 12.79 -23.92
CA LEU H 119 -32.89 12.74 -24.67
C LEU H 119 -32.64 12.58 -26.16
N ILE H 120 -31.62 13.27 -26.68
CA ILE H 120 -31.30 13.14 -28.11
C ILE H 120 -30.88 11.72 -28.44
N GLU H 121 -30.05 11.13 -27.59
CA GLU H 121 -29.62 9.75 -27.81
C GLU H 121 -30.80 8.79 -27.78
N LYS H 122 -31.73 9.08 -26.99
CA LYS H 122 -32.81 8.16 -26.81
C LYS H 122 -33.69 8.29 -27.97
N ALA H 123 -33.94 9.50 -28.43
CA ALA H 123 -34.75 9.74 -29.62
C ALA H 123 -34.12 9.07 -30.84
N LEU H 124 -32.80 9.17 -30.97
CA LEU H 124 -32.14 8.54 -32.11
C LEU H 124 -32.22 7.01 -32.04
N GLU H 125 -32.11 6.45 -30.83
CA GLU H 125 -32.16 5.00 -30.69
C GLU H 125 -33.58 4.45 -30.84
N GLU H 126 -34.60 5.25 -30.53
CA GLU H 126 -35.97 4.80 -30.72
C GLU H 126 -36.31 4.61 -32.20
N GLU H 127 -35.70 5.40 -33.07
CA GLU H 127 -35.92 5.31 -34.51
C GLU H 127 -34.99 4.30 -35.17
N ASN H 128 -34.38 3.40 -34.38
CA ASN H 128 -33.45 2.39 -34.89
C ASN H 128 -32.30 3.03 -35.66
N LYS H 129 -31.83 4.17 -35.17
CA LYS H 129 -30.69 4.87 -35.76
C LYS H 129 -29.48 4.71 -34.86
N ILE H 130 -28.36 4.30 -35.46
CA ILE H 130 -27.11 4.15 -34.71
C ILE H 130 -26.54 5.54 -34.43
N ALA H 131 -26.54 5.94 -33.17
CA ALA H 131 -26.08 7.26 -32.77
C ALA H 131 -24.77 7.14 -32.01
N ASP H 132 -23.84 8.02 -32.33
CA ASP H 132 -22.50 8.01 -31.75
C ASP H 132 -22.35 9.25 -30.88
N VAL H 133 -22.49 9.09 -29.58
CA VAL H 133 -22.43 10.21 -28.64
C VAL H 133 -20.97 10.43 -28.25
N LYS H 134 -20.52 11.68 -28.36
CA LYS H 134 -19.15 12.05 -28.05
C LYS H 134 -19.16 13.21 -27.06
N TYR H 135 -18.67 12.97 -25.85
CA TYR H 135 -18.51 14.01 -24.85
C TYR H 135 -17.13 14.03 -24.20
N THR H 136 -16.20 13.21 -24.68
CA THR H 136 -14.84 13.16 -24.16
C THR H 136 -13.86 13.37 -25.32
N VAL H 137 -12.66 13.85 -24.99
CA VAL H 137 -11.66 14.12 -26.00
C VAL H 137 -11.22 12.83 -26.68
N LYS H 138 -11.01 11.78 -25.89
CA LYS H 138 -10.54 10.51 -26.46
C LYS H 138 -11.59 9.91 -27.38
N GLN H 139 -12.88 10.16 -27.12
CA GLN H 139 -13.93 9.58 -27.94
C GLN H 139 -13.93 10.13 -29.36
N LEU H 140 -13.32 11.29 -29.59
CA LEU H 140 -13.30 11.85 -30.93
C LEU H 140 -12.46 11.01 -31.88
N ALA H 141 -11.43 10.33 -31.37
CA ALA H 141 -10.54 9.54 -32.21
C ALA H 141 -11.15 8.23 -32.68
N THR H 142 -12.32 7.85 -32.18
CA THR H 142 -12.98 6.61 -32.57
C THR H 142 -14.37 6.93 -33.10
N THR H 143 -14.69 6.38 -34.27
CA THR H 143 -15.99 6.56 -34.90
C THR H 143 -16.73 5.24 -34.90
N LYS H 144 -17.97 5.25 -34.43
CA LYS H 144 -18.79 4.05 -34.46
C LYS H 144 -19.12 3.67 -35.89
N VAL H 145 -19.06 2.38 -36.17
CA VAL H 145 -19.24 1.89 -37.54
C VAL H 145 -20.69 2.05 -37.94
N LYS H 146 -20.92 2.59 -39.16
CA LYS H 146 -22.25 2.75 -39.73
C LYS H 146 -23.15 3.60 -38.83
N ARG H 147 -22.62 4.71 -38.30
CA ARG H 147 -23.40 5.55 -37.46
C ARG H 147 -24.31 6.33 -38.33
N ASP H 148 -25.49 6.65 -37.82
CA ASP H 148 -26.42 7.50 -38.54
C ASP H 148 -26.35 8.95 -38.12
N ALA H 149 -25.90 9.23 -36.90
CA ALA H 149 -25.74 10.60 -36.42
C ALA H 149 -24.76 10.61 -35.27
N VAL H 150 -24.01 11.69 -35.16
CA VAL H 150 -23.03 11.88 -34.10
C VAL H 150 -23.49 13.05 -33.24
N VAL H 151 -23.61 12.81 -31.93
CA VAL H 151 -24.06 13.82 -30.99
C VAL H 151 -22.85 14.28 -30.20
N TYR H 152 -22.39 15.50 -30.46
CA TYR H 152 -21.29 16.09 -29.71
C TYR H 152 -21.86 16.79 -28.49
N LYS H 153 -21.74 16.17 -27.33
CA LYS H 153 -22.17 16.78 -26.07
C LYS H 153 -21.00 17.62 -25.57
N MET H 154 -20.98 18.89 -25.98
CA MET H 154 -19.81 19.74 -25.77
C MET H 154 -19.69 20.27 -24.36
N HIS H 155 -20.60 19.91 -23.46
CA HIS H 155 -20.52 20.34 -22.08
C HIS H 155 -20.45 19.21 -21.06
N GLY H 156 -20.65 17.97 -21.49
CA GLY H 156 -20.56 16.83 -20.60
C GLY H 156 -21.84 16.03 -20.58
N ASP H 157 -21.72 14.83 -20.04
CA ASP H 157 -22.84 13.90 -19.93
C ASP H 157 -23.34 13.84 -18.50
N VAL H 158 -24.61 13.48 -18.34
CA VAL H 158 -25.21 13.41 -17.01
C VAL H 158 -24.57 12.31 -16.19
N GLU H 159 -24.22 11.19 -16.82
CA GLU H 159 -23.62 10.07 -16.10
C GLU H 159 -22.20 10.36 -15.65
N HIS H 160 -21.61 11.46 -16.10
CA HIS H 160 -20.28 11.90 -15.67
C HIS H 160 -20.40 13.33 -15.16
N PRO H 161 -21.00 13.51 -13.97
CA PRO H 161 -21.23 14.88 -13.47
C PRO H 161 -19.96 15.66 -13.23
N SER H 162 -18.85 14.99 -12.87
CA SER H 162 -17.63 15.71 -12.57
C SER H 162 -17.04 16.40 -13.80
N GLU H 163 -17.37 15.92 -14.99
CA GLU H 163 -16.86 16.52 -16.22
C GLU H 163 -17.79 17.57 -16.81
N ALA H 164 -19.00 17.73 -16.25
CA ALA H 164 -19.95 18.69 -16.79
C ALA H 164 -19.47 20.11 -16.57
N VAL H 165 -19.65 20.96 -17.57
CA VAL H 165 -19.26 22.36 -17.50
C VAL H 165 -20.38 23.11 -16.79
N LEU H 166 -20.19 23.41 -15.52
CA LEU H 166 -21.18 24.09 -14.70
C LEU H 166 -20.66 25.37 -14.08
N ILE H 167 -19.41 25.38 -13.63
CA ILE H 167 -18.87 26.50 -12.86
C ILE H 167 -17.93 27.30 -13.75
N LYS H 168 -17.48 28.45 -13.30
CA LYS H 168 -16.62 29.33 -14.09
C LYS H 168 -15.26 28.83 -14.29
N ASP H 169 -14.74 28.03 -13.42
CA ASP H 169 -13.43 27.42 -13.67
C ASP H 169 -13.50 26.46 -14.84
N ASP H 170 -14.63 25.75 -14.99
CA ASP H 170 -14.80 24.85 -16.12
C ASP H 170 -14.75 25.61 -17.43
N TYR H 171 -15.43 26.75 -17.51
CA TYR H 171 -15.37 27.55 -18.73
C TYR H 171 -13.96 28.11 -18.97
N GLU H 172 -13.29 28.53 -17.90
CA GLU H 172 -11.96 29.09 -18.04
C GLU H 172 -10.97 28.07 -18.59
N LYS H 173 -11.05 26.83 -18.11
CA LYS H 173 -10.15 25.78 -18.56
C LYS H 173 -10.69 24.99 -19.75
N TYR H 174 -11.88 25.33 -20.24
CA TYR H 174 -12.43 24.65 -21.40
C TYR H 174 -11.56 24.81 -22.64
N SER H 175 -11.01 26.01 -22.84
CA SER H 175 -10.21 26.27 -24.03
C SER H 175 -8.96 25.42 -24.10
N ILE H 176 -8.49 24.90 -22.97
CA ILE H 176 -7.30 24.06 -22.93
C ILE H 176 -7.67 22.59 -22.84
N LYS H 177 -8.64 22.23 -22.02
CA LYS H 177 -8.96 20.84 -21.83
C LYS H 177 -9.72 20.29 -22.95
N MET H 178 -10.72 21.00 -23.38
CA MET H 178 -11.62 20.54 -24.43
C MET H 178 -11.36 21.26 -25.75
N ASP H 179 -10.09 21.54 -26.04
CA ASP H 179 -9.74 22.20 -27.30
C ASP H 179 -10.16 21.43 -28.54
N PRO H 180 -10.01 20.10 -28.63
CA PRO H 180 -10.49 19.40 -29.84
C PRO H 180 -11.97 19.62 -30.12
N TYR H 181 -12.80 19.72 -29.08
CA TYR H 181 -14.22 20.02 -29.31
C TYR H 181 -14.40 21.41 -29.87
N ILE H 182 -13.60 22.37 -29.41
CA ILE H 182 -13.66 23.72 -29.97
C ILE H 182 -13.28 23.69 -31.44
N LYS H 183 -12.23 22.97 -31.80
CA LYS H 183 -11.82 22.89 -33.19
C LYS H 183 -12.89 22.20 -34.05
N ALA H 184 -13.50 21.14 -33.52
CA ALA H 184 -14.54 20.43 -34.26
C ALA H 184 -15.75 21.32 -34.49
N LEU H 185 -16.16 22.08 -33.46
CA LEU H 185 -17.29 22.98 -33.62
C LEU H 185 -16.95 24.12 -34.57
N SER H 186 -15.71 24.60 -34.55
CA SER H 186 -15.31 25.63 -35.51
C SER H 186 -15.36 25.10 -36.94
N GLY H 187 -14.95 23.85 -37.14
CA GLY H 187 -15.06 23.26 -38.47
C GLY H 187 -16.50 23.08 -38.90
N ASP H 188 -17.37 22.65 -37.99
CA ASP H 188 -18.77 22.43 -38.33
C ASP H 188 -19.50 23.74 -38.59
N LEU H 189 -19.14 24.81 -37.88
CA LEU H 189 -19.78 26.09 -38.08
C LEU H 189 -19.45 26.72 -39.42
N VAL H 190 -18.44 26.20 -40.12
CA VAL H 190 -18.12 26.69 -41.46
C VAL H 190 -18.37 25.67 -42.55
N SER H 191 -18.51 24.39 -42.22
CA SER H 191 -18.77 23.38 -43.24
C SER H 191 -20.22 22.89 -43.24
N LYS H 192 -21.03 23.28 -42.26
CA LYS H 192 -22.41 22.81 -42.18
C LYS H 192 -23.33 23.96 -41.81
N THR H 193 -24.59 23.84 -42.20
CA THR H 193 -25.61 24.83 -41.86
C THR H 193 -26.29 24.41 -40.56
N PHE H 194 -26.22 25.27 -39.55
CA PHE H 194 -26.72 24.96 -38.22
C PHE H 194 -28.13 25.51 -38.03
N LEU H 195 -28.90 24.83 -37.19
CA LEU H 195 -30.20 25.32 -36.72
C LEU H 195 -30.16 25.33 -35.20
N PHE H 196 -30.00 26.50 -34.62
CA PHE H 196 -29.89 26.64 -33.17
C PHE H 196 -31.29 26.65 -32.57
N VAL H 197 -31.70 25.52 -31.98
CA VAL H 197 -33.01 25.38 -31.37
C VAL H 197 -32.84 25.36 -29.86
N GLY H 198 -33.65 26.14 -29.17
CA GLY H 198 -33.62 26.15 -27.71
C GLY H 198 -32.29 26.61 -27.13
N PHE H 199 -31.64 27.58 -27.77
CA PHE H 199 -30.36 28.10 -27.33
C PHE H 199 -30.47 29.59 -27.09
N SER H 200 -29.87 30.06 -25.99
CA SER H 200 -29.97 31.45 -25.58
C SER H 200 -28.82 32.32 -26.06
N PHE H 201 -27.76 31.72 -26.59
CA PHE H 201 -26.59 32.45 -27.08
C PHE H 201 -25.97 33.34 -26.00
N THR H 202 -25.99 32.85 -24.76
CA THR H 202 -25.29 33.48 -23.66
C THR H 202 -24.14 32.64 -23.14
N ASP H 203 -23.87 31.50 -23.77
CA ASP H 203 -22.82 30.61 -23.30
C ASP H 203 -21.45 31.19 -23.67
N PRO H 204 -20.55 31.36 -22.70
CA PRO H 204 -19.22 31.92 -23.03
C PRO H 204 -18.45 31.10 -24.05
N ASN H 205 -18.56 29.77 -24.01
CA ASN H 205 -17.87 28.94 -24.99
C ASN H 205 -18.36 29.22 -26.40
N LEU H 206 -19.68 29.31 -26.58
CA LEU H 206 -20.23 29.59 -27.90
C LEU H 206 -19.86 31.01 -28.35
N ASP H 207 -19.86 31.96 -27.43
CA ASP H 207 -19.43 33.31 -27.79
C ASP H 207 -17.99 33.32 -28.29
N TYR H 208 -17.10 32.62 -27.57
CA TYR H 208 -15.70 32.55 -27.97
C TYR H 208 -15.55 31.88 -29.33
N ILE H 209 -16.25 30.76 -29.54
CA ILE H 209 -16.11 30.03 -30.80
C ILE H 209 -16.65 30.85 -31.97
N LEU H 210 -17.82 31.47 -31.79
CA LEU H 210 -18.40 32.29 -32.84
C LEU H 210 -17.55 33.52 -33.15
N SER H 211 -16.98 34.15 -32.11
CA SER H 211 -16.09 35.27 -32.34
C SER H 211 -14.84 34.84 -33.11
N ARG H 212 -14.30 33.67 -32.78
CA ARG H 212 -13.15 33.17 -33.53
C ARG H 212 -13.50 32.90 -34.99
N VAL H 213 -14.68 32.30 -35.22
CA VAL H 213 -15.10 32.03 -36.59
C VAL H 213 -15.26 33.34 -37.37
N ARG H 214 -15.90 34.33 -36.76
CA ARG H 214 -16.08 35.62 -37.43
C ARG H 214 -14.73 36.29 -37.72
N SER H 215 -13.81 36.25 -36.76
CA SER H 215 -12.50 36.83 -36.98
C SER H 215 -11.76 36.11 -38.08
N ALA H 216 -11.97 34.80 -38.23
CA ALA H 216 -11.30 34.05 -39.28
C ALA H 216 -11.89 34.29 -40.66
N TYR H 217 -13.21 34.46 -40.74
CA TYR H 217 -13.89 34.53 -42.04
C TYR H 217 -14.51 35.88 -42.35
N GLU H 218 -14.68 36.76 -41.38
CA GLU H 218 -15.19 38.12 -41.59
C GLU H 218 -16.56 38.02 -42.24
N ARG H 219 -16.80 38.65 -43.39
CA ARG H 219 -18.14 38.72 -43.97
C ARG H 219 -18.50 37.50 -44.80
N ASP H 220 -17.60 36.55 -44.96
CA ASP H 220 -17.85 35.36 -45.78
C ASP H 220 -18.26 34.15 -44.94
N GLN H 221 -18.87 34.38 -43.78
CA GLN H 221 -19.30 33.29 -42.93
C GLN H 221 -20.52 32.59 -43.52
N ARG H 222 -20.62 31.30 -43.24
CA ARG H 222 -21.77 30.53 -43.68
C ARG H 222 -23.02 30.98 -42.92
N ARG H 223 -24.16 30.89 -43.58
CA ARG H 223 -25.44 31.29 -42.98
C ARG H 223 -25.96 30.19 -42.05
N HIS H 224 -26.25 30.57 -40.81
CA HIS H 224 -26.87 29.69 -39.84
C HIS H 224 -28.23 30.24 -39.42
N TYR H 225 -29.10 29.35 -39.00
CA TYR H 225 -30.46 29.71 -38.63
C TYR H 225 -30.68 29.46 -37.14
N CYS H 226 -31.55 30.28 -36.54
CA CYS H 226 -31.83 30.19 -35.12
C CYS H 226 -33.33 30.34 -34.90
N LEU H 227 -33.81 29.79 -33.78
CA LEU H 227 -35.21 29.88 -33.37
C LEU H 227 -35.27 30.45 -31.97
N ILE H 228 -35.86 31.64 -31.84
CA ILE H 228 -35.97 32.33 -30.56
C ILE H 228 -37.40 32.83 -30.42
N LYS H 229 -38.01 32.58 -29.26
CA LYS H 229 -39.35 33.05 -29.00
C LYS H 229 -39.34 34.55 -28.69
N LYS H 230 -40.30 35.27 -29.26
CA LYS H 230 -40.44 36.69 -28.94
C LYS H 230 -40.83 36.87 -27.48
N GLU H 231 -40.41 38.00 -26.91
CA GLU H 231 -40.74 38.29 -25.52
C GLU H 231 -42.24 38.55 -25.38
N GLU H 232 -42.84 37.95 -24.35
CA GLU H 232 -44.24 38.15 -24.04
C GLU H 232 -44.39 38.84 -22.70
N ARG H 233 -45.42 39.66 -22.58
CA ARG H 233 -45.62 40.44 -21.37
C ARG H 233 -45.92 39.54 -20.19
N ARG H 234 -45.25 39.81 -19.07
CA ARG H 234 -45.48 39.06 -17.85
C ARG H 234 -46.83 39.43 -17.25
N PRO H 235 -47.39 38.59 -16.37
CA PRO H 235 -48.74 38.86 -15.85
C PRO H 235 -48.87 40.21 -15.18
N ASP H 236 -47.85 40.69 -14.47
CA ASP H 236 -47.88 41.98 -13.80
C ASP H 236 -46.64 42.75 -14.21
N GLU H 237 -46.77 43.60 -15.24
CA GLU H 237 -45.66 44.38 -15.73
C GLU H 237 -46.19 45.60 -16.47
N LEU H 238 -45.47 46.70 -16.35
CA LEU H 238 -45.84 47.91 -17.06
C LEU H 238 -45.59 47.75 -18.56
N GLU H 239 -46.29 48.58 -19.35
CA GLU H 239 -46.11 48.54 -20.79
C GLU H 239 -44.70 48.98 -21.18
N ALA H 240 -44.18 50.02 -20.52
CA ALA H 240 -42.88 50.56 -20.89
C ALA H 240 -41.77 49.54 -20.71
N ASP H 241 -41.80 48.79 -19.60
CA ASP H 241 -40.76 47.79 -19.37
C ASP H 241 -40.87 46.63 -20.36
N PHE H 242 -42.10 46.28 -20.75
CA PHE H 242 -42.25 45.26 -21.78
C PHE H 242 -41.69 45.72 -23.11
N GLU H 243 -41.94 46.98 -23.48
CA GLU H 243 -41.37 47.51 -24.71
C GLU H 243 -39.86 47.59 -24.63
N TYR H 244 -39.32 47.90 -23.45
CA TYR H 244 -37.88 47.87 -23.26
C TYR H 244 -37.32 46.48 -23.46
N ARG H 245 -37.99 45.47 -22.93
CA ARG H 245 -37.55 44.08 -23.13
C ARG H 245 -37.59 43.69 -24.59
N VAL H 246 -38.66 44.10 -25.29
CA VAL H 246 -38.77 43.78 -26.71
C VAL H 246 -37.66 44.47 -27.50
N ARG H 247 -37.35 45.72 -27.16
CA ARG H 247 -36.27 46.43 -27.84
C ARG H 247 -34.92 45.76 -27.59
N LYS H 248 -34.77 45.26 -26.31
CA LYS H 248 -33.53 44.64 -26.00
C LYS H 248 -33.44 43.35 -26.74
N GLN H 249 -34.45 42.61 -26.90
CA GLN H 249 -34.44 41.35 -27.65
C GLN H 249 -34.20 41.60 -29.13
N GLU H 250 -34.76 42.67 -29.69
CA GLU H 250 -34.50 43.00 -31.09
C GLU H 250 -33.04 43.33 -31.31
N LEU H 251 -32.43 44.09 -30.39
CA LEU H 251 -31.01 44.38 -30.49
C LEU H 251 -30.18 43.10 -30.40
N PHE H 252 -30.56 42.19 -29.49
CA PHE H 252 -29.85 40.93 -29.36
C PHE H 252 -29.95 40.10 -30.64
N ILE H 253 -31.14 40.06 -31.23
CA ILE H 253 -31.34 39.31 -32.47
C ILE H 253 -30.49 39.91 -33.59
N SER H 254 -30.47 41.24 -33.69
CA SER H 254 -29.64 41.89 -34.70
C SER H 254 -28.16 41.59 -34.47
N ASP H 255 -27.73 41.60 -33.21
CA ASP H 255 -26.34 41.29 -32.89
C ASP H 255 -25.99 39.85 -33.22
N LEU H 256 -26.97 38.95 -33.16
CA LEU H 256 -26.72 37.57 -33.55
C LEU H 256 -26.36 37.47 -35.03
N SER H 257 -27.02 38.26 -35.87
CA SER H 257 -26.73 38.22 -37.30
C SER H 257 -25.34 38.77 -37.63
N ARG H 258 -24.57 39.25 -36.68
CA ARG H 258 -23.18 39.72 -36.91
C ARG H 258 -22.36 38.58 -37.20
N PHE H 259 -22.71 37.46 -36.64
CA PHE H 259 -22.05 36.22 -37.01
C PHE H 259 -22.79 35.48 -38.11
N ASN H 260 -23.66 36.16 -38.84
CA ASN H 260 -24.47 35.58 -39.92
C ASN H 260 -25.33 34.43 -39.41
N ILE H 261 -25.99 34.65 -38.28
CA ILE H 261 -26.95 33.70 -37.73
C ILE H 261 -28.33 34.35 -37.83
N LYS H 262 -29.09 33.96 -38.85
CA LYS H 262 -30.42 34.52 -39.03
C LYS H 262 -31.36 33.96 -37.97
N THR H 263 -32.08 34.84 -37.29
CA THR H 263 -32.96 34.45 -36.19
C THR H 263 -34.41 34.51 -36.65
N ILE H 264 -35.15 33.45 -36.40
CA ILE H 264 -36.57 33.38 -36.71
C ILE H 264 -37.35 33.63 -35.43
N VAL H 265 -38.19 34.66 -35.44
CA VAL H 265 -38.99 35.01 -34.26
C VAL H 265 -40.20 34.09 -34.22
N LEU H 266 -40.37 33.41 -33.09
CA LEU H 266 -41.46 32.46 -32.91
C LEU H 266 -42.41 32.98 -31.84
N ASN H 267 -43.70 33.05 -32.18
CA ASN H 267 -44.68 33.56 -31.23
C ASN H 267 -44.80 32.64 -30.01
N ASN H 268 -44.82 31.34 -30.23
CA ASN H 268 -45.01 30.36 -29.17
C ASN H 268 -43.89 29.32 -29.22
N TYR H 269 -43.68 28.65 -28.09
CA TYR H 269 -42.76 27.52 -28.07
C TYR H 269 -43.29 26.37 -28.90
N ASN H 270 -44.61 26.20 -28.93
CA ASN H 270 -45.21 25.12 -29.72
C ASN H 270 -45.09 25.35 -31.21
N GLU H 271 -44.67 26.53 -31.66
CA GLU H 271 -44.44 26.74 -33.08
C GLU H 271 -43.18 26.03 -33.56
N ILE H 272 -42.29 25.66 -32.63
CA ILE H 272 -41.11 24.90 -33.00
C ILE H 272 -41.51 23.54 -33.56
N THR H 273 -42.46 22.88 -32.89
CA THR H 273 -42.96 21.60 -33.38
C THR H 273 -43.65 21.76 -34.73
N GLU H 274 -44.27 22.89 -34.95
CA GLU H 274 -44.99 23.06 -36.19
C GLU H 274 -44.03 23.34 -37.27
N ILE H 275 -42.93 23.97 -36.98
CA ILE H 275 -41.89 24.20 -37.99
C ILE H 275 -41.20 22.89 -38.33
N LEU H 276 -40.88 22.09 -37.31
CA LEU H 276 -40.19 20.82 -37.56
C LEU H 276 -41.07 19.85 -38.34
N GLN H 277 -42.38 19.85 -38.05
CA GLN H 277 -43.30 19.01 -38.81
C GLN H 277 -43.33 19.43 -40.27
N ARG H 278 -43.33 20.74 -40.53
CA ARG H 278 -43.28 21.23 -41.91
C ARG H 278 -41.99 20.81 -42.59
N ILE H 279 -40.86 20.92 -41.88
CA ILE H 279 -39.58 20.56 -42.45
C ILE H 279 -39.53 19.08 -42.80
N GLU H 280 -40.08 18.23 -41.94
CA GLU H 280 -40.13 16.80 -42.23
C GLU H 280 -41.10 16.51 -43.37
N ASN H 281 -42.25 17.19 -43.39
CA ASN H 281 -43.25 16.96 -44.43
C ASN H 281 -42.74 17.34 -45.81
N ASN H 282 -41.98 18.42 -45.91
CA ASN H 282 -41.36 18.77 -47.19
C ASN H 282 -40.34 17.74 -47.63
N ILE H 283 -39.82 16.94 -46.70
CA ILE H 283 -38.89 15.87 -47.03
C ILE H 283 -39.60 14.54 -47.17
N LYS H 284 -40.54 14.26 -46.27
CA LYS H 284 -41.27 12.99 -46.31
C LYS H 284 -42.09 12.87 -47.60
N THR H 285 -42.76 13.95 -48.00
CA THR H 285 -43.63 13.90 -49.17
C THR H 285 -42.86 14.02 -50.49
N LYS H 286 -41.54 14.17 -50.45
CA LYS H 286 -40.77 14.23 -51.68
C LYS H 286 -40.78 12.92 -52.44
N THR H 287 -41.19 11.82 -51.81
CA THR H 287 -41.25 10.51 -52.45
C THR H 287 -42.70 10.10 -52.60
N VAL H 288 -43.08 9.70 -53.80
CA VAL H 288 -44.45 9.30 -54.10
C VAL H 288 -44.48 7.81 -54.35
N PHE H 289 -45.67 7.21 -54.17
CA PHE H 289 -45.87 5.79 -54.39
C PHE H 289 -46.94 5.62 -55.46
N LEU H 290 -46.52 5.25 -56.67
CA LEU H 290 -47.44 5.07 -57.79
C LEU H 290 -48.04 3.67 -57.68
N SER H 291 -49.24 3.61 -57.12
CA SER H 291 -49.94 2.34 -56.97
C SER H 291 -50.97 2.16 -58.07
N GLY H 292 -51.15 0.92 -58.49
CA GLY H 292 -52.13 0.62 -59.51
C GLY H 292 -51.80 -0.67 -60.23
N SER H 293 -52.79 -1.16 -60.96
CA SER H 293 -52.68 -2.36 -61.76
C SER H 293 -53.87 -2.39 -62.71
N ALA H 294 -53.61 -2.63 -63.99
CA ALA H 294 -54.68 -2.50 -64.97
C ALA H 294 -54.55 -3.54 -66.07
N VAL H 295 -55.67 -4.21 -66.35
CA VAL H 295 -55.83 -4.93 -67.59
C VAL H 295 -56.84 -4.26 -68.51
N GLU H 296 -57.73 -3.43 -67.97
CA GLU H 296 -58.58 -2.54 -68.73
C GLU H 296 -58.27 -1.11 -68.31
N TYR H 297 -58.48 -0.17 -69.22
CA TYR H 297 -58.08 1.22 -68.98
C TYR H 297 -59.27 2.15 -69.14
N ASN H 298 -60.45 1.70 -68.71
CA ASN H 298 -61.65 2.53 -68.66
C ASN H 298 -61.95 3.21 -69.99
N HIS H 299 -62.24 4.51 -69.93
CA HIS H 299 -62.65 5.24 -71.13
C HIS H 299 -61.55 5.27 -72.18
N TRP H 300 -60.30 5.48 -71.76
CA TRP H 300 -59.20 5.55 -72.69
C TRP H 300 -58.88 4.16 -73.26
N GLU H 301 -58.20 4.15 -74.39
CA GLU H 301 -57.67 2.94 -74.98
C GLU H 301 -56.39 2.55 -74.25
N THR H 302 -55.93 1.32 -74.51
CA THR H 302 -54.72 0.85 -73.84
C THR H 302 -53.52 1.73 -74.17
N GLU H 303 -53.36 2.09 -75.45
CA GLU H 303 -52.24 2.93 -75.84
C GLU H 303 -52.35 4.32 -75.21
N HIS H 304 -53.55 4.90 -75.20
CA HIS H 304 -53.72 6.24 -74.65
C HIS H 304 -53.43 6.25 -73.15
N ALA H 305 -53.91 5.24 -72.42
CA ALA H 305 -53.64 5.18 -70.99
C ALA H 305 -52.18 4.88 -70.69
N GLU H 306 -51.54 4.06 -71.54
CA GLU H 306 -50.11 3.84 -71.39
C GLU H 306 -49.34 5.14 -71.56
N GLN H 307 -49.72 5.95 -72.55
CA GLN H 307 -49.09 7.26 -72.72
C GLN H 307 -49.37 8.14 -71.51
N PHE H 308 -50.59 8.07 -70.96
CA PHE H 308 -50.92 8.87 -69.78
C PHE H 308 -50.00 8.52 -68.61
N ILE H 309 -49.87 7.22 -68.31
CA ILE H 309 -49.03 6.81 -67.20
C ILE H 309 -47.57 7.17 -67.45
N HIS H 310 -47.10 6.96 -68.68
CA HIS H 310 -45.74 7.31 -69.05
C HIS H 310 -45.46 8.79 -68.81
N GLN H 311 -46.34 9.65 -69.31
CA GLN H 311 -46.14 11.08 -69.15
C GLN H 311 -46.31 11.53 -67.70
N LEU H 312 -47.20 10.87 -66.94
CA LEU H 312 -47.33 11.20 -65.52
C LEU H 312 -46.04 10.90 -64.78
N SER H 313 -45.44 9.74 -65.03
CA SER H 313 -44.17 9.43 -64.38
C SER H 313 -43.07 10.37 -64.83
N LYS H 314 -43.05 10.72 -66.12
CA LYS H 314 -42.05 11.64 -66.63
C LYS H 314 -42.17 13.00 -65.95
N GLU H 315 -43.40 13.50 -65.80
CA GLU H 315 -43.61 14.77 -65.13
C GLU H 315 -43.21 14.69 -63.65
N LEU H 316 -43.56 13.58 -62.99
CA LEU H 316 -43.21 13.43 -61.58
C LEU H 316 -41.70 13.45 -61.39
N ILE H 317 -40.96 12.73 -62.23
CA ILE H 317 -39.51 12.74 -62.11
C ILE H 317 -38.94 14.11 -62.48
N ARG H 318 -39.55 14.77 -63.47
CA ARG H 318 -39.07 16.08 -63.89
C ARG H 318 -39.21 17.11 -62.78
N LYS H 319 -40.19 16.94 -61.89
CA LYS H 319 -40.40 17.86 -60.78
C LYS H 319 -39.66 17.44 -59.52
N ASP H 320 -38.56 16.70 -59.67
CA ASP H 320 -37.69 16.32 -58.54
C ASP H 320 -38.44 15.50 -57.50
N PHE H 321 -39.24 14.55 -57.95
CA PHE H 321 -39.90 13.59 -57.08
C PHE H 321 -39.24 12.23 -57.20
N ASN H 322 -39.39 11.43 -56.16
CA ASN H 322 -38.87 10.06 -56.13
C ASN H 322 -40.04 9.10 -56.28
N ILE H 323 -39.97 8.23 -57.28
CA ILE H 323 -41.05 7.30 -57.59
C ILE H 323 -40.68 5.94 -57.04
N VAL H 324 -41.53 5.40 -56.17
CA VAL H 324 -41.43 4.04 -55.68
C VAL H 324 -42.59 3.24 -56.28
N SER H 325 -42.27 2.22 -57.06
CA SER H 325 -43.29 1.44 -57.75
C SER H 325 -43.13 -0.04 -57.40
N GLY H 326 -44.25 -0.69 -57.15
CA GLY H 326 -44.25 -2.13 -56.92
C GLY H 326 -44.24 -2.96 -58.18
N PHE H 327 -44.01 -2.34 -59.33
CA PHE H 327 -44.00 -3.01 -60.62
C PHE H 327 -45.31 -3.76 -60.84
N GLY H 328 -46.42 -3.08 -60.57
CA GLY H 328 -47.72 -3.68 -60.78
C GLY H 328 -48.03 -3.89 -62.25
N LEU H 329 -48.89 -4.88 -62.51
CA LEU H 329 -49.21 -5.23 -63.88
C LEU H 329 -50.06 -4.15 -64.52
N GLY H 330 -49.51 -3.47 -65.52
CA GLY H 330 -50.23 -2.48 -66.30
C GLY H 330 -49.79 -1.05 -66.05
N VAL H 331 -49.14 -0.77 -64.93
CA VAL H 331 -48.69 0.60 -64.66
C VAL H 331 -47.18 0.61 -64.40
N GLY H 332 -46.64 -0.50 -63.90
CA GLY H 332 -45.24 -0.52 -63.52
C GLY H 332 -44.31 -0.35 -64.71
N SER H 333 -44.60 -1.06 -65.81
CA SER H 333 -43.75 -0.95 -66.99
C SER H 333 -43.77 0.46 -67.56
N PHE H 334 -44.94 1.09 -67.60
CA PHE H 334 -45.04 2.43 -68.17
C PHE H 334 -44.42 3.47 -67.24
N VAL H 335 -44.53 3.26 -65.92
CA VAL H 335 -43.82 4.12 -64.98
C VAL H 335 -42.32 4.02 -65.22
N ILE H 336 -41.81 2.80 -65.39
CA ILE H 336 -40.39 2.61 -65.68
C ILE H 336 -40.01 3.33 -66.97
N ASN H 337 -40.85 3.19 -68.01
CA ASN H 337 -40.55 3.83 -69.28
C ASN H 337 -40.48 5.34 -69.13
N GLY H 338 -41.43 5.93 -68.42
CA GLY H 338 -41.41 7.37 -68.22
C GLY H 338 -40.18 7.83 -67.45
N VAL H 339 -39.86 7.11 -66.37
CA VAL H 339 -38.70 7.49 -65.55
C VAL H 339 -37.42 7.39 -66.37
N LEU H 340 -37.27 6.31 -67.14
CA LEU H 340 -36.07 6.15 -67.97
C LEU H 340 -35.98 7.24 -69.03
N GLU H 341 -37.10 7.57 -69.67
CA GLU H 341 -37.08 8.59 -70.70
C GLU H 341 -36.69 9.95 -70.11
N GLU H 342 -37.18 10.26 -68.91
CA GLU H 342 -36.82 11.52 -68.28
C GLU H 342 -35.36 11.53 -67.84
N LEU H 343 -34.89 10.43 -67.26
CA LEU H 343 -33.54 10.42 -66.67
C LEU H 343 -32.47 10.36 -67.74
N TYR H 344 -32.65 9.54 -68.77
CA TYR H 344 -31.62 9.36 -69.79
C TYR H 344 -31.50 10.55 -70.72
N MET H 345 -32.43 11.50 -70.67
CA MET H 345 -32.37 12.69 -71.51
C MET H 345 -31.42 13.73 -70.93
N THR H 349 -27.17 6.82 -66.37
CA THR H 349 -27.35 5.91 -65.25
C THR H 349 -28.61 6.23 -64.48
N ILE H 350 -28.98 5.35 -63.55
CA ILE H 350 -30.17 5.52 -62.73
C ILE H 350 -29.73 5.68 -61.28
N ASP H 351 -30.07 6.81 -60.67
CA ASP H 351 -29.82 7.00 -59.25
C ASP H 351 -30.75 6.10 -58.44
N ASP H 352 -30.22 5.55 -57.34
CA ASP H 352 -31.01 4.66 -56.51
C ASP H 352 -32.13 5.41 -55.78
N ASP H 353 -32.08 6.74 -55.76
CA ASP H 353 -33.10 7.52 -55.07
C ASP H 353 -34.23 7.96 -55.99
N ARG H 354 -34.01 8.03 -57.29
CA ARG H 354 -35.03 8.54 -58.20
C ARG H 354 -36.10 7.49 -58.48
N LEU H 355 -35.69 6.32 -58.93
CA LEU H 355 -36.61 5.22 -59.22
C LEU H 355 -36.25 4.03 -58.34
N ILE H 356 -37.22 3.53 -57.59
CA ILE H 356 -37.05 2.39 -56.71
C ILE H 356 -38.06 1.33 -57.13
N LEU H 357 -37.56 0.20 -57.63
CA LEU H 357 -38.41 -0.88 -58.11
C LEU H 357 -38.44 -2.00 -57.09
N ARG H 358 -39.65 -2.44 -56.75
CA ARG H 358 -39.85 -3.57 -55.83
C ARG H 358 -40.86 -4.53 -56.43
N PRO H 359 -40.46 -5.30 -57.44
CA PRO H 359 -41.38 -6.28 -58.02
C PRO H 359 -41.80 -7.31 -56.98
N PHE H 360 -43.05 -7.72 -57.05
CA PHE H 360 -43.58 -8.65 -56.06
C PHE H 360 -43.25 -10.09 -56.46
N PRO H 361 -42.61 -10.86 -55.58
CA PRO H 361 -42.28 -12.25 -55.93
C PRO H 361 -43.53 -13.06 -56.22
N GLN H 362 -43.54 -13.72 -57.37
CA GLN H 362 -44.68 -14.52 -57.79
C GLN H 362 -44.50 -15.96 -57.34
N GLY H 363 -45.53 -16.50 -56.68
CA GLY H 363 -45.46 -17.83 -56.11
C GLY H 363 -46.04 -17.87 -54.71
N LYS H 364 -46.48 -19.05 -54.26
CA LYS H 364 -47.09 -19.17 -52.94
C LYS H 364 -46.09 -18.87 -51.82
N LYS H 365 -44.79 -18.98 -52.10
CA LYS H 365 -43.80 -18.66 -51.07
C LYS H 365 -43.67 -17.16 -50.87
N GLY H 366 -43.78 -16.37 -51.94
CA GLY H 366 -43.67 -14.92 -51.83
C GLY H 366 -44.94 -14.24 -51.35
N GLU H 367 -46.10 -14.85 -51.55
CA GLU H 367 -47.35 -14.23 -51.11
C GLU H 367 -47.39 -14.07 -49.59
N GLU H 368 -46.72 -14.96 -48.86
CA GLU H 368 -46.71 -14.86 -47.41
C GLU H 368 -45.93 -13.64 -46.93
N GLN H 369 -44.89 -13.25 -47.68
CA GLN H 369 -44.11 -12.06 -47.35
C GLN H 369 -44.59 -10.83 -48.10
N TRP H 370 -45.58 -10.98 -48.98
CA TRP H 370 -46.11 -9.83 -49.73
C TRP H 370 -46.53 -8.68 -48.82
N ASP H 371 -47.16 -9.00 -47.69
CA ASP H 371 -47.68 -7.94 -46.82
C ASP H 371 -46.55 -7.09 -46.24
N LYS H 372 -45.52 -7.74 -45.68
CA LYS H 372 -44.41 -6.97 -45.14
C LYS H 372 -43.62 -6.28 -46.24
N TYR H 373 -43.59 -6.86 -47.42
CA TYR H 373 -42.91 -6.25 -48.55
C TYR H 373 -43.62 -4.99 -48.91
N ARG H 374 -44.94 -5.02 -48.92
CA ARG H 374 -45.73 -3.85 -49.29
C ARG H 374 -45.67 -2.77 -48.25
N ARG H 375 -45.64 -3.16 -46.99
CA ARG H 375 -45.48 -2.17 -45.93
C ARG H 375 -44.10 -1.52 -46.00
N ASP H 376 -43.07 -2.30 -46.33
CA ASP H 376 -41.73 -1.74 -46.48
C ASP H 376 -41.68 -0.76 -47.64
N MET H 377 -42.31 -1.10 -48.77
CA MET H 377 -42.36 -0.18 -49.89
C MET H 377 -43.04 1.13 -49.50
N ILE H 378 -44.23 1.04 -48.91
CA ILE H 378 -45.02 2.24 -48.64
C ILE H 378 -44.35 3.08 -47.56
N THR H 379 -43.66 2.44 -46.60
CA THR H 379 -42.97 3.19 -45.56
C THR H 379 -41.90 4.11 -46.15
N ARG H 380 -41.33 3.73 -47.30
CA ARG H 380 -40.31 4.55 -47.93
C ARG H 380 -40.87 5.85 -48.51
N THR H 381 -42.18 5.94 -48.70
CA THR H 381 -42.80 7.05 -49.40
C THR H 381 -43.53 7.98 -48.45
N GLY H 382 -43.98 9.11 -49.00
CA GLY H 382 -44.76 10.06 -48.23
C GLY H 382 -46.14 10.33 -48.80
N VAL H 383 -46.28 10.19 -50.12
CA VAL H 383 -47.53 10.45 -50.83
C VAL H 383 -47.85 9.23 -51.68
N SER H 384 -49.12 8.84 -51.72
CA SER H 384 -49.56 7.68 -52.51
C SER H 384 -50.55 8.13 -53.58
N ILE H 385 -50.28 7.75 -54.82
CA ILE H 385 -51.14 8.05 -55.96
C ILE H 385 -51.63 6.73 -56.54
N PHE H 386 -52.94 6.63 -56.77
CA PHE H 386 -53.58 5.38 -57.14
C PHE H 386 -54.21 5.52 -58.53
N LEU H 387 -53.89 4.57 -59.41
CA LEU H 387 -54.38 4.57 -60.78
C LEU H 387 -55.09 3.25 -61.06
N TYR H 388 -56.30 3.33 -61.60
CA TYR H 388 -57.09 2.16 -61.98
C TYR H 388 -57.21 1.17 -60.82
N GLY H 389 -56.75 -0.06 -61.02
CA GLY H 389 -56.79 -1.02 -59.94
C GLY H 389 -57.65 -2.25 -60.19
N ASN H 390 -57.72 -2.69 -61.45
CA ASN H 390 -58.41 -3.94 -61.78
C ASN H 390 -57.39 -5.00 -62.17
N LYS H 391 -57.74 -6.23 -62.13
CA LYS H 391 -56.84 -7.32 -62.49
C LYS H 391 -57.67 -8.45 -63.06
N ILE H 392 -57.13 -9.24 -63.91
CA ILE H 392 -57.78 -10.35 -64.59
C ILE H 392 -57.78 -11.56 -63.66
N ASP H 393 -58.96 -12.08 -63.35
CA ASP H 393 -59.11 -13.22 -62.47
C ASP H 393 -60.29 -14.06 -62.93
N LYS H 394 -60.09 -15.37 -63.01
CA LYS H 394 -61.12 -16.31 -63.45
C LYS H 394 -61.66 -15.92 -64.83
N GLY H 395 -60.78 -15.39 -65.68
CA GLY H 395 -61.19 -14.96 -67.01
C GLY H 395 -62.01 -13.70 -67.05
N GLN H 396 -62.11 -12.98 -65.93
CA GLN H 396 -62.90 -11.76 -65.85
C GLN H 396 -62.08 -10.65 -65.22
N VAL H 397 -62.46 -9.41 -65.50
CA VAL H 397 -61.74 -8.23 -65.03
C VAL H 397 -62.31 -7.90 -63.65
N VAL H 398 -61.74 -8.52 -62.63
CA VAL H 398 -62.14 -8.28 -61.25
C VAL H 398 -61.45 -7.03 -60.73
N LYS H 399 -61.90 -6.51 -59.59
CA LYS H 399 -61.25 -5.38 -58.95
C LYS H 399 -60.09 -5.89 -58.10
N ALA H 400 -58.92 -5.26 -58.27
CA ALA H 400 -57.70 -5.72 -57.61
C ALA H 400 -57.67 -5.23 -56.17
N LYS H 401 -57.64 -6.16 -55.23
CA LYS H 401 -57.64 -5.81 -53.81
C LYS H 401 -56.29 -5.31 -53.31
N GLY H 402 -55.22 -5.52 -54.08
CA GLY H 402 -53.92 -5.02 -53.66
C GLY H 402 -53.85 -3.50 -53.64
N VAL H 403 -54.53 -2.85 -54.58
CA VAL H 403 -54.58 -1.38 -54.55
C VAL H 403 -55.29 -0.90 -53.30
N GLN H 404 -56.40 -1.56 -52.93
CA GLN H 404 -57.09 -1.21 -51.70
C GLN H 404 -56.19 -1.46 -50.48
N SER H 405 -55.43 -2.56 -50.49
CA SER H 405 -54.53 -2.85 -49.39
C SER H 405 -53.44 -1.78 -49.28
N GLU H 406 -52.92 -1.33 -50.41
CA GLU H 406 -51.93 -0.29 -50.39
C GLU H 406 -52.55 0.98 -49.86
N PHE H 407 -53.74 1.32 -50.30
CA PHE H 407 -54.42 2.51 -49.79
C PHE H 407 -54.56 2.44 -48.28
N ASN H 408 -54.97 1.28 -47.76
CA ASN H 408 -55.14 1.12 -46.32
C ASN H 408 -53.81 1.26 -45.60
N ILE H 409 -52.74 0.67 -46.15
CA ILE H 409 -51.43 0.77 -45.52
C ILE H 409 -50.93 2.21 -45.52
N SER H 410 -51.10 2.92 -46.64
CA SER H 410 -50.67 4.32 -46.69
C SER H 410 -51.47 5.17 -45.71
N PHE H 411 -52.79 4.92 -45.62
CA PHE H 411 -53.61 5.67 -44.68
C PHE H 411 -53.21 5.39 -43.23
N GLU H 412 -52.85 4.13 -42.93
CA GLU H 412 -52.38 3.81 -41.60
C GLU H 412 -51.09 4.55 -41.26
N GLN H 413 -50.31 4.91 -42.27
CA GLN H 413 -49.03 5.59 -42.07
C GLN H 413 -49.17 7.10 -42.15
N ASN H 414 -50.39 7.63 -42.21
CA ASN H 414 -50.64 9.06 -42.32
C ASN H 414 -50.06 9.63 -43.61
N ASN H 415 -49.94 8.81 -44.65
CA ASN H 415 -49.54 9.29 -45.95
C ASN H 415 -50.70 9.98 -46.65
N TYR H 416 -50.37 11.00 -47.44
CA TYR H 416 -51.37 11.66 -48.26
C TYR H 416 -51.78 10.73 -49.38
N VAL H 417 -53.08 10.48 -49.50
CA VAL H 417 -53.62 9.60 -50.53
C VAL H 417 -54.21 10.45 -51.64
N VAL H 418 -53.85 10.13 -52.89
CA VAL H 418 -54.35 10.85 -54.04
C VAL H 418 -54.96 9.84 -55.00
N PRO H 419 -56.20 9.41 -54.79
CA PRO H 419 -56.82 8.46 -55.72
C PRO H 419 -57.29 9.14 -57.00
N VAL H 420 -56.68 8.76 -58.12
CA VAL H 420 -57.03 9.33 -59.41
C VAL H 420 -58.33 8.67 -59.86
N GLY H 421 -59.45 9.34 -59.62
CA GLY H 421 -60.74 8.75 -59.94
C GLY H 421 -61.08 8.71 -61.42
N ALA H 422 -60.41 9.52 -62.23
CA ALA H 422 -60.63 9.47 -63.67
C ALA H 422 -60.18 8.14 -64.27
N THR H 423 -59.21 7.46 -63.65
CA THR H 423 -58.79 6.16 -64.15
C THR H 423 -59.89 5.12 -63.99
N GLY H 424 -60.65 5.21 -62.91
CA GLY H 424 -61.79 4.32 -62.72
C GLY H 424 -61.44 3.08 -61.92
N TYR H 425 -62.44 2.19 -61.83
CA TYR H 425 -62.34 0.91 -61.15
C TYR H 425 -62.20 1.10 -59.65
N ILE H 426 -61.16 0.54 -59.04
CA ILE H 426 -61.03 0.62 -57.59
C ILE H 426 -60.52 2.00 -57.20
N ALA H 427 -59.90 2.69 -58.15
CA ALA H 427 -59.49 4.07 -57.92
C ALA H 427 -60.67 5.02 -57.83
N LYS H 428 -61.74 4.78 -58.59
CA LYS H 428 -62.94 5.57 -58.43
C LYS H 428 -63.59 5.35 -57.07
N ASP H 429 -63.61 4.09 -56.60
CA ASP H 429 -64.14 3.80 -55.27
C ASP H 429 -63.30 4.48 -54.20
N LEU H 430 -61.98 4.44 -54.34
CA LEU H 430 -61.10 5.14 -53.41
C LEU H 430 -61.37 6.63 -53.41
N TRP H 431 -61.56 7.20 -54.60
CA TRP H 431 -61.85 8.64 -54.69
C TRP H 431 -63.16 8.97 -53.98
N ASN H 432 -64.19 8.16 -54.19
CA ASN H 432 -65.46 8.39 -53.51
C ASN H 432 -65.31 8.26 -52.00
N LYS H 433 -64.54 7.26 -51.55
CA LYS H 433 -64.34 7.06 -50.12
C LYS H 433 -63.65 8.25 -49.49
N VAL H 434 -62.62 8.78 -50.15
CA VAL H 434 -61.94 9.96 -49.62
C VAL H 434 -62.85 11.18 -49.66
N ASN H 435 -63.69 11.27 -50.70
CA ASN H 435 -64.55 12.44 -50.86
C ASN H 435 -65.68 12.47 -49.83
N GLU H 436 -66.18 11.31 -49.41
CA GLU H 436 -67.28 11.28 -48.47
C GLU H 436 -66.90 11.93 -47.14
N GLU H 437 -65.71 11.62 -46.63
CA GLU H 437 -65.20 12.22 -45.40
C GLU H 437 -63.87 12.86 -45.74
N PHE H 438 -63.92 14.11 -46.22
CA PHE H 438 -62.72 14.77 -46.72
C PHE H 438 -61.83 15.27 -45.59
N GLU H 439 -62.41 15.65 -44.46
CA GLU H 439 -61.60 16.12 -43.34
C GLU H 439 -60.79 14.99 -42.72
N THR H 440 -61.26 13.75 -42.85
CA THR H 440 -60.52 12.62 -42.29
C THR H 440 -59.19 12.42 -43.00
N TYR H 441 -59.17 12.53 -44.33
CA TYR H 441 -57.96 12.27 -45.10
C TYR H 441 -57.17 13.54 -45.40
N TYR H 442 -57.83 14.68 -45.58
CA TYR H 442 -57.17 15.94 -45.86
C TYR H 442 -57.69 17.01 -44.90
N PRO H 443 -57.22 17.00 -43.66
CA PRO H 443 -57.67 18.01 -42.70
C PRO H 443 -57.19 19.40 -43.09
N GLY H 444 -58.01 20.39 -42.79
CA GLY H 444 -57.64 21.78 -43.04
C GLY H 444 -57.38 22.09 -44.49
N ALA H 445 -58.21 21.58 -45.40
CA ALA H 445 -58.01 21.82 -46.80
C ALA H 445 -58.52 23.20 -47.20
N ASP H 446 -58.06 23.67 -48.35
CA ASP H 446 -58.44 24.96 -48.90
C ASP H 446 -59.39 24.77 -50.09
N ALA H 447 -59.84 25.87 -50.65
CA ALA H 447 -60.72 25.82 -51.83
C ALA H 447 -59.98 25.24 -53.02
N ARG H 448 -58.72 25.61 -53.21
CA ARG H 448 -57.95 25.10 -54.33
C ARG H 448 -57.75 23.59 -54.23
N MET H 449 -57.45 23.09 -53.02
CA MET H 449 -57.28 21.65 -52.84
C MET H 449 -58.57 20.90 -53.14
N LYS H 450 -59.70 21.42 -52.66
CA LYS H 450 -60.98 20.77 -52.94
C LYS H 450 -61.30 20.78 -54.42
N LYS H 451 -61.01 21.89 -55.11
CA LYS H 451 -61.24 21.95 -56.55
C LYS H 451 -60.38 20.94 -57.29
N LEU H 452 -59.11 20.84 -56.92
CA LEU H 452 -58.23 19.87 -57.55
C LEU H 452 -58.70 18.45 -57.30
N PHE H 453 -59.12 18.16 -56.06
CA PHE H 453 -59.61 16.82 -55.75
C PHE H 453 -60.86 16.48 -56.54
N GLY H 454 -61.77 17.45 -56.66
CA GLY H 454 -62.97 17.22 -57.45
C GLY H 454 -62.68 17.13 -58.93
N GLU H 455 -61.55 17.68 -59.36
CA GLU H 455 -61.14 17.57 -60.76
C GLU H 455 -60.43 16.24 -61.04
N LEU H 456 -59.99 15.52 -60.00
CA LEU H 456 -59.39 14.21 -60.21
C LEU H 456 -60.37 13.20 -60.77
N ASN H 457 -61.67 13.40 -60.56
CA ASN H 457 -62.70 12.51 -61.07
C ASN H 457 -63.37 13.06 -62.33
N ASN H 458 -62.83 14.15 -62.90
CA ASN H 458 -63.39 14.73 -64.11
C ASN H 458 -62.92 13.89 -65.29
N GLU H 459 -63.75 12.93 -65.69
CA GLU H 459 -63.37 11.98 -66.73
C GLU H 459 -63.26 12.62 -68.11
N ALA H 460 -63.76 13.85 -68.28
CA ALA H 460 -63.67 14.53 -69.57
C ALA H 460 -62.31 15.18 -69.78
N LEU H 461 -61.43 15.18 -68.79
CA LEU H 461 -60.11 15.76 -68.94
C LEU H 461 -59.26 14.94 -69.89
N SER H 462 -58.38 15.62 -70.62
CA SER H 462 -57.40 14.96 -71.47
C SER H 462 -56.25 14.44 -70.61
N ILE H 463 -55.25 13.87 -71.28
CA ILE H 463 -54.08 13.35 -70.58
C ILE H 463 -53.31 14.49 -69.93
N GLU H 464 -53.04 15.56 -70.69
CA GLU H 464 -52.24 16.66 -70.17
C GLU H 464 -52.94 17.36 -69.01
N GLU H 465 -54.25 17.60 -69.15
CA GLU H 465 -54.98 18.29 -68.08
C GLU H 465 -55.01 17.46 -66.80
N LEU H 466 -55.26 16.15 -66.92
CA LEU H 466 -55.27 15.29 -65.74
C LEU H 466 -53.91 15.23 -65.08
N ILE H 467 -52.84 15.14 -65.89
CA ILE H 467 -51.49 15.10 -65.34
C ILE H 467 -51.16 16.41 -64.64
N ASN H 468 -51.55 17.54 -65.22
CA ASN H 468 -51.32 18.82 -64.57
C ASN H 468 -52.08 18.92 -63.26
N THR H 469 -53.33 18.41 -63.23
CA THR H 469 -54.09 18.39 -61.99
C THR H 469 -53.39 17.58 -60.92
N ILE H 470 -52.93 16.39 -61.27
CA ILE H 470 -52.23 15.54 -60.29
C ILE H 470 -50.96 16.20 -59.81
N ILE H 471 -50.19 16.81 -60.73
CA ILE H 471 -48.93 17.43 -60.36
C ILE H 471 -49.17 18.60 -59.42
N GLU H 472 -50.17 19.45 -59.73
CA GLU H 472 -50.48 20.57 -58.85
C GLU H 472 -50.95 20.08 -57.48
N PHE H 473 -51.74 19.01 -57.46
CA PHE H 473 -52.17 18.44 -56.19
C PHE H 473 -50.98 18.00 -55.35
N VAL H 474 -50.06 17.25 -55.96
CA VAL H 474 -48.90 16.78 -55.21
C VAL H 474 -48.01 17.94 -54.78
N GLU H 475 -47.92 18.98 -55.60
CA GLU H 475 -47.12 20.15 -55.23
C GLU H 475 -47.70 20.86 -54.03
N ILE H 476 -49.01 21.13 -54.05
CA ILE H 476 -49.61 21.81 -52.91
C ILE H 476 -49.59 20.93 -51.67
N LEU H 477 -49.52 19.60 -51.84
CA LEU H 477 -49.34 18.73 -50.69
C LEU H 477 -47.93 18.87 -50.12
N SER H 478 -46.92 18.84 -50.99
CA SER H 478 -45.53 18.85 -50.52
C SER H 478 -45.17 20.21 -49.91
N ASN H 479 -45.61 21.30 -50.54
CA ASN H 479 -45.29 22.63 -50.06
C ASN H 479 -46.51 23.54 -50.11
N MET I 4 3.52 -58.95 -12.54
CA MET I 4 3.10 -57.75 -13.26
C MET I 4 3.34 -56.50 -12.43
N LYS I 5 2.48 -55.51 -12.59
CA LYS I 5 2.59 -54.23 -11.89
C LYS I 5 1.26 -53.89 -11.22
N MET I 6 1.23 -52.74 -10.58
CA MET I 6 0.05 -52.25 -9.88
C MET I 6 -0.29 -50.84 -10.34
N ASN I 7 -1.19 -50.18 -9.61
CA ASN I 7 -1.62 -48.84 -9.95
C ASN I 7 -0.45 -47.87 -9.91
N PRO I 8 -0.48 -46.80 -10.71
CA PRO I 8 0.62 -45.83 -10.68
C PRO I 8 0.83 -45.18 -9.33
N ILE I 9 -0.24 -44.97 -8.54
CA ILE I 9 -0.08 -44.41 -7.21
C ILE I 9 0.75 -45.35 -6.33
N VAL I 10 0.43 -46.64 -6.39
CA VAL I 10 1.17 -47.63 -5.60
C VAL I 10 2.62 -47.70 -6.07
N GLU I 11 2.85 -47.58 -7.38
CA GLU I 11 4.22 -47.60 -7.89
C GLU I 11 5.02 -46.40 -7.41
N LEU I 12 4.39 -45.21 -7.40
CA LEU I 12 5.06 -44.03 -6.87
C LEU I 12 5.39 -44.20 -5.39
N PHE I 13 4.44 -44.74 -4.62
CA PHE I 13 4.70 -45.01 -3.22
C PHE I 13 5.86 -45.99 -3.05
N ILE I 14 5.90 -47.02 -3.89
CA ILE I 14 6.96 -48.01 -3.80
C ILE I 14 8.31 -47.36 -4.07
N LYS I 15 8.39 -46.54 -5.11
CA LYS I 15 9.64 -45.86 -5.42
C LYS I 15 10.08 -44.97 -4.27
N ASP I 16 9.15 -44.15 -3.75
CA ASP I 16 9.50 -43.24 -2.68
C ASP I 16 9.94 -43.97 -1.42
N PHE I 17 9.23 -45.03 -1.04
CA PHE I 17 9.55 -45.73 0.19
C PHE I 17 10.83 -46.53 0.05
N THR I 18 11.09 -47.11 -1.13
CA THR I 18 12.37 -47.77 -1.35
C THR I 18 13.52 -46.76 -1.28
N LYS I 19 13.29 -45.54 -1.77
CA LYS I 19 14.29 -44.49 -1.60
C LYS I 19 14.50 -44.17 -0.14
N GLU I 20 13.42 -44.15 0.65
CA GLU I 20 13.54 -43.85 2.07
C GLU I 20 14.24 -44.98 2.83
N VAL I 21 13.89 -46.23 2.55
CA VAL I 21 14.44 -47.35 3.31
C VAL I 21 15.93 -47.47 3.07
N MET I 22 16.38 -47.34 1.82
CA MET I 22 17.80 -47.49 1.52
C MET I 22 18.66 -46.44 2.20
N GLU I 23 18.07 -45.34 2.66
CA GLU I 23 18.79 -44.33 3.42
C GLU I 23 18.63 -44.50 4.92
N GLU I 24 17.97 -45.59 5.35
CA GLU I 24 17.75 -45.89 6.77
C GLU I 24 17.06 -44.73 7.49
N ASN I 25 16.09 -44.12 6.82
CA ASN I 25 15.30 -43.04 7.40
C ASN I 25 13.82 -43.41 7.44
N ALA I 26 13.52 -44.70 7.38
CA ALA I 26 12.15 -45.19 7.33
C ALA I 26 11.81 -45.96 8.59
N ALA I 27 10.57 -45.83 9.02
CA ALA I 27 10.05 -46.53 10.19
C ALA I 27 8.70 -47.15 9.85
N ILE I 28 8.36 -48.21 10.57
CA ILE I 28 7.10 -48.93 10.35
C ILE I 28 6.25 -48.78 11.60
N PHE I 29 5.02 -48.30 11.44
CA PHE I 29 4.05 -48.25 12.51
C PHE I 29 3.02 -49.34 12.25
N ALA I 30 3.10 -50.43 13.02
CA ALA I 30 2.24 -51.58 12.83
C ALA I 30 1.16 -51.58 13.91
N GLY I 31 -0.10 -51.57 13.48
CA GLY I 31 -1.22 -51.66 14.38
C GLY I 31 -1.60 -53.11 14.65
N ALA I 32 -2.77 -53.27 15.27
CA ALA I 32 -3.25 -54.62 15.58
C ALA I 32 -3.65 -55.38 14.32
N GLY I 33 -3.96 -54.66 13.24
CA GLY I 33 -4.44 -55.33 12.04
C GLY I 33 -3.38 -56.16 11.34
N LEU I 34 -2.10 -55.81 11.52
CA LEU I 34 -1.04 -56.58 10.89
C LEU I 34 -0.92 -57.97 11.49
N SER I 35 -1.39 -58.18 12.71
CA SER I 35 -1.35 -59.47 13.35
C SER I 35 -2.65 -60.25 13.24
N MET I 36 -3.74 -59.60 12.85
CA MET I 36 -5.03 -60.30 12.74
C MET I 36 -5.02 -61.33 11.62
N SER I 37 -4.11 -61.22 10.65
CA SER I 37 -3.97 -62.25 9.63
C SER I 37 -3.22 -63.47 10.14
N VAL I 38 -2.50 -63.35 11.25
CA VAL I 38 -1.72 -64.46 11.76
C VAL I 38 -2.62 -65.55 12.31
N GLY I 39 -3.70 -65.17 12.98
CA GLY I 39 -4.59 -66.15 13.57
C GLY I 39 -5.18 -65.72 14.90
N TYR I 40 -4.69 -64.59 15.42
CA TYR I 40 -5.25 -64.05 16.65
C TYR I 40 -6.69 -63.57 16.41
N VAL I 41 -7.56 -63.86 17.37
CA VAL I 41 -8.93 -63.37 17.28
C VAL I 41 -8.95 -61.87 17.49
N SER I 42 -9.94 -61.21 16.90
CA SER I 42 -10.04 -59.77 17.00
C SER I 42 -10.33 -59.35 18.44
N TRP I 43 -9.95 -58.12 18.76
CA TRP I 43 -10.16 -57.61 20.11
C TRP I 43 -11.64 -57.58 20.48
N ALA I 44 -12.51 -57.34 19.50
CA ALA I 44 -13.94 -57.42 19.75
C ALA I 44 -14.35 -58.82 20.19
N LYS I 45 -13.77 -59.85 19.60
CA LYS I 45 -14.15 -61.22 19.97
C LYS I 45 -13.59 -61.56 21.31
N LEU I 46 -12.45 -61.00 21.66
CA LEU I 46 -11.94 -61.17 23.02
C LEU I 46 -12.87 -60.53 24.04
N LEU I 47 -13.36 -59.33 23.74
CA LEU I 47 -14.23 -58.62 24.68
C LEU I 47 -15.67 -59.11 24.63
N GLU I 48 -16.02 -60.03 23.74
CA GLU I 48 -17.40 -60.53 23.67
C GLU I 48 -17.91 -61.10 24.98
N PRO I 49 -17.22 -62.00 25.68
CA PRO I 49 -17.74 -62.45 26.99
C PRO I 49 -17.79 -61.33 28.02
N ILE I 50 -16.83 -60.41 27.98
CA ILE I 50 -16.79 -59.31 28.94
C ILE I 50 -18.02 -58.43 28.78
N ALA I 51 -18.38 -58.10 27.54
CA ALA I 51 -19.57 -57.31 27.31
C ALA I 51 -20.82 -58.04 27.77
N GLN I 52 -20.89 -59.34 27.51
CA GLN I 52 -22.04 -60.12 27.97
C GLN I 52 -22.14 -60.09 29.49
N GLU I 53 -21.00 -60.03 30.18
CA GLU I 53 -21.01 -60.06 31.64
C GLU I 53 -21.70 -58.84 32.22
N ILE I 54 -21.46 -57.65 31.65
CA ILE I 54 -22.01 -56.42 32.19
C ILE I 54 -23.34 -56.08 31.54
N GLY I 55 -23.84 -56.98 30.69
CA GLY I 55 -25.12 -56.78 30.06
C GLY I 55 -25.09 -56.10 28.71
N LEU I 56 -23.92 -55.87 28.14
CA LEU I 56 -23.80 -55.25 26.82
C LEU I 56 -23.49 -56.29 25.77
N ASP I 57 -23.33 -55.83 24.54
CA ASP I 57 -23.01 -56.69 23.41
C ASP I 57 -22.00 -55.97 22.52
N VAL I 58 -20.95 -56.68 22.12
CA VAL I 58 -19.89 -56.05 21.33
C VAL I 58 -20.38 -55.69 19.94
N ASN I 59 -21.22 -56.53 19.34
CA ASN I 59 -21.68 -56.28 17.98
C ASN I 59 -22.44 -54.97 17.87
N LYS I 60 -23.12 -54.57 18.95
CA LYS I 60 -23.85 -53.31 18.97
C LYS I 60 -23.05 -52.17 19.58
N GLU I 61 -21.77 -52.41 19.91
CA GLU I 61 -20.91 -51.40 20.51
C GLU I 61 -19.81 -51.01 19.55
N ASN I 62 -19.57 -49.69 19.43
CA ASN I 62 -18.54 -49.18 18.54
C ASN I 62 -17.24 -48.85 19.26
N ASP I 63 -17.29 -48.52 20.55
CA ASP I 63 -16.12 -48.14 21.34
C ASP I 63 -15.82 -49.27 22.32
N LEU I 64 -14.80 -50.06 22.01
CA LEU I 64 -14.39 -51.15 22.89
C LEU I 64 -13.63 -50.64 24.11
N VAL I 65 -12.97 -49.50 23.99
CA VAL I 65 -12.27 -48.93 25.14
C VAL I 65 -13.25 -48.57 26.24
N SER I 66 -14.36 -47.92 25.87
CA SER I 66 -15.39 -47.62 26.87
C SER I 66 -16.05 -48.89 27.38
N LEU I 67 -16.15 -49.92 26.55
CA LEU I 67 -16.69 -51.19 27.03
C LEU I 67 -15.82 -51.79 28.12
N ALA I 68 -14.51 -51.82 27.90
CA ALA I 68 -13.60 -52.32 28.92
C ALA I 68 -13.63 -51.43 30.16
N GLN I 69 -13.76 -50.11 29.97
CA GLN I 69 -13.85 -49.21 31.11
C GLN I 69 -15.11 -49.48 31.93
N TYR I 70 -16.24 -49.74 31.26
CA TYR I 70 -17.45 -50.08 31.98
C TYR I 70 -17.28 -51.39 32.74
N TYR I 71 -16.62 -52.37 32.13
CA TYR I 71 -16.37 -53.63 32.82
C TYR I 71 -15.52 -53.41 34.07
N CYS I 72 -14.49 -52.57 33.97
CA CYS I 72 -13.68 -52.25 35.14
C CYS I 72 -14.49 -51.51 36.19
N ASN I 73 -15.36 -50.60 35.76
CA ASN I 73 -16.18 -49.85 36.71
C ASN I 73 -17.11 -50.77 37.50
N GLU I 74 -17.66 -51.78 36.83
CA GLU I 74 -18.54 -52.71 37.53
C GLU I 74 -17.80 -53.48 38.61
N ASN I 75 -16.54 -53.84 38.36
CA ASN I 75 -15.74 -54.62 39.28
C ASN I 75 -14.88 -53.77 40.20
N GLN I 76 -15.31 -52.55 40.49
CA GLN I 76 -14.58 -51.64 41.38
C GLN I 76 -13.16 -51.39 40.87
N GLY I 77 -13.01 -51.28 39.56
CA GLY I 77 -11.72 -50.95 38.99
C GLY I 77 -10.71 -52.08 38.96
N ASN I 78 -11.17 -53.32 38.85
CA ASN I 78 -10.29 -54.47 38.80
C ASN I 78 -10.18 -55.00 37.38
N ARG I 79 -8.95 -55.33 36.97
CA ARG I 79 -8.66 -55.74 35.60
C ARG I 79 -8.20 -57.19 35.50
N GLY I 80 -8.53 -58.02 36.50
CA GLY I 80 -8.01 -59.38 36.50
C GLY I 80 -8.44 -60.17 35.28
N ARG I 81 -9.73 -60.12 34.96
CA ARG I 81 -10.24 -60.89 33.82
C ARG I 81 -9.66 -60.38 32.52
N ILE I 82 -9.53 -59.07 32.35
CA ILE I 82 -9.00 -58.53 31.10
C ILE I 82 -7.53 -58.90 30.94
N ASN I 83 -6.76 -58.79 32.02
CA ASN I 83 -5.35 -59.18 31.97
C ASN I 83 -5.21 -60.66 31.60
N GLN I 84 -6.02 -61.51 32.24
CA GLN I 84 -5.96 -62.94 31.94
C GLN I 84 -6.35 -63.22 30.50
N ILE I 85 -7.36 -62.50 29.99
CA ILE I 85 -7.82 -62.72 28.62
C ILE I 85 -6.72 -62.37 27.63
N ILE I 86 -6.10 -61.19 27.79
CA ILE I 86 -5.09 -60.78 26.82
C ILE I 86 -3.85 -61.67 26.94
N LEU I 87 -3.50 -62.08 28.16
CA LEU I 87 -2.35 -62.97 28.32
C LEU I 87 -2.60 -64.33 27.68
N ASP I 88 -3.82 -64.86 27.82
CA ASP I 88 -4.12 -66.16 27.25
C ASP I 88 -4.25 -66.10 25.74
N GLU I 89 -4.67 -64.97 25.20
CA GLU I 89 -4.90 -64.91 23.75
C GLU I 89 -3.65 -64.52 22.97
N PHE I 90 -2.94 -63.49 23.42
CA PHE I 90 -1.83 -62.95 22.64
C PHE I 90 -0.49 -63.60 22.94
N SER I 91 -0.46 -64.61 23.80
CA SER I 91 0.75 -65.37 24.07
C SER I 91 0.71 -66.75 23.43
N ARG I 92 -0.22 -67.00 22.51
CA ARG I 92 -0.30 -68.31 21.87
C ARG I 92 0.86 -68.49 20.90
N LYS I 93 1.11 -69.76 20.55
CA LYS I 93 2.18 -70.11 19.62
C LYS I 93 1.59 -70.16 18.21
N VAL I 94 1.89 -69.15 17.41
CA VAL I 94 1.36 -69.05 16.05
C VAL I 94 2.51 -68.81 15.08
N ASP I 95 2.32 -69.23 13.84
CA ASP I 95 3.33 -69.07 12.81
C ASP I 95 3.30 -67.66 12.25
N LEU I 96 4.49 -67.13 11.96
CA LEU I 96 4.59 -65.78 11.43
C LEU I 96 4.02 -65.69 10.02
N THR I 97 3.50 -64.51 9.68
CA THR I 97 3.03 -64.24 8.34
C THR I 97 4.19 -63.78 7.46
N GLU I 98 3.95 -63.61 6.19
CA GLU I 98 4.98 -63.22 5.29
C GLU I 98 5.32 -61.79 5.47
N ASN I 99 4.35 -61.00 5.88
CA ASN I 99 4.62 -59.57 6.07
C ASN I 99 5.67 -59.35 7.15
N HIS I 100 5.57 -60.07 8.27
CA HIS I 100 6.55 -59.89 9.34
C HIS I 100 7.94 -60.29 8.88
N LYS I 101 8.04 -61.40 8.15
CA LYS I 101 9.35 -61.82 7.66
C LYS I 101 9.93 -60.81 6.68
N ILE I 102 9.10 -60.26 5.79
CA ILE I 102 9.57 -59.27 4.84
C ILE I 102 10.05 -58.02 5.57
N LEU I 103 9.27 -57.56 6.55
CA LEU I 103 9.68 -56.38 7.32
C LEU I 103 10.96 -56.65 8.09
N ALA I 104 11.17 -57.89 8.55
CA ALA I 104 12.41 -58.23 9.22
C ALA I 104 13.58 -58.22 8.25
N ARG I 105 13.36 -58.63 7.01
CA ARG I 105 14.44 -58.64 6.03
C ARG I 105 14.80 -57.23 5.56
N LEU I 106 13.85 -56.29 5.64
CA LEU I 106 14.11 -54.95 5.18
C LEU I 106 15.07 -54.23 6.13
N PRO I 107 15.88 -53.29 5.61
CA PRO I 107 16.79 -52.51 6.46
C PRO I 107 16.06 -51.37 7.18
N ILE I 108 15.19 -51.74 8.11
CA ILE I 108 14.39 -50.80 8.89
C ILE I 108 14.82 -50.91 10.35
N HIS I 109 15.15 -49.77 10.95
CA HIS I 109 15.74 -49.74 12.28
C HIS I 109 14.79 -49.25 13.36
N THR I 110 13.52 -49.04 13.04
CA THR I 110 12.56 -48.51 14.00
C THR I 110 11.19 -49.10 13.73
N TYR I 111 10.59 -49.70 14.75
CA TYR I 111 9.22 -50.20 14.68
C TYR I 111 8.42 -49.63 15.85
N TRP I 112 7.25 -49.09 15.55
CA TRP I 112 6.31 -48.65 16.58
C TRP I 112 5.06 -49.51 16.47
N THR I 113 4.67 -50.13 17.58
CA THR I 113 3.60 -51.12 17.57
C THR I 113 2.58 -50.80 18.64
N THR I 114 1.30 -50.95 18.29
CA THR I 114 0.21 -50.92 19.26
C THR I 114 -0.36 -52.30 19.54
N ALA I 115 0.34 -53.35 19.12
CA ALA I 115 -0.08 -54.73 19.35
C ALA I 115 0.75 -55.34 20.47
N TYR I 116 0.08 -56.12 21.32
CA TYR I 116 0.75 -56.73 22.47
C TYR I 116 1.55 -57.96 22.11
N ASP I 117 1.28 -58.58 20.97
CA ASP I 117 1.98 -59.79 20.57
C ASP I 117 3.44 -59.51 20.21
N ARG I 118 4.26 -60.54 20.34
CA ARG I 118 5.69 -60.46 20.04
C ARG I 118 6.04 -60.98 18.66
N LEU I 119 5.12 -60.84 17.69
CA LEU I 119 5.39 -61.35 16.35
C LEU I 119 6.53 -60.59 15.68
N ILE I 120 6.58 -59.27 15.87
CA ILE I 120 7.66 -58.48 15.28
C ILE I 120 9.01 -58.91 15.85
N GLU I 121 9.07 -59.12 17.16
CA GLU I 121 10.31 -59.56 17.79
C GLU I 121 10.74 -60.92 17.26
N LYS I 122 9.82 -61.72 16.97
CA LYS I 122 10.14 -63.06 16.61
C LYS I 122 10.61 -63.02 15.21
N ALA I 123 9.96 -62.24 14.35
CA ALA I 123 10.40 -62.09 12.97
C ALA I 123 11.80 -61.51 12.90
N LEU I 124 12.11 -60.53 13.75
CA LEU I 124 13.45 -59.95 13.74
C LEU I 124 14.49 -60.96 14.23
N GLU I 125 14.14 -61.77 15.23
CA GLU I 125 15.10 -62.75 15.75
C GLU I 125 15.30 -63.92 14.80
N GLU I 126 14.30 -64.25 13.99
CA GLU I 126 14.47 -65.34 13.03
C GLU I 126 15.47 -65.00 11.95
N GLU I 127 15.60 -63.71 11.60
CA GLU I 127 16.55 -63.25 10.62
C GLU I 127 17.93 -62.95 11.21
N ASN I 128 18.18 -63.45 12.42
CA ASN I 128 19.45 -63.21 13.11
C ASN I 128 19.74 -61.72 13.27
N LYS I 129 18.69 -60.96 13.54
CA LYS I 129 18.80 -59.52 13.78
C LYS I 129 18.59 -59.24 15.26
N ILE I 130 19.52 -58.48 15.84
CA ILE I 130 19.42 -58.10 17.25
C ILE I 130 18.34 -57.02 17.37
N ALA I 131 17.23 -57.36 18.02
CA ALA I 131 16.10 -56.46 18.16
C ALA I 131 15.97 -56.02 19.61
N ASP I 132 15.75 -54.72 19.80
CA ASP I 132 15.66 -54.13 21.13
C ASP I 132 14.22 -53.67 21.36
N VAL I 133 13.46 -54.47 22.10
CA VAL I 133 12.05 -54.19 22.36
C VAL I 133 11.94 -53.28 23.57
N LYS I 134 11.19 -52.20 23.43
CA LYS I 134 11.01 -51.21 24.49
C LYS I 134 9.53 -50.98 24.70
N TYR I 135 9.02 -51.36 25.88
CA TYR I 135 7.64 -51.09 26.25
C TYR I 135 7.51 -50.48 27.64
N THR I 136 8.62 -50.14 28.30
CA THR I 136 8.61 -49.52 29.61
C THR I 136 9.42 -48.23 29.55
N VAL I 137 9.10 -47.30 30.46
CA VAL I 137 9.78 -46.01 30.49
C VAL I 137 11.26 -46.19 30.81
N LYS I 138 11.55 -47.05 31.80
CA LYS I 138 12.95 -47.25 32.20
C LYS I 138 13.77 -47.86 31.08
N GLN I 139 13.14 -48.67 30.22
CA GLN I 139 13.87 -49.33 29.15
C GLN I 139 14.38 -48.35 28.11
N LEU I 140 13.82 -47.14 28.03
CA LEU I 140 14.28 -46.18 27.05
C LEU I 140 15.70 -45.70 27.36
N ALA I 141 16.08 -45.67 28.63
CA ALA I 141 17.38 -45.17 29.03
C ALA I 141 18.52 -46.14 28.74
N THR I 142 18.22 -47.36 28.30
CA THR I 142 19.23 -48.36 27.99
C THR I 142 19.06 -48.84 26.56
N THR I 143 20.15 -48.83 25.81
CA THR I 143 20.15 -49.28 24.42
C THR I 143 20.96 -50.56 24.31
N LYS I 144 20.37 -51.58 23.69
CA LYS I 144 21.09 -52.83 23.48
C LYS I 144 22.23 -52.62 22.49
N VAL I 145 23.37 -53.22 22.79
CA VAL I 145 24.57 -52.99 21.98
C VAL I 145 24.41 -53.66 20.62
N LYS I 146 24.76 -52.93 19.57
CA LYS I 146 24.72 -53.44 18.19
C LYS I 146 23.33 -53.94 17.81
N ARG I 147 22.29 -53.17 18.14
CA ARG I 147 20.96 -53.56 17.82
C ARG I 147 20.76 -53.29 16.39
N ASP I 148 19.95 -54.10 15.73
CA ASP I 148 19.60 -53.87 14.34
C ASP I 148 18.27 -53.14 14.18
N ALA I 149 17.38 -53.25 15.15
CA ALA I 149 16.10 -52.54 15.10
C ALA I 149 15.55 -52.43 16.51
N VAL I 150 14.85 -51.33 16.76
CA VAL I 150 14.24 -51.07 18.06
C VAL I 150 12.73 -51.06 17.87
N VAL I 151 12.03 -51.88 18.65
CA VAL I 151 10.58 -52.02 18.56
C VAL I 151 9.99 -51.32 19.77
N TYR I 152 9.37 -50.15 19.55
CA TYR I 152 8.69 -49.43 20.61
C TYR I 152 7.27 -49.94 20.70
N LYS I 153 6.99 -50.77 21.70
CA LYS I 153 5.63 -51.26 21.95
C LYS I 153 4.95 -50.23 22.84
N MET I 154 4.29 -49.26 22.19
CA MET I 154 3.79 -48.09 22.88
C MET I 154 2.51 -48.34 23.66
N HIS I 155 1.99 -49.56 23.66
CA HIS I 155 0.79 -49.88 24.41
C HIS I 155 0.98 -50.99 25.44
N GLY I 156 2.12 -51.66 25.45
CA GLY I 156 2.40 -52.70 26.42
C GLY I 156 2.69 -54.03 25.77
N ASP I 157 3.25 -54.93 26.57
CA ASP I 157 3.62 -56.25 26.12
C ASP I 157 2.62 -57.28 26.66
N VAL I 158 2.51 -58.41 25.94
CA VAL I 158 1.57 -59.45 26.34
C VAL I 158 1.97 -60.07 27.67
N GLU I 159 3.28 -60.22 27.89
CA GLU I 159 3.76 -60.83 29.13
C GLU I 159 3.56 -59.93 30.34
N HIS I 160 3.17 -58.67 30.14
CA HIS I 160 2.85 -57.74 31.23
C HIS I 160 1.45 -57.20 30.99
N PRO I 161 0.43 -58.03 31.21
CA PRO I 161 -0.94 -57.59 30.90
C PRO I 161 -1.41 -56.40 31.71
N SER I 162 -0.91 -56.25 32.94
CA SER I 162 -1.37 -55.14 33.79
C SER I 162 -0.96 -53.79 33.24
N GLU I 163 0.10 -53.74 32.43
CA GLU I 163 0.57 -52.49 31.86
C GLU I 163 -0.01 -52.19 30.49
N ALA I 164 -0.75 -53.13 29.91
CA ALA I 164 -1.30 -52.94 28.57
C ALA I 164 -2.39 -51.88 28.59
N VAL I 165 -2.39 -51.03 27.57
CA VAL I 165 -3.37 -49.96 27.44
C VAL I 165 -4.62 -50.57 26.81
N LEU I 166 -5.62 -50.86 27.64
CA LEU I 166 -6.87 -51.47 27.18
C LEU I 166 -8.10 -50.65 27.53
N ILE I 167 -8.13 -50.04 28.69
CA ILE I 167 -9.33 -49.37 29.19
C ILE I 167 -9.14 -47.86 29.08
N LYS I 168 -10.17 -47.07 29.29
CA LYS I 168 -10.12 -45.63 29.15
C LYS I 168 -9.33 -44.93 30.18
N ASP I 169 -9.20 -45.47 31.35
CA ASP I 169 -8.32 -44.87 32.34
C ASP I 169 -6.86 -44.96 31.90
N ASP I 170 -6.50 -46.06 31.23
CA ASP I 170 -5.15 -46.18 30.70
C ASP I 170 -4.84 -45.08 29.70
N TYR I 171 -5.76 -44.81 28.78
CA TYR I 171 -5.54 -43.73 27.83
C TYR I 171 -5.49 -42.38 28.53
N GLU I 172 -6.35 -42.18 29.53
CA GLU I 172 -6.38 -40.89 30.22
C GLU I 172 -5.07 -40.61 30.94
N LYS I 173 -4.49 -41.63 31.57
CA LYS I 173 -3.24 -41.46 32.30
C LYS I 173 -2.01 -41.74 31.45
N TYR I 174 -2.20 -42.08 30.16
CA TYR I 174 -1.06 -42.33 29.29
C TYR I 174 -0.19 -41.09 29.12
N SER I 175 -0.83 -39.91 29.01
CA SER I 175 -0.08 -38.69 28.77
C SER I 175 0.86 -38.35 29.92
N ILE I 176 0.60 -38.86 31.11
CA ILE I 176 1.45 -38.62 32.27
C ILE I 176 2.40 -39.78 32.54
N LYS I 177 1.92 -41.00 32.45
CA LYS I 177 2.73 -42.14 32.79
C LYS I 177 3.71 -42.45 31.74
N MET I 178 3.25 -42.47 30.52
CA MET I 178 4.08 -42.86 29.38
C MET I 178 4.46 -41.64 28.53
N ASP I 179 4.72 -40.51 29.19
CA ASP I 179 5.12 -39.32 28.46
C ASP I 179 6.40 -39.48 27.65
N PRO I 180 7.46 -40.14 28.15
CA PRO I 180 8.65 -40.31 27.30
C PRO I 180 8.36 -41.02 25.98
N TYR I 181 7.43 -41.99 25.97
CA TYR I 181 7.07 -42.63 24.70
C TYR I 181 6.37 -41.65 23.78
N ILE I 182 5.54 -40.76 24.33
CA ILE I 182 4.90 -39.73 23.51
C ILE I 182 5.95 -38.83 22.89
N LYS I 183 6.94 -38.41 23.69
CA LYS I 183 8.01 -37.55 23.16
C LYS I 183 8.82 -38.27 22.10
N ALA I 184 9.14 -39.54 22.31
CA ALA I 184 9.90 -40.31 21.34
C ALA I 184 9.14 -40.46 20.03
N LEU I 185 7.84 -40.75 20.11
CA LEU I 185 7.04 -40.87 18.89
C LEU I 185 6.90 -39.53 18.19
N SER I 186 6.80 -38.43 18.95
CA SER I 186 6.75 -37.12 18.34
C SER I 186 8.05 -36.81 17.60
N GLY I 187 9.19 -37.20 18.18
CA GLY I 187 10.46 -37.01 17.49
C GLY I 187 10.57 -37.87 16.24
N ASP I 188 10.10 -39.11 16.30
CA ASP I 188 10.19 -40.00 15.15
C ASP I 188 9.24 -39.58 14.04
N LEU I 189 8.08 -39.03 14.38
CA LEU I 189 7.12 -38.59 13.37
C LEU I 189 7.61 -37.37 12.60
N VAL I 190 8.66 -36.71 13.07
CA VAL I 190 9.22 -35.58 12.34
C VAL I 190 10.63 -35.85 11.83
N SER I 191 11.33 -36.87 12.34
CA SER I 191 12.67 -37.18 11.86
C SER I 191 12.72 -38.41 10.96
N LYS I 192 11.63 -39.17 10.85
CA LYS I 192 11.62 -40.39 10.05
C LYS I 192 10.34 -40.46 9.24
N THR I 193 10.41 -41.18 8.12
CA THR I 193 9.25 -41.42 7.27
C THR I 193 8.58 -42.70 7.69
N PHE I 194 7.30 -42.61 8.08
CA PHE I 194 6.56 -43.73 8.62
C PHE I 194 5.73 -44.42 7.54
N LEU I 195 5.52 -45.71 7.70
CA LEU I 195 4.58 -46.49 6.89
C LEU I 195 3.61 -47.17 7.83
N PHE I 196 2.39 -46.62 7.92
CA PHE I 196 1.38 -47.13 8.84
C PHE I 196 0.70 -48.31 8.18
N VAL I 197 1.05 -49.52 8.61
CA VAL I 197 0.48 -50.75 8.08
C VAL I 197 -0.45 -51.36 9.12
N GLY I 198 -1.65 -51.75 8.70
CA GLY I 198 -2.59 -52.38 9.60
C GLY I 198 -3.02 -51.50 10.77
N PHE I 199 -3.18 -50.20 10.53
CA PHE I 199 -3.57 -49.26 11.56
C PHE I 199 -4.85 -48.54 11.14
N SER I 200 -5.76 -48.37 12.09
CA SER I 200 -7.07 -47.80 11.81
C SER I 200 -7.15 -46.30 12.07
N PHE I 201 -6.13 -45.72 12.72
CA PHE I 201 -6.10 -44.28 13.03
C PHE I 201 -7.31 -43.85 13.84
N THR I 202 -7.77 -44.73 14.74
CA THR I 202 -8.80 -44.39 15.71
C THR I 202 -8.27 -44.38 17.14
N ASP I 203 -6.98 -44.60 17.31
CA ASP I 203 -6.41 -44.66 18.65
C ASP I 203 -6.30 -43.26 19.23
N PRO I 204 -6.86 -43.01 20.42
CA PRO I 204 -6.77 -41.65 21.00
C PRO I 204 -5.35 -41.17 21.21
N ASN I 205 -4.43 -42.05 21.59
CA ASN I 205 -3.04 -41.65 21.77
C ASN I 205 -2.43 -41.15 20.46
N LEU I 206 -2.67 -41.88 19.37
CA LEU I 206 -2.12 -41.46 18.08
C LEU I 206 -2.78 -40.18 17.61
N ASP I 207 -4.09 -40.01 17.86
CA ASP I 207 -4.75 -38.76 17.51
C ASP I 207 -4.13 -37.59 18.26
N TYR I 208 -3.88 -37.77 19.56
CA TYR I 208 -3.27 -36.70 20.36
C TYR I 208 -1.87 -36.37 19.87
N ILE I 209 -1.06 -37.40 19.60
CA ILE I 209 0.32 -37.17 19.17
C ILE I 209 0.35 -36.50 17.80
N LEU I 210 -0.48 -36.97 16.86
CA LEU I 210 -0.51 -36.38 15.53
C LEU I 210 -1.02 -34.94 15.57
N SER I 211 -2.03 -34.67 16.41
CA SER I 211 -2.51 -33.30 16.54
C SER I 211 -1.43 -32.40 17.12
N ARG I 212 -0.67 -32.90 18.09
CA ARG I 212 0.43 -32.09 18.64
C ARG I 212 1.49 -31.82 17.58
N VAL I 213 1.83 -32.83 16.79
CA VAL I 213 2.82 -32.64 15.74
C VAL I 213 2.35 -31.61 14.72
N ARG I 214 1.08 -31.71 14.30
CA ARG I 214 0.54 -30.75 13.35
C ARG I 214 0.52 -29.34 13.93
N SER I 215 0.13 -29.21 15.20
CA SER I 215 0.12 -27.89 15.82
C SER I 215 1.53 -27.32 15.93
N ALA I 216 2.53 -28.19 16.10
CA ALA I 216 3.90 -27.70 16.21
C ALA I 216 4.48 -27.31 14.86
N TYR I 217 4.14 -28.05 13.80
CA TYR I 217 4.78 -27.85 12.50
C TYR I 217 3.87 -27.30 11.42
N GLU I 218 2.55 -27.33 11.60
CA GLU I 218 1.59 -26.75 10.66
C GLU I 218 1.79 -27.41 9.30
N ARG I 219 2.03 -26.66 8.22
CA ARG I 219 2.07 -27.22 6.88
C ARG I 219 3.42 -27.81 6.51
N ASP I 220 4.42 -27.72 7.38
CA ASP I 220 5.76 -28.22 7.09
C ASP I 220 6.01 -29.60 7.69
N GLN I 221 4.97 -30.39 7.88
CA GLN I 221 5.12 -31.72 8.44
C GLN I 221 5.75 -32.66 7.43
N ARG I 222 6.48 -33.63 7.94
CA ARG I 222 7.08 -34.66 7.09
C ARG I 222 6.00 -35.55 6.50
N ARG I 223 6.25 -36.04 5.30
CA ARG I 223 5.30 -36.91 4.61
C ARG I 223 5.39 -38.33 5.16
N HIS I 224 4.24 -38.88 5.56
CA HIS I 224 4.13 -40.25 6.00
C HIS I 224 3.17 -41.00 5.08
N TYR I 225 3.35 -42.31 4.99
CA TYR I 225 2.56 -43.16 4.12
C TYR I 225 1.72 -44.13 4.94
N CYS I 226 0.55 -44.48 4.41
CA CYS I 226 -0.37 -45.38 5.09
C CYS I 226 -0.94 -46.37 4.09
N LEU I 227 -1.35 -47.53 4.61
CA LEU I 227 -1.99 -48.57 3.80
C LEU I 227 -3.33 -48.91 4.42
N ILE I 228 -4.41 -48.64 3.69
CA ILE I 228 -5.76 -48.90 4.15
C ILE I 228 -6.53 -49.60 3.04
N LYS I 229 -7.23 -50.68 3.38
CA LYS I 229 -8.03 -51.40 2.41
C LYS I 229 -9.32 -50.64 2.13
N LYS I 230 -9.68 -50.57 0.85
CA LYS I 230 -10.95 -49.95 0.48
C LYS I 230 -12.11 -50.77 1.02
N GLU I 231 -13.22 -50.09 1.30
CA GLU I 231 -14.40 -50.76 1.80
C GLU I 231 -15.00 -51.65 0.72
N GLU I 232 -15.37 -52.87 1.10
CA GLU I 232 -16.01 -53.82 0.21
C GLU I 232 -17.42 -54.12 0.70
N ARG I 233 -18.31 -54.36 -0.25
CA ARG I 233 -19.72 -54.57 0.08
C ARG I 233 -19.89 -55.86 0.87
N ARG I 234 -20.66 -55.77 1.96
CA ARG I 234 -20.95 -56.94 2.77
C ARG I 234 -21.90 -57.87 2.03
N PRO I 235 -21.97 -59.14 2.44
CA PRO I 235 -22.80 -60.10 1.68
C PRO I 235 -24.26 -59.69 1.54
N ASP I 236 -24.84 -59.07 2.56
CA ASP I 236 -26.23 -58.62 2.54
C ASP I 236 -26.26 -57.15 2.93
N GLU I 237 -26.23 -56.27 1.93
CA GLU I 237 -26.26 -54.84 2.19
C GLU I 237 -26.77 -54.12 0.95
N LEU I 238 -27.51 -53.04 1.19
CA LEU I 238 -28.01 -52.22 0.10
C LEU I 238 -26.87 -51.47 -0.58
N GLU I 239 -27.12 -51.07 -1.83
CA GLU I 239 -26.10 -50.30 -2.56
C GLU I 239 -25.87 -48.94 -1.92
N ALA I 240 -26.95 -48.29 -1.48
CA ALA I 240 -26.83 -46.93 -0.95
C ALA I 240 -25.97 -46.90 0.31
N ASP I 241 -26.15 -47.88 1.21
CA ASP I 241 -25.34 -47.91 2.43
C ASP I 241 -23.88 -48.22 2.12
N PHE I 242 -23.63 -49.06 1.11
CA PHE I 242 -22.25 -49.30 0.71
C PHE I 242 -21.60 -48.04 0.16
N GLU I 243 -22.34 -47.28 -0.66
CA GLU I 243 -21.81 -46.02 -1.17
C GLU I 243 -21.59 -45.02 -0.04
N TYR I 244 -22.46 -45.02 0.96
CA TYR I 244 -22.26 -44.18 2.13
C TYR I 244 -20.99 -44.56 2.88
N ARG I 245 -20.74 -45.86 3.03
CA ARG I 245 -19.52 -46.30 3.68
C ARG I 245 -18.29 -45.89 2.89
N VAL I 246 -18.35 -46.02 1.57
CA VAL I 246 -17.22 -45.63 0.73
C VAL I 246 -16.97 -44.13 0.84
N ARG I 247 -18.04 -43.33 0.86
CA ARG I 247 -17.89 -41.88 0.99
C ARG I 247 -17.28 -41.52 2.34
N LYS I 248 -17.70 -42.31 3.39
CA LYS I 248 -17.20 -42.02 4.67
C LYS I 248 -15.76 -42.40 4.71
N GLN I 249 -15.32 -43.43 4.12
CA GLN I 249 -13.93 -43.83 4.09
C GLN I 249 -13.09 -42.83 3.29
N GLU I 250 -13.63 -42.31 2.19
CA GLU I 250 -12.90 -41.29 1.42
C GLU I 250 -12.69 -40.04 2.25
N LEU I 251 -13.71 -39.60 2.99
CA LEU I 251 -13.55 -38.46 3.87
C LEU I 251 -12.50 -38.73 4.94
N PHE I 252 -12.51 -39.93 5.52
CA PHE I 252 -11.52 -40.28 6.52
C PHE I 252 -10.11 -40.27 5.95
N ILE I 253 -9.94 -40.79 4.74
CA ILE I 253 -8.63 -40.80 4.08
C ILE I 253 -8.17 -39.38 3.82
N SER I 254 -9.07 -38.51 3.34
CA SER I 254 -8.71 -37.12 3.12
C SER I 254 -8.33 -36.43 4.43
N ASP I 255 -9.06 -36.73 5.51
CA ASP I 255 -8.75 -36.15 6.81
C ASP I 255 -7.40 -36.63 7.33
N LEU I 256 -7.00 -37.84 6.95
CA LEU I 256 -5.67 -38.34 7.35
C LEU I 256 -4.58 -37.47 6.75
N SER I 257 -4.74 -37.04 5.50
CA SER I 257 -3.73 -36.21 4.85
C SER I 257 -3.62 -34.83 5.47
N ARG I 258 -4.41 -34.48 6.47
CA ARG I 258 -4.32 -33.19 7.17
C ARG I 258 -3.12 -33.18 7.96
N PHE I 259 -2.74 -34.34 8.42
CA PHE I 259 -1.45 -34.49 9.08
C PHE I 259 -0.34 -34.91 8.12
N ASN I 260 -0.57 -34.73 6.82
CA ASN I 260 0.38 -35.11 5.77
C ASN I 260 0.71 -36.60 5.82
N ILE I 261 -0.33 -37.43 5.95
CA ILE I 261 -0.20 -38.88 5.90
C ILE I 261 -0.89 -39.34 4.64
N LYS I 262 -0.11 -39.60 3.59
CA LYS I 262 -0.68 -40.06 2.34
C LYS I 262 -1.16 -41.50 2.48
N THR I 263 -2.41 -41.75 2.08
CA THR I 263 -3.03 -43.06 2.23
C THR I 263 -3.08 -43.75 0.88
N ILE I 264 -2.62 -45.00 0.85
CA ILE I 264 -2.66 -45.83 -0.35
C ILE I 264 -3.86 -46.78 -0.22
N VAL I 265 -4.78 -46.70 -1.17
CA VAL I 265 -5.96 -47.55 -1.16
C VAL I 265 -5.58 -48.92 -1.70
N LEU I 266 -5.86 -49.97 -0.92
CA LEU I 266 -5.51 -51.33 -1.29
C LEU I 266 -6.79 -52.13 -1.51
N ASN I 267 -6.90 -52.78 -2.66
CA ASN I 267 -8.10 -53.55 -2.96
C ASN I 267 -8.24 -54.74 -2.02
N ASN I 268 -7.14 -55.44 -1.75
CA ASN I 268 -7.15 -56.64 -0.92
C ASN I 268 -6.13 -56.50 0.20
N TYR I 269 -6.33 -57.28 1.26
CA TYR I 269 -5.32 -57.38 2.31
C TYR I 269 -4.04 -58.03 1.79
N ASN I 270 -4.17 -58.99 0.87
CA ASN I 270 -3.01 -59.65 0.31
C ASN I 270 -2.18 -58.75 -0.59
N GLU I 271 -2.67 -57.56 -0.93
CA GLU I 271 -1.85 -56.63 -1.70
C GLU I 271 -0.76 -56.02 -0.83
N ILE I 272 -0.91 -56.08 0.49
CA ILE I 272 0.15 -55.59 1.37
C ILE I 272 1.41 -56.42 1.18
N THR I 273 1.27 -57.74 1.11
CA THR I 273 2.42 -58.61 0.88
C THR I 273 3.03 -58.34 -0.49
N GLU I 274 2.21 -57.97 -1.47
CA GLU I 274 2.73 -57.76 -2.77
C GLU I 274 3.43 -56.47 -2.83
N ILE I 275 3.02 -55.51 -2.06
CA ILE I 275 3.72 -54.23 -1.98
C ILE I 275 5.06 -54.41 -1.27
N LEU I 276 5.06 -55.14 -0.16
CA LEU I 276 6.29 -55.34 0.60
C LEU I 276 7.30 -56.14 -0.19
N GLN I 277 6.85 -57.13 -0.97
CA GLN I 277 7.76 -57.88 -1.82
C GLN I 277 8.39 -56.98 -2.87
N ARG I 278 7.61 -56.07 -3.45
CA ARG I 278 8.14 -55.12 -4.41
C ARG I 278 9.17 -54.20 -3.75
N ILE I 279 8.87 -53.73 -2.54
CA ILE I 279 9.78 -52.84 -1.83
C ILE I 279 11.10 -53.54 -1.54
N GLU I 280 11.03 -54.81 -1.12
CA GLU I 280 12.27 -55.56 -0.88
C GLU I 280 13.01 -55.84 -2.18
N ASN I 281 12.28 -56.18 -3.25
CA ASN I 281 12.91 -56.50 -4.53
C ASN I 281 13.64 -55.31 -5.11
N ASN I 282 13.07 -54.10 -4.97
CA ASN I 282 13.77 -52.90 -5.42
C ASN I 282 15.03 -52.64 -4.61
N ILE I 283 15.12 -53.22 -3.41
CA ILE I 283 16.32 -53.10 -2.58
C ILE I 283 17.23 -54.30 -2.76
N LYS I 284 16.64 -55.50 -2.80
CA LYS I 284 17.44 -56.71 -2.93
C LYS I 284 18.19 -56.73 -4.26
N THR I 285 17.53 -56.34 -5.35
CA THR I 285 18.14 -56.39 -6.67
C THR I 285 19.07 -55.22 -6.96
N LYS I 286 19.21 -54.28 -6.03
CA LYS I 286 20.13 -53.17 -6.24
C LYS I 286 21.59 -53.61 -6.27
N THR I 287 21.89 -54.83 -5.83
CA THR I 287 23.24 -55.35 -5.83
C THR I 287 23.33 -56.49 -6.84
N VAL I 288 24.32 -56.42 -7.72
CA VAL I 288 24.51 -57.42 -8.76
C VAL I 288 25.77 -58.23 -8.45
N PHE I 289 25.83 -59.43 -9.01
CA PHE I 289 26.97 -60.33 -8.82
C PHE I 289 27.56 -60.64 -10.19
N LEU I 290 28.70 -60.02 -10.50
CA LEU I 290 29.36 -60.22 -11.79
C LEU I 290 30.19 -61.49 -11.71
N SER I 291 29.61 -62.59 -12.21
CA SER I 291 30.28 -63.88 -12.21
C SER I 291 30.92 -64.13 -13.58
N GLY I 292 32.05 -64.81 -13.55
CA GLY I 292 32.73 -65.16 -14.78
C GLY I 292 34.21 -65.38 -14.55
N SER I 293 34.82 -66.00 -15.56
CA SER I 293 36.25 -66.28 -15.57
C SER I 293 36.63 -66.64 -16.99
N ALA I 294 37.68 -66.02 -17.51
CA ALA I 294 38.01 -66.18 -18.92
C ALA I 294 39.51 -66.22 -19.16
N VAL I 295 39.94 -67.22 -19.92
CA VAL I 295 41.24 -67.20 -20.56
C VAL I 295 41.12 -67.03 -22.07
N GLU I 296 39.97 -67.36 -22.65
CA GLU I 296 39.63 -67.03 -24.02
C GLU I 296 38.39 -66.16 -24.01
N TYR I 297 38.24 -65.31 -25.01
CA TYR I 297 37.17 -64.33 -25.04
C TYR I 297 36.33 -64.48 -26.30
N ASN I 298 36.14 -65.72 -26.75
CA ASN I 298 35.24 -66.03 -27.86
C ASN I 298 35.54 -65.21 -29.11
N HIS I 299 34.48 -64.65 -29.71
CA HIS I 299 34.64 -63.93 -30.97
C HIS I 299 35.54 -62.70 -30.81
N TRP I 300 35.38 -61.96 -29.72
CA TRP I 300 36.17 -60.76 -29.50
C TRP I 300 37.61 -61.12 -29.17
N GLU I 301 38.51 -60.16 -29.35
CA GLU I 301 39.88 -60.27 -28.92
C GLU I 301 39.97 -60.00 -27.44
N THR I 302 41.13 -60.32 -26.86
CA THR I 302 41.30 -60.12 -25.43
C THR I 302 41.13 -58.66 -25.04
N GLU I 303 41.73 -57.75 -25.81
CA GLU I 303 41.60 -56.32 -25.51
C GLU I 303 40.15 -55.85 -25.66
N HIS I 304 39.47 -56.30 -26.72
CA HIS I 304 38.10 -55.87 -26.94
C HIS I 304 37.18 -56.35 -25.83
N ALA I 305 37.34 -57.60 -25.41
CA ALA I 305 36.51 -58.13 -24.32
C ALA I 305 36.86 -57.48 -22.99
N GLU I 306 38.14 -57.17 -22.77
CA GLU I 306 38.51 -56.43 -21.56
C GLU I 306 37.83 -55.07 -21.53
N GLN I 307 37.81 -54.38 -22.67
CA GLN I 307 37.09 -53.11 -22.75
C GLN I 307 35.60 -53.31 -22.51
N PHE I 308 35.04 -54.41 -23.03
CA PHE I 308 33.62 -54.69 -22.81
C PHE I 308 33.31 -54.84 -21.33
N ILE I 309 34.09 -55.67 -20.63
CA ILE I 309 33.85 -55.88 -19.20
C ILE I 309 34.07 -54.60 -18.42
N HIS I 310 35.12 -53.85 -18.77
CA HIS I 310 35.39 -52.58 -18.11
C HIS I 310 34.22 -51.61 -18.25
N GLN I 311 33.71 -51.45 -19.47
CA GLN I 311 32.60 -50.53 -19.70
C GLN I 311 31.31 -51.04 -19.08
N LEU I 312 31.10 -52.36 -19.05
CA LEU I 312 29.93 -52.91 -18.40
C LEU I 312 29.92 -52.58 -16.90
N SER I 313 31.06 -52.78 -16.25
CA SER I 313 31.16 -52.43 -14.83
C SER I 313 30.99 -50.93 -14.62
N LYS I 314 31.58 -50.13 -15.50
CA LYS I 314 31.44 -48.67 -15.38
C LYS I 314 29.99 -48.25 -15.51
N GLU I 315 29.27 -48.83 -16.46
CA GLU I 315 27.84 -48.51 -16.61
C GLU I 315 27.04 -48.99 -15.41
N LEU I 316 27.34 -50.18 -14.90
CA LEU I 316 26.62 -50.69 -13.74
C LEU I 316 26.79 -49.77 -12.53
N ILE I 317 28.03 -49.34 -12.27
CA ILE I 317 28.25 -48.44 -11.15
C ILE I 317 27.60 -47.08 -11.42
N ARG I 318 27.64 -46.62 -12.67
CA ARG I 318 27.06 -45.33 -13.00
C ARG I 318 25.55 -45.31 -12.77
N LYS I 319 24.89 -46.46 -12.88
CA LYS I 319 23.45 -46.57 -12.67
C LYS I 319 23.10 -46.91 -11.22
N ASP I 320 23.97 -46.57 -10.27
CA ASP I 320 23.72 -46.74 -8.85
C ASP I 320 23.48 -48.21 -8.48
N PHE I 321 24.29 -49.10 -9.03
CA PHE I 321 24.28 -50.50 -8.66
C PHE I 321 25.50 -50.82 -7.81
N ASN I 322 25.39 -51.88 -7.03
CA ASN I 322 26.47 -52.38 -6.19
C ASN I 322 27.02 -53.65 -6.82
N ILE I 323 28.32 -53.66 -7.09
CA ILE I 323 28.97 -54.78 -7.75
C ILE I 323 29.69 -55.62 -6.71
N VAL I 324 29.34 -56.90 -6.63
CA VAL I 324 30.04 -57.88 -5.82
C VAL I 324 30.75 -58.83 -6.76
N SER I 325 32.08 -58.89 -6.66
CA SER I 325 32.88 -59.69 -7.56
C SER I 325 33.75 -60.63 -6.76
N GLY I 326 33.85 -61.88 -7.21
CA GLY I 326 34.74 -62.85 -6.61
C GLY I 326 36.17 -62.76 -7.08
N PHE I 327 36.50 -61.71 -7.83
CA PHE I 327 37.84 -61.51 -8.38
C PHE I 327 38.25 -62.72 -9.21
N GLY I 328 37.34 -63.15 -10.08
CA GLY I 328 37.64 -64.27 -10.95
C GLY I 328 38.67 -63.92 -12.00
N LEU I 329 39.38 -64.95 -12.45
CA LEU I 329 40.46 -64.75 -13.40
C LEU I 329 39.89 -64.36 -14.77
N GLY I 330 40.17 -63.13 -15.20
CA GLY I 330 39.80 -62.64 -16.50
C GLY I 330 38.68 -61.62 -16.51
N VAL I 331 37.89 -61.55 -15.44
CA VAL I 331 36.82 -60.55 -15.40
C VAL I 331 36.97 -59.68 -14.15
N GLY I 332 37.56 -60.23 -13.10
CA GLY I 332 37.64 -59.48 -11.85
C GLY I 332 38.48 -58.23 -11.94
N SER I 333 39.64 -58.33 -12.59
CA SER I 333 40.52 -57.18 -12.72
C SER I 333 39.85 -56.08 -13.54
N PHE I 334 39.18 -56.46 -14.63
CA PHE I 334 38.53 -55.45 -15.47
C PHE I 334 37.30 -54.86 -14.81
N VAL I 335 36.58 -55.66 -14.02
CA VAL I 335 35.49 -55.10 -13.21
C VAL I 335 36.04 -54.08 -12.23
N ILE I 336 37.16 -54.39 -11.57
CA ILE I 336 37.78 -53.43 -10.66
C ILE I 336 38.18 -52.17 -11.40
N ASN I 337 38.77 -52.33 -12.59
CA ASN I 337 39.19 -51.15 -13.36
C ASN I 337 38.01 -50.27 -13.71
N GLY I 338 36.90 -50.87 -14.15
CA GLY I 338 35.73 -50.08 -14.48
C GLY I 338 35.16 -49.36 -13.27
N VAL I 339 35.05 -50.07 -12.14
CA VAL I 339 34.49 -49.46 -10.95
C VAL I 339 35.37 -48.32 -10.47
N LEU I 340 36.70 -48.50 -10.49
CA LEU I 340 37.59 -47.44 -10.06
C LEU I 340 37.51 -46.24 -10.99
N GLU I 341 37.45 -46.48 -12.30
CA GLU I 341 37.37 -45.37 -13.25
C GLU I 341 36.08 -44.58 -13.05
N GLU I 342 34.97 -45.27 -12.78
CA GLU I 342 33.73 -44.55 -12.56
C GLU I 342 33.74 -43.81 -11.22
N LEU I 343 34.27 -44.43 -10.17
CA LEU I 343 34.18 -43.82 -8.84
C LEU I 343 35.15 -42.65 -8.68
N TYR I 344 36.38 -42.80 -9.17
CA TYR I 344 37.39 -41.76 -8.98
C TYR I 344 37.15 -40.54 -9.85
N MET I 345 36.22 -40.61 -10.80
CA MET I 345 35.91 -39.47 -11.66
C MET I 345 34.98 -38.49 -10.95
N THR I 349 37.97 -41.95 -2.86
CA THR I 349 37.88 -43.13 -2.01
C THR I 349 36.87 -44.12 -2.56
N ILE I 350 36.83 -45.32 -1.98
CA ILE I 350 35.92 -46.37 -2.40
C ILE I 350 34.96 -46.65 -1.24
N ASP I 351 33.67 -46.49 -1.50
CA ASP I 351 32.66 -46.86 -0.52
C ASP I 351 32.59 -48.38 -0.41
N ASP I 352 32.40 -48.87 0.82
CA ASP I 352 32.34 -50.30 1.03
C ASP I 352 31.09 -50.93 0.43
N ASP I 353 30.10 -50.10 0.04
CA ASP I 353 28.87 -50.62 -0.54
C ASP I 353 28.89 -50.67 -2.06
N ARG I 354 29.75 -49.87 -2.71
CA ARG I 354 29.74 -49.83 -4.17
C ARG I 354 30.46 -51.03 -4.77
N LEU I 355 31.71 -51.25 -4.36
CA LEU I 355 32.49 -52.38 -4.84
C LEU I 355 32.87 -53.27 -3.66
N ILE I 356 32.54 -54.55 -3.76
CA ILE I 356 32.84 -55.52 -2.72
C ILE I 356 33.67 -56.63 -3.36
N LEU I 357 34.92 -56.75 -2.94
CA LEU I 357 35.84 -57.72 -3.50
C LEU I 357 36.00 -58.88 -2.54
N ARG I 358 35.84 -60.11 -3.05
CA ARG I 358 36.01 -61.33 -2.28
C ARG I 358 36.90 -62.29 -3.06
N PRO I 359 38.20 -62.03 -3.13
CA PRO I 359 39.09 -62.96 -3.83
C PRO I 359 39.08 -64.33 -3.17
N PHE I 360 39.16 -65.36 -3.99
CA PHE I 360 39.10 -66.72 -3.47
C PHE I 360 40.47 -67.17 -3.00
N PRO I 361 40.61 -67.63 -1.76
CA PRO I 361 41.91 -68.09 -1.27
C PRO I 361 42.42 -69.26 -2.09
N GLN I 362 43.66 -69.14 -2.58
CA GLN I 362 44.27 -70.17 -3.40
C GLN I 362 45.07 -71.12 -2.53
N GLY I 363 44.81 -72.41 -2.69
CA GLY I 363 45.43 -73.43 -1.87
C GLY I 363 44.43 -74.47 -1.42
N LYS I 364 44.91 -75.68 -1.09
CA LYS I 364 44.00 -76.75 -0.69
C LYS I 364 43.28 -76.44 0.61
N LYS I 365 43.80 -75.53 1.43
CA LYS I 365 43.13 -75.16 2.66
C LYS I 365 41.92 -74.27 2.38
N GLY I 366 42.02 -73.38 1.39
CA GLY I 366 40.91 -72.50 1.08
C GLY I 366 39.83 -73.13 0.22
N GLU I 367 40.16 -74.17 -0.55
CA GLU I 367 39.15 -74.80 -1.38
C GLU I 367 38.04 -75.43 -0.54
N GLU I 368 38.37 -75.87 0.68
CA GLU I 368 37.35 -76.48 1.53
C GLU I 368 36.31 -75.45 1.99
N GLN I 369 36.73 -74.19 2.17
CA GLN I 369 35.82 -73.12 2.55
C GLN I 369 35.30 -72.35 1.34
N TRP I 370 35.77 -72.67 0.13
CA TRP I 370 35.31 -72.00 -1.07
C TRP I 370 33.79 -72.01 -1.21
N ASP I 371 33.15 -73.13 -0.88
CA ASP I 371 31.70 -73.22 -1.07
C ASP I 371 30.95 -72.24 -0.18
N LYS I 372 31.27 -72.22 1.11
CA LYS I 372 30.61 -71.28 2.01
C LYS I 372 30.98 -69.84 1.68
N TYR I 373 32.18 -69.63 1.18
CA TYR I 373 32.61 -68.31 0.79
C TYR I 373 31.77 -67.84 -0.35
N ARG I 374 31.51 -68.71 -1.31
CA ARG I 374 30.73 -68.35 -2.50
C ARG I 374 29.29 -68.16 -2.16
N ARG I 375 28.75 -68.95 -1.26
CA ARG I 375 27.39 -68.74 -0.81
C ARG I 375 27.25 -67.42 -0.07
N ASP I 376 28.25 -67.05 0.74
CA ASP I 376 28.23 -65.78 1.43
C ASP I 376 28.27 -64.62 0.45
N MET I 377 29.12 -64.72 -0.59
CA MET I 377 29.16 -63.68 -1.61
C MET I 377 27.81 -63.51 -2.28
N ILE I 378 27.24 -64.63 -2.77
CA ILE I 378 26.01 -64.54 -3.55
C ILE I 378 24.84 -64.10 -2.70
N THR I 379 24.84 -64.47 -1.41
CA THR I 379 23.76 -64.05 -0.52
C THR I 379 23.70 -62.52 -0.40
N ARG I 380 24.84 -61.85 -0.56
CA ARG I 380 24.87 -60.40 -0.46
C ARG I 380 24.17 -59.72 -1.64
N THR I 381 23.95 -60.44 -2.74
CA THR I 381 23.47 -59.85 -3.99
C THR I 381 22.02 -60.21 -4.24
N GLY I 382 21.45 -59.58 -5.26
CA GLY I 382 20.09 -59.87 -5.68
C GLY I 382 19.97 -60.34 -7.11
N VAL I 383 20.89 -59.92 -7.96
CA VAL I 383 20.90 -60.26 -9.38
C VAL I 383 22.28 -60.81 -9.74
N SER I 384 22.31 -61.84 -10.55
CA SER I 384 23.57 -62.47 -10.97
C SER I 384 23.72 -62.35 -12.48
N ILE I 385 24.88 -61.83 -12.91
CA ILE I 385 25.22 -61.69 -14.33
C ILE I 385 26.44 -62.54 -14.61
N PHE I 386 26.39 -63.35 -15.67
CA PHE I 386 27.41 -64.34 -15.95
C PHE I 386 28.06 -64.04 -17.28
N LEU I 387 29.40 -63.99 -17.29
CA LEU I 387 30.19 -63.69 -18.48
C LEU I 387 31.18 -64.81 -18.72
N TYR I 388 31.21 -65.31 -19.96
CA TYR I 388 32.15 -66.35 -20.38
C TYR I 388 32.09 -67.54 -19.44
N GLY I 389 33.22 -67.90 -18.83
CA GLY I 389 33.21 -69.00 -17.89
C GLY I 389 34.09 -70.17 -18.26
N ASN I 390 35.21 -69.92 -18.92
CA ASN I 390 36.19 -70.96 -19.22
C ASN I 390 37.44 -70.75 -18.38
N LYS I 391 38.24 -71.74 -18.21
CA LYS I 391 39.45 -71.63 -17.42
C LYS I 391 40.47 -72.60 -17.99
N ILE I 392 41.72 -72.31 -17.86
CA ILE I 392 42.83 -73.10 -18.39
C ILE I 392 43.11 -74.25 -17.42
N ASP I 393 43.05 -75.47 -17.94
CA ASP I 393 43.27 -76.67 -17.13
C ASP I 393 43.92 -77.73 -17.99
N LYS I 394 44.98 -78.35 -17.46
CA LYS I 394 45.74 -79.38 -18.18
C LYS I 394 46.22 -78.86 -19.53
N GLY I 395 46.59 -77.59 -19.59
CA GLY I 395 47.04 -76.99 -20.83
C GLY I 395 45.97 -76.74 -21.85
N GLN I 396 44.69 -76.89 -21.49
CA GLN I 396 43.59 -76.72 -22.40
C GLN I 396 42.54 -75.81 -21.79
N VAL I 397 41.74 -75.18 -22.64
CA VAL I 397 40.72 -74.22 -22.21
C VAL I 397 39.47 -75.03 -21.90
N VAL I 398 39.38 -75.49 -20.67
CA VAL I 398 38.22 -76.25 -20.20
C VAL I 398 37.12 -75.29 -19.79
N LYS I 399 35.91 -75.80 -19.60
CA LYS I 399 34.81 -74.99 -19.11
C LYS I 399 34.87 -74.92 -17.58
N ALA I 400 34.77 -73.70 -17.05
CA ALA I 400 34.94 -73.49 -15.62
C ALA I 400 33.65 -73.83 -14.87
N LYS I 401 33.73 -74.80 -13.97
CA LYS I 401 32.55 -75.25 -13.24
C LYS I 401 32.16 -74.29 -12.11
N GLY I 402 33.03 -73.36 -11.74
CA GLY I 402 32.67 -72.41 -10.70
C GLY I 402 31.57 -71.46 -11.13
N VAL I 403 31.55 -71.08 -12.41
CA VAL I 403 30.46 -70.25 -12.91
C VAL I 403 29.14 -71.01 -12.81
N GLN I 404 29.14 -72.29 -13.18
CA GLN I 404 27.94 -73.11 -13.04
C GLN I 404 27.52 -73.23 -11.58
N SER I 405 28.50 -73.38 -10.68
CA SER I 405 28.18 -73.47 -9.26
C SER I 405 27.57 -72.17 -8.75
N GLU I 406 28.08 -71.04 -9.21
CA GLU I 406 27.52 -69.77 -8.82
C GLU I 406 26.11 -69.67 -9.35
N PHE I 407 25.90 -70.03 -10.60
CA PHE I 407 24.56 -70.00 -11.17
C PHE I 407 23.59 -70.84 -10.34
N ASN I 408 24.02 -72.04 -9.95
CA ASN I 408 23.17 -72.91 -9.13
C ASN I 408 22.88 -72.29 -7.77
N ILE I 409 23.89 -71.68 -7.15
CA ILE I 409 23.69 -71.06 -5.84
C ILE I 409 22.75 -69.87 -5.95
N SER I 410 22.92 -69.04 -6.98
CA SER I 410 22.03 -67.90 -7.16
C SER I 410 20.60 -68.35 -7.43
N PHE I 411 20.44 -69.41 -8.24
CA PHE I 411 19.10 -69.92 -8.52
C PHE I 411 18.45 -70.51 -7.26
N GLU I 412 19.25 -71.15 -6.41
CA GLU I 412 18.72 -71.66 -5.14
C GLU I 412 18.24 -70.53 -4.25
N GLN I 413 18.80 -69.34 -4.41
CA GLN I 413 18.45 -68.19 -3.59
C GLN I 413 17.37 -67.32 -4.23
N ASN I 414 16.76 -67.79 -5.31
CA ASN I 414 15.73 -67.04 -6.04
C ASN I 414 16.28 -65.72 -6.59
N ASN I 415 17.57 -65.67 -6.86
CA ASN I 415 18.17 -64.51 -7.51
C ASN I 415 17.86 -64.53 -9.01
N TYR I 416 17.69 -63.34 -9.56
CA TYR I 416 17.53 -63.22 -11.01
C TYR I 416 18.85 -63.53 -11.70
N VAL I 417 18.83 -64.48 -12.62
CA VAL I 417 20.03 -64.89 -13.35
C VAL I 417 20.00 -64.25 -14.73
N VAL I 418 21.11 -63.63 -15.11
CA VAL I 418 21.23 -62.99 -16.42
C VAL I 418 22.46 -63.55 -17.11
N PRO I 419 22.38 -64.73 -17.74
CA PRO I 419 23.54 -65.27 -18.44
C PRO I 419 23.77 -64.59 -19.78
N VAL I 420 24.90 -63.89 -19.90
CA VAL I 420 25.25 -63.18 -21.12
C VAL I 420 25.75 -64.23 -22.12
N GLY I 421 24.86 -64.68 -23.00
CA GLY I 421 25.23 -65.72 -23.94
C GLY I 421 26.14 -65.29 -25.06
N ALA I 422 26.23 -63.98 -25.34
CA ALA I 422 27.14 -63.49 -26.35
C ALA I 422 28.60 -63.73 -25.97
N THR I 423 28.90 -63.78 -24.67
CA THR I 423 30.27 -64.06 -24.24
C THR I 423 30.69 -65.47 -24.60
N GLY I 424 29.77 -66.43 -24.52
CA GLY I 424 30.04 -67.79 -24.94
C GLY I 424 30.50 -68.67 -23.80
N TYR I 425 30.88 -69.89 -24.18
CA TYR I 425 31.41 -70.91 -23.28
C TYR I 425 30.32 -71.40 -22.32
N ILE I 426 30.56 -71.34 -21.01
CA ILE I 426 29.58 -71.88 -20.07
C ILE I 426 28.43 -70.89 -19.93
N ALA I 427 28.67 -69.63 -20.28
CA ALA I 427 27.61 -68.64 -20.29
C ALA I 427 26.60 -68.88 -21.39
N LYS I 428 27.04 -69.38 -22.56
CA LYS I 428 26.10 -69.76 -23.59
C LYS I 428 25.24 -70.95 -23.16
N ASP I 429 25.85 -71.93 -22.49
CA ASP I 429 25.09 -73.06 -21.96
C ASP I 429 24.07 -72.60 -20.93
N LEU I 430 24.48 -71.69 -20.04
CA LEU I 430 23.56 -71.13 -19.06
C LEU I 430 22.41 -70.41 -19.75
N TRP I 431 22.72 -69.64 -20.80
CA TRP I 431 21.68 -68.93 -21.52
C TRP I 431 20.69 -69.90 -22.15
N ASN I 432 21.20 -70.97 -22.76
CA ASN I 432 20.31 -71.98 -23.35
C ASN I 432 19.46 -72.66 -22.28
N LYS I 433 20.06 -72.96 -21.13
CA LYS I 433 19.32 -73.61 -20.05
C LYS I 433 18.19 -72.74 -19.55
N VAL I 434 18.45 -71.44 -19.37
CA VAL I 434 17.40 -70.52 -18.94
C VAL I 434 16.34 -70.37 -20.03
N ASN I 435 16.76 -70.40 -21.30
CA ASN I 435 15.83 -70.18 -22.40
C ASN I 435 14.90 -71.37 -22.60
N GLU I 436 15.37 -72.60 -22.33
CA GLU I 436 14.54 -73.77 -22.56
C GLU I 436 13.29 -73.74 -21.68
N GLU I 437 13.43 -73.38 -20.41
CA GLU I 437 12.31 -73.25 -19.49
C GLU I 437 12.35 -71.83 -18.94
N PHE I 438 11.74 -70.91 -19.68
CA PHE I 438 11.84 -69.50 -19.33
C PHE I 438 10.93 -69.14 -18.16
N GLU I 439 9.78 -69.80 -18.01
CA GLU I 439 8.89 -69.50 -16.90
C GLU I 439 9.49 -69.93 -15.57
N THR I 440 10.37 -70.93 -15.59
CA THR I 440 11.01 -71.38 -14.35
C THR I 440 11.89 -70.30 -13.75
N TYR I 441 12.67 -69.62 -14.57
CA TYR I 441 13.62 -68.62 -14.08
C TYR I 441 13.06 -67.21 -14.09
N TYR I 442 12.21 -66.88 -15.05
CA TYR I 442 11.61 -65.55 -15.16
C TYR I 442 10.10 -65.69 -15.29
N PRO I 443 9.40 -65.97 -14.21
CA PRO I 443 7.94 -66.10 -14.28
C PRO I 443 7.28 -64.77 -14.61
N GLY I 444 6.18 -64.85 -15.35
CA GLY I 444 5.41 -63.66 -15.69
C GLY I 444 6.18 -62.63 -16.48
N ALA I 445 6.95 -63.06 -17.46
CA ALA I 445 7.75 -62.13 -18.26
C ALA I 445 6.89 -61.46 -19.31
N ASP I 446 7.38 -60.35 -19.84
CA ASP I 446 6.72 -59.58 -20.87
C ASP I 446 7.43 -59.77 -22.21
N ALA I 447 6.87 -59.13 -23.24
CA ALA I 447 7.50 -59.20 -24.56
C ALA I 447 8.86 -58.52 -24.57
N ARG I 448 8.97 -57.38 -23.89
CA ARG I 448 10.25 -56.67 -23.84
C ARG I 448 11.32 -57.50 -23.14
N MET I 449 10.97 -58.16 -22.04
CA MET I 449 11.94 -58.98 -21.34
C MET I 449 12.41 -60.15 -22.20
N LYS I 450 11.48 -60.79 -22.91
CA LYS I 450 11.85 -61.89 -23.78
C LYS I 450 12.74 -61.41 -24.93
N LYS I 451 12.43 -60.24 -25.49
CA LYS I 451 13.27 -59.69 -26.55
C LYS I 451 14.67 -59.39 -26.05
N LEU I 452 14.78 -58.79 -24.86
CA LEU I 452 16.10 -58.51 -24.29
C LEU I 452 16.87 -59.79 -24.01
N PHE I 453 16.19 -60.80 -23.49
CA PHE I 453 16.86 -62.07 -23.20
C PHE I 453 17.34 -62.72 -24.49
N GLY I 454 16.52 -62.69 -25.54
CA GLY I 454 16.94 -63.25 -26.80
C GLY I 454 18.04 -62.43 -27.47
N GLU I 455 18.16 -61.15 -27.09
CA GLU I 455 19.23 -60.32 -27.59
C GLU I 455 20.53 -60.51 -26.82
N LEU I 456 20.48 -61.14 -25.65
CA LEU I 456 21.70 -61.44 -24.90
C LEU I 456 22.59 -62.43 -25.63
N ASN I 457 22.02 -63.25 -26.51
CA ASN I 457 22.79 -64.23 -27.28
C ASN I 457 23.05 -63.75 -28.70
N ASN I 458 22.75 -62.49 -29.00
CA ASN I 458 22.99 -61.93 -30.34
C ASN I 458 24.47 -61.60 -30.44
N GLU I 459 25.26 -62.54 -30.97
CA GLU I 459 26.71 -62.37 -31.02
C GLU I 459 27.16 -61.28 -31.99
N ALA I 460 26.27 -60.80 -32.85
CA ALA I 460 26.62 -59.74 -33.77
C ALA I 460 26.58 -58.35 -33.15
N LEU I 461 26.12 -58.25 -31.90
CA LEU I 461 26.07 -56.96 -31.22
C LEU I 461 27.48 -56.46 -30.91
N SER I 462 27.63 -55.14 -30.93
CA SER I 462 28.88 -54.51 -30.53
C SER I 462 28.95 -54.45 -29.01
N ILE I 463 30.02 -53.83 -28.50
CA ILE I 463 30.18 -53.70 -27.06
C ILE I 463 29.09 -52.81 -26.48
N GLU I 464 28.87 -51.65 -27.09
CA GLU I 464 27.90 -50.70 -26.56
C GLU I 464 26.49 -51.27 -26.59
N GLU I 465 26.12 -51.93 -27.69
CA GLU I 465 24.77 -52.48 -27.80
C GLU I 465 24.54 -53.58 -26.77
N LEU I 466 25.52 -54.47 -26.61
CA LEU I 466 25.38 -55.54 -25.62
C LEU I 466 25.28 -54.99 -24.22
N ILE I 467 26.10 -53.97 -23.90
CA ILE I 467 26.06 -53.38 -22.57
C ILE I 467 24.72 -52.69 -22.33
N ASN I 468 24.19 -52.00 -23.34
CA ASN I 468 22.88 -51.38 -23.20
C ASN I 468 21.80 -52.44 -22.99
N THR I 469 21.88 -53.56 -23.70
CA THR I 469 20.94 -54.64 -23.51
C THR I 469 20.97 -55.16 -22.08
N ILE I 470 22.17 -55.41 -21.56
CA ILE I 470 22.31 -55.92 -20.20
C ILE I 470 21.78 -54.91 -19.20
N ILE I 471 22.11 -53.63 -19.40
CA ILE I 471 21.68 -52.59 -18.46
C ILE I 471 20.16 -52.48 -18.45
N GLU I 472 19.53 -52.48 -19.62
CA GLU I 472 18.08 -52.42 -19.69
C GLU I 472 17.44 -53.64 -19.04
N PHE I 473 18.05 -54.82 -19.25
CA PHE I 473 17.54 -56.03 -18.61
C PHE I 473 17.57 -55.90 -17.09
N VAL I 474 18.71 -55.47 -16.55
CA VAL I 474 18.84 -55.33 -15.10
C VAL I 474 17.88 -54.26 -14.58
N GLU I 475 17.67 -53.19 -15.35
CA GLU I 475 16.76 -52.13 -14.92
C GLU I 475 15.33 -52.64 -14.85
N ILE I 476 14.86 -53.32 -15.90
CA ILE I 476 13.50 -53.84 -15.86
C ILE I 476 13.35 -54.93 -14.80
N LEU I 477 14.44 -55.60 -14.43
CA LEU I 477 14.36 -56.53 -13.31
C LEU I 477 14.20 -55.80 -11.99
N SER I 478 15.00 -54.74 -11.77
CA SER I 478 14.97 -54.05 -10.49
C SER I 478 13.67 -53.27 -10.30
N ASN I 479 13.20 -52.62 -11.35
CA ASN I 479 11.98 -51.83 -11.26
C ASN I 479 11.07 -52.06 -12.47
N MET J 4 53.04 -40.75 26.40
CA MET J 4 52.85 -41.46 27.66
C MET J 4 51.37 -41.71 27.93
N LYS J 5 50.98 -41.70 29.21
CA LYS J 5 49.62 -41.98 29.63
C LYS J 5 49.15 -40.86 30.56
N MET J 6 47.93 -41.00 31.06
CA MET J 6 47.31 -40.04 31.96
C MET J 6 46.79 -40.77 33.20
N ASN J 7 45.97 -40.06 33.98
CA ASN J 7 45.43 -40.61 35.21
C ASN J 7 44.55 -41.81 34.90
N PRO J 8 44.44 -42.76 35.83
CA PRO J 8 43.57 -43.93 35.60
C PRO J 8 42.12 -43.57 35.34
N ILE J 9 41.60 -42.51 35.98
CA ILE J 9 40.23 -42.09 35.74
C ILE J 9 40.06 -41.67 34.28
N VAL J 10 41.01 -40.90 33.76
CA VAL J 10 40.94 -40.46 32.38
C VAL J 10 41.06 -41.65 31.43
N GLU J 11 41.90 -42.63 31.79
CA GLU J 11 42.04 -43.81 30.96
C GLU J 11 40.75 -44.62 30.91
N LEU J 12 40.08 -44.77 32.06
CA LEU J 12 38.79 -45.46 32.08
C LEU J 12 37.77 -44.72 31.24
N PHE J 13 37.74 -43.39 31.34
CA PHE J 13 36.82 -42.62 30.50
C PHE J 13 37.15 -42.81 29.03
N ILE J 14 38.43 -42.83 28.68
CA ILE J 14 38.82 -43.02 27.29
C ILE J 14 38.34 -44.37 26.77
N LYS J 15 38.56 -45.42 27.57
CA LYS J 15 38.10 -46.75 27.15
C LYS J 15 36.59 -46.78 26.97
N ASP J 16 35.85 -46.25 27.94
CA ASP J 16 34.39 -46.28 27.86
C ASP J 16 33.88 -45.49 26.66
N PHE J 17 34.43 -44.29 26.44
CA PHE J 17 33.93 -43.45 25.36
C PHE J 17 34.33 -43.99 23.99
N THR J 18 35.51 -44.59 23.87
CA THR J 18 35.88 -45.25 22.63
C THR J 18 34.96 -46.43 22.35
N LYS J 19 34.56 -47.16 23.41
CA LYS J 19 33.57 -48.21 23.24
C LYS J 19 32.24 -47.63 22.77
N GLU J 20 31.86 -46.47 23.29
CA GLU J 20 30.59 -45.85 22.89
C GLU J 20 30.65 -45.34 21.46
N VAL J 21 31.74 -44.68 21.08
CA VAL J 21 31.81 -44.06 19.76
C VAL J 21 31.80 -45.13 18.66
N MET J 22 32.54 -46.22 18.86
CA MET J 22 32.61 -47.26 17.83
C MET J 22 31.27 -47.92 17.58
N GLU J 23 30.32 -47.78 18.50
CA GLU J 23 28.97 -48.28 18.30
C GLU J 23 28.01 -47.20 17.80
N GLU J 24 28.53 -46.01 17.50
CA GLU J 24 27.73 -44.89 17.00
C GLU J 24 26.57 -44.56 17.92
N ASN J 25 26.82 -44.61 19.23
CA ASN J 25 25.84 -44.26 20.24
C ASN J 25 26.33 -43.09 21.10
N ALA J 26 27.28 -42.32 20.57
CA ALA J 26 27.89 -41.22 21.30
C ALA J 26 27.52 -39.88 20.66
N ALA J 27 27.35 -38.87 21.50
CA ALA J 27 27.06 -37.52 21.06
C ALA J 27 27.95 -36.54 21.80
N ILE J 28 28.18 -35.39 21.19
CA ILE J 28 29.04 -34.36 21.74
C ILE J 28 28.19 -33.13 22.03
N PHE J 29 28.23 -32.65 23.26
CA PHE J 29 27.58 -31.40 23.63
C PHE J 29 28.68 -30.37 23.83
N ALA J 30 28.82 -29.46 22.87
CA ALA J 30 29.87 -28.46 22.89
C ALA J 30 29.28 -27.11 23.31
N GLY J 31 29.81 -26.55 24.38
CA GLY J 31 29.42 -25.23 24.83
C GLY J 31 30.24 -24.14 24.17
N ALA J 32 30.11 -22.93 24.71
CA ALA J 32 30.86 -21.80 24.17
C ALA J 32 32.35 -21.92 24.45
N GLY J 33 32.72 -22.68 25.47
CA GLY J 33 34.13 -22.77 25.84
C GLY J 33 34.99 -23.48 24.82
N LEU J 34 34.40 -24.38 24.04
CA LEU J 34 35.17 -25.09 23.02
C LEU J 34 35.63 -24.16 21.91
N SER J 35 34.94 -23.03 21.71
CA SER J 35 35.33 -22.06 20.68
C SER J 35 36.16 -20.91 21.23
N MET J 36 36.21 -20.73 22.54
CA MET J 36 37.00 -19.62 23.11
C MET J 36 38.49 -19.80 22.89
N SER J 37 38.95 -21.02 22.62
CA SER J 37 40.35 -21.23 22.26
C SER J 37 40.65 -20.84 20.83
N VAL J 38 39.62 -20.72 19.98
CA VAL J 38 39.84 -20.41 18.58
C VAL J 38 40.32 -18.99 18.41
N GLY J 39 39.78 -18.05 19.19
CA GLY J 39 40.15 -16.66 19.05
C GLY J 39 39.00 -15.71 19.29
N TYR J 40 37.79 -16.24 19.41
CA TYR J 40 36.64 -15.40 19.72
C TYR J 40 36.76 -14.83 21.12
N VAL J 41 36.41 -13.55 21.26
CA VAL J 41 36.41 -12.94 22.58
C VAL J 41 35.27 -13.51 23.41
N SER J 42 35.45 -13.52 24.73
CA SER J 42 34.44 -14.07 25.62
C SER J 42 33.17 -13.23 25.57
N TRP J 43 32.05 -13.87 25.91
CA TRP J 43 30.77 -13.18 25.89
C TRP J 43 30.75 -12.01 26.86
N ALA J 44 31.46 -12.12 27.98
CA ALA J 44 31.60 -11.00 28.89
C ALA J 44 32.26 -9.81 28.22
N LYS J 45 33.27 -10.05 27.39
CA LYS J 45 33.98 -8.95 26.74
C LYS J 45 33.12 -8.36 25.67
N LEU J 46 32.28 -9.17 25.04
CA LEU J 46 31.31 -8.62 24.10
C LEU J 46 30.31 -7.72 24.80
N LEU J 47 29.83 -8.13 25.97
CA LEU J 47 28.84 -7.34 26.69
C LEU J 47 29.45 -6.19 27.48
N GLU J 48 30.77 -6.06 27.50
CA GLU J 48 31.41 -4.97 28.24
C GLU J 48 30.92 -3.57 27.83
N PRO J 49 30.88 -3.19 26.54
CA PRO J 49 30.30 -1.88 26.21
C PRO J 49 28.83 -1.76 26.55
N ILE J 50 28.08 -2.85 26.41
CA ILE J 50 26.64 -2.82 26.68
C ILE J 50 26.40 -2.53 28.16
N ALA J 51 27.16 -3.18 29.05
CA ALA J 51 27.02 -2.91 30.47
C ALA J 51 27.39 -1.47 30.79
N GLN J 52 28.46 -0.96 30.17
CA GLN J 52 28.85 0.44 30.38
C GLN J 52 27.74 1.38 29.95
N GLU J 53 26.98 1.00 28.92
CA GLU J 53 25.94 1.88 28.40
C GLU J 53 24.83 2.10 29.42
N ILE J 54 24.43 1.05 30.14
CA ILE J 54 23.32 1.15 31.08
C ILE J 54 23.82 1.47 32.48
N GLY J 55 25.12 1.73 32.61
CA GLY J 55 25.69 2.11 33.88
C GLY J 55 26.22 0.97 34.73
N LEU J 56 26.27 -0.24 34.21
CA LEU J 56 26.79 -1.38 34.94
C LEU J 56 28.20 -1.72 34.46
N ASP J 57 28.76 -2.77 35.04
CA ASP J 57 30.10 -3.23 34.69
C ASP J 57 30.10 -4.76 34.68
N VAL J 58 30.67 -5.36 33.64
CA VAL J 58 30.63 -6.80 33.50
C VAL J 58 31.49 -7.47 34.56
N ASN J 59 32.65 -6.87 34.88
CA ASN J 59 33.56 -7.48 35.84
C ASN J 59 32.91 -7.67 37.20
N LYS J 60 31.98 -6.79 37.57
CA LYS J 60 31.27 -6.88 38.83
C LYS J 60 29.93 -7.60 38.70
N GLU J 61 29.61 -8.13 37.51
CA GLU J 61 28.35 -8.80 37.26
C GLU J 61 28.60 -10.29 37.03
N ASN J 62 27.78 -11.13 37.67
CA ASN J 62 27.90 -12.57 37.52
C ASN J 62 26.92 -13.16 36.51
N ASP J 63 25.77 -12.52 36.30
CA ASP J 63 24.74 -13.01 35.39
C ASP J 63 24.71 -12.10 34.18
N LEU J 64 25.27 -12.58 33.06
CA LEU J 64 25.27 -11.81 31.83
C LEU J 64 23.90 -11.83 31.14
N VAL J 65 23.11 -12.88 31.37
CA VAL J 65 21.77 -12.94 30.80
C VAL J 65 20.91 -11.81 31.35
N SER J 66 20.96 -11.60 32.66
CA SER J 66 20.22 -10.49 33.25
C SER J 66 20.79 -9.15 32.82
N LEU J 67 22.10 -9.08 32.56
CA LEU J 67 22.69 -7.85 32.05
C LEU J 67 22.12 -7.49 30.69
N ALA J 68 22.07 -8.47 29.78
CA ALA J 68 21.47 -8.24 28.48
C ALA J 68 20.00 -7.91 28.59
N GLN J 69 19.29 -8.55 29.53
CA GLN J 69 17.88 -8.25 29.72
C GLN J 69 17.69 -6.82 30.20
N TYR J 70 18.55 -6.35 31.10
CA TYR J 70 18.48 -4.96 31.54
C TYR J 70 18.74 -4.01 30.38
N TYR J 71 19.72 -4.33 29.54
CA TYR J 71 19.99 -3.50 28.38
C TYR J 71 18.78 -3.43 27.46
N CYS J 72 18.11 -4.56 27.23
CA CYS J 72 16.91 -4.55 26.42
C CYS J 72 15.79 -3.75 27.08
N ASN J 73 15.67 -3.87 28.40
CA ASN J 73 14.63 -3.12 29.12
C ASN J 73 14.83 -1.62 28.99
N GLU J 74 16.08 -1.17 29.02
CA GLU J 74 16.35 0.26 28.87
C GLU J 74 15.91 0.76 27.51
N ASN J 75 16.12 -0.04 26.46
CA ASN J 75 15.82 0.35 25.09
C ASN J 75 14.42 -0.07 24.65
N GLN J 76 13.47 -0.20 25.58
CA GLN J 76 12.10 -0.59 25.28
C GLN J 76 12.04 -1.93 24.56
N GLY J 77 12.91 -2.86 24.97
CA GLY J 77 12.88 -4.20 24.42
C GLY J 77 13.45 -4.34 23.03
N ASN J 78 14.43 -3.52 22.67
CA ASN J 78 15.06 -3.59 21.36
C ASN J 78 16.43 -4.24 21.47
N ARG J 79 16.72 -5.14 20.52
CA ARG J 79 17.94 -5.94 20.54
C ARG J 79 18.88 -5.61 19.39
N GLY J 80 18.76 -4.43 18.79
CA GLY J 80 19.56 -4.14 17.61
C GLY J 80 21.04 -4.19 17.88
N ARG J 81 21.48 -3.55 18.97
CA ARG J 81 22.91 -3.52 19.28
C ARG J 81 23.44 -4.91 19.60
N ILE J 82 22.66 -5.70 20.34
CA ILE J 82 23.12 -7.05 20.70
C ILE J 82 23.22 -7.93 19.47
N ASN J 83 22.22 -7.86 18.59
CA ASN J 83 22.26 -8.63 17.35
C ASN J 83 23.47 -8.24 16.51
N GLN J 84 23.71 -6.94 16.38
CA GLN J 84 24.85 -6.48 15.59
C GLN J 84 26.16 -6.94 16.23
N ILE J 85 26.25 -6.91 17.55
CA ILE J 85 27.48 -7.31 18.23
C ILE J 85 27.78 -8.78 17.98
N ILE J 86 26.77 -9.65 18.17
CA ILE J 86 27.02 -11.08 17.99
C ILE J 86 27.29 -11.40 16.53
N LEU J 87 26.61 -10.72 15.60
CA LEU J 87 26.86 -10.96 14.19
C LEU J 87 28.27 -10.53 13.80
N ASP J 88 28.74 -9.40 14.33
CA ASP J 88 30.07 -8.92 13.98
C ASP J 88 31.16 -9.76 14.62
N GLU J 89 30.89 -10.32 15.80
CA GLU J 89 31.95 -11.06 16.49
C GLU J 89 32.03 -12.52 16.08
N PHE J 90 30.90 -13.21 16.01
CA PHE J 90 30.91 -14.66 15.79
C PHE J 90 30.88 -15.04 14.32
N SER J 91 30.90 -14.08 13.41
CA SER J 91 30.99 -14.37 11.98
C SER J 91 32.37 -14.06 11.42
N ARG J 92 33.38 -13.87 12.26
CA ARG J 92 34.71 -13.58 11.79
C ARG J 92 35.34 -14.83 11.17
N LYS J 93 36.38 -14.60 10.36
CA LYS J 93 37.10 -15.68 9.70
C LYS J 93 38.27 -16.11 10.58
N VAL J 94 38.14 -17.25 11.23
CA VAL J 94 39.15 -17.75 12.15
C VAL J 94 39.49 -19.18 11.78
N ASP J 95 40.72 -19.58 12.12
CA ASP J 95 41.18 -20.93 11.82
C ASP J 95 40.67 -21.91 12.86
N LEU J 96 40.31 -23.11 12.41
CA LEU J 96 39.79 -24.13 13.31
C LEU J 96 40.87 -24.62 14.26
N THR J 97 40.43 -25.05 15.45
CA THR J 97 41.33 -25.65 16.41
C THR J 97 41.45 -27.15 16.15
N GLU J 98 42.32 -27.81 16.86
CA GLU J 98 42.53 -29.20 16.65
C GLU J 98 41.40 -30.00 17.18
N ASN J 99 40.76 -29.49 18.21
CA ASN J 99 39.63 -30.22 18.78
C ASN J 99 38.50 -30.39 17.78
N HIS J 100 38.17 -29.33 17.04
CA HIS J 100 37.10 -29.42 16.07
C HIS J 100 37.44 -30.41 14.96
N LYS J 101 38.68 -30.39 14.49
CA LYS J 101 39.08 -31.34 13.46
C LYS J 101 39.03 -32.78 13.97
N ILE J 102 39.47 -33.01 15.20
CA ILE J 102 39.42 -34.35 15.78
C ILE J 102 37.99 -34.82 15.90
N LEU J 103 37.10 -33.96 16.41
CA LEU J 103 35.70 -34.32 16.52
C LEU J 103 35.07 -34.58 15.16
N ALA J 104 35.52 -33.87 14.13
CA ALA J 104 35.01 -34.13 12.79
C ALA J 104 35.51 -35.47 12.26
N ARG J 105 36.73 -35.85 12.63
CA ARG J 105 37.25 -37.15 12.17
C ARG J 105 36.61 -38.32 12.90
N LEU J 106 36.11 -38.09 14.11
CA LEU J 106 35.50 -39.17 14.88
C LEU J 106 34.17 -39.58 14.27
N PRO J 107 33.79 -40.85 14.40
CA PRO J 107 32.48 -41.33 13.92
C PRO J 107 31.34 -40.96 14.86
N ILE J 108 31.06 -39.67 14.96
CA ILE J 108 30.02 -39.13 15.83
C ILE J 108 28.94 -38.50 14.95
N HIS J 109 27.70 -38.89 15.16
CA HIS J 109 26.59 -38.53 14.28
C HIS J 109 25.65 -37.49 14.90
N THR J 110 25.99 -36.95 16.07
CA THR J 110 25.10 -35.99 16.74
C THR J 110 25.94 -34.98 17.49
N TYR J 111 25.70 -33.70 17.23
CA TYR J 111 26.33 -32.61 17.96
C TYR J 111 25.25 -31.66 18.46
N TRP J 112 25.33 -31.32 19.74
CA TRP J 112 24.45 -30.31 20.35
C TRP J 112 25.33 -29.15 20.78
N THR J 113 25.00 -27.94 20.32
CA THR J 113 25.85 -26.79 20.53
C THR J 113 25.04 -25.62 21.10
N THR J 114 25.64 -24.92 22.06
CA THR J 114 25.10 -23.66 22.55
C THR J 114 25.92 -22.46 22.04
N ALA J 115 26.78 -22.68 21.06
CA ALA J 115 27.60 -21.63 20.48
C ALA J 115 27.02 -21.21 19.13
N TYR J 116 27.04 -19.90 18.86
CA TYR J 116 26.48 -19.38 17.62
C TYR J 116 27.41 -19.54 16.43
N ASP J 117 28.70 -19.75 16.67
CA ASP J 117 29.65 -19.86 15.58
C ASP J 117 29.46 -21.16 14.81
N ARG J 118 29.90 -21.14 13.53
CA ARG J 118 29.80 -22.30 12.66
C ARG J 118 31.09 -23.10 12.57
N LEU J 119 31.87 -23.12 13.65
CA LEU J 119 33.14 -23.85 13.63
C LEU J 119 32.93 -25.35 13.48
N ILE J 120 31.91 -25.90 14.14
CA ILE J 120 31.63 -27.33 14.03
C ILE J 120 31.24 -27.67 12.59
N GLU J 121 30.40 -26.84 11.97
CA GLU J 121 30.01 -27.09 10.58
C GLU J 121 31.21 -27.03 9.64
N LYS J 122 32.12 -26.22 9.95
CA LYS J 122 33.21 -26.02 9.06
C LYS J 122 34.12 -27.17 9.23
N ALA J 123 34.35 -27.60 10.44
CA ALA J 123 35.18 -28.78 10.70
C ALA J 123 34.60 -30.01 10.03
N LEU J 124 33.28 -30.18 10.10
CA LEU J 124 32.66 -31.33 9.46
C LEU J 124 32.77 -31.26 7.94
N GLU J 125 32.64 -30.07 7.37
CA GLU J 125 32.73 -29.93 5.92
C GLU J 125 34.15 -30.05 5.40
N GLU J 126 35.15 -29.72 6.22
CA GLU J 126 36.54 -29.88 5.79
C GLU J 126 36.91 -31.35 5.63
N GLU J 127 36.31 -32.24 6.42
CA GLU J 127 36.55 -33.66 6.33
C GLU J 127 35.66 -34.35 5.30
N ASN J 128 35.06 -33.59 4.39
CA ASN J 128 34.17 -34.11 3.36
C ASN J 128 33.02 -34.91 3.97
N LYS J 129 32.51 -34.42 5.10
CA LYS J 129 31.37 -35.04 5.78
C LYS J 129 30.14 -34.17 5.59
N ILE J 130 29.05 -34.78 5.16
CA ILE J 130 27.78 -34.07 4.97
C ILE J 130 27.19 -33.80 6.34
N ALA J 131 27.14 -32.53 6.74
CA ALA J 131 26.65 -32.13 8.05
C ALA J 131 25.32 -31.40 7.90
N ASP J 132 24.37 -31.75 8.75
CA ASP J 132 23.02 -31.19 8.71
C ASP J 132 22.81 -30.32 9.94
N VAL J 133 22.94 -29.01 9.78
CA VAL J 133 22.83 -28.07 10.89
C VAL J 133 21.36 -27.71 11.08
N LYS J 134 20.89 -27.82 12.32
CA LYS J 134 19.49 -27.54 12.66
C LYS J 134 19.47 -26.54 13.81
N TYR J 135 18.94 -25.35 13.55
CA TYR J 135 18.75 -24.35 14.58
C TYR J 135 17.35 -23.73 14.56
N THR J 136 16.45 -24.23 13.72
CA THR J 136 15.08 -23.74 13.65
C THR J 136 14.13 -24.92 13.83
N VAL J 137 12.91 -24.61 14.29
CA VAL J 137 11.92 -25.65 14.54
C VAL J 137 11.53 -26.35 13.24
N LYS J 138 11.32 -25.56 12.18
CA LYS J 138 10.90 -26.14 10.91
C LYS J 138 11.98 -27.06 10.33
N GLN J 139 13.25 -26.76 10.61
CA GLN J 139 14.33 -27.56 10.07
C GLN J 139 14.35 -28.98 10.63
N LEU J 140 13.72 -29.22 11.77
CA LEU J 140 13.72 -30.56 12.34
C LEU J 140 12.92 -31.53 11.48
N ALA J 141 11.91 -31.05 10.77
CA ALA J 141 11.05 -31.91 9.97
C ALA J 141 11.70 -32.37 8.68
N THR J 142 12.87 -31.85 8.33
CA THR J 142 13.56 -32.23 7.11
C THR J 142 14.96 -32.73 7.46
N THR J 143 15.30 -33.89 6.92
CA THR J 143 16.62 -34.50 7.14
C THR J 143 17.39 -34.49 5.83
N LYS J 144 18.61 -33.99 5.87
CA LYS J 144 19.46 -33.99 4.69
C LYS J 144 19.83 -35.43 4.32
N VAL J 145 19.81 -35.72 3.02
CA VAL J 145 20.03 -37.08 2.56
C VAL J 145 21.50 -37.46 2.76
N LYS J 146 21.72 -38.66 3.30
CA LYS J 146 23.06 -39.20 3.50
C LYS J 146 23.93 -38.28 4.36
N ARG J 147 23.37 -37.76 5.45
CA ARG J 147 24.10 -36.89 6.31
C ARG J 147 25.01 -37.74 7.11
N ASP J 148 26.17 -37.20 7.46
CA ASP J 148 27.11 -37.90 8.32
C ASP J 148 26.99 -37.47 9.78
N ALA J 149 26.51 -36.25 10.04
CA ALA J 149 26.32 -35.78 11.40
C ALA J 149 25.31 -34.64 11.39
N VAL J 150 24.52 -34.55 12.45
CA VAL J 150 23.52 -33.50 12.61
C VAL J 150 23.93 -32.63 13.78
N VAL J 151 24.03 -31.32 13.54
CA VAL J 151 24.44 -30.36 14.55
C VAL J 151 23.20 -29.59 14.98
N TYR J 152 22.72 -29.86 16.19
CA TYR J 152 21.59 -29.13 16.75
C TYR J 152 22.12 -27.89 17.46
N LYS J 153 21.98 -26.74 16.81
CA LYS J 153 22.37 -25.47 17.44
C LYS J 153 21.17 -24.99 18.24
N MET J 154 21.12 -25.39 19.51
CA MET J 154 19.93 -25.21 20.34
C MET J 154 19.77 -23.79 20.86
N HIS J 155 20.68 -22.88 20.51
CA HIS J 155 20.55 -21.50 20.94
C HIS J 155 20.49 -20.49 19.79
N GLY J 156 20.72 -20.92 18.56
CA GLY J 156 20.63 -20.04 17.42
C GLY J 156 21.94 -20.00 16.64
N ASP J 157 21.83 -19.46 15.44
CA ASP J 157 22.96 -19.34 14.53
C ASP J 157 23.44 -17.89 14.48
N VAL J 158 24.72 -17.71 14.14
CA VAL J 158 25.28 -16.36 14.08
C VAL J 158 24.64 -15.56 12.96
N GLU J 159 24.34 -16.21 11.84
CA GLU J 159 23.75 -15.51 10.70
C GLU J 159 22.31 -15.09 10.96
N HIS J 160 21.70 -15.54 12.05
CA HIS J 160 20.36 -15.14 12.45
C HIS J 160 20.43 -14.61 13.88
N PRO J 161 20.99 -13.42 14.07
CA PRO J 161 21.19 -12.90 15.42
C PRO J 161 19.90 -12.68 16.19
N SER J 162 18.80 -12.35 15.49
CA SER J 162 17.55 -12.08 16.18
C SER J 162 16.98 -13.31 16.86
N GLU J 163 17.34 -14.51 16.41
CA GLU J 163 16.85 -15.74 16.99
C GLU J 163 17.77 -16.31 18.07
N ALA J 164 18.95 -15.72 18.26
CA ALA J 164 19.90 -16.23 19.24
C ALA J 164 19.39 -16.01 20.65
N VAL J 165 19.57 -17.01 21.50
CA VAL J 165 19.15 -16.94 22.89
C VAL J 165 20.24 -16.20 23.67
N LEU J 166 20.00 -14.93 23.95
CA LEU J 166 20.97 -14.08 24.65
C LEU J 166 20.40 -13.46 25.91
N ILE J 167 19.14 -13.04 25.90
CA ILE J 167 18.56 -12.29 26.99
C ILE J 167 17.62 -13.19 27.78
N LYS J 168 17.12 -12.74 28.92
CA LYS J 168 16.28 -13.55 29.78
C LYS J 168 14.93 -13.79 29.26
N ASP J 169 14.40 -12.92 28.44
CA ASP J 169 13.12 -13.21 27.80
C ASP J 169 13.23 -14.39 26.84
N ASP J 170 14.38 -14.50 26.16
CA ASP J 170 14.59 -15.64 25.27
C ASP J 170 14.55 -16.95 26.04
N TYR J 171 15.22 -17.01 27.20
CA TYR J 171 15.16 -18.22 28.01
C TYR J 171 13.76 -18.49 28.53
N GLU J 172 13.04 -17.42 28.92
CA GLU J 172 11.70 -17.60 29.47
C GLU J 172 10.75 -18.17 28.41
N LYS J 173 10.85 -17.70 27.18
CA LYS J 173 9.98 -18.18 26.11
C LYS J 173 10.57 -19.36 25.34
N TYR J 174 11.76 -19.83 25.72
CA TYR J 174 12.36 -20.97 25.05
C TYR J 174 11.50 -22.22 25.20
N SER J 175 10.93 -22.43 26.39
CA SER J 175 10.16 -23.64 26.65
C SER J 175 8.93 -23.75 25.76
N ILE J 176 8.44 -22.63 25.23
CA ILE J 176 7.27 -22.61 24.36
C ILE J 176 7.67 -22.54 22.90
N LYS J 177 8.62 -21.70 22.55
CA LYS J 177 8.98 -21.49 21.17
C LYS J 177 9.78 -22.60 20.64
N MET J 178 10.77 -23.01 21.38
CA MET J 178 11.69 -24.05 20.94
C MET J 178 11.46 -25.37 21.68
N ASP J 179 10.18 -25.69 21.92
CA ASP J 179 9.85 -26.94 22.59
C ASP J 179 10.31 -28.18 21.83
N PRO J 180 10.20 -28.28 20.49
CA PRO J 180 10.72 -29.47 19.82
C PRO J 180 12.20 -29.72 20.07
N TYR J 181 13.01 -28.67 20.19
CA TYR J 181 14.42 -28.87 20.51
C TYR J 181 14.59 -29.42 21.92
N ILE J 182 13.75 -28.97 22.85
CA ILE J 182 13.79 -29.52 24.21
C ILE J 182 13.45 -31.00 24.19
N LYS J 183 12.42 -31.38 23.43
CA LYS J 183 12.04 -32.79 23.35
C LYS J 183 13.14 -33.61 22.70
N ALA J 184 13.76 -33.09 21.64
CA ALA J 184 14.84 -33.81 20.97
C ALA J 184 16.04 -34.00 21.89
N LEU J 185 16.40 -32.96 22.65
CA LEU J 185 17.51 -33.10 23.57
C LEU J 185 17.18 -34.05 24.71
N SER J 186 15.92 -34.05 25.17
CA SER J 186 15.51 -35.00 26.19
C SER J 186 15.61 -36.44 25.67
N GLY J 187 15.24 -36.66 24.41
CA GLY J 187 15.38 -37.98 23.84
C GLY J 187 16.84 -38.40 23.68
N ASP J 188 17.70 -37.46 23.26
CA ASP J 188 19.11 -37.77 23.08
C ASP J 188 19.82 -38.01 24.41
N LEU J 189 19.42 -37.30 25.46
CA LEU J 189 20.05 -37.47 26.77
C LEU J 189 19.72 -38.82 27.40
N VAL J 190 18.75 -39.55 26.85
CA VAL J 190 18.43 -40.89 27.35
C VAL J 190 18.72 -41.98 26.34
N SER J 191 18.90 -41.66 25.06
CA SER J 191 19.21 -42.66 24.06
C SER J 191 20.66 -42.64 23.61
N LYS J 192 21.44 -41.64 24.01
CA LYS J 192 22.83 -41.53 23.57
C LYS J 192 23.71 -41.13 24.75
N THR J 193 24.99 -41.50 24.66
CA THR J 193 25.97 -41.13 25.66
C THR J 193 26.64 -39.81 25.25
N PHE J 194 26.52 -38.81 26.10
CA PHE J 194 27.00 -37.46 25.80
C PHE J 194 28.39 -37.24 26.37
N LEU J 195 29.16 -36.39 25.70
CA LEU J 195 30.43 -35.89 26.22
C LEU J 195 30.37 -34.38 26.21
N PHE J 196 30.17 -33.78 27.39
CA PHE J 196 30.02 -32.33 27.51
C PHE J 196 31.41 -31.71 27.54
N VAL J 197 31.82 -31.12 26.44
CA VAL J 197 33.12 -30.48 26.31
C VAL J 197 32.92 -28.97 26.27
N GLY J 198 33.71 -28.25 27.06
CA GLY J 198 33.63 -26.80 27.07
C GLY J 198 32.29 -26.25 27.49
N PHE J 199 31.64 -26.90 28.45
CA PHE J 199 30.33 -26.48 28.94
C PHE J 199 30.40 -26.22 30.44
N SER J 200 29.77 -25.14 30.88
CA SER J 200 29.83 -24.73 32.28
C SER J 200 28.66 -25.22 33.13
N PHE J 201 27.62 -25.78 32.51
CA PHE J 201 26.45 -26.29 33.21
C PHE J 201 25.79 -25.22 34.07
N THR J 202 25.80 -23.98 33.58
CA THR J 202 25.05 -22.89 34.19
C THR J 202 23.91 -22.41 33.31
N ASP J 203 23.69 -23.05 32.18
CA ASP J 203 22.64 -22.61 31.26
C ASP J 203 21.27 -23.00 31.81
N PRO J 204 20.34 -22.05 31.95
CA PRO J 204 19.01 -22.41 32.49
C PRO J 204 18.28 -23.45 31.66
N ASN J 205 18.42 -23.42 30.33
CA ASN J 205 17.76 -24.42 29.49
C ASN J 205 18.28 -25.81 29.80
N LEU J 206 19.60 -25.96 29.92
CA LEU J 206 20.17 -27.27 30.21
C LEU J 206 19.79 -27.72 31.61
N ASP J 207 19.74 -26.79 32.57
CA ASP J 207 19.29 -27.15 33.92
C ASP J 207 17.87 -27.67 33.89
N TYR J 208 16.98 -26.99 33.16
CA TYR J 208 15.59 -27.43 33.07
C TYR J 208 15.48 -28.80 32.40
N ILE J 209 16.21 -28.99 31.30
CA ILE J 209 16.11 -30.26 30.58
C ILE J 209 16.66 -31.40 31.42
N LEU J 210 17.82 -31.19 32.07
CA LEU J 210 18.40 -32.23 32.90
C LEU J 210 17.52 -32.54 34.10
N SER J 211 16.92 -31.52 34.72
CA SER J 211 16.00 -31.77 35.82
C SER J 211 14.80 -32.57 35.37
N ARG J 212 14.26 -32.26 34.18
CA ARG J 212 13.15 -33.03 33.66
C ARG J 212 13.54 -34.49 33.41
N VAL J 213 14.73 -34.70 32.84
CA VAL J 213 15.19 -36.06 32.59
C VAL J 213 15.34 -36.83 33.90
N ARG J 214 15.94 -36.20 34.91
CA ARG J 214 16.11 -36.86 36.20
C ARG J 214 14.76 -37.16 36.83
N SER J 215 13.82 -36.22 36.77
CA SER J 215 12.49 -36.47 37.33
C SER J 215 11.78 -37.61 36.60
N ALA J 216 12.04 -37.76 35.29
CA ALA J 216 11.40 -38.82 34.54
C ALA J 216 12.02 -40.18 34.81
N TYR J 217 13.35 -40.23 35.00
CA TYR J 217 14.04 -41.51 35.09
C TYR J 217 14.64 -41.81 36.46
N GLU J 218 14.76 -40.82 37.34
CA GLU J 218 15.25 -41.02 38.71
C GLU J 218 16.65 -41.63 38.64
N ARG J 219 16.89 -42.78 39.29
CA ARG J 219 18.24 -43.33 39.39
C ARG J 219 18.65 -44.16 38.19
N ASP J 220 17.77 -44.34 37.20
CA ASP J 220 18.07 -45.16 36.04
C ASP J 220 18.49 -44.33 34.83
N GLN J 221 19.06 -43.15 35.07
CA GLN J 221 19.50 -42.29 33.98
C GLN J 221 20.75 -42.85 33.31
N ARG J 222 20.87 -42.58 32.02
CA ARG J 222 22.06 -42.99 31.28
C ARG J 222 23.27 -42.21 31.75
N ARG J 223 24.43 -42.85 31.70
CA ARG J 223 25.68 -42.22 32.12
C ARG J 223 26.20 -41.28 31.03
N HIS J 224 26.46 -40.04 31.41
CA HIS J 224 27.08 -39.06 30.53
C HIS J 224 28.42 -38.61 31.11
N TYR J 225 29.30 -38.17 30.24
CA TYR J 225 30.64 -37.76 30.63
C TYR J 225 30.83 -36.26 30.38
N CYS J 226 31.67 -35.65 31.21
CA CYS J 226 31.92 -34.22 31.12
C CYS J 226 33.41 -33.97 31.30
N LEU J 227 33.87 -32.84 30.75
CA LEU J 227 35.26 -32.41 30.87
C LEU J 227 35.28 -31.00 31.44
N ILE J 228 35.84 -30.85 32.64
CA ILE J 228 35.91 -29.56 33.32
C ILE J 228 37.32 -29.38 33.85
N LYS J 229 37.91 -28.22 33.61
CA LYS J 229 39.24 -27.91 34.11
C LYS J 229 39.19 -27.60 35.60
N LYS J 230 40.14 -28.14 36.35
CA LYS J 230 40.24 -27.82 37.76
C LYS J 230 40.59 -26.34 37.95
N GLU J 231 40.14 -25.78 39.06
CA GLU J 231 40.43 -24.39 39.36
C GLU J 231 41.91 -24.21 39.64
N GLU J 232 42.50 -23.17 39.06
CA GLU J 232 43.90 -22.83 39.28
C GLU J 232 43.99 -21.47 39.97
N ARG J 233 45.01 -21.32 40.81
CA ARG J 233 45.17 -20.11 41.60
C ARG J 233 45.46 -18.92 40.69
N ARG J 234 44.75 -17.82 40.93
CA ARG J 234 44.97 -16.60 40.18
C ARG J 234 46.30 -15.97 40.58
N PRO J 235 46.86 -15.09 39.74
CA PRO J 235 48.19 -14.53 40.05
C PRO J 235 48.29 -13.86 41.40
N ASP J 236 47.23 -13.17 41.84
CA ASP J 236 47.22 -12.47 43.13
C ASP J 236 45.97 -12.92 43.89
N GLU J 237 46.11 -13.93 44.73
CA GLU J 237 44.99 -14.45 45.49
C GLU J 237 45.51 -15.17 46.72
N LEU J 238 44.76 -15.06 47.82
CA LEU J 238 45.11 -15.76 49.04
C LEU J 238 44.91 -17.26 48.88
N GLU J 239 45.61 -18.03 49.72
CA GLU J 239 45.46 -19.47 49.70
C GLU J 239 44.05 -19.90 50.10
N ALA J 240 43.49 -19.24 51.13
CA ALA J 240 42.19 -19.64 51.64
C ALA J 240 41.10 -19.48 50.60
N ASP J 241 41.12 -18.38 49.84
CA ASP J 241 40.10 -18.18 48.81
C ASP J 241 40.26 -19.17 47.67
N PHE J 242 41.50 -19.54 47.34
CA PHE J 242 41.71 -20.57 46.32
C PHE J 242 41.16 -21.91 46.80
N GLU J 243 41.40 -22.26 48.06
CA GLU J 243 40.84 -23.50 48.58
C GLU J 243 39.32 -23.45 48.62
N TYR J 244 38.75 -22.29 48.91
CA TYR J 244 37.29 -22.14 48.86
C TYR J 244 36.77 -22.36 47.45
N ARG J 245 37.46 -21.81 46.45
CA ARG J 245 37.06 -22.02 45.06
C ARG J 245 37.14 -23.49 44.69
N VAL J 246 38.20 -24.16 45.11
CA VAL J 246 38.36 -25.58 44.81
C VAL J 246 37.24 -26.39 45.47
N ARG J 247 36.90 -26.05 46.71
CA ARG J 247 35.82 -26.76 47.40
C ARG J 247 34.49 -26.54 46.70
N LYS J 248 34.32 -25.28 46.19
CA LYS J 248 33.09 -24.98 45.55
C LYS J 248 33.04 -25.73 44.26
N GLN J 249 34.08 -25.88 43.54
CA GLN J 249 34.12 -26.64 42.30
C GLN J 249 33.89 -28.12 42.54
N GLU J 250 34.45 -28.66 43.63
CA GLU J 250 34.21 -30.06 43.96
C GLU J 250 32.74 -30.30 44.26
N LEU J 251 32.11 -29.40 45.00
CA LEU J 251 30.68 -29.54 45.25
C LEU J 251 29.87 -29.46 43.95
N PHE J 252 30.25 -28.56 43.05
CA PHE J 252 29.56 -28.44 41.78
C PHE J 252 29.72 -29.73 40.95
N ILE J 253 30.92 -30.30 40.94
CA ILE J 253 31.17 -31.53 40.21
C ILE J 253 30.33 -32.67 40.80
N SER J 254 30.28 -32.76 42.12
CA SER J 254 29.46 -33.79 42.75
C SER J 254 27.98 -33.59 42.43
N ASP J 255 27.52 -32.34 42.42
CA ASP J 255 26.14 -32.05 42.07
C ASP J 255 25.83 -32.40 40.62
N LEU J 256 26.83 -32.33 39.74
CA LEU J 256 26.61 -32.72 38.37
C LEU J 256 26.28 -34.21 38.26
N SER J 257 26.94 -35.04 39.08
CA SER J 257 26.68 -36.47 39.05
C SER J 257 25.30 -36.82 39.57
N ARG J 258 24.50 -35.89 40.02
CA ARG J 258 23.11 -36.15 40.46
C ARG J 258 22.31 -36.47 39.30
N PHE J 259 22.67 -35.91 38.19
CA PHE J 259 22.05 -36.30 36.93
C PHE J 259 22.83 -37.39 36.21
N ASN J 260 23.70 -38.09 36.93
CA ASN J 260 24.55 -39.15 36.37
C ASN J 260 25.43 -38.63 35.24
N ILE J 261 26.06 -37.49 35.46
CA ILE J 261 27.02 -36.92 34.53
C ILE J 261 28.38 -36.99 35.21
N LYS J 262 29.17 -37.99 34.85
CA LYS J 262 30.50 -38.13 35.44
C LYS J 262 31.43 -37.06 34.88
N THR J 263 32.11 -36.36 35.78
CA THR J 263 32.98 -35.25 35.42
C THR J 263 34.43 -35.68 35.52
N ILE J 264 35.19 -35.40 34.45
CA ILE J 264 36.62 -35.69 34.42
C ILE J 264 37.37 -34.39 34.68
N VAL J 265 38.18 -34.38 35.74
CA VAL J 265 38.94 -33.19 36.09
C VAL J 265 40.18 -33.11 35.20
N LEU J 266 40.34 -31.99 34.51
CA LEU J 266 41.44 -31.78 33.59
C LEU J 266 42.37 -30.70 34.12
N ASN J 267 43.65 -30.99 34.23
CA ASN J 267 44.60 -30.02 34.74
C ASN J 267 44.71 -28.81 33.83
N ASN J 268 44.78 -29.04 32.52
CA ASN J 268 44.95 -27.98 31.54
C ASN J 268 43.86 -28.06 30.49
N TYR J 269 43.64 -26.94 29.80
CA TYR J 269 42.75 -26.94 28.65
C TYR J 269 43.33 -27.77 27.51
N ASN J 270 44.65 -27.78 27.36
CA ASN J 270 45.29 -28.56 26.32
C ASN J 270 45.19 -30.05 26.55
N GLU J 271 44.76 -30.50 27.73
CA GLU J 271 44.55 -31.92 27.94
C GLU J 271 43.32 -32.42 27.21
N ILE J 272 42.42 -31.53 26.81
CA ILE J 272 41.27 -31.93 26.02
C ILE J 272 41.73 -32.48 24.68
N THR J 273 42.67 -31.79 24.03
CA THR J 273 43.20 -32.28 22.77
C THR J 273 43.91 -33.62 22.95
N GLU J 274 44.53 -33.81 24.10
CA GLU J 274 45.25 -35.04 24.30
C GLU J 274 44.32 -36.14 24.56
N ILE J 275 43.19 -35.88 25.16
CA ILE J 275 42.17 -36.89 25.37
C ILE J 275 41.52 -37.27 24.05
N LEU J 276 41.20 -36.26 23.23
CA LEU J 276 40.55 -36.53 21.95
C LEU J 276 41.46 -37.29 21.02
N GLN J 277 42.76 -36.98 21.04
CA GLN J 277 43.71 -37.73 20.22
C GLN J 277 43.78 -39.18 20.65
N ARG J 278 43.75 -39.43 21.96
CA ARG J 278 43.72 -40.81 22.45
C ARG J 278 42.45 -41.53 22.02
N ILE J 279 41.31 -40.83 22.10
CA ILE J 279 40.04 -41.43 21.71
C ILE J 279 40.04 -41.79 20.23
N GLU J 280 40.59 -40.92 19.38
CA GLU J 280 40.69 -41.23 17.96
C GLU J 280 41.68 -42.35 17.70
N ASN J 281 42.81 -42.34 18.40
CA ASN J 281 43.85 -43.35 18.20
C ASN J 281 43.36 -44.74 18.57
N ASN J 282 42.57 -44.86 19.65
CA ASN J 282 41.98 -46.14 19.99
C ASN J 282 40.98 -46.61 18.94
N ILE J 283 40.47 -45.69 18.12
CA ILE J 283 39.56 -46.06 17.04
C ILE J 283 40.32 -46.19 15.72
N LYS J 284 41.23 -45.27 15.46
CA LYS J 284 42.00 -45.30 14.22
C LYS J 284 42.84 -46.56 14.11
N THR J 285 43.50 -46.94 15.20
CA THR J 285 44.39 -48.10 15.18
C THR J 285 43.66 -49.43 15.29
N LYS J 286 42.33 -49.42 15.42
CA LYS J 286 41.59 -50.67 15.47
C LYS J 286 41.64 -51.44 14.16
N THR J 287 42.06 -50.80 13.07
CA THR J 287 42.16 -51.45 11.77
C THR J 287 43.63 -51.56 11.38
N VAL J 288 44.05 -52.76 11.00
CA VAL J 288 45.43 -53.03 10.63
C VAL J 288 45.50 -53.29 9.14
N PHE J 289 46.69 -53.10 8.58
CA PHE J 289 46.94 -53.31 7.16
C PHE J 289 48.03 -54.36 7.01
N LEU J 290 47.65 -55.59 6.65
CA LEU J 290 48.59 -56.69 6.49
C LEU J 290 49.23 -56.57 5.11
N SER J 291 50.41 -55.97 5.07
CA SER J 291 51.14 -55.81 3.82
C SER J 291 52.19 -56.91 3.67
N GLY J 292 52.41 -57.32 2.44
CA GLY J 292 53.42 -58.32 2.17
C GLY J 292 53.13 -59.06 0.87
N SER J 293 54.16 -59.76 0.41
CA SER J 293 54.09 -60.57 -0.80
C SER J 293 55.30 -61.49 -0.79
N ALA J 294 55.07 -62.78 -1.03
CA ALA J 294 56.16 -63.74 -0.86
C ALA J 294 56.08 -64.85 -1.90
N VAL J 295 57.22 -65.11 -2.54
CA VAL J 295 57.43 -66.35 -3.26
C VAL J 295 58.44 -67.24 -2.55
N GLU J 296 59.30 -66.68 -1.71
CA GLU J 296 60.14 -67.42 -0.79
C GLU J 296 59.79 -67.00 0.63
N TYR J 297 60.00 -67.89 1.58
CA TYR J 297 59.57 -67.66 2.95
C TYR J 297 60.73 -67.78 3.92
N ASN J 298 61.92 -67.34 3.49
CA ASN J 298 63.10 -67.25 4.34
C ASN J 298 63.42 -68.57 5.03
N HIS J 299 63.67 -68.50 6.34
CA HIS J 299 64.10 -69.68 7.09
C HIS J 299 63.01 -70.76 7.10
N TRP J 300 61.76 -70.36 7.27
CA TRP J 300 60.66 -71.32 7.32
C TRP J 300 60.39 -71.90 5.94
N GLU J 301 59.74 -73.05 5.92
CA GLU J 301 59.25 -73.65 4.70
C GLU J 301 57.96 -72.96 4.27
N THR J 302 57.53 -73.23 3.04
CA THR J 302 56.32 -72.59 2.54
C THR J 302 55.12 -72.95 3.39
N GLU J 303 54.97 -74.22 3.76
CA GLU J 303 53.84 -74.63 4.59
C GLU J 303 53.90 -73.99 5.97
N HIS J 304 55.10 -73.96 6.57
CA HIS J 304 55.22 -73.38 7.90
C HIS J 304 54.89 -71.90 7.91
N ALA J 305 55.38 -71.16 6.91
CA ALA J 305 55.08 -69.74 6.83
C ALA J 305 53.62 -69.48 6.50
N GLU J 306 53.02 -70.35 5.67
CA GLU J 306 51.59 -70.23 5.42
C GLU J 306 50.80 -70.40 6.70
N GLN J 307 51.18 -71.38 7.51
CA GLN J 307 50.53 -71.56 8.81
C GLN J 307 50.76 -70.34 9.70
N PHE J 308 51.96 -69.75 9.65
CA PHE J 308 52.25 -68.57 10.44
C PHE J 308 51.32 -67.42 10.07
N ILE J 309 51.21 -67.13 8.77
CA ILE J 309 50.35 -66.03 8.32
C ILE J 309 48.90 -66.32 8.66
N HIS J 310 48.46 -67.57 8.45
CA HIS J 310 47.09 -67.96 8.76
C HIS J 310 46.78 -67.73 10.24
N GLN J 311 47.65 -68.19 11.12
CA GLN J 311 47.41 -68.03 12.56
C GLN J 311 47.54 -66.57 12.99
N LEU J 312 48.42 -65.80 12.36
CA LEU J 312 48.52 -64.38 12.67
C LEU J 312 47.22 -63.66 12.35
N SER J 313 46.66 -63.93 11.16
CA SER J 313 45.38 -63.31 10.82
C SER J 313 44.27 -63.79 11.74
N LYS J 314 44.27 -65.08 12.09
CA LYS J 314 43.26 -65.60 12.99
C LYS J 314 43.33 -64.92 14.36
N GLU J 315 44.54 -64.73 14.88
CA GLU J 315 44.70 -64.04 16.16
C GLU J 315 44.29 -62.58 16.05
N LEU J 316 44.64 -61.92 14.95
CA LEU J 316 44.26 -60.52 14.78
C LEU J 316 42.75 -60.36 14.77
N ILE J 317 42.04 -61.22 14.03
CA ILE J 317 40.59 -61.13 14.02
C ILE J 317 40.01 -61.51 15.37
N ARG J 318 40.62 -62.49 16.05
CA ARG J 318 40.12 -62.91 17.35
C ARG J 318 40.20 -61.79 18.39
N LYS J 319 41.17 -60.88 18.22
CA LYS J 319 41.34 -59.75 19.14
C LYS J 319 40.58 -58.51 18.69
N ASP J 320 39.50 -58.69 17.93
CA ASP J 320 38.61 -57.59 17.52
C ASP J 320 39.36 -56.53 16.71
N PHE J 321 40.20 -56.97 15.78
CA PHE J 321 40.85 -56.10 14.84
C PHE J 321 40.22 -56.24 13.47
N ASN J 322 40.36 -55.20 12.65
CA ASN J 322 39.88 -55.19 11.29
C ASN J 322 41.07 -55.32 10.35
N ILE J 323 41.04 -56.32 9.48
CA ILE J 323 42.15 -56.62 8.58
C ILE J 323 41.80 -56.07 7.20
N VAL J 324 42.65 -55.19 6.68
CA VAL J 324 42.57 -54.72 5.30
C VAL J 324 43.75 -55.29 4.56
N SER J 325 43.48 -56.08 3.52
CA SER J 325 44.52 -56.76 2.77
C SER J 325 44.39 -56.42 1.30
N GLY J 326 45.52 -56.15 0.65
CA GLY J 326 45.56 -55.93 -0.77
C GLY J 326 45.58 -57.18 -1.61
N PHE J 327 45.37 -58.34 -0.97
CA PHE J 327 45.41 -59.64 -1.64
C PHE J 327 46.74 -59.83 -2.37
N GLY J 328 47.82 -59.54 -1.66
CA GLY J 328 49.14 -59.71 -2.23
C GLY J 328 49.49 -61.17 -2.43
N LEU J 329 50.36 -61.43 -3.38
CA LEU J 329 50.73 -62.79 -3.73
C LEU J 329 51.58 -63.40 -2.61
N GLY J 330 51.02 -64.42 -1.95
CA GLY J 330 51.73 -65.17 -0.93
C GLY J 330 51.27 -64.92 0.48
N VAL J 331 50.59 -63.80 0.74
CA VAL J 331 50.09 -63.55 2.09
C VAL J 331 48.59 -63.32 2.06
N GLY J 332 48.06 -62.84 0.94
CA GLY J 332 46.65 -62.50 0.90
C GLY J 332 45.74 -63.70 1.04
N SER J 333 46.06 -64.80 0.35
CA SER J 333 45.25 -65.99 0.45
C SER J 333 45.24 -66.56 1.86
N PHE J 334 46.41 -66.57 2.51
CA PHE J 334 46.48 -67.12 3.86
C PHE J 334 45.83 -66.20 4.89
N VAL J 335 45.91 -64.89 4.67
CA VAL J 335 45.15 -63.96 5.51
C VAL J 335 43.66 -64.23 5.38
N ILE J 336 43.19 -64.43 4.15
CA ILE J 336 41.78 -64.75 3.94
C ILE J 336 41.42 -66.04 4.64
N ASN J 337 42.27 -67.06 4.53
CA ASN J 337 42.00 -68.34 5.18
C ASN J 337 41.88 -68.18 6.69
N GLY J 338 42.81 -67.43 7.29
CA GLY J 338 42.74 -67.23 8.73
C GLY J 338 41.49 -66.48 9.15
N VAL J 339 41.16 -65.41 8.42
CA VAL J 339 39.97 -64.63 8.77
C VAL J 339 38.72 -65.47 8.64
N LEU J 340 38.61 -66.26 7.57
CA LEU J 340 37.44 -67.10 7.39
C LEU J 340 37.35 -68.16 8.48
N GLU J 341 38.48 -68.78 8.83
CA GLU J 341 38.45 -69.81 9.87
C GLU J 341 38.02 -69.21 11.21
N GLU J 342 38.47 -68.00 11.52
CA GLU J 342 38.06 -67.39 12.78
C GLU J 342 36.60 -66.97 12.74
N LEU J 343 36.13 -66.40 11.63
CA LEU J 343 34.78 -65.85 11.58
C LEU J 343 33.72 -66.94 11.51
N TYR J 344 33.96 -67.97 10.69
CA TYR J 344 32.95 -69.01 10.51
C TYR J 344 32.83 -69.94 11.70
N MET J 345 33.73 -69.85 12.67
CA MET J 345 33.66 -70.69 13.86
C MET J 345 32.67 -70.13 14.87
N THR J 349 28.48 -65.70 7.85
CA THR J 349 28.66 -64.60 6.92
C THR J 349 29.90 -63.78 7.28
N ILE J 350 30.26 -62.85 6.40
CA ILE J 350 31.43 -62.00 6.59
C ILE J 350 30.96 -60.56 6.73
N ASP J 351 31.26 -59.94 7.86
CA ASP J 351 30.97 -58.53 8.03
C ASP J 351 31.90 -57.70 7.17
N ASP J 352 31.36 -56.62 6.58
CA ASP J 352 32.16 -55.78 5.71
C ASP J 352 33.24 -55.02 6.48
N ASP J 353 33.16 -54.98 7.81
CA ASP J 353 34.15 -54.27 8.60
C ASP J 353 35.29 -55.15 9.08
N ARG J 354 35.09 -56.47 9.15
CA ARG J 354 36.13 -57.35 9.69
C ARG J 354 37.22 -57.61 8.67
N LEU J 355 36.85 -58.09 7.48
CA LEU J 355 37.80 -58.34 6.41
C LEU J 355 37.45 -57.50 5.20
N ILE J 356 38.41 -56.72 4.72
CA ILE J 356 38.25 -55.85 3.57
C ILE J 356 39.28 -56.25 2.54
N LEU J 357 38.83 -56.78 1.41
CA LEU J 357 39.71 -57.25 0.35
C LEU J 357 39.74 -56.23 -0.78
N ARG J 358 40.96 -55.86 -1.20
CA ARG J 358 41.16 -54.94 -2.32
C ARG J 358 42.20 -55.52 -3.26
N PRO J 359 41.85 -56.55 -4.03
CA PRO J 359 42.80 -57.11 -4.99
C PRO J 359 43.23 -56.07 -6.02
N PHE J 360 44.49 -56.11 -6.40
CA PHE J 360 45.01 -55.11 -7.32
C PHE J 360 44.72 -55.53 -8.75
N PRO J 361 44.08 -54.68 -9.55
CA PRO J 361 43.78 -55.04 -10.95
C PRO J 361 45.07 -55.30 -11.72
N GLN J 362 45.12 -56.45 -12.39
CA GLN J 362 46.28 -56.86 -13.15
C GLN J 362 46.13 -56.42 -14.60
N GLY J 363 47.15 -55.74 -15.12
CA GLY J 363 47.10 -55.18 -16.45
C GLY J 363 47.64 -53.76 -16.49
N LYS J 364 48.10 -53.32 -17.66
CA LYS J 364 48.68 -51.98 -17.77
C LYS J 364 47.66 -50.89 -17.50
N LYS J 365 46.37 -51.18 -17.64
CA LYS J 365 45.34 -50.19 -17.35
C LYS J 365 45.18 -49.98 -15.85
N GLY J 366 45.29 -51.04 -15.06
CA GLY J 366 45.16 -50.92 -13.62
C GLY J 366 46.38 -50.41 -12.90
N GLU J 367 47.57 -50.58 -13.49
CA GLU J 367 48.79 -50.12 -12.84
C GLU J 367 48.80 -48.60 -12.69
N GLU J 368 48.12 -47.89 -13.60
CA GLU J 368 48.09 -46.43 -13.51
C GLU J 368 47.27 -45.97 -12.31
N GLN J 369 46.24 -46.73 -11.94
CA GLN J 369 45.43 -46.41 -10.77
C GLN J 369 45.89 -47.14 -9.52
N TRP J 370 46.90 -48.01 -9.63
CA TRP J 370 47.42 -48.74 -8.49
C TRP J 370 47.80 -47.81 -7.33
N ASP J 371 48.41 -46.66 -7.64
CA ASP J 371 48.89 -45.79 -6.57
C ASP J 371 47.73 -45.23 -5.75
N LYS J 372 46.70 -44.69 -6.42
CA LYS J 372 45.56 -44.17 -5.69
C LYS J 372 44.78 -45.29 -5.00
N TYR J 373 44.79 -46.48 -5.58
CA TYR J 373 44.12 -47.61 -4.99
C TYR J 373 44.81 -47.95 -3.70
N ARG J 374 46.12 -47.93 -3.69
CA ARG J 374 46.90 -48.28 -2.50
C ARG J 374 46.79 -47.22 -1.45
N ARG J 375 46.74 -45.97 -1.84
CA ARG J 375 46.53 -44.91 -0.87
C ARG J 375 45.14 -45.00 -0.24
N ASP J 376 44.14 -45.36 -1.05
CA ASP J 376 42.79 -45.54 -0.52
C ASP J 376 42.75 -46.70 0.47
N MET J 377 43.41 -47.81 0.15
CA MET J 377 43.47 -48.93 1.08
C MET J 377 44.10 -48.51 2.41
N ILE J 378 45.28 -47.90 2.35
CA ILE J 378 46.03 -47.60 3.55
C ILE J 378 45.33 -46.53 4.38
N THR J 379 44.63 -45.60 3.72
CA THR J 379 43.90 -44.57 4.44
C THR J 379 42.82 -45.17 5.34
N ARG J 380 42.29 -46.33 4.96
CA ARG J 380 41.26 -46.99 5.76
C ARG J 380 41.80 -47.54 7.06
N THR J 381 43.12 -47.70 7.19
CA THR J 381 43.72 -48.40 8.31
C THR J 381 44.42 -47.41 9.25
N GLY J 382 44.85 -47.94 10.40
CA GLY J 382 45.59 -47.16 11.37
C GLY J 382 46.97 -47.69 11.68
N VAL J 383 47.15 -49.01 11.54
CA VAL J 383 48.41 -49.69 11.82
C VAL J 383 48.78 -50.54 10.62
N SER J 384 50.05 -50.55 10.27
CA SER J 384 50.53 -51.34 9.13
C SER J 384 51.53 -52.38 9.60
N ILE J 385 51.31 -53.64 9.22
CA ILE J 385 52.18 -54.76 9.55
C ILE J 385 52.72 -55.33 8.23
N PHE J 386 54.03 -55.53 8.18
CA PHE J 386 54.70 -55.90 6.94
C PHE J 386 55.37 -57.26 7.10
N LEU J 387 55.09 -58.17 6.15
CA LEU J 387 55.62 -59.51 6.17
C LEU J 387 56.36 -59.78 4.86
N TYR J 388 57.58 -60.31 4.98
CA TYR J 388 58.39 -60.67 3.83
C TYR J 388 58.51 -59.52 2.84
N GLY J 389 58.09 -59.73 1.60
CA GLY J 389 58.13 -58.66 0.63
C GLY J 389 59.02 -58.90 -0.58
N ASN J 390 59.13 -60.15 -1.02
CA ASN J 390 59.84 -60.47 -2.24
C ASN J 390 58.86 -60.91 -3.32
N LYS J 391 59.25 -60.86 -4.55
CA LYS J 391 58.38 -61.25 -5.65
C LYS J 391 59.24 -61.80 -6.76
N ILE J 392 58.73 -62.67 -7.55
CA ILE J 392 59.43 -63.33 -8.65
C ILE J 392 59.43 -62.41 -9.86
N ASP J 393 60.62 -62.09 -10.36
CA ASP J 393 60.77 -61.20 -11.49
C ASP J 393 61.99 -61.64 -12.30
N LYS J 394 61.81 -61.73 -13.62
CA LYS J 394 62.87 -62.17 -14.53
C LYS J 394 63.44 -63.52 -14.11
N GLY J 395 62.58 -64.40 -13.61
CA GLY J 395 63.00 -65.71 -13.17
C GLY J 395 63.78 -65.72 -11.88
N GLN J 396 63.85 -64.60 -11.17
CA GLN J 396 64.62 -64.49 -9.93
C GLN J 396 63.75 -63.87 -8.85
N VAL J 397 64.11 -64.15 -7.60
CA VAL J 397 63.35 -63.68 -6.44
C VAL J 397 63.88 -62.29 -6.10
N VAL J 398 63.30 -61.28 -6.74
CA VAL J 398 63.67 -59.89 -6.49
C VAL J 398 62.93 -59.37 -5.26
N LYS J 399 63.36 -58.23 -4.74
CA LYS J 399 62.66 -57.59 -3.64
C LYS J 399 61.49 -56.78 -4.17
N ALA J 400 60.32 -56.96 -3.58
CA ALA J 400 59.10 -56.34 -4.06
C ALA J 400 59.01 -54.90 -3.58
N LYS J 401 58.99 -53.96 -4.52
CA LYS J 401 58.95 -52.55 -4.18
C LYS J 401 57.58 -52.07 -3.71
N GLY J 402 56.53 -52.87 -3.93
CA GLY J 402 55.21 -52.47 -3.47
C GLY J 402 55.10 -52.44 -1.96
N VAL J 403 55.79 -53.36 -1.27
CA VAL J 403 55.80 -53.32 0.19
C VAL J 403 56.47 -52.05 0.68
N GLN J 404 57.59 -51.66 0.04
CA GLN J 404 58.24 -50.40 0.39
C GLN J 404 57.33 -49.21 0.12
N SER J 405 56.60 -49.25 -0.99
CA SER J 405 55.68 -48.17 -1.31
C SER J 405 54.55 -48.08 -0.28
N GLU J 406 54.06 -49.22 0.18
CA GLU J 406 53.04 -49.22 1.20
C GLU J 406 53.62 -48.67 2.48
N PHE J 407 54.81 -49.08 2.84
CA PHE J 407 55.45 -48.55 4.04
C PHE J 407 55.56 -47.03 3.97
N ASN J 408 55.99 -46.51 2.82
CA ASN J 408 56.12 -45.07 2.65
C ASN J 408 54.77 -44.37 2.76
N ILE J 409 53.74 -44.95 2.15
CA ILE J 409 52.41 -44.34 2.21
C ILE J 409 51.88 -44.35 3.64
N SER J 410 52.05 -45.46 4.36
CA SER J 410 51.61 -45.53 5.74
C SER J 410 52.36 -44.52 6.61
N PHE J 411 53.67 -44.39 6.39
CA PHE J 411 54.45 -43.44 7.16
C PHE J 411 54.03 -42.01 6.85
N GLU J 412 53.70 -41.72 5.59
CA GLU J 412 53.20 -40.39 5.25
C GLU J 412 51.88 -40.08 5.95
N GLN J 413 51.12 -41.11 6.31
CA GLN J 413 49.83 -40.93 6.96
C GLN J 413 49.93 -41.01 8.47
N ASN J 414 51.14 -41.02 9.02
CA ASN J 414 51.36 -41.13 10.47
C ASN J 414 50.79 -42.43 11.03
N ASN J 415 50.73 -43.46 10.20
CA ASN J 415 50.33 -44.78 10.69
C ASN J 415 51.49 -45.45 11.40
N TYR J 416 51.15 -46.24 12.43
CA TYR J 416 52.16 -47.02 13.11
C TYR J 416 52.63 -48.15 12.20
N VAL J 417 53.94 -48.24 11.99
CA VAL J 417 54.51 -49.26 11.12
C VAL J 417 55.10 -50.36 11.99
N VAL J 418 54.77 -51.60 11.67
CA VAL J 418 55.29 -52.75 12.41
C VAL J 418 55.94 -53.71 11.41
N PRO J 419 57.19 -53.46 11.02
CA PRO J 419 57.85 -54.38 10.08
C PRO J 419 58.33 -55.64 10.77
N VAL J 420 57.75 -56.79 10.40
CA VAL J 420 58.12 -58.07 10.98
C VAL J 420 59.45 -58.49 10.35
N GLY J 421 60.55 -58.22 11.04
CA GLY J 421 61.85 -58.51 10.49
C GLY J 421 62.23 -59.98 10.46
N ALA J 422 61.55 -60.81 11.26
CA ALA J 422 61.80 -62.25 11.23
C ALA J 422 61.41 -62.86 9.89
N THR J 423 60.44 -62.27 9.19
CA THR J 423 60.06 -62.79 7.88
C THR J 423 61.17 -62.60 6.87
N GLY J 424 61.91 -61.50 6.96
CA GLY J 424 63.06 -61.29 6.10
C GLY J 424 62.73 -60.50 4.85
N TYR J 425 63.74 -60.41 3.98
CA TYR J 425 63.66 -59.74 2.69
C TYR J 425 63.48 -58.23 2.87
N ILE J 426 62.44 -57.64 2.28
CA ILE J 426 62.28 -56.19 2.34
C ILE J 426 61.73 -55.82 3.72
N ALA J 427 61.11 -56.78 4.40
CA ALA J 427 60.67 -56.56 5.77
C ALA J 427 61.82 -56.43 6.75
N LYS J 428 62.91 -57.17 6.53
CA LYS J 428 64.10 -56.97 7.35
C LYS J 428 64.71 -55.60 7.13
N ASP J 429 64.75 -55.14 5.88
CA ASP J 429 65.26 -53.80 5.59
C ASP J 429 64.39 -52.74 6.24
N LEU J 430 63.06 -52.92 6.17
CA LEU J 430 62.15 -52.00 6.84
C LEU J 430 62.39 -51.99 8.34
N TRP J 431 62.59 -53.17 8.93
CA TRP J 431 62.85 -53.25 10.37
C TRP J 431 64.13 -52.50 10.73
N ASN J 432 65.18 -52.70 9.94
CA ASN J 432 66.43 -51.98 10.20
C ASN J 432 66.25 -50.48 10.05
N LYS J 433 65.50 -50.05 9.03
CA LYS J 433 65.27 -48.63 8.81
C LYS J 433 64.54 -48.00 9.99
N VAL J 434 63.52 -48.68 10.50
CA VAL J 434 62.79 -48.16 11.66
C VAL J 434 63.68 -48.18 12.90
N ASN J 435 64.54 -49.20 13.02
CA ASN J 435 65.38 -49.33 14.21
C ASN J 435 66.47 -48.28 14.25
N GLU J 436 66.98 -47.86 13.10
CA GLU J 436 68.08 -46.88 13.09
C GLU J 436 67.65 -45.57 13.72
N GLU J 437 66.46 -45.08 13.39
CA GLU J 437 65.90 -43.86 13.96
C GLU J 437 64.56 -44.23 14.59
N PHE J 438 64.61 -44.70 15.84
CA PHE J 438 63.40 -45.22 16.47
C PHE J 438 62.47 -44.11 16.94
N GLU J 439 63.02 -42.96 17.33
CA GLU J 439 62.18 -41.86 17.77
C GLU J 439 61.37 -41.26 16.62
N THR J 440 61.87 -41.39 15.39
CA THR J 440 61.15 -40.86 14.24
C THR J 440 59.84 -41.59 14.02
N TYR J 441 59.85 -42.92 14.13
CA TYR J 441 58.67 -43.72 13.86
C TYR J 441 57.84 -44.03 15.10
N TYR J 442 58.49 -44.18 16.25
CA TYR J 442 57.81 -44.48 17.52
C TYR J 442 58.28 -43.50 18.58
N PRO J 443 57.79 -42.26 18.55
CA PRO J 443 58.19 -41.30 19.57
C PRO J 443 57.68 -41.68 20.94
N GLY J 444 58.48 -41.36 21.96
CA GLY J 444 58.09 -41.60 23.34
C GLY J 444 57.84 -43.07 23.66
N ALA J 445 58.71 -43.95 23.17
CA ALA J 445 58.53 -45.37 23.41
C ALA J 445 59.02 -45.75 24.81
N ASP J 446 58.58 -46.91 25.27
CA ASP J 446 58.95 -47.44 26.57
C ASP J 446 59.92 -48.60 26.40
N ALA J 447 60.37 -49.15 27.54
CA ALA J 447 61.26 -50.30 27.50
C ALA J 447 60.56 -51.52 26.90
N ARG J 448 59.29 -51.73 27.25
CA ARG J 448 58.57 -52.87 26.73
C ARG J 448 58.40 -52.79 25.21
N MET J 449 58.09 -51.60 24.71
CA MET J 449 57.94 -51.43 23.26
C MET J 449 59.26 -51.69 22.54
N LYS J 450 60.37 -51.19 23.08
CA LYS J 450 61.66 -51.44 22.47
C LYS J 450 62.02 -52.92 22.49
N LYS J 451 61.71 -53.60 23.61
CA LYS J 451 61.98 -55.03 23.67
C LYS J 451 61.15 -55.80 22.65
N LEU J 452 59.88 -55.46 22.52
CA LEU J 452 59.04 -56.12 21.52
C LEU J 452 59.53 -55.85 20.12
N PHE J 453 59.94 -54.62 19.83
CA PHE J 453 60.44 -54.30 18.50
C PHE J 453 61.72 -55.06 18.20
N GLY J 454 62.62 -55.16 19.18
CA GLY J 454 63.84 -55.93 18.99
C GLY J 454 63.58 -57.41 18.90
N GLU J 455 62.45 -57.87 19.43
CA GLU J 455 62.07 -59.28 19.32
C GLU J 455 61.40 -59.58 17.98
N LEU J 456 60.95 -58.56 17.24
CA LEU J 456 60.39 -58.78 15.91
C LEU J 456 61.40 -59.33 14.93
N ASN J 457 62.69 -59.09 15.16
CA ASN J 457 63.76 -59.58 14.31
C ASN J 457 64.44 -60.82 14.88
N ASN J 458 63.89 -61.39 15.95
CA ASN J 458 64.45 -62.60 16.55
C ASN J 458 64.04 -63.79 15.71
N GLU J 459 64.89 -64.17 14.76
CA GLU J 459 64.56 -65.23 13.82
C GLU J 459 64.47 -66.61 14.46
N ALA J 460 64.94 -66.75 15.70
CA ALA J 460 64.86 -68.05 16.39
C ALA J 460 63.49 -68.29 17.02
N LEU J 461 62.60 -67.30 16.98
CA LEU J 461 61.26 -67.48 17.54
C LEU J 461 60.45 -68.46 16.70
N SER J 462 59.57 -69.19 17.37
CA SER J 462 58.63 -70.07 16.69
C SER J 462 57.47 -69.26 16.14
N ILE J 463 56.50 -69.95 15.55
CA ILE J 463 55.33 -69.28 15.00
C ILE J 463 54.52 -68.63 16.12
N GLU J 464 54.24 -69.39 17.18
CA GLU J 464 53.41 -68.89 18.27
C GLU J 464 54.06 -67.71 18.98
N GLU J 465 55.37 -67.81 19.24
CA GLU J 465 56.06 -66.73 19.94
C GLU J 465 56.07 -65.45 19.11
N LEU J 466 56.36 -65.58 17.81
CA LEU J 466 56.37 -64.40 16.94
C LEU J 466 54.99 -63.77 16.86
N ILE J 467 53.94 -64.60 16.74
CA ILE J 467 52.59 -64.07 16.66
C ILE J 467 52.21 -63.38 17.96
N ASN J 468 52.58 -63.95 19.10
CA ASN J 468 52.32 -63.30 20.38
C ASN J 468 53.04 -61.97 20.48
N THR J 469 54.29 -61.92 20.00
CA THR J 469 55.04 -60.67 19.99
C THR J 469 54.32 -59.61 19.16
N ILE J 470 53.89 -59.98 17.96
CA ILE J 470 53.21 -59.01 17.09
C ILE J 470 51.90 -58.56 17.72
N ILE J 471 51.15 -59.49 18.31
CA ILE J 471 49.87 -59.15 18.91
C ILE J 471 50.06 -58.20 20.08
N GLU J 472 51.04 -58.48 20.93
CA GLU J 472 51.30 -57.59 22.06
C GLU J 472 51.76 -56.21 21.59
N PHE J 473 52.56 -56.18 20.53
CA PHE J 473 52.98 -54.90 19.96
C PHE J 473 51.78 -54.09 19.48
N VAL J 474 50.90 -54.72 18.73
CA VAL J 474 49.72 -54.01 18.22
C VAL J 474 48.81 -53.58 19.35
N GLU J 475 48.71 -54.41 20.41
CA GLU J 475 47.88 -54.05 21.55
C GLU J 475 48.42 -52.83 22.27
N ILE J 476 49.71 -52.82 22.57
CA ILE J 476 50.28 -51.66 23.25
C ILE J 476 50.24 -50.43 22.36
N LEU J 477 50.22 -50.61 21.04
CA LEU J 477 50.02 -49.46 20.16
C LEU J 477 48.60 -48.93 20.25
N SER J 478 47.61 -49.81 20.21
CA SER J 478 46.22 -49.36 20.19
C SER J 478 45.81 -48.77 21.52
N ASN J 479 46.22 -49.38 22.63
CA ASN J 479 45.87 -48.90 23.96
C ASN J 479 47.08 -48.91 24.89
N MET K 4 -46.03 -30.87 45.79
CA MET K 4 -45.65 -32.10 46.48
C MET K 4 -44.13 -32.22 46.59
N LYS K 5 -43.64 -33.45 46.55
CA LYS K 5 -42.21 -33.74 46.69
C LYS K 5 -41.76 -34.63 45.55
N MET K 6 -40.49 -35.01 45.56
CA MET K 6 -39.88 -35.85 44.55
C MET K 6 -39.17 -37.03 45.22
N ASN K 7 -38.36 -37.74 44.44
CA ASN K 7 -37.65 -38.90 44.94
C ASN K 7 -36.69 -38.50 46.05
N PRO K 8 -36.40 -39.40 46.99
CA PRO K 8 -35.45 -39.07 48.06
C PRO K 8 -34.07 -38.68 47.56
N ILE K 9 -33.61 -39.27 46.47
CA ILE K 9 -32.30 -38.91 45.91
C ILE K 9 -32.31 -37.44 45.47
N VAL K 10 -33.38 -37.04 44.79
CA VAL K 10 -33.49 -35.65 44.34
C VAL K 10 -33.60 -34.72 45.54
N GLU K 11 -34.30 -35.14 46.60
CA GLU K 11 -34.40 -34.30 47.79
C GLU K 11 -33.05 -34.13 48.47
N LEU K 12 -32.26 -35.21 48.55
CA LEU K 12 -30.91 -35.09 49.11
C LEU K 12 -30.04 -34.16 48.27
N PHE K 13 -30.14 -34.28 46.94
CA PHE K 13 -29.39 -33.37 46.08
C PHE K 13 -29.82 -31.93 46.30
N ILE K 14 -31.14 -31.70 46.45
CA ILE K 14 -31.64 -30.35 46.67
C ILE K 14 -31.08 -29.79 47.96
N LYS K 15 -31.12 -30.57 49.04
CA LYS K 15 -30.58 -30.11 50.31
C LYS K 15 -29.10 -29.77 50.19
N ASP K 16 -28.32 -30.68 49.60
CA ASP K 16 -26.88 -30.45 49.49
C ASP K 16 -26.57 -29.22 48.64
N PHE K 17 -27.25 -29.07 47.50
CA PHE K 17 -26.94 -27.95 46.62
C PHE K 17 -27.41 -26.63 47.19
N THR K 18 -28.55 -26.62 47.90
CA THR K 18 -28.96 -25.41 48.59
C THR K 18 -27.96 -25.03 49.67
N LYS K 19 -27.40 -26.04 50.35
CA LYS K 19 -26.32 -25.76 51.30
C LYS K 19 -25.11 -25.17 50.60
N GLU K 20 -24.79 -25.67 49.41
CA GLU K 20 -23.64 -25.16 48.68
C GLU K 20 -23.88 -23.74 48.16
N VAL K 21 -25.07 -23.47 47.60
CA VAL K 21 -25.33 -22.17 47.00
C VAL K 21 -25.31 -21.07 48.06
N MET K 22 -25.92 -21.32 49.22
CA MET K 22 -25.99 -20.30 50.25
C MET K 22 -24.62 -19.91 50.78
N GLU K 23 -23.60 -20.73 50.55
CA GLU K 23 -22.23 -20.40 50.92
C GLU K 23 -21.44 -19.83 49.74
N GLU K 24 -22.10 -19.59 48.61
CA GLU K 24 -21.46 -19.02 47.42
C GLU K 24 -20.26 -19.84 46.98
N ASN K 25 -20.39 -21.16 47.06
CA ASN K 25 -19.34 -22.08 46.61
C ASN K 25 -19.87 -22.99 45.50
N ALA K 26 -20.92 -22.57 44.82
CA ALA K 26 -21.56 -23.38 43.79
C ALA K 26 -21.40 -22.72 42.42
N ALA K 27 -21.24 -23.55 41.40
CA ALA K 27 -21.12 -23.10 40.03
C ALA K 27 -22.03 -23.94 39.14
N ILE K 28 -22.43 -23.36 38.02
CA ILE K 28 -23.33 -24.01 37.08
C ILE K 28 -22.57 -24.22 35.78
N PHE K 29 -22.53 -25.47 35.30
CA PHE K 29 -21.98 -25.79 34.00
C PHE K 29 -23.15 -26.11 33.08
N ALA K 30 -23.47 -25.17 32.18
CA ALA K 30 -24.61 -25.30 31.29
C ALA K 30 -24.11 -25.67 29.90
N GLY K 31 -24.59 -26.81 29.39
CA GLY K 31 -24.28 -27.24 28.04
C GLY K 31 -25.26 -26.67 27.03
N ALA K 32 -25.20 -27.22 25.82
CA ALA K 32 -26.10 -26.76 24.76
C ALA K 32 -27.54 -27.18 25.02
N GLY K 33 -27.75 -28.22 25.83
CA GLY K 33 -29.09 -28.73 26.05
C GLY K 33 -29.98 -27.78 26.84
N LEU K 34 -29.37 -26.94 27.67
CA LEU K 34 -30.16 -25.98 28.45
C LEU K 34 -30.82 -24.93 27.57
N SER K 35 -30.28 -24.69 26.38
CA SER K 35 -30.84 -23.73 25.45
C SER K 35 -31.72 -24.35 24.38
N MET K 36 -31.68 -25.67 24.21
CA MET K 36 -32.49 -26.32 23.19
C MET K 36 -33.98 -26.24 23.51
N SER K 37 -34.34 -26.00 24.77
CA SER K 37 -35.74 -25.79 25.11
C SER K 37 -36.22 -24.39 24.75
N VAL K 38 -35.29 -23.45 24.53
CA VAL K 38 -35.67 -22.07 24.24
C VAL K 38 -36.31 -21.97 22.86
N GLY K 39 -35.78 -22.70 21.89
CA GLY K 39 -36.30 -22.63 20.54
C GLY K 39 -35.24 -22.76 19.48
N TYR K 40 -33.97 -22.77 19.89
CA TYR K 40 -32.88 -22.96 18.95
C TYR K 40 -32.93 -24.38 18.39
N VAL K 41 -32.67 -24.50 17.09
CA VAL K 41 -32.60 -25.82 16.48
C VAL K 41 -31.34 -26.53 16.94
N SER K 42 -31.40 -27.86 16.97
CA SER K 42 -30.26 -28.64 17.43
C SER K 42 -29.09 -28.49 16.47
N TRP K 43 -27.89 -28.71 17.00
CA TRP K 43 -26.68 -28.58 16.18
C TRP K 43 -26.68 -29.56 15.01
N ALA K 44 -27.27 -30.74 15.21
CA ALA K 44 -27.43 -31.68 14.10
C ALA K 44 -28.26 -31.08 12.98
N LYS K 45 -29.32 -30.35 13.31
CA LYS K 45 -30.19 -29.78 12.28
C LYS K 45 -29.50 -28.64 11.61
N LEU K 46 -28.65 -27.92 12.34
CA LEU K 46 -27.84 -26.90 11.69
C LEU K 46 -26.86 -27.52 10.70
N LEU K 47 -26.23 -28.63 11.08
CA LEU K 47 -25.26 -29.26 10.18
C LEU K 47 -25.90 -30.11 9.11
N GLU K 48 -27.22 -30.26 9.10
CA GLU K 48 -27.88 -31.07 8.08
C GLU K 48 -27.57 -30.64 6.64
N PRO K 49 -27.69 -29.36 6.26
CA PRO K 49 -27.29 -29.00 4.88
C PRO K 49 -25.80 -29.19 4.63
N ILE K 50 -24.96 -28.96 5.64
CA ILE K 50 -23.52 -29.10 5.47
C ILE K 50 -23.17 -30.55 5.16
N ALA K 51 -23.77 -31.50 5.89
CA ALA K 51 -23.52 -32.90 5.62
C ALA K 51 -24.00 -33.28 4.22
N GLN K 52 -25.16 -32.77 3.81
CA GLN K 52 -25.66 -33.03 2.46
C GLN K 52 -24.69 -32.51 1.41
N GLU K 53 -24.01 -31.41 1.71
CA GLU K 53 -23.11 -30.80 0.73
C GLU K 53 -21.93 -31.72 0.41
N ILE K 54 -21.37 -32.38 1.41
CA ILE K 54 -20.19 -33.21 1.21
C ILE K 54 -20.58 -34.65 0.94
N GLY K 55 -21.87 -34.90 0.82
CA GLY K 55 -22.36 -36.23 0.50
C GLY K 55 -22.69 -37.12 1.68
N LEU K 56 -22.68 -36.58 2.90
CA LEU K 56 -23.01 -37.35 4.08
C LEU K 56 -24.42 -37.01 4.56
N ASP K 57 -24.83 -37.63 5.66
CA ASP K 57 -26.13 -37.39 6.25
C ASP K 57 -25.98 -37.37 7.76
N VAL K 58 -26.59 -36.38 8.41
CA VAL K 58 -26.43 -36.22 9.85
C VAL K 58 -27.12 -37.35 10.61
N ASN K 59 -28.29 -37.78 10.12
CA ASN K 59 -29.04 -38.81 10.82
C ASN K 59 -28.25 -40.11 10.94
N LYS K 60 -27.39 -40.40 9.98
CA LYS K 60 -26.54 -41.58 10.00
C LYS K 60 -25.15 -41.31 10.59
N GLU K 61 -24.90 -40.10 11.07
CA GLU K 61 -23.61 -39.71 11.63
C GLU K 61 -23.74 -39.49 13.13
N ASN K 62 -22.78 -40.03 13.89
CA ASN K 62 -22.78 -39.88 15.34
C ASN K 62 -21.85 -38.78 15.82
N ASP K 63 -20.80 -38.47 15.07
CA ASP K 63 -19.81 -37.46 15.46
C ASP K 63 -19.98 -36.25 14.55
N LEU K 64 -20.59 -35.19 15.08
CA LEU K 64 -20.78 -33.97 14.30
C LEU K 64 -19.51 -33.16 14.19
N VAL K 65 -18.60 -33.29 15.16
CA VAL K 65 -17.32 -32.60 15.09
C VAL K 65 -16.53 -33.08 13.87
N SER K 66 -16.46 -34.39 13.67
CA SER K 66 -15.78 -34.93 12.50
C SER K 66 -16.52 -34.57 11.22
N LEU K 67 -17.85 -34.44 11.28
CA LEU K 67 -18.60 -34.00 10.11
C LEU K 67 -18.20 -32.59 9.70
N ALA K 68 -18.14 -31.68 10.66
CA ALA K 68 -17.71 -30.32 10.37
C ALA K 68 -16.26 -30.29 9.90
N GLN K 69 -15.42 -31.15 10.46
CA GLN K 69 -14.03 -31.21 10.03
C GLN K 69 -13.92 -31.70 8.59
N TYR K 70 -14.74 -32.68 8.21
CA TYR K 70 -14.76 -33.13 6.82
C TYR K 70 -15.22 -32.01 5.90
N TYR K 71 -16.24 -31.26 6.32
CA TYR K 71 -16.71 -30.14 5.51
C TYR K 71 -15.60 -29.11 5.32
N CYS K 72 -14.86 -28.80 6.37
CA CYS K 72 -13.73 -27.88 6.24
C CYS K 72 -12.65 -28.44 5.34
N ASN K 73 -12.37 -29.75 5.45
CA ASN K 73 -11.36 -30.37 4.61
C ASN K 73 -11.72 -30.28 3.14
N GLU K 74 -13.00 -30.43 2.81
CA GLU K 74 -13.41 -30.33 1.41
C GLU K 74 -13.16 -28.94 0.87
N ASN K 75 -13.39 -27.91 1.68
CA ASN K 75 -13.25 -26.52 1.25
C ASN K 75 -11.88 -25.94 1.54
N GLN K 76 -10.84 -26.78 1.57
CA GLN K 76 -9.47 -26.33 1.83
C GLN K 76 -9.35 -25.60 3.16
N GLY K 77 -10.08 -26.08 4.17
CA GLY K 77 -9.97 -25.51 5.50
C GLY K 77 -10.66 -24.17 5.69
N ASN K 78 -11.75 -23.92 4.97
CA ASN K 78 -12.50 -22.68 5.09
C ASN K 78 -13.78 -22.90 5.88
N ARG K 79 -14.06 -21.98 6.79
CA ARG K 79 -15.19 -22.11 7.71
C ARG K 79 -16.27 -21.06 7.47
N GLY K 80 -16.32 -20.46 6.29
CA GLY K 80 -17.25 -19.38 6.06
C GLY K 80 -18.70 -19.79 6.26
N ARG K 81 -19.09 -20.92 5.67
CA ARG K 81 -20.47 -21.36 5.78
C ARG K 81 -20.83 -21.71 7.22
N ILE K 82 -19.92 -22.37 7.94
CA ILE K 82 -20.21 -22.76 9.31
C ILE K 82 -20.34 -21.53 10.21
N ASN K 83 -19.44 -20.55 10.03
CA ASN K 83 -19.52 -19.31 10.80
C ASN K 83 -20.83 -18.60 10.52
N GLN K 84 -21.21 -18.51 9.25
CA GLN K 84 -22.46 -17.85 8.89
C GLN K 84 -23.66 -18.59 9.49
N ILE K 85 -23.62 -19.93 9.48
CA ILE K 85 -24.73 -20.71 10.00
C ILE K 85 -24.90 -20.47 11.49
N ILE K 86 -23.81 -20.54 12.26
CA ILE K 86 -23.94 -20.39 13.69
C ILE K 86 -24.32 -18.95 14.04
N LEU K 87 -23.80 -17.97 13.29
CA LEU K 87 -24.16 -16.58 13.55
C LEU K 87 -25.64 -16.33 13.26
N ASP K 88 -26.15 -16.92 12.18
CA ASP K 88 -27.55 -16.71 11.84
C ASP K 88 -28.49 -17.44 12.78
N GLU K 89 -28.06 -18.58 13.32
CA GLU K 89 -28.97 -19.36 14.15
C GLU K 89 -28.94 -18.94 15.62
N PHE K 90 -27.76 -18.75 16.19
CA PHE K 90 -27.66 -18.52 17.63
C PHE K 90 -27.74 -17.05 18.01
N SER K 91 -27.93 -16.16 17.05
CA SER K 91 -28.13 -14.74 17.34
C SER K 91 -29.59 -14.31 17.18
N ARG K 92 -30.52 -15.26 17.08
CA ARG K 92 -31.92 -14.90 16.93
C ARG K 92 -32.48 -14.33 18.22
N LYS K 93 -33.60 -13.64 18.09
CA LYS K 93 -34.28 -13.03 19.24
C LYS K 93 -35.31 -14.02 19.77
N VAL K 94 -35.01 -14.64 20.90
CA VAL K 94 -35.87 -15.64 21.50
C VAL K 94 -36.11 -15.29 22.96
N ASP K 95 -37.25 -15.74 23.48
CA ASP K 95 -37.61 -15.47 24.87
C ASP K 95 -36.91 -16.44 25.79
N LEU K 96 -36.48 -15.95 26.95
CA LEU K 96 -35.78 -16.78 27.92
C LEU K 96 -36.71 -17.83 28.51
N THR K 97 -36.12 -18.96 28.89
CA THR K 97 -36.85 -20.00 29.59
C THR K 97 -36.86 -19.73 31.09
N GLU K 98 -37.58 -20.51 31.84
CA GLU K 98 -37.67 -20.30 33.24
C GLU K 98 -36.43 -20.71 33.93
N ASN K 99 -35.74 -21.68 33.36
CA ASN K 99 -34.50 -22.14 33.99
C ASN K 99 -33.46 -21.02 34.03
N HIS K 100 -33.31 -20.28 32.94
CA HIS K 100 -32.33 -19.20 32.92
C HIS K 100 -32.67 -18.12 33.94
N LYS K 101 -33.96 -17.77 34.05
CA LYS K 101 -34.36 -16.76 35.03
C LYS K 101 -34.12 -17.25 36.46
N ILE K 102 -34.42 -18.51 36.73
CA ILE K 102 -34.19 -19.06 38.06
C ILE K 102 -32.71 -19.05 38.39
N LEU K 103 -31.87 -19.48 37.44
CA LEU K 103 -30.43 -19.46 37.66
C LEU K 103 -29.91 -18.04 37.87
N ALA K 104 -30.52 -17.06 37.20
CA ALA K 104 -30.13 -15.68 37.40
C ALA K 104 -30.54 -15.19 38.79
N ARG K 105 -31.68 -15.66 39.29
CA ARG K 105 -32.12 -15.24 40.62
C ARG K 105 -31.30 -15.89 41.72
N LEU K 106 -30.70 -17.05 41.45
CA LEU K 106 -29.93 -17.73 42.47
C LEU K 106 -28.62 -17.00 42.75
N PRO K 107 -28.11 -17.08 43.97
CA PRO K 107 -26.81 -16.46 44.32
C PRO K 107 -25.63 -17.30 43.85
N ILE K 108 -25.47 -17.39 42.53
CA ILE K 108 -24.40 -18.15 41.91
C ILE K 108 -23.49 -17.18 41.17
N HIS K 109 -22.19 -17.26 41.44
CA HIS K 109 -21.22 -16.30 40.96
C HIS K 109 -20.34 -16.83 39.84
N THR K 110 -20.59 -18.03 39.34
CA THR K 110 -19.76 -18.63 38.30
C THR K 110 -20.61 -19.47 37.38
N TYR K 111 -20.52 -19.20 36.08
CA TYR K 111 -21.17 -20.00 35.05
C TYR K 111 -20.15 -20.41 34.01
N TRP K 112 -20.13 -21.70 33.68
CA TRP K 112 -19.31 -22.23 32.60
C TRP K 112 -20.25 -22.76 31.52
N THR K 113 -20.08 -22.29 30.29
CA THR K 113 -21.02 -22.59 29.23
C THR K 113 -20.28 -23.09 27.99
N THR K 114 -20.84 -24.12 27.36
CA THR K 114 -20.38 -24.57 26.05
C THR K 114 -21.35 -24.16 24.94
N ALA K 115 -22.28 -23.26 25.23
CA ALA K 115 -23.25 -22.78 24.26
C ALA K 115 -22.85 -21.38 23.78
N TYR K 116 -23.02 -21.14 22.49
CA TYR K 116 -22.63 -19.85 21.90
C TYR K 116 -23.66 -18.75 22.15
N ASP K 117 -24.89 -19.11 22.49
CA ASP K 117 -25.93 -18.12 22.69
C ASP K 117 -25.69 -17.31 23.96
N ARG K 118 -26.25 -16.09 23.98
CA ARG K 118 -26.12 -15.19 25.12
C ARG K 118 -27.34 -15.22 26.04
N LEU K 119 -28.00 -16.38 26.14
CA LEU K 119 -29.19 -16.46 26.99
C LEU K 119 -28.84 -16.27 28.46
N ILE K 120 -27.72 -16.83 28.91
CA ILE K 120 -27.32 -16.67 30.30
C ILE K 120 -27.04 -15.19 30.61
N GLU K 121 -26.35 -14.51 29.70
CA GLU K 121 -26.07 -13.09 29.89
C GLU K 121 -27.35 -12.27 29.95
N LYS K 122 -28.31 -12.68 29.23
CA LYS K 122 -29.49 -11.89 29.14
C LYS K 122 -30.26 -12.13 30.37
N ALA K 123 -30.33 -13.35 30.83
CA ALA K 123 -31.02 -13.68 32.09
C ALA K 123 -30.39 -12.94 33.26
N LEU K 124 -29.05 -12.88 33.30
CA LEU K 124 -28.39 -12.16 34.38
C LEU K 124 -28.66 -10.67 34.31
N GLU K 125 -28.70 -10.11 33.10
CA GLU K 125 -28.93 -8.67 32.97
C GLU K 125 -30.39 -8.29 33.25
N GLU K 126 -31.33 -9.21 33.00
CA GLU K 126 -32.73 -8.91 33.30
C GLU K 126 -32.97 -8.77 34.79
N GLU K 127 -32.21 -9.48 35.62
CA GLU K 127 -32.33 -9.40 37.07
C GLU K 127 -31.48 -8.28 37.66
N ASN K 128 -31.03 -7.33 36.83
CA ASN K 128 -30.21 -6.21 37.27
C ASN K 128 -28.93 -6.70 37.96
N LYS K 129 -28.36 -7.78 37.43
CA LYS K 129 -27.12 -8.34 37.92
C LYS K 129 -26.00 -8.04 36.94
N ILE K 130 -24.89 -7.50 37.45
CA ILE K 130 -23.74 -7.20 36.61
C ILE K 130 -23.03 -8.51 36.29
N ALA K 131 -23.07 -8.92 35.02
CA ALA K 131 -22.49 -10.18 34.58
C ALA K 131 -21.27 -9.91 33.72
N ASP K 132 -20.20 -10.67 33.98
CA ASP K 132 -18.93 -10.51 33.29
C ASP K 132 -18.69 -11.72 32.42
N VAL K 133 -18.95 -11.58 31.12
CA VAL K 133 -18.83 -12.69 30.18
C VAL K 133 -17.40 -12.74 29.68
N LYS K 134 -16.80 -13.93 29.74
CA LYS K 134 -15.41 -14.14 29.33
C LYS K 134 -15.36 -15.30 28.35
N TYR K 135 -14.99 -15.00 27.10
CA TYR K 135 -14.79 -16.03 26.09
C TYR K 135 -13.48 -15.87 25.33
N THR K 136 -12.61 -14.95 25.74
CA THR K 136 -11.31 -14.74 25.13
C THR K 136 -10.23 -14.82 26.20
N VAL K 137 -9.01 -15.17 25.78
CA VAL K 137 -7.91 -15.31 26.72
C VAL K 137 -7.57 -13.97 27.37
N LYS K 138 -7.54 -12.90 26.56
CA LYS K 138 -7.20 -11.59 27.09
C LYS K 138 -8.23 -11.11 28.11
N GLN K 139 -9.50 -11.52 27.94
CA GLN K 139 -10.55 -11.07 28.84
C GLN K 139 -10.37 -11.61 30.25
N LEU K 140 -9.61 -12.68 30.44
CA LEU K 140 -9.42 -13.23 31.77
C LEU K 140 -8.62 -12.28 32.66
N ALA K 141 -7.73 -11.49 32.07
CA ALA K 141 -6.88 -10.60 32.84
C ALA K 141 -7.60 -9.37 33.36
N THR K 142 -8.85 -9.14 32.96
CA THR K 142 -9.61 -7.99 33.40
C THR K 142 -10.91 -8.46 34.04
N THR K 143 -11.20 -7.94 35.22
CA THR K 143 -12.42 -8.28 35.95
C THR K 143 -13.31 -7.05 36.02
N LYS K 144 -14.57 -7.21 35.64
CA LYS K 144 -15.52 -6.12 35.72
C LYS K 144 -15.79 -5.77 37.18
N VAL K 145 -15.86 -4.47 37.47
CA VAL K 145 -15.99 -4.02 38.84
C VAL K 145 -17.39 -4.34 39.37
N LYS K 146 -17.44 -4.90 40.58
CA LYS K 146 -18.70 -5.22 41.26
C LYS K 146 -19.56 -6.16 40.42
N ARG K 147 -18.95 -7.21 39.85
CA ARG K 147 -19.68 -8.14 39.06
C ARG K 147 -20.42 -9.01 40.00
N ASP K 148 -21.59 -9.47 39.58
CA ASP K 148 -22.37 -10.43 40.36
C ASP K 148 -22.15 -11.87 39.93
N ALA K 149 -21.76 -12.10 38.67
CA ALA K 149 -21.49 -13.43 38.18
C ALA K 149 -20.59 -13.34 36.96
N VAL K 150 -19.73 -14.32 36.79
CA VAL K 150 -18.83 -14.40 35.66
C VAL K 150 -19.20 -15.61 34.83
N VAL K 151 -19.44 -15.40 33.54
CA VAL K 151 -19.85 -16.46 32.62
C VAL K 151 -18.65 -16.78 31.74
N TYR K 152 -18.03 -17.93 31.96
CA TYR K 152 -16.93 -18.39 31.14
C TYR K 152 -17.51 -19.16 29.96
N LYS K 153 -17.55 -18.54 28.79
CA LYS K 153 -17.99 -19.20 27.57
C LYS K 153 -16.77 -19.89 26.98
N MET K 154 -16.56 -21.14 27.38
CA MET K 154 -15.32 -21.85 27.08
C MET K 154 -15.25 -22.37 25.65
N HIS K 155 -16.26 -22.13 24.83
CA HIS K 155 -16.23 -22.55 23.45
C HIS K 155 -16.39 -21.43 22.44
N GLY K 156 -16.69 -20.21 22.88
CA GLY K 156 -16.80 -19.08 22.00
C GLY K 156 -18.17 -18.44 22.07
N ASP K 157 -18.24 -17.23 21.53
CA ASP K 157 -19.46 -16.45 21.51
C ASP K 157 -20.07 -16.45 20.11
N VAL K 158 -21.39 -16.24 20.06
CA VAL K 158 -22.08 -16.25 18.77
C VAL K 158 -21.64 -15.09 17.91
N GLU K 159 -21.38 -13.93 18.53
CA GLU K 159 -20.98 -12.75 17.76
C GLU K 159 -19.56 -12.87 17.21
N HIS K 160 -18.81 -13.89 17.61
CA HIS K 160 -17.48 -14.18 17.07
C HIS K 160 -17.46 -15.61 16.56
N PRO K 161 -18.13 -15.87 15.42
CA PRO K 161 -18.23 -17.25 14.94
C PRO K 161 -16.90 -17.89 14.59
N SER K 162 -15.92 -17.09 14.16
CA SER K 162 -14.64 -17.66 13.77
C SER K 162 -13.89 -18.26 14.94
N GLU K 163 -14.17 -17.83 16.16
CA GLU K 163 -13.51 -18.35 17.35
C GLU K 163 -14.26 -19.50 18.00
N ALA K 164 -15.48 -19.80 17.53
CA ALA K 164 -16.26 -20.87 18.14
C ALA K 164 -15.64 -22.23 17.87
N VAL K 165 -15.64 -23.08 18.89
CA VAL K 165 -15.10 -24.43 18.78
C VAL K 165 -16.17 -25.31 18.15
N LEU K 166 -16.04 -25.59 16.86
CA LEU K 166 -17.00 -26.39 16.12
C LEU K 166 -16.39 -27.60 15.45
N ILE K 167 -15.18 -27.47 14.91
CA ILE K 167 -14.56 -28.51 14.10
C ILE K 167 -13.47 -29.19 14.91
N LYS K 168 -12.92 -30.29 14.43
CA LYS K 168 -11.91 -31.05 15.15
C LYS K 168 -10.60 -30.40 15.25
N ASP K 169 -10.24 -29.55 14.34
CA ASP K 169 -9.01 -28.78 14.50
C ASP K 169 -9.11 -27.82 15.68
N ASP K 170 -10.29 -27.26 15.90
CA ASP K 170 -10.48 -26.38 17.05
C ASP K 170 -10.24 -27.12 18.35
N TYR K 171 -10.78 -28.34 18.48
CA TYR K 171 -10.53 -29.12 19.69
C TYR K 171 -9.06 -29.50 19.82
N GLU K 172 -8.42 -29.84 18.69
CA GLU K 172 -7.02 -30.25 18.74
C GLU K 172 -6.12 -29.10 19.21
N LYS K 173 -6.39 -27.89 18.75
CA LYS K 173 -5.58 -26.74 19.13
C LYS K 173 -6.13 -26.01 20.37
N TYR K 174 -7.22 -26.49 20.94
CA TYR K 174 -7.77 -25.87 22.14
C TYR K 174 -6.79 -25.92 23.30
N SER K 175 -6.09 -27.05 23.46
CA SER K 175 -5.18 -27.21 24.59
C SER K 175 -4.03 -26.21 24.57
N ILE K 176 -3.71 -25.65 23.41
CA ILE K 176 -2.64 -24.68 23.27
C ILE K 176 -3.19 -23.26 23.23
N LYS K 177 -4.25 -23.02 22.49
CA LYS K 177 -4.75 -21.68 22.33
C LYS K 177 -5.48 -21.22 23.49
N MET K 178 -6.36 -22.04 24.00
CA MET K 178 -7.22 -21.68 25.12
C MET K 178 -6.78 -22.37 26.41
N ASP K 179 -5.47 -22.49 26.61
CA ASP K 179 -4.95 -23.10 27.83
C ASP K 179 -5.37 -22.38 29.11
N PRO K 180 -5.37 -21.04 29.19
CA PRO K 180 -5.84 -20.40 30.42
C PRO K 180 -7.25 -20.79 30.82
N TYR K 181 -8.14 -20.99 29.84
CA TYR K 181 -9.48 -21.45 30.19
C TYR K 181 -9.46 -22.86 30.75
N ILE K 182 -8.59 -23.72 30.22
CA ILE K 182 -8.45 -25.07 30.78
C ILE K 182 -7.97 -24.99 32.22
N LYS K 183 -6.98 -24.14 32.49
CA LYS K 183 -6.48 -24.00 33.86
C LYS K 183 -7.56 -23.44 34.79
N ALA K 184 -8.32 -22.46 34.32
CA ALA K 184 -9.39 -21.88 35.14
C ALA K 184 -10.46 -22.91 35.45
N LEU K 185 -10.86 -23.71 34.46
CA LEU K 185 -11.86 -24.74 34.70
C LEU K 185 -11.31 -25.83 35.62
N SER K 186 -10.02 -26.16 35.51
CA SER K 186 -9.43 -27.12 36.42
C SER K 186 -9.44 -26.60 37.85
N GLY K 187 -9.17 -25.31 38.03
CA GLY K 187 -9.25 -24.73 39.36
C GLY K 187 -10.66 -24.72 39.91
N ASP K 188 -11.64 -24.39 39.05
CA ASP K 188 -13.03 -24.34 39.51
C ASP K 188 -13.58 -25.73 39.82
N LEU K 189 -13.15 -26.76 39.07
CA LEU K 189 -13.62 -28.11 39.31
C LEU K 189 -13.11 -28.69 40.63
N VAL K 190 -12.13 -28.04 41.25
CA VAL K 190 -11.64 -28.49 42.55
C VAL K 190 -11.93 -27.50 43.67
N SER K 191 -12.25 -26.25 43.36
CA SER K 191 -12.55 -25.27 44.40
C SER K 191 -14.04 -24.96 44.51
N LYS K 192 -14.88 -25.44 43.59
CA LYS K 192 -16.30 -25.14 43.62
C LYS K 192 -17.11 -26.40 43.31
N THR K 193 -18.34 -26.43 43.79
CA THR K 193 -19.26 -27.53 43.53
C THR K 193 -20.07 -27.20 42.28
N PHE K 194 -19.98 -28.05 41.28
CA PHE K 194 -20.61 -27.81 39.98
C PHE K 194 -21.95 -28.52 39.89
N LEU K 195 -22.86 -27.94 39.13
CA LEU K 195 -24.13 -28.58 38.76
C LEU K 195 -24.21 -28.59 37.24
N PHE K 196 -23.95 -29.74 36.63
CA PHE K 196 -23.93 -29.87 35.18
C PHE K 196 -25.36 -30.04 34.69
N VAL K 197 -25.93 -28.98 34.15
CA VAL K 197 -27.30 -29.00 33.63
C VAL K 197 -27.25 -28.96 32.11
N GLY K 198 -28.03 -29.83 31.47
CA GLY K 198 -28.09 -29.85 30.02
C GLY K 198 -26.77 -30.15 29.34
N PHE K 199 -25.97 -31.03 29.93
CA PHE K 199 -24.66 -31.40 29.38
C PHE K 199 -24.62 -32.90 29.14
N SER K 200 -24.05 -33.30 28.01
CA SER K 200 -24.01 -34.70 27.60
C SER K 200 -22.74 -35.42 27.99
N PHE K 201 -21.72 -34.69 28.44
CA PHE K 201 -20.43 -35.28 28.84
C PHE K 201 -19.79 -36.08 27.71
N THR K 202 -19.97 -35.61 26.48
CA THR K 202 -19.28 -36.16 25.32
C THR K 202 -18.28 -35.19 24.72
N ASP K 203 -18.10 -34.03 25.34
CA ASP K 203 -17.20 -33.03 24.79
C ASP K 203 -15.76 -33.43 25.06
N PRO K 204 -14.90 -33.49 24.02
CA PRO K 204 -13.51 -33.90 24.25
C PRO K 204 -12.76 -32.99 25.20
N ASN K 205 -13.03 -31.68 25.18
CA ASN K 205 -12.37 -30.77 26.11
C ASN K 205 -12.71 -31.10 27.55
N LEU K 206 -13.99 -31.34 27.83
CA LEU K 206 -14.41 -31.68 29.18
C LEU K 206 -13.85 -33.03 29.60
N ASP K 207 -13.79 -33.99 28.68
CA ASP K 207 -13.19 -35.28 29.00
C ASP K 207 -11.72 -35.11 29.38
N TYR K 208 -10.98 -34.31 28.61
CA TYR K 208 -9.58 -34.08 28.90
C TYR K 208 -9.40 -33.39 30.25
N ILE K 209 -10.20 -32.36 30.52
CA ILE K 209 -10.06 -31.62 31.76
C ILE K 209 -10.41 -32.50 32.96
N LEU K 210 -11.51 -33.25 32.87
CA LEU K 210 -11.92 -34.12 33.96
C LEU K 210 -10.89 -35.24 34.19
N SER K 211 -10.33 -35.79 33.12
CA SER K 211 -9.30 -36.81 33.28
C SER K 211 -8.07 -36.23 33.96
N ARG K 212 -7.69 -35.00 33.59
CA ARG K 212 -6.55 -34.36 34.25
C ARG K 212 -6.83 -34.13 35.73
N VAL K 213 -8.05 -33.68 36.06
CA VAL K 213 -8.39 -33.46 37.46
C VAL K 213 -8.34 -34.76 38.25
N ARG K 214 -8.89 -35.84 37.67
CA ARG K 214 -8.87 -37.13 38.35
C ARG K 214 -7.44 -37.63 38.53
N SER K 215 -6.61 -37.49 37.51
CA SER K 215 -5.22 -37.90 37.62
C SER K 215 -4.48 -37.10 38.68
N ALA K 216 -4.85 -35.82 38.85
CA ALA K 216 -4.18 -35.00 39.84
C ALA K 216 -4.64 -35.31 41.26
N TYR K 217 -5.93 -35.62 41.44
CA TYR K 217 -6.48 -35.76 42.78
C TYR K 217 -6.92 -37.18 43.14
N GLU K 218 -7.05 -38.08 42.17
CA GLU K 218 -7.38 -39.49 42.42
C GLU K 218 -8.71 -39.56 43.17
N ARG K 219 -8.78 -40.20 44.33
CA ARG K 219 -10.05 -40.43 45.01
C ARG K 219 -10.50 -39.26 45.87
N ASP K 220 -9.70 -38.19 45.96
CA ASP K 220 -10.03 -37.04 46.81
C ASP K 220 -10.65 -35.90 46.01
N GLN K 221 -11.30 -36.20 44.90
CA GLN K 221 -11.92 -35.17 44.09
C GLN K 221 -13.16 -34.62 44.77
N ARG K 222 -13.43 -33.35 44.50
CA ARG K 222 -14.64 -32.72 45.02
C ARG K 222 -15.88 -33.32 44.36
N ARG K 223 -16.98 -33.36 45.12
CA ARG K 223 -18.23 -33.91 44.61
C ARG K 223 -18.94 -32.89 43.72
N HIS K 224 -19.29 -33.31 42.51
CA HIS K 224 -20.07 -32.51 41.59
C HIS K 224 -21.39 -33.23 41.28
N TYR K 225 -22.40 -32.44 40.92
CA TYR K 225 -23.73 -32.96 40.65
C TYR K 225 -24.08 -32.75 39.18
N CYS K 226 -24.89 -33.67 38.65
CA CYS K 226 -25.28 -33.63 37.26
C CYS K 226 -26.77 -33.94 37.14
N LEU K 227 -27.38 -33.45 36.07
CA LEU K 227 -28.79 -33.72 35.78
C LEU K 227 -28.89 -34.30 34.38
N ILE K 228 -29.34 -35.55 34.29
CA ILE K 228 -29.48 -36.26 33.02
C ILE K 228 -30.85 -36.92 32.97
N LYS K 229 -31.55 -36.76 31.87
CA LYS K 229 -32.86 -37.38 31.70
C LYS K 229 -32.69 -38.86 31.39
N LYS K 230 -33.50 -39.69 32.02
CA LYS K 230 -33.50 -41.12 31.71
C LYS K 230 -33.97 -41.35 30.29
N GLU K 231 -33.47 -42.43 29.68
CA GLU K 231 -33.87 -42.76 28.33
C GLU K 231 -35.33 -43.19 28.29
N GLU K 232 -36.07 -42.68 27.32
CA GLU K 232 -37.47 -43.04 27.11
C GLU K 232 -37.63 -43.74 25.78
N ARG K 233 -38.56 -44.68 25.74
CA ARG K 233 -38.75 -45.50 24.54
C ARG K 233 -39.25 -44.64 23.38
N ARG K 234 -38.64 -44.83 22.22
CA ARG K 234 -39.04 -44.12 21.03
C ARG K 234 -40.39 -44.65 20.52
N PRO K 235 -41.10 -43.88 19.70
CA PRO K 235 -42.45 -44.32 19.27
C PRO K 235 -42.47 -45.69 18.61
N ASP K 236 -41.45 -46.03 17.83
CA ASP K 236 -41.38 -47.32 17.15
C ASP K 236 -40.02 -47.94 17.47
N GLU K 237 -39.99 -48.78 18.49
CA GLU K 237 -38.75 -49.44 18.90
C GLU K 237 -39.07 -50.69 19.67
N LEU K 238 -38.24 -51.71 19.50
CA LEU K 238 -38.41 -52.96 20.23
C LEU K 238 -38.07 -52.77 21.70
N GLU K 239 -38.60 -53.66 22.53
CA GLU K 239 -38.32 -53.60 23.96
C GLU K 239 -36.84 -53.87 24.25
N ALA K 240 -36.26 -54.83 23.54
CA ALA K 240 -34.87 -55.22 23.81
C ALA K 240 -33.91 -54.08 23.54
N ASP K 241 -34.11 -53.34 22.45
CA ASP K 241 -33.22 -52.22 22.15
C ASP K 241 -33.39 -51.08 23.14
N PHE K 242 -34.62 -50.87 23.62
CA PHE K 242 -34.82 -49.87 24.67
C PHE K 242 -34.10 -50.27 25.95
N GLU K 243 -34.19 -51.55 26.33
CA GLU K 243 -33.46 -51.99 27.51
C GLU K 243 -31.96 -51.89 27.32
N TYR K 244 -31.48 -52.14 26.10
CA TYR K 244 -30.06 -51.95 25.81
C TYR K 244 -29.66 -50.49 25.98
N ARG K 245 -30.49 -49.57 25.49
CA ARG K 245 -30.21 -48.15 25.66
C ARG K 245 -30.19 -47.76 27.13
N VAL K 246 -31.14 -48.28 27.91
CA VAL K 246 -31.17 -47.97 29.34
C VAL K 246 -29.93 -48.51 30.03
N ARG K 247 -29.50 -49.72 29.67
CA ARG K 247 -28.29 -50.29 30.26
C ARG K 247 -27.06 -49.48 29.91
N LYS K 248 -27.06 -48.97 28.64
CA LYS K 248 -25.94 -48.21 28.22
C LYS K 248 -25.94 -46.91 28.96
N GLN K 249 -27.03 -46.30 29.21
CA GLN K 249 -27.11 -45.05 29.95
C GLN K 249 -26.72 -45.25 31.41
N GLU K 250 -27.12 -46.39 32.01
CA GLU K 250 -26.71 -46.67 33.38
C GLU K 250 -25.20 -46.83 33.49
N LEU K 251 -24.59 -47.52 32.52
CA LEU K 251 -23.14 -47.63 32.52
C LEU K 251 -22.48 -46.26 32.36
N PHE K 252 -23.03 -45.41 31.49
CA PHE K 252 -22.48 -44.07 31.31
C PHE K 252 -22.58 -43.25 32.60
N ILE K 253 -23.73 -43.34 33.29
CA ILE K 253 -23.91 -42.63 34.53
C ILE K 253 -22.93 -43.12 35.59
N SER K 254 -22.73 -44.43 35.68
CA SER K 254 -21.76 -44.97 36.62
C SER K 254 -20.36 -44.51 36.28
N ASP K 255 -20.02 -44.47 34.99
CA ASP K 255 -18.70 -43.99 34.57
C ASP K 255 -18.51 -42.52 34.88
N LEU K 256 -19.59 -41.75 34.89
CA LEU K 256 -19.47 -40.34 35.28
C LEU K 256 -19.01 -40.20 36.71
N SER K 257 -19.50 -41.06 37.60
CA SER K 257 -19.12 -40.98 39.01
C SER K 257 -17.65 -41.36 39.23
N ARG K 258 -16.91 -41.74 38.22
CA ARG K 258 -15.46 -42.05 38.34
C ARG K 258 -14.76 -40.82 38.58
N PHE K 259 -15.27 -39.75 38.05
CA PHE K 259 -14.74 -38.43 38.38
C PHE K 259 -15.47 -37.77 39.54
N ASN K 260 -16.21 -38.57 40.32
CA ASN K 260 -16.99 -38.08 41.46
C ASN K 260 -18.03 -37.04 41.02
N ILE K 261 -18.74 -37.34 39.95
CA ILE K 261 -19.83 -36.51 39.47
C ILE K 261 -21.12 -37.31 39.68
N LYS K 262 -21.84 -37.02 40.75
CA LYS K 262 -23.08 -37.73 41.02
C LYS K 262 -24.16 -37.29 40.05
N THR K 263 -24.82 -38.25 39.41
CA THR K 263 -25.82 -37.99 38.39
C THR K 263 -27.21 -38.22 38.96
N ILE K 264 -28.09 -37.24 38.76
CA ILE K 264 -29.48 -37.34 39.18
C ILE K 264 -30.32 -37.69 37.96
N VAL K 265 -31.02 -38.82 38.03
CA VAL K 265 -31.86 -39.26 36.92
C VAL K 265 -33.18 -38.49 36.97
N LEU K 266 -33.51 -37.84 35.86
CA LEU K 266 -34.72 -37.02 35.76
C LEU K 266 -35.68 -37.66 34.77
N ASN K 267 -36.92 -37.88 35.20
CA ASN K 267 -37.90 -38.50 34.32
C ASN K 267 -38.22 -37.61 33.13
N ASN K 268 -38.38 -36.32 33.36
CA ASN K 268 -38.76 -35.37 32.31
C ASN K 268 -37.77 -34.21 32.29
N TYR K 269 -37.73 -33.52 31.15
CA TYR K 269 -36.96 -32.30 31.06
C TYR K 269 -37.55 -31.21 31.94
N ASN K 270 -38.88 -31.19 32.06
CA ASN K 270 -39.54 -30.19 32.91
C ASN K 270 -39.28 -30.40 34.39
N GLU K 271 -38.69 -31.53 34.79
CA GLU K 271 -38.33 -31.70 36.20
C GLU K 271 -37.13 -30.84 36.56
N ILE K 272 -36.36 -30.38 35.58
CA ILE K 272 -35.25 -29.47 35.87
C ILE K 272 -35.79 -28.17 36.46
N THR K 273 -36.85 -27.62 35.86
CA THR K 273 -37.45 -26.41 36.40
C THR K 273 -38.01 -26.64 37.79
N GLU K 274 -38.49 -27.85 38.05
CA GLU K 274 -39.07 -28.10 39.34
C GLU K 274 -38.01 -28.26 40.35
N ILE K 275 -36.86 -28.75 39.98
CA ILE K 275 -35.73 -28.85 40.89
C ILE K 275 -35.18 -27.46 41.20
N LEU K 276 -35.04 -26.63 40.16
CA LEU K 276 -34.49 -25.29 40.36
C LEU K 276 -35.42 -24.44 41.21
N GLN K 277 -36.73 -24.59 41.02
CA GLN K 277 -37.68 -23.85 41.85
C GLN K 277 -37.55 -24.27 43.31
N ARG K 278 -37.38 -25.57 43.56
CA ARG K 278 -37.18 -26.04 44.93
C ARG K 278 -35.89 -25.48 45.51
N ILE K 279 -34.82 -25.45 44.72
CA ILE K 279 -33.54 -24.94 45.19
C ILE K 279 -33.65 -23.47 45.55
N GLU K 280 -34.36 -22.68 44.73
CA GLU K 280 -34.56 -21.28 45.04
C GLU K 280 -35.47 -21.10 46.25
N ASN K 281 -36.51 -21.91 46.35
CA ASN K 281 -37.46 -21.79 47.46
C ASN K 281 -36.80 -22.09 48.80
N ASN K 282 -35.92 -23.09 48.84
CA ASN K 282 -35.17 -23.36 50.06
C ASN K 282 -34.24 -22.21 50.43
N ILE K 283 -33.90 -21.36 49.47
CA ILE K 283 -33.07 -20.19 49.73
C ILE K 283 -33.93 -18.95 49.93
N LYS K 284 -34.96 -18.78 49.11
CA LYS K 284 -35.83 -17.62 49.20
C LYS K 284 -36.55 -17.58 50.54
N THR K 285 -37.06 -18.72 51.00
CA THR K 285 -37.84 -18.78 52.22
C THR K 285 -36.97 -18.80 53.48
N LYS K 286 -35.64 -18.80 53.34
CA LYS K 286 -34.78 -18.76 54.51
C LYS K 286 -34.89 -17.44 55.28
N THR K 287 -35.47 -16.41 54.69
CA THR K 287 -35.63 -15.12 55.33
C THR K 287 -37.11 -14.88 55.58
N VAL K 288 -37.45 -14.52 56.83
CA VAL K 288 -38.83 -14.29 57.22
C VAL K 288 -39.01 -12.80 57.48
N PHE K 289 -40.27 -12.36 57.40
CA PHE K 289 -40.63 -10.97 57.65
C PHE K 289 -41.63 -10.92 58.80
N LEU K 290 -41.17 -10.51 59.96
CA LEU K 290 -42.02 -10.42 61.15
C LEU K 290 -42.78 -9.11 61.10
N SER K 291 -44.02 -9.18 60.62
CA SER K 291 -44.88 -8.02 60.53
C SER K 291 -45.82 -7.96 61.71
N GLY K 292 -46.11 -6.74 62.14
CA GLY K 292 -47.06 -6.56 63.24
C GLY K 292 -46.83 -5.23 63.93
N SER K 293 -47.81 -4.86 64.74
CA SER K 293 -47.78 -3.64 65.53
C SER K 293 -48.89 -3.75 66.56
N ALA K 294 -48.56 -3.49 67.82
CA ALA K 294 -49.53 -3.74 68.88
C ALA K 294 -49.44 -2.68 69.98
N VAL K 295 -50.60 -2.15 70.35
CA VAL K 295 -50.78 -1.43 71.60
C VAL K 295 -51.62 -2.23 72.59
N GLU K 296 -52.44 -3.16 72.11
CA GLU K 296 -53.12 -4.14 72.94
C GLU K 296 -52.67 -5.53 72.48
N TYR K 297 -52.70 -6.48 73.40
CA TYR K 297 -52.16 -7.81 73.13
C TYR K 297 -53.21 -8.88 73.37
N ASN K 298 -54.46 -8.57 73.04
CA ASN K 298 -55.57 -9.54 73.08
C ASN K 298 -55.68 -10.24 74.42
N HIS K 299 -55.82 -11.56 74.38
CA HIS K 299 -56.04 -12.34 75.60
C HIS K 299 -54.88 -12.23 76.56
N TRP K 300 -53.65 -12.29 76.04
CA TRP K 300 -52.47 -12.22 76.89
C TRP K 300 -52.28 -10.81 77.44
N GLU K 301 -51.52 -10.71 78.52
CA GLU K 301 -51.09 -9.44 79.08
C GLU K 301 -49.93 -8.91 78.25
N THR K 302 -49.60 -7.64 78.48
CA THR K 302 -48.51 -7.03 77.72
C THR K 302 -47.20 -7.75 77.96
N GLU K 303 -46.90 -8.09 79.22
CA GLU K 303 -45.65 -8.80 79.51
C GLU K 303 -45.65 -10.19 78.88
N HIS K 304 -46.77 -10.90 78.97
CA HIS K 304 -46.82 -12.25 78.42
C HIS K 304 -46.64 -12.24 76.92
N ALA K 305 -47.29 -11.30 76.23
CA ALA K 305 -47.14 -11.21 74.78
C ALA K 305 -45.76 -10.74 74.38
N GLU K 306 -45.15 -9.85 75.17
CA GLU K 306 -43.77 -9.46 74.91
C GLU K 306 -42.84 -10.66 75.02
N GLN K 307 -43.05 -11.50 76.03
CA GLN K 307 -42.26 -12.73 76.15
C GLN K 307 -42.52 -13.65 74.96
N PHE K 308 -43.78 -13.72 74.51
CA PHE K 308 -44.10 -14.55 73.35
C PHE K 308 -43.33 -14.10 72.12
N ILE K 309 -43.36 -12.81 71.81
CA ILE K 309 -42.67 -12.29 70.63
C ILE K 309 -41.16 -12.48 70.78
N HIS K 310 -40.63 -12.22 71.98
CA HIS K 310 -39.21 -12.40 72.24
C HIS K 310 -38.78 -13.83 71.98
N GLN K 311 -39.52 -14.79 72.53
CA GLN K 311 -39.16 -16.19 72.35
C GLN K 311 -39.38 -16.66 70.92
N LEU K 312 -40.39 -16.12 70.23
CA LEU K 312 -40.59 -16.46 68.83
C LEU K 312 -39.41 -16.03 67.98
N SER K 313 -38.93 -14.79 68.19
CA SER K 313 -37.77 -14.33 67.46
C SER K 313 -36.53 -15.14 67.83
N LYS K 314 -36.37 -15.47 69.11
CA LYS K 314 -35.23 -16.27 69.53
C LYS K 314 -35.24 -17.64 68.86
N GLU K 315 -36.41 -18.28 68.80
CA GLU K 315 -36.51 -19.57 68.13
C GLU K 315 -36.25 -19.44 66.63
N LEU K 316 -36.76 -18.39 66.01
CA LEU K 316 -36.54 -18.20 64.57
C LEU K 316 -35.06 -18.06 64.26
N ILE K 317 -34.35 -17.24 65.05
CA ILE K 317 -32.91 -17.08 64.83
C ILE K 317 -32.18 -18.37 65.14
N ARG K 318 -32.62 -19.09 66.18
CA ARG K 318 -31.96 -20.34 66.56
C ARG K 318 -32.06 -21.39 65.46
N LYS K 319 -33.12 -21.33 64.64
CA LYS K 319 -33.30 -22.27 63.54
C LYS K 319 -32.72 -21.77 62.23
N ASP K 320 -31.70 -20.91 62.30
CA ASP K 320 -30.97 -20.43 61.12
C ASP K 320 -31.89 -19.71 60.13
N PHE K 321 -32.77 -18.86 60.66
CA PHE K 321 -33.59 -17.99 59.84
C PHE K 321 -33.09 -16.56 59.92
N ASN K 322 -33.41 -15.78 58.89
CA ASN K 322 -33.06 -14.38 58.83
C ASN K 322 -34.32 -13.56 59.07
N ILE K 323 -34.28 -12.68 60.06
CA ILE K 323 -35.43 -11.88 60.46
C ILE K 323 -35.27 -10.48 59.88
N VAL K 324 -36.25 -10.06 59.09
CA VAL K 324 -36.34 -8.69 58.60
C VAL K 324 -37.54 -8.04 59.29
N SER K 325 -37.29 -6.97 60.04
CA SER K 325 -38.33 -6.32 60.82
C SER K 325 -38.38 -4.85 60.46
N GLY K 326 -39.58 -4.32 60.30
CA GLY K 326 -39.78 -2.91 60.08
C GLY K 326 -39.76 -2.07 61.33
N PHE K 327 -39.38 -2.66 62.46
CA PHE K 327 -39.35 -1.99 63.75
C PHE K 327 -40.72 -1.38 64.07
N GLY K 328 -41.76 -2.20 63.88
CA GLY K 328 -43.11 -1.75 64.19
C GLY K 328 -43.32 -1.58 65.68
N LEU K 329 -44.26 -0.70 66.01
CA LEU K 329 -44.52 -0.38 67.41
C LEU K 329 -45.19 -1.56 68.10
N GLY K 330 -44.49 -2.15 69.06
CA GLY K 330 -45.02 -3.22 69.88
C GLY K 330 -44.44 -4.59 69.59
N VAL K 331 -43.85 -4.81 68.42
CA VAL K 331 -43.26 -6.10 68.12
C VAL K 331 -41.79 -5.93 67.74
N GLY K 332 -41.42 -4.77 67.20
CA GLY K 332 -40.06 -4.59 66.73
C GLY K 332 -39.03 -4.63 67.84
N SER K 333 -39.31 -3.98 68.96
CA SER K 333 -38.38 -3.96 70.07
C SER K 333 -38.18 -5.36 70.63
N PHE K 334 -39.27 -6.13 70.77
CA PHE K 334 -39.16 -7.47 71.32
C PHE K 334 -38.50 -8.43 70.34
N VAL K 335 -38.73 -8.24 69.05
CA VAL K 335 -38.00 -9.02 68.05
C VAL K 335 -36.51 -8.75 68.18
N ILE K 336 -36.13 -7.46 68.32
CA ILE K 336 -34.72 -7.12 68.50
C ILE K 336 -34.17 -7.77 69.76
N ASN K 337 -34.94 -7.74 70.85
CA ASN K 337 -34.48 -8.33 72.11
C ASN K 337 -34.22 -9.82 71.94
N GLY K 338 -35.16 -10.52 71.29
CA GLY K 338 -34.98 -11.94 71.08
C GLY K 338 -33.77 -12.25 70.22
N VAL K 339 -33.61 -11.52 69.13
CA VAL K 339 -32.48 -11.76 68.23
C VAL K 339 -31.17 -11.51 68.95
N LEU K 340 -31.08 -10.41 69.71
CA LEU K 340 -29.86 -10.10 70.43
C LEU K 340 -29.57 -11.17 71.48
N GLU K 341 -30.59 -11.62 72.21
CA GLU K 341 -30.36 -12.65 73.23
C GLU K 341 -29.87 -13.94 72.61
N GLU K 342 -30.41 -14.31 71.44
CA GLU K 342 -29.94 -15.53 70.80
C GLU K 342 -28.53 -15.36 70.23
N LEU K 343 -28.23 -14.21 69.62
CA LEU K 343 -26.95 -14.05 68.94
C LEU K 343 -25.80 -13.86 69.92
N TYR K 344 -26.01 -13.05 70.97
CA TYR K 344 -24.93 -12.76 71.90
C TYR K 344 -24.61 -13.93 72.83
N MET K 345 -25.42 -14.97 72.83
CA MET K 345 -25.15 -16.14 73.66
C MET K 345 -24.13 -17.06 73.01
N THR K 349 -21.08 -9.73 68.18
CA THR K 349 -21.45 -8.84 67.07
C THR K 349 -22.73 -9.32 66.40
N ILE K 350 -23.27 -8.50 65.50
CA ILE K 350 -24.48 -8.80 64.77
C ILE K 350 -24.14 -8.92 63.29
N ASP K 351 -24.39 -10.08 62.71
CA ASP K 351 -24.22 -10.24 61.27
C ASP K 351 -25.31 -9.48 60.53
N ASP K 352 -24.94 -8.86 59.42
CA ASP K 352 -25.89 -8.09 58.64
C ASP K 352 -26.96 -8.95 58.00
N ASP K 353 -26.77 -10.27 57.96
CA ASP K 353 -27.74 -11.17 57.35
C ASP K 353 -28.73 -11.75 58.35
N ARG K 354 -28.40 -11.77 59.63
CA ARG K 354 -29.28 -12.40 60.61
C ARG K 354 -30.45 -11.49 60.97
N LEU K 355 -30.14 -10.26 61.40
CA LEU K 355 -31.17 -9.29 61.76
C LEU K 355 -31.01 -8.06 60.87
N ILE K 356 -32.10 -7.68 60.19
CA ILE K 356 -32.12 -6.53 59.30
C ILE K 356 -33.22 -5.60 59.81
N LEU K 357 -32.82 -4.42 60.28
CA LEU K 357 -33.75 -3.45 60.82
C LEU K 357 -33.99 -2.34 59.82
N ARG K 358 -35.26 -2.04 59.56
CA ARG K 358 -35.66 -0.96 58.66
C ARG K 358 -36.74 -0.12 59.35
N PRO K 359 -36.36 0.70 60.32
CA PRO K 359 -37.34 1.57 60.97
C PRO K 359 -37.96 2.54 59.97
N PHE K 360 -39.25 2.80 60.14
CA PHE K 360 -39.96 3.65 59.19
C PHE K 360 -39.76 5.11 59.58
N PRO K 361 -39.29 5.96 58.66
CA PRO K 361 -39.10 7.38 58.99
C PRO K 361 -40.41 8.03 59.37
N GLN K 362 -40.41 8.70 60.52
CA GLN K 362 -41.60 9.36 61.03
C GLN K 362 -41.64 10.81 60.58
N GLY K 363 -42.76 11.22 59.99
CA GLY K 363 -42.89 12.54 59.43
C GLY K 363 -43.57 12.50 58.07
N LYS K 364 -44.19 13.62 57.67
CA LYS K 364 -44.89 13.66 56.39
C LYS K 364 -43.96 13.48 55.21
N LYS K 365 -42.67 13.74 55.38
CA LYS K 365 -41.73 13.54 54.29
C LYS K 365 -41.44 12.06 54.07
N GLY K 366 -41.37 11.27 55.14
CA GLY K 366 -41.11 9.85 55.01
C GLY K 366 -42.31 9.01 54.63
N GLU K 367 -43.52 9.49 54.92
CA GLU K 367 -44.71 8.72 54.57
C GLU K 367 -44.85 8.55 53.06
N GLU K 368 -44.34 9.51 52.28
CA GLU K 368 -44.44 9.40 50.83
C GLU K 368 -43.55 8.28 50.30
N GLN K 369 -42.42 8.02 50.95
CA GLN K 369 -41.53 6.93 50.57
C GLN K 369 -41.80 5.65 51.34
N TRP K 370 -42.73 5.68 52.30
CA TRP K 370 -43.07 4.49 53.09
C TRP K 370 -43.42 3.31 52.20
N ASP K 371 -44.16 3.53 51.11
CA ASP K 371 -44.61 2.42 50.29
C ASP K 371 -43.45 1.71 49.62
N LYS K 372 -42.54 2.47 48.99
CA LYS K 372 -41.39 1.83 48.36
C LYS K 372 -40.45 1.25 49.40
N TYR K 373 -40.39 1.83 50.58
CA TYR K 373 -39.57 1.31 51.65
C TYR K 373 -40.09 -0.03 52.05
N ARG K 374 -41.40 -0.16 52.17
CA ARG K 374 -42.02 -1.41 52.59
C ARG K 374 -41.91 -2.47 51.54
N ARG K 375 -42.02 -2.09 50.28
CA ARG K 375 -41.81 -3.06 49.20
C ARG K 375 -40.37 -3.53 49.17
N ASP K 376 -39.42 -2.63 49.42
CA ASP K 376 -38.02 -3.03 49.47
C ASP K 376 -37.75 -4.00 50.63
N MET K 377 -38.35 -3.72 51.79
CA MET K 377 -38.21 -4.65 52.92
C MET K 377 -38.74 -6.02 52.57
N ILE K 378 -39.98 -6.08 52.08
CA ILE K 378 -40.64 -7.36 51.85
C ILE K 378 -39.96 -8.13 50.73
N THR K 379 -39.43 -7.42 49.72
CA THR K 379 -38.73 -8.09 48.63
C THR K 379 -37.51 -8.86 49.13
N ARG K 380 -36.91 -8.41 50.23
CA ARG K 380 -35.75 -9.11 50.78
C ARG K 380 -36.11 -10.46 51.39
N THR K 381 -37.38 -10.70 51.68
CA THR K 381 -37.81 -11.87 52.44
C THR K 381 -38.50 -12.89 51.54
N GLY K 382 -38.77 -14.06 52.10
CA GLY K 382 -39.48 -15.11 51.40
C GLY K 382 -40.78 -15.54 52.07
N VAL K 383 -40.83 -15.41 53.39
CA VAL K 383 -41.99 -15.80 54.18
C VAL K 383 -42.38 -14.62 55.07
N SER K 384 -43.69 -14.39 55.21
CA SER K 384 -44.19 -13.30 56.03
C SER K 384 -45.05 -13.85 57.17
N ILE K 385 -44.73 -13.43 58.39
CA ILE K 385 -45.45 -13.83 59.59
C ILE K 385 -46.06 -12.58 60.21
N PHE K 386 -47.35 -12.64 60.54
CA PHE K 386 -48.10 -11.46 60.97
C PHE K 386 -48.60 -11.67 62.39
N LEU K 387 -48.33 -10.69 63.25
CA LEU K 387 -48.72 -10.73 64.65
C LEU K 387 -49.56 -9.50 64.99
N TYR K 388 -50.71 -9.73 65.62
CA TYR K 388 -51.59 -8.66 66.07
C TYR K 388 -51.91 -7.70 64.93
N GLY K 389 -51.60 -6.42 65.09
CA GLY K 389 -51.83 -5.48 64.02
C GLY K 389 -52.80 -4.36 64.35
N ASN K 390 -52.83 -3.91 65.60
CA ASN K 390 -53.63 -2.76 65.99
C ASN K 390 -52.72 -1.59 66.31
N LYS K 391 -53.22 -0.41 66.30
CA LYS K 391 -52.44 0.78 66.60
C LYS K 391 -53.34 1.81 67.23
N ILE K 392 -52.84 2.66 68.05
CA ILE K 392 -53.57 3.70 68.77
C ILE K 392 -53.78 4.89 67.86
N ASP K 393 -55.03 5.26 67.64
CA ASP K 393 -55.38 6.38 66.77
C ASP K 393 -56.62 7.06 67.32
N LYS K 394 -56.56 8.40 67.40
CA LYS K 394 -57.67 9.21 67.93
C LYS K 394 -58.05 8.75 69.34
N GLY K 395 -57.06 8.35 70.12
CA GLY K 395 -57.31 7.89 71.47
C GLY K 395 -57.97 6.52 71.56
N GLN K 396 -58.06 5.80 70.45
CA GLN K 396 -58.71 4.49 70.42
C GLN K 396 -57.81 3.48 69.73
N VAL K 397 -58.02 2.21 70.05
CA VAL K 397 -57.20 1.12 69.51
C VAL K 397 -57.83 0.71 68.17
N VAL K 398 -57.41 1.39 67.11
CA VAL K 398 -57.89 1.10 65.77
C VAL K 398 -57.09 -0.06 65.19
N LYS K 399 -57.57 -0.63 64.09
CA LYS K 399 -56.83 -1.67 63.39
C LYS K 399 -55.80 -1.04 62.47
N ALA K 400 -54.57 -1.53 62.54
CA ALA K 400 -53.47 -0.93 61.80
C ALA K 400 -53.48 -1.42 60.36
N LYS K 401 -53.63 -0.49 59.41
CA LYS K 401 -53.70 -0.85 58.00
C LYS K 401 -52.35 -1.18 57.40
N GLY K 402 -51.25 -0.85 58.09
CA GLY K 402 -49.94 -1.19 57.57
C GLY K 402 -49.69 -2.69 57.53
N VAL K 403 -50.21 -3.42 58.52
CA VAL K 403 -50.09 -4.88 58.49
C VAL K 403 -50.83 -5.45 57.29
N GLN K 404 -52.02 -4.92 57.01
CA GLN K 404 -52.77 -5.35 55.82
C GLN K 404 -52.00 -5.01 54.55
N SER K 405 -51.38 -3.84 54.51
CA SER K 405 -50.60 -3.44 53.34
C SER K 405 -49.40 -4.37 53.15
N GLU K 406 -48.76 -4.75 54.23
CA GLU K 406 -47.65 -5.67 54.14
C GLU K 406 -48.15 -7.01 53.65
N PHE K 407 -49.26 -7.48 54.17
CA PHE K 407 -49.83 -8.74 53.71
C PHE K 407 -50.09 -8.70 52.21
N ASN K 408 -50.68 -7.60 51.74
CA ASN K 408 -50.96 -7.47 50.32
C ASN K 408 -49.69 -7.45 49.49
N ILE K 409 -48.66 -6.75 49.96
CA ILE K 409 -47.40 -6.69 49.23
C ILE K 409 -46.73 -8.05 49.18
N SER K 410 -46.73 -8.77 50.31
CA SER K 410 -46.14 -10.11 50.34
C SER K 410 -46.90 -11.06 49.41
N PHE K 411 -48.24 -10.97 49.41
CA PHE K 411 -49.04 -11.82 48.54
C PHE K 411 -48.79 -11.50 47.07
N GLU K 412 -48.61 -10.20 46.75
CA GLU K 412 -48.26 -9.83 45.38
C GLU K 412 -46.94 -10.42 44.94
N GLN K 413 -46.04 -10.68 45.89
CA GLN K 413 -44.71 -11.20 45.60
C GLN K 413 -44.66 -12.72 45.68
N ASN K 414 -45.80 -13.39 45.82
CA ASN K 414 -45.88 -14.84 45.95
C ASN K 414 -45.13 -15.33 47.19
N ASN K 415 -45.04 -14.49 48.22
CA ASN K 415 -44.48 -14.91 49.49
C ASN K 415 -45.49 -15.73 50.27
N TYR K 416 -44.98 -16.70 51.03
CA TYR K 416 -45.84 -17.47 51.91
C TYR K 416 -46.28 -16.60 53.07
N VAL K 417 -47.58 -16.51 53.29
CA VAL K 417 -48.14 -15.69 54.36
C VAL K 417 -48.53 -16.60 55.51
N VAL K 418 -48.12 -16.24 56.71
CA VAL K 418 -48.45 -17.00 57.91
C VAL K 418 -49.10 -16.06 58.92
N PRO K 419 -50.39 -15.78 58.80
CA PRO K 419 -51.05 -14.92 59.78
C PRO K 419 -51.34 -15.64 61.08
N VAL K 420 -50.69 -15.18 62.16
CA VAL K 420 -50.88 -15.78 63.48
C VAL K 420 -52.21 -15.28 64.02
N GLY K 421 -53.26 -16.08 63.86
CA GLY K 421 -54.57 -15.65 64.28
C GLY K 421 -54.81 -15.64 65.77
N ALA K 422 -53.99 -16.36 66.54
CA ALA K 422 -54.10 -16.33 67.99
C ALA K 422 -53.78 -14.96 68.56
N THR K 423 -52.95 -14.18 67.87
CA THR K 423 -52.64 -12.83 68.34
C THR K 423 -53.86 -11.92 68.27
N GLY K 424 -54.69 -12.10 67.26
CA GLY K 424 -55.93 -11.37 67.15
C GLY K 424 -55.80 -10.10 66.33
N TYR K 425 -56.90 -9.33 66.33
CA TYR K 425 -57.00 -8.04 65.65
C TYR K 425 -56.96 -8.23 64.13
N ILE K 426 -56.04 -7.54 63.45
CA ILE K 426 -56.01 -7.62 61.99
C ILE K 426 -55.37 -8.93 61.56
N ALA K 427 -54.60 -9.54 62.46
CA ALA K 427 -54.05 -10.86 62.20
C ALA K 427 -55.11 -11.95 62.18
N LYS K 428 -56.14 -11.83 63.02
CA LYS K 428 -57.26 -12.77 62.96
C LYS K 428 -58.02 -12.62 61.65
N ASP K 429 -58.23 -11.37 61.19
CA ASP K 429 -58.88 -11.16 59.91
C ASP K 429 -58.05 -11.74 58.77
N LEU K 430 -56.74 -11.54 58.81
CA LEU K 430 -55.85 -12.13 57.81
C LEU K 430 -55.95 -13.65 57.83
N TRP K 431 -55.97 -14.24 59.02
CA TRP K 431 -56.08 -15.69 59.14
C TRP K 431 -57.38 -16.18 58.52
N ASN K 432 -58.50 -15.50 58.81
CA ASN K 432 -59.78 -15.88 58.23
C ASN K 432 -59.76 -15.74 56.71
N LYS K 433 -59.15 -14.66 56.20
CA LYS K 433 -59.08 -14.44 54.76
C LYS K 433 -58.30 -15.54 54.07
N VAL K 434 -57.17 -15.95 54.65
CA VAL K 434 -56.40 -17.04 54.07
C VAL K 434 -57.16 -18.35 54.18
N ASN K 435 -57.89 -18.54 55.27
CA ASN K 435 -58.59 -19.80 55.49
C ASN K 435 -59.78 -19.97 54.55
N GLU K 436 -60.45 -18.87 54.18
CA GLU K 436 -61.62 -18.99 53.32
C GLU K 436 -61.27 -19.59 51.97
N GLU K 437 -60.17 -19.15 51.37
CA GLU K 437 -59.68 -19.68 50.10
C GLU K 437 -58.25 -20.17 50.34
N PHE K 438 -58.13 -21.40 50.82
CA PHE K 438 -56.82 -21.91 51.22
C PHE K 438 -55.97 -22.31 50.02
N GLU K 439 -56.58 -22.77 48.94
CA GLU K 439 -55.81 -23.14 47.76
C GLU K 439 -55.18 -21.93 47.08
N THR K 440 -55.79 -20.74 47.26
CA THR K 440 -55.23 -19.54 46.65
C THR K 440 -53.88 -19.18 47.25
N TYR K 441 -53.76 -19.28 48.58
CA TYR K 441 -52.53 -18.88 49.25
C TYR K 441 -51.57 -20.04 49.48
N TYR K 442 -52.08 -21.25 49.71
CA TYR K 442 -51.25 -22.43 49.94
C TYR K 442 -51.71 -23.55 49.02
N PRO K 443 -51.34 -23.49 47.74
CA PRO K 443 -51.74 -24.55 46.82
C PRO K 443 -51.07 -25.87 47.16
N GLY K 444 -51.79 -26.96 46.92
CA GLY K 444 -51.24 -28.29 47.13
C GLY K 444 -50.83 -28.56 48.56
N ALA K 445 -51.64 -28.15 49.52
CA ALA K 445 -51.31 -28.35 50.92
C ALA K 445 -51.62 -29.79 51.35
N ASP K 446 -51.03 -30.19 52.46
CA ASP K 446 -51.22 -31.52 53.03
C ASP K 446 -52.08 -31.42 54.28
N ALA K 447 -52.36 -32.59 54.87
CA ALA K 447 -53.14 -32.62 56.10
C ALA K 447 -52.39 -31.95 57.25
N ARG K 448 -51.08 -32.17 57.33
CA ARG K 448 -50.30 -31.57 58.41
C ARG K 448 -50.30 -30.05 58.29
N MET K 449 -50.14 -29.53 57.07
CA MET K 449 -50.15 -28.08 56.88
C MET K 449 -51.51 -27.48 57.27
N LYS K 450 -52.60 -28.13 56.89
CA LYS K 450 -53.92 -27.64 57.26
C LYS K 450 -54.13 -27.69 58.77
N LYS K 451 -53.65 -28.75 59.42
CA LYS K 451 -53.77 -28.83 60.88
C LYS K 451 -52.98 -27.72 61.55
N LEU K 452 -51.75 -27.48 61.08
CA LEU K 452 -50.95 -26.40 61.66
C LEU K 452 -51.61 -25.05 61.45
N PHE K 453 -52.16 -24.81 60.25
CA PHE K 453 -52.81 -23.54 59.98
C PHE K 453 -54.04 -23.36 60.86
N GLY K 454 -54.82 -24.43 61.04
CA GLY K 454 -55.98 -24.33 61.93
C GLY K 454 -55.59 -24.20 63.38
N GLU K 455 -54.36 -24.61 63.73
CA GLU K 455 -53.86 -24.44 65.08
C GLU K 455 -53.30 -23.05 65.32
N LEU K 456 -53.04 -22.28 64.26
CA LEU K 456 -52.58 -20.90 64.42
C LEU K 456 -53.63 -20.02 65.06
N ASN K 457 -54.90 -20.37 64.94
CA ASN K 457 -55.99 -19.62 65.54
C ASN K 457 -56.50 -20.24 66.83
N ASN K 458 -55.80 -21.24 67.36
CA ASN K 458 -56.17 -21.88 68.61
C ASN K 458 -55.73 -20.99 69.76
N GLU K 459 -56.63 -20.12 70.22
CA GLU K 459 -56.29 -19.13 71.24
C GLU K 459 -56.00 -19.75 72.60
N ALA K 460 -56.34 -21.03 72.81
CA ALA K 460 -56.06 -21.68 74.08
C ALA K 460 -54.63 -22.17 74.19
N LEU K 461 -53.84 -22.07 73.12
CA LEU K 461 -52.45 -22.49 73.17
C LEU K 461 -51.63 -21.57 74.06
N SER K 462 -50.62 -22.15 74.72
CA SER K 462 -49.67 -21.37 75.49
C SER K 462 -48.65 -20.72 74.56
N ILE K 463 -47.68 -20.02 75.16
CA ILE K 463 -46.64 -19.38 74.37
C ILE K 463 -45.80 -20.43 73.65
N GLU K 464 -45.34 -21.44 74.39
CA GLU K 464 -44.46 -22.44 73.81
C GLU K 464 -45.15 -23.23 72.70
N GLU K 465 -46.41 -23.62 72.93
CA GLU K 465 -47.13 -24.39 71.92
C GLU K 465 -47.35 -23.59 70.65
N LEU K 466 -47.75 -22.32 70.80
CA LEU K 466 -47.95 -21.47 69.62
C LEU K 466 -46.65 -21.25 68.87
N ILE K 467 -45.56 -21.03 69.59
CA ILE K 467 -44.27 -20.83 68.93
C ILE K 467 -43.83 -22.10 68.21
N ASN K 468 -44.04 -23.27 68.82
CA ASN K 468 -43.71 -24.51 68.14
C ASN K 468 -44.55 -24.70 66.89
N THR K 469 -45.84 -24.34 66.96
CA THR K 469 -46.70 -24.42 65.79
C THR K 469 -46.17 -23.54 64.66
N ILE K 470 -45.83 -22.29 64.98
CA ILE K 470 -45.34 -21.37 63.96
C ILE K 470 -44.02 -21.89 63.38
N ILE K 471 -43.13 -22.38 64.24
CA ILE K 471 -41.83 -22.87 63.77
C ILE K 471 -42.00 -24.06 62.85
N GLU K 472 -42.86 -25.02 63.23
CA GLU K 472 -43.10 -26.17 62.36
C GLU K 472 -43.73 -25.75 61.05
N PHE K 473 -44.64 -24.77 61.09
CA PHE K 473 -45.23 -24.27 59.85
C PHE K 473 -44.16 -23.69 58.92
N VAL K 474 -43.29 -22.84 59.47
CA VAL K 474 -42.26 -22.23 58.65
C VAL K 474 -41.28 -23.29 58.13
N GLU K 475 -41.00 -24.30 58.95
CA GLU K 475 -40.09 -25.37 58.52
C GLU K 475 -40.68 -26.16 57.35
N ILE K 476 -41.94 -26.58 57.46
CA ILE K 476 -42.54 -27.33 56.37
C ILE K 476 -42.72 -26.45 55.14
N LEU K 477 -42.79 -25.13 55.32
CA LEU K 477 -42.81 -24.24 54.15
C LEU K 477 -41.44 -24.22 53.48
N SER K 478 -40.38 -24.06 54.26
CA SER K 478 -39.04 -23.91 53.69
C SER K 478 -38.56 -25.22 53.05
N ASN K 479 -38.81 -26.35 53.71
CA ASN K 479 -38.38 -27.64 53.20
C ASN K 479 -39.47 -28.69 53.33
N MET L 4 0.98 12.91 58.99
CA MET L 4 1.20 13.64 57.75
C MET L 4 0.92 12.77 56.53
N LYS L 5 1.68 13.00 55.45
CA LYS L 5 1.50 12.28 54.20
C LYS L 5 2.85 11.73 53.74
N MET L 6 2.85 11.09 52.58
CA MET L 6 4.03 10.49 51.99
C MET L 6 4.18 10.97 50.55
N ASN L 7 5.07 10.31 49.81
CA ASN L 7 5.34 10.69 48.43
C ASN L 7 4.08 10.52 47.58
N PRO L 8 3.94 11.31 46.51
CA PRO L 8 2.77 11.16 45.65
C PRO L 8 2.63 9.78 45.03
N ILE L 9 3.74 9.10 44.73
CA ILE L 9 3.65 7.75 44.18
C ILE L 9 3.01 6.82 45.20
N VAL L 10 3.44 6.92 46.46
CA VAL L 10 2.89 6.08 47.51
C VAL L 10 1.41 6.40 47.72
N GLU L 11 1.04 7.68 47.62
CA GLU L 11 -0.36 8.06 47.77
C GLU L 11 -1.22 7.49 46.65
N LEU L 12 -0.71 7.53 45.41
CA LEU L 12 -1.45 6.92 44.30
C LEU L 12 -1.60 5.41 44.51
N PHE L 13 -0.54 4.76 44.96
CA PHE L 13 -0.64 3.32 45.25
C PHE L 13 -1.67 3.07 46.34
N ILE L 14 -1.69 3.91 47.37
CA ILE L 14 -2.65 3.73 48.46
C ILE L 14 -4.07 3.86 47.94
N LYS L 15 -4.33 4.88 47.13
CA LYS L 15 -5.66 5.06 46.58
C LYS L 15 -6.07 3.86 45.74
N ASP L 16 -5.18 3.42 44.84
CA ASP L 16 -5.51 2.31 43.95
C ASP L 16 -5.76 1.03 44.74
N PHE L 17 -4.90 0.73 45.71
CA PHE L 17 -5.05 -0.52 46.45
C PHE L 17 -6.24 -0.50 47.38
N THR L 18 -6.56 0.66 47.98
CA THR L 18 -7.79 0.77 48.75
C THR L 18 -9.01 0.57 47.86
N LYS L 19 -8.96 1.07 46.63
CA LYS L 19 -10.02 0.81 45.68
C LYS L 19 -10.12 -0.69 45.38
N GLU L 20 -8.98 -1.37 45.27
CA GLU L 20 -8.99 -2.80 44.98
C GLU L 20 -9.50 -3.61 46.16
N VAL L 21 -9.06 -3.28 47.38
CA VAL L 21 -9.42 -4.07 48.54
C VAL L 21 -10.92 -3.98 48.82
N MET L 22 -11.50 -2.78 48.72
CA MET L 22 -12.90 -2.61 49.02
C MET L 22 -13.80 -3.39 48.05
N GLU L 23 -13.27 -3.81 46.91
CA GLU L 23 -14.01 -4.64 45.97
C GLU L 23 -13.69 -6.12 46.14
N GLU L 24 -12.89 -6.46 47.14
CA GLU L 24 -12.51 -7.85 47.43
C GLU L 24 -11.87 -8.52 46.22
N ASN L 25 -11.03 -7.76 45.51
CA ASN L 25 -10.29 -8.28 44.36
C ASN L 25 -8.79 -8.17 44.58
N ALA L 26 -8.37 -8.07 45.84
CA ALA L 26 -6.97 -7.87 46.19
C ALA L 26 -6.44 -9.10 46.93
N ALA L 27 -5.18 -9.41 46.68
CA ALA L 27 -4.49 -10.51 47.34
C ALA L 27 -3.12 -10.04 47.81
N ILE L 28 -2.61 -10.70 48.83
CA ILE L 28 -1.32 -10.36 49.43
C ILE L 28 -0.37 -11.52 49.20
N PHE L 29 0.78 -11.24 48.61
CA PHE L 29 1.85 -12.22 48.46
C PHE L 29 2.95 -11.85 49.45
N ALA L 30 3.05 -12.60 50.54
CA ALA L 30 3.98 -12.32 51.60
C ALA L 30 5.16 -13.29 51.50
N GLY L 31 6.37 -12.74 51.36
CA GLY L 31 7.58 -13.53 51.35
C GLY L 31 8.12 -13.75 52.75
N ALA L 32 9.36 -14.24 52.81
CA ALA L 32 9.99 -14.49 54.09
C ALA L 32 10.34 -13.19 54.81
N GLY L 33 10.47 -12.10 54.07
CA GLY L 33 10.89 -10.85 54.68
C GLY L 33 9.85 -10.25 55.61
N LEU L 34 8.57 -10.55 55.39
CA LEU L 34 7.54 -10.02 56.25
C LEU L 34 7.61 -10.61 57.66
N SER L 35 8.21 -11.78 57.82
CA SER L 35 8.36 -12.40 59.12
C SER L 35 9.72 -12.16 59.77
N MET L 36 10.70 -11.67 59.00
CA MET L 36 12.02 -11.42 59.57
C MET L 36 12.01 -10.29 60.59
N SER L 37 11.00 -9.43 60.57
CA SER L 37 10.87 -8.41 61.60
C SER L 37 10.29 -8.97 62.90
N VAL L 38 9.67 -10.15 62.85
CA VAL L 38 9.04 -10.73 64.03
C VAL L 38 10.10 -11.16 65.04
N GLY L 39 11.19 -11.74 64.55
CA GLY L 39 12.23 -12.22 65.44
C GLY L 39 12.90 -13.49 64.95
N TYR L 40 12.37 -14.08 63.89
CA TYR L 40 12.99 -15.25 63.29
C TYR L 40 14.34 -14.88 62.69
N VAL L 41 15.32 -15.76 62.88
CA VAL L 41 16.62 -15.53 62.27
C VAL L 41 16.52 -15.76 60.76
N SER L 42 17.38 -15.08 60.02
CA SER L 42 17.35 -15.20 58.57
C SER L 42 17.74 -16.60 58.13
N TRP L 43 17.27 -16.97 56.94
CA TRP L 43 17.56 -18.31 56.41
C TRP L 43 19.06 -18.53 56.24
N ALA L 44 19.81 -17.47 55.92
CA ALA L 44 21.26 -17.58 55.86
C ALA L 44 21.84 -17.97 57.22
N LYS L 45 21.31 -17.42 58.29
CA LYS L 45 21.84 -17.72 59.62
C LYS L 45 21.45 -19.12 60.03
N LEU L 46 20.30 -19.58 59.57
CA LEU L 46 19.96 -20.98 59.80
C LEU L 46 20.90 -21.92 59.07
N LEU L 47 21.25 -21.58 57.83
CA LEU L 47 22.13 -22.44 57.05
C LEU L 47 23.61 -22.26 57.38
N GLU L 48 23.95 -21.33 58.27
CA GLU L 48 25.35 -21.11 58.63
C GLU L 48 26.06 -22.37 59.15
N PRO L 49 25.52 -23.12 60.13
CA PRO L 49 26.21 -24.36 60.51
C PRO L 49 26.25 -25.40 59.41
N ILE L 50 25.20 -25.46 58.58
CA ILE L 50 25.16 -26.43 57.49
C ILE L 50 26.27 -26.17 56.49
N ALA L 51 26.47 -24.90 56.13
CA ALA L 51 27.55 -24.57 55.22
C ALA L 51 28.90 -24.90 55.83
N GLN L 52 29.09 -24.61 57.12
CA GLN L 52 30.33 -24.95 57.79
C GLN L 52 30.58 -26.46 57.75
N GLU L 53 29.51 -27.25 57.80
CA GLU L 53 29.66 -28.70 57.84
C GLU L 53 30.29 -29.23 56.56
N ILE L 54 29.88 -28.70 55.40
CA ILE L 54 30.36 -29.21 54.11
C ILE L 54 31.58 -28.43 53.65
N GLY L 55 32.07 -27.52 54.49
CA GLY L 55 33.27 -26.77 54.17
C GLY L 55 33.04 -25.44 53.50
N LEU L 56 31.80 -24.99 53.37
CA LEU L 56 31.50 -23.71 52.75
C LEU L 56 31.18 -22.67 53.83
N ASP L 57 30.86 -21.46 53.38
CA ASP L 57 30.52 -20.36 54.26
C ASP L 57 29.37 -19.58 53.65
N VAL L 58 28.35 -19.27 54.45
CA VAL L 58 27.17 -18.61 53.92
C VAL L 58 27.48 -17.17 53.51
N ASN L 59 28.34 -16.49 54.28
CA ASN L 59 28.64 -15.09 53.98
C ASN L 59 29.25 -14.93 52.59
N LYS L 60 29.99 -15.93 52.13
CA LYS L 60 30.60 -15.91 50.81
C LYS L 60 29.75 -16.60 49.75
N GLU L 61 28.54 -17.06 50.11
CA GLU L 61 27.66 -17.75 49.19
C GLU L 61 26.43 -16.90 48.90
N ASN L 62 26.05 -16.81 47.63
CA ASN L 62 24.90 -16.05 47.21
C ASN L 62 23.64 -16.88 47.01
N ASP L 63 23.79 -18.17 46.68
CA ASP L 63 22.68 -19.06 46.42
C ASP L 63 22.57 -20.06 47.58
N LEU L 64 21.61 -19.84 48.46
CA LEU L 64 21.40 -20.74 49.58
C LEU L 64 20.72 -22.04 49.17
N VAL L 65 19.93 -22.00 48.09
CA VAL L 65 19.30 -23.21 47.59
C VAL L 65 20.34 -24.22 47.14
N SER L 66 21.35 -23.76 46.39
CA SER L 66 22.43 -24.64 45.98
C SER L 66 23.26 -25.08 47.18
N LEU L 67 23.38 -24.24 48.20
CA LEU L 67 24.09 -24.63 49.42
C LEU L 67 23.39 -25.81 50.10
N ALA L 68 22.07 -25.71 50.25
CA ALA L 68 21.31 -26.81 50.85
C ALA L 68 21.37 -28.05 49.95
N GLN L 69 21.37 -27.86 48.64
CA GLN L 69 21.47 -29.00 47.74
C GLN L 69 22.82 -29.69 47.88
N TYR L 70 23.90 -28.91 48.03
CA TYR L 70 25.21 -29.51 48.26
C TYR L 70 25.24 -30.27 49.57
N TYR L 71 24.62 -29.71 50.61
CA TYR L 71 24.56 -30.41 51.89
C TYR L 71 23.82 -31.74 51.76
N CYS L 72 22.71 -31.74 51.03
CA CYS L 72 21.99 -32.99 50.79
C CYS L 72 22.83 -33.97 49.98
N ASN L 73 23.55 -33.47 48.98
CA ASN L 73 24.38 -34.34 48.16
C ASN L 73 25.47 -35.02 48.98
N GLU L 74 26.05 -34.29 49.94
CA GLU L 74 27.08 -34.89 50.78
C GLU L 74 26.52 -36.04 51.62
N ASN L 75 25.29 -35.89 52.11
CA ASN L 75 24.66 -36.89 52.97
C ASN L 75 23.81 -37.90 52.20
N GLN L 76 24.15 -38.17 50.94
CA GLN L 76 23.42 -39.13 50.10
C GLN L 76 21.94 -38.76 50.00
N GLY L 77 21.66 -37.46 49.90
CA GLY L 77 20.30 -37.02 49.70
C GLY L 77 19.40 -37.09 50.92
N ASN L 78 19.97 -36.91 52.11
CA ASN L 78 19.20 -36.94 53.34
C ASN L 78 19.00 -35.52 53.88
N ARG L 79 17.78 -35.23 54.31
CA ARG L 79 17.39 -33.89 54.75
C ARG L 79 17.07 -33.81 56.24
N GLY L 80 17.57 -34.76 57.03
CA GLY L 80 17.19 -34.80 58.44
C GLY L 80 17.57 -33.53 59.18
N ARG L 81 18.82 -33.09 59.00
CA ARG L 81 19.28 -31.91 59.71
C ARG L 81 18.53 -30.66 59.26
N ILE L 82 18.27 -30.53 57.97
CA ILE L 82 17.56 -29.34 57.48
C ILE L 82 16.13 -29.32 58.00
N ASN L 83 15.46 -30.47 57.96
CA ASN L 83 14.10 -30.54 58.49
C ASN L 83 14.07 -30.18 59.97
N GLN L 84 15.01 -30.73 60.74
CA GLN L 84 15.06 -30.41 62.16
C GLN L 84 15.34 -28.94 62.40
N ILE L 85 16.22 -28.35 61.59
CA ILE L 85 16.55 -26.93 61.76
C ILE L 85 15.34 -26.06 61.52
N ILE L 86 14.64 -26.30 60.40
CA ILE L 86 13.49 -25.43 60.10
C ILE L 86 12.37 -25.65 61.09
N LEU L 87 12.17 -26.90 61.54
CA LEU L 87 11.14 -27.16 62.54
C LEU L 87 11.46 -26.48 63.86
N ASP L 88 12.72 -26.50 64.28
CA ASP L 88 13.09 -25.89 65.55
C ASP L 88 13.07 -24.37 65.47
N GLU L 89 13.34 -23.79 64.29
CA GLU L 89 13.40 -22.35 64.21
C GLU L 89 12.05 -21.70 63.94
N PHE L 90 11.29 -22.22 62.98
CA PHE L 90 10.07 -21.55 62.54
C PHE L 90 8.85 -21.97 63.33
N SER L 91 9.00 -22.83 64.35
CA SER L 91 7.89 -23.18 65.21
C SER L 91 7.99 -22.54 66.59
N ARG L 92 8.85 -21.54 66.74
CA ARG L 92 8.99 -20.87 68.02
C ARG L 92 7.77 -20.01 68.33
N LYS L 93 7.62 -19.67 69.60
CA LYS L 93 6.51 -18.84 70.06
C LYS L 93 6.95 -17.39 70.05
N VAL L 94 6.48 -16.63 69.07
CA VAL L 94 6.86 -15.23 68.91
C VAL L 94 5.60 -14.38 68.79
N ASP L 95 5.72 -13.12 69.18
CA ASP L 95 4.60 -12.19 69.12
C ASP L 95 4.43 -11.64 67.71
N LEU L 96 3.19 -11.48 67.29
CA LEU L 96 2.89 -10.99 65.95
C LEU L 96 3.32 -9.52 65.81
N THR L 97 3.68 -9.15 64.59
CA THR L 97 3.99 -7.78 64.27
C THR L 97 2.71 -7.01 63.92
N GLU L 98 2.81 -5.73 63.72
CA GLU L 98 1.66 -4.94 63.44
C GLU L 98 1.20 -5.17 62.05
N ASN L 99 2.13 -5.49 61.17
CA ASN L 99 1.75 -5.72 59.78
C ASN L 99 0.79 -6.90 59.65
N HIS L 100 1.07 -8.00 60.35
CA HIS L 100 0.20 -9.16 60.28
C HIS L 100 -1.19 -8.84 60.81
N LYS L 101 -1.27 -8.10 61.92
CA LYS L 101 -2.57 -7.73 62.48
C LYS L 101 -3.33 -6.83 61.52
N ILE L 102 -2.65 -5.86 60.90
CA ILE L 102 -3.31 -4.98 59.95
C ILE L 102 -3.83 -5.77 58.75
N LEU L 103 -3.01 -6.68 58.22
CA LEU L 103 -3.45 -7.49 57.10
C LEU L 103 -4.62 -8.38 57.49
N ALA L 104 -4.67 -8.85 58.74
CA ALA L 104 -5.79 -9.63 59.20
C ALA L 104 -7.05 -8.78 59.30
N ARG L 105 -6.91 -7.51 59.69
CA ARG L 105 -8.07 -6.64 59.80
C ARG L 105 -8.60 -6.22 58.43
N LEU L 106 -7.75 -6.22 57.41
CA LEU L 106 -8.19 -5.81 56.08
C LEU L 106 -9.11 -6.85 55.47
N PRO L 107 -10.05 -6.42 54.62
CA PRO L 107 -10.95 -7.37 53.92
C PRO L 107 -10.27 -8.03 52.72
N ILE L 108 -9.28 -8.88 53.01
CA ILE L 108 -8.52 -9.58 51.99
C ILE L 108 -8.77 -11.07 52.15
N HIS L 109 -9.15 -11.72 51.06
CA HIS L 109 -9.63 -13.10 51.08
C HIS L 109 -8.61 -14.09 50.51
N THR L 110 -7.41 -13.65 50.16
CA THR L 110 -6.42 -14.53 49.56
C THR L 110 -5.03 -14.11 50.01
N TYR L 111 -4.27 -15.06 50.55
CA TYR L 111 -2.88 -14.86 50.91
C TYR L 111 -2.04 -15.95 50.28
N TRP L 112 -0.95 -15.55 49.62
CA TRP L 112 0.04 -16.48 49.09
C TRP L 112 1.34 -16.25 49.83
N THR L 113 1.90 -17.30 50.41
CA THR L 113 3.06 -17.17 51.29
C THR L 113 4.15 -18.15 50.88
N THR L 114 5.39 -17.68 50.91
CA THR L 114 6.57 -18.53 50.77
C THR L 114 7.29 -18.74 52.09
N ALA L 115 6.66 -18.38 53.20
CA ALA L 115 7.23 -18.55 54.53
C ALA L 115 6.58 -19.73 55.22
N TYR L 116 7.39 -20.51 55.94
CA TYR L 116 6.91 -21.71 56.61
C TYR L 116 6.19 -21.41 57.92
N ASP L 117 6.40 -20.24 58.50
CA ASP L 117 5.79 -19.90 59.78
C ASP L 117 4.29 -19.69 59.64
N ARG L 118 3.58 -19.89 60.74
CA ARG L 118 2.13 -19.73 60.80
C ARG L 118 1.71 -18.37 61.34
N LEU L 119 2.50 -17.33 61.12
CA LEU L 119 2.16 -16.00 61.64
C LEU L 119 0.89 -15.46 61.00
N ILE L 120 0.73 -15.67 59.69
CA ILE L 120 -0.47 -15.19 59.01
C ILE L 120 -1.71 -15.89 59.56
N GLU L 121 -1.63 -17.20 59.78
CA GLU L 121 -2.76 -17.93 60.34
C GLU L 121 -3.09 -17.44 61.74
N LYS L 122 -2.13 -17.05 62.44
CA LYS L 122 -2.36 -16.70 63.80
C LYS L 122 -2.96 -15.35 63.81
N ALA L 123 -2.49 -14.45 62.98
CA ALA L 123 -3.06 -13.13 62.85
C ALA L 123 -4.51 -13.19 62.42
N LEU L 124 -4.83 -14.07 61.48
CA LEU L 124 -6.22 -14.20 61.03
C LEU L 124 -7.10 -14.78 62.13
N GLU L 125 -6.58 -15.73 62.91
CA GLU L 125 -7.38 -16.32 63.97
C GLU L 125 -7.57 -15.39 65.16
N GLU L 126 -6.62 -14.48 65.40
CA GLU L 126 -6.77 -13.53 66.50
C GLU L 126 -7.91 -12.55 66.23
N GLU L 127 -8.18 -12.24 64.98
CA GLU L 127 -9.27 -11.35 64.61
C GLU L 127 -10.60 -12.08 64.45
N ASN L 128 -10.70 -13.30 64.97
CA ASN L 128 -11.91 -14.11 64.86
C ASN L 128 -12.32 -14.32 63.41
N LYS L 129 -11.33 -14.50 62.54
CA LYS L 129 -11.55 -14.76 61.12
C LYS L 129 -11.23 -16.22 60.83
N ILE L 130 -12.16 -16.90 60.16
CA ILE L 130 -11.97 -18.29 59.78
C ILE L 130 -10.99 -18.33 58.60
N ALA L 131 -9.80 -18.85 58.83
CA ALA L 131 -8.75 -18.90 57.82
C ALA L 131 -8.52 -20.33 57.38
N ASP L 132 -8.41 -20.53 56.07
CA ASP L 132 -8.25 -21.85 55.47
C ASP L 132 -6.85 -21.95 54.88
N VAL L 133 -5.95 -22.60 55.60
CA VAL L 133 -4.55 -22.72 55.18
C VAL L 133 -4.41 -23.93 54.27
N LYS L 134 -3.79 -23.72 53.12
CA LYS L 134 -3.60 -24.78 52.13
C LYS L 134 -2.13 -24.85 51.75
N TYR L 135 -1.49 -25.97 52.08
CA TYR L 135 -0.11 -26.20 51.68
C TYR L 135 0.10 -27.57 51.07
N THR L 136 -0.96 -28.35 50.84
CA THR L 136 -0.88 -29.65 50.22
C THR L 136 -1.82 -29.69 49.01
N VAL L 137 -1.50 -30.59 48.07
CA VAL L 137 -2.31 -30.69 46.85
C VAL L 137 -3.71 -31.16 47.18
N LYS L 138 -3.84 -32.15 48.05
CA LYS L 138 -5.15 -32.68 48.39
C LYS L 138 -6.02 -31.64 49.08
N GLN L 139 -5.40 -30.72 49.82
CA GLN L 139 -6.16 -29.71 50.54
C GLN L 139 -6.87 -28.74 49.62
N LEU L 140 -6.43 -28.62 48.36
CA LEU L 140 -7.09 -27.70 47.44
C LEU L 140 -8.49 -28.14 47.10
N ALA L 141 -8.76 -29.45 47.12
CA ALA L 141 -10.06 -29.98 46.75
C ALA L 141 -11.12 -29.78 47.83
N THR L 142 -10.74 -29.31 49.01
CA THR L 142 -11.69 -29.09 50.10
C THR L 142 -11.60 -27.64 50.55
N THR L 143 -12.76 -27.00 50.65
CA THR L 143 -12.85 -25.61 51.09
C THR L 143 -13.54 -25.56 52.45
N LYS L 144 -12.92 -24.88 53.41
CA LYS L 144 -13.53 -24.71 54.71
C LYS L 144 -14.77 -23.85 54.61
N VAL L 145 -15.82 -24.25 55.33
CA VAL L 145 -17.10 -23.56 55.21
C VAL L 145 -17.02 -22.19 55.86
N LYS L 146 -17.53 -21.17 55.16
CA LYS L 146 -17.58 -19.80 55.65
C LYS L 146 -16.19 -19.28 56.02
N ARG L 147 -15.21 -19.52 55.16
CA ARG L 147 -13.88 -19.06 55.41
C ARG L 147 -13.85 -17.62 55.12
N ASP L 148 -13.03 -16.88 55.84
CA ASP L 148 -12.84 -15.46 55.58
C ASP L 148 -11.61 -15.19 54.73
N ALA L 149 -10.61 -16.07 54.75
CA ALA L 149 -9.42 -15.90 53.92
C ALA L 149 -8.76 -17.25 53.75
N VAL L 150 -8.15 -17.46 52.59
CA VAL L 150 -7.44 -18.69 52.28
C VAL L 150 -5.96 -18.36 52.12
N VAL L 151 -5.11 -19.05 52.88
CA VAL L 151 -3.67 -18.83 52.87
C VAL L 151 -3.04 -19.98 52.11
N TYR L 152 -2.55 -19.71 50.91
CA TYR L 152 -1.84 -20.71 50.12
C TYR L 152 -0.38 -20.66 50.49
N LYS L 153 0.07 -21.63 51.30
CA LYS L 153 1.48 -21.73 51.64
C LYS L 153 2.15 -22.56 50.55
N MET L 154 2.64 -21.87 49.52
CA MET L 154 3.10 -22.52 48.31
C MET L 154 4.47 -23.17 48.44
N HIS L 155 5.10 -23.10 49.60
CA HIS L 155 6.39 -23.73 49.81
C HIS L 155 6.40 -24.76 50.93
N GLY L 156 5.34 -24.87 51.72
CA GLY L 156 5.25 -25.86 52.77
C GLY L 156 5.04 -25.21 54.12
N ASP L 157 4.65 -26.05 55.07
CA ASP L 157 4.37 -25.63 56.44
C ASP L 157 5.51 -26.05 57.35
N VAL L 158 5.65 -25.32 58.46
CA VAL L 158 6.73 -25.61 59.40
C VAL L 158 6.51 -26.96 60.06
N GLU L 159 5.25 -27.32 60.35
CA GLU L 159 4.96 -28.58 61.00
C GLU L 159 5.18 -29.78 60.09
N HIS L 160 5.43 -29.56 58.80
CA HIS L 160 5.76 -30.61 57.85
C HIS L 160 7.07 -30.25 57.18
N PRO L 161 8.19 -30.36 57.90
CA PRO L 161 9.48 -29.93 57.34
C PRO L 161 9.90 -30.71 56.10
N SER L 162 9.51 -31.98 56.01
CA SER L 162 9.95 -32.79 54.87
C SER L 162 9.35 -32.30 53.56
N GLU L 163 8.22 -31.60 53.60
CA GLU L 163 7.58 -31.10 52.40
C GLU L 163 7.99 -29.68 52.05
N ALA L 164 8.76 -29.01 52.91
CA ALA L 164 9.15 -27.63 52.66
C ALA L 164 10.13 -27.56 51.50
N VAL L 165 9.95 -26.56 50.64
CA VAL L 165 10.81 -26.35 49.48
C VAL L 165 12.05 -25.59 49.97
N LEU L 166 13.15 -26.31 50.17
CA LEU L 166 14.39 -25.73 50.65
C LEU L 166 15.57 -25.96 49.72
N ILE L 167 15.65 -27.13 49.10
CA ILE L 167 16.82 -27.52 48.32
C ILE L 167 16.48 -27.44 46.83
N LYS L 168 17.45 -27.58 45.95
CA LYS L 168 17.23 -27.45 44.52
C LYS L 168 16.49 -28.56 43.91
N ASP L 169 16.53 -29.74 44.47
CA ASP L 169 15.69 -30.81 43.96
C ASP L 169 14.22 -30.51 44.18
N ASP L 170 13.89 -29.85 45.31
CA ASP L 170 12.52 -29.47 45.57
C ASP L 170 12.00 -28.52 44.50
N TYR L 171 12.80 -27.52 44.13
CA TYR L 171 12.40 -26.60 43.08
C TYR L 171 12.29 -27.31 41.74
N GLU L 172 13.21 -28.23 41.45
CA GLU L 172 13.18 -28.94 40.17
C GLU L 172 11.93 -29.78 40.03
N LYS L 173 11.52 -30.46 41.10
CA LYS L 173 10.33 -31.29 41.05
C LYS L 173 9.05 -30.56 41.45
N TYR L 174 9.14 -29.27 41.77
CA TYR L 174 7.96 -28.49 42.12
C TYR L 174 6.97 -28.43 40.97
N SER L 175 7.46 -28.27 39.74
CA SER L 175 6.58 -28.13 38.60
C SER L 175 5.73 -29.36 38.35
N ILE L 176 6.15 -30.52 38.85
CA ILE L 176 5.40 -31.76 38.68
C ILE L 176 4.61 -32.10 39.93
N LYS L 177 5.19 -31.96 41.10
CA LYS L 177 4.52 -32.35 42.32
C LYS L 177 3.49 -31.39 42.71
N MET L 178 3.82 -30.14 42.70
CA MET L 178 2.93 -29.08 43.16
C MET L 178 2.36 -28.29 41.98
N ASP L 179 2.05 -28.98 40.88
CA ASP L 179 1.47 -28.31 39.73
C ASP L 179 0.14 -27.63 40.01
N PRO L 180 -0.80 -28.21 40.77
CA PRO L 180 -2.05 -27.47 41.06
C PRO L 180 -1.82 -26.13 41.73
N TYR L 181 -0.80 -26.02 42.60
CA TYR L 181 -0.51 -24.72 43.20
C TYR L 181 0.00 -23.74 42.16
N ILE L 182 0.78 -24.22 41.20
CA ILE L 182 1.24 -23.35 40.11
C ILE L 182 0.05 -22.86 39.31
N LYS L 183 -0.89 -23.74 38.98
CA LYS L 183 -2.07 -23.34 38.23
C LYS L 183 -2.92 -22.35 39.03
N ALA L 184 -3.07 -22.57 40.32
CA ALA L 184 -3.86 -21.67 41.16
C ALA L 184 -3.22 -20.29 41.23
N LEU L 185 -1.90 -20.25 41.39
CA LEU L 185 -1.21 -18.95 41.43
C LEU L 185 -1.27 -18.26 40.08
N SER L 186 -1.21 -19.02 38.98
CA SER L 186 -1.34 -18.41 37.66
C SER L 186 -2.73 -17.82 37.49
N GLY L 187 -3.76 -18.49 37.99
CA GLY L 187 -5.09 -17.93 37.92
C GLY L 187 -5.26 -16.69 38.78
N ASP L 188 -4.67 -16.69 39.97
CA ASP L 188 -4.78 -15.54 40.86
C ASP L 188 -3.98 -14.35 40.34
N LEU L 189 -2.84 -14.58 39.69
CA LEU L 189 -2.05 -13.50 39.15
C LEU L 189 -2.72 -12.79 37.98
N VAL L 190 -3.79 -13.36 37.43
CA VAL L 190 -4.53 -12.71 36.36
C VAL L 190 -5.94 -12.33 36.77
N SER L 191 -6.48 -12.89 37.85
CA SER L 191 -7.83 -12.54 38.29
C SER L 191 -7.84 -11.64 39.51
N LYS L 192 -6.70 -11.41 40.16
CA LYS L 192 -6.65 -10.60 41.37
C LYS L 192 -5.46 -9.66 41.32
N THR L 193 -5.56 -8.55 42.04
CA THR L 193 -4.47 -7.59 42.15
C THR L 193 -3.64 -7.94 43.38
N PHE L 194 -2.36 -8.19 43.15
CA PHE L 194 -1.44 -8.65 44.21
C PHE L 194 -0.67 -7.49 44.79
N LEU L 195 -0.33 -7.61 46.08
CA LEU L 195 0.59 -6.70 46.75
C LEU L 195 1.73 -7.53 47.33
N PHE L 196 2.89 -7.51 46.67
CA PHE L 196 4.03 -8.33 47.08
C PHE L 196 4.76 -7.58 48.19
N VAL L 197 4.57 -8.03 49.43
CA VAL L 197 5.20 -7.44 50.60
C VAL L 197 6.27 -8.38 51.11
N GLY L 198 7.46 -7.84 51.38
CA GLY L 198 8.54 -8.63 51.91
C GLY L 198 8.98 -9.76 51.01
N PHE L 199 9.00 -9.53 49.70
CA PHE L 199 9.40 -10.53 48.72
C PHE L 199 10.55 -10.00 47.88
N SER L 200 11.53 -10.85 47.63
CA SER L 200 12.75 -10.45 46.93
C SER L 200 12.70 -10.73 45.44
N PHE L 201 11.71 -11.48 44.96
CA PHE L 201 11.57 -11.81 43.53
C PHE L 201 12.81 -12.51 42.99
N THR L 202 13.43 -13.34 43.82
CA THR L 202 14.51 -14.21 43.38
C THR L 202 14.12 -15.68 43.43
N ASP L 203 12.88 -15.99 43.77
CA ASP L 203 12.46 -17.37 43.89
C ASP L 203 12.27 -17.98 42.51
N PRO L 204 12.90 -19.12 42.21
CA PRO L 204 12.74 -19.71 40.87
C PRO L 204 11.31 -20.07 40.52
N ASN L 205 10.53 -20.52 41.50
CA ASN L 205 9.13 -20.84 41.23
C ASN L 205 8.36 -19.60 40.79
N LEU L 206 8.54 -18.49 41.49
CA LEU L 206 7.85 -17.26 41.12
C LEU L 206 8.33 -16.75 39.78
N ASP L 207 9.62 -16.87 39.49
CA ASP L 207 10.13 -16.47 38.18
C ASP L 207 9.47 -17.29 37.08
N TYR L 208 9.38 -18.61 37.28
CA TYR L 208 8.74 -19.47 36.28
C TYR L 208 7.27 -19.11 36.09
N ILE L 209 6.54 -18.92 37.19
CA ILE L 209 5.13 -18.62 37.10
C ILE L 209 4.89 -17.27 36.43
N LEU L 210 5.66 -16.25 36.81
CA LEU L 210 5.51 -14.93 36.22
C LEU L 210 5.88 -14.94 34.73
N SER L 211 6.93 -15.68 34.36
CA SER L 211 7.29 -15.79 32.96
C SER L 211 6.19 -16.47 32.17
N ARG L 212 5.58 -17.52 32.74
CA ARG L 212 4.47 -18.17 32.06
C ARG L 212 3.29 -17.23 31.88
N VAL L 213 2.97 -16.45 32.92
CA VAL L 213 1.86 -15.50 32.83
C VAL L 213 2.15 -14.46 31.74
N ARG L 214 3.37 -13.92 31.72
CA ARG L 214 3.71 -12.94 30.71
C ARG L 214 3.65 -13.53 29.30
N SER L 215 4.16 -14.75 29.13
CA SER L 215 4.09 -15.40 27.83
C SER L 215 2.65 -15.64 27.39
N ALA L 216 1.76 -15.90 28.35
CA ALA L 216 0.37 -16.14 28.02
C ALA L 216 -0.38 -14.86 27.68
N TYR L 217 -0.07 -13.77 28.37
CA TYR L 217 -0.86 -12.54 28.22
C TYR L 217 -0.11 -11.38 27.59
N GLU L 218 1.22 -11.44 27.49
CA GLU L 218 2.03 -10.41 26.83
C GLU L 218 1.76 -9.06 27.50
N ARG L 219 1.34 -8.03 26.76
CA ARG L 219 1.23 -6.69 27.33
C ARG L 219 -0.09 -6.44 28.05
N ASP L 220 -1.00 -7.40 28.05
CA ASP L 220 -2.31 -7.24 28.68
C ASP L 220 -2.37 -7.84 30.08
N GLN L 221 -1.23 -7.92 30.76
CA GLN L 221 -1.20 -8.48 32.10
C GLN L 221 -1.83 -7.52 33.11
N ARG L 222 -2.42 -8.09 34.14
CA ARG L 222 -2.99 -7.29 35.22
C ARG L 222 -1.90 -6.58 36.00
N ARG L 223 -2.22 -5.40 36.51
CA ARG L 223 -1.26 -4.61 37.28
C ARG L 223 -1.15 -5.15 38.70
N HIS L 224 0.08 -5.43 39.13
CA HIS L 224 0.36 -5.84 40.50
C HIS L 224 1.30 -4.82 41.14
N TYR L 225 1.24 -4.75 42.46
CA TYR L 225 2.02 -3.79 43.23
C TYR L 225 3.02 -4.51 44.11
N CYS L 226 4.16 -3.87 44.35
CA CYS L 226 5.23 -4.44 45.15
C CYS L 226 5.79 -3.39 46.08
N LEU L 227 6.36 -3.84 47.19
CA LEU L 227 7.01 -2.97 48.16
C LEU L 227 8.43 -3.45 48.38
N ILE L 228 9.41 -2.62 48.01
CA ILE L 228 10.82 -2.94 48.13
C ILE L 228 11.53 -1.75 48.75
N LYS L 229 12.36 -2.02 49.75
CA LYS L 229 13.14 -0.97 50.39
C LYS L 229 14.31 -0.56 49.51
N LYS L 230 14.54 0.73 49.40
CA LYS L 230 15.70 1.22 48.66
C LYS L 230 16.99 0.80 49.37
N GLU L 231 18.04 0.62 48.58
CA GLU L 231 19.33 0.24 49.14
C GLU L 231 19.90 1.38 49.96
N GLU L 232 20.42 1.06 51.14
CA GLU L 232 21.06 2.02 52.02
C GLU L 232 22.53 1.67 52.18
N ARG L 233 23.35 2.71 52.34
CA ARG L 233 24.79 2.52 52.41
C ARG L 233 25.17 1.75 53.67
N ARG L 234 26.03 0.75 53.52
CA ARG L 234 26.51 -0.01 54.64
C ARG L 234 27.47 0.83 55.48
N PRO L 235 27.69 0.44 56.75
CA PRO L 235 28.54 1.29 57.61
C PRO L 235 29.93 1.56 57.06
N ASP L 236 30.54 0.58 56.38
CA ASP L 236 31.88 0.75 55.81
C ASP L 236 31.80 0.34 54.34
N GLU L 237 31.60 1.32 53.47
CA GLU L 237 31.50 1.05 52.04
C GLU L 237 31.82 2.32 51.27
N LEU L 238 32.47 2.14 50.12
CA LEU L 238 32.79 3.27 49.25
C LEU L 238 31.51 3.82 48.61
N GLU L 239 31.60 5.08 48.19
CA GLU L 239 30.47 5.71 47.53
C GLU L 239 30.15 5.02 46.20
N ALA L 240 31.20 4.69 45.44
CA ALA L 240 31.00 4.12 44.10
C ALA L 240 30.28 2.78 44.16
N ASP L 241 30.63 1.92 45.13
CA ASP L 241 29.95 0.64 45.23
C ASP L 241 28.50 0.81 45.68
N PHE L 242 28.24 1.79 46.54
CA PHE L 242 26.86 2.07 46.92
C PHE L 242 26.04 2.54 45.71
N GLU L 243 26.62 3.42 44.89
CA GLU L 243 25.92 3.85 43.69
C GLU L 243 25.71 2.69 42.72
N TYR L 244 26.67 1.78 42.64
CA TYR L 244 26.51 0.59 41.82
C TYR L 244 25.36 -0.27 42.32
N ARG L 245 25.26 -0.44 43.64
CA ARG L 245 24.15 -1.20 44.21
C ARG L 245 22.81 -0.53 43.92
N VAL L 246 22.76 0.79 44.03
CA VAL L 246 21.52 1.52 43.74
C VAL L 246 21.14 1.38 42.28
N ARG L 247 22.13 1.45 41.38
CA ARG L 247 21.85 1.27 39.96
C ARG L 247 21.34 -0.14 39.66
N LYS L 248 21.94 -1.12 40.41
CA LYS L 248 21.53 -2.45 40.17
C LYS L 248 20.14 -2.63 40.69
N GLN L 249 19.76 -2.07 41.75
CA GLN L 249 18.40 -2.16 42.29
C GLN L 249 17.40 -1.47 41.37
N GLU L 250 17.78 -0.32 40.79
CA GLU L 250 16.89 0.35 39.86
C GLU L 250 16.64 -0.50 38.62
N LEU L 251 17.69 -1.15 38.11
CA LEU L 251 17.50 -2.05 36.98
C LEU L 251 16.59 -3.22 37.35
N PHE L 252 16.76 -3.76 38.56
CA PHE L 252 15.92 -4.87 39.01
C PHE L 252 14.46 -4.43 39.12
N ILE L 253 14.24 -3.23 39.66
CA ILE L 253 12.87 -2.70 39.78
C ILE L 253 12.25 -2.51 38.41
N SER L 254 13.01 -1.95 37.47
CA SER L 254 12.50 -1.79 36.11
C SER L 254 12.18 -3.14 35.47
N ASP L 255 13.04 -4.13 35.70
CA ASP L 255 12.80 -5.46 35.16
C ASP L 255 11.56 -6.10 35.78
N LEU L 256 11.24 -5.76 37.03
CA LEU L 256 10.02 -6.28 37.63
C LEU L 256 8.78 -5.79 36.88
N SER L 257 8.80 -4.54 36.42
CA SER L 257 7.64 -4.00 35.70
C SER L 257 7.46 -4.66 34.35
N ARG L 258 8.32 -5.56 33.92
CA ARG L 258 8.17 -6.30 32.64
C ARG L 258 7.05 -7.19 32.76
N PHE L 259 6.83 -7.67 33.95
CA PHE L 259 5.63 -8.45 34.22
C PHE L 259 4.49 -7.59 34.75
N ASN L 260 4.57 -6.28 34.54
CA ASN L 260 3.55 -5.32 35.01
C ASN L 260 3.38 -5.39 36.52
N ILE L 261 4.49 -5.41 37.25
CA ILE L 261 4.50 -5.36 38.71
C ILE L 261 5.12 -4.02 39.10
N LYS L 262 4.27 -3.05 39.43
CA LYS L 262 4.76 -1.74 39.82
C LYS L 262 5.38 -1.81 41.21
N THR L 263 6.60 -1.30 41.34
CA THR L 263 7.35 -1.38 42.58
C THR L 263 7.35 -0.02 43.27
N ILE L 264 7.02 -0.02 44.55
CA ILE L 264 7.02 1.19 45.37
C ILE L 264 8.30 1.19 46.19
N VAL L 265 9.12 2.23 46.03
CA VAL L 265 10.37 2.33 46.75
C VAL L 265 10.08 2.86 48.16
N LEU L 266 10.52 2.12 49.17
CA LEU L 266 10.28 2.48 50.57
C LEU L 266 11.59 2.82 51.23
N ASN L 267 11.66 3.99 51.87
CA ASN L 267 12.89 4.41 52.51
C ASN L 267 13.24 3.51 53.69
N ASN L 268 12.24 3.13 54.48
CA ASN L 268 12.46 2.32 55.68
C ASN L 268 11.53 1.11 55.64
N TYR L 269 11.90 0.09 56.41
CA TYR L 269 11.02 -1.05 56.60
C TYR L 269 9.77 -0.65 57.38
N ASN L 270 9.91 0.29 58.30
CA ASN L 270 8.76 0.74 59.09
C ASN L 270 7.76 1.54 58.27
N GLU L 271 8.11 1.92 57.03
CA GLU L 271 7.13 2.59 56.18
C GLU L 271 6.07 1.62 55.68
N ILE L 272 6.34 0.31 55.73
CA ILE L 272 5.33 -0.67 55.36
C ILE L 272 4.14 -0.59 56.31
N THR L 273 4.42 -0.49 57.60
CA THR L 273 3.34 -0.35 58.58
C THR L 273 2.57 0.95 58.38
N GLU L 274 3.26 1.98 57.92
CA GLU L 274 2.59 3.24 57.76
C GLU L 274 1.77 3.21 56.54
N ILE L 275 2.15 2.47 55.54
CA ILE L 275 1.34 2.31 54.35
C ILE L 275 0.10 1.47 54.65
N LEU L 276 0.29 0.38 55.38
CA LEU L 276 -0.83 -0.49 55.70
C LEU L 276 -1.85 0.21 56.59
N GLN L 277 -1.38 1.04 57.54
CA GLN L 277 -2.28 1.80 58.37
C GLN L 277 -3.10 2.78 57.53
N ARG L 278 -2.46 3.42 56.55
CA ARG L 278 -3.19 4.31 55.65
C ARG L 278 -4.23 3.55 54.84
N ILE L 279 -3.85 2.36 54.34
CA ILE L 279 -4.78 1.56 53.54
C ILE L 279 -5.98 1.15 54.38
N GLU L 280 -5.77 0.76 55.64
CA GLU L 280 -6.89 0.41 56.50
C GLU L 280 -7.72 1.63 56.85
N ASN L 281 -7.07 2.77 57.11
CA ASN L 281 -7.78 3.98 57.49
C ASN L 281 -8.67 4.48 56.36
N ASN L 282 -8.22 4.39 55.12
CA ASN L 282 -9.08 4.75 53.99
C ASN L 282 -10.27 3.81 53.86
N ILE L 283 -10.18 2.62 54.44
CA ILE L 283 -11.30 1.68 54.44
C ILE L 283 -12.11 1.78 55.73
N LYS L 284 -11.41 1.90 56.86
CA LYS L 284 -12.09 1.98 58.15
C LYS L 284 -12.97 3.22 58.23
N THR L 285 -12.46 4.36 57.77
CA THR L 285 -13.17 5.62 57.88
C THR L 285 -14.24 5.80 56.80
N LYS L 286 -14.39 4.85 55.88
CA LYS L 286 -15.43 4.95 54.87
C LYS L 286 -16.82 4.86 55.45
N THR L 287 -16.97 4.40 56.69
CA THR L 287 -18.26 4.28 57.34
C THR L 287 -18.33 5.28 58.49
N VAL L 288 -19.41 6.07 58.51
CA VAL L 288 -19.59 7.10 59.52
C VAL L 288 -20.73 6.68 60.45
N PHE L 289 -20.74 7.24 61.65
CA PHE L 289 -21.77 6.96 62.64
C PHE L 289 -22.45 8.27 63.01
N LEU L 290 -23.66 8.46 62.51
CA LEU L 290 -24.43 9.67 62.77
C LEU L 290 -25.11 9.53 64.12
N SER L 291 -24.48 10.10 65.15
CA SER L 291 -25.03 10.06 66.49
C SER L 291 -25.77 11.35 66.81
N GLY L 292 -26.82 11.23 67.60
CA GLY L 292 -27.57 12.39 68.01
C GLY L 292 -29.00 12.03 68.37
N SER L 293 -29.64 12.98 69.04
CA SER L 293 -31.03 12.86 69.46
C SER L 293 -31.51 14.24 69.85
N ALA L 294 -32.67 14.64 69.33
CA ALA L 294 -33.11 16.02 69.52
C ALA L 294 -34.61 16.11 69.71
N VAL L 295 -35.02 16.84 70.74
CA VAL L 295 -36.37 17.35 70.85
C VAL L 295 -36.42 18.86 70.66
N GLU L 296 -35.30 19.56 70.88
CA GLU L 296 -35.13 20.95 70.50
C GLU L 296 -33.97 21.04 69.52
N TYR L 297 -34.01 22.05 68.67
CA TYR L 297 -33.04 22.17 67.58
C TYR L 297 -32.32 23.50 67.64
N ASN L 298 -32.05 23.99 68.86
CA ASN L 298 -31.25 25.17 69.08
C ASN L 298 -31.74 26.38 68.29
N HIS L 299 -30.81 27.07 67.62
CA HIS L 299 -31.16 28.31 66.91
C HIS L 299 -32.15 28.05 65.78
N TRP L 300 -31.96 26.96 65.04
CA TRP L 300 -32.83 26.66 63.92
C TRP L 300 -34.20 26.20 64.42
N GLU L 301 -35.19 26.28 63.55
CA GLU L 301 -36.51 25.73 63.80
C GLU L 301 -36.47 24.23 63.54
N THR L 302 -37.54 23.55 63.97
CA THR L 302 -37.59 22.10 63.79
C THR L 302 -37.52 21.71 62.32
N GLU L 303 -38.27 22.42 61.47
CA GLU L 303 -38.25 22.11 60.04
C GLU L 303 -36.89 22.40 59.43
N HIS L 304 -36.27 23.52 59.81
CA HIS L 304 -34.96 23.87 59.25
C HIS L 304 -33.91 22.86 59.64
N ALA L 305 -33.90 22.44 60.91
CA ALA L 305 -32.93 21.44 61.34
C ALA L 305 -33.20 20.07 60.75
N GLU L 306 -34.48 19.73 60.56
CA GLU L 306 -34.80 18.48 59.86
C GLU L 306 -34.26 18.50 58.44
N GLN L 307 -34.42 19.63 57.75
CA GLN L 307 -33.83 19.75 56.41
C GLN L 307 -32.31 19.67 56.48
N PHE L 308 -31.70 20.25 57.50
CA PHE L 308 -30.25 20.17 57.65
C PHE L 308 -29.78 18.73 57.78
N ILE L 309 -30.41 17.97 58.67
CA ILE L 309 -30.01 16.58 58.86
C ILE L 309 -30.27 15.76 57.60
N HIS L 310 -31.42 15.99 56.97
CA HIS L 310 -31.75 15.29 55.73
C HIS L 310 -30.69 15.53 54.66
N GLN L 311 -30.33 16.79 54.44
CA GLN L 311 -29.35 17.12 53.42
C GLN L 311 -27.95 16.64 53.80
N LEU L 312 -27.61 16.64 55.09
CA LEU L 312 -26.33 16.11 55.52
C LEU L 312 -26.21 14.62 55.20
N SER L 313 -27.27 13.86 55.51
CA SER L 313 -27.25 12.44 55.18
C SER L 313 -27.21 12.22 53.68
N LYS L 314 -27.95 13.04 52.93
CA LYS L 314 -27.96 12.91 51.47
C LYS L 314 -26.56 13.16 50.91
N GLU L 315 -25.88 14.20 51.40
CA GLU L 315 -24.53 14.48 50.95
C GLU L 315 -23.56 13.37 51.35
N LEU L 316 -23.70 12.84 52.57
CA LEU L 316 -22.82 11.77 53.01
C LEU L 316 -22.96 10.54 52.12
N ILE L 317 -24.20 10.16 51.81
CA ILE L 317 -24.40 9.00 50.94
C ILE L 317 -23.92 9.32 49.52
N ARG L 318 -24.12 10.56 49.07
CA ARG L 318 -23.71 10.92 47.72
C ARG L 318 -22.19 10.84 47.56
N LYS L 319 -21.44 11.02 48.64
CA LYS L 319 -19.99 10.95 48.60
C LYS L 319 -19.46 9.56 48.92
N ASP L 320 -20.26 8.52 48.66
CA ASP L 320 -19.84 7.13 48.82
C ASP L 320 -19.44 6.80 50.25
N PHE L 321 -20.21 7.29 51.21
CA PHE L 321 -20.04 6.94 52.62
C PHE L 321 -21.13 5.98 53.06
N ASN L 322 -20.83 5.23 54.10
CA ASN L 322 -21.77 4.29 54.70
C ASN L 322 -22.26 4.88 56.01
N ILE L 323 -23.57 5.02 56.16
CA ILE L 323 -24.18 5.64 57.34
C ILE L 323 -24.70 4.54 58.24
N VAL L 324 -24.22 4.51 59.48
CA VAL L 324 -24.75 3.64 60.53
C VAL L 324 -25.45 4.52 61.54
N SER L 325 -26.75 4.30 61.73
CA SER L 325 -27.55 5.13 62.60
C SER L 325 -28.25 4.25 63.62
N GLY L 326 -28.27 4.71 64.87
CA GLY L 326 -29.00 4.04 65.93
C GLY L 326 -30.47 4.37 65.97
N PHE L 327 -30.97 5.06 64.95
CA PHE L 327 -32.36 5.49 64.89
C PHE L 327 -32.74 6.29 66.12
N GLY L 328 -31.88 7.24 66.48
CA GLY L 328 -32.15 8.10 67.61
C GLY L 328 -33.31 9.04 67.36
N LEU L 329 -33.96 9.43 68.45
CA LEU L 329 -35.15 10.28 68.35
C LEU L 329 -34.75 11.68 67.91
N GLY L 330 -35.19 12.07 66.71
CA GLY L 330 -34.99 13.40 66.19
C GLY L 330 -33.98 13.50 65.06
N VAL L 331 -33.10 12.52 64.91
CA VAL L 331 -32.14 12.56 63.81
C VAL L 331 -32.24 11.30 62.97
N GLY L 332 -32.68 10.20 63.57
CA GLY L 332 -32.70 8.93 62.85
C GLY L 332 -33.66 8.93 61.68
N SER L 333 -34.87 9.46 61.89
CA SER L 333 -35.86 9.50 60.82
C SER L 333 -35.38 10.37 59.66
N PHE L 334 -34.79 11.51 59.97
CA PHE L 334 -34.33 12.40 58.90
C PHE L 334 -33.10 11.86 58.20
N VAL L 335 -32.23 11.15 58.92
CA VAL L 335 -31.13 10.43 58.27
C VAL L 335 -31.68 9.40 57.30
N ILE L 336 -32.69 8.64 57.73
CA ILE L 336 -33.31 7.66 56.85
C ILE L 336 -33.90 8.34 55.62
N ASN L 337 -34.58 9.48 55.82
CA ASN L 337 -35.20 10.18 54.70
C ASN L 337 -34.13 10.63 53.70
N GLY L 338 -33.03 11.19 54.19
CA GLY L 338 -31.97 11.62 53.29
C GLY L 338 -31.36 10.47 52.53
N VAL L 339 -31.08 9.36 53.22
CA VAL L 339 -30.47 8.21 52.57
C VAL L 339 -31.41 7.65 51.51
N LEU L 340 -32.70 7.54 51.84
CA LEU L 340 -33.65 7.01 50.86
C LEU L 340 -33.78 7.93 49.65
N GLU L 341 -33.82 9.24 49.89
CA GLU L 341 -33.93 10.18 48.78
C GLU L 341 -32.72 10.10 47.86
N GLU L 342 -31.52 9.93 48.44
CA GLU L 342 -30.33 9.82 47.60
C GLU L 342 -30.29 8.49 46.86
N LEU L 343 -30.66 7.40 47.53
CA LEU L 343 -30.50 6.08 46.93
C LEU L 343 -31.56 5.81 45.86
N TYR L 344 -32.81 6.18 46.13
CA TYR L 344 -33.88 5.88 45.19
C TYR L 344 -33.85 6.76 43.95
N MET L 345 -33.02 7.79 43.92
CA MET L 345 -32.91 8.66 42.75
C MET L 345 -32.01 8.03 41.69
N THR L 349 -33.86 -0.27 45.44
CA THR L 349 -33.57 -1.08 46.62
C THR L 349 -32.53 -0.42 47.50
N ILE L 350 -32.31 -0.99 48.70
CA ILE L 350 -31.36 -0.47 49.66
C ILE L 350 -30.27 -1.52 49.85
N ASP L 351 -29.03 -1.15 49.55
CA ASP L 351 -27.90 -2.02 49.83
C ASP L 351 -27.66 -2.10 51.32
N ASP L 352 -27.32 -3.30 51.80
CA ASP L 352 -27.09 -3.50 53.23
C ASP L 352 -25.85 -2.76 53.71
N ASP L 353 -25.00 -2.29 52.81
CA ASP L 353 -23.78 -1.59 53.20
C ASP L 353 -23.94 -0.08 53.25
N ARG L 354 -24.93 0.48 52.54
CA ARG L 354 -25.06 1.93 52.48
C ARG L 354 -25.72 2.47 53.75
N LEU L 355 -26.89 1.95 54.10
CA LEU L 355 -27.61 2.37 55.30
C LEU L 355 -27.79 1.17 56.22
N ILE L 356 -27.34 1.31 57.46
CA ILE L 356 -27.45 0.26 58.46
C ILE L 356 -28.23 0.83 59.63
N LEU L 357 -29.41 0.29 59.88
CA LEU L 357 -30.28 0.77 60.95
C LEU L 357 -30.23 -0.19 62.12
N ARG L 358 -30.01 0.36 63.31
CA ARG L 358 -29.99 -0.42 64.55
C ARG L 358 -30.84 0.29 65.60
N PRO L 359 -32.17 0.23 65.45
CA PRO L 359 -33.03 0.85 66.46
C PRO L 359 -32.82 0.22 67.83
N PHE L 360 -32.88 1.04 68.87
CA PHE L 360 -32.63 0.55 70.21
C PHE L 360 -33.91 -0.05 70.81
N PRO L 361 -33.88 -1.30 71.27
CA PRO L 361 -35.08 -1.90 71.85
C PRO L 361 -35.55 -1.11 73.07
N GLN L 362 -36.82 -0.75 73.06
CA GLN L 362 -37.42 0.03 74.14
C GLN L 362 -38.03 -0.91 75.18
N GLY L 363 -37.67 -0.70 76.44
CA GLY L 363 -38.10 -1.57 77.52
C GLY L 363 -36.97 -1.91 78.46
N LYS L 364 -37.29 -2.27 79.70
CA LYS L 364 -36.25 -2.57 80.69
C LYS L 364 -35.43 -3.80 80.31
N LYS L 365 -35.97 -4.67 79.46
CA LYS L 365 -35.21 -5.84 79.02
C LYS L 365 -34.14 -5.47 78.02
N GLY L 366 -34.42 -4.50 77.14
CA GLY L 366 -33.44 -4.08 76.15
C GLY L 366 -32.38 -3.13 76.67
N GLU L 367 -32.68 -2.38 77.73
CA GLU L 367 -31.71 -1.44 78.27
C GLU L 367 -30.47 -2.16 78.80
N GLU L 368 -30.62 -3.40 79.26
CA GLU L 368 -29.48 -4.14 79.76
C GLU L 368 -28.51 -4.51 78.65
N GLN L 369 -29.02 -4.74 77.44
CA GLN L 369 -28.19 -5.04 76.29
C GLN L 369 -27.86 -3.81 75.45
N TRP L 370 -28.41 -2.64 75.83
CA TRP L 370 -28.14 -1.40 75.10
C TRP L 370 -26.65 -1.13 74.96
N ASP L 371 -25.87 -1.39 76.01
CA ASP L 371 -24.45 -1.05 75.98
C ASP L 371 -23.72 -1.88 74.93
N LYS L 372 -23.91 -3.20 74.94
CA LYS L 372 -23.25 -4.03 73.94
C LYS L 372 -23.79 -3.77 72.55
N TYR L 373 -25.06 -3.38 72.45
CA TYR L 373 -25.65 -3.05 71.17
C TYR L 373 -24.97 -1.84 70.62
N ARG L 374 -24.72 -0.85 71.46
CA ARG L 374 -24.10 0.39 71.03
C ARG L 374 -22.66 0.20 70.69
N ARG L 375 -21.96 -0.63 71.43
CA ARG L 375 -20.58 -0.95 71.08
C ARG L 375 -20.50 -1.69 69.76
N ASP L 376 -21.45 -2.60 69.50
CA ASP L 376 -21.48 -3.30 68.22
C ASP L 376 -21.74 -2.34 67.07
N MET L 377 -22.66 -1.39 67.25
CA MET L 377 -22.90 -0.39 66.23
C MET L 377 -21.65 0.41 65.93
N ILE L 378 -21.03 0.96 66.97
CA ILE L 378 -19.90 1.86 66.77
C ILE L 378 -18.69 1.11 66.22
N THR L 379 -18.53 -0.17 66.59
CA THR L 379 -17.42 -0.95 66.07
C THR L 379 -17.49 -1.09 64.56
N ARG L 380 -18.70 -1.05 63.99
CA ARG L 380 -18.87 -1.16 62.54
C ARG L 380 -18.35 0.07 61.79
N THR L 381 -18.17 1.20 62.48
CA THR L 381 -17.87 2.47 61.85
C THR L 381 -16.43 2.87 62.07
N GLY L 382 -16.02 3.93 61.38
CA GLY L 382 -14.69 4.48 61.54
C GLY L 382 -14.65 5.93 62.00
N VAL L 383 -15.69 6.68 61.66
CA VAL L 383 -15.81 8.09 61.99
C VAL L 383 -17.15 8.32 62.67
N SER L 384 -17.17 9.15 63.71
CA SER L 384 -18.39 9.45 64.44
C SER L 384 -18.71 10.94 64.34
N ILE L 385 -19.94 11.26 63.93
CA ILE L 385 -20.42 12.63 63.82
C ILE L 385 -21.59 12.80 64.78
N PHE L 386 -21.54 13.87 65.58
CA PHE L 386 -22.50 14.06 66.67
C PHE L 386 -23.31 15.33 66.42
N LEU L 387 -24.63 15.20 66.51
CA LEU L 387 -25.56 16.30 66.28
C LEU L 387 -26.45 16.46 67.49
N TYR L 388 -26.55 17.70 67.99
CA TYR L 388 -27.43 18.04 69.11
C TYR L 388 -27.16 17.13 70.30
N GLY L 389 -28.18 16.41 70.77
CA GLY L 389 -27.98 15.49 71.86
C GLY L 389 -28.78 15.80 73.12
N ASN L 390 -29.98 16.35 72.98
CA ASN L 390 -30.87 16.55 74.10
C ASN L 390 -32.05 15.59 74.01
N LYS L 391 -32.73 15.36 75.08
CA LYS L 391 -33.87 14.46 75.10
C LYS L 391 -34.84 14.94 76.15
N ILE L 392 -36.09 14.68 75.99
CA ILE L 392 -37.16 15.10 76.89
C ILE L 392 -37.23 14.14 78.05
N ASP L 393 -37.10 14.66 79.27
CA ASP L 393 -37.13 13.86 80.48
C ASP L 393 -37.75 14.67 81.59
N LYS L 394 -38.69 14.05 82.32
CA LYS L 394 -39.42 14.70 83.41
C LYS L 394 -40.08 16.00 82.94
N GLY L 395 -40.56 16.00 81.71
CA GLY L 395 -41.20 17.18 81.16
C GLY L 395 -40.25 18.30 80.80
N GLN L 396 -38.95 18.06 80.83
CA GLN L 396 -37.94 19.08 80.54
C GLN L 396 -36.94 18.55 79.54
N VAL L 397 -36.30 19.48 78.83
CA VAL L 397 -35.34 19.14 77.77
C VAL L 397 -33.98 18.96 78.46
N VAL L 398 -33.73 17.74 78.92
CA VAL L 398 -32.46 17.40 79.56
C VAL L 398 -31.42 17.08 78.49
N LYS L 399 -30.16 17.02 78.88
CA LYS L 399 -29.10 16.62 77.97
C LYS L 399 -29.03 15.09 77.91
N ALA L 400 -28.99 14.55 76.71
CA ALA L 400 -29.04 13.11 76.50
C ALA L 400 -27.66 12.51 76.72
N LYS L 401 -27.56 11.62 77.71
CA LYS L 401 -26.27 11.00 78.03
C LYS L 401 -25.87 9.91 77.05
N GLY L 402 -26.79 9.44 76.21
CA GLY L 402 -26.42 8.43 75.22
C GLY L 402 -25.45 8.95 74.18
N VAL L 403 -25.60 10.22 73.79
CA VAL L 403 -24.64 10.81 72.86
C VAL L 403 -23.26 10.86 73.48
N GLN L 404 -23.17 11.23 74.75
CA GLN L 404 -21.89 11.22 75.45
C GLN L 404 -21.33 9.81 75.54
N SER L 405 -22.19 8.82 75.79
CA SER L 405 -21.72 7.44 75.85
C SER L 405 -21.20 6.97 74.50
N GLU L 406 -21.86 7.37 73.43
CA GLU L 406 -21.39 7.01 72.11
C GLU L 406 -20.07 7.68 71.85
N PHE L 407 -19.94 8.95 72.20
CA PHE L 407 -18.66 9.64 72.04
C PHE L 407 -17.55 8.92 72.78
N ASN L 408 -17.81 8.50 74.01
CA ASN L 408 -16.81 7.79 74.80
C ASN L 408 -16.45 6.46 74.15
N ILE L 409 -17.45 5.73 73.65
CA ILE L 409 -17.18 4.43 73.02
C ILE L 409 -16.37 4.62 71.75
N SER L 410 -16.73 5.62 70.93
CA SER L 410 -15.97 5.88 69.71
C SER L 410 -14.54 6.28 70.03
N PHE L 411 -14.35 7.11 71.06
CA PHE L 411 -13.01 7.53 71.44
C PHE L 411 -12.19 6.35 71.96
N GLU L 412 -12.84 5.43 72.69
CA GLU L 412 -12.14 4.23 73.14
C GLU L 412 -11.68 3.37 71.97
N GLN L 413 -12.37 3.46 70.83
CA GLN L 413 -12.06 2.67 69.66
C GLN L 413 -11.13 3.39 68.70
N ASN L 414 -10.59 4.55 69.09
CA ASN L 414 -9.71 5.36 68.25
C ASN L 414 -10.42 5.82 66.98
N ASN L 415 -11.74 5.97 67.06
CA ASN L 415 -12.50 6.55 65.96
C ASN L 415 -12.35 8.06 65.95
N TYR L 416 -12.35 8.63 64.75
CA TYR L 416 -12.33 10.07 64.61
C TYR L 416 -13.68 10.63 65.04
N VAL L 417 -13.66 11.58 65.98
CA VAL L 417 -14.88 12.18 66.50
C VAL L 417 -15.06 13.55 65.86
N VAL L 418 -16.25 13.82 65.35
CA VAL L 418 -16.56 15.10 64.72
C VAL L 418 -17.79 15.68 65.40
N PRO L 419 -17.64 16.32 66.55
CA PRO L 419 -18.81 16.92 67.21
C PRO L 419 -19.25 18.22 66.55
N VAL L 420 -20.44 18.23 65.97
CA VAL L 420 -20.97 19.40 65.29
C VAL L 420 -21.47 20.35 66.37
N GLY L 421 -20.63 21.33 66.73
CA GLY L 421 -20.97 22.24 67.80
C GLY L 421 -22.03 23.26 67.46
N ALA L 422 -22.26 23.51 66.16
CA ALA L 422 -23.32 24.43 65.78
C ALA L 422 -24.71 23.91 66.15
N THR L 423 -24.87 22.59 66.24
CA THR L 423 -26.16 22.03 66.64
C THR L 423 -26.48 22.36 68.09
N GLY L 424 -25.46 22.39 68.94
CA GLY L 424 -25.64 22.79 70.33
C GLY L 424 -25.90 21.63 71.25
N TYR L 425 -26.20 21.99 72.50
CA TYR L 425 -26.53 21.04 73.58
C TYR L 425 -25.32 20.21 73.96
N ILE L 426 -25.42 18.89 73.92
CA ILE L 426 -24.32 18.05 74.37
C ILE L 426 -23.27 18.00 73.27
N ALA L 427 -23.65 18.31 72.04
CA ALA L 427 -22.69 18.41 70.96
C ALA L 427 -21.79 19.61 71.09
N LYS L 428 -22.28 20.73 71.63
CA LYS L 428 -21.41 21.86 71.91
C LYS L 428 -20.41 21.52 73.01
N ASP L 429 -20.85 20.80 74.04
CA ASP L 429 -19.94 20.38 75.10
C ASP L 429 -18.88 19.43 74.54
N LEU L 430 -19.28 18.50 73.68
CA LEU L 430 -18.33 17.61 73.04
C LEU L 430 -17.33 18.40 72.21
N TRP L 431 -17.81 19.40 71.46
CA TRP L 431 -16.92 20.22 70.66
C TRP L 431 -15.90 20.95 71.54
N ASN L 432 -16.36 21.52 72.65
CA ASN L 432 -15.44 22.21 73.56
C ASN L 432 -14.43 21.23 74.15
N LYS L 433 -14.88 20.03 74.52
CA LYS L 433 -14.00 19.03 75.09
C LYS L 433 -12.91 18.63 74.11
N VAL L 434 -13.27 18.42 72.85
CA VAL L 434 -12.27 18.08 71.84
C VAL L 434 -11.35 19.26 71.59
N ASN L 435 -11.88 20.48 71.64
CA ASN L 435 -11.08 21.66 71.33
C ASN L 435 -10.07 21.97 72.43
N GLU L 436 -10.39 21.66 73.69
CA GLU L 436 -9.48 21.98 74.78
C GLU L 436 -8.16 21.25 74.64
N GLU L 437 -8.21 19.96 74.30
CA GLU L 437 -7.02 19.15 74.06
C GLU L 437 -7.14 18.58 72.65
N PHE L 438 -6.70 19.36 71.67
CA PHE L 438 -6.90 18.98 70.28
C PHE L 438 -5.92 17.90 69.82
N GLU L 439 -4.72 17.88 70.38
CA GLU L 439 -3.75 16.85 70.00
C GLU L 439 -4.17 15.48 70.49
N THR L 440 -4.96 15.42 71.57
CA THR L 440 -5.41 14.13 72.08
C THR L 440 -6.34 13.43 71.10
N TYR L 441 -7.26 14.17 70.48
CA TYR L 441 -8.25 13.57 69.59
C TYR L 441 -7.83 13.62 68.13
N TYR L 442 -7.10 14.65 67.71
CA TYR L 442 -6.64 14.81 66.33
C TYR L 442 -5.15 15.10 66.33
N PRO L 443 -4.33 14.07 66.54
CA PRO L 443 -2.88 14.29 66.53
C PRO L 443 -2.39 14.67 65.14
N GLY L 444 -1.36 15.51 65.11
CA GLY L 444 -0.74 15.91 63.86
C GLY L 444 -1.68 16.61 62.89
N ALA L 445 -2.51 17.51 63.40
CA ALA L 445 -3.46 18.22 62.55
C ALA L 445 -2.76 19.35 61.80
N ASP L 446 -3.43 19.80 60.74
CA ASP L 446 -2.93 20.88 59.89
C ASP L 446 -3.76 22.15 60.15
N ALA L 447 -3.37 23.23 59.47
CA ALA L 447 -4.11 24.48 59.59
C ALA L 447 -5.52 24.34 59.04
N ARG L 448 -5.67 23.64 57.92
CA ARG L 448 -7.01 23.46 57.34
C ARG L 448 -7.91 22.68 58.27
N MET L 449 -7.40 21.62 58.89
CA MET L 449 -8.22 20.84 59.81
C MET L 449 -8.64 21.66 61.01
N LYS L 450 -7.73 22.47 61.56
CA LYS L 450 -8.08 23.32 62.70
C LYS L 450 -9.11 24.37 62.30
N LYS L 451 -8.98 24.94 61.10
CA LYS L 451 -9.97 25.91 60.63
C LYS L 451 -11.34 25.27 60.47
N LEU L 452 -11.39 24.08 59.89
CA LEU L 452 -12.66 23.38 59.74
C LEU L 452 -13.27 23.04 61.09
N PHE L 453 -12.46 22.60 62.04
CA PHE L 453 -12.97 22.26 63.36
C PHE L 453 -13.50 23.50 64.05
N GLY L 454 -12.80 24.63 63.94
CA GLY L 454 -13.29 25.86 64.53
C GLY L 454 -14.51 26.40 63.82
N GLU L 455 -14.72 26.00 62.56
CA GLU L 455 -15.91 26.38 61.83
C GLU L 455 -17.10 25.50 62.16
N LEU L 456 -16.88 24.34 62.78
CA LEU L 456 -18.00 23.48 63.20
C LEU L 456 -18.85 24.14 64.27
N ASN L 457 -18.29 25.08 65.03
CA ASN L 457 -19.02 25.78 66.07
C ASN L 457 -19.48 27.16 65.62
N ASN L 458 -19.33 27.48 64.34
CA ASN L 458 -19.75 28.78 63.81
C ASN L 458 -21.26 28.73 63.61
N GLU L 459 -22.00 29.19 64.62
CA GLU L 459 -23.45 29.10 64.60
C GLU L 459 -24.09 30.00 63.55
N ALA L 460 -23.35 30.95 62.99
CA ALA L 460 -23.89 31.82 61.96
C ALA L 460 -23.92 31.18 60.57
N LEU L 461 -23.35 29.98 60.43
CA LEU L 461 -23.37 29.29 59.15
C LEU L 461 -24.78 28.85 58.78
N SER L 462 -25.05 28.84 57.49
CA SER L 462 -26.31 28.31 56.98
C SER L 462 -26.25 26.78 56.93
N ILE L 463 -27.31 26.17 56.43
CA ILE L 463 -27.35 24.71 56.31
C ILE L 463 -26.30 24.23 55.33
N GLU L 464 -26.25 24.85 54.14
CA GLU L 464 -25.32 24.40 53.11
C GLU L 464 -23.88 24.57 53.54
N GLU L 465 -23.55 25.72 54.15
CA GLU L 465 -22.18 25.96 54.57
C GLU L 465 -21.74 24.98 55.64
N LEU L 466 -22.61 24.73 56.63
CA LEU L 466 -22.27 23.77 57.69
C LEU L 466 -22.10 22.37 57.13
N ILE L 467 -22.97 21.96 56.20
CA ILE L 467 -22.86 20.64 55.61
C ILE L 467 -21.57 20.52 54.79
N ASN L 468 -21.22 21.58 54.05
CA ASN L 468 -19.97 21.55 53.31
C ASN L 468 -18.77 21.46 54.25
N THR L 469 -18.83 22.17 55.37
CA THR L 469 -17.75 22.08 56.36
C THR L 469 -17.60 20.66 56.89
N ILE L 470 -18.72 20.04 57.25
CA ILE L 470 -18.67 18.67 57.78
C ILE L 470 -18.15 17.71 56.72
N ILE L 471 -18.61 17.87 55.48
CA ILE L 471 -18.19 16.97 54.41
C ILE L 471 -16.70 17.10 54.15
N GLU L 472 -16.19 18.32 54.09
CA GLU L 472 -14.77 18.53 53.89
C GLU L 472 -13.96 17.97 55.05
N PHE L 473 -14.47 18.12 56.27
CA PHE L 473 -13.78 17.55 57.43
C PHE L 473 -13.68 16.03 57.31
N VAL L 474 -14.80 15.38 56.98
CA VAL L 474 -14.78 13.93 56.87
C VAL L 474 -13.90 13.49 55.71
N GLU L 475 -13.87 14.25 54.62
CA GLU L 475 -13.03 13.91 53.49
C GLU L 475 -11.56 13.98 53.85
N ILE L 476 -11.13 15.08 54.49
CA ILE L 476 -9.72 15.18 54.86
C ILE L 476 -9.37 14.15 55.93
N LEU L 477 -10.35 13.69 56.71
CA LEU L 477 -10.07 12.59 57.64
C LEU L 477 -9.85 11.28 56.89
N SER L 478 -10.72 10.97 55.93
CA SER L 478 -10.64 9.69 55.24
C SER L 478 -9.41 9.62 54.34
N ASN L 479 -9.11 10.71 53.63
CA ASN L 479 -7.96 10.72 52.73
C ASN L 479 -7.17 12.01 52.87
N OJC M . 67.06 1.97 -2.75
C OJC M . 65.87 1.67 -3.30
O OJC M . 65.06 -2.98 -4.87
C1 OJC M . 68.12 1.15 -2.98
C2 OJC M . 67.90 0.02 -3.76
C3 OJC M . 66.62 -0.18 -4.25
C10 OJC M . 64.48 -5.07 -10.40
C11 OJC M . 63.04 -5.00 -9.94
C12 OJC M . 62.33 -3.66 -10.16
C13 OJC M . 61.59 -3.46 -8.85
C14 OJC M . 62.58 -4.05 -7.87
C4 OJC M . 67.97 -1.78 -4.90
C5 OJC M . 65.57 -1.97 -5.68
C6 OJC M . 65.99 -2.67 -6.96
C7 OJC M . 64.82 -3.65 -7.12
C8 OJC M . 64.51 -4.04 -5.68
C9 OJC M . 65.06 -5.38 -5.25
N1 OJC M . 65.56 0.61 -4.06
N2 OJC M . 66.68 -1.34 -4.99
N3 OJC M . 68.73 -1.00 -4.17
N4 OJC M . 69.29 1.47 -2.43
O1 OJC M . 66.47 -5.44 -5.51
O10 OJC M . 60.33 -4.12 -8.81
O11 OJC M . 61.50 -3.67 -11.31
O12 OJC M . 66.17 -1.82 -8.07
O2 OJC M . 66.56 -7.84 -6.19
O3 OJC M . 68.46 -6.21 -6.79
O4 OJC M . 66.25 -6.12 -7.95
O5 OJC M . 67.10 -7.69 -9.65
O6 OJC M . 67.22 -5.16 -10.04
O7 OJC M . 65.04 -6.36 -10.12
O8 OJC M . 62.99 -5.24 -8.52
O9 OJC M . 63.65 -3.14 -7.72
P OJC M . 67.01 -6.48 -6.59
P1 OJC M . 66.51 -6.34 -9.51
PA NAD N . 14.43 -20.94 -15.23
O1A NAD N . 13.09 -20.61 -15.86
O2A NAD N . 14.87 -22.37 -15.11
O5B NAD N . 15.58 -20.14 -16.02
C5B NAD N . 15.56 -20.12 -17.45
C4B NAD N . 16.53 -19.07 -17.96
O4B NAD N . 17.86 -19.47 -17.60
C3B NAD N . 16.48 -18.94 -19.47
O3B NAD N . 16.37 -17.56 -19.83
C2B NAD N . 17.79 -19.51 -19.97
O2B NAD N . 18.37 -18.64 -20.95
C1B NAD N . 18.69 -19.62 -18.75
N9A NAD N . 19.34 -20.95 -18.70
C8A NAD N . 18.72 -22.14 -18.68
N7A NAD N . 19.60 -23.16 -18.63
C5A NAD N . 20.83 -22.62 -18.60
C6A NAD N . 22.21 -23.15 -18.53
N6A NAD N . 22.46 -24.47 -18.48
N1A NAD N . 23.23 -22.25 -18.51
C2A NAD N . 23.00 -20.92 -18.55
N3A NAD N . 21.76 -20.38 -18.62
C4A NAD N . 20.66 -21.17 -18.64
O3 NAD N . 14.46 -20.29 -13.75
PN NAD N . 14.01 -18.79 -13.41
O1N NAD N . 14.43 -17.90 -14.56
O2N NAD N . 14.46 -18.46 -12.01
O5D NAD N . 12.40 -18.88 -13.40
N OJC O . 66.87 6.02 -2.27
C OJC O . 65.69 6.17 -1.63
O OJC O . 64.46 10.71 0.00
C1 OJC O . 67.83 6.95 -2.13
C2 OJC O . 67.53 8.06 -1.32
C3 OJC O . 66.29 8.10 -0.73
C10 OJC O . 64.05 12.73 5.58
C11 OJC O . 62.60 12.49 5.23
C12 OJC O . 62.06 11.08 5.49
C13 OJC O . 61.25 10.78 4.24
C14 OJC O . 62.08 11.49 3.20
C4 OJC O . 67.48 9.85 -0.19
C5 OJC O . 65.14 9.77 0.78
C6 OJC O . 65.56 10.52 2.03
C7 OJC O . 64.31 11.35 2.28
C8 OJC O . 63.85 11.70 0.87
C9 OJC O . 64.19 13.09 0.40
N1 OJC O . 65.31 7.19 -0.86
N2 OJC O . 66.25 9.26 0.00
N3 OJC O . 68.27 9.17 -0.97
N4 OJC O . 68.98 6.79 -2.75
O1 OJC O . 65.59 13.31 0.57
O10 OJC O . 59.94 11.29 4.30
O11 OJC O . 61.32 11.00 6.70
O12 OJC O . 65.92 9.70 3.11
O2 OJC O . 65.46 15.71 1.24
O3 OJC O . 67.57 14.33 1.69
O4 OJC O . 65.49 13.97 3.00
O5 OJC O . 66.27 15.64 4.65
O6 OJC O . 66.71 13.15 5.02
O7 OJC O . 64.42 14.08 5.26
O8 OJC O . 62.40 12.71 3.82
O9 OJC O . 63.25 10.71 2.96
P OJC O . 66.10 14.42 1.60
P1 OJC O . 65.84 14.23 4.54
PA NAD P . 12.95 22.56 14.19
O1A NAD P . 13.21 24.05 14.05
O2A NAD P . 11.73 22.08 14.93
O5B NAD P . 14.25 21.92 14.90
C5B NAD P . 14.34 21.91 16.32
C4B NAD P . 15.46 20.98 16.75
O4B NAD P . 16.71 21.52 16.30
C3B NAD P . 15.55 20.84 18.26
O3B NAD P . 15.63 19.46 18.63
C2B NAD P . 16.81 21.57 18.67
O2B NAD P . 17.57 20.78 19.59
C1B NAD P . 17.59 21.78 17.39
N9A NAD P . 18.08 23.18 17.29
C8A NAD P . 17.32 24.29 17.33
N7A NAD P . 18.07 25.40 17.21
C5A NAD P . 19.36 25.02 17.08
C6A NAD P . 20.65 25.70 16.92
N6A NAD P . 20.74 27.04 16.85
N1A NAD P . 21.76 24.92 16.82
C2A NAD P . 21.69 23.58 16.87
N3A NAD P . 20.53 22.89 17.02
C4A NAD P . 19.35 23.54 17.13
O3 NAD P . 12.95 21.92 12.71
PN NAD P . 12.66 20.37 12.41
O1N NAD P . 13.05 20.09 10.97
O2N NAD P . 13.27 19.55 13.50
O5D NAD P . 11.06 20.27 12.51
N OJC Q . -67.01 -4.22 0.49
C OJC Q . -65.80 -4.75 0.22
O OJC Q . -64.86 -6.31 -4.40
C1 OJC Q . -68.05 -4.46 -0.35
C2 OJC Q . -67.78 -5.25 -1.47
C3 OJC Q . -66.49 -5.72 -1.64
C10 OJC Q . -64.10 -11.85 -6.44
C11 OJC Q . -62.68 -11.36 -6.34
C12 OJC Q . -61.99 -11.55 -4.99
C13 OJC Q . -61.28 -10.23 -4.78
C14 OJC Q . -62.27 -9.27 -5.40
C4 OJC Q . -67.79 -6.40 -3.26
C5 OJC Q . -65.37 -7.14 -3.40
C6 OJC Q . -65.73 -8.43 -4.10
C7 OJC Q . -64.55 -8.57 -5.05
C8 OJC Q . -64.26 -7.12 -5.44
C9 OJC Q . -64.79 -6.72 -6.80
N1 OJC Q . -65.44 -5.50 -0.82
N2 OJC Q . -66.50 -6.46 -2.79
N3 OJC Q . -68.58 -5.69 -2.52
N4 OJC Q . -69.23 -3.95 -0.08
O1 OJC Q . -66.19 -7.01 -6.88
O10 OJC Q . -60.02 -10.16 -5.41
O11 OJC Q . -61.14 -12.68 -4.97
O12 OJC Q . -65.91 -9.53 -3.24
O2 OJC Q . -66.22 -7.70 -9.28
O3 OJC Q . -68.13 -8.33 -7.70
O4 OJC Q . -65.91 -9.44 -7.54
O5 OJC Q . -66.69 -11.17 -9.13
O6 OJC Q . -66.85 -11.55 -6.59
O7 OJC Q . -64.64 -11.58 -7.74
O8 OJC Q . -62.65 -9.93 -6.58
O9 OJC Q . -63.37 -9.14 -4.51
P OJC Q . -66.69 -8.10 -7.94
P1 OJC Q . -66.13 -11.00 -7.77
PA NAD R . -13.61 -15.66 -21.16
O1A NAD R . -14.02 -15.57 -22.61
O2A NAD R . -12.27 -16.27 -20.80
O5B NAD R . -14.76 -16.49 -20.39
C5B NAD R . -14.71 -17.91 -20.36
C4B NAD R . -15.70 -18.43 -19.33
O4B NAD R . -17.02 -18.10 -19.75
C3B NAD R . -15.62 -19.94 -19.18
O3B NAD R . -15.54 -20.30 -17.79
C2B NAD R . -16.90 -20.47 -19.78
O2B NAD R . -17.49 -21.45 -18.92
C1B NAD R . -17.82 -19.28 -19.92
N9A NAD R . -18.45 -19.24 -21.26
C8A NAD R . -17.79 -19.22 -22.44
N7A NAD R . -18.66 -19.19 -23.48
C5A NAD R . -19.91 -19.18 -22.97
C6A NAD R . -21.27 -19.14 -23.52
N6A NAD R . -21.50 -19.12 -24.85
N1A NAD R . -22.30 -19.15 -22.63
C2A NAD R . -22.10 -19.19 -21.31
N3A NAD R . -20.89 -19.21 -20.74
C4A NAD R . -19.76 -19.22 -21.51
O3 NAD R . -13.70 -14.18 -20.53
PN NAD R . -13.29 -13.83 -19.00
O1N NAD R . -13.78 -12.43 -18.70
O2N NAD R . -13.71 -14.97 -18.12
O5D NAD R . -11.68 -13.78 -19.06
N OJC S . -66.91 -3.72 4.54
C OJC S . -65.76 -3.06 4.72
O OJC S . -64.66 -1.37 9.27
C1 OJC S . -67.90 -3.60 5.46
C2 OJC S . -67.64 -2.78 6.56
C3 OJC S . -66.42 -2.17 6.63
C10 OJC S . -64.43 4.23 11.26
C11 OJC S . -62.96 3.91 11.06
C12 OJC S . -62.40 4.17 9.67
C13 OJC S . -61.55 2.93 9.39
C14 OJC S . -62.38 1.88 10.08
C4 OJC S . -67.66 -1.63 8.35
C5 OJC S . -65.34 -0.61 8.30
C6 OJC S . -65.80 0.62 9.05
C7 OJC S . -64.58 0.91 9.90
C8 OJC S . -64.09 -0.49 10.27
C9 OJC S . -64.46 -0.95 11.65
N1 OJC S . -65.42 -2.26 5.74
N2 OJC S . -66.43 -1.42 7.79
N3 OJC S . -68.41 -2.44 7.66
N4 OJC S . -69.04 -4.26 5.27
O1 OJC S . -65.87 -0.83 11.84
O10 OJC S . -60.25 3.03 9.93
O11 OJC S . -61.69 5.39 9.58
O12 OJC S . -66.17 1.70 8.20
O2 OJC S . -65.80 -0.13 14.23
O3 OJC S . -67.89 0.27 12.81
O4 OJC S . -65.83 1.62 12.49
O5 OJC S . -66.69 3.26 14.13
O6 OJC S . -67.08 3.61 11.63
O7 OJC S . -64.81 3.90 12.60
O8 OJC S . -62.73 2.50 11.29
O9 OJC S . -63.51 1.62 9.28
P OJC S . -66.42 0.21 12.93
P1 OJC S . -66.22 3.15 12.74
PA NAD T . -13.77 14.04 22.17
O1A NAD T . -12.54 14.79 21.73
O2A NAD T . -14.05 13.89 23.65
O5B NAD T . -15.06 14.71 21.50
C5B NAD T . -15.18 16.13 21.47
C4B NAD T . -16.30 16.52 20.53
O4B NAD T . -17.54 16.05 21.04
C3B NAD T . -16.41 18.03 20.38
O3B NAD T . -16.47 18.39 18.99
C2B NAD T . -17.70 18.42 21.07
O2B NAD T . -18.46 19.31 20.26
C1B NAD T . -18.45 17.11 21.27
N9A NAD T . -18.97 17.02 22.66
C8A NAD T . -18.23 17.08 23.78
N7A NAD T . -19.00 16.94 24.89
C5A NAD T . -20.27 16.79 24.47
C6A NAD T . -21.59 16.60 25.12
N6A NAD T . -21.70 16.54 26.47
N1A NAD T . -22.67 16.47 24.32
C2A NAD T . -22.58 16.52 22.98
N3A NAD T . -21.42 16.70 22.32
C4A NAD T . -20.24 16.83 23.00
O3 NAD T . -13.72 12.55 21.54
PN NAD T . -13.39 12.24 20.00
O1N NAD T . -14.00 13.32 19.15
O2N NAD T . -13.73 10.80 19.72
O5D NAD T . -11.79 12.38 19.93
N OJC U . 39.71 67.43 5.69
C OJC U . 39.42 66.68 4.61
O OJC U . 42.39 62.85 3.51
C1 OJC U . 40.96 67.37 6.22
C2 OJC U . 41.88 66.52 5.60
C3 OJC U . 41.45 65.81 4.51
C10 OJC U . 46.13 62.16 -1.06
C11 OJC U . 44.94 61.34 -1.50
C12 OJC U . 43.85 62.10 -2.26
C13 OJC U . 42.58 61.55 -1.64
C14 OJC U . 43.01 61.37 -0.22
C4 OJC U . 43.55 65.39 4.96
C5 OJC U . 42.56 64.14 2.99
C6 OJC U . 43.90 64.09 2.28
C7 OJC U . 43.81 62.72 1.61
C8 OJC U . 43.07 61.89 2.66
C9 OJC U . 43.95 60.99 3.51
N1 OJC U . 40.22 65.84 3.96
N2 OJC U . 42.53 65.07 4.10
N3 OJC U . 43.21 66.24 5.88
N4 OJC U . 41.24 68.13 7.29
O1 OJC U . 45.01 61.76 4.09
O10 OJC U . 42.14 60.34 -2.23
O11 OJC U . 43.94 61.92 -3.66
O12 OJC U . 44.11 65.14 1.37
O2 OJC U . 46.79 60.02 3.90
O3 OJC U . 47.38 62.49 4.27
O4 OJC U . 46.55 61.67 2.08
O5 OJC U . 48.88 61.26 1.38
O6 OJC U . 47.72 63.46 0.78
O7 OJC U . 47.06 61.34 -0.34
O8 OJC U . 44.29 60.78 -0.35
O9 OJC U . 43.09 62.64 0.39
P OJC U . 46.52 61.46 3.65
P1 OJC U . 47.66 62.00 0.99
PA NAD V . 26.18 23.73 -31.16
O1A NAD V . 25.48 23.44 -32.47
O2A NAD V . 27.21 22.78 -30.63
O5B NAD V . 26.87 25.18 -31.27
C5B NAD V . 27.60 25.53 -32.44
C4B NAD V . 27.89 27.02 -32.44
O4B NAD V . 28.76 27.32 -31.35
C3B NAD V . 28.58 27.46 -33.72
O3B NAD V . 27.92 28.61 -34.25
C2B NAD V . 29.99 27.81 -33.31
O2B NAD V . 30.38 29.06 -33.89
C1B NAD V . 29.98 27.91 -31.80
N9A NAD V . 31.12 27.17 -31.20
C8A NAD V . 31.39 25.87 -31.39
N7A NAD V . 32.50 25.49 -30.72
C5A NAD V . 32.96 26.58 -30.06
C6A NAD V . 34.08 26.88 -29.15
N6A NAD V . 34.97 25.92 -28.81
N1A NAD V . 34.20 28.15 -28.69
C2A NAD V . 33.32 29.11 -29.04
N3A NAD V . 32.27 28.90 -29.85
C4A NAD V . 32.04 27.68 -30.39
O3 NAD V . 25.05 23.92 -30.02
PN NAD V . 23.73 24.83 -30.20
O1N NAD V . 24.09 26.04 -31.01
O2N NAD V . 23.09 25.00 -28.84
O5D NAD V . 22.76 23.90 -31.09
N OJC W . 37.03 70.49 5.45
C OJC W . 35.86 69.84 5.28
O OJC W . 31.64 72.47 5.32
C1 OJC W . 37.02 71.74 5.99
C2 OJC W . 35.78 72.28 6.34
C3 OJC W . 34.67 71.51 6.10
C10 OJC W . 27.28 72.57 9.37
C11 OJC W . 26.69 71.69 8.29
C12 OJC W . 27.02 70.20 8.40
C13 OJC W . 27.34 69.82 6.96
C14 OJC W . 28.02 71.08 6.49
C4 OJC W . 34.13 73.43 6.99
C5 OJC W . 32.19 71.88 6.47
C6 OJC W . 31.37 72.43 7.62
C7 OJC W . 29.98 72.36 7.01
C8 OJC W . 30.24 72.74 5.55
C9 OJC W . 29.92 74.17 5.18
N1 OJC W . 34.63 70.28 5.58
N2 OJC W . 33.60 72.26 6.53
N3 OJC W . 35.43 73.49 6.88
N4 OJC W . 38.18 72.37 6.15
O1 OJC W . 30.58 75.06 6.08
O10 OJC W . 26.19 69.50 6.19
O11 OJC W . 25.97 69.44 8.98
O12 OJC W . 31.50 71.70 8.81
O2 OJC W . 28.77 76.77 6.25
O3 OJC W . 30.66 76.67 7.98
O4 OJC W . 28.85 74.97 7.92
O5 OJC W . 27.53 76.34 9.48
O6 OJC W . 29.02 74.46 10.36
O7 OJC W . 26.92 73.94 9.14
O8 OJC W . 27.19 72.09 7.01
O9 OJC W . 29.31 71.12 7.05
P OJC W . 29.72 75.98 7.07
P1 OJC W . 28.10 74.99 9.33
PA NAD X . -15.05 51.26 -13.75
O1A NAD X . -15.66 52.62 -13.92
O2A NAD X . -15.94 50.03 -13.79
O5B NAD X . -14.24 51.24 -12.35
C5B NAD X . -14.94 50.94 -11.15
C4B NAD X . -13.92 50.70 -10.03
O4B NAD X . -13.21 51.91 -9.78
C3B NAD X . -14.60 50.27 -8.74
O3B NAD X . -13.95 49.10 -8.21
C2B NAD X . -14.42 51.44 -7.80
O2B NAD X . -13.99 50.98 -6.51
C1B NAD X . -13.37 52.33 -8.42
N9A NAD X . -13.80 53.74 -8.41
C8A NAD X . -14.94 54.22 -8.95
N7A NAD X . -15.04 55.57 -8.78
C5A NAD X . -13.94 55.97 -8.11
C6A NAD X . -13.42 57.25 -7.59
N6A NAD X . -14.10 58.40 -7.78
N1A NAD X . -12.23 57.23 -6.95
C2A NAD X . -11.55 56.09 -6.77
N3A NAD X . -11.96 54.89 -7.20
C4A NAD X . -13.13 54.76 -7.87
O3 NAD X . -13.91 51.09 -14.87
PN NAD X . -13.04 49.74 -15.08
O1N NAD X . -11.88 50.07 -16.00
O2N NAD X . -12.77 49.14 -13.72
O5D NAD X . -14.05 48.77 -15.88
N OJC Y . -42.96 -9.88 -66.52
C OJC Y . -41.75 -9.60 -65.98
O OJC Y . -37.83 -9.26 -69.01
C1 OJC Y . -43.02 -10.42 -67.75
C2 OJC Y . -41.80 -10.65 -68.41
C3 OJC Y . -40.65 -10.31 -67.76
C10 OJC Y . -33.12 -12.87 -69.52
C11 OJC Y . -32.56 -11.74 -68.70
C12 OJC Y . -32.73 -11.85 -67.18
C13 OJC Y . -33.15 -10.44 -66.79
C14 OJC Y . -33.99 -10.05 -67.98
C4 OJC Y . -40.22 -11.17 -69.73
C5 OJC Y . -38.20 -10.45 -68.37
C6 OJC Y . -37.33 -11.51 -68.99
C7 OJC Y . -36.00 -10.77 -69.06
C8 OJC Y . -36.44 -9.35 -69.42
C9 OJC Y . -36.28 -8.98 -70.87
N1 OJC Y . -40.55 -9.77 -66.54
N2 OJC Y . -39.63 -10.64 -68.61
N3 OJC Y . -41.52 -11.18 -69.66
N4 OJC Y . -44.22 -10.70 -68.27
O1 OJC Y . -36.95 -9.94 -71.69
O10 OJC Y . -32.05 -9.57 -66.60
O11 OJC Y . -31.56 -12.31 -66.54
O12 OJC Y . -37.27 -12.71 -68.24
O2 OJC Y . -35.31 -9.95 -73.57
O3 OJC Y . -36.99 -11.86 -73.28
O4 OJC Y . -35.05 -11.61 -71.75
O5 OJC Y . -33.72 -13.05 -73.25
O6 OJC Y . -34.93 -14.05 -71.23
O7 OJC Y . -32.92 -12.62 -70.91
O8 OJC Y . -33.21 -10.51 -69.07
O9 OJC Y . -35.21 -10.73 -67.89
P OJC Y . -36.09 -10.85 -72.69
P1 OJC Y . -34.18 -12.94 -71.86
PA NAD Z . 8.64 14.47 -52.51
O1A NAD Z . 9.09 14.68 -53.93
O2A NAD Z . 9.64 14.61 -51.39
O5B NAD Z . 7.98 13.01 -52.43
C5B NAD Z . 8.80 11.87 -52.18
C4B NAD Z . 7.94 10.68 -51.84
O4B NAD Z . 7.14 10.34 -52.96
C3B NAD Z . 8.76 9.46 -51.47
O3B NAD Z . 8.29 8.89 -50.25
C2B NAD Z . 8.58 8.48 -52.62
O2B NAD Z . 8.31 7.17 -52.11
C1B NAD Z . 7.38 9.00 -53.40
N9A NAD Z . 7.68 9.01 -54.86
C8A NAD Z . 8.70 9.66 -55.44
N7A NAD Z . 8.69 9.47 -56.79
C5A NAD Z . 7.63 8.69 -57.07
C6A NAD Z . 7.03 8.12 -58.30
N6A NAD Z . 7.59 8.34 -59.52
N1A NAD Z . 5.93 7.36 -58.16
C2A NAD Z . 5.37 7.13 -56.97
N3A NAD Z . 5.86 7.61 -55.81
C4A NAD Z . 6.96 8.39 -55.79
O3 NAD Z . 7.41 15.48 -52.24
PN NAD Z . 6.67 15.62 -50.82
O1N NAD Z . 5.40 16.42 -51.03
O2N NAD Z . 6.58 14.27 -50.18
O5D NAD Z . 7.68 16.53 -49.96
N OJC AA . -45.31 -10.38 -63.23
C OJC AA . -45.06 -9.27 -62.52
O OJC AA . -47.73 -8.40 -58.42
C1 OJC AA . -46.50 -11.03 -63.05
C2 OJC AA . -47.38 -10.49 -62.12
C3 OJC AA . -46.99 -9.35 -61.45
C10 OJC AA . -51.82 -4.20 -57.39
C11 OJC AA . -50.61 -3.64 -56.69
C12 OJC AA . -49.67 -2.79 -57.55
C13 OJC AA . -48.29 -3.27 -57.13
C14 OJC AA . -48.58 -4.74 -56.89
C4 OJC AA . -48.98 -9.99 -60.82
C5 OJC AA . -48.08 -7.92 -59.68
C6 OJC AA . -49.48 -7.33 -59.51
C7 OJC AA . -49.31 -6.65 -58.15
C8 OJC AA . -48.40 -7.62 -57.39
C9 OJC AA . -49.11 -8.52 -56.41
N1 OJC AA . -45.84 -8.69 -61.60
N2 OJC AA . -48.03 -9.04 -60.61
N3 OJC AA . -48.65 -10.88 -61.71
N4 OJC AA . -46.74 -12.12 -63.77
O1 OJC AA . -50.17 -9.21 -57.07
O10 OJC AA . -47.80 -2.63 -55.97
O11 OJC AA . -49.87 -1.40 -57.37
O12 OJC AA . -49.87 -6.47 -60.54
O2 OJC AA . -51.78 -9.18 -55.17
O3 OJC AA . -52.57 -9.64 -57.57
O4 OJC AA . -51.88 -7.36 -56.85
O5 OJC AA . -54.22 -6.89 -56.21
O6 OJC AA . -53.34 -6.22 -58.52
O7 OJC AA . -52.59 -4.99 -56.47
O8 OJC AA . -49.79 -4.71 -56.18
O9 OJC AA . -48.71 -5.36 -58.15
P OJC AA . -51.68 -8.93 -56.62
P1 OJC AA . -53.12 -6.39 -57.06
PA NAD BA . -31.25 28.18 -21.21
O1A NAD BA . -30.67 29.55 -20.97
O2A NAD BA . -32.13 27.55 -20.14
O5B NAD BA . -32.09 28.20 -22.57
C5B NAD BA . -32.96 29.29 -22.85
C4B NAD BA . -33.39 29.24 -24.31
O4B NAD BA . -34.18 28.07 -24.52
C3B NAD BA . -34.24 30.44 -24.68
O3B NAD BA . -33.75 31.03 -25.90
C2B NAD BA . -35.64 29.90 -24.89
O2B NAD BA . -36.20 30.42 -26.10
C1B NAD BA . -35.49 28.39 -24.99
N9A NAD BA . -36.49 27.70 -24.14
C8A NAD BA . -36.65 27.88 -22.82
N7A NAD BA . -37.65 27.10 -22.33
C5A NAD BA . -38.13 26.39 -23.37
C6A NAD BA . -39.20 25.38 -23.55
N6A NAD BA . -39.95 24.96 -22.51
N1A NAD BA . -39.39 24.89 -24.81
C2A NAD BA . -38.65 25.31 -25.85
N3A NAD BA . -37.66 26.22 -25.75
C4A NAD BA . -37.37 26.79 -24.56
O3 NAD BA . -30.04 27.14 -21.49
PN NAD BA . -28.85 27.44 -22.53
O1N NAD BA . -29.40 28.19 -23.70
O2N NAD BA . -28.10 26.14 -22.75
O5D NAD BA . -27.88 28.43 -21.69
N OJC CA . 44.64 -65.59 -8.51
C OJC CA . 43.42 -65.09 -8.25
O OJC CA . 39.55 -68.20 -8.00
C1 OJC CA . 44.74 -66.83 -9.04
C2 OJC CA . 43.55 -67.52 -9.30
C3 OJC CA . 42.37 -66.89 -8.99
C10 OJC CA . 34.94 -68.83 -11.70
C11 OJC CA . 34.34 -68.02 -10.58
C12 OJC CA . 34.48 -66.49 -10.70
C13 OJC CA . 34.85 -66.08 -9.28
C14 OJC CA . 35.71 -67.25 -8.87
C4 OJC CA . 42.00 -68.87 -9.84
C5 OJC CA . 39.95 -67.55 -9.17
C6 OJC CA . 39.11 -68.20 -10.25
C7 OJC CA . 37.77 -68.30 -9.55
C8 OJC CA . 38.17 -68.64 -8.12
C9 OJC CA . 38.04 -70.09 -7.73
N1 OJC CA . 42.23 -65.66 -8.45
N2 OJC CA . 41.37 -67.76 -9.33
N3 OJC CA . 43.31 -68.77 -9.83
N4 OJC CA . 45.95 -67.32 -9.30
O1 OJC CA . 38.76 -70.90 -8.68
O10 OJC CA . 33.74 -65.91 -8.44
O11 OJC CA . 33.29 -65.88 -11.19
O12 OJC CA . 39.05 -67.46 -11.45
O2 OJC CA . 37.15 -72.81 -8.71
O3 OJC CA . 38.87 -72.50 -10.59
O4 OJC CA . 36.89 -71.01 -10.39
O5 OJC CA . 35.63 -72.55 -11.85
O6 OJC CA . 36.81 -70.51 -12.83
O7 OJC CA . 34.77 -70.23 -11.44
O8 OJC CA . 34.97 -68.36 -9.34
O9 OJC CA . 36.96 -67.14 -9.53
P OJC CA . 37.93 -71.92 -9.60
P1 OJC CA . 36.05 -71.14 -11.73
PA NAD DA . -7.79 -52.61 14.61
O1A NAD DA . -8.82 -51.51 14.72
O2A NAD DA . -8.22 -54.05 14.81
O5B NAD DA . -7.10 -52.52 13.16
C5B NAD DA . -7.90 -52.31 12.00
C4B NAD DA . -7.01 -51.94 10.83
O4B NAD DA . -6.19 -53.06 10.50
C3B NAD DA . -7.82 -51.61 9.59
O3B NAD DA . -7.36 -50.37 9.02
C2B NAD DA . -7.59 -52.75 8.63
O2B NAD DA . -7.30 -52.25 7.32
C1B NAD DA . -6.40 -53.51 9.17
N9A NAD DA . -6.66 -54.96 9.18
C8A NAD DA . -7.68 -55.57 9.81
N7A NAD DA . -7.64 -56.92 9.63
C5A NAD DA . -6.55 -57.19 8.88
C6A NAD DA . -5.92 -58.40 8.33
N6A NAD DA . -6.44 -59.63 8.55
N1A NAD DA . -4.80 -58.25 7.59
C2A NAD DA . -4.26 -57.03 7.36
N3A NAD DA . -4.79 -55.88 7.83
C4A NAD DA . -5.91 -55.90 8.59
O3 NAD DA . -6.59 -52.31 15.65
PN NAD DA . -5.88 -50.87 15.79
O1N NAD DA . -5.78 -50.24 14.43
O2N NAD DA . -4.63 -51.05 16.62
O5D NAD DA . -6.93 -50.03 16.67
N OJC EA . 46.95 -62.26 -8.96
C OJC EA . 46.65 -61.54 -7.87
O OJC EA . 49.21 -57.37 -6.96
C1 OJC EA . 48.13 -62.06 -9.58
C2 OJC EA . 48.99 -61.11 -9.03
C3 OJC EA . 48.56 -60.43 -7.91
C10 OJC EA . 53.18 -56.23 -2.69
C11 OJC EA . 51.94 -55.56 -2.14
C12 OJC EA . 51.00 -56.43 -1.32
C13 OJC EA . 49.62 -56.05 -1.84
C14 OJC EA . 49.93 -55.82 -3.29
C4 OJC EA . 50.55 -59.77 -8.50
C5 OJC EA . 49.57 -58.64 -6.46
C6 OJC EA . 50.95 -58.42 -5.86
C7 OJC EA . 50.74 -57.08 -5.18
C8 OJC EA . 49.83 -56.34 -6.17
C9 OJC EA . 50.54 -55.34 -7.07
N1 OJC EA . 47.39 -60.61 -7.27
N2 OJC EA . 49.57 -59.57 -7.57
N3 OJC EA . 50.25 -60.66 -9.41
N4 OJC EA . 48.41 -62.77 -10.67
O1 OJC EA . 51.63 -55.99 -7.73
O10 OJC EA . 49.09 -54.90 -1.20
O11 OJC EA . 51.16 -56.25 0.08
O12 OJC EA . 51.35 -59.44 -4.97
O2 OJC EA . 53.20 -54.06 -7.67
O3 OJC EA . 54.05 -56.43 -8.09
O4 OJC EA . 53.29 -55.71 -5.85
O5 OJC EA . 55.60 -55.02 -5.31
O6 OJC EA . 54.76 -57.34 -4.64
O7 OJC EA . 53.95 -55.32 -3.46
O8 OJC EA . 51.14 -55.09 -3.24
O9 OJC EA . 50.11 -57.08 -3.90
P OJC EA . 53.12 -55.51 -7.41
P1 OJC EA . 54.51 -55.89 -4.83
PA NAD FA . 31.08 -20.33 29.01
O1A NAD FA . 31.95 -19.26 28.39
O2A NAD FA . 30.46 -20.11 30.36
O5B NAD FA . 31.95 -21.69 29.05
C5B NAD FA . 32.80 -21.93 30.16
C4B NAD FA . 33.26 -23.38 30.13
O4B NAD FA . 34.08 -23.59 28.99
C3B NAD FA . 34.09 -23.73 31.36
O3B NAD FA . 33.62 -24.96 31.94
C2B NAD FA . 35.51 -23.92 30.85
O2B NAD FA . 36.08 -25.11 31.38
C1B NAD FA . 35.39 -24.02 29.33
N9A NAD FA . 36.39 -23.16 28.67
C8A NAD FA . 36.51 -21.83 28.84
N7A NAD FA . 37.51 -21.33 28.08
C5A NAD FA . 38.05 -22.35 27.39
C6A NAD FA . 39.14 -22.53 26.40
N6A NAD FA . 39.87 -21.47 25.99
N1A NAD FA . 39.36 -23.77 25.93
C2A NAD FA . 38.63 -24.83 26.33
N3A NAD FA . 37.63 -24.75 27.22
C4A NAD FA . 37.30 -23.56 27.78
O3 NAD FA . 29.91 -20.65 27.94
PN NAD FA . 28.72 -21.71 28.22
O1N NAD FA . 28.00 -21.97 26.92
O2N NAD FA . 29.29 -22.87 28.99
O5D NAD FA . 27.71 -20.90 29.18
N OJC GA . -41.34 5.19 66.49
C OJC GA . -41.00 4.12 65.75
O OJC GA . -43.85 2.91 61.86
C1 OJC GA . -42.59 5.69 66.40
C2 OJC GA . -43.47 5.05 65.54
C3 OJC GA . -43.00 3.96 64.84
C10 OJC GA . -47.48 -1.74 61.12
C11 OJC GA . -46.27 -2.16 60.33
C12 OJC GA . -45.17 -2.89 61.12
C13 OJC GA . -43.89 -2.25 60.58
C14 OJC GA . -44.36 -0.82 60.39
C4 OJC GA . -45.10 4.36 64.35
C5 OJC GA . -44.05 2.40 63.15
C6 OJC GA . -45.36 1.66 63.07
C7 OJC GA . -45.22 0.99 61.71
C8 OJC GA . -44.50 2.06 60.89
C9 OJC GA . -45.37 2.86 59.96
N1 OJC GA . -41.77 3.44 64.89
N2 OJC GA . -44.06 3.52 64.07
N3 OJC GA . -44.80 5.29 65.21
N4 OJC GA . -42.90 6.76 67.13
O1 OJC GA . -46.46 3.43 60.70
O10 OJC GA . -43.43 -2.83 59.40
O11 OJC GA . -45.22 -4.29 60.94
O12 OJC GA . -45.58 0.75 64.13
O2 OJC GA . -48.20 3.20 58.93
O3 OJC GA . -48.85 3.57 61.38
O4 OJC GA . -47.95 1.39 60.60
O5 OJC GA . -50.26 0.64 60.13
O6 OJC GA . -49.13 0.08 62.37
O7 OJC GA . -48.40 -1.05 60.28
O8 OJC GA . -45.62 -1.00 59.77
O9 OJC GA . -44.48 -0.21 61.65
P OJC GA . -47.96 2.97 60.37
P1 OJC GA . -49.05 0.28 60.90
PA NAD HA . -26.00 -31.61 23.34
O1A NAD HA . -27.02 -31.10 22.35
O2A NAD HA . -25.28 -32.90 23.07
O5B NAD HA . -26.72 -31.72 24.77
C5B NAD HA . -27.44 -32.91 25.10
C4B NAD HA . -27.75 -32.91 26.59
O4B NAD HA . -28.65 -31.84 26.87
C3B NAD HA . -28.42 -34.19 27.03
O3B NAD HA . -27.78 -34.72 28.20
C2B NAD HA . -29.86 -33.83 27.35
O2B NAD HA . -30.26 -34.39 28.59
C1B NAD HA . -29.87 -32.31 27.44
N9A NAD HA . -31.01 -31.75 26.67
C8A NAD HA . -31.25 -31.95 25.36
N7A NAD HA . -32.37 -31.29 24.95
C5A NAD HA . -32.86 -30.65 26.02
C6A NAD HA . -34.02 -29.76 26.31
N6A NAD HA . -34.89 -29.44 25.32
N1A NAD HA . -34.18 -29.30 27.56
C2A NAD HA . -33.31 -29.62 28.54
N3A NAD HA . -32.24 -30.41 28.37
C4A NAD HA . -31.96 -30.94 27.15
O3 NAD HA . -24.90 -30.44 23.55
PN NAD HA . -23.61 -30.59 24.48
O1N NAD HA . -23.00 -29.22 24.67
O2N NAD HA . -23.97 -31.40 25.69
O5D NAD HA . -22.60 -31.46 23.58
N OJC IA . -38.72 5.02 69.62
C OJC IA . -37.53 4.87 68.99
O OJC IA . -33.38 5.02 71.71
C1 OJC IA . -38.75 5.56 70.85
C2 OJC IA . -37.53 5.93 71.42
C3 OJC IA . -36.40 5.72 70.68
C10 OJC IA . -29.12 9.16 71.88
C11 OJC IA . -28.48 8.10 71.02
C12 OJC IA . -28.78 8.18 69.52
C13 OJC IA . -29.05 6.73 69.14
C14 OJC IA . -29.75 6.25 70.40
C4 OJC IA . -35.92 6.63 72.61
C5 OJC IA . -33.95 6.14 71.11
C6 OJC IA . -33.16 7.32 71.66
C7 OJC IA . -31.76 6.73 71.63
C8 OJC IA . -31.99 5.27 72.02
C9 OJC IA . -31.68 4.93 73.45
N1 OJC IA . -36.32 5.18 69.45
N2 OJC IA . -35.35 6.17 71.45
N3 OJC IA . -37.21 6.50 72.65
N4 OJC IA . -39.93 5.70 71.45
O1 OJC IA . -32.39 5.81 74.32
O10 OJC IA . -27.89 5.99 68.87
O11 OJC IA . -27.72 8.77 68.79
O12 OJC IA . -33.29 8.51 70.92
O2 OJC IA . -30.63 6.02 76.07
O3 OJC IA . -32.55 7.72 75.92
O4 OJC IA . -30.70 7.70 74.25
O5 OJC IA . -29.44 9.29 75.65
O6 OJC IA . -30.92 10.13 73.73
O7 OJC IA . -28.77 8.95 73.26
O8 OJC IA . -28.96 6.80 71.43
O9 OJC IA . -31.06 6.78 70.40
P OJC IA . -31.58 6.82 75.26
P1 OJC IA . -29.99 9.12 74.29
PA NAD JA . 14.19 -13.12 51.66
O1A NAD JA . 15.12 -13.14 50.46
O2A NAD JA . 14.78 -13.26 53.05
O5B NAD JA . 13.36 -11.75 51.63
C5B NAD JA . 14.02 -10.51 51.34
C4B NAD JA . 13.00 -9.43 51.06
O4B NAD JA . 12.25 -9.18 52.25
C3B NAD JA . 13.64 -8.12 50.64
O3B NAD JA . 13.01 -7.62 49.46
C2B NAD JA . 13.43 -7.18 51.80
O2B NAD JA . 12.97 -5.91 51.32
C1B NAD JA . 12.38 -7.83 52.67
N9A NAD JA . 12.77 -7.80 54.10
C8A NAD JA . 13.91 -8.32 54.60
N7A NAD JA . 13.98 -8.12 55.95
C5A NAD JA . 12.86 -7.48 56.31
C6A NAD JA . 12.29 -6.97 57.58
N6A NAD JA . 12.96 -7.13 58.75
N1A NAD JA . 11.10 -6.35 57.54
C2A NAD JA . 10.42 -6.19 56.38
N3A NAD JA . 10.88 -6.62 55.19
C4A NAD JA . 12.07 -7.26 55.09
O3 NAD JA . 13.08 -14.26 51.48
PN NAD JA . 12.26 -14.50 50.12
O1N NAD JA . 11.96 -13.16 49.49
O2N NAD JA . 11.11 -15.44 50.42
O5D NAD JA . 13.30 -15.28 49.18
#